data_9N8W
#
_entry.id   9N8W
#
_cell.length_a   1.00
_cell.length_b   1.00
_cell.length_c   1.00
_cell.angle_alpha   90.00
_cell.angle_beta   90.00
_cell.angle_gamma   90.00
#
_symmetry.space_group_name_H-M   'P 1'
#
loop_
_entity.id
_entity.type
_entity.pdbx_description
1 polymer 'Intermembrane transport protein YebS'
2 polymer 'Intermembrane transport protein YebT'
3 non-polymer 'ZINC ION'
#
loop_
_entity_poly.entity_id
_entity_poly.type
_entity_poly.pdbx_seq_one_letter_code
_entity_poly.pdbx_strand_id
1 'polypeptide(L)'
;MHHHHHHQHQHENLYFQGMALNTPQITPTKKITVRAIGEELPRGDYQRCPQCDMLFSLPEINSHQSAYCPRCQAKIRDGR
DWSLTRLAAMAFTMLLLMPFAWGEPLLHIWLLGIRIDANVMQGIWQMTKQGDAITGSMVFFCVIGAPLILVTSIAYLWFG
NRLGMNLRPVLLMLERLKEWVMLDIYLVGIGVASIKVQDYAHIQAGVGLFSFVALVILTTVTLSHLNVEELWERFYPQRP
ATRRDEKLRVCLGCHFTGYPDQRGRCPRCHIPLRLRRRHSLQKCWAALLASIVLLLPANLLPISIIYLNGGRQEDTILSG
IMSLASSNIAVAGIVFIASILVPFTKVIVMFTLLLSIHFKCQQGLRTRILLLRMVTWIGRWSMLDLFVISLTMSLINRDQ
ILAFTMGPAAFYFGAAVILTILAVEWLDSRLLWDAHESGNARFDD
;
A
2 'polypeptide(L)'
;MSQETPASTTEAQIKNKRRISPFWLLPFIALMIASWLIWDSYQDRGNTVTIDFMSADGIVPGRTPVRYQGVEVGTVQDIS
LSDDLRKIEVKVSIKSDMKDALREETQFWLVTPKASLAGVSGLDALVGGNYIGMMPGKGKEQDHFVALDTQPKYRLDNGD
LMIHLQAPDLGSLNSGSLVYFRKIPVGKVYDYAINPNKQGVVIDVLIERRFTDLVKKGSRFWNVSGVDANVSISGAKVKL
ESLAALVNGAIAFDSPEESKPAEAEDTFGLYEDLAHSQRGVIIKLELPSGAGLTADSTPLMYQGLEVGQLTKLDLNPGGK
VTGEMTVDPSVVTLLRENTRIELRNPKLSLSDANLSALLTGKTFELVPGDGEPRKEFVVVPGEKALLHEPDVLTLTLTAP
ESYGIDAGQPLILHGVQVGQVIDRKLTSKGVTFTVAIEPQHRELVKGDSKFVVNSRVDVKVGLDGVEFLGASASEWINGG
IRILPGDKGEMKASYPLYANLEKALENSLSDLPTTTVSLSAETLPDVQAGSVVLYRKFEVGEVITVRPRANAFDIDLHIK
PEYRNLLTSNSVFWAEGGAKVQLNGSGLTVQASPLSRALKGAISFDNLSGASASQRKGDKRILYASETAARAVGGQITLH
AFDAGKLAVGMPIRYLGIDIGQIQTLDLITARNEVQAKAVLYPEYVQTFARGGTRFSVVTPQISAAGVEHLDTILQPYIN
VEPGRGNPRRDFELQEATITDSRYLDGLSIIVEAPEAGSLGIGTPVLFRGLEVGTVTGMTLGTLSDRVMIAMRISKRYQH
LVRNNSVFWLASGYSLDFGLTGGVVKTGTFNQFIRGGIAFATPPGTPLAPKAQEGKHFLLQESEPKEWREWGTALPK
;
B,C,D,E,F,G
#
# COMPACT_ATOMS: atom_id res chain seq x y z
N ASP A 45 71.41 62.23 -125.85
CA ASP A 45 72.16 63.41 -126.27
C ASP A 45 71.29 64.66 -126.20
N TYR A 46 70.00 64.51 -126.46
CA TYR A 46 69.07 65.63 -126.42
C TYR A 46 67.67 65.11 -126.13
N GLN A 47 66.97 65.77 -125.20
CA GLN A 47 65.68 65.29 -124.74
C GLN A 47 64.73 66.46 -124.54
N ARG A 48 63.50 66.12 -124.13
CA ARG A 48 62.46 67.08 -123.81
C ARG A 48 61.81 66.65 -122.51
N CYS A 49 61.56 67.62 -121.64
CA CYS A 49 61.08 67.31 -120.29
C CYS A 49 59.66 66.75 -120.34
N PRO A 50 59.38 65.66 -119.63
CA PRO A 50 58.00 65.12 -119.61
C PRO A 50 57.03 65.95 -118.79
N GLN A 51 57.49 66.93 -118.03
CA GLN A 51 56.64 67.70 -117.14
C GLN A 51 56.35 69.12 -117.60
N CYS A 52 57.28 69.75 -118.32
CA CYS A 52 57.08 71.13 -118.75
C CYS A 52 57.44 71.36 -120.21
N ASP A 53 57.76 70.29 -120.96
CA ASP A 53 58.09 70.37 -122.39
C ASP A 53 59.26 71.31 -122.66
N MET A 54 60.27 71.26 -121.81
CA MET A 54 61.51 72.00 -122.02
C MET A 54 62.43 71.17 -122.90
N LEU A 55 62.79 71.69 -124.07
CA LEU A 55 63.63 70.98 -125.03
C LEU A 55 65.08 71.37 -124.76
N PHE A 56 65.88 70.40 -124.30
CA PHE A 56 67.24 70.72 -123.88
C PHE A 56 68.18 69.58 -124.26
N SER A 57 69.43 69.95 -124.55
CA SER A 57 70.46 68.96 -124.80
C SER A 57 70.93 68.37 -123.48
N LEU A 58 71.01 67.03 -123.44
CA LEU A 58 71.41 66.32 -122.23
C LEU A 58 72.87 65.91 -122.35
N PRO A 59 73.75 66.42 -121.50
CA PRO A 59 75.16 66.01 -121.57
C PRO A 59 75.36 64.60 -121.04
N GLU A 60 76.58 64.10 -121.21
CA GLU A 60 76.91 62.77 -120.73
C GLU A 60 76.88 62.72 -119.21
N ILE A 61 76.32 61.64 -118.67
CA ILE A 61 76.08 61.50 -117.24
C ILE A 61 76.96 60.38 -116.70
N ASN A 62 77.67 60.65 -115.62
CA ASN A 62 78.48 59.65 -114.94
C ASN A 62 77.65 58.96 -113.85
N SER A 63 78.30 58.06 -113.11
CA SER A 63 77.62 57.38 -112.01
C SER A 63 77.30 58.36 -110.88
N HIS A 64 78.20 59.31 -110.62
CA HIS A 64 77.97 60.29 -109.57
C HIS A 64 76.88 61.27 -110.01
N GLN A 65 75.93 61.53 -109.10
CA GLN A 65 74.82 62.44 -109.33
C GLN A 65 73.97 62.04 -110.54
N SER A 66 73.11 62.93 -110.98
CA SER A 66 72.22 62.67 -112.11
C SER A 66 71.95 63.99 -112.82
N ALA A 67 70.93 64.01 -113.66
CA ALA A 67 70.56 65.20 -114.42
C ALA A 67 69.16 65.66 -114.02
N TYR A 68 68.90 66.94 -114.24
CA TYR A 68 67.61 67.53 -113.93
C TYR A 68 67.23 68.52 -115.02
N CYS A 69 65.93 68.76 -115.15
CA CYS A 69 65.44 69.71 -116.14
C CYS A 69 65.89 71.13 -115.77
N PRO A 70 66.38 71.92 -116.73
CA PRO A 70 66.78 73.29 -116.41
C PRO A 70 65.66 74.17 -115.91
N ARG A 71 64.42 73.96 -116.39
CA ARG A 71 63.33 74.86 -116.01
C ARG A 71 62.72 74.48 -114.67
N CYS A 72 62.13 73.29 -114.57
CA CYS A 72 61.35 72.89 -113.42
C CYS A 72 62.14 72.06 -112.40
N GLN A 73 63.39 71.71 -112.71
CA GLN A 73 64.25 70.92 -111.82
C GLN A 73 63.60 69.59 -111.44
N ALA A 74 63.36 68.77 -112.45
CA ALA A 74 62.73 67.46 -112.29
C ALA A 74 63.71 66.35 -112.60
N LYS A 75 63.66 65.28 -111.82
CA LYS A 75 64.49 64.10 -112.04
C LYS A 75 64.17 63.47 -113.39
N ILE A 76 65.12 63.52 -114.33
CA ILE A 76 64.88 63.09 -115.69
C ILE A 76 65.63 61.80 -116.03
N ARG A 77 66.90 61.71 -115.65
CA ARG A 77 67.73 60.59 -116.09
C ARG A 77 68.62 60.09 -114.95
N ASP A 78 69.03 58.83 -115.07
CA ASP A 78 70.02 58.21 -114.21
C ASP A 78 71.00 57.44 -115.08
N GLY A 79 72.18 57.18 -114.53
CA GLY A 79 73.23 56.54 -115.30
C GLY A 79 74.00 55.52 -114.49
N ARG A 80 74.59 54.57 -115.22
CA ARG A 80 75.54 53.58 -114.70
C ARG A 80 74.92 52.70 -113.63
N ASP A 81 75.25 52.97 -112.36
CA ASP A 81 74.87 52.22 -111.16
C ASP A 81 74.94 50.70 -111.37
N TRP A 82 74.01 49.97 -110.78
CA TRP A 82 74.05 48.52 -110.82
C TRP A 82 73.68 47.99 -112.20
N SER A 83 73.99 46.72 -112.43
CA SER A 83 73.75 46.04 -113.69
C SER A 83 72.65 45.00 -113.53
N LEU A 84 72.25 44.42 -114.67
CA LEU A 84 71.16 43.44 -114.67
C LEU A 84 71.56 42.16 -113.96
N THR A 85 72.83 41.79 -114.00
CA THR A 85 73.27 40.61 -113.25
C THR A 85 73.13 40.83 -111.75
N ARG A 86 73.49 42.03 -111.27
CA ARG A 86 73.30 42.34 -109.85
C ARG A 86 71.82 42.41 -109.49
N LEU A 87 71.00 42.94 -110.40
CA LEU A 87 69.56 42.94 -110.15
C LEU A 87 69.00 41.52 -110.07
N ALA A 88 69.48 40.62 -110.93
CA ALA A 88 69.05 39.23 -110.88
C ALA A 88 69.50 38.56 -109.59
N ALA A 89 70.72 38.85 -109.14
CA ALA A 89 71.19 38.31 -107.86
C ALA A 89 70.34 38.81 -106.70
N MET A 90 69.98 40.09 -106.71
CA MET A 90 69.10 40.63 -105.69
C MET A 90 67.73 39.97 -105.73
N ALA A 91 67.20 39.75 -106.94
CA ALA A 91 65.91 39.07 -107.07
C ALA A 91 65.98 37.64 -106.55
N PHE A 92 67.09 36.95 -106.81
CA PHE A 92 67.24 35.57 -106.34
C PHE A 92 67.34 35.51 -104.82
N THR A 93 68.11 36.41 -104.20
CA THR A 93 68.19 36.38 -102.74
C THR A 93 66.88 36.84 -102.10
N MET A 94 66.13 37.73 -102.77
CA MET A 94 64.79 38.05 -102.30
C MET A 94 63.87 36.84 -102.38
N LEU A 95 63.96 36.08 -103.46
CA LEU A 95 63.15 34.87 -103.59
C LEU A 95 63.49 33.86 -102.50
N LEU A 96 64.76 33.79 -102.13
CA LEU A 96 65.16 32.92 -101.03
C LEU A 96 64.65 33.43 -99.68
N LEU A 97 64.63 34.75 -99.49
CA LEU A 97 64.36 35.32 -98.17
C LEU A 97 62.87 35.53 -97.89
N MET A 98 62.05 35.77 -98.92
CA MET A 98 60.66 36.16 -98.71
C MET A 98 59.81 35.12 -97.98
N PRO A 99 59.83 33.82 -98.33
CA PRO A 99 58.99 32.87 -97.58
C PRO A 99 59.30 32.81 -96.10
N PHE A 100 60.58 32.89 -95.72
CA PHE A 100 60.96 32.87 -94.32
C PHE A 100 60.79 34.24 -93.66
N ALA A 101 60.62 35.30 -94.44
CA ALA A 101 60.28 36.61 -93.89
C ALA A 101 58.78 36.81 -93.75
N TRP A 102 57.98 35.94 -94.39
CA TRP A 102 56.53 36.04 -94.32
C TRP A 102 55.90 35.00 -93.40
N GLY A 103 56.23 33.71 -93.60
CA GLY A 103 55.60 32.68 -92.80
C GLY A 103 56.00 32.72 -91.34
N GLU A 104 57.27 33.02 -91.07
CA GLU A 104 57.76 33.05 -89.70
C GLU A 104 57.11 34.20 -88.92
N PRO A 105 56.86 34.02 -87.62
CA PRO A 105 56.19 35.06 -86.85
C PRO A 105 57.04 36.31 -86.71
N LEU A 106 56.40 37.47 -86.86
CA LEU A 106 57.11 38.74 -86.70
C LEU A 106 57.46 38.99 -85.24
N LEU A 107 56.49 38.79 -84.34
CA LEU A 107 56.73 39.02 -82.93
C LEU A 107 55.75 38.18 -82.12
N HIS A 108 56.19 37.76 -80.94
CA HIS A 108 55.38 36.94 -80.04
C HIS A 108 54.71 37.83 -79.01
N ILE A 109 53.39 37.66 -78.85
CA ILE A 109 52.61 38.46 -77.93
C ILE A 109 52.05 37.54 -76.84
N TRP A 110 52.37 37.84 -75.59
CA TRP A 110 51.79 37.18 -74.44
C TRP A 110 50.66 38.07 -73.91
N LEU A 111 49.42 37.64 -74.13
CA LEU A 111 48.24 38.39 -73.72
C LEU A 111 47.35 37.48 -72.90
N LEU A 112 47.08 37.89 -71.65
CA LEU A 112 46.20 37.15 -70.74
C LEU A 112 46.64 35.70 -70.55
N GLY A 113 47.96 35.50 -70.45
CA GLY A 113 48.49 34.17 -70.25
C GLY A 113 48.50 33.29 -71.47
N ILE A 114 48.31 33.86 -72.67
CA ILE A 114 48.27 33.10 -73.91
C ILE A 114 49.34 33.66 -74.84
N ARG A 115 50.18 32.77 -75.38
CA ARG A 115 51.20 33.15 -76.34
C ARG A 115 50.65 33.00 -77.75
N ILE A 116 50.71 34.08 -78.52
CA ILE A 116 50.15 34.13 -79.86
C ILE A 116 51.26 34.50 -80.84
N ASP A 117 51.35 33.76 -81.94
CA ASP A 117 52.29 34.03 -83.01
C ASP A 117 51.52 34.51 -84.23
N ALA A 118 51.90 35.67 -84.76
CA ALA A 118 51.19 36.30 -85.86
C ALA A 118 52.17 36.78 -86.92
N ASN A 119 51.64 36.93 -88.14
CA ASN A 119 52.44 37.40 -89.27
C ASN A 119 51.51 37.99 -90.32
N VAL A 120 52.12 38.44 -91.43
CA VAL A 120 51.37 39.11 -92.48
C VAL A 120 50.38 38.15 -93.12
N MET A 121 50.79 36.91 -93.36
CA MET A 121 49.88 35.93 -93.94
C MET A 121 48.70 35.65 -93.04
N GLN A 122 48.94 35.54 -91.73
CA GLN A 122 47.85 35.35 -90.79
C GLN A 122 46.89 36.53 -90.78
N GLY A 123 47.44 37.75 -90.81
CA GLY A 123 46.58 38.92 -90.83
C GLY A 123 45.71 39.00 -92.07
N ILE A 124 46.32 38.75 -93.24
CA ILE A 124 45.57 38.82 -94.49
C ILE A 124 44.55 37.69 -94.58
N TRP A 125 44.90 36.50 -94.07
CA TRP A 125 43.95 35.40 -94.06
C TRP A 125 42.77 35.68 -93.13
N GLN A 126 43.03 36.30 -91.97
CA GLN A 126 41.93 36.70 -91.10
C GLN A 126 41.06 37.76 -91.77
N MET A 127 41.69 38.69 -92.50
CA MET A 127 40.92 39.70 -93.23
C MET A 127 40.01 39.05 -94.28
N THR A 128 40.52 38.06 -95.01
CA THR A 128 39.71 37.41 -96.03
C THR A 128 38.63 36.53 -95.42
N LYS A 129 38.93 35.87 -94.29
CA LYS A 129 37.95 35.00 -93.66
C LYS A 129 36.84 35.79 -92.98
N GLN A 130 37.14 37.01 -92.51
CA GLN A 130 36.09 37.82 -91.90
C GLN A 130 35.02 38.20 -92.90
N GLY A 131 35.42 38.51 -94.13
CA GLY A 131 34.47 38.87 -95.16
C GLY A 131 34.95 40.01 -96.05
N ASP A 132 36.04 40.64 -95.66
CA ASP A 132 36.60 41.76 -96.42
C ASP A 132 37.72 41.25 -97.32
N ALA A 133 37.29 40.48 -98.33
CA ALA A 133 38.22 39.88 -99.27
C ALA A 133 38.93 40.93 -100.11
N ILE A 134 38.24 42.02 -100.46
CA ILE A 134 38.87 43.07 -101.27
C ILE A 134 39.94 43.79 -100.46
N THR A 135 39.67 44.07 -99.19
CA THR A 135 40.69 44.69 -98.34
C THR A 135 41.88 43.75 -98.14
N GLY A 136 41.61 42.46 -97.93
CA GLY A 136 42.69 41.51 -97.83
C GLY A 136 43.54 41.44 -99.09
N SER A 137 42.89 41.46 -100.25
CA SER A 137 43.61 41.38 -101.51
C SER A 137 44.43 42.64 -101.77
N MET A 138 43.90 43.82 -101.45
CA MET A 138 44.66 45.04 -101.67
C MET A 138 45.84 45.14 -100.71
N VAL A 139 45.65 44.72 -99.45
CA VAL A 139 46.77 44.69 -98.52
C VAL A 139 47.83 43.69 -98.99
N PHE A 140 47.40 42.53 -99.47
CA PHE A 140 48.32 41.53 -99.99
C PHE A 140 49.10 42.06 -101.18
N PHE A 141 48.41 42.74 -102.11
CA PHE A 141 49.09 43.30 -103.27
C PHE A 141 50.09 44.38 -102.88
N CYS A 142 49.73 45.21 -101.89
CA CYS A 142 50.64 46.26 -101.46
C CYS A 142 51.87 45.69 -100.77
N VAL A 143 51.70 44.67 -99.92
CA VAL A 143 52.80 44.20 -99.08
C VAL A 143 53.59 43.09 -99.74
N ILE A 144 52.92 41.99 -100.08
CA ILE A 144 53.58 40.74 -100.45
C ILE A 144 53.59 40.54 -101.97
N GLY A 145 52.47 40.81 -102.63
CA GLY A 145 52.37 40.53 -104.05
C GLY A 145 53.27 41.39 -104.91
N ALA A 146 53.46 42.65 -104.53
CA ALA A 146 54.29 43.54 -105.34
C ALA A 146 55.75 43.12 -105.40
N PRO A 147 56.43 42.74 -104.30
CA PRO A 147 57.78 42.17 -104.46
C PRO A 147 57.80 40.90 -105.29
N LEU A 148 56.75 40.07 -105.21
CA LEU A 148 56.67 38.89 -106.06
C LEU A 148 56.62 39.28 -107.53
N ILE A 149 55.83 40.29 -107.87
CA ILE A 149 55.76 40.78 -109.24
C ILE A 149 57.11 41.35 -109.67
N LEU A 150 57.80 42.04 -108.77
CA LEU A 150 59.11 42.59 -109.08
C LEU A 150 60.11 41.48 -109.41
N VAL A 151 60.17 40.44 -108.57
CA VAL A 151 61.08 39.33 -108.80
C VAL A 151 60.72 38.58 -110.08
N THR A 152 59.41 38.38 -110.32
CA THR A 152 58.97 37.72 -111.53
C THR A 152 59.33 38.54 -112.77
N SER A 153 59.22 39.86 -112.69
CA SER A 153 59.59 40.72 -113.81
C SER A 153 61.09 40.66 -114.08
N ILE A 154 61.91 40.66 -113.03
CA ILE A 154 63.35 40.57 -113.23
C ILE A 154 63.72 39.23 -113.87
N ALA A 155 63.12 38.14 -113.37
CA ALA A 155 63.38 36.83 -113.96
C ALA A 155 62.88 36.75 -115.39
N TYR A 156 61.74 37.38 -115.68
CA TYR A 156 61.19 37.40 -117.03
C TYR A 156 62.11 38.16 -117.98
N LEU A 157 62.69 39.28 -117.52
CA LEU A 157 63.63 40.02 -118.35
C LEU A 157 64.89 39.21 -118.61
N TRP A 158 65.40 38.52 -117.58
CA TRP A 158 66.60 37.69 -117.78
C TRP A 158 66.32 36.55 -118.75
N PHE A 159 65.17 35.88 -118.61
CA PHE A 159 64.85 34.80 -119.53
C PHE A 159 64.52 35.31 -120.93
N GLY A 160 64.01 36.54 -121.04
CA GLY A 160 63.82 37.14 -122.34
C GLY A 160 65.13 37.44 -123.03
N ASN A 161 66.13 37.88 -122.26
CA ASN A 161 67.47 38.01 -122.82
C ASN A 161 68.03 36.65 -123.25
N ARG A 162 67.77 35.62 -122.44
CA ARG A 162 68.30 34.29 -122.77
C ARG A 162 67.64 33.68 -124.00
N LEU A 163 66.34 33.93 -124.20
CA LEU A 163 65.57 33.25 -125.22
C LEU A 163 65.26 34.14 -126.44
N GLY A 164 64.64 35.30 -126.22
CA GLY A 164 64.24 36.15 -127.31
C GLY A 164 62.77 36.51 -127.31
N MET A 165 62.15 36.48 -126.14
CA MET A 165 60.74 36.81 -126.01
C MET A 165 60.55 38.32 -125.89
N ASN A 166 59.32 38.76 -126.16
CA ASN A 166 58.98 40.18 -126.07
C ASN A 166 59.05 40.65 -124.62
N LEU A 167 59.60 41.85 -124.42
CA LEU A 167 59.84 42.39 -123.08
C LEU A 167 59.36 43.83 -122.95
N ARG A 168 58.38 44.23 -123.78
CA ARG A 168 57.93 45.62 -123.78
C ARG A 168 57.03 45.98 -122.60
N PRO A 169 55.91 45.28 -122.34
CA PRO A 169 55.05 45.70 -121.22
C PRO A 169 55.66 45.43 -119.85
N VAL A 170 56.60 44.49 -119.75
CA VAL A 170 57.22 44.18 -118.47
C VAL A 170 58.03 45.37 -117.97
N LEU A 171 58.69 46.09 -118.89
CA LEU A 171 59.45 47.27 -118.48
C LEU A 171 58.53 48.38 -117.98
N LEU A 172 57.37 48.57 -118.61
CA LEU A 172 56.42 49.55 -118.13
C LEU A 172 55.88 49.17 -116.75
N MET A 173 55.58 47.88 -116.56
CA MET A 173 55.12 47.41 -115.25
C MET A 173 56.20 47.60 -114.20
N LEU A 174 57.46 47.35 -114.55
CA LEU A 174 58.56 47.57 -113.63
C LEU A 174 58.70 49.05 -113.28
N GLU A 175 58.52 49.93 -114.26
CA GLU A 175 58.59 51.37 -114.00
C GLU A 175 57.48 51.81 -113.05
N ARG A 176 56.26 51.29 -113.23
CA ARG A 176 55.13 51.74 -112.44
C ARG A 176 54.89 50.91 -111.18
N LEU A 177 55.71 49.88 -110.93
CA LEU A 177 55.57 49.07 -109.72
C LEU A 177 56.33 49.65 -108.52
N LYS A 178 57.17 50.65 -108.73
CA LYS A 178 57.91 51.23 -107.61
C LYS A 178 56.99 52.00 -106.68
N GLU A 179 55.90 52.56 -107.20
CA GLU A 179 54.94 53.26 -106.37
C GLU A 179 54.11 52.31 -105.51
N TRP A 180 54.05 51.02 -105.88
CA TRP A 180 53.22 50.06 -105.18
C TRP A 180 53.99 49.06 -104.33
N VAL A 181 55.29 48.87 -104.59
CA VAL A 181 56.10 48.04 -103.71
C VAL A 181 56.34 48.80 -102.42
N MET A 182 55.63 48.43 -101.35
CA MET A 182 55.70 49.13 -100.08
C MET A 182 55.93 48.12 -98.96
N LEU A 183 57.17 48.04 -98.49
CA LEU A 183 57.53 47.25 -97.31
C LEU A 183 57.98 48.09 -96.13
N ASP A 184 58.60 49.25 -96.39
CA ASP A 184 58.93 50.16 -95.30
C ASP A 184 57.68 50.71 -94.64
N ILE A 185 56.60 50.90 -95.40
CA ILE A 185 55.34 51.33 -94.82
C ILE A 185 54.81 50.27 -93.87
N TYR A 186 54.90 49.00 -94.25
CA TYR A 186 54.47 47.93 -93.36
C TYR A 186 55.38 47.82 -92.14
N LEU A 187 56.68 48.11 -92.30
CA LEU A 187 57.58 48.15 -91.15
C LEU A 187 57.18 49.25 -90.16
N VAL A 188 56.86 50.44 -90.69
CA VAL A 188 56.35 51.51 -89.83
C VAL A 188 55.04 51.08 -89.17
N GLY A 189 54.19 50.36 -89.91
CA GLY A 189 52.94 49.90 -89.34
C GLY A 189 53.12 48.91 -88.21
N ILE A 190 54.05 47.96 -88.38
CA ILE A 190 54.27 47.00 -87.30
C ILE A 190 54.93 47.68 -86.10
N GLY A 191 55.78 48.69 -86.33
CA GLY A 191 56.30 49.46 -85.21
C GLY A 191 55.21 50.20 -84.46
N VAL A 192 54.30 50.83 -85.20
CA VAL A 192 53.19 51.56 -84.58
C VAL A 192 52.29 50.61 -83.80
N ALA A 193 51.98 49.45 -84.38
CA ALA A 193 51.14 48.47 -83.69
C ALA A 193 51.82 47.91 -82.45
N SER A 194 53.13 47.67 -82.52
CA SER A 194 53.86 47.21 -81.34
C SER A 194 53.83 48.25 -80.23
N ILE A 195 54.03 49.52 -80.57
CA ILE A 195 53.96 50.57 -79.55
C ILE A 195 52.55 50.66 -78.99
N LYS A 196 51.54 50.47 -79.84
CA LYS A 196 50.15 50.54 -79.39
C LYS A 196 49.81 49.41 -78.43
N VAL A 197 50.26 48.19 -78.71
CA VAL A 197 49.91 47.03 -77.91
C VAL A 197 50.96 46.72 -76.83
N GLN A 198 51.97 47.59 -76.69
CA GLN A 198 52.95 47.39 -75.63
C GLN A 198 52.31 47.45 -74.25
N ASP A 199 51.32 48.32 -74.06
CA ASP A 199 50.66 48.41 -72.76
C ASP A 199 49.58 47.35 -72.56
N TYR A 200 49.01 46.81 -73.65
CA TYR A 200 47.98 45.79 -73.52
C TYR A 200 48.56 44.43 -73.13
N ALA A 201 49.69 44.06 -73.71
CA ALA A 201 50.24 42.72 -73.53
C ALA A 201 51.76 42.81 -73.50
N HIS A 202 52.41 41.65 -73.55
CA HIS A 202 53.88 41.59 -73.58
C HIS A 202 54.33 41.25 -74.99
N ILE A 203 55.31 41.99 -75.50
CA ILE A 203 55.77 41.87 -76.87
C ILE A 203 57.24 41.47 -76.87
N GLN A 204 57.57 40.41 -77.62
CA GLN A 204 58.95 39.97 -77.79
C GLN A 204 59.24 39.86 -79.28
N ALA A 205 60.43 40.32 -79.68
CA ALA A 205 60.81 40.27 -81.08
C ALA A 205 61.00 38.83 -81.54
N GLY A 206 60.39 38.49 -82.68
CA GLY A 206 60.47 37.15 -83.21
C GLY A 206 61.61 36.97 -84.19
N VAL A 207 61.78 35.72 -84.63
CA VAL A 207 62.82 35.40 -85.60
C VAL A 207 62.50 36.00 -86.96
N GLY A 208 61.21 36.04 -87.33
CA GLY A 208 60.81 36.56 -88.62
C GLY A 208 61.00 38.06 -88.77
N LEU A 209 61.07 38.79 -87.67
CA LEU A 209 61.27 40.24 -87.74
C LEU A 209 62.61 40.59 -88.38
N PHE A 210 63.67 39.85 -88.02
CA PHE A 210 64.99 40.10 -88.60
C PHE A 210 64.99 39.86 -90.11
N SER A 211 64.38 38.75 -90.55
CA SER A 211 64.32 38.46 -91.98
C SER A 211 63.46 39.49 -92.71
N PHE A 212 62.37 39.94 -92.08
CA PHE A 212 61.54 40.98 -92.70
C PHE A 212 62.31 42.29 -92.85
N VAL A 213 63.09 42.66 -91.83
CA VAL A 213 63.89 43.89 -91.91
C VAL A 213 64.95 43.76 -92.99
N ALA A 214 65.60 42.59 -93.08
CA ALA A 214 66.58 42.37 -94.14
C ALA A 214 65.93 42.46 -95.52
N LEU A 215 64.73 41.90 -95.67
CA LEU A 215 64.02 41.99 -96.94
C LEU A 215 63.67 43.44 -97.27
N VAL A 216 63.27 44.22 -96.25
CA VAL A 216 62.95 45.63 -96.47
C VAL A 216 64.18 46.39 -96.95
N ILE A 217 65.34 46.13 -96.32
CA ILE A 217 66.57 46.81 -96.71
C ILE A 217 66.96 46.42 -98.14
N LEU A 218 66.85 45.12 -98.46
CA LEU A 218 67.21 44.67 -99.80
C LEU A 218 66.30 45.27 -100.86
N THR A 219 65.00 45.30 -100.61
CA THR A 219 64.07 45.89 -101.57
C THR A 219 64.32 47.39 -101.72
N THR A 220 64.61 48.07 -100.61
CA THR A 220 64.89 49.51 -100.68
C THR A 220 66.11 49.79 -101.54
N VAL A 221 67.21 49.06 -101.30
CA VAL A 221 68.43 49.35 -102.05
C VAL A 221 68.27 48.94 -103.52
N THR A 222 67.56 47.84 -103.78
CA THR A 222 67.36 47.42 -105.17
C THR A 222 66.49 48.40 -105.93
N LEU A 223 65.42 48.90 -105.31
CA LEU A 223 64.57 49.88 -105.98
C LEU A 223 65.26 51.23 -106.13
N SER A 224 66.14 51.58 -105.19
CA SER A 224 66.87 52.84 -105.32
C SER A 224 67.94 52.77 -106.40
N HIS A 225 68.55 51.60 -106.61
CA HIS A 225 69.57 51.43 -107.63
C HIS A 225 69.04 50.78 -108.90
N LEU A 226 67.72 50.64 -109.04
CA LEU A 226 67.12 50.09 -110.25
C LEU A 226 66.84 51.25 -111.22
N ASN A 227 67.45 51.18 -112.41
CA ASN A 227 67.30 52.21 -113.42
C ASN A 227 66.52 51.65 -114.60
N VAL A 228 65.49 52.36 -115.02
CA VAL A 228 64.58 51.90 -116.05
C VAL A 228 64.95 52.43 -117.43
N GLU A 229 65.38 53.69 -117.52
CA GLU A 229 65.78 54.24 -118.80
C GLU A 229 67.05 53.56 -119.33
N GLU A 230 67.98 53.24 -118.44
CA GLU A 230 69.17 52.49 -118.85
C GLU A 230 68.78 51.11 -119.37
N LEU A 231 67.84 50.44 -118.70
CA LEU A 231 67.38 49.15 -119.18
C LEU A 231 66.70 49.27 -120.54
N TRP A 232 65.89 50.33 -120.72
CA TRP A 232 65.24 50.56 -122.01
C TRP A 232 66.26 50.75 -123.13
N GLU A 233 67.28 51.58 -122.89
CA GLU A 233 68.26 51.85 -123.94
C GLU A 233 69.19 50.66 -124.17
N ARG A 234 69.39 49.82 -123.14
CA ARG A 234 70.20 48.62 -123.33
C ARG A 234 69.45 47.57 -124.13
N PHE A 235 68.17 47.35 -123.81
CA PHE A 235 67.39 46.31 -124.48
C PHE A 235 66.99 46.72 -125.89
N TYR A 236 66.54 47.95 -126.07
CA TYR A 236 66.09 48.46 -127.37
C TYR A 236 66.78 49.78 -127.64
N PRO A 237 68.01 49.74 -128.15
CA PRO A 237 68.74 50.99 -128.41
C PRO A 237 68.08 51.83 -129.49
N GLN A 238 68.21 53.15 -129.33
CA GLN A 238 67.66 54.10 -130.29
C GLN A 238 68.72 55.13 -130.66
N ARG A 239 68.32 56.18 -131.37
CA ARG A 239 69.24 57.22 -131.79
C ARG A 239 68.75 58.59 -131.33
N PRO A 240 69.67 59.49 -130.99
CA PRO A 240 69.28 60.85 -130.59
C PRO A 240 68.96 61.75 -131.77
N ALA A 241 68.71 63.03 -131.49
CA ALA A 241 68.32 63.99 -132.51
C ALA A 241 69.41 65.07 -132.65
N THR A 242 69.10 66.10 -133.45
CA THR A 242 70.04 67.17 -133.76
C THR A 242 69.99 68.31 -132.75
N ARG A 243 69.51 68.04 -131.53
CA ARG A 243 69.54 68.94 -130.37
C ARG A 243 68.56 70.11 -130.48
N ARG A 244 67.92 70.28 -131.64
CA ARG A 244 66.97 71.38 -131.83
C ARG A 244 66.06 70.99 -133.00
N ASP A 245 64.85 70.54 -132.69
CA ASP A 245 63.91 70.18 -133.76
C ASP A 245 62.54 70.83 -133.55
N GLU A 246 62.15 71.05 -132.30
CA GLU A 246 60.85 71.59 -131.92
C GLU A 246 59.68 70.75 -132.45
N LYS A 247 59.93 69.49 -132.76
CA LYS A 247 58.87 68.58 -133.21
C LYS A 247 59.04 67.19 -132.59
N LEU A 248 59.61 67.13 -131.39
CA LEU A 248 59.82 65.88 -130.69
C LEU A 248 58.78 65.72 -129.58
N ARG A 249 58.32 64.49 -129.40
CA ARG A 249 57.37 64.16 -128.35
C ARG A 249 58.04 63.20 -127.35
N VAL A 250 57.60 63.29 -126.10
CA VAL A 250 58.12 62.47 -125.02
C VAL A 250 57.10 61.38 -124.71
N CYS A 251 57.55 60.13 -124.77
CA CYS A 251 56.69 59.02 -124.39
C CYS A 251 56.58 58.96 -122.87
N LEU A 252 55.36 58.82 -122.37
CA LEU A 252 55.13 58.76 -120.93
C LEU A 252 55.33 57.37 -120.34
N GLY A 253 55.65 56.38 -121.18
CA GLY A 253 55.89 55.03 -120.69
C GLY A 253 57.36 54.70 -120.52
N CYS A 254 58.21 55.22 -121.43
CA CYS A 254 59.62 54.92 -121.41
C CYS A 254 60.52 56.15 -121.38
N HIS A 255 59.94 57.36 -121.31
CA HIS A 255 60.69 58.61 -121.27
C HIS A 255 61.64 58.75 -122.46
N PHE A 256 61.18 58.34 -123.63
CA PHE A 256 61.93 58.47 -124.87
C PHE A 256 61.41 59.66 -125.67
N THR A 257 62.33 60.49 -126.14
CA THR A 257 61.98 61.67 -126.92
C THR A 257 62.30 61.42 -128.38
N GLY A 258 61.33 61.67 -129.25
CA GLY A 258 61.55 61.40 -130.67
C GLY A 258 60.32 61.70 -131.50
N TYR A 259 60.35 61.18 -132.74
CA TYR A 259 59.27 61.30 -133.70
C TYR A 259 58.44 60.02 -133.71
N PRO A 260 57.11 60.12 -133.71
CA PRO A 260 56.29 58.93 -133.92
C PRO A 260 56.45 58.40 -135.34
N ASP A 261 56.25 57.09 -135.49
CA ASP A 261 56.37 56.45 -136.79
C ASP A 261 55.10 56.66 -137.60
N GLN A 262 54.96 55.93 -138.70
CA GLN A 262 53.78 56.07 -139.55
C GLN A 262 52.52 55.54 -138.88
N ARG A 263 52.66 54.68 -137.88
CA ARG A 263 51.52 54.14 -137.15
C ARG A 263 51.13 55.00 -135.94
N GLY A 264 51.86 56.07 -135.67
CA GLY A 264 51.57 56.92 -134.53
C GLY A 264 52.02 56.39 -133.20
N ARG A 265 52.78 55.31 -133.17
CA ARG A 265 53.25 54.70 -131.93
C ARG A 265 54.69 55.08 -131.65
N CYS A 266 55.09 54.90 -130.38
CA CYS A 266 56.44 55.17 -129.97
C CYS A 266 57.41 54.18 -130.63
N PRO A 267 58.56 54.64 -131.12
CA PRO A 267 59.55 53.69 -131.67
C PRO A 267 60.06 52.70 -130.64
N ARG A 268 60.16 53.10 -129.37
CA ARG A 268 60.77 52.24 -128.36
C ARG A 268 59.78 51.20 -127.81
N CYS A 269 58.51 51.59 -127.65
CA CYS A 269 57.51 50.69 -127.08
C CYS A 269 56.22 50.81 -127.87
N HIS A 270 55.42 49.74 -127.83
CA HIS A 270 54.22 49.62 -128.66
C HIS A 270 53.01 50.26 -127.97
N ILE A 271 53.12 51.56 -127.72
CA ILE A 271 51.98 52.37 -127.27
C ILE A 271 51.91 53.62 -128.14
N PRO A 272 50.74 54.23 -128.31
CA PRO A 272 50.67 55.46 -129.10
C PRO A 272 51.44 56.59 -128.44
N LEU A 273 52.03 57.45 -129.27
CA LEU A 273 52.78 58.61 -128.82
C LEU A 273 51.98 59.87 -129.14
N ARG A 274 51.58 60.59 -128.09
CA ARG A 274 50.76 61.78 -128.22
C ARG A 274 51.45 62.96 -127.52
N LEU A 275 50.93 64.16 -127.79
CA LEU A 275 51.46 65.34 -127.12
C LEU A 275 51.19 65.29 -125.63
N ARG A 276 49.95 65.04 -125.24
CA ARG A 276 49.58 64.87 -123.83
C ARG A 276 48.85 63.55 -123.66
N ARG A 277 48.30 63.31 -122.47
CA ARG A 277 47.47 62.14 -122.28
C ARG A 277 46.14 62.32 -123.02
N ARG A 278 45.49 61.19 -123.30
CA ARG A 278 44.27 61.20 -124.10
C ARG A 278 43.14 61.91 -123.37
N HIS A 279 42.88 61.52 -122.11
CA HIS A 279 41.80 62.09 -121.32
C HIS A 279 42.29 62.38 -119.90
N SER A 280 43.42 63.08 -119.79
CA SER A 280 44.04 63.31 -118.48
C SER A 280 43.10 64.05 -117.53
N LEU A 281 42.49 65.14 -118.00
CA LEU A 281 41.59 65.91 -117.14
C LEU A 281 40.38 65.10 -116.73
N GLN A 282 39.78 64.37 -117.67
CA GLN A 282 38.60 63.57 -117.34
C GLN A 282 38.93 62.47 -116.35
N LYS A 283 40.05 61.77 -116.55
CA LYS A 283 40.45 60.71 -115.62
C LYS A 283 40.74 61.28 -114.23
N CYS A 284 41.44 62.41 -114.17
CA CYS A 284 41.76 63.03 -112.89
C CYS A 284 40.49 63.47 -112.17
N TRP A 285 39.56 64.10 -112.89
CA TRP A 285 38.31 64.53 -112.27
C TRP A 285 37.47 63.34 -111.80
N ALA A 286 37.41 62.28 -112.61
CA ALA A 286 36.62 61.11 -112.22
C ALA A 286 37.19 60.45 -110.98
N ALA A 287 38.53 60.28 -110.94
CA ALA A 287 39.15 59.65 -109.77
C ALA A 287 39.01 60.53 -108.54
N LEU A 288 39.14 61.86 -108.70
CA LEU A 288 38.98 62.77 -107.56
C LEU A 288 37.56 62.74 -107.03
N LEU A 289 36.56 62.73 -107.92
CA LEU A 289 35.18 62.64 -107.47
C LEU A 289 34.90 61.31 -106.78
N ALA A 290 35.46 60.22 -107.31
CA ALA A 290 35.28 58.91 -106.68
C ALA A 290 35.89 58.89 -105.28
N SER A 291 37.09 59.45 -105.13
CA SER A 291 37.73 59.49 -103.81
C SER A 291 36.96 60.39 -102.85
N ILE A 292 36.45 61.52 -103.34
CA ILE A 292 35.64 62.40 -102.50
C ILE A 292 34.39 61.69 -102.02
N VAL A 293 33.71 60.96 -102.91
CA VAL A 293 32.51 60.23 -102.52
C VAL A 293 32.84 59.14 -101.52
N LEU A 294 33.92 58.38 -101.77
CA LEU A 294 34.25 57.25 -100.90
C LEU A 294 34.90 57.66 -99.58
N LEU A 295 35.36 58.90 -99.45
CA LEU A 295 35.94 59.33 -98.17
C LEU A 295 34.88 59.42 -97.07
N LEU A 296 33.64 59.79 -97.43
CA LEU A 296 32.60 59.93 -96.42
C LEU A 296 32.27 58.62 -95.69
N PRO A 297 32.05 57.48 -96.37
CA PRO A 297 31.86 56.23 -95.61
C PRO A 297 33.06 55.84 -94.76
N ALA A 298 34.28 56.15 -95.22
CA ALA A 298 35.48 55.75 -94.48
C ALA A 298 35.54 56.42 -93.11
N ASN A 299 34.94 57.60 -92.97
CA ASN A 299 34.90 58.31 -91.70
C ASN A 299 33.59 58.13 -90.95
N LEU A 300 32.49 57.88 -91.65
CA LEU A 300 31.21 57.71 -90.97
C LEU A 300 31.03 56.29 -90.43
N LEU A 301 31.27 55.29 -91.28
CA LEU A 301 31.13 53.91 -90.84
C LEU A 301 32.26 53.54 -89.88
N PRO A 302 32.00 52.65 -88.92
CA PRO A 302 33.04 52.26 -87.96
C PRO A 302 34.19 51.55 -88.65
N ILE A 303 35.40 51.79 -88.14
CA ILE A 303 36.58 51.18 -88.73
C ILE A 303 37.08 50.03 -87.85
N SER A 304 36.88 50.13 -86.54
CA SER A 304 37.36 49.09 -85.64
C SER A 304 36.25 48.65 -84.70
N ILE A 305 36.02 47.34 -84.64
CA ILE A 305 35.07 46.76 -83.71
C ILE A 305 35.87 45.98 -82.67
N ILE A 306 35.81 46.43 -81.42
CA ILE A 306 36.55 45.81 -80.33
C ILE A 306 35.54 45.13 -79.42
N TYR A 307 35.59 43.80 -79.38
CA TYR A 307 34.79 43.01 -78.45
C TYR A 307 35.59 42.88 -77.15
N LEU A 308 35.21 43.66 -76.15
CA LEU A 308 35.80 43.62 -74.82
C LEU A 308 34.78 43.04 -73.87
N ASN A 309 35.11 41.89 -73.26
CA ASN A 309 34.27 41.22 -72.26
C ASN A 309 32.86 40.96 -72.79
N GLY A 310 32.73 40.74 -74.09
CA GLY A 310 31.46 40.45 -74.73
C GLY A 310 30.76 41.65 -75.34
N GLY A 311 31.19 42.86 -75.02
CA GLY A 311 30.57 44.07 -75.55
C GLY A 311 31.41 44.71 -76.64
N ARG A 312 30.76 45.11 -77.73
CA ARG A 312 31.46 45.68 -78.87
C ARG A 312 31.49 47.19 -78.79
N GLN A 313 32.64 47.77 -79.14
CA GLN A 313 32.84 49.22 -79.12
C GLN A 313 32.35 49.88 -80.41
N GLU A 314 32.77 49.37 -81.56
CA GLU A 314 32.31 49.83 -82.87
C GLU A 314 32.61 51.33 -83.08
N ASP A 315 33.90 51.63 -83.14
CA ASP A 315 34.37 53.01 -83.22
C ASP A 315 34.96 53.32 -84.59
N THR A 316 34.72 54.53 -85.06
CA THR A 316 35.18 55.00 -86.35
C THR A 316 36.59 55.57 -86.23
N ILE A 317 37.09 56.17 -87.31
CA ILE A 317 38.43 56.75 -87.32
C ILE A 317 38.52 57.90 -86.33
N LEU A 318 37.49 58.77 -86.29
CA LEU A 318 37.52 59.91 -85.39
C LEU A 318 37.51 59.47 -83.93
N SER A 319 36.66 58.51 -83.57
CA SER A 319 36.63 58.02 -82.20
C SER A 319 37.93 57.33 -81.83
N GLY A 320 38.48 56.54 -82.75
CA GLY A 320 39.75 55.87 -82.48
C GLY A 320 40.89 56.85 -82.29
N ILE A 321 40.96 57.89 -83.13
CA ILE A 321 42.04 58.86 -82.99
C ILE A 321 41.83 59.72 -81.74
N MET A 322 40.59 59.97 -81.33
CA MET A 322 40.36 60.69 -80.09
C MET A 322 40.81 59.87 -78.88
N SER A 323 40.47 58.58 -78.86
CA SER A 323 40.91 57.73 -77.75
C SER A 323 42.43 57.59 -77.74
N LEU A 324 43.05 57.47 -78.93
CA LEU A 324 44.50 57.36 -78.99
C LEU A 324 45.18 58.66 -78.60
N ALA A 325 44.55 59.81 -78.86
CA ALA A 325 45.09 61.08 -78.38
C ALA A 325 44.95 61.19 -76.87
N SER A 326 43.86 60.64 -76.32
CA SER A 326 43.70 60.64 -74.87
C SER A 326 44.74 59.75 -74.19
N SER A 327 45.07 58.61 -74.79
CA SER A 327 45.94 57.64 -74.13
C SER A 327 47.42 57.81 -74.51
N ASN A 328 47.74 57.68 -75.80
CA ASN A 328 49.10 57.58 -76.32
C ASN A 328 49.31 58.59 -77.45
N ILE A 329 49.05 59.87 -77.14
CA ILE A 329 49.03 60.95 -78.13
C ILE A 329 50.29 61.02 -78.99
N ALA A 330 51.42 60.51 -78.48
CA ALA A 330 52.67 60.57 -79.24
C ALA A 330 52.57 59.82 -80.55
N VAL A 331 51.96 58.63 -80.54
CA VAL A 331 51.71 57.91 -81.79
C VAL A 331 50.37 58.29 -82.41
N ALA A 332 49.45 58.85 -81.62
CA ALA A 332 48.20 59.35 -82.19
C ALA A 332 48.45 60.48 -83.17
N GLY A 333 49.48 61.29 -82.94
CA GLY A 333 49.79 62.36 -83.87
C GLY A 333 50.18 61.83 -85.25
N ILE A 334 51.08 60.85 -85.29
CA ILE A 334 51.51 60.32 -86.58
C ILE A 334 50.37 59.52 -87.23
N VAL A 335 49.58 58.81 -86.44
CA VAL A 335 48.42 58.10 -86.99
C VAL A 335 47.44 59.09 -87.60
N PHE A 336 47.17 60.20 -86.91
CA PHE A 336 46.28 61.23 -87.42
C PHE A 336 46.79 61.81 -88.73
N ILE A 337 48.07 62.22 -88.75
CA ILE A 337 48.60 62.89 -89.94
C ILE A 337 48.78 61.91 -91.10
N ALA A 338 48.86 60.61 -90.83
CA ALA A 338 48.96 59.63 -91.90
C ALA A 338 47.62 59.04 -92.31
N SER A 339 46.57 59.26 -91.53
CA SER A 339 45.26 58.68 -91.83
C SER A 339 44.23 59.68 -92.34
N ILE A 340 44.18 60.89 -91.80
CA ILE A 340 43.10 61.80 -92.19
C ILE A 340 43.66 63.11 -92.73
N LEU A 341 44.87 63.48 -92.30
CA LEU A 341 45.48 64.72 -92.81
C LEU A 341 45.92 64.56 -94.26
N VAL A 342 46.60 63.46 -94.57
CA VAL A 342 47.10 63.26 -95.93
C VAL A 342 45.98 63.14 -96.97
N PRO A 343 44.93 62.31 -96.77
CA PRO A 343 43.90 62.20 -97.82
C PRO A 343 43.18 63.51 -98.12
N PHE A 344 42.78 64.26 -97.09
CA PHE A 344 42.07 65.51 -97.32
C PHE A 344 42.97 66.56 -97.94
N THR A 345 44.24 66.59 -97.53
CA THR A 345 45.19 67.51 -98.15
C THR A 345 45.38 67.18 -99.64
N LYS A 346 45.51 65.90 -99.96
CA LYS A 346 45.62 65.49 -101.37
C LYS A 346 44.36 65.88 -102.14
N VAL A 347 43.19 65.66 -101.54
CA VAL A 347 41.93 65.97 -102.22
C VAL A 347 41.82 67.46 -102.51
N ILE A 348 42.12 68.30 -101.51
CA ILE A 348 42.00 69.74 -101.72
C ILE A 348 43.07 70.24 -102.69
N VAL A 349 44.27 69.67 -102.66
CA VAL A 349 45.31 70.08 -103.60
C VAL A 349 44.92 69.74 -105.03
N MET A 350 44.41 68.53 -105.25
CA MET A 350 43.97 68.15 -106.59
C MET A 350 42.80 69.00 -107.05
N PHE A 351 41.86 69.29 -106.15
CA PHE A 351 40.71 70.12 -106.51
C PHE A 351 41.15 71.52 -106.89
N THR A 352 42.08 72.11 -106.13
CA THR A 352 42.56 73.45 -106.46
C THR A 352 43.38 73.45 -107.75
N LEU A 353 44.15 72.38 -108.00
CA LEU A 353 44.88 72.31 -109.27
C LEU A 353 43.91 72.22 -110.46
N LEU A 354 42.86 71.42 -110.34
CA LEU A 354 41.88 71.34 -111.42
C LEU A 354 41.12 72.65 -111.60
N LEU A 355 40.81 73.33 -110.49
CA LEU A 355 40.17 74.64 -110.59
C LEU A 355 41.09 75.66 -111.26
N SER A 356 42.39 75.60 -110.95
CA SER A 356 43.35 76.48 -111.61
C SER A 356 43.45 76.17 -113.09
N ILE A 357 43.38 74.88 -113.45
CA ILE A 357 43.38 74.49 -114.87
C ILE A 357 42.17 75.08 -115.57
N HIS A 358 41.00 74.96 -114.95
CA HIS A 358 39.78 75.50 -115.54
C HIS A 358 39.83 77.03 -115.66
N PHE A 359 40.34 77.71 -114.63
CA PHE A 359 40.37 79.16 -114.57
C PHE A 359 41.51 79.76 -115.38
N LYS A 360 42.49 78.95 -115.79
CA LYS A 360 43.68 79.42 -116.51
C LYS A 360 44.43 80.48 -115.71
N CYS A 361 44.50 80.28 -114.39
CA CYS A 361 45.24 81.17 -113.53
C CYS A 361 46.74 81.00 -113.76
N GLN A 362 47.47 82.11 -113.70
CA GLN A 362 48.91 82.14 -113.95
C GLN A 362 49.63 82.95 -112.88
N GLN A 363 49.29 82.69 -111.62
CA GLN A 363 49.87 83.41 -110.49
C GLN A 363 50.85 82.56 -109.70
N GLY A 364 50.44 81.36 -109.27
CA GLY A 364 51.29 80.53 -108.43
C GLY A 364 51.76 79.25 -109.08
N LEU A 365 52.17 79.35 -110.35
CA LEU A 365 52.66 78.17 -111.07
C LEU A 365 53.95 77.63 -110.46
N ARG A 366 54.80 78.52 -109.91
CA ARG A 366 56.03 78.07 -109.27
C ARG A 366 55.78 77.25 -108.02
N THR A 367 54.63 77.43 -107.36
CA THR A 367 54.31 76.69 -106.14
C THR A 367 53.37 75.52 -106.38
N ARG A 368 52.53 75.58 -107.42
CA ARG A 368 51.61 74.49 -107.70
C ARG A 368 52.36 73.21 -108.08
N ILE A 369 53.44 73.35 -108.85
CA ILE A 369 54.24 72.18 -109.23
C ILE A 369 54.91 71.57 -108.00
N LEU A 370 55.43 72.41 -107.11
CA LEU A 370 56.04 71.91 -105.88
C LEU A 370 55.02 71.20 -105.00
N LEU A 371 53.81 71.76 -104.90
CA LEU A 371 52.75 71.11 -104.14
C LEU A 371 52.37 69.77 -104.76
N LEU A 372 52.31 69.71 -106.09
CA LEU A 372 52.01 68.44 -106.77
C LEU A 372 53.08 67.41 -106.51
N ARG A 373 54.36 67.82 -106.55
CA ARG A 373 55.45 66.89 -106.27
C ARG A 373 55.38 66.39 -104.82
N MET A 374 55.09 67.30 -103.88
CA MET A 374 54.95 66.89 -102.49
C MET A 374 53.80 65.92 -102.29
N VAL A 375 52.68 66.16 -102.97
CA VAL A 375 51.53 65.26 -102.88
C VAL A 375 51.87 63.90 -103.47
N THR A 376 52.57 63.87 -104.60
CA THR A 376 53.01 62.61 -105.18
C THR A 376 53.93 61.85 -104.23
N TRP A 377 54.83 62.57 -103.57
CA TRP A 377 55.75 61.92 -102.63
C TRP A 377 55.04 61.41 -101.38
N ILE A 378 54.01 62.11 -100.92
CA ILE A 378 53.41 61.79 -99.63
C ILE A 378 52.16 60.91 -99.74
N GLY A 379 51.57 60.76 -100.92
CA GLY A 379 50.35 59.98 -101.04
C GLY A 379 50.53 58.49 -100.85
N ARG A 380 51.75 57.99 -101.00
CA ARG A 380 52.01 56.57 -100.83
C ARG A 380 51.85 56.12 -99.37
N TRP A 381 52.10 57.04 -98.43
CA TRP A 381 52.10 56.69 -97.01
C TRP A 381 50.71 56.68 -96.38
N SER A 382 49.66 56.90 -97.17
CA SER A 382 48.30 56.89 -96.63
C SER A 382 47.79 55.49 -96.33
N MET A 383 48.51 54.45 -96.75
CA MET A 383 48.11 53.06 -96.53
C MET A 383 48.60 52.51 -95.19
N LEU A 384 49.05 53.37 -94.28
CA LEU A 384 49.59 52.91 -93.01
C LEU A 384 48.48 52.34 -92.11
N ASP A 385 47.29 52.93 -92.16
CA ASP A 385 46.21 52.54 -91.27
C ASP A 385 45.76 51.11 -91.54
N LEU A 386 45.67 50.71 -92.81
CA LEU A 386 45.25 49.36 -93.15
C LEU A 386 46.25 48.33 -92.63
N PHE A 387 47.55 48.61 -92.78
CA PHE A 387 48.56 47.68 -92.26
C PHE A 387 48.51 47.62 -90.73
N VAL A 388 48.30 48.77 -90.08
CA VAL A 388 48.23 48.80 -88.63
C VAL A 388 47.06 47.96 -88.13
N ILE A 389 45.88 48.16 -88.73
CA ILE A 389 44.71 47.43 -88.28
C ILE A 389 44.84 45.94 -88.61
N SER A 390 45.49 45.61 -89.73
CA SER A 390 45.75 44.20 -90.05
C SER A 390 46.61 43.54 -88.99
N LEU A 391 47.71 44.20 -88.60
CA LEU A 391 48.58 43.59 -87.61
C LEU A 391 47.91 43.53 -86.25
N THR A 392 47.13 44.56 -85.88
CA THR A 392 46.48 44.52 -84.57
C THR A 392 45.40 43.46 -84.51
N MET A 393 44.64 43.27 -85.59
CA MET A 393 43.64 42.20 -85.60
C MET A 393 44.27 40.83 -85.70
N SER A 394 45.49 40.73 -86.24
CA SER A 394 46.20 39.47 -86.20
C SER A 394 46.77 39.17 -84.81
N LEU A 395 47.18 40.21 -84.08
CA LEU A 395 47.78 40.02 -82.77
C LEU A 395 46.72 39.79 -81.70
N ILE A 396 45.85 40.77 -81.47
CA ILE A 396 44.83 40.68 -80.42
C ILE A 396 43.69 39.83 -80.97
N ASN A 397 43.69 38.55 -80.63
CA ASN A 397 42.70 37.61 -81.15
C ASN A 397 42.18 36.70 -80.05
N ARG A 398 41.87 37.26 -78.88
CA ARG A 398 41.20 36.49 -77.85
C ARG A 398 39.76 36.21 -78.27
N ASP A 399 39.20 35.12 -77.74
CA ASP A 399 37.88 34.67 -78.18
C ASP A 399 36.80 35.71 -77.84
N GLN A 400 36.74 36.14 -76.59
CA GLN A 400 35.73 37.12 -76.18
C GLN A 400 36.28 38.25 -75.31
N ILE A 401 37.40 38.07 -74.61
CA ILE A 401 37.90 39.12 -73.73
C ILE A 401 38.42 40.30 -74.52
N LEU A 402 39.17 40.05 -75.60
CA LEU A 402 39.73 41.12 -76.42
C LEU A 402 39.78 40.61 -77.86
N ALA A 403 38.77 40.99 -78.64
CA ALA A 403 38.69 40.60 -80.05
C ALA A 403 38.65 41.86 -80.90
N PHE A 404 39.75 42.15 -81.59
CA PHE A 404 39.84 43.30 -82.47
C PHE A 404 39.53 42.88 -83.90
N THR A 405 38.55 43.54 -84.53
CA THR A 405 38.16 43.23 -85.89
C THR A 405 38.03 44.51 -86.70
N MET A 406 38.23 44.37 -88.01
CA MET A 406 38.10 45.48 -88.94
C MET A 406 36.67 45.59 -89.44
N GLY A 407 36.09 46.78 -89.32
CA GLY A 407 34.71 47.00 -89.70
C GLY A 407 34.57 47.32 -91.17
N PRO A 408 33.33 47.65 -91.56
CA PRO A 408 33.00 47.91 -92.98
C PRO A 408 33.30 49.33 -93.43
N ALA A 409 34.50 49.83 -93.12
CA ALA A 409 34.95 51.14 -93.60
C ALA A 409 36.36 51.13 -94.15
N ALA A 410 37.20 50.15 -93.78
CA ALA A 410 38.56 50.10 -94.30
C ALA A 410 38.57 49.85 -95.80
N PHE A 411 37.55 49.16 -96.33
CA PHE A 411 37.44 48.99 -97.77
C PHE A 411 37.30 50.34 -98.46
N TYR A 412 36.40 51.19 -97.95
CA TYR A 412 36.21 52.51 -98.54
C TYR A 412 37.44 53.38 -98.37
N PHE A 413 38.11 53.28 -97.21
CA PHE A 413 39.33 54.05 -97.00
C PHE A 413 40.42 53.64 -97.99
N GLY A 414 40.64 52.35 -98.16
CA GLY A 414 41.65 51.88 -99.10
C GLY A 414 41.30 52.22 -100.53
N ALA A 415 40.02 52.10 -100.89
CA ALA A 415 39.59 52.47 -102.24
C ALA A 415 39.81 53.96 -102.49
N ALA A 416 39.52 54.81 -101.51
CA ALA A 416 39.76 56.24 -101.66
C ALA A 416 41.25 56.53 -101.81
N VAL A 417 42.10 55.84 -101.04
CA VAL A 417 43.54 56.05 -101.14
C VAL A 417 44.04 55.64 -102.52
N ILE A 418 43.59 54.48 -103.01
CA ILE A 418 44.02 54.01 -104.33
C ILE A 418 43.54 54.98 -105.42
N LEU A 419 42.30 55.45 -105.31
CA LEU A 419 41.76 56.34 -106.33
C LEU A 419 42.47 57.69 -106.34
N THR A 420 42.80 58.24 -105.17
CA THR A 420 43.51 59.52 -105.17
C THR A 420 44.96 59.35 -105.62
N ILE A 421 45.58 58.20 -105.34
CA ILE A 421 46.91 57.92 -105.89
C ILE A 421 46.85 57.86 -107.40
N LEU A 422 45.83 57.19 -107.94
CA LEU A 422 45.67 57.12 -109.39
C LEU A 422 45.41 58.49 -110.00
N ALA A 423 44.62 59.34 -109.31
CA ALA A 423 44.38 60.69 -109.80
C ALA A 423 45.67 61.51 -109.84
N VAL A 424 46.47 61.43 -108.78
CA VAL A 424 47.73 62.16 -108.74
C VAL A 424 48.67 61.67 -109.84
N GLU A 425 48.72 60.35 -110.05
CA GLU A 425 49.59 59.80 -111.08
C GLU A 425 49.10 60.17 -112.48
N TRP A 426 47.78 60.25 -112.69
CA TRP A 426 47.23 60.57 -114.00
C TRP A 426 47.24 62.05 -114.32
N LEU A 427 47.34 62.92 -113.31
CA LEU A 427 47.44 64.35 -113.58
C LEU A 427 48.72 64.66 -114.36
N ASP A 428 48.58 65.46 -115.41
CA ASP A 428 49.68 65.83 -116.29
C ASP A 428 50.05 67.28 -116.02
N SER A 429 51.29 67.49 -115.57
CA SER A 429 51.76 68.85 -115.25
C SER A 429 52.01 69.68 -116.50
N ARG A 430 52.11 69.05 -117.67
CA ARG A 430 52.24 69.82 -118.91
C ARG A 430 50.98 70.63 -119.17
N LEU A 431 49.82 70.14 -118.73
CA LEU A 431 48.61 70.94 -118.81
C LEU A 431 48.69 72.18 -117.92
N LEU A 432 49.25 72.03 -116.71
CA LEU A 432 49.47 73.17 -115.83
C LEU A 432 50.42 74.17 -116.49
N TRP A 433 51.47 73.69 -117.13
CA TRP A 433 52.40 74.59 -117.80
C TRP A 433 51.77 75.27 -119.01
N ASP A 434 50.91 74.56 -119.74
CA ASP A 434 50.24 75.13 -120.91
C ASP A 434 49.06 76.02 -120.54
N ALA A 435 48.62 75.99 -119.29
CA ALA A 435 47.53 76.88 -118.85
C ALA A 435 47.88 78.35 -119.04
N HIS A 436 49.16 78.70 -119.07
CA HIS A 436 49.59 80.07 -119.36
C HIS A 436 49.21 80.47 -120.79
N SER B 21 45.73 47.01 -124.27
CA SER B 21 46.78 47.98 -123.96
C SER B 21 47.81 47.38 -123.01
N PRO B 22 49.08 47.72 -123.23
CA PRO B 22 50.14 47.20 -122.34
C PRO B 22 49.98 47.63 -120.89
N PHE B 23 49.35 48.78 -120.62
CA PHE B 23 49.16 49.23 -119.26
C PHE B 23 48.11 48.44 -118.50
N TRP B 24 47.37 47.55 -119.18
CA TRP B 24 46.36 46.71 -118.55
C TRP B 24 46.95 45.41 -118.01
N LEU B 25 48.25 45.38 -117.72
CA LEU B 25 48.90 44.17 -117.20
C LEU B 25 48.85 44.11 -115.68
N LEU B 26 49.38 45.13 -115.01
CA LEU B 26 49.35 45.17 -113.55
C LEU B 26 47.93 45.20 -112.98
N PRO B 27 46.98 46.01 -113.49
CA PRO B 27 45.60 45.87 -113.01
C PRO B 27 45.01 44.50 -113.25
N PHE B 28 45.41 43.83 -114.35
CA PHE B 28 44.97 42.46 -114.57
C PHE B 28 45.47 41.53 -113.48
N ILE B 29 46.73 41.68 -113.07
CA ILE B 29 47.27 40.85 -112.00
C ILE B 29 46.56 41.12 -110.69
N ALA B 30 46.30 42.40 -110.38
CA ALA B 30 45.60 42.73 -109.15
C ALA B 30 44.19 42.16 -109.14
N LEU B 31 43.47 42.29 -110.25
CA LEU B 31 42.12 41.73 -110.33
C LEU B 31 42.15 40.21 -110.24
N MET B 32 43.15 39.58 -110.85
CA MET B 32 43.25 38.12 -110.80
C MET B 32 43.51 37.63 -109.38
N ILE B 33 44.41 38.29 -108.64
CA ILE B 33 44.68 37.82 -107.28
C ILE B 33 43.51 38.12 -106.36
N ALA B 34 42.81 39.26 -106.57
CA ALA B 34 41.62 39.54 -105.80
C ALA B 34 40.53 38.50 -106.04
N SER B 35 40.31 38.14 -107.31
CA SER B 35 39.32 37.12 -107.62
C SER B 35 39.74 35.75 -107.10
N TRP B 36 41.04 35.47 -107.06
CA TRP B 36 41.52 34.23 -106.47
C TRP B 36 41.18 34.16 -104.99
N LEU B 37 41.41 35.25 -104.25
CA LEU B 37 41.06 35.27 -102.83
C LEU B 37 39.56 35.15 -102.62
N ILE B 38 38.77 35.84 -103.45
CA ILE B 38 37.31 35.76 -103.35
C ILE B 38 36.83 34.34 -103.64
N TRP B 39 37.42 33.70 -104.65
CA TRP B 39 37.06 32.32 -104.97
C TRP B 39 37.42 31.37 -103.83
N ASP B 40 38.58 31.60 -103.20
CA ASP B 40 38.96 30.77 -102.06
C ASP B 40 37.96 30.91 -100.91
N SER B 41 37.55 32.14 -100.60
CA SER B 41 36.58 32.35 -99.54
C SER B 41 35.23 31.71 -99.89
N TYR B 42 34.80 31.84 -101.15
CA TYR B 42 33.55 31.24 -101.57
C TYR B 42 33.61 29.71 -101.50
N GLN B 43 34.74 29.12 -101.86
CA GLN B 43 34.91 27.68 -101.74
C GLN B 43 34.88 27.24 -100.28
N ASP B 44 35.46 28.03 -99.37
CA ASP B 44 35.46 27.68 -97.96
C ASP B 44 34.16 28.01 -97.25
N ARG B 45 33.24 28.74 -97.90
CA ARG B 45 31.99 29.14 -97.28
C ARG B 45 31.09 27.97 -96.84
N GLY B 46 30.59 27.19 -97.79
CA GLY B 46 29.69 26.09 -97.49
C GLY B 46 28.26 26.34 -97.96
N ASN B 47 27.33 25.57 -97.40
CA ASN B 47 25.93 25.67 -97.74
C ASN B 47 25.17 26.33 -96.59
N THR B 48 24.08 27.02 -96.92
CA THR B 48 23.29 27.76 -95.96
C THR B 48 22.16 26.90 -95.42
N VAL B 49 22.04 26.85 -94.09
CA VAL B 49 21.04 26.04 -93.40
C VAL B 49 20.25 26.96 -92.48
N THR B 50 18.92 26.82 -92.49
CA THR B 50 18.04 27.71 -91.74
C THR B 50 17.51 26.99 -90.51
N ILE B 51 17.72 27.59 -89.33
CA ILE B 51 17.30 27.04 -88.06
C ILE B 51 16.36 28.01 -87.37
N ASP B 52 15.27 27.48 -86.81
CA ASP B 52 14.31 28.29 -86.07
C ASP B 52 14.64 28.24 -84.58
N PHE B 53 14.91 29.40 -84.00
CA PHE B 53 15.24 29.52 -82.58
C PHE B 53 14.11 30.22 -81.84
N MET B 54 13.84 29.77 -80.62
CA MET B 54 12.88 30.45 -79.77
C MET B 54 13.46 31.73 -79.18
N SER B 55 14.76 31.71 -78.86
CA SER B 55 15.42 32.89 -78.29
C SER B 55 16.91 32.78 -78.57
N ALA B 56 17.43 33.66 -79.42
CA ALA B 56 18.86 33.73 -79.69
C ALA B 56 19.47 34.77 -78.76
N ASP B 57 19.91 34.30 -77.58
CA ASP B 57 20.34 35.22 -76.54
C ASP B 57 21.63 35.96 -76.93
N GLY B 58 22.62 35.24 -77.44
CA GLY B 58 23.90 35.85 -77.72
C GLY B 58 24.54 35.43 -79.03
N ILE B 59 23.73 35.16 -80.04
CA ILE B 59 24.25 34.76 -81.35
C ILE B 59 24.66 36.03 -82.09
N VAL B 60 25.96 36.21 -82.28
CA VAL B 60 26.47 37.32 -83.07
C VAL B 60 26.33 36.98 -84.55
N PRO B 61 25.73 37.86 -85.36
CA PRO B 61 25.60 37.56 -86.80
C PRO B 61 26.93 37.42 -87.52
N GLY B 62 28.01 37.98 -86.97
CA GLY B 62 29.30 37.91 -87.61
C GLY B 62 30.09 36.66 -87.26
N ARG B 63 30.22 36.36 -85.96
CA ARG B 63 31.03 35.23 -85.51
C ARG B 63 30.26 34.47 -84.44
N THR B 64 29.81 33.27 -84.78
CA THR B 64 29.19 32.35 -83.83
C THR B 64 29.46 30.92 -84.28
N PRO B 65 30.35 30.20 -83.60
CA PRO B 65 30.71 28.86 -84.05
C PRO B 65 29.59 27.84 -83.87
N VAL B 66 29.55 26.88 -84.78
CA VAL B 66 28.68 25.72 -84.70
C VAL B 66 29.58 24.50 -84.61
N ARG B 67 29.59 23.86 -83.44
CA ARG B 67 30.56 22.83 -83.13
C ARG B 67 29.88 21.47 -82.97
N TYR B 68 30.58 20.43 -83.42
CA TYR B 68 30.25 19.05 -83.13
C TYR B 68 31.34 18.49 -82.23
N GLN B 69 30.97 18.15 -80.99
CA GLN B 69 31.91 17.70 -79.97
C GLN B 69 33.01 18.73 -79.74
N GLY B 70 32.65 20.01 -79.84
CA GLY B 70 33.57 21.10 -79.60
C GLY B 70 34.42 21.51 -80.79
N VAL B 71 34.31 20.84 -81.93
CA VAL B 71 35.12 21.15 -83.10
C VAL B 71 34.32 22.09 -84.00
N GLU B 72 34.85 23.29 -84.22
CA GLU B 72 34.13 24.30 -84.98
C GLU B 72 34.04 23.89 -86.45
N VAL B 73 32.81 23.85 -86.97
CA VAL B 73 32.56 23.50 -88.36
C VAL B 73 31.79 24.61 -89.05
N GLY B 74 30.58 24.91 -88.53
CA GLY B 74 29.74 25.91 -89.14
C GLY B 74 29.96 27.31 -88.58
N THR B 75 29.33 28.29 -89.25
CA THR B 75 29.45 29.67 -88.83
C THR B 75 28.14 30.40 -89.15
N VAL B 76 27.59 31.10 -88.16
CA VAL B 76 26.35 31.83 -88.36
C VAL B 76 26.61 33.03 -89.26
N GLN B 77 25.86 33.12 -90.36
CA GLN B 77 26.00 34.21 -91.31
C GLN B 77 24.85 35.21 -91.27
N ASP B 78 23.61 34.75 -91.09
CA ASP B 78 22.47 35.65 -91.14
C ASP B 78 21.53 35.41 -89.97
N ILE B 79 20.91 36.48 -89.48
CA ILE B 79 19.90 36.43 -88.44
C ILE B 79 18.72 37.29 -88.85
N SER B 80 17.52 36.74 -88.75
CA SER B 80 16.30 37.50 -89.06
C SER B 80 15.18 36.99 -88.18
N LEU B 81 14.03 37.65 -88.27
CA LEU B 81 12.85 37.27 -87.51
C LEU B 81 11.76 36.80 -88.48
N SER B 82 10.96 35.81 -88.05
CA SER B 82 9.88 35.29 -88.89
C SER B 82 8.63 36.17 -88.70
N ASP B 83 8.73 37.38 -89.25
CA ASP B 83 7.72 38.45 -89.13
C ASP B 83 7.09 38.51 -87.73
N ASP B 84 7.97 38.48 -86.73
CA ASP B 84 7.59 38.62 -85.32
C ASP B 84 6.59 37.56 -84.89
N LEU B 85 6.82 36.31 -85.30
CA LEU B 85 6.04 35.17 -84.86
C LEU B 85 6.77 34.35 -83.80
N ARG B 86 7.56 35.01 -82.96
CA ARG B 86 8.30 34.37 -81.85
C ARG B 86 9.29 33.33 -82.35
N LYS B 87 9.78 33.48 -83.58
CA LYS B 87 10.78 32.57 -84.13
C LYS B 87 11.87 33.37 -84.83
N ILE B 88 13.11 32.98 -84.61
CA ILE B 88 14.28 33.62 -85.17
C ILE B 88 14.87 32.68 -86.23
N GLU B 89 14.96 33.17 -87.46
CA GLU B 89 15.55 32.43 -88.57
C GLU B 89 17.05 32.69 -88.57
N VAL B 90 17.84 31.66 -88.31
CA VAL B 90 19.30 31.76 -88.30
C VAL B 90 19.83 30.98 -89.49
N LYS B 91 20.51 31.68 -90.39
CA LYS B 91 21.17 31.06 -91.53
C LYS B 91 22.63 30.84 -91.19
N VAL B 92 23.08 29.60 -91.32
CA VAL B 92 24.42 29.18 -90.95
C VAL B 92 25.10 28.54 -92.15
N SER B 93 26.33 28.94 -92.44
CA SER B 93 27.14 28.32 -93.47
C SER B 93 27.88 27.13 -92.87
N ILE B 94 27.73 25.97 -93.51
CA ILE B 94 28.30 24.72 -93.05
C ILE B 94 29.21 24.16 -94.14
N LYS B 95 30.37 23.64 -93.73
CA LYS B 95 31.36 23.13 -94.67
C LYS B 95 30.87 21.85 -95.34
N SER B 96 31.59 21.46 -96.40
CA SER B 96 31.19 20.30 -97.19
C SER B 96 31.39 18.99 -96.44
N ASP B 97 32.41 18.93 -95.58
CA ASP B 97 32.67 17.68 -94.85
C ASP B 97 31.52 17.35 -93.90
N MET B 98 30.84 18.37 -93.39
CA MET B 98 29.64 18.14 -92.59
C MET B 98 28.39 18.08 -93.45
N LYS B 99 28.40 18.76 -94.60
CA LYS B 99 27.27 18.68 -95.53
C LYS B 99 27.09 17.27 -96.07
N ASP B 100 28.19 16.53 -96.25
CA ASP B 100 28.12 15.16 -96.76
C ASP B 100 27.34 14.23 -95.83
N ALA B 101 27.26 14.56 -94.53
CA ALA B 101 26.50 13.76 -93.58
C ALA B 101 25.36 14.55 -92.95
N LEU B 102 25.08 15.76 -93.44
CA LEU B 102 23.94 16.54 -92.95
C LEU B 102 22.65 15.89 -93.42
N ARG B 103 21.88 15.35 -92.48
CA ARG B 103 20.70 14.54 -92.80
C ARG B 103 19.47 15.14 -92.12
N GLU B 104 18.34 14.44 -92.24
CA GLU B 104 17.08 14.95 -91.70
C GLU B 104 17.10 14.96 -90.19
N GLU B 105 17.64 13.92 -89.57
CA GLU B 105 17.73 13.85 -88.11
C GLU B 105 18.97 14.53 -87.58
N THR B 106 19.11 15.83 -87.85
CA THR B 106 20.21 16.62 -87.31
C THR B 106 19.64 17.61 -86.31
N GLN B 107 20.19 17.59 -85.10
CA GLN B 107 19.68 18.39 -84.00
C GLN B 107 20.67 19.51 -83.68
N PHE B 108 20.13 20.68 -83.37
CA PHE B 108 20.93 21.84 -82.97
C PHE B 108 20.41 22.36 -81.65
N TRP B 109 21.30 22.97 -80.86
CA TRP B 109 20.90 23.59 -79.62
C TRP B 109 21.84 24.76 -79.33
N LEU B 110 21.36 25.68 -78.50
CA LEU B 110 22.09 26.89 -78.18
C LEU B 110 22.76 26.74 -76.82
N VAL B 111 24.09 26.71 -76.80
CA VAL B 111 24.86 26.64 -75.58
C VAL B 111 25.20 28.06 -75.14
N THR B 112 24.69 28.42 -73.96
CA THR B 112 24.77 29.73 -73.33
C THR B 112 25.40 29.57 -71.95
N PRO B 113 25.96 30.66 -71.38
CA PRO B 113 26.59 30.59 -70.05
C PRO B 113 25.60 30.65 -68.89
N LYS B 114 24.87 29.56 -68.90
CA LYS B 114 23.93 29.42 -67.79
C LYS B 114 24.60 28.69 -66.62
N ALA B 115 24.06 28.91 -65.43
CA ALA B 115 24.53 28.29 -64.20
C ALA B 115 23.47 27.31 -63.68
N SER B 116 23.91 26.12 -63.29
CA SER B 116 23.02 25.08 -62.81
C SER B 116 23.43 24.63 -61.41
N LEU B 117 22.51 23.92 -60.76
CA LEU B 117 22.78 23.40 -59.43
C LEU B 117 23.75 22.22 -59.49
N ALA B 118 24.42 21.98 -58.35
CA ALA B 118 25.40 20.90 -58.21
C ALA B 118 26.51 21.02 -59.25
N GLY B 119 27.14 22.19 -59.27
CA GLY B 119 28.21 22.46 -60.20
C GLY B 119 27.74 23.29 -61.39
N VAL B 120 28.61 24.17 -61.86
CA VAL B 120 28.28 25.06 -62.97
C VAL B 120 28.40 24.28 -64.28
N SER B 121 27.84 24.84 -65.34
CA SER B 121 27.87 24.20 -66.65
C SER B 121 28.23 25.24 -67.70
N GLY B 122 28.88 24.78 -68.77
CA GLY B 122 29.23 25.64 -69.89
C GLY B 122 30.24 26.72 -69.57
N LEU B 123 31.30 26.39 -68.84
CA LEU B 123 32.37 27.36 -68.62
C LEU B 123 33.13 27.66 -69.90
N ASP B 124 33.31 26.65 -70.75
CA ASP B 124 33.88 26.89 -72.07
C ASP B 124 32.98 27.79 -72.90
N ALA B 125 31.66 27.62 -72.76
CA ALA B 125 30.72 28.54 -73.41
C ALA B 125 30.83 29.95 -72.85
N LEU B 126 31.07 30.08 -71.55
CA LEU B 126 31.29 31.40 -70.96
C LEU B 126 32.55 32.05 -71.54
N VAL B 127 33.60 31.26 -71.72
CA VAL B 127 34.84 31.79 -72.27
C VAL B 127 34.66 32.19 -73.73
N GLY B 128 34.03 31.34 -74.53
CA GLY B 128 33.98 31.54 -75.96
C GLY B 128 32.68 32.05 -76.55
N GLY B 129 31.75 32.54 -75.74
CA GLY B 129 30.51 33.09 -76.24
C GLY B 129 29.41 32.05 -76.37
N ASN B 130 28.04 32.46 -76.60
CA ASN B 130 26.91 31.60 -76.94
C ASN B 130 27.18 30.90 -78.26
N TYR B 131 26.85 29.61 -78.33
CA TYR B 131 27.09 28.86 -79.56
C TYR B 131 25.99 27.84 -79.76
N ILE B 132 26.12 27.03 -80.83
CA ILE B 132 25.07 26.11 -81.22
C ILE B 132 25.65 24.70 -81.28
N GLY B 133 25.14 23.80 -80.44
CA GLY B 133 25.53 22.41 -80.50
C GLY B 133 24.61 21.61 -81.41
N MET B 134 25.19 20.60 -82.08
CA MET B 134 24.45 19.80 -83.04
C MET B 134 24.69 18.32 -82.81
N MET B 135 23.71 17.52 -83.25
CA MET B 135 23.77 16.06 -83.14
C MET B 135 22.99 15.39 -84.27
N PRO B 136 23.64 14.59 -85.11
CA PRO B 136 22.95 13.92 -86.21
C PRO B 136 22.46 12.52 -85.83
N GLY B 137 21.57 11.99 -86.66
CA GLY B 137 21.06 10.65 -86.50
C GLY B 137 20.99 9.87 -87.81
N LYS B 138 19.81 9.34 -88.14
CA LYS B 138 19.64 8.47 -89.30
C LYS B 138 18.40 8.87 -90.10
N GLY B 139 18.26 10.15 -90.40
CA GLY B 139 17.18 10.65 -91.24
C GLY B 139 17.52 10.56 -92.71
N LYS B 140 16.65 11.15 -93.53
CA LYS B 140 16.85 11.17 -94.98
C LYS B 140 17.49 12.47 -95.46
N GLU B 141 16.81 13.61 -95.29
CA GLU B 141 17.29 14.91 -95.76
C GLU B 141 16.37 16.00 -95.24
N GLN B 142 16.96 17.14 -94.87
CA GLN B 142 16.20 18.31 -94.46
C GLN B 142 17.14 19.51 -94.45
N ASP B 143 16.59 20.68 -94.79
CA ASP B 143 17.32 21.93 -94.77
C ASP B 143 16.73 22.96 -93.82
N HIS B 144 15.58 22.68 -93.22
CA HIS B 144 14.88 23.61 -92.32
C HIS B 144 14.55 22.86 -91.03
N PHE B 145 15.25 23.21 -89.95
CA PHE B 145 15.09 22.54 -88.66
C PHE B 145 14.53 23.50 -87.62
N VAL B 146 14.12 22.93 -86.49
CA VAL B 146 13.63 23.69 -85.35
C VAL B 146 14.48 23.32 -84.15
N ALA B 147 15.03 24.33 -83.47
CA ALA B 147 15.92 24.07 -82.35
C ALA B 147 15.15 23.58 -81.12
N LEU B 148 15.80 22.72 -80.34
CA LEU B 148 15.23 22.21 -79.11
C LEU B 148 15.43 23.21 -77.98
N ASP B 149 14.68 23.00 -76.89
CA ASP B 149 14.76 23.92 -75.75
C ASP B 149 16.09 23.78 -75.02
N THR B 150 16.50 22.55 -74.73
CA THR B 150 17.72 22.27 -73.99
C THR B 150 18.53 21.21 -74.73
N GLN B 151 19.71 20.91 -74.18
CA GLN B 151 20.57 19.89 -74.77
C GLN B 151 20.03 18.50 -74.44
N PRO B 152 19.69 17.69 -75.42
CA PRO B 152 19.18 16.34 -75.13
C PRO B 152 20.30 15.36 -74.82
N LYS B 153 19.93 14.29 -74.14
CA LYS B 153 20.86 13.20 -73.86
C LYS B 153 21.10 12.39 -75.13
N TYR B 154 22.37 12.13 -75.44
CA TYR B 154 22.74 11.48 -76.69
C TYR B 154 23.51 10.18 -76.52
N ARG B 155 24.05 9.90 -75.34
CA ARG B 155 24.81 8.68 -75.04
C ARG B 155 26.08 8.57 -75.88
N LEU B 156 26.87 7.53 -75.65
CA LEU B 156 28.12 7.35 -76.38
C LEU B 156 28.33 5.94 -76.92
N ASP B 157 27.55 4.95 -76.48
CA ASP B 157 27.65 3.56 -76.94
C ASP B 157 29.06 3.01 -76.75
N ASN B 158 29.61 3.23 -75.55
CA ASN B 158 30.94 2.75 -75.20
C ASN B 158 30.92 1.40 -74.50
N GLY B 159 29.92 0.57 -74.79
CA GLY B 159 29.79 -0.71 -74.12
C GLY B 159 29.15 -0.65 -72.76
N ASP B 160 28.61 0.50 -72.36
CA ASP B 160 27.97 0.66 -71.07
C ASP B 160 26.64 -0.10 -71.06
N LEU B 161 26.17 -0.41 -69.85
CA LEU B 161 24.96 -1.19 -69.65
C LEU B 161 23.84 -0.26 -69.21
N MET B 162 22.74 -0.25 -69.97
CA MET B 162 21.58 0.56 -69.67
C MET B 162 20.50 -0.33 -69.08
N ILE B 163 19.99 0.04 -67.89
CA ILE B 163 18.94 -0.71 -67.23
C ILE B 163 17.87 0.25 -66.73
N HIS B 164 16.70 -0.32 -66.44
CA HIS B 164 15.53 0.43 -66.03
C HIS B 164 15.12 0.02 -64.61
N LEU B 165 14.71 1.01 -63.82
CA LEU B 165 14.23 0.78 -62.46
C LEU B 165 12.81 1.35 -62.34
N GLN B 166 11.89 0.54 -61.83
CA GLN B 166 10.50 0.96 -61.64
C GLN B 166 10.30 1.39 -60.20
N ALA B 167 9.73 2.59 -60.01
CA ALA B 167 9.54 3.14 -58.68
C ALA B 167 8.14 3.74 -58.59
N PRO B 168 7.57 3.80 -57.38
CA PRO B 168 6.33 4.56 -57.20
C PRO B 168 6.48 6.04 -57.50
N ASP B 169 7.66 6.61 -57.22
CA ASP B 169 7.92 8.01 -57.50
C ASP B 169 9.41 8.20 -57.74
N LEU B 170 9.74 9.31 -58.40
CA LEU B 170 11.14 9.61 -58.70
C LEU B 170 11.94 9.86 -57.44
N GLY B 171 11.36 10.55 -56.47
CA GLY B 171 12.08 10.90 -55.27
C GLY B 171 13.04 12.05 -55.49
N SER B 172 14.05 12.13 -54.62
CA SER B 172 15.07 13.15 -54.73
C SER B 172 16.06 12.89 -55.86
N LEU B 173 16.00 11.72 -56.49
CA LEU B 173 16.92 11.40 -57.58
C LEU B 173 16.70 12.34 -58.77
N ASN B 174 17.80 12.84 -59.31
CA ASN B 174 17.79 13.69 -60.49
C ASN B 174 18.79 13.15 -61.50
N SER B 175 18.86 13.82 -62.66
CA SER B 175 19.82 13.44 -63.68
C SER B 175 21.24 13.68 -63.19
N GLY B 176 22.10 12.70 -63.40
CA GLY B 176 23.49 12.78 -62.96
C GLY B 176 23.75 12.21 -61.58
N SER B 177 22.72 11.78 -60.86
CA SER B 177 22.93 11.17 -59.56
C SER B 177 23.64 9.84 -59.71
N LEU B 178 24.53 9.53 -58.78
CA LEU B 178 25.46 8.43 -58.93
C LEU B 178 24.84 7.10 -58.50
N VAL B 179 25.46 6.02 -58.96
CA VAL B 179 25.10 4.65 -58.62
C VAL B 179 26.31 3.98 -57.99
N TYR B 180 26.09 3.30 -56.87
CA TYR B 180 27.18 2.80 -56.03
C TYR B 180 27.09 1.28 -55.87
N PHE B 181 28.26 0.66 -55.85
CA PHE B 181 28.45 -0.72 -55.42
C PHE B 181 29.58 -0.72 -54.40
N ARG B 182 29.28 -1.13 -53.17
CA ARG B 182 30.19 -0.98 -52.03
C ARG B 182 30.62 0.47 -51.86
N LYS B 183 29.67 1.38 -52.08
CA LYS B 183 29.90 2.83 -52.02
C LYS B 183 31.02 3.28 -52.94
N ILE B 184 31.05 2.72 -54.15
CA ILE B 184 31.99 3.09 -55.20
C ILE B 184 31.19 3.54 -56.41
N PRO B 185 31.43 4.74 -56.95
CA PRO B 185 30.66 5.21 -58.11
C PRO B 185 30.97 4.38 -59.35
N VAL B 186 29.96 3.66 -59.84
CA VAL B 186 30.09 2.79 -61.00
C VAL B 186 29.08 3.12 -62.09
N GLY B 187 28.32 4.20 -61.93
CA GLY B 187 27.33 4.56 -62.93
C GLY B 187 26.58 5.81 -62.52
N LYS B 188 25.58 6.15 -63.33
CA LYS B 188 24.79 7.35 -63.08
C LYS B 188 23.43 7.22 -63.75
N VAL B 189 22.48 8.03 -63.27
CA VAL B 189 21.12 8.04 -63.82
C VAL B 189 21.15 8.76 -65.16
N TYR B 190 20.91 8.02 -66.24
CA TYR B 190 20.89 8.62 -67.57
C TYR B 190 19.64 9.45 -67.79
N ASP B 191 18.47 8.95 -67.40
CA ASP B 191 17.23 9.66 -67.66
C ASP B 191 16.14 9.13 -66.73
N TYR B 192 14.98 9.80 -66.77
CA TYR B 192 13.81 9.36 -66.03
C TYR B 192 12.57 9.76 -66.80
N ALA B 193 11.50 8.97 -66.62
CA ALA B 193 10.24 9.23 -67.31
C ALA B 193 9.12 8.56 -66.54
N ILE B 194 7.89 8.81 -66.98
CA ILE B 194 6.69 8.23 -66.37
C ILE B 194 6.18 7.12 -67.27
N ASN B 195 5.64 6.06 -66.65
CA ASN B 195 5.05 4.97 -67.42
C ASN B 195 3.79 5.46 -68.14
N PRO B 196 3.37 4.74 -69.19
CA PRO B 196 2.05 5.06 -69.78
C PRO B 196 0.93 4.99 -68.77
N ASN B 197 0.98 4.05 -67.83
CA ASN B 197 0.17 4.13 -66.64
C ASN B 197 0.76 5.16 -65.69
N LYS B 198 -0.09 6.03 -65.15
CA LYS B 198 0.38 7.16 -64.35
C LYS B 198 0.92 6.76 -62.98
N GLN B 199 0.83 5.48 -62.61
CA GLN B 199 1.24 5.07 -61.27
C GLN B 199 2.75 5.05 -61.11
N GLY B 200 3.48 4.64 -62.13
CA GLY B 200 4.90 4.36 -61.98
C GLY B 200 5.87 5.26 -62.71
N VAL B 201 7.11 5.30 -62.22
CA VAL B 201 8.18 6.09 -62.81
C VAL B 201 9.31 5.13 -63.18
N VAL B 202 9.77 5.21 -64.43
CA VAL B 202 10.88 4.41 -64.92
C VAL B 202 12.12 5.28 -64.95
N ILE B 203 13.15 4.88 -64.22
CA ILE B 203 14.43 5.57 -64.17
C ILE B 203 15.43 4.75 -64.96
N ASP B 204 15.94 5.31 -66.04
CA ASP B 204 16.96 4.66 -66.85
C ASP B 204 18.32 5.05 -66.29
N VAL B 205 19.09 4.06 -65.85
CA VAL B 205 20.42 4.29 -65.32
C VAL B 205 21.43 3.54 -66.18
N LEU B 206 22.67 4.02 -66.13
CA LEU B 206 23.75 3.53 -66.97
C LEU B 206 24.93 3.15 -66.09
N ILE B 207 25.47 1.95 -66.30
CA ILE B 207 26.61 1.44 -65.58
C ILE B 207 27.79 1.35 -66.55
N GLU B 208 28.97 1.75 -66.08
CA GLU B 208 30.15 1.84 -66.93
C GLU B 208 30.54 0.47 -67.49
N ARG B 209 31.40 0.51 -68.51
CA ARG B 209 31.80 -0.71 -69.21
C ARG B 209 32.57 -1.65 -68.29
N ARG B 210 33.40 -1.10 -67.40
CA ARG B 210 34.19 -1.94 -66.50
C ARG B 210 33.31 -2.72 -65.54
N PHE B 211 32.22 -2.13 -65.09
CA PHE B 211 31.35 -2.72 -64.08
C PHE B 211 30.08 -3.33 -64.67
N THR B 212 30.13 -3.74 -65.94
CA THR B 212 28.96 -4.37 -66.55
C THR B 212 28.66 -5.72 -65.89
N ASP B 213 29.70 -6.50 -65.56
CA ASP B 213 29.50 -7.80 -64.95
C ASP B 213 29.04 -7.71 -63.50
N LEU B 214 29.10 -6.53 -62.88
CA LEU B 214 28.64 -6.39 -61.51
C LEU B 214 27.13 -6.58 -61.41
N VAL B 215 26.38 -6.07 -62.38
CA VAL B 215 24.92 -6.16 -62.35
C VAL B 215 24.50 -7.58 -62.69
N LYS B 216 23.66 -8.16 -61.84
CA LYS B 216 23.14 -9.52 -62.01
C LYS B 216 21.62 -9.48 -62.09
N LYS B 217 21.04 -10.65 -62.37
CA LYS B 217 19.59 -10.76 -62.40
C LYS B 217 19.00 -10.56 -61.01
N GLY B 218 19.65 -11.08 -59.98
CA GLY B 218 19.20 -10.97 -58.61
C GLY B 218 19.69 -9.75 -57.86
N SER B 219 20.32 -8.79 -58.54
CA SER B 219 20.81 -7.60 -57.88
C SER B 219 19.65 -6.75 -57.36
N ARG B 220 19.86 -6.14 -56.20
CA ARG B 220 18.83 -5.35 -55.53
C ARG B 220 19.29 -3.90 -55.43
N PHE B 221 18.39 -2.98 -55.80
CA PHE B 221 18.67 -1.56 -55.83
C PHE B 221 17.87 -0.84 -54.74
N TRP B 222 18.50 0.14 -54.10
CA TRP B 222 17.83 0.98 -53.13
C TRP B 222 18.31 2.42 -53.30
N ASN B 223 17.53 3.35 -52.75
CA ASN B 223 17.75 4.78 -52.91
C ASN B 223 18.29 5.35 -51.62
N VAL B 224 19.41 6.08 -51.71
CA VAL B 224 19.97 6.82 -50.59
C VAL B 224 19.92 8.29 -50.98
N SER B 225 18.96 9.02 -50.42
CA SER B 225 18.73 10.41 -50.80
C SER B 225 18.45 11.24 -49.57
N GLY B 226 19.01 12.45 -49.54
CA GLY B 226 18.80 13.36 -48.44
C GLY B 226 19.52 12.90 -47.17
N VAL B 227 19.10 13.52 -46.07
CA VAL B 227 19.63 13.21 -44.74
C VAL B 227 18.45 12.93 -43.82
N ASP B 228 18.50 11.79 -43.12
CA ASP B 228 17.47 11.41 -42.17
C ASP B 228 18.10 11.17 -40.81
N ALA B 229 17.44 11.66 -39.77
CA ALA B 229 17.89 11.51 -38.39
C ALA B 229 16.88 10.65 -37.64
N ASN B 230 17.36 9.57 -37.03
CA ASN B 230 16.51 8.64 -36.30
C ASN B 230 16.88 8.68 -34.82
N VAL B 231 15.87 8.83 -33.97
CA VAL B 231 16.06 8.84 -32.52
C VAL B 231 15.72 7.46 -31.98
N SER B 232 16.71 6.81 -31.39
CA SER B 232 16.54 5.46 -30.85
C SER B 232 16.42 5.52 -29.33
N ILE B 233 15.69 4.54 -28.78
CA ILE B 233 15.48 4.49 -27.35
C ILE B 233 16.78 4.12 -26.64
N SER B 234 16.96 4.65 -25.43
CA SER B 234 18.16 4.43 -24.61
C SER B 234 19.43 4.80 -25.37
N GLY B 235 19.39 5.96 -26.04
CA GLY B 235 20.53 6.41 -26.82
C GLY B 235 20.23 6.57 -28.29
N ALA B 236 20.38 7.78 -28.81
CA ALA B 236 20.08 8.08 -30.21
C ALA B 236 21.37 8.47 -30.92
N LYS B 237 21.60 7.89 -32.08
CA LYS B 237 22.79 8.18 -32.89
C LYS B 237 22.36 8.60 -34.29
N VAL B 238 22.91 9.71 -34.75
CA VAL B 238 22.67 10.22 -36.10
C VAL B 238 24.01 10.31 -36.80
N LYS B 239 24.14 9.61 -37.94
CA LYS B 239 25.40 9.54 -38.67
C LYS B 239 25.19 10.03 -40.10
N LEU B 240 26.12 10.86 -40.56
CA LEU B 240 26.13 11.34 -41.93
C LEU B 240 27.40 10.83 -42.63
N GLU B 241 27.23 10.22 -43.79
CA GLU B 241 28.34 9.62 -44.52
C GLU B 241 28.55 10.26 -45.89
N SER B 242 27.50 10.40 -46.68
CA SER B 242 27.60 10.89 -48.05
C SER B 242 26.96 12.27 -48.14
N LEU B 243 27.71 13.23 -48.68
CA LEU B 243 27.17 14.57 -48.92
C LEU B 243 26.60 14.72 -50.33
N ALA B 244 27.14 13.97 -51.30
CA ALA B 244 26.57 13.98 -52.65
C ALA B 244 25.14 13.43 -52.62
N ALA B 245 24.91 12.37 -51.86
CA ALA B 245 23.56 11.84 -51.71
C ALA B 245 22.66 12.79 -50.93
N LEU B 246 23.24 13.57 -50.01
CA LEU B 246 22.46 14.58 -49.31
C LEU B 246 22.00 15.68 -50.27
N VAL B 247 22.91 16.16 -51.12
CA VAL B 247 22.60 17.27 -52.02
C VAL B 247 21.69 16.84 -53.16
N ASN B 248 21.99 15.72 -53.81
CA ASN B 248 21.29 15.31 -55.02
C ASN B 248 20.66 13.93 -54.95
N GLY B 249 21.13 13.05 -54.08
CA GLY B 249 20.65 11.69 -54.01
C GLY B 249 21.49 10.73 -54.82
N ALA B 250 21.31 9.43 -54.55
CA ALA B 250 22.06 8.41 -55.25
C ALA B 250 21.31 7.08 -55.14
N ILE B 251 21.71 6.14 -55.99
CA ILE B 251 21.21 4.78 -55.95
C ILE B 251 22.37 3.86 -55.60
N ALA B 252 22.10 2.84 -54.80
CA ALA B 252 23.09 1.82 -54.48
C ALA B 252 22.52 0.45 -54.80
N PHE B 253 23.40 -0.49 -55.12
CA PHE B 253 22.92 -1.83 -55.45
C PHE B 253 23.84 -2.89 -54.86
N ASP B 254 23.23 -4.02 -54.53
CA ASP B 254 23.93 -5.19 -54.00
C ASP B 254 23.78 -6.34 -55.00
N SER B 255 24.89 -7.00 -55.30
CA SER B 255 24.94 -8.07 -56.29
C SER B 255 25.09 -9.41 -55.61
N PRO B 256 24.19 -10.37 -55.87
CA PRO B 256 24.35 -11.70 -55.28
C PRO B 256 25.55 -12.44 -55.86
N GLU B 257 26.08 -13.37 -55.07
CA GLU B 257 27.29 -14.08 -55.47
C GLU B 257 27.05 -15.02 -56.65
N GLU B 258 25.93 -15.73 -56.65
CA GLU B 258 25.62 -16.74 -57.65
C GLU B 258 24.37 -16.34 -58.42
N SER B 259 24.55 -15.57 -59.49
CA SER B 259 23.45 -15.19 -60.37
C SER B 259 23.99 -14.89 -61.75
N LYS B 260 23.15 -15.08 -62.76
CA LYS B 260 23.53 -14.78 -64.13
C LYS B 260 23.57 -13.27 -64.33
N PRO B 261 24.46 -12.77 -65.19
CA PRO B 261 24.52 -11.33 -65.45
C PRO B 261 23.27 -10.84 -66.17
N ALA B 262 22.92 -9.59 -65.90
CA ALA B 262 21.77 -8.94 -66.51
C ALA B 262 22.21 -8.03 -67.65
N GLU B 263 21.37 -7.94 -68.67
CA GLU B 263 21.70 -7.17 -69.86
C GLU B 263 20.42 -6.84 -70.61
N ALA B 264 20.56 -5.94 -71.60
CA ALA B 264 19.49 -5.58 -72.54
C ALA B 264 18.27 -5.01 -71.81
N GLU B 265 18.51 -3.88 -71.13
CA GLU B 265 17.45 -3.09 -70.49
C GLU B 265 16.64 -3.93 -69.50
N ASP B 266 17.33 -4.73 -68.70
CA ASP B 266 16.66 -5.54 -67.69
C ASP B 266 16.05 -4.64 -66.61
N THR B 267 14.81 -4.93 -66.25
CA THR B 267 14.08 -4.13 -65.28
C THR B 267 14.36 -4.61 -63.86
N PHE B 268 14.32 -3.67 -62.92
CA PHE B 268 14.56 -3.96 -61.51
C PHE B 268 13.63 -3.10 -60.67
N GLY B 269 13.45 -3.52 -59.41
CA GLY B 269 12.62 -2.80 -58.47
C GLY B 269 13.48 -1.93 -57.56
N LEU B 270 13.14 -0.65 -57.51
CA LEU B 270 13.89 0.32 -56.70
C LEU B 270 13.25 0.40 -55.32
N TYR B 271 13.86 -0.26 -54.35
CA TYR B 271 13.39 -0.19 -52.97
C TYR B 271 13.72 1.18 -52.38
N GLU B 272 12.89 1.62 -51.43
CA GLU B 272 13.06 2.93 -50.84
C GLU B 272 14.12 2.99 -49.76
N ASP B 273 14.59 1.85 -49.26
CA ASP B 273 15.58 1.84 -48.20
C ASP B 273 16.32 0.51 -48.21
N LEU B 274 17.48 0.51 -47.54
CA LEU B 274 18.25 -0.72 -47.43
C LEU B 274 17.50 -1.78 -46.62
N ALA B 275 16.80 -1.35 -45.56
CA ALA B 275 16.00 -2.28 -44.78
C ALA B 275 14.89 -2.91 -45.61
N HIS B 276 14.25 -2.11 -46.46
CA HIS B 276 13.25 -2.65 -47.37
C HIS B 276 13.85 -3.55 -48.44
N SER B 277 15.10 -3.28 -48.85
CA SER B 277 15.77 -4.12 -49.84
C SER B 277 16.46 -5.32 -49.23
N GLN B 278 16.42 -5.48 -47.90
CA GLN B 278 16.99 -6.66 -47.27
C GLN B 278 16.28 -7.92 -47.73
N ARG B 279 17.07 -8.94 -48.05
CA ARG B 279 16.51 -10.21 -48.52
C ARG B 279 15.88 -10.97 -47.37
N GLY B 280 14.82 -11.72 -47.68
CA GLY B 280 14.14 -12.48 -46.66
C GLY B 280 13.03 -13.33 -47.26
N VAL B 281 12.25 -13.94 -46.36
CA VAL B 281 11.13 -14.79 -46.73
C VAL B 281 9.86 -14.18 -46.17
N ILE B 282 8.83 -14.12 -47.00
CA ILE B 282 7.55 -13.52 -46.61
C ILE B 282 6.72 -14.56 -45.87
N ILE B 283 6.19 -14.18 -44.71
CA ILE B 283 5.32 -15.02 -43.90
C ILE B 283 4.03 -14.26 -43.64
N LYS B 284 2.90 -14.90 -43.91
CA LYS B 284 1.59 -14.31 -43.70
C LYS B 284 1.11 -14.59 -42.28
N LEU B 285 0.63 -13.56 -41.60
CA LEU B 285 0.18 -13.64 -40.22
C LEU B 285 -1.27 -13.18 -40.13
N GLU B 286 -2.09 -13.97 -39.44
CA GLU B 286 -3.50 -13.63 -39.20
C GLU B 286 -3.57 -13.03 -37.79
N LEU B 287 -3.30 -11.73 -37.71
CA LEU B 287 -3.21 -11.07 -36.42
C LEU B 287 -4.61 -10.88 -35.82
N PRO B 288 -4.72 -10.92 -34.49
CA PRO B 288 -6.02 -10.58 -33.87
C PRO B 288 -6.35 -9.11 -33.97
N SER B 289 -5.39 -8.23 -33.72
CA SER B 289 -5.60 -6.79 -33.83
C SER B 289 -4.24 -6.12 -33.99
N GLY B 290 -4.27 -4.90 -34.51
CA GLY B 290 -3.06 -4.12 -34.70
C GLY B 290 -2.95 -2.94 -33.76
N ALA B 291 -3.36 -3.15 -32.49
CA ALA B 291 -3.39 -2.04 -31.53
C ALA B 291 -1.99 -1.49 -31.27
N GLY B 292 -0.99 -2.36 -31.12
CA GLY B 292 0.35 -1.91 -30.83
C GLY B 292 1.38 -2.40 -31.83
N LEU B 293 0.94 -2.66 -33.06
CA LEU B 293 1.82 -3.16 -34.11
C LEU B 293 2.06 -2.07 -35.15
N THR B 294 3.32 -1.82 -35.46
CA THR B 294 3.72 -0.79 -36.41
C THR B 294 4.48 -1.44 -37.56
N ALA B 295 4.14 -1.05 -38.79
CA ALA B 295 4.84 -1.58 -39.96
C ALA B 295 6.29 -1.13 -39.97
N ASP B 296 7.19 -2.05 -40.32
CA ASP B 296 8.63 -1.84 -40.38
C ASP B 296 9.21 -1.42 -39.03
N SER B 297 8.52 -1.71 -37.94
CA SER B 297 9.02 -1.38 -36.61
C SER B 297 8.85 -2.50 -35.58
N THR B 298 8.05 -3.53 -35.83
CA THR B 298 7.84 -4.59 -34.87
C THR B 298 8.71 -5.78 -35.21
N PRO B 299 9.66 -6.16 -34.35
CA PRO B 299 10.55 -7.28 -34.67
C PRO B 299 9.97 -8.61 -34.23
N LEU B 300 10.65 -9.68 -34.66
CA LEU B 300 10.35 -11.05 -34.25
C LEU B 300 11.55 -11.57 -33.47
N MET B 301 11.42 -11.62 -32.15
CA MET B 301 12.52 -12.01 -31.27
C MET B 301 12.48 -13.52 -31.03
N TYR B 302 13.58 -14.20 -31.36
CA TYR B 302 13.78 -15.60 -31.04
C TYR B 302 15.06 -15.73 -30.23
N GLN B 303 14.97 -16.31 -29.04
CA GLN B 303 16.08 -16.41 -28.09
C GLN B 303 16.65 -15.04 -27.76
N GLY B 304 15.80 -14.01 -27.77
CA GLY B 304 16.22 -12.66 -27.46
C GLY B 304 16.83 -11.89 -28.60
N LEU B 305 17.00 -12.50 -29.78
CA LEU B 305 17.63 -11.86 -30.92
C LEU B 305 16.62 -11.65 -32.04
N GLU B 306 16.72 -10.50 -32.70
CA GLU B 306 15.77 -10.15 -33.76
C GLU B 306 16.10 -10.95 -35.03
N VAL B 307 15.15 -11.79 -35.45
CA VAL B 307 15.31 -12.61 -36.65
C VAL B 307 14.24 -12.31 -37.70
N GLY B 308 13.28 -11.43 -37.39
CA GLY B 308 12.22 -11.12 -38.33
C GLY B 308 11.76 -9.69 -38.15
N GLN B 309 10.93 -9.24 -39.08
CA GLN B 309 10.43 -7.87 -39.07
C GLN B 309 9.08 -7.83 -39.76
N LEU B 310 8.04 -7.42 -39.04
CA LEU B 310 6.71 -7.27 -39.62
C LEU B 310 6.71 -6.05 -40.53
N THR B 311 6.64 -6.27 -41.84
CA THR B 311 6.78 -5.19 -42.80
C THR B 311 5.46 -4.69 -43.35
N LYS B 312 4.43 -5.54 -43.46
CA LYS B 312 3.17 -5.15 -44.05
C LYS B 312 2.03 -5.39 -43.06
N LEU B 313 1.08 -4.47 -43.01
CA LEU B 313 -0.06 -4.56 -42.11
C LEU B 313 -1.29 -4.03 -42.81
N ASP B 314 -2.33 -4.87 -42.94
CA ASP B 314 -3.53 -4.52 -43.68
C ASP B 314 -4.76 -4.90 -42.89
N LEU B 315 -5.88 -4.26 -43.25
CA LEU B 315 -7.18 -4.50 -42.64
C LEU B 315 -8.13 -4.95 -43.75
N ASN B 316 -8.22 -6.26 -43.96
CA ASN B 316 -9.15 -6.82 -44.92
C ASN B 316 -10.58 -6.63 -44.43
N PRO B 317 -11.54 -6.46 -45.36
CA PRO B 317 -12.92 -6.18 -44.96
C PRO B 317 -13.52 -7.31 -44.13
N GLY B 318 -14.45 -6.93 -43.25
CA GLY B 318 -14.89 -7.79 -42.18
C GLY B 318 -14.11 -7.63 -40.90
N GLY B 319 -13.28 -6.59 -40.80
CA GLY B 319 -12.45 -6.37 -39.64
C GLY B 319 -11.39 -7.43 -39.44
N LYS B 320 -10.69 -7.83 -40.50
CA LYS B 320 -9.69 -8.89 -40.42
C LYS B 320 -8.31 -8.25 -40.52
N VAL B 321 -7.60 -8.18 -39.39
CA VAL B 321 -6.26 -7.61 -39.38
C VAL B 321 -5.27 -8.68 -39.80
N THR B 322 -4.57 -8.43 -40.90
CA THR B 322 -3.59 -9.37 -41.43
C THR B 322 -2.25 -8.66 -41.59
N GLY B 323 -1.19 -9.45 -41.73
CA GLY B 323 0.13 -8.87 -41.89
C GLY B 323 1.07 -9.78 -42.64
N GLU B 324 2.19 -9.19 -43.05
CA GLU B 324 3.27 -9.90 -43.71
C GLU B 324 4.59 -9.54 -43.03
N MET B 325 5.41 -10.56 -42.77
CA MET B 325 6.65 -10.40 -42.02
C MET B 325 7.79 -11.00 -42.82
N THR B 326 8.90 -10.27 -42.91
CA THR B 326 10.09 -10.78 -43.56
C THR B 326 11.00 -11.42 -42.52
N VAL B 327 11.38 -12.68 -42.78
CA VAL B 327 12.24 -13.44 -41.88
C VAL B 327 13.55 -13.75 -42.58
N ASP B 328 14.66 -13.65 -41.85
CA ASP B 328 15.96 -13.92 -42.41
C ASP B 328 16.11 -15.41 -42.72
N PRO B 329 16.97 -15.77 -43.67
CA PRO B 329 17.04 -17.18 -44.12
C PRO B 329 17.49 -18.17 -43.04
N SER B 330 18.09 -17.70 -41.94
CA SER B 330 18.61 -18.63 -40.95
C SER B 330 17.50 -19.38 -40.23
N VAL B 331 16.36 -18.74 -40.00
CA VAL B 331 15.28 -19.32 -39.21
C VAL B 331 14.16 -19.87 -40.08
N VAL B 332 14.40 -20.05 -41.38
CA VAL B 332 13.38 -20.62 -42.26
C VAL B 332 13.10 -22.06 -41.88
N THR B 333 14.13 -22.83 -41.56
CA THR B 333 13.96 -24.21 -41.17
C THR B 333 13.21 -24.37 -39.85
N LEU B 334 13.15 -23.31 -39.04
CA LEU B 334 12.41 -23.33 -37.78
C LEU B 334 10.93 -23.05 -37.97
N LEU B 335 10.49 -22.72 -39.19
CA LEU B 335 9.09 -22.44 -39.48
C LEU B 335 8.46 -23.70 -40.04
N ARG B 336 7.89 -24.52 -39.14
CA ARG B 336 7.27 -25.78 -39.53
C ARG B 336 5.86 -25.88 -38.96
N GLU B 337 5.26 -27.07 -39.01
CA GLU B 337 3.94 -27.26 -38.44
C GLU B 337 3.98 -27.11 -36.92
N ASN B 338 2.80 -26.85 -36.35
CA ASN B 338 2.58 -26.51 -34.94
C ASN B 338 3.65 -25.58 -34.38
N THR B 339 4.02 -24.57 -35.15
CA THR B 339 4.94 -23.53 -34.71
C THR B 339 4.11 -22.30 -34.34
N ARG B 340 4.28 -21.82 -33.12
CA ARG B 340 3.46 -20.74 -32.58
C ARG B 340 4.22 -19.42 -32.65
N ILE B 341 3.64 -18.44 -33.32
CA ILE B 341 4.16 -17.08 -33.37
C ILE B 341 3.15 -16.22 -32.62
N GLU B 342 3.45 -15.90 -31.37
CA GLU B 342 2.55 -15.15 -30.50
C GLU B 342 3.10 -13.75 -30.25
N LEU B 343 2.27 -12.92 -29.64
CA LEU B 343 2.63 -11.55 -29.30
C LEU B 343 2.86 -11.42 -27.81
N ARG B 344 3.92 -10.73 -27.43
CA ARG B 344 4.31 -10.54 -26.04
C ARG B 344 4.04 -9.10 -25.65
N ASN B 345 3.19 -8.90 -24.64
CA ASN B 345 2.94 -7.57 -24.14
C ASN B 345 4.12 -7.09 -23.29
N PRO B 346 4.44 -5.79 -23.33
CA PRO B 346 5.53 -5.28 -22.51
C PRO B 346 5.19 -5.25 -21.03
N LYS B 347 5.79 -6.15 -20.26
CA LYS B 347 5.52 -6.26 -18.83
C LYS B 347 6.61 -5.57 -18.02
N LEU B 348 6.23 -5.04 -16.86
CA LEU B 348 7.14 -4.35 -15.97
C LEU B 348 7.45 -5.24 -14.77
N SER B 349 8.74 -5.48 -14.53
CA SER B 349 9.19 -6.29 -13.42
C SER B 349 9.93 -5.41 -12.42
N LEU B 350 9.50 -5.44 -11.17
CA LEU B 350 10.15 -4.63 -10.14
C LEU B 350 11.56 -5.12 -9.84
N SER B 351 11.76 -6.44 -9.81
CA SER B 351 13.08 -6.98 -9.53
C SER B 351 14.06 -6.70 -10.67
N ASP B 352 13.63 -6.91 -11.91
CA ASP B 352 14.47 -6.73 -13.09
C ASP B 352 13.74 -5.79 -14.05
N ALA B 353 13.94 -4.49 -13.86
CA ALA B 353 13.30 -3.50 -14.73
C ALA B 353 13.97 -3.50 -16.11
N ASN B 354 13.15 -3.53 -17.15
CA ASN B 354 13.63 -3.53 -18.53
C ASN B 354 13.00 -2.33 -19.25
N LEU B 355 13.70 -1.18 -19.19
CA LEU B 355 13.19 0.02 -19.82
C LEU B 355 13.16 -0.11 -21.34
N SER B 356 14.16 -0.77 -21.91
CA SER B 356 14.15 -0.99 -23.36
C SER B 356 12.98 -1.86 -23.80
N ALA B 357 12.70 -2.93 -23.05
CA ALA B 357 11.56 -3.76 -23.36
C ALA B 357 10.24 -3.03 -23.15
N LEU B 358 10.17 -2.16 -22.14
CA LEU B 358 8.98 -1.35 -21.95
C LEU B 358 8.77 -0.38 -23.11
N LEU B 359 9.84 0.22 -23.60
CA LEU B 359 9.74 1.21 -24.68
C LEU B 359 9.46 0.58 -26.03
N THR B 360 9.97 -0.64 -26.28
CA THR B 360 9.73 -1.29 -27.55
C THR B 360 8.25 -1.60 -27.75
N GLY B 361 7.58 -2.07 -26.71
CA GLY B 361 6.16 -2.35 -26.78
C GLY B 361 5.85 -3.77 -27.21
N LYS B 362 4.92 -3.92 -28.16
CA LYS B 362 4.57 -5.24 -28.67
C LYS B 362 5.74 -5.86 -29.41
N THR B 363 5.92 -7.18 -29.22
CA THR B 363 7.04 -7.89 -29.81
C THR B 363 6.64 -9.34 -30.05
N PHE B 364 6.74 -9.78 -31.29
CA PHE B 364 6.43 -11.17 -31.61
C PHE B 364 7.52 -12.10 -31.09
N GLU B 365 7.11 -13.31 -30.71
CA GLU B 365 8.01 -14.33 -30.20
C GLU B 365 7.85 -15.59 -31.03
N LEU B 366 8.98 -16.22 -31.36
CA LEU B 366 8.99 -17.42 -32.19
C LEU B 366 9.21 -18.65 -31.31
N VAL B 367 8.28 -19.59 -31.39
CA VAL B 367 8.38 -20.86 -30.67
C VAL B 367 8.43 -21.98 -31.71
N PRO B 368 9.62 -22.49 -32.01
CA PRO B 368 9.74 -23.48 -33.11
C PRO B 368 9.05 -24.79 -32.78
N GLY B 369 8.62 -25.47 -33.85
CA GLY B 369 8.01 -26.78 -33.74
C GLY B 369 8.60 -27.77 -34.73
N ASP B 370 7.85 -28.81 -35.06
CA ASP B 370 8.31 -29.83 -36.01
C ASP B 370 7.16 -30.18 -36.94
N GLY B 371 7.54 -30.62 -38.14
CA GLY B 371 6.58 -31.04 -39.13
C GLY B 371 6.90 -30.45 -40.49
N GLU B 372 5.92 -30.49 -41.38
CA GLU B 372 6.10 -29.92 -42.70
C GLU B 372 6.22 -28.40 -42.61
N PRO B 373 7.19 -27.80 -43.31
CA PRO B 373 7.33 -26.34 -43.27
C PRO B 373 6.11 -25.65 -43.84
N ARG B 374 5.75 -24.52 -43.23
CA ARG B 374 4.59 -23.74 -43.61
C ARG B 374 4.96 -22.26 -43.64
N LYS B 375 4.25 -21.50 -44.47
CA LYS B 375 4.51 -20.09 -44.65
C LYS B 375 3.41 -19.19 -44.09
N GLU B 376 2.35 -19.76 -43.53
CA GLU B 376 1.25 -19.00 -42.97
C GLU B 376 1.02 -19.43 -41.53
N PHE B 377 0.79 -18.44 -40.66
CA PHE B 377 0.58 -18.70 -39.25
C PHE B 377 -0.58 -17.83 -38.73
N VAL B 378 -1.18 -18.29 -37.64
CA VAL B 378 -2.24 -17.56 -36.96
C VAL B 378 -1.70 -17.12 -35.60
N VAL B 379 -1.67 -15.82 -35.37
CA VAL B 379 -1.09 -15.28 -34.15
C VAL B 379 -2.13 -15.26 -33.05
N VAL B 380 -1.78 -15.85 -31.91
CA VAL B 380 -2.66 -15.87 -30.73
C VAL B 380 -2.00 -15.05 -29.63
N PRO B 381 -2.79 -14.43 -28.74
CA PRO B 381 -2.19 -13.64 -27.65
C PRO B 381 -1.52 -14.54 -26.62
N GLY B 382 -0.87 -13.88 -25.65
CA GLY B 382 -0.22 -14.62 -24.58
C GLY B 382 -1.23 -15.34 -23.68
N GLU B 383 -2.47 -14.85 -23.62
CA GLU B 383 -3.50 -15.54 -22.88
C GLU B 383 -3.83 -16.89 -23.50
N LYS B 384 -3.88 -16.94 -24.83
CA LYS B 384 -4.18 -18.18 -25.55
C LYS B 384 -2.93 -18.94 -25.94
N ALA B 385 -1.74 -18.45 -25.57
CA ALA B 385 -0.50 -19.16 -25.90
C ALA B 385 -0.47 -20.53 -25.24
N LEU B 386 -0.89 -20.62 -23.97
CA LEU B 386 -0.94 -21.91 -23.30
C LEU B 386 -2.03 -22.80 -23.90
N LEU B 387 -3.14 -22.21 -24.30
CA LEU B 387 -4.24 -22.99 -24.88
C LEU B 387 -3.86 -23.58 -26.23
N HIS B 388 -3.11 -22.85 -27.05
CA HIS B 388 -2.77 -23.29 -28.40
C HIS B 388 -1.50 -24.12 -28.46
N GLU B 389 -0.99 -24.59 -27.32
CA GLU B 389 0.19 -25.45 -27.32
C GLU B 389 -0.13 -26.79 -27.99
N PRO B 390 0.88 -27.42 -28.61
CA PRO B 390 0.63 -28.72 -29.26
C PRO B 390 0.13 -29.79 -28.31
N ASP B 391 0.60 -29.79 -27.06
CA ASP B 391 0.11 -30.71 -26.03
C ASP B 391 -0.35 -29.87 -24.85
N VAL B 392 -1.63 -30.02 -24.49
CA VAL B 392 -2.21 -29.28 -23.37
C VAL B 392 -3.51 -29.99 -22.98
N LEU B 393 -3.76 -30.08 -21.67
CA LEU B 393 -4.96 -30.74 -21.18
C LEU B 393 -6.03 -29.67 -20.97
N THR B 394 -7.03 -29.65 -21.84
CA THR B 394 -8.12 -28.70 -21.76
C THR B 394 -9.28 -29.31 -20.98
N LEU B 395 -9.76 -28.62 -19.95
CA LEU B 395 -10.80 -29.13 -19.08
C LEU B 395 -11.89 -28.09 -18.90
N THR B 396 -13.12 -28.56 -18.66
CA THR B 396 -14.26 -27.72 -18.40
C THR B 396 -14.85 -28.08 -17.04
N LEU B 397 -15.12 -27.06 -16.22
CA LEU B 397 -15.70 -27.28 -14.90
C LEU B 397 -16.88 -26.34 -14.70
N THR B 398 -18.01 -26.91 -14.25
CA THR B 398 -19.22 -26.16 -13.98
C THR B 398 -19.37 -25.93 -12.48
N ALA B 399 -19.92 -24.76 -12.14
CA ALA B 399 -20.14 -24.37 -10.77
C ALA B 399 -21.42 -23.56 -10.67
N PRO B 400 -22.07 -23.56 -9.50
CA PRO B 400 -23.23 -22.66 -9.31
C PRO B 400 -22.84 -21.19 -9.16
N GLU B 401 -21.57 -20.88 -8.96
CA GLU B 401 -21.12 -19.51 -8.77
C GLU B 401 -19.70 -19.38 -9.29
N SER B 402 -19.30 -18.15 -9.59
CA SER B 402 -17.94 -17.91 -10.08
C SER B 402 -16.91 -18.02 -8.96
N TYR B 403 -17.32 -17.76 -7.71
CA TYR B 403 -16.44 -17.81 -6.54
C TYR B 403 -15.27 -16.83 -6.67
N GLY B 404 -15.48 -15.73 -7.39
CA GLY B 404 -14.43 -14.74 -7.55
C GLY B 404 -13.24 -15.18 -8.37
N ILE B 405 -13.45 -16.11 -9.30
CA ILE B 405 -12.39 -16.63 -10.15
C ILE B 405 -12.51 -16.00 -11.52
N ASP B 406 -11.47 -15.28 -11.94
CA ASP B 406 -11.46 -14.60 -13.23
C ASP B 406 -10.86 -15.52 -14.29
N ALA B 407 -10.58 -14.98 -15.48
CA ALA B 407 -10.01 -15.74 -16.58
C ALA B 407 -8.49 -15.64 -16.64
N GLY B 408 -7.85 -15.42 -15.49
CA GLY B 408 -6.40 -15.36 -15.44
C GLY B 408 -5.84 -16.03 -14.20
N GLN B 409 -6.72 -16.62 -13.40
CA GLN B 409 -6.30 -17.27 -12.16
C GLN B 409 -5.52 -18.55 -12.48
N PRO B 410 -4.42 -18.81 -11.78
CA PRO B 410 -3.63 -20.02 -12.05
C PRO B 410 -4.06 -21.22 -11.21
N LEU B 411 -4.05 -22.39 -11.84
CA LEU B 411 -4.33 -23.63 -11.14
C LEU B 411 -3.08 -24.10 -10.41
N ILE B 412 -3.25 -24.53 -9.16
CA ILE B 412 -2.15 -24.88 -8.28
C ILE B 412 -2.30 -26.33 -7.85
N LEU B 413 -1.24 -27.12 -8.05
CA LEU B 413 -1.20 -28.51 -7.62
C LEU B 413 0.00 -28.69 -6.71
N HIS B 414 -0.26 -29.11 -5.46
CA HIS B 414 0.77 -29.34 -4.45
C HIS B 414 1.64 -28.10 -4.25
N GLY B 415 1.02 -26.92 -4.29
CA GLY B 415 1.74 -25.68 -4.09
C GLY B 415 2.49 -25.16 -5.29
N VAL B 416 2.43 -25.85 -6.43
CA VAL B 416 3.15 -25.46 -7.63
C VAL B 416 2.13 -25.25 -8.74
N GLN B 417 2.24 -24.10 -9.41
CA GLN B 417 1.32 -23.77 -10.50
C GLN B 417 1.52 -24.72 -11.67
N VAL B 418 0.44 -25.36 -12.11
CA VAL B 418 0.48 -26.33 -13.20
C VAL B 418 -0.46 -25.98 -14.34
N GLY B 419 -1.30 -24.96 -14.18
CA GLY B 419 -2.26 -24.64 -15.20
C GLY B 419 -2.75 -23.22 -15.09
N GLN B 420 -3.76 -22.91 -15.90
CA GLN B 420 -4.31 -21.55 -15.96
C GLN B 420 -5.74 -21.59 -16.47
N VAL B 421 -6.60 -20.79 -15.86
CA VAL B 421 -7.99 -20.66 -16.30
C VAL B 421 -7.99 -19.84 -17.59
N ILE B 422 -8.22 -20.50 -18.73
CA ILE B 422 -8.20 -19.79 -20.00
C ILE B 422 -9.39 -18.84 -20.10
N ASP B 423 -10.58 -19.31 -19.76
CA ASP B 423 -11.74 -18.44 -19.91
C ASP B 423 -12.85 -18.84 -18.95
N ARG B 424 -13.78 -17.90 -18.76
CA ARG B 424 -14.94 -18.07 -17.90
C ARG B 424 -16.19 -17.61 -18.64
N LYS B 425 -17.27 -18.38 -18.54
CA LYS B 425 -18.53 -18.05 -19.20
C LYS B 425 -19.68 -18.21 -18.21
N LEU B 426 -20.71 -17.39 -18.39
CA LEU B 426 -21.89 -17.43 -17.54
C LEU B 426 -23.10 -17.85 -18.38
N THR B 427 -23.77 -18.91 -17.94
CA THR B 427 -24.96 -19.39 -18.63
C THR B 427 -26.13 -19.45 -17.64
N SER B 428 -27.26 -19.99 -18.10
CA SER B 428 -28.42 -20.13 -17.22
C SER B 428 -28.15 -21.14 -16.12
N LYS B 429 -27.45 -22.24 -16.44
CA LYS B 429 -27.15 -23.26 -15.43
C LYS B 429 -26.22 -22.73 -14.35
N GLY B 430 -25.19 -21.99 -14.74
CA GLY B 430 -24.24 -21.47 -13.77
C GLY B 430 -23.03 -20.80 -14.41
N VAL B 431 -21.84 -21.12 -13.90
CA VAL B 431 -20.58 -20.58 -14.41
C VAL B 431 -19.71 -21.73 -14.88
N THR B 432 -19.24 -21.65 -16.12
CA THR B 432 -18.38 -22.67 -16.71
C THR B 432 -16.99 -22.09 -16.91
N PHE B 433 -16.00 -22.72 -16.28
CA PHE B 433 -14.60 -22.35 -16.43
C PHE B 433 -13.92 -23.33 -17.36
N THR B 434 -13.30 -22.81 -18.42
CA THR B 434 -12.44 -23.58 -19.29
C THR B 434 -10.99 -23.31 -18.89
N VAL B 435 -10.26 -24.37 -18.54
CA VAL B 435 -8.92 -24.27 -17.99
C VAL B 435 -7.98 -25.14 -18.81
N ALA B 436 -6.69 -24.83 -18.72
CA ALA B 436 -5.65 -25.55 -19.43
C ALA B 436 -4.58 -26.00 -18.45
N ILE B 437 -4.05 -27.20 -18.69
CA ILE B 437 -3.00 -27.80 -17.87
C ILE B 437 -1.80 -28.06 -18.78
N GLU B 438 -0.62 -27.65 -18.32
CA GLU B 438 0.60 -27.78 -19.10
C GLU B 438 0.95 -29.25 -19.32
N PRO B 439 1.58 -29.58 -20.45
CA PRO B 439 1.93 -30.98 -20.71
C PRO B 439 2.96 -31.54 -19.74
N GLN B 440 3.72 -30.70 -19.05
CA GLN B 440 4.70 -31.19 -18.08
C GLN B 440 4.00 -31.88 -16.90
N HIS B 441 2.88 -31.33 -16.45
CA HIS B 441 2.16 -31.85 -15.31
C HIS B 441 0.84 -32.51 -15.72
N ARG B 442 0.68 -32.85 -17.00
CA ARG B 442 -0.56 -33.47 -17.47
C ARG B 442 -0.75 -34.86 -16.86
N GLU B 443 0.34 -35.62 -16.74
CA GLU B 443 0.24 -36.98 -16.20
C GLU B 443 -0.10 -36.98 -14.71
N LEU B 444 0.22 -35.91 -13.98
CA LEU B 444 -0.03 -35.87 -12.55
C LEU B 444 -1.51 -35.73 -12.21
N VAL B 445 -2.34 -35.35 -13.19
CA VAL B 445 -3.77 -35.19 -12.93
C VAL B 445 -4.42 -36.54 -12.66
N LYS B 446 -4.03 -37.56 -13.43
CA LYS B 446 -4.45 -38.96 -13.31
C LYS B 446 -5.91 -39.19 -13.68
N GLY B 447 -6.66 -38.15 -14.03
CA GLY B 447 -8.02 -38.31 -14.51
C GLY B 447 -9.09 -38.43 -13.44
N ASP B 448 -8.71 -38.42 -12.16
CA ASP B 448 -9.64 -38.50 -11.05
C ASP B 448 -9.40 -37.34 -10.09
N SER B 449 -9.33 -36.14 -10.63
CA SER B 449 -8.97 -34.96 -9.86
C SER B 449 -10.21 -34.29 -9.27
N LYS B 450 -10.02 -33.72 -8.08
CA LYS B 450 -11.04 -32.95 -7.39
C LYS B 450 -10.61 -31.48 -7.37
N PHE B 451 -11.47 -30.61 -7.86
CA PHE B 451 -11.17 -29.19 -8.01
C PHE B 451 -11.82 -28.41 -6.87
N VAL B 452 -11.02 -27.61 -6.17
CA VAL B 452 -11.46 -26.85 -5.00
C VAL B 452 -11.21 -25.37 -5.27
N VAL B 453 -12.16 -24.53 -4.84
CA VAL B 453 -11.96 -23.09 -4.94
C VAL B 453 -10.85 -22.67 -4.00
N ASN B 454 -9.74 -22.19 -4.56
CA ASN B 454 -8.57 -21.80 -3.80
C ASN B 454 -8.41 -20.27 -3.78
N SER B 455 -9.48 -19.55 -4.07
CA SER B 455 -9.49 -18.09 -4.04
C SER B 455 -10.10 -17.52 -2.77
N ARG B 456 -11.12 -18.18 -2.23
CA ARG B 456 -11.76 -17.72 -0.99
C ARG B 456 -10.91 -18.07 0.22
N VAL B 457 -11.15 -17.35 1.30
CA VAL B 457 -10.54 -17.63 2.60
C VAL B 457 -11.65 -17.79 3.63
N ASP B 458 -11.55 -18.84 4.44
CA ASP B 458 -12.50 -19.11 5.50
C ASP B 458 -11.81 -18.95 6.85
N VAL B 459 -12.38 -18.12 7.72
CA VAL B 459 -11.82 -17.83 9.03
C VAL B 459 -12.83 -18.21 10.09
N LYS B 460 -12.42 -19.03 11.05
CA LYS B 460 -13.23 -19.40 12.20
C LYS B 460 -12.41 -19.22 13.47
N VAL B 461 -12.98 -18.53 14.45
CA VAL B 461 -12.28 -18.22 15.70
C VAL B 461 -13.15 -18.63 16.87
N GLY B 462 -12.52 -19.26 17.87
CA GLY B 462 -13.20 -19.60 19.09
C GLY B 462 -12.30 -19.50 20.30
N LEU B 463 -12.68 -20.17 21.39
CA LEU B 463 -11.87 -20.14 22.60
C LEU B 463 -10.52 -20.83 22.39
N ASP B 464 -10.51 -21.95 21.69
CA ASP B 464 -9.26 -22.67 21.44
C ASP B 464 -9.13 -23.02 19.96
N GLY B 465 -10.26 -23.15 19.26
CA GLY B 465 -10.24 -23.52 17.87
C GLY B 465 -10.11 -22.34 16.93
N VAL B 466 -8.98 -22.25 16.23
CA VAL B 466 -8.75 -21.23 15.22
C VAL B 466 -8.44 -21.93 13.90
N GLU B 467 -9.27 -21.68 12.90
CA GLU B 467 -9.14 -22.30 11.59
C GLU B 467 -9.03 -21.23 10.52
N PHE B 468 -7.98 -21.31 9.70
CA PHE B 468 -7.77 -20.42 8.56
C PHE B 468 -7.64 -21.32 7.34
N LEU B 469 -8.79 -21.66 6.75
CA LEU B 469 -8.86 -22.62 5.66
C LEU B 469 -9.19 -21.90 4.35
N GLY B 470 -9.36 -22.70 3.30
CA GLY B 470 -9.63 -22.16 1.98
C GLY B 470 -8.36 -21.81 1.24
N ALA B 471 -7.64 -20.81 1.73
CA ALA B 471 -6.39 -20.38 1.12
C ALA B 471 -5.56 -19.63 2.15
N SER B 472 -4.25 -19.66 1.97
CA SER B 472 -3.34 -18.89 2.80
C SER B 472 -3.26 -17.47 2.24
N ALA B 473 -2.32 -16.66 2.75
CA ALA B 473 -2.16 -15.31 2.23
C ALA B 473 -1.58 -15.32 0.82
N SER B 474 -0.50 -16.10 0.62
CA SER B 474 0.07 -16.24 -0.72
C SER B 474 -0.91 -16.92 -1.66
N GLU B 475 -1.63 -17.94 -1.17
CA GLU B 475 -2.64 -18.60 -2.00
C GLU B 475 -3.77 -17.64 -2.36
N TRP B 476 -4.09 -16.70 -1.47
CA TRP B 476 -5.14 -15.74 -1.76
C TRP B 476 -4.68 -14.69 -2.78
N ILE B 477 -3.45 -14.20 -2.62
CA ILE B 477 -2.95 -13.21 -3.59
C ILE B 477 -2.67 -13.85 -4.94
N ASN B 478 -2.49 -15.18 -4.99
CA ASN B 478 -2.31 -15.84 -6.27
C ASN B 478 -3.66 -16.18 -6.91
N GLY B 479 -4.56 -16.80 -6.16
CA GLY B 479 -5.85 -17.20 -6.68
C GLY B 479 -5.77 -18.46 -7.51
N GLY B 480 -6.94 -18.92 -7.96
CA GLY B 480 -7.00 -20.05 -8.87
C GLY B 480 -7.70 -21.27 -8.30
N ILE B 481 -7.30 -22.44 -8.78
CA ILE B 481 -7.94 -23.71 -8.44
C ILE B 481 -6.87 -24.67 -7.92
N ARG B 482 -7.04 -25.14 -6.69
CA ARG B 482 -6.16 -26.13 -6.11
C ARG B 482 -6.57 -27.52 -6.58
N ILE B 483 -5.57 -28.40 -6.75
CA ILE B 483 -5.75 -29.73 -7.30
C ILE B 483 -5.35 -30.75 -6.25
N LEU B 484 -6.22 -31.74 -6.03
CA LEU B 484 -5.94 -32.83 -5.11
C LEU B 484 -5.80 -34.14 -5.89
N PRO B 485 -4.59 -34.66 -6.09
CA PRO B 485 -4.43 -35.86 -6.92
C PRO B 485 -4.93 -37.12 -6.22
N GLY B 486 -5.33 -38.09 -7.03
CA GLY B 486 -5.73 -39.40 -6.53
C GLY B 486 -4.75 -40.48 -6.91
N ASP B 487 -5.26 -41.64 -7.34
CA ASP B 487 -4.42 -42.76 -7.72
C ASP B 487 -4.67 -43.26 -9.13
N LYS B 488 -5.91 -43.26 -9.60
CA LYS B 488 -6.22 -43.80 -10.92
C LYS B 488 -7.53 -43.21 -11.41
N GLY B 489 -7.62 -42.98 -12.72
CA GLY B 489 -8.84 -42.45 -13.31
C GLY B 489 -8.79 -42.62 -14.82
N GLU B 490 -9.94 -42.36 -15.45
CA GLU B 490 -10.10 -42.52 -16.88
C GLU B 490 -10.07 -41.21 -17.65
N MET B 491 -9.74 -40.10 -16.99
CA MET B 491 -9.64 -38.77 -17.61
C MET B 491 -10.95 -38.37 -18.29
N LYS B 492 -11.97 -38.21 -17.46
CA LYS B 492 -13.28 -37.80 -17.95
C LYS B 492 -13.23 -36.36 -18.44
N ALA B 493 -14.22 -36.00 -19.26
CA ALA B 493 -14.20 -34.70 -19.94
C ALA B 493 -14.44 -33.56 -18.98
N SER B 494 -15.42 -33.69 -18.08
CA SER B 494 -15.83 -32.60 -17.22
C SER B 494 -15.66 -32.98 -15.76
N TYR B 495 -15.32 -31.99 -14.94
CA TYR B 495 -15.14 -32.18 -13.51
C TYR B 495 -15.92 -31.13 -12.74
N PRO B 496 -16.48 -31.48 -11.58
CA PRO B 496 -17.15 -30.48 -10.76
C PRO B 496 -16.16 -29.66 -9.95
N LEU B 497 -16.55 -28.42 -9.67
CA LEU B 497 -15.74 -27.51 -8.85
C LEU B 497 -16.38 -27.41 -7.47
N TYR B 498 -15.70 -27.94 -6.46
CA TYR B 498 -16.19 -27.92 -5.09
C TYR B 498 -15.86 -26.57 -4.43
N ALA B 499 -16.66 -26.21 -3.43
CA ALA B 499 -16.48 -24.92 -2.77
C ALA B 499 -15.26 -24.93 -1.86
N ASN B 500 -15.05 -26.01 -1.11
CA ASN B 500 -13.94 -26.08 -0.16
C ASN B 500 -13.49 -27.53 -0.02
N LEU B 501 -12.48 -27.73 0.82
CA LEU B 501 -11.89 -29.06 1.00
C LEU B 501 -12.88 -30.03 1.63
N GLU B 502 -13.72 -29.53 2.56
CA GLU B 502 -14.69 -30.40 3.21
C GLU B 502 -15.70 -30.95 2.21
N LYS B 503 -16.23 -30.08 1.35
CA LYS B 503 -17.16 -30.53 0.32
C LYS B 503 -16.47 -31.40 -0.72
N ALA B 504 -15.20 -31.10 -1.03
CA ALA B 504 -14.46 -31.94 -1.96
C ALA B 504 -14.28 -33.35 -1.42
N LEU B 505 -13.98 -33.48 -0.13
CA LEU B 505 -13.83 -34.80 0.48
C LEU B 505 -15.18 -35.51 0.60
N GLU B 506 -16.23 -34.77 0.95
CA GLU B 506 -17.55 -35.39 1.12
C GLU B 506 -18.26 -35.67 -0.20
N ASN B 507 -17.73 -35.17 -1.32
CA ASN B 507 -18.32 -35.38 -2.65
C ASN B 507 -19.75 -34.86 -2.71
N SER B 508 -20.01 -33.74 -2.03
CA SER B 508 -21.33 -33.13 -1.98
C SER B 508 -21.31 -31.85 -2.81
N LEU B 509 -22.06 -31.84 -3.91
CA LEU B 509 -22.12 -30.64 -4.75
C LEU B 509 -22.97 -29.56 -4.10
N SER B 510 -24.09 -29.94 -3.49
CA SER B 510 -24.96 -28.99 -2.83
C SER B 510 -24.37 -28.58 -1.48
N ASP B 511 -24.80 -27.41 -0.99
CA ASP B 511 -24.31 -26.93 0.30
C ASP B 511 -24.83 -27.79 1.44
N LEU B 512 -26.13 -28.06 1.46
CA LEU B 512 -26.70 -28.90 2.51
C LEU B 512 -26.38 -30.37 2.25
N PRO B 513 -26.12 -31.15 3.30
CA PRO B 513 -25.87 -32.58 3.11
C PRO B 513 -27.15 -33.33 2.76
N THR B 514 -26.96 -34.57 2.33
CA THR B 514 -28.11 -35.42 2.00
C THR B 514 -28.81 -35.88 3.27
N THR B 515 -30.15 -35.96 3.20
CA THR B 515 -30.95 -36.39 4.33
C THR B 515 -30.87 -37.91 4.47
N THR B 516 -30.47 -38.37 5.65
CA THR B 516 -30.33 -39.80 5.91
C THR B 516 -31.24 -40.29 7.02
N VAL B 517 -31.48 -39.49 8.06
CA VAL B 517 -32.28 -39.88 9.20
C VAL B 517 -33.43 -38.89 9.35
N SER B 518 -34.65 -39.40 9.50
CA SER B 518 -35.83 -38.58 9.72
C SER B 518 -36.46 -38.94 11.06
N LEU B 519 -36.70 -37.92 11.89
CA LEU B 519 -37.27 -38.12 13.22
C LEU B 519 -38.49 -37.22 13.38
N SER B 520 -39.41 -37.64 14.23
CA SER B 520 -40.61 -36.86 14.55
C SER B 520 -40.65 -36.59 16.05
N ALA B 521 -40.94 -35.34 16.41
CA ALA B 521 -41.00 -34.98 17.83
C ALA B 521 -42.11 -33.95 18.04
N GLU B 522 -43.01 -34.24 18.99
CA GLU B 522 -44.07 -33.28 19.29
C GLU B 522 -43.52 -31.98 19.84
N THR B 523 -42.51 -32.07 20.72
CA THR B 523 -41.82 -30.90 21.24
C THR B 523 -40.34 -31.00 20.91
N LEU B 524 -39.68 -29.85 20.86
CA LEU B 524 -38.26 -29.81 20.52
C LEU B 524 -37.44 -29.65 21.80
N PRO B 525 -36.74 -30.69 22.26
CA PRO B 525 -35.97 -30.59 23.51
C PRO B 525 -34.54 -30.09 23.30
N ASP B 526 -34.44 -28.80 22.95
CA ASP B 526 -33.16 -28.11 22.74
C ASP B 526 -32.33 -28.81 21.67
N VAL B 527 -32.86 -28.78 20.45
CA VAL B 527 -32.19 -29.42 19.32
C VAL B 527 -31.64 -28.37 18.37
N GLN B 528 -32.53 -27.61 17.73
CA GLN B 528 -32.22 -26.56 16.77
C GLN B 528 -31.43 -27.07 15.56
N ALA B 529 -31.32 -26.25 14.52
CA ALA B 529 -30.56 -26.65 13.35
C ALA B 529 -29.06 -26.68 13.65
N GLY B 530 -28.39 -27.72 13.16
CA GLY B 530 -26.95 -27.85 13.33
C GLY B 530 -26.51 -28.57 14.58
N SER B 531 -27.40 -29.33 15.23
CA SER B 531 -27.02 -30.03 16.45
C SER B 531 -26.12 -31.22 16.14
N VAL B 532 -25.42 -31.69 17.17
CA VAL B 532 -24.42 -32.75 17.01
C VAL B 532 -25.10 -34.10 17.29
N VAL B 533 -24.92 -35.04 16.37
CA VAL B 533 -25.43 -36.40 16.51
C VAL B 533 -24.31 -37.28 17.05
N LEU B 534 -24.63 -38.08 18.06
CA LEU B 534 -23.64 -38.85 18.80
C LEU B 534 -24.02 -40.32 18.84
N TYR B 535 -23.01 -41.17 18.78
CA TYR B 535 -23.14 -42.61 18.99
C TYR B 535 -22.30 -42.95 20.21
N ARG B 536 -22.96 -43.05 21.37
CA ARG B 536 -22.29 -43.24 22.66
C ARG B 536 -21.26 -42.13 22.90
N LYS B 537 -21.72 -40.89 22.72
CA LYS B 537 -20.91 -39.68 22.93
C LYS B 537 -19.69 -39.65 22.01
N PHE B 538 -19.93 -39.84 20.71
CA PHE B 538 -18.90 -39.72 19.69
C PHE B 538 -19.52 -39.05 18.46
N GLU B 539 -18.80 -38.08 17.90
CA GLU B 539 -19.33 -37.27 16.81
C GLU B 539 -19.54 -38.14 15.57
N VAL B 540 -20.80 -38.43 15.25
CA VAL B 540 -21.19 -39.18 14.06
C VAL B 540 -22.33 -38.42 13.41
N GLY B 541 -22.03 -37.68 12.34
CA GLY B 541 -23.06 -36.95 11.62
C GLY B 541 -23.46 -35.65 12.29
N GLU B 542 -24.47 -35.01 11.71
CA GLU B 542 -24.95 -33.72 12.17
C GLU B 542 -26.39 -33.52 11.73
N VAL B 543 -27.15 -32.79 12.53
CA VAL B 543 -28.54 -32.50 12.22
C VAL B 543 -28.60 -31.45 11.12
N ILE B 544 -29.15 -31.82 9.97
CA ILE B 544 -29.31 -30.86 8.87
C ILE B 544 -30.33 -29.79 9.25
N THR B 545 -31.57 -30.19 9.52
CA THR B 545 -32.61 -29.17 9.64
C THR B 545 -33.75 -29.69 10.50
N VAL B 546 -34.58 -28.76 10.97
CA VAL B 546 -35.83 -29.04 11.67
C VAL B 546 -36.93 -28.26 11.00
N ARG B 547 -38.03 -28.94 10.66
CA ARG B 547 -39.16 -28.33 9.97
C ARG B 547 -40.43 -28.51 10.78
N PRO B 548 -41.18 -27.45 11.05
CA PRO B 548 -42.44 -27.60 11.82
C PRO B 548 -43.56 -28.12 10.94
N ARG B 549 -44.13 -29.25 11.34
CA ARG B 549 -45.26 -29.85 10.65
C ARG B 549 -46.56 -29.27 11.22
N ALA B 550 -47.69 -29.91 10.91
CA ALA B 550 -48.97 -29.42 11.40
C ALA B 550 -49.05 -29.46 12.93
N ASN B 551 -48.57 -30.54 13.54
CA ASN B 551 -48.64 -30.68 14.99
C ASN B 551 -47.36 -31.23 15.62
N ALA B 552 -46.26 -31.28 14.88
CA ALA B 552 -45.02 -31.84 15.41
C ALA B 552 -43.85 -31.15 14.71
N PHE B 553 -42.67 -31.76 14.81
CA PHE B 553 -41.48 -31.27 14.13
C PHE B 553 -40.77 -32.46 13.50
N ASP B 554 -40.41 -32.32 12.23
CA ASP B 554 -39.67 -33.32 11.49
C ASP B 554 -38.21 -32.89 11.43
N ILE B 555 -37.32 -33.72 11.95
CA ILE B 555 -35.90 -33.42 12.04
C ILE B 555 -35.17 -34.29 11.02
N ASP B 556 -34.44 -33.63 10.12
CA ASP B 556 -33.61 -34.30 9.13
C ASP B 556 -32.16 -34.24 9.57
N LEU B 557 -31.48 -35.38 9.53
CA LEU B 557 -30.12 -35.53 10.00
C LEU B 557 -29.29 -36.26 8.95
N HIS B 558 -28.01 -35.93 8.88
CA HIS B 558 -27.07 -36.55 7.96
C HIS B 558 -26.04 -37.35 8.73
N ILE B 559 -25.67 -38.51 8.18
CA ILE B 559 -24.63 -39.37 8.74
C ILE B 559 -23.65 -39.71 7.62
N LYS B 560 -22.43 -40.03 8.03
CA LYS B 560 -21.38 -40.35 7.06
C LYS B 560 -21.66 -41.70 6.40
N PRO B 561 -21.26 -41.87 5.13
CA PRO B 561 -21.42 -43.18 4.48
C PRO B 561 -20.64 -44.28 5.18
N GLU B 562 -19.48 -43.97 5.75
CA GLU B 562 -18.73 -44.99 6.49
C GLU B 562 -19.43 -45.38 7.77
N TYR B 563 -20.23 -44.47 8.35
CA TYR B 563 -20.93 -44.73 9.59
C TYR B 563 -22.41 -45.05 9.39
N ARG B 564 -22.85 -45.20 8.13
CA ARG B 564 -24.24 -45.58 7.88
C ARG B 564 -24.57 -46.96 8.45
N ASN B 565 -23.57 -47.83 8.57
CA ASN B 565 -23.79 -49.16 9.13
C ASN B 565 -23.87 -49.16 10.65
N LEU B 566 -23.54 -48.04 11.30
CA LEU B 566 -23.59 -47.99 12.76
C LEU B 566 -25.01 -48.03 13.30
N LEU B 567 -26.00 -47.71 12.47
CA LEU B 567 -27.40 -47.77 12.87
C LEU B 567 -28.12 -48.83 12.04
N THR B 568 -29.17 -49.42 12.63
CA THR B 568 -29.91 -50.50 12.01
C THR B 568 -31.40 -50.20 12.21
N SER B 569 -32.25 -51.18 11.89
CA SER B 569 -33.69 -51.00 12.04
C SER B 569 -34.06 -50.78 13.50
N ASN B 570 -33.43 -51.51 14.42
CA ASN B 570 -33.69 -51.35 15.85
C ASN B 570 -32.72 -50.32 16.40
N SER B 571 -33.18 -49.07 16.46
CA SER B 571 -32.36 -47.98 16.97
C SER B 571 -33.25 -46.98 17.69
N VAL B 572 -32.68 -46.29 18.67
CA VAL B 572 -33.41 -45.31 19.47
C VAL B 572 -32.59 -44.02 19.54
N PHE B 573 -33.29 -42.89 19.52
CA PHE B 573 -32.70 -41.57 19.57
C PHE B 573 -33.21 -40.84 20.82
N TRP B 574 -32.33 -40.12 21.49
CA TRP B 574 -32.73 -39.28 22.61
C TRP B 574 -31.91 -38.00 22.59
N ALA B 575 -32.40 -36.99 23.31
CA ALA B 575 -31.76 -35.69 23.38
C ALA B 575 -30.97 -35.57 24.67
N GLU B 576 -29.65 -35.42 24.56
CA GLU B 576 -28.80 -35.13 25.70
C GLU B 576 -28.80 -33.63 25.95
N GLY B 577 -27.89 -32.98 25.30
CA GLY B 577 -27.31 -31.67 25.55
C GLY B 577 -28.08 -30.55 26.22
N GLY B 578 -27.31 -29.79 26.99
CA GLY B 578 -27.76 -28.79 27.93
C GLY B 578 -26.69 -28.76 29.00
N ALA B 579 -26.31 -27.57 29.47
CA ALA B 579 -25.14 -27.44 30.35
C ALA B 579 -25.48 -28.08 31.70
N LYS B 580 -25.01 -29.31 31.89
CA LYS B 580 -25.40 -30.13 33.03
C LYS B 580 -24.28 -30.15 34.06
N VAL B 581 -24.58 -29.67 35.26
CA VAL B 581 -23.65 -29.68 36.39
C VAL B 581 -24.28 -30.54 37.46
N GLN B 582 -23.86 -31.80 37.54
CA GLN B 582 -24.46 -32.79 38.42
C GLN B 582 -23.59 -32.95 39.67
N LEU B 583 -24.21 -32.80 40.84
CA LEU B 583 -23.53 -32.95 42.12
C LEU B 583 -24.11 -34.15 42.85
N ASN B 584 -23.23 -35.05 43.29
CA ASN B 584 -23.65 -36.25 44.01
C ASN B 584 -22.48 -36.72 44.87
N GLY B 585 -22.65 -37.88 45.50
CA GLY B 585 -21.60 -38.43 46.34
C GLY B 585 -20.32 -38.73 45.59
N SER B 586 -20.44 -39.09 44.31
CA SER B 586 -19.26 -39.29 43.48
C SER B 586 -18.52 -37.99 43.21
N GLY B 587 -19.19 -36.84 43.34
CA GLY B 587 -18.54 -35.57 43.12
C GLY B 587 -19.34 -34.64 42.21
N LEU B 588 -18.62 -33.80 41.45
CA LEU B 588 -19.23 -32.87 40.53
C LEU B 588 -18.84 -33.23 39.11
N THR B 589 -19.82 -33.33 38.22
CA THR B 589 -19.60 -33.64 36.82
C THR B 589 -20.20 -32.53 35.96
N VAL B 590 -19.38 -31.97 35.07
CA VAL B 590 -19.80 -30.95 34.13
C VAL B 590 -19.82 -31.56 32.74
N GLN B 591 -20.95 -31.46 32.05
CA GLN B 591 -21.14 -32.12 30.76
C GLN B 591 -21.17 -31.11 29.61
N ALA B 592 -20.27 -30.12 29.66
CA ALA B 592 -20.10 -29.16 28.58
C ALA B 592 -18.73 -29.29 27.91
N SER B 593 -18.22 -30.52 27.84
CA SER B 593 -16.87 -30.75 27.28
C SER B 593 -16.72 -30.35 25.82
N PRO B 594 -17.59 -30.76 24.88
CA PRO B 594 -17.29 -30.47 23.47
C PRO B 594 -17.41 -29.00 23.08
N LEU B 595 -17.92 -28.14 23.97
CA LEU B 595 -18.07 -26.70 23.81
C LEU B 595 -19.13 -26.33 22.78
N SER B 596 -19.72 -27.30 22.07
CA SER B 596 -20.85 -27.06 21.19
C SER B 596 -22.16 -27.60 21.75
N ARG B 597 -22.09 -28.56 22.68
CA ARG B 597 -23.30 -29.08 23.31
C ARG B 597 -24.00 -28.01 24.15
N ALA B 598 -23.22 -27.20 24.88
CA ALA B 598 -23.80 -26.17 25.73
C ALA B 598 -24.40 -25.02 24.94
N LEU B 599 -24.05 -24.89 23.65
CA LEU B 599 -24.55 -23.81 22.82
C LEU B 599 -25.65 -24.24 21.87
N LYS B 600 -25.54 -25.42 21.26
CA LYS B 600 -26.51 -25.90 20.29
C LYS B 600 -27.29 -27.12 20.77
N GLY B 601 -26.61 -28.20 21.13
CA GLY B 601 -27.26 -29.39 21.62
C GLY B 601 -26.62 -30.66 21.10
N ALA B 602 -26.92 -31.75 21.80
CA ALA B 602 -26.39 -33.06 21.46
C ALA B 602 -27.53 -34.08 21.43
N ILE B 603 -27.50 -34.93 20.41
CA ILE B 603 -28.47 -36.01 20.26
C ILE B 603 -27.70 -37.31 20.17
N SER B 604 -27.93 -38.21 21.12
CA SER B 604 -27.20 -39.47 21.20
C SER B 604 -28.08 -40.62 20.74
N PHE B 605 -27.50 -41.54 19.98
CA PHE B 605 -28.24 -42.69 19.48
C PHE B 605 -27.47 -43.97 19.79
N ASP B 606 -28.23 -45.05 19.71
CA ASP B 606 -27.67 -46.36 20.02
C ASP B 606 -28.57 -47.44 19.42
N ASN B 607 -28.15 -48.69 19.55
CA ASN B 607 -28.89 -49.84 19.05
C ASN B 607 -29.37 -50.70 20.21
N LEU B 608 -30.65 -51.01 20.23
CA LEU B 608 -31.26 -51.84 21.27
C LEU B 608 -31.91 -53.06 20.63
N SER B 609 -32.30 -54.01 21.48
CA SER B 609 -32.97 -55.21 21.02
C SER B 609 -34.49 -55.04 20.92
N GLY B 610 -35.08 -54.28 21.83
CA GLY B 610 -36.49 -54.00 21.83
C GLY B 610 -36.91 -52.82 20.97
N ALA B 611 -35.99 -52.23 20.22
CA ALA B 611 -36.31 -51.08 19.38
C ALA B 611 -37.07 -51.46 18.11
N SER B 612 -37.24 -52.76 17.84
CA SER B 612 -38.03 -53.17 16.68
C SER B 612 -39.48 -52.72 16.79
N ALA B 613 -40.06 -52.84 18.00
CA ALA B 613 -41.43 -52.36 18.21
C ALA B 613 -41.52 -50.85 18.03
N SER B 614 -40.52 -50.11 18.50
CA SER B 614 -40.50 -48.67 18.32
C SER B 614 -40.40 -48.30 16.84
N GLN B 615 -39.60 -49.05 16.08
CA GLN B 615 -39.53 -48.83 14.64
C GLN B 615 -40.87 -49.13 13.97
N ARG B 616 -41.53 -50.21 14.38
CA ARG B 616 -42.80 -50.57 13.78
C ARG B 616 -43.87 -49.51 14.07
N LYS B 617 -43.94 -49.04 15.31
CA LYS B 617 -44.94 -48.04 15.66
C LYS B 617 -44.56 -46.67 15.08
N GLY B 618 -45.57 -45.92 14.65
CA GLY B 618 -45.34 -44.63 14.06
C GLY B 618 -44.90 -44.72 12.61
N ASP B 619 -44.81 -43.55 11.98
CA ASP B 619 -44.35 -43.48 10.59
C ASP B 619 -42.89 -43.84 10.46
N LYS B 620 -42.05 -43.37 11.39
CA LYS B 620 -40.62 -43.60 11.36
C LYS B 620 -40.08 -43.48 12.78
N ARG B 621 -38.77 -43.36 12.91
CA ARG B 621 -38.15 -43.25 14.22
C ARG B 621 -38.58 -41.97 14.93
N ILE B 622 -38.77 -42.07 16.23
CA ILE B 622 -39.28 -40.97 17.05
C ILE B 622 -38.21 -40.59 18.07
N LEU B 623 -37.84 -39.32 18.08
CA LEU B 623 -36.89 -38.82 19.07
C LEU B 623 -37.51 -38.82 20.45
N TYR B 624 -36.73 -39.25 21.44
CA TYR B 624 -37.17 -39.31 22.83
C TYR B 624 -36.54 -38.17 23.61
N ALA B 625 -37.31 -37.63 24.57
CA ALA B 625 -36.84 -36.49 25.36
C ALA B 625 -35.84 -36.89 26.44
N SER B 626 -35.66 -38.17 26.71
CA SER B 626 -34.74 -38.61 27.75
C SER B 626 -34.13 -39.94 27.37
N GLU B 627 -32.95 -40.21 27.94
CA GLU B 627 -32.27 -41.48 27.70
C GLU B 627 -33.07 -42.63 28.27
N THR B 628 -33.68 -42.45 29.45
CA THR B 628 -34.53 -43.48 30.02
C THR B 628 -35.74 -43.75 29.13
N ALA B 629 -36.34 -42.68 28.59
CA ALA B 629 -37.47 -42.86 27.67
C ALA B 629 -37.06 -43.60 26.41
N ALA B 630 -35.87 -43.30 25.88
CA ALA B 630 -35.38 -44.02 24.71
C ALA B 630 -35.13 -45.49 25.03
N ARG B 631 -34.54 -45.77 26.19
CA ARG B 631 -34.26 -47.15 26.60
C ARG B 631 -35.50 -47.90 27.06
N ALA B 632 -36.62 -47.21 27.25
CA ALA B 632 -37.86 -47.84 27.70
C ALA B 632 -38.50 -48.57 26.54
N VAL B 633 -38.10 -49.83 26.34
CA VAL B 633 -38.64 -50.69 25.30
C VAL B 633 -38.95 -52.05 25.89
N GLY B 634 -39.80 -52.80 25.19
CA GLY B 634 -40.15 -54.14 25.61
C GLY B 634 -41.65 -54.37 25.73
N GLY B 635 -42.04 -55.26 26.63
CA GLY B 635 -43.46 -55.55 26.81
C GLY B 635 -44.16 -54.44 27.57
N GLN B 636 -45.47 -54.34 27.32
CA GLN B 636 -46.28 -53.28 27.90
C GLN B 636 -47.31 -53.86 28.85
N ILE B 637 -47.40 -53.30 30.05
CA ILE B 637 -48.37 -53.72 31.06
C ILE B 637 -49.07 -52.48 31.60
N THR B 638 -50.26 -52.71 32.17
CA THR B 638 -51.08 -51.65 32.73
C THR B 638 -51.34 -51.93 34.20
N LEU B 639 -51.06 -50.94 35.05
CA LEU B 639 -51.25 -51.05 36.49
C LEU B 639 -52.35 -50.08 36.93
N HIS B 640 -53.34 -50.61 37.64
CA HIS B 640 -54.42 -49.80 38.18
C HIS B 640 -54.09 -49.44 39.63
N ALA B 641 -54.09 -48.15 39.94
CA ALA B 641 -53.73 -47.67 41.27
C ALA B 641 -54.83 -46.79 41.82
N PHE B 642 -54.98 -46.83 43.15
CA PHE B 642 -55.96 -45.98 43.82
C PHE B 642 -55.41 -44.59 44.14
N ASP B 643 -54.11 -44.36 43.94
CA ASP B 643 -53.51 -43.07 44.18
C ASP B 643 -52.21 -42.98 43.38
N ALA B 644 -52.08 -41.92 42.59
CA ALA B 644 -50.90 -41.70 41.76
C ALA B 644 -49.94 -40.68 42.37
N GLY B 645 -50.13 -40.32 43.64
CA GLY B 645 -49.22 -39.38 44.28
C GLY B 645 -47.82 -39.93 44.43
N LYS B 646 -47.70 -41.24 44.67
CA LYS B 646 -46.41 -41.89 44.79
C LYS B 646 -45.86 -42.34 43.45
N LEU B 647 -46.62 -42.20 42.37
CA LEU B 647 -46.18 -42.58 41.04
C LEU B 647 -45.68 -41.36 40.27
N ALA B 648 -44.74 -41.59 39.37
CA ALA B 648 -44.17 -40.52 38.57
C ALA B 648 -43.73 -41.09 37.22
N VAL B 649 -43.58 -40.19 36.25
CA VAL B 649 -43.12 -40.60 34.92
C VAL B 649 -41.64 -40.93 34.99
N GLY B 650 -41.26 -42.08 34.45
CA GLY B 650 -39.90 -42.57 34.55
C GLY B 650 -39.58 -43.31 35.82
N MET B 651 -40.58 -43.72 36.57
CA MET B 651 -40.34 -44.41 37.85
C MET B 651 -39.77 -45.80 37.58
N PRO B 652 -38.66 -46.18 38.22
CA PRO B 652 -38.11 -47.51 38.00
C PRO B 652 -38.92 -48.60 38.66
N ILE B 653 -38.86 -49.79 38.06
CA ILE B 653 -39.57 -50.96 38.53
C ILE B 653 -38.52 -52.07 38.69
N ARG B 654 -38.31 -52.51 39.93
CA ARG B 654 -37.17 -53.34 40.28
C ARG B 654 -37.62 -54.63 40.94
N TYR B 655 -36.88 -55.70 40.66
CA TYR B 655 -36.99 -56.97 41.37
C TYR B 655 -35.64 -57.28 41.99
N LEU B 656 -35.61 -57.38 43.32
CA LEU B 656 -34.38 -57.61 44.08
C LEU B 656 -33.34 -56.54 43.80
N GLY B 657 -33.78 -55.29 43.67
CA GLY B 657 -32.87 -54.18 43.50
C GLY B 657 -32.27 -54.04 42.12
N ILE B 658 -32.77 -54.76 41.13
CA ILE B 658 -32.27 -54.72 39.76
C ILE B 658 -33.36 -54.16 38.87
N ASP B 659 -33.03 -53.17 38.06
CA ASP B 659 -34.01 -52.50 37.21
C ASP B 659 -34.50 -53.48 36.13
N ILE B 660 -35.81 -53.75 36.15
CA ILE B 660 -36.43 -54.63 35.17
C ILE B 660 -37.58 -53.98 34.43
N GLY B 661 -37.96 -52.75 34.80
CA GLY B 661 -39.04 -52.08 34.10
C GLY B 661 -39.05 -50.60 34.39
N GLN B 662 -39.93 -49.89 33.68
CA GLN B 662 -40.01 -48.44 33.82
C GLN B 662 -41.43 -47.97 33.54
N ILE B 663 -41.96 -47.09 34.39
CA ILE B 663 -43.25 -46.46 34.13
C ILE B 663 -43.06 -45.37 33.08
N GLN B 664 -43.94 -45.34 32.08
CA GLN B 664 -43.80 -44.39 30.99
C GLN B 664 -45.00 -43.46 30.82
N THR B 665 -46.18 -43.81 31.33
CA THR B 665 -47.37 -43.00 31.12
C THR B 665 -48.24 -43.03 32.36
N LEU B 666 -48.78 -41.87 32.74
CA LEU B 666 -49.76 -41.75 33.81
C LEU B 666 -51.02 -41.09 33.26
N ASP B 667 -52.16 -41.75 33.46
CA ASP B 667 -53.43 -41.28 32.92
C ASP B 667 -54.51 -41.36 34.00
N LEU B 668 -55.26 -40.29 34.16
CA LEU B 668 -56.37 -40.25 35.12
C LEU B 668 -57.69 -40.49 34.40
N ILE B 669 -58.54 -41.29 35.02
CA ILE B 669 -59.85 -41.63 34.47
C ILE B 669 -60.93 -40.96 35.31
N THR B 670 -61.81 -40.22 34.65
CA THR B 670 -62.91 -39.55 35.36
C THR B 670 -64.01 -40.53 35.73
N ALA B 671 -64.31 -41.51 34.86
CA ALA B 671 -65.39 -42.44 35.13
C ALA B 671 -65.03 -43.41 36.25
N ARG B 672 -63.98 -44.19 36.06
CA ARG B 672 -63.49 -45.11 37.07
C ARG B 672 -62.53 -44.38 38.00
N ASN B 673 -62.74 -44.52 39.31
CA ASN B 673 -61.94 -43.82 40.31
C ASN B 673 -60.62 -44.58 40.51
N GLU B 674 -59.74 -44.45 39.53
CA GLU B 674 -58.44 -45.11 39.56
C GLU B 674 -57.53 -44.42 38.56
N VAL B 675 -56.23 -44.75 38.63
CA VAL B 675 -55.22 -44.24 37.73
C VAL B 675 -54.58 -45.41 37.01
N GLN B 676 -54.56 -45.35 35.69
CA GLN B 676 -53.93 -46.38 34.87
C GLN B 676 -52.52 -45.92 34.50
N ALA B 677 -51.53 -46.70 34.91
CA ALA B 677 -50.13 -46.41 34.62
C ALA B 677 -49.61 -47.44 33.65
N LYS B 678 -49.04 -46.96 32.54
CA LYS B 678 -48.43 -47.85 31.56
C LYS B 678 -46.96 -48.06 31.92
N ALA B 679 -46.54 -49.32 31.90
CA ALA B 679 -45.16 -49.67 32.23
C ALA B 679 -44.60 -50.56 31.14
N VAL B 680 -43.28 -50.45 30.93
CA VAL B 680 -42.57 -51.27 29.95
C VAL B 680 -41.58 -52.13 30.71
N LEU B 681 -41.67 -53.44 30.49
CA LEU B 681 -40.75 -54.41 31.06
C LEU B 681 -39.75 -54.85 29.97
N TYR B 682 -38.50 -54.99 30.38
CA TYR B 682 -37.44 -55.31 29.43
C TYR B 682 -37.65 -56.71 28.86
N PRO B 683 -37.21 -56.95 27.62
CA PRO B 683 -37.42 -58.27 27.00
C PRO B 683 -36.77 -59.42 27.75
N GLU B 684 -35.73 -59.16 28.54
CA GLU B 684 -35.10 -60.23 29.32
C GLU B 684 -35.95 -60.69 30.48
N TYR B 685 -36.94 -59.91 30.89
CA TYR B 685 -37.76 -60.23 32.06
C TYR B 685 -39.26 -60.20 31.77
N VAL B 686 -39.65 -59.99 30.51
CA VAL B 686 -41.08 -59.92 30.20
C VAL B 686 -41.73 -61.29 30.35
N GLN B 687 -41.03 -62.35 29.98
CA GLN B 687 -41.59 -63.70 30.09
C GLN B 687 -41.60 -64.17 31.54
N THR B 688 -40.54 -63.87 32.30
CA THR B 688 -40.47 -64.30 33.69
C THR B 688 -41.56 -63.66 34.54
N PHE B 689 -41.78 -62.37 34.37
CA PHE B 689 -42.81 -61.66 35.11
C PHE B 689 -44.09 -61.58 34.29
N ALA B 690 -45.08 -60.82 34.78
CA ALA B 690 -46.38 -60.65 34.13
C ALA B 690 -47.04 -61.99 33.85
N ARG B 691 -46.97 -62.91 34.82
CA ARG B 691 -47.54 -64.23 34.68
C ARG B 691 -48.71 -64.46 35.64
N GLY B 692 -49.37 -63.40 36.07
CA GLY B 692 -50.49 -63.54 36.98
C GLY B 692 -50.05 -63.70 38.42
N GLY B 693 -50.69 -62.98 39.34
CA GLY B 693 -50.29 -63.00 40.73
C GLY B 693 -49.08 -62.16 41.05
N THR B 694 -48.50 -61.48 40.06
CA THR B 694 -47.35 -60.61 40.31
C THR B 694 -47.79 -59.37 41.07
N ARG B 695 -47.05 -59.04 42.12
CA ARG B 695 -47.39 -57.92 43.00
C ARG B 695 -46.40 -56.79 42.81
N PHE B 696 -46.92 -55.60 42.55
CA PHE B 696 -46.11 -54.39 42.43
C PHE B 696 -46.43 -53.47 43.59
N SER B 697 -45.41 -53.04 44.33
CA SER B 697 -45.62 -52.20 45.50
C SER B 697 -44.67 -51.01 45.47
N VAL B 698 -45.21 -49.82 45.67
CA VAL B 698 -44.39 -48.61 45.75
C VAL B 698 -43.77 -48.54 47.14
N VAL B 699 -42.45 -48.62 47.20
CA VAL B 699 -41.74 -48.55 48.48
C VAL B 699 -41.64 -47.10 48.91
N THR B 700 -41.84 -46.87 50.21
CA THR B 700 -41.80 -45.54 50.79
C THR B 700 -40.83 -45.53 51.97
N PRO B 701 -40.19 -44.39 52.24
CA PRO B 701 -39.30 -44.31 53.39
C PRO B 701 -40.05 -44.51 54.70
N GLN B 702 -39.41 -45.19 55.64
CA GLN B 702 -39.98 -45.51 56.94
C GLN B 702 -39.06 -44.95 58.01
N ILE B 703 -39.30 -43.69 58.39
CA ILE B 703 -38.54 -43.02 59.43
C ILE B 703 -39.41 -42.98 60.68
N SER B 704 -39.00 -43.70 61.72
CA SER B 704 -39.77 -43.81 62.94
C SER B 704 -38.81 -43.89 64.12
N ALA B 705 -39.38 -43.97 65.33
CA ALA B 705 -38.56 -44.15 66.52
C ALA B 705 -37.95 -45.53 66.60
N ALA B 706 -38.56 -46.54 65.96
CA ALA B 706 -37.98 -47.87 65.97
C ALA B 706 -36.72 -47.94 65.10
N GLY B 707 -36.72 -47.24 63.98
CA GLY B 707 -35.56 -47.23 63.11
C GLY B 707 -35.93 -46.72 61.73
N VAL B 708 -34.92 -46.72 60.86
CA VAL B 708 -35.07 -46.30 59.47
C VAL B 708 -34.75 -47.49 58.58
N GLU B 709 -35.64 -47.76 57.62
CA GLU B 709 -35.50 -48.90 56.72
C GLU B 709 -35.06 -48.51 55.31
N HIS B 710 -35.79 -47.59 54.67
CA HIS B 710 -35.47 -47.15 53.31
C HIS B 710 -35.16 -45.66 53.34
N LEU B 711 -34.02 -45.29 52.78
CA LEU B 711 -33.60 -43.89 52.69
C LEU B 711 -33.22 -43.43 51.30
N ASP B 712 -32.95 -44.34 50.36
CA ASP B 712 -32.73 -43.94 48.98
C ASP B 712 -34.03 -43.56 48.29
N THR B 713 -35.17 -44.00 48.81
CA THR B 713 -36.47 -43.65 48.27
C THR B 713 -36.85 -42.20 48.52
N ILE B 714 -36.07 -41.48 49.34
CA ILE B 714 -36.29 -40.04 49.51
C ILE B 714 -36.12 -39.32 48.18
N LEU B 715 -35.09 -39.68 47.41
CA LEU B 715 -34.82 -39.05 46.14
C LEU B 715 -35.13 -39.93 44.92
N GLN B 716 -35.00 -41.25 45.04
CA GLN B 716 -35.21 -42.16 43.92
C GLN B 716 -36.14 -43.29 44.36
N PRO B 717 -37.45 -43.05 44.38
CA PRO B 717 -38.39 -44.14 44.66
C PRO B 717 -38.49 -45.10 43.50
N TYR B 718 -38.85 -46.35 43.82
CA TYR B 718 -39.01 -47.39 42.82
C TYR B 718 -40.20 -48.25 43.20
N ILE B 719 -40.52 -49.22 42.34
CA ILE B 719 -41.62 -50.16 42.58
C ILE B 719 -41.04 -51.56 42.70
N ASN B 720 -41.15 -52.15 43.89
CA ASN B 720 -40.67 -53.51 44.11
C ASN B 720 -41.64 -54.53 43.53
N VAL B 721 -41.08 -55.60 42.96
CA VAL B 721 -41.85 -56.64 42.28
C VAL B 721 -41.71 -57.96 43.02
N GLU B 722 -42.83 -58.61 43.30
CA GLU B 722 -42.87 -59.99 43.73
C GLU B 722 -43.46 -60.84 42.61
N PRO B 723 -42.69 -61.75 42.01
CA PRO B 723 -43.19 -62.50 40.86
C PRO B 723 -44.24 -63.52 41.24
N GLY B 724 -45.05 -63.90 40.25
CA GLY B 724 -46.07 -64.91 40.43
C GLY B 724 -45.99 -65.98 39.34
N ARG B 725 -46.81 -67.00 39.52
CA ARG B 725 -46.84 -68.14 38.62
C ARG B 725 -48.26 -68.35 38.11
N GLY B 726 -48.40 -68.54 36.80
CA GLY B 726 -49.69 -68.78 36.19
C GLY B 726 -49.69 -68.30 34.75
N ASN B 727 -50.90 -68.18 34.21
CA ASN B 727 -51.06 -67.69 32.85
C ASN B 727 -50.72 -66.20 32.77
N PRO B 728 -50.19 -65.75 31.64
CA PRO B 728 -49.87 -64.32 31.49
C PRO B 728 -51.11 -63.45 31.62
N ARG B 729 -50.94 -62.30 32.27
CA ARG B 729 -52.05 -61.38 32.54
C ARG B 729 -51.85 -60.03 31.90
N ARG B 730 -50.69 -59.39 32.11
CA ARG B 730 -50.35 -58.08 31.55
C ARG B 730 -51.34 -57.00 31.98
N ASP B 731 -51.97 -57.18 33.15
CA ASP B 731 -52.90 -56.18 33.68
C ASP B 731 -52.97 -56.41 35.19
N PHE B 732 -52.31 -55.54 35.95
CA PHE B 732 -52.16 -55.73 37.39
C PHE B 732 -52.67 -54.50 38.14
N GLU B 733 -52.67 -54.61 39.47
CA GLU B 733 -53.09 -53.53 40.34
C GLU B 733 -52.02 -53.28 41.39
N LEU B 734 -51.85 -52.00 41.75
CA LEU B 734 -50.85 -51.60 42.72
C LEU B 734 -51.27 -52.01 44.12
N GLN B 735 -50.38 -52.66 44.84
CA GLN B 735 -50.63 -53.10 46.21
C GLN B 735 -50.06 -52.09 47.19
N GLU B 736 -50.09 -52.42 48.48
CA GLU B 736 -49.59 -51.56 49.53
C GLU B 736 -48.31 -52.07 50.18
N ALA B 737 -48.19 -53.38 50.39
CA ALA B 737 -47.00 -53.97 51.00
C ALA B 737 -46.60 -55.21 50.22
N THR B 738 -45.30 -55.48 50.20
CA THR B 738 -44.75 -56.63 49.50
C THR B 738 -43.46 -57.05 50.18
N ILE B 739 -43.32 -58.36 50.42
CA ILE B 739 -42.12 -58.90 51.04
C ILE B 739 -40.94 -58.72 50.07
N THR B 740 -39.98 -57.88 50.46
CA THR B 740 -38.81 -57.62 49.62
C THR B 740 -37.66 -58.57 49.97
N ASP B 741 -37.95 -59.87 50.01
CA ASP B 741 -36.95 -60.89 50.30
C ASP B 741 -36.75 -61.87 49.17
N SER B 742 -37.84 -62.46 48.66
CA SER B 742 -37.82 -63.46 47.59
C SER B 742 -36.96 -64.67 47.97
N ARG B 743 -36.91 -64.99 49.27
CA ARG B 743 -36.22 -66.18 49.74
C ARG B 743 -37.17 -67.24 50.30
N TYR B 744 -38.38 -66.86 50.69
CA TYR B 744 -39.40 -67.80 51.14
C TYR B 744 -40.29 -68.29 50.00
N LEU B 745 -40.14 -67.72 48.80
CA LEU B 745 -41.03 -68.03 47.69
C LEU B 745 -40.94 -69.49 47.28
N ASP B 746 -39.76 -70.10 47.43
CA ASP B 746 -39.59 -71.51 47.11
C ASP B 746 -40.18 -72.43 48.17
N GLY B 747 -40.49 -71.92 49.36
CA GLY B 747 -40.96 -72.74 50.45
C GLY B 747 -42.47 -72.95 50.43
N LEU B 748 -42.94 -73.66 51.46
CA LEU B 748 -44.36 -73.97 51.56
C LEU B 748 -45.16 -72.72 51.94
N SER B 749 -46.32 -72.57 51.31
CA SER B 749 -47.25 -71.48 51.59
C SER B 749 -48.48 -72.09 52.25
N ILE B 750 -48.54 -72.00 53.57
CA ILE B 750 -49.62 -72.60 54.34
C ILE B 750 -50.61 -71.51 54.73
N ILE B 751 -51.78 -71.93 55.21
CA ILE B 751 -52.86 -71.03 55.59
C ILE B 751 -53.15 -71.22 57.07
N VAL B 752 -53.36 -70.11 57.77
CA VAL B 752 -53.75 -70.11 59.18
C VAL B 752 -55.09 -69.40 59.31
N GLU B 753 -56.06 -70.06 59.93
CA GLU B 753 -57.39 -69.50 60.12
C GLU B 753 -57.49 -68.94 61.53
N ALA B 754 -57.90 -67.68 61.63
CA ALA B 754 -57.98 -67.00 62.91
C ALA B 754 -59.32 -66.33 63.09
N PRO B 755 -59.82 -66.25 64.33
CA PRO B 755 -61.05 -65.48 64.58
C PRO B 755 -60.90 -63.99 64.27
N GLU B 756 -59.73 -63.43 64.50
CA GLU B 756 -59.50 -62.01 64.27
C GLU B 756 -58.11 -61.80 63.68
N ALA B 757 -57.96 -60.70 62.94
CA ALA B 757 -56.67 -60.38 62.34
C ALA B 757 -55.69 -59.87 63.39
N GLY B 758 -56.04 -58.77 64.07
CA GLY B 758 -55.19 -58.21 65.10
C GLY B 758 -54.00 -57.44 64.56
N SER B 759 -52.80 -57.86 64.95
CA SER B 759 -51.57 -57.18 64.56
C SER B 759 -50.95 -57.75 63.30
N LEU B 760 -51.59 -58.72 62.67
CA LEU B 760 -51.01 -59.38 61.51
C LEU B 760 -51.01 -58.48 60.28
N GLY B 761 -50.07 -58.72 59.39
CA GLY B 761 -49.96 -57.97 58.16
C GLY B 761 -48.92 -58.59 57.26
N ILE B 762 -48.70 -57.94 56.11
CA ILE B 762 -47.68 -58.40 55.19
C ILE B 762 -46.30 -58.15 55.77
N GLY B 763 -45.46 -59.18 55.80
CA GLY B 763 -44.18 -59.12 56.44
C GLY B 763 -44.15 -59.57 57.88
N THR B 764 -45.26 -60.09 58.39
CA THR B 764 -45.30 -60.57 59.77
C THR B 764 -44.42 -61.80 59.93
N PRO B 765 -43.51 -61.82 60.90
CA PRO B 765 -42.61 -62.97 61.04
C PRO B 765 -43.31 -64.22 61.54
N VAL B 766 -42.77 -65.36 61.13
CA VAL B 766 -43.17 -66.67 61.63
C VAL B 766 -41.97 -67.25 62.38
N LEU B 767 -42.18 -67.62 63.64
CA LEU B 767 -41.10 -67.94 64.55
C LEU B 767 -41.19 -69.38 65.04
N PHE B 768 -40.09 -70.12 64.91
CA PHE B 768 -39.92 -71.42 65.54
C PHE B 768 -38.85 -71.26 66.61
N ARG B 769 -39.27 -71.36 67.88
CA ARG B 769 -38.39 -71.18 69.03
C ARG B 769 -37.67 -69.83 68.99
N GLY B 770 -38.41 -68.78 68.63
CA GLY B 770 -37.89 -67.44 68.67
C GLY B 770 -37.05 -67.01 67.49
N LEU B 771 -36.87 -67.87 66.49
CA LEU B 771 -36.05 -67.56 65.32
C LEU B 771 -36.96 -67.39 64.12
N GLU B 772 -36.73 -66.33 63.35
CA GLU B 772 -37.54 -66.04 62.16
C GLU B 772 -37.24 -67.07 61.08
N VAL B 773 -38.21 -67.94 60.81
CA VAL B 773 -38.06 -68.98 59.79
C VAL B 773 -39.02 -68.79 58.63
N GLY B 774 -39.93 -67.83 58.69
CA GLY B 774 -40.86 -67.60 57.60
C GLY B 774 -41.47 -66.22 57.73
N THR B 775 -42.31 -65.89 56.75
CA THR B 775 -43.00 -64.60 56.72
C THR B 775 -44.44 -64.80 56.30
N VAL B 776 -45.23 -63.74 56.44
CA VAL B 776 -46.64 -63.76 56.05
C VAL B 776 -46.76 -63.10 54.68
N THR B 777 -47.14 -63.88 53.68
CA THR B 777 -47.30 -63.33 52.33
C THR B 777 -48.54 -62.45 52.25
N GLY B 778 -49.66 -62.91 52.79
CA GLY B 778 -50.87 -62.10 52.66
C GLY B 778 -51.95 -62.51 53.64
N MET B 779 -53.02 -61.71 53.64
CA MET B 779 -54.19 -61.96 54.47
C MET B 779 -55.44 -61.74 53.62
N THR B 780 -56.48 -62.52 53.90
CA THR B 780 -57.72 -62.45 53.14
C THR B 780 -58.84 -63.07 53.97
N LEU B 781 -60.04 -63.06 53.40
CA LEU B 781 -61.20 -63.72 53.99
C LEU B 781 -61.66 -64.85 53.07
N GLY B 782 -62.28 -65.86 53.67
CA GLY B 782 -62.76 -67.01 52.93
C GLY B 782 -64.05 -66.72 52.19
N THR B 783 -64.62 -67.79 51.63
CA THR B 783 -65.91 -67.68 50.96
C THR B 783 -67.00 -67.25 51.94
N LEU B 784 -66.97 -67.81 53.15
CA LEU B 784 -67.85 -67.38 54.23
C LEU B 784 -67.08 -66.48 55.17
N SER B 785 -67.66 -65.32 55.50
CA SER B 785 -66.97 -64.31 56.31
C SER B 785 -67.15 -64.64 57.80
N ASP B 786 -66.43 -65.68 58.23
CA ASP B 786 -66.42 -66.10 59.62
C ASP B 786 -65.03 -66.23 60.21
N ARG B 787 -63.99 -66.12 59.39
CA ARG B 787 -62.61 -66.24 59.87
C ARG B 787 -61.70 -65.53 58.88
N VAL B 788 -60.48 -65.25 59.34
CA VAL B 788 -59.45 -64.59 58.53
C VAL B 788 -58.40 -65.62 58.17
N MET B 789 -58.13 -65.76 56.87
CA MET B 789 -57.14 -66.71 56.36
C MET B 789 -55.84 -65.96 56.07
N ILE B 790 -54.77 -66.37 56.74
CA ILE B 790 -53.46 -65.75 56.60
C ILE B 790 -52.57 -66.73 55.85
N ALA B 791 -52.14 -66.34 54.64
CA ALA B 791 -51.23 -67.14 53.86
C ALA B 791 -49.79 -66.75 54.22
N MET B 792 -49.01 -67.73 54.67
CA MET B 792 -47.64 -67.49 55.11
C MET B 792 -46.70 -68.48 54.44
N ARG B 793 -45.54 -67.98 54.02
CA ARG B 793 -44.52 -68.80 53.38
C ARG B 793 -43.36 -69.05 54.33
N ILE B 794 -42.99 -70.31 54.47
CA ILE B 794 -41.89 -70.73 55.32
C ILE B 794 -40.66 -70.98 54.45
N SER B 795 -39.48 -70.92 55.05
CA SER B 795 -38.25 -71.15 54.32
C SER B 795 -38.11 -72.62 53.95
N LYS B 796 -37.26 -72.88 52.95
CA LYS B 796 -36.99 -74.25 52.54
C LYS B 796 -36.24 -75.01 53.62
N ARG B 797 -35.18 -74.39 54.18
CA ARG B 797 -34.36 -75.07 55.17
C ARG B 797 -35.15 -75.40 56.42
N TYR B 798 -36.17 -74.61 56.74
CA TYR B 798 -37.04 -74.86 57.87
C TYR B 798 -38.35 -75.51 57.47
N GLN B 799 -38.47 -75.96 56.21
CA GLN B 799 -39.71 -76.57 55.74
C GLN B 799 -40.05 -77.82 56.53
N HIS B 800 -39.04 -78.64 56.84
CA HIS B 800 -39.26 -79.84 57.63
C HIS B 800 -39.75 -79.54 59.04
N LEU B 801 -39.61 -78.27 59.49
CA LEU B 801 -40.18 -77.89 60.77
C LEU B 801 -41.70 -77.87 60.76
N VAL B 802 -42.32 -77.88 59.59
CA VAL B 802 -43.77 -77.83 59.47
C VAL B 802 -44.29 -79.26 59.43
N ARG B 803 -45.21 -79.59 60.34
CA ARG B 803 -45.82 -80.90 60.43
C ARG B 803 -47.34 -80.76 60.42
N ASN B 804 -48.02 -81.89 60.24
CA ASN B 804 -49.48 -81.88 60.24
C ASN B 804 -50.03 -81.52 61.61
N ASN B 805 -49.48 -82.08 62.67
CA ASN B 805 -49.90 -81.77 64.03
C ASN B 805 -48.99 -80.71 64.65
N SER B 806 -49.03 -79.52 64.07
CA SER B 806 -48.25 -78.38 64.53
C SER B 806 -49.18 -77.33 65.11
N VAL B 807 -48.79 -76.77 66.26
CA VAL B 807 -49.59 -75.78 66.96
C VAL B 807 -49.06 -74.39 66.65
N PHE B 808 -49.96 -73.49 66.23
CA PHE B 808 -49.64 -72.12 65.90
C PHE B 808 -50.32 -71.18 66.89
N TRP B 809 -49.60 -70.16 67.35
CA TRP B 809 -50.16 -69.15 68.22
C TRP B 809 -49.64 -67.78 67.81
N LEU B 810 -50.33 -66.74 68.27
CA LEU B 810 -50.04 -65.36 67.91
C LEU B 810 -49.24 -64.72 69.04
N ALA B 811 -47.97 -64.40 68.77
CA ALA B 811 -47.11 -63.72 69.73
C ALA B 811 -47.02 -62.27 69.29
N SER B 812 -47.79 -61.41 69.97
CA SER B 812 -47.83 -59.99 69.66
C SER B 812 -47.70 -59.20 70.96
N GLY B 813 -46.81 -58.21 70.95
CA GLY B 813 -46.62 -57.38 72.14
C GLY B 813 -45.95 -58.16 73.27
N TYR B 814 -46.24 -57.73 74.49
CA TYR B 814 -45.70 -58.33 75.69
C TYR B 814 -46.82 -58.95 76.50
N SER B 815 -46.65 -60.21 76.87
CA SER B 815 -47.62 -60.94 77.69
C SER B 815 -46.97 -61.35 78.99
N LEU B 816 -47.66 -61.09 80.10
CA LEU B 816 -47.13 -61.39 81.42
C LEU B 816 -48.24 -61.97 82.30
N ASP B 817 -47.82 -62.72 83.32
CA ASP B 817 -48.74 -63.36 84.25
C ASP B 817 -48.48 -62.82 85.65
N PHE B 818 -49.56 -62.45 86.35
CA PHE B 818 -49.49 -61.91 87.69
C PHE B 818 -50.43 -62.71 88.58
N GLY B 819 -49.88 -63.56 89.45
CA GLY B 819 -50.69 -64.36 90.32
C GLY B 819 -51.19 -63.59 91.53
N LEU B 820 -51.93 -64.30 92.38
CA LEU B 820 -52.46 -63.68 93.59
C LEU B 820 -51.34 -63.33 94.57
N THR B 821 -50.25 -64.09 94.57
CA THR B 821 -49.13 -63.85 95.47
C THR B 821 -47.81 -63.61 94.75
N GLY B 822 -47.73 -63.88 93.45
CA GLY B 822 -46.48 -63.73 92.73
C GLY B 822 -46.53 -62.74 91.58
N GLY B 823 -45.70 -61.70 91.67
CA GLY B 823 -45.60 -60.75 90.57
C GLY B 823 -44.25 -60.78 89.88
N VAL B 824 -44.23 -61.34 88.67
CA VAL B 824 -43.03 -61.40 87.84
C VAL B 824 -43.41 -60.96 86.44
N VAL B 825 -42.76 -59.91 85.94
CA VAL B 825 -42.99 -59.41 84.59
C VAL B 825 -41.66 -59.34 83.85
N LYS B 826 -41.68 -59.69 82.58
CA LYS B 826 -40.47 -59.69 81.76
C LYS B 826 -40.77 -59.05 80.41
N THR B 827 -39.80 -58.29 79.92
CA THR B 827 -39.87 -57.68 78.60
C THR B 827 -38.63 -58.05 77.81
N GLY B 828 -38.76 -58.08 76.48
CA GLY B 828 -37.66 -58.49 75.65
C GLY B 828 -37.49 -57.70 74.37
N THR B 829 -38.09 -56.51 74.33
CA THR B 829 -38.10 -55.58 73.18
C THR B 829 -38.21 -56.34 71.84
N PHE B 830 -39.17 -57.25 71.80
CA PHE B 830 -39.35 -58.11 70.64
C PHE B 830 -39.81 -57.29 69.43
N ASN B 831 -39.54 -57.84 68.24
CA ASN B 831 -40.08 -57.27 67.01
C ASN B 831 -41.59 -57.44 66.92
N GLN B 832 -42.19 -58.26 67.80
CA GLN B 832 -43.63 -58.42 67.86
C GLN B 832 -44.35 -57.15 68.31
N PHE B 833 -43.62 -56.23 68.95
CA PHE B 833 -44.20 -54.94 69.33
C PHE B 833 -44.19 -53.94 68.19
N ILE B 834 -43.65 -54.31 67.03
CA ILE B 834 -43.79 -53.55 65.80
C ILE B 834 -44.66 -54.30 64.80
N ARG B 835 -44.41 -55.59 64.63
CA ARG B 835 -45.23 -56.48 63.80
C ARG B 835 -45.46 -57.76 64.59
N GLY B 836 -46.67 -57.92 65.13
CA GLY B 836 -47.00 -59.07 65.95
C GLY B 836 -46.89 -60.39 65.20
N GLY B 837 -45.91 -61.21 65.56
CA GLY B 837 -45.59 -62.39 64.80
C GLY B 837 -46.44 -63.59 65.17
N ILE B 838 -46.24 -64.67 64.42
CA ILE B 838 -46.91 -65.94 64.68
C ILE B 838 -45.85 -66.99 64.94
N ALA B 839 -45.92 -67.63 66.10
CA ALA B 839 -44.98 -68.68 66.47
C ALA B 839 -45.64 -70.04 66.32
N PHE B 840 -44.81 -71.06 66.12
CA PHE B 840 -45.35 -72.41 65.97
C PHE B 840 -44.40 -73.42 66.62
N ALA B 841 -44.97 -74.56 67.00
CA ALA B 841 -44.23 -75.63 67.63
C ALA B 841 -44.90 -76.96 67.29
N THR B 842 -44.31 -78.05 67.78
CA THR B 842 -44.81 -79.39 67.53
C THR B 842 -44.85 -80.17 68.84
N PRO B 843 -45.99 -80.73 69.22
CA PRO B 843 -46.04 -81.54 70.43
C PRO B 843 -45.21 -82.80 70.26
N PRO B 844 -44.65 -83.34 71.34
CA PRO B 844 -43.81 -84.54 71.22
C PRO B 844 -44.61 -85.78 70.90
N GLY B 845 -43.94 -86.75 70.28
CA GLY B 845 -44.55 -88.01 69.93
C GLY B 845 -43.59 -88.93 69.19
N THR B 846 -43.56 -90.21 69.57
CA THR B 846 -42.68 -91.15 68.89
C THR B 846 -43.03 -91.33 67.41
N PRO B 847 -44.32 -91.52 67.00
CA PRO B 847 -44.61 -91.51 65.56
C PRO B 847 -44.77 -90.07 65.06
N LEU B 848 -43.84 -89.65 64.22
CA LEU B 848 -43.87 -88.30 63.69
C LEU B 848 -44.89 -88.18 62.57
N ALA B 849 -45.63 -87.07 62.58
CA ALA B 849 -46.63 -86.84 61.54
C ALA B 849 -45.94 -86.53 60.21
N PRO B 850 -46.58 -86.85 59.09
CA PRO B 850 -46.01 -86.50 57.79
C PRO B 850 -45.93 -84.99 57.61
N LYS B 851 -44.98 -84.56 56.78
CA LYS B 851 -44.80 -83.14 56.51
C LYS B 851 -46.02 -82.58 55.78
N ALA B 852 -46.34 -81.32 56.07
CA ALA B 852 -47.47 -80.66 55.46
C ALA B 852 -47.25 -80.48 53.96
N GLN B 853 -48.34 -80.55 53.21
CA GLN B 853 -48.28 -80.42 51.75
C GLN B 853 -48.21 -78.94 51.38
N GLU B 854 -48.35 -78.65 50.08
CA GLU B 854 -48.32 -77.26 49.64
C GLU B 854 -49.50 -76.48 50.20
N GLY B 855 -50.70 -77.06 50.17
CA GLY B 855 -51.85 -76.43 50.77
C GLY B 855 -52.28 -77.10 52.06
N LYS B 856 -51.98 -76.47 53.19
CA LYS B 856 -52.34 -77.00 54.50
C LYS B 856 -52.88 -75.87 55.36
N HIS B 857 -54.01 -76.13 56.03
CA HIS B 857 -54.69 -75.14 56.85
C HIS B 857 -54.58 -75.52 58.32
N PHE B 858 -54.11 -74.59 59.13
CA PHE B 858 -54.06 -74.73 60.58
C PHE B 858 -54.99 -73.72 61.22
N LEU B 859 -55.19 -73.88 62.53
CA LEU B 859 -56.04 -72.99 63.32
C LEU B 859 -55.17 -72.23 64.31
N LEU B 860 -55.36 -70.91 64.39
CA LEU B 860 -54.59 -70.09 65.31
C LEU B 860 -55.13 -70.25 66.72
N GLN B 861 -54.29 -70.73 67.63
CA GLN B 861 -54.71 -70.90 69.02
C GLN B 861 -54.88 -69.54 69.69
N GLU B 862 -55.92 -69.44 70.54
CA GLU B 862 -56.20 -68.19 71.22
C GLU B 862 -55.20 -67.88 72.32
N SER B 863 -54.44 -68.87 72.78
CA SER B 863 -53.49 -68.68 73.85
C SER B 863 -52.25 -69.52 73.60
N GLU B 864 -51.12 -69.05 74.15
CA GLU B 864 -49.87 -69.79 74.04
C GLU B 864 -49.95 -71.09 74.84
N PRO B 865 -49.48 -72.21 74.30
CA PRO B 865 -49.42 -73.45 75.08
C PRO B 865 -48.53 -73.30 76.31
N LYS B 866 -48.93 -73.96 77.39
CA LYS B 866 -48.27 -73.74 78.67
C LYS B 866 -46.88 -74.37 78.71
N GLU B 867 -46.74 -75.60 78.22
CA GLU B 867 -45.51 -76.36 78.34
C GLU B 867 -44.90 -76.67 76.97
N TRP B 868 -44.93 -75.69 76.06
CA TRP B 868 -44.32 -75.90 74.76
C TRP B 868 -42.80 -75.84 74.82
N ARG B 869 -42.24 -75.20 75.86
CA ARG B 869 -40.79 -75.11 75.99
C ARG B 869 -40.17 -76.43 76.42
N GLU B 870 -40.93 -77.26 77.14
CA GLU B 870 -40.42 -78.53 77.65
C GLU B 870 -40.68 -79.70 76.72
N TRP B 871 -41.22 -79.45 75.53
CA TRP B 871 -41.50 -80.54 74.60
C TRP B 871 -40.21 -81.15 74.07
N GLY B 872 -39.40 -80.35 73.39
CA GLY B 872 -38.13 -80.83 72.85
C GLY B 872 -38.28 -81.91 71.80
N THR B 873 -39.19 -81.72 70.85
CA THR B 873 -39.42 -82.71 69.81
C THR B 873 -38.22 -82.76 68.86
N ALA B 874 -37.76 -83.97 68.57
CA ALA B 874 -36.62 -84.18 67.67
C ALA B 874 -37.12 -84.24 66.24
N LEU B 875 -36.75 -83.25 65.44
CA LEU B 875 -37.16 -83.19 64.04
C LEU B 875 -35.97 -83.49 63.14
N PRO B 876 -35.93 -84.63 62.46
CA PRO B 876 -34.78 -84.94 61.60
C PRO B 876 -34.73 -84.03 60.38
N LYS B 877 -33.54 -83.97 59.79
CA LYS B 877 -33.26 -83.17 58.59
C LYS B 877 -33.60 -81.69 58.80
N SER C 21 34.31 58.47 -121.64
CA SER C 21 35.51 57.80 -121.15
C SER C 21 35.16 56.66 -120.20
N PRO C 22 35.77 55.50 -120.39
CA PRO C 22 35.50 54.37 -119.49
C PRO C 22 35.90 54.62 -118.05
N PHE C 23 36.92 55.46 -117.82
CA PHE C 23 37.35 55.76 -116.46
C PHE C 23 36.36 56.65 -115.71
N TRP C 24 35.44 57.28 -116.42
CA TRP C 24 34.39 58.07 -115.77
C TRP C 24 33.34 57.18 -115.11
N LEU C 25 33.38 55.87 -115.33
CA LEU C 25 32.42 54.96 -114.72
C LEU C 25 32.70 54.72 -113.25
N LEU C 26 33.96 54.81 -112.82
CA LEU C 26 34.31 54.55 -111.43
C LEU C 26 33.61 55.48 -110.43
N PRO C 27 33.61 56.81 -110.63
CA PRO C 27 32.86 57.66 -109.66
C PRO C 27 31.37 57.37 -109.64
N PHE C 28 30.78 56.96 -110.76
CA PHE C 28 29.36 56.60 -110.76
C PHE C 28 29.11 55.35 -109.90
N ILE C 29 29.99 54.35 -110.01
CA ILE C 29 29.86 53.16 -109.19
C ILE C 29 30.04 53.50 -107.71
N ALA C 30 31.02 54.35 -107.41
CA ALA C 30 31.20 54.78 -106.03
C ALA C 30 29.99 55.53 -105.51
N LEU C 31 29.38 56.38 -106.35
CA LEU C 31 28.21 57.14 -105.95
C LEU C 31 27.01 56.23 -105.69
N MET C 32 26.80 55.22 -106.54
CA MET C 32 25.67 54.32 -106.30
C MET C 32 25.91 53.43 -105.08
N ILE C 33 27.16 53.05 -104.82
CA ILE C 33 27.47 52.33 -103.58
C ILE C 33 27.18 53.21 -102.38
N ALA C 34 27.53 54.50 -102.46
CA ALA C 34 27.24 55.43 -101.38
C ALA C 34 25.73 55.61 -101.19
N SER C 35 24.97 55.62 -102.29
CA SER C 35 23.52 55.70 -102.19
C SER C 35 22.94 54.47 -101.51
N TRP C 36 23.46 53.29 -101.84
CA TRP C 36 23.04 52.07 -101.15
C TRP C 36 23.39 52.15 -99.67
N LEU C 37 24.55 52.72 -99.33
CA LEU C 37 24.92 52.87 -97.93
C LEU C 37 23.99 53.84 -97.22
N ILE C 38 23.56 54.91 -97.89
CA ILE C 38 22.60 55.84 -97.31
C ILE C 38 21.27 55.14 -97.05
N TRP C 39 20.83 54.32 -98.01
CA TRP C 39 19.60 53.54 -97.80
C TRP C 39 19.76 52.59 -96.62
N ASP C 40 20.91 51.93 -96.51
CA ASP C 40 21.14 51.00 -95.41
C ASP C 40 21.13 51.72 -94.06
N SER C 41 21.75 52.92 -94.01
CA SER C 41 21.73 53.69 -92.76
C SER C 41 20.33 54.15 -92.41
N TYR C 42 19.54 54.58 -93.40
CA TYR C 42 18.17 54.97 -93.14
C TYR C 42 17.30 53.79 -92.69
N GLN C 43 17.60 52.59 -93.16
CA GLN C 43 16.87 51.41 -92.69
C GLN C 43 17.30 51.02 -91.28
N ASP C 44 18.60 51.05 -91.00
CA ASP C 44 19.09 50.65 -89.68
C ASP C 44 18.64 51.62 -88.60
N ARG C 45 18.87 52.91 -88.81
CA ARG C 45 18.31 53.94 -87.92
C ARG C 45 16.94 54.37 -88.43
N GLY C 46 16.02 53.40 -88.40
CA GLY C 46 14.72 53.53 -89.02
C GLY C 46 13.89 54.71 -88.53
N ASN C 47 13.58 54.73 -87.24
CA ASN C 47 12.73 55.79 -86.70
C ASN C 47 13.04 56.00 -85.23
N THR C 48 12.83 57.24 -84.77
CA THR C 48 13.15 57.62 -83.40
C THR C 48 11.92 57.46 -82.52
N VAL C 49 12.10 56.78 -81.38
CA VAL C 49 11.04 56.49 -80.44
C VAL C 49 11.47 57.01 -79.07
N THR C 50 10.56 57.70 -78.38
CA THR C 50 10.88 58.33 -77.10
C THR C 50 10.28 57.54 -75.95
N ILE C 51 11.14 57.15 -75.00
CA ILE C 51 10.74 56.36 -73.84
C ILE C 51 11.07 57.13 -72.57
N ASP C 52 10.14 57.13 -71.62
CA ASP C 52 10.34 57.78 -70.33
C ASP C 52 10.83 56.74 -69.33
N PHE C 53 12.01 56.99 -68.77
CA PHE C 53 12.62 56.10 -67.78
C PHE C 53 12.64 56.78 -66.42
N MET C 54 12.41 56.00 -65.37
CA MET C 54 12.54 56.52 -64.01
C MET C 54 14.00 56.64 -63.60
N SER C 55 14.84 55.71 -64.06
CA SER C 55 16.27 55.74 -63.72
C SER C 55 17.02 54.96 -64.80
N ALA C 56 17.82 55.66 -65.60
CA ALA C 56 18.68 55.02 -66.61
C ALA C 56 20.05 54.80 -65.98
N ASP C 57 20.21 53.64 -65.36
CA ASP C 57 21.42 53.38 -64.56
C ASP C 57 22.66 53.30 -65.44
N GLY C 58 22.60 52.55 -66.54
CA GLY C 58 23.77 52.34 -67.35
C GLY C 58 23.54 52.43 -68.85
N ILE C 59 22.62 53.28 -69.28
CA ILE C 59 22.34 53.45 -70.70
C ILE C 59 23.38 54.38 -71.29
N VAL C 60 24.27 53.85 -72.12
CA VAL C 60 25.26 54.66 -72.82
C VAL C 60 24.58 55.33 -74.01
N PRO C 61 24.71 56.65 -74.17
CA PRO C 61 24.08 57.32 -75.32
C PRO C 61 24.62 56.86 -76.66
N GLY C 62 25.82 56.28 -76.71
CA GLY C 62 26.39 55.84 -77.95
C GLY C 62 25.99 54.43 -78.35
N ARG C 63 26.13 53.48 -77.43
CA ARG C 63 25.86 52.07 -77.72
C ARG C 63 25.05 51.46 -76.57
N THR C 64 23.79 51.18 -76.84
CA THR C 64 22.92 50.46 -75.92
C THR C 64 21.89 49.68 -76.72
N PRO C 65 22.02 48.35 -76.79
CA PRO C 65 21.11 47.57 -77.63
C PRO C 65 19.69 47.50 -77.05
N VAL C 66 18.73 47.42 -77.97
CA VAL C 66 17.33 47.17 -77.65
C VAL C 66 16.96 45.85 -78.31
N ARG C 67 16.74 44.83 -77.51
CA ARG C 67 16.60 43.46 -77.98
C ARG C 67 15.20 42.94 -77.75
N TYR C 68 14.71 42.15 -78.71
CA TYR C 68 13.52 41.34 -78.56
C TYR C 68 13.94 39.88 -78.54
N GLN C 69 13.74 39.21 -77.40
CA GLN C 69 14.20 37.84 -77.18
C GLN C 69 15.70 37.71 -77.39
N GLY C 70 16.44 38.76 -77.03
CA GLY C 70 17.88 38.77 -77.13
C GLY C 70 18.45 39.17 -78.48
N VAL C 71 17.61 39.43 -79.47
CA VAL C 71 18.07 39.79 -80.80
C VAL C 71 18.11 41.32 -80.91
N GLU C 72 19.30 41.87 -81.14
CA GLU C 72 19.47 43.31 -81.18
C GLU C 72 18.78 43.91 -82.38
N VAL C 73 17.89 44.87 -82.14
CA VAL C 73 17.16 45.56 -83.20
C VAL C 73 17.40 47.05 -83.10
N GLY C 74 17.00 47.65 -81.97
CA GLY C 74 17.13 49.08 -81.79
C GLY C 74 18.45 49.50 -81.19
N THR C 75 18.68 50.82 -81.19
CA THR C 75 19.90 51.39 -80.65
C THR C 75 19.60 52.76 -80.04
N VAL C 76 20.03 52.95 -78.79
CA VAL C 76 19.81 54.23 -78.12
C VAL C 76 20.67 55.31 -78.76
N GLN C 77 20.05 56.38 -79.22
CA GLN C 77 20.75 57.49 -79.86
C GLN C 77 20.84 58.73 -79.00
N ASP C 78 19.78 59.08 -78.25
CA ASP C 78 19.77 60.31 -77.49
C ASP C 78 19.28 60.07 -76.06
N ILE C 79 19.84 60.83 -75.13
CA ILE C 79 19.42 60.80 -73.72
C ILE C 79 19.28 62.24 -73.24
N SER C 80 18.15 62.55 -72.61
CA SER C 80 17.93 63.88 -72.04
C SER C 80 17.05 63.73 -70.80
N LEU C 81 16.85 64.85 -70.11
CA LEU C 81 16.01 64.90 -68.92
C LEU C 81 14.78 65.75 -69.20
N SER C 82 13.65 65.38 -68.60
CA SER C 82 12.41 66.15 -68.79
C SER C 82 12.37 67.30 -67.79
N ASP C 83 13.23 68.28 -68.04
CA ASP C 83 13.46 69.45 -67.18
C ASP C 83 13.45 69.08 -65.69
N ASP C 84 14.19 68.03 -65.36
CA ASP C 84 14.38 67.57 -63.98
C ASP C 84 13.05 67.26 -63.29
N LEU C 85 12.15 66.58 -64.00
CA LEU C 85 10.89 66.10 -63.44
C LEU C 85 10.94 64.60 -63.15
N ARG C 86 12.11 64.09 -62.76
CA ARG C 86 12.32 62.68 -62.41
C ARG C 86 12.00 61.74 -63.56
N LYS C 87 12.15 62.22 -64.79
CA LYS C 87 11.93 61.39 -65.97
C LYS C 87 13.04 61.63 -66.98
N ILE C 88 13.53 60.53 -67.56
CA ILE C 88 14.61 60.57 -68.54
C ILE C 88 14.01 60.23 -69.90
N GLU C 89 14.16 61.14 -70.85
CA GLU C 89 13.71 60.94 -72.22
C GLU C 89 14.81 60.24 -73.00
N VAL C 90 14.55 59.02 -73.44
CA VAL C 90 15.50 58.23 -74.20
C VAL C 90 14.97 58.09 -75.62
N LYS C 91 15.71 58.62 -76.58
CA LYS C 91 15.38 58.47 -77.99
C LYS C 91 16.18 57.31 -78.56
N VAL C 92 15.46 56.36 -79.17
CA VAL C 92 16.03 55.12 -79.68
C VAL C 92 15.67 54.99 -81.16
N SER C 93 16.67 54.68 -81.99
CA SER C 93 16.44 54.40 -83.40
C SER C 93 16.11 52.93 -83.56
N ILE C 94 14.98 52.65 -84.22
CA ILE C 94 14.48 51.29 -84.41
C ILE C 94 14.36 51.02 -85.91
N LYS C 95 14.75 49.81 -86.31
CA LYS C 95 14.75 49.43 -87.72
C LYS C 95 13.32 49.29 -88.25
N SER C 96 13.21 49.22 -89.58
CA SER C 96 11.90 49.18 -90.23
C SER C 96 11.20 47.85 -90.00
N ASP C 97 11.96 46.75 -89.86
CA ASP C 97 11.32 45.45 -89.66
C ASP C 97 10.59 45.40 -88.33
N MET C 98 11.06 46.14 -87.34
CA MET C 98 10.34 46.25 -86.07
C MET C 98 9.36 47.41 -86.09
N LYS C 99 9.62 48.44 -86.90
CA LYS C 99 8.67 49.55 -87.05
C LYS C 99 7.36 49.07 -87.66
N ASP C 100 7.43 48.08 -88.56
CA ASP C 100 6.21 47.57 -89.19
C ASP C 100 5.25 46.95 -88.20
N ALA C 101 5.73 46.49 -87.04
CA ALA C 101 4.88 45.93 -86.01
C ALA C 101 4.94 46.73 -84.71
N LEU C 102 5.58 47.89 -84.72
CA LEU C 102 5.61 48.76 -83.54
C LEU C 102 4.23 49.37 -83.34
N ARG C 103 3.55 48.97 -82.26
CA ARG C 103 2.16 49.32 -82.02
C ARG C 103 2.02 50.03 -80.68
N GLU C 104 0.78 50.33 -80.30
CA GLU C 104 0.53 51.07 -79.06
C GLU C 104 0.89 50.24 -77.84
N GLU C 105 0.56 48.96 -77.84
CA GLU C 105 0.87 48.09 -76.71
C GLU C 105 2.27 47.49 -76.85
N THR C 106 3.28 48.35 -76.89
CA THR C 106 4.68 47.92 -76.90
C THR C 106 5.32 48.30 -75.58
N GLN C 107 5.90 47.31 -74.90
CA GLN C 107 6.46 47.51 -73.57
C GLN C 107 7.97 47.44 -73.63
N PHE C 108 8.63 48.31 -72.86
CA PHE C 108 10.08 48.34 -72.74
C PHE C 108 10.46 48.24 -71.28
N TRP C 109 11.63 47.67 -71.02
CA TRP C 109 12.15 47.61 -69.66
C TRP C 109 13.68 47.62 -69.71
N LEU C 110 14.27 48.02 -68.60
CA LEU C 110 15.72 48.16 -68.51
C LEU C 110 16.30 46.94 -67.80
N VAL C 111 17.09 46.16 -68.53
CA VAL C 111 17.77 45.00 -67.97
C VAL C 111 19.16 45.44 -67.52
N THR C 112 19.40 45.31 -66.21
CA THR C 112 20.59 45.72 -65.48
C THR C 112 21.15 44.51 -64.74
N PRO C 113 22.45 44.55 -64.38
CA PRO C 113 23.07 43.42 -63.67
C PRO C 113 22.79 43.40 -62.16
N LYS C 114 21.47 43.56 -61.76
CA LYS C 114 21.06 43.52 -60.36
C LYS C 114 21.47 42.21 -59.71
N ALA C 115 22.08 42.31 -58.53
CA ALA C 115 22.56 41.14 -57.79
C ALA C 115 22.18 41.28 -56.31
N SER C 116 20.91 41.59 -56.05
CA SER C 116 20.45 41.78 -54.69
C SER C 116 20.33 40.44 -53.97
N LEU C 117 19.97 40.51 -52.68
CA LEU C 117 19.82 39.30 -51.88
C LEU C 117 18.65 38.44 -52.37
N ALA C 118 17.53 39.08 -52.72
CA ALA C 118 16.35 38.32 -53.13
C ALA C 118 16.56 37.65 -54.47
N GLY C 119 17.16 38.35 -55.42
CA GLY C 119 17.39 37.80 -56.75
C GLY C 119 18.76 38.15 -57.27
N VAL C 120 19.39 37.17 -57.91
CA VAL C 120 20.72 37.32 -58.48
C VAL C 120 20.69 37.16 -60.00
N SER C 121 19.51 37.25 -60.61
CA SER C 121 19.39 37.10 -62.04
C SER C 121 19.94 38.32 -62.76
N GLY C 122 20.40 38.12 -63.99
CA GLY C 122 20.95 39.20 -64.79
C GLY C 122 22.39 38.99 -65.17
N LEU C 123 22.79 37.71 -65.32
CA LEU C 123 24.17 37.41 -65.73
C LEU C 123 24.43 37.85 -67.17
N ASP C 124 23.43 37.71 -68.05
CA ASP C 124 23.59 38.21 -69.41
C ASP C 124 23.80 39.73 -69.41
N ALA C 125 23.04 40.44 -68.58
CA ALA C 125 23.24 41.88 -68.44
C ALA C 125 24.62 42.20 -67.87
N LEU C 126 25.09 41.41 -66.92
CA LEU C 126 26.44 41.62 -66.38
C LEU C 126 27.50 41.44 -67.45
N VAL C 127 27.34 40.42 -68.29
CA VAL C 127 28.33 40.15 -69.33
C VAL C 127 28.30 41.23 -70.41
N GLY C 128 27.11 41.59 -70.89
CA GLY C 128 27.00 42.47 -72.04
C GLY C 128 26.57 43.89 -71.74
N GLY C 129 26.69 44.32 -70.49
CA GLY C 129 26.25 45.65 -70.11
C GLY C 129 24.74 45.75 -70.04
N ASN C 130 24.26 46.91 -70.13
CA ASN C 130 22.85 47.22 -69.95
C ASN C 130 22.18 47.38 -71.30
N TYR C 131 20.96 46.83 -71.44
CA TYR C 131 20.26 46.93 -72.71
C TYR C 131 18.76 47.05 -72.45
N ILE C 132 17.98 47.09 -73.53
CA ILE C 132 16.55 47.34 -73.46
C ILE C 132 15.81 46.20 -74.13
N GLY C 133 15.00 45.48 -73.34
CA GLY C 133 14.15 44.45 -73.90
C GLY C 133 12.78 45.00 -74.28
N MET C 134 12.20 44.42 -75.34
CA MET C 134 10.93 44.91 -75.86
C MET C 134 9.97 43.75 -76.11
N MET C 135 8.67 44.07 -76.08
CA MET C 135 7.61 43.09 -76.32
C MET C 135 6.38 43.77 -76.93
N PRO C 136 5.96 43.39 -78.13
CA PRO C 136 4.78 43.99 -78.76
C PRO C 136 3.50 43.20 -78.46
N GLY C 137 2.38 43.86 -78.73
CA GLY C 137 1.07 43.24 -78.59
C GLY C 137 0.14 43.54 -79.75
N LYS C 138 -1.05 44.07 -79.46
CA LYS C 138 -2.08 44.31 -80.47
C LYS C 138 -2.70 45.69 -80.31
N GLY C 139 -1.85 46.72 -80.22
CA GLY C 139 -2.31 48.09 -80.18
C GLY C 139 -2.50 48.67 -81.56
N LYS C 140 -2.76 49.98 -81.60
CA LYS C 140 -2.94 50.70 -82.86
C LYS C 140 -1.67 51.39 -83.35
N GLU C 141 -1.16 52.36 -82.59
CA GLU C 141 0.01 53.13 -82.96
C GLU C 141 0.43 54.02 -81.80
N GLN C 142 1.73 54.16 -81.60
CA GLN C 142 2.28 55.09 -80.60
C GLN C 142 3.77 55.27 -80.88
N ASP C 143 4.26 56.49 -80.59
CA ASP C 143 5.67 56.81 -80.74
C ASP C 143 6.33 57.23 -79.43
N HIS C 144 5.55 57.38 -78.35
CA HIS C 144 6.05 57.83 -77.06
C HIS C 144 5.57 56.84 -76.00
N PHE C 145 6.49 56.06 -75.46
CA PHE C 145 6.18 55.03 -74.49
C PHE C 145 6.82 55.34 -73.13
N VAL C 146 6.39 54.61 -72.12
CA VAL C 146 6.94 54.70 -70.77
C VAL C 146 7.42 53.31 -70.37
N ALA C 147 8.68 53.22 -69.93
CA ALA C 147 9.27 51.94 -69.59
C ALA C 147 8.71 51.40 -68.28
N LEU C 148 8.61 50.08 -68.21
CA LEU C 148 8.15 49.39 -67.00
C LEU C 148 9.30 49.26 -66.00
N ASP C 149 8.94 48.94 -64.75
CA ASP C 149 9.94 48.82 -63.70
C ASP C 149 10.79 47.57 -63.89
N THR C 150 10.16 46.43 -64.16
CA THR C 150 10.84 45.15 -64.31
C THR C 150 10.35 44.46 -65.58
N GLN C 151 10.93 43.31 -65.88
CA GLN C 151 10.53 42.54 -67.05
C GLN C 151 9.22 41.82 -66.76
N PRO C 152 8.16 42.07 -67.52
CA PRO C 152 6.89 41.39 -67.27
C PRO C 152 6.88 39.99 -67.88
N LYS C 153 5.97 39.17 -67.35
CA LYS C 153 5.76 37.82 -67.87
C LYS C 153 4.99 37.91 -69.18
N TYR C 154 5.48 37.21 -70.20
CA TYR C 154 4.93 37.30 -71.54
C TYR C 154 4.42 35.98 -72.11
N ARG C 155 4.79 34.84 -71.53
CA ARG C 155 4.37 33.51 -71.97
C ARG C 155 4.85 33.20 -73.40
N LEU C 156 4.59 31.99 -73.87
CA LEU C 156 5.02 31.58 -75.21
C LEU C 156 3.94 30.92 -76.04
N ASP C 157 2.81 30.51 -75.45
CA ASP C 157 1.70 29.87 -76.16
C ASP C 157 2.16 28.63 -76.92
N ASN C 158 2.93 27.78 -76.23
CA ASN C 158 3.43 26.54 -76.81
C ASN C 158 2.54 25.35 -76.52
N GLY C 159 1.24 25.57 -76.35
CA GLY C 159 0.32 24.50 -76.01
C GLY C 159 0.30 24.14 -74.54
N ASP C 160 0.95 24.92 -73.69
CA ASP C 160 0.97 24.65 -72.26
C ASP C 160 -0.39 24.94 -71.64
N LEU C 161 -0.64 24.34 -70.48
CA LEU C 161 -1.92 24.45 -69.80
C LEU C 161 -1.78 25.41 -68.62
N MET C 162 -2.60 26.46 -68.62
CA MET C 162 -2.61 27.44 -67.54
C MET C 162 -3.80 27.19 -66.63
N ILE C 163 -3.55 27.03 -65.34
CA ILE C 163 -4.61 26.80 -64.38
C ILE C 163 -4.40 27.72 -63.16
N HIS C 164 -5.48 27.87 -62.39
CA HIS C 164 -5.50 28.76 -61.24
C HIS C 164 -5.73 27.95 -59.97
N LEU C 165 -5.05 28.34 -58.89
CA LEU C 165 -5.21 27.72 -57.59
C LEU C 165 -5.58 28.79 -56.57
N GLN C 166 -6.64 28.55 -55.80
CA GLN C 166 -7.11 29.48 -54.79
C GLN C 166 -6.58 29.05 -53.43
N ALA C 167 -5.95 29.98 -52.71
CA ALA C 167 -5.34 29.69 -51.43
C ALA C 167 -5.69 30.79 -50.43
N PRO C 168 -5.71 30.47 -49.14
CA PRO C 168 -5.84 31.54 -48.13
C PRO C 168 -4.67 32.51 -48.15
N ASP C 169 -3.46 32.03 -48.47
CA ASP C 169 -2.29 32.89 -48.55
C ASP C 169 -1.32 32.29 -49.56
N LEU C 170 -0.40 33.14 -50.05
CA LEU C 170 0.58 32.70 -51.02
C LEU C 170 1.54 31.68 -50.40
N GLY C 171 1.95 31.89 -49.15
CA GLY C 171 2.92 31.01 -48.54
C GLY C 171 4.33 31.30 -49.02
N SER C 172 5.18 30.28 -48.89
CA SER C 172 6.56 30.37 -49.33
C SER C 172 6.70 30.30 -50.85
N LEU C 173 5.62 29.98 -51.56
CA LEU C 173 5.68 29.86 -53.01
C LEU C 173 6.00 31.21 -53.65
N ASN C 174 6.92 31.20 -54.61
CA ASN C 174 7.31 32.38 -55.36
C ASN C 174 7.26 32.06 -56.85
N SER C 175 7.56 33.06 -57.66
CA SER C 175 7.60 32.87 -59.11
C SER C 175 8.75 31.93 -59.46
N GLY C 176 8.47 30.97 -60.33
CA GLY C 176 9.45 29.98 -60.75
C GLY C 176 9.48 28.72 -59.92
N SER C 177 8.70 28.64 -58.84
CA SER C 177 8.64 27.42 -58.04
C SER C 177 8.00 26.30 -58.85
N LEU C 178 8.52 25.09 -58.67
CA LEU C 178 8.19 23.97 -59.54
C LEU C 178 6.89 23.28 -59.12
N VAL C 179 6.33 22.54 -60.07
CA VAL C 179 5.13 21.73 -59.88
C VAL C 179 5.48 20.28 -60.20
N TYR C 180 5.08 19.37 -59.31
CA TYR C 180 5.52 17.98 -59.37
C TYR C 180 4.35 17.03 -59.51
N PHE C 181 4.57 15.97 -60.29
CA PHE C 181 3.71 14.79 -60.32
C PHE C 181 4.63 13.58 -60.15
N ARG C 182 4.40 12.82 -59.08
CA ARG C 182 5.31 11.75 -58.67
C ARG C 182 6.73 12.29 -58.47
N LYS C 183 6.81 13.51 -57.93
CA LYS C 183 8.09 14.22 -57.70
C LYS C 183 8.88 14.37 -58.99
N ILE C 184 8.20 14.69 -60.08
CA ILE C 184 8.82 14.96 -61.36
C ILE C 184 8.41 16.36 -61.79
N PRO C 185 9.35 17.25 -62.12
CA PRO C 185 9.00 18.62 -62.51
C PRO C 185 8.27 18.63 -63.84
N VAL C 186 7.00 19.06 -63.81
CA VAL C 186 6.14 19.10 -64.99
C VAL C 186 5.55 20.49 -65.22
N GLY C 187 5.97 21.48 -64.44
CA GLY C 187 5.42 22.81 -64.59
C GLY C 187 6.03 23.77 -63.59
N LYS C 188 5.51 24.99 -63.60
CA LYS C 188 6.02 26.03 -62.70
C LYS C 188 4.96 27.10 -62.49
N VAL C 189 5.12 27.86 -61.41
CA VAL C 189 4.20 28.94 -61.08
C VAL C 189 4.47 30.11 -62.01
N TYR C 190 3.51 30.40 -62.89
CA TYR C 190 3.66 31.52 -63.82
C TYR C 190 3.51 32.86 -63.11
N ASP C 191 2.51 33.00 -62.24
CA ASP C 191 2.25 34.28 -61.59
C ASP C 191 1.41 34.06 -60.35
N TYR C 192 1.22 35.14 -59.58
CA TYR C 192 0.35 35.12 -58.42
C TYR C 192 -0.26 36.50 -58.24
N ALA C 193 -1.45 36.54 -57.66
CA ALA C 193 -2.17 37.79 -57.44
C ALA C 193 -3.19 37.59 -56.33
N ILE C 194 -3.82 38.69 -55.93
CA ILE C 194 -4.84 38.68 -54.90
C ILE C 194 -6.21 38.79 -55.55
N ASN C 195 -7.21 38.13 -54.98
CA ASN C 195 -8.57 38.23 -55.48
C ASN C 195 -9.12 39.64 -55.24
N PRO C 196 -10.16 40.04 -55.98
CA PRO C 196 -10.83 41.30 -55.65
C PRO C 196 -11.32 41.34 -54.21
N ASN C 197 -11.80 40.20 -53.70
CA ASN C 197 -11.97 40.06 -52.26
C ASN C 197 -10.60 39.81 -51.62
N LYS C 198 -10.32 40.51 -50.52
CA LYS C 198 -8.99 40.48 -49.94
C LYS C 198 -8.67 39.17 -49.23
N GLN C 199 -9.62 38.24 -49.15
CA GLN C 199 -9.39 37.02 -48.39
C GLN C 199 -8.47 36.05 -49.12
N GLY C 200 -8.59 35.97 -50.44
CA GLY C 200 -7.91 34.91 -51.17
C GLY C 200 -6.81 35.30 -52.13
N VAL C 201 -5.93 34.35 -52.42
CA VAL C 201 -4.81 34.54 -53.34
C VAL C 201 -4.95 33.53 -54.48
N VAL C 202 -4.90 34.02 -55.71
CA VAL C 202 -4.96 33.18 -56.90
C VAL C 202 -3.55 33.03 -57.45
N ILE C 203 -3.09 31.79 -57.52
CA ILE C 203 -1.77 31.45 -58.06
C ILE C 203 -1.99 30.82 -59.43
N ASP C 204 -1.50 31.48 -60.48
CA ASP C 204 -1.57 30.95 -61.82
C ASP C 204 -0.33 30.11 -62.08
N VAL C 205 -0.55 28.83 -62.36
CA VAL C 205 0.55 27.91 -62.64
C VAL C 205 0.40 27.38 -64.06
N LEU C 206 1.51 26.93 -64.63
CA LEU C 206 1.59 26.49 -66.01
C LEU C 206 2.21 25.11 -66.05
N ILE C 207 1.55 24.19 -66.78
CA ILE C 207 2.00 22.82 -66.95
C ILE C 207 2.42 22.64 -68.41
N GLU C 208 3.54 21.95 -68.62
CA GLU C 208 4.12 21.81 -69.95
C GLU C 208 3.17 21.09 -70.90
N ARG C 209 3.48 21.19 -72.20
CA ARG C 209 2.63 20.61 -73.23
C ARG C 209 2.57 19.09 -73.13
N ARG C 210 3.69 18.46 -72.76
CA ARG C 210 3.72 17.00 -72.67
C ARG C 210 2.80 16.49 -71.58
N PHE C 211 2.72 17.22 -70.46
CA PHE C 211 1.97 16.78 -69.29
C PHE C 211 0.61 17.46 -69.17
N THR C 212 0.03 17.90 -70.29
CA THR C 212 -1.29 18.52 -70.26
C THR C 212 -2.37 17.52 -69.84
N ASP C 213 -2.26 16.28 -70.32
CA ASP C 213 -3.25 15.26 -69.99
C ASP C 213 -3.13 14.76 -68.56
N LEU C 214 -2.04 15.09 -67.86
CA LEU C 214 -1.91 14.67 -66.47
C LEU C 214 -2.93 15.35 -65.57
N VAL C 215 -3.21 16.63 -65.82
CA VAL C 215 -4.14 17.38 -64.99
C VAL C 215 -5.56 16.96 -65.31
N LYS C 216 -6.32 16.61 -64.28
CA LYS C 216 -7.71 16.18 -64.41
C LYS C 216 -8.60 17.10 -63.59
N LYS C 217 -9.92 16.90 -63.73
CA LYS C 217 -10.88 17.66 -62.95
C LYS C 217 -10.76 17.35 -61.46
N GLY C 218 -10.53 16.08 -61.12
CA GLY C 218 -10.42 15.64 -59.76
C GLY C 218 -9.02 15.68 -59.18
N SER C 219 -8.06 16.28 -59.88
CA SER C 219 -6.69 16.35 -59.39
C SER C 219 -6.62 17.23 -58.14
N ARG C 220 -5.75 16.83 -57.21
CA ARG C 220 -5.62 17.52 -55.93
C ARG C 220 -4.21 18.09 -55.80
N PHE C 221 -4.12 19.35 -55.40
CA PHE C 221 -2.87 20.08 -55.29
C PHE C 221 -2.55 20.35 -53.82
N TRP C 222 -1.27 20.22 -53.47
CA TRP C 222 -0.80 20.57 -52.13
C TRP C 222 0.55 21.27 -52.25
N ASN C 223 0.92 21.96 -51.18
CA ASN C 223 2.12 22.79 -51.14
C ASN C 223 3.18 22.10 -50.28
N VAL C 224 4.38 21.96 -50.85
CA VAL C 224 5.55 21.46 -50.12
C VAL C 224 6.56 22.60 -50.10
N SER C 225 6.66 23.27 -48.96
CA SER C 225 7.51 24.44 -48.85
C SER C 225 8.27 24.42 -47.53
N GLY C 226 9.53 24.81 -47.58
CA GLY C 226 10.36 24.86 -46.38
C GLY C 226 10.72 23.48 -45.87
N VAL C 227 11.20 23.46 -44.63
CA VAL C 227 11.57 22.25 -43.93
C VAL C 227 10.85 22.22 -42.59
N ASP C 228 10.17 21.12 -42.30
CA ASP C 228 9.47 20.94 -41.04
C ASP C 228 9.97 19.68 -40.35
N ALA C 229 10.18 19.77 -39.05
CA ALA C 229 10.64 18.64 -38.24
C ALA C 229 9.55 18.28 -37.24
N ASN C 230 9.14 17.02 -37.25
CA ASN C 230 8.09 16.52 -36.38
C ASN C 230 8.67 15.51 -35.40
N VAL C 231 8.37 15.69 -34.12
CA VAL C 231 8.83 14.79 -33.07
C VAL C 231 7.68 13.85 -32.73
N SER C 232 7.90 12.56 -32.96
CA SER C 232 6.88 11.53 -32.70
C SER C 232 7.19 10.80 -31.41
N ILE C 233 6.13 10.31 -30.77
CA ILE C 233 6.29 9.59 -29.50
C ILE C 233 6.93 8.23 -29.76
N SER C 234 7.73 7.78 -28.78
CA SER C 234 8.45 6.51 -28.85
C SER C 234 9.33 6.44 -30.10
N GLY C 235 10.04 7.53 -30.39
CA GLY C 235 10.90 7.59 -31.55
C GLY C 235 10.50 8.69 -32.52
N ALA C 236 11.41 9.62 -32.77
CA ALA C 236 11.16 10.75 -33.66
C ALA C 236 12.08 10.65 -34.87
N LYS C 237 11.50 10.83 -36.06
CA LYS C 237 12.24 10.77 -37.30
C LYS C 237 12.00 12.05 -38.09
N VAL C 238 13.08 12.68 -38.55
CA VAL C 238 13.02 13.87 -39.39
C VAL C 238 13.73 13.55 -40.69
N LYS C 239 13.03 13.70 -41.80
CA LYS C 239 13.56 13.35 -43.11
C LYS C 239 13.49 14.56 -44.04
N LEU C 240 14.58 14.79 -44.77
CA LEU C 240 14.65 15.84 -45.77
C LEU C 240 14.86 15.21 -47.14
N GLU C 241 14.02 15.58 -48.09
CA GLU C 241 14.06 15.00 -49.43
C GLU C 241 14.36 16.03 -50.51
N SER C 242 13.67 17.15 -50.52
CA SER C 242 13.81 18.16 -51.57
C SER C 242 14.46 19.41 -50.99
N LEU C 243 15.53 19.87 -51.65
CA LEU C 243 16.18 21.12 -51.27
C LEU C 243 15.64 22.31 -52.03
N ALA C 244 15.17 22.11 -53.26
CA ALA C 244 14.53 23.18 -54.01
C ALA C 244 13.27 23.65 -53.30
N ALA C 245 12.47 22.71 -52.77
CA ALA C 245 11.29 23.08 -52.00
C ALA C 245 11.67 23.72 -50.68
N LEU C 246 12.82 23.35 -50.12
CA LEU C 246 13.29 24.02 -48.90
C LEU C 246 13.65 25.47 -49.17
N VAL C 247 14.36 25.73 -50.27
CA VAL C 247 14.84 27.07 -50.59
C VAL C 247 13.70 27.97 -51.07
N ASN C 248 12.87 27.48 -52.00
CA ASN C 248 11.88 28.32 -52.64
C ASN C 248 10.45 27.80 -52.52
N GLY C 249 10.24 26.51 -52.27
CA GLY C 249 8.92 25.93 -52.22
C GLY C 249 8.51 25.32 -53.55
N ALA C 250 7.46 24.49 -53.49
CA ALA C 250 6.96 23.84 -54.69
C ALA C 250 5.53 23.40 -54.46
N ILE C 251 4.85 23.07 -55.55
CA ILE C 251 3.51 22.52 -55.52
C ILE C 251 3.57 21.11 -56.09
N ALA C 252 2.80 20.20 -55.50
CA ALA C 252 2.69 18.85 -56.02
C ALA C 252 1.22 18.52 -56.24
N PHE C 253 0.94 17.63 -57.19
CA PHE C 253 -0.45 17.28 -57.45
C PHE C 253 -0.58 15.79 -57.72
N ASP C 254 -1.74 15.26 -57.34
CA ASP C 254 -2.11 13.86 -57.56
C ASP C 254 -3.30 13.82 -58.51
N SER C 255 -3.22 12.95 -59.52
CA SER C 255 -4.23 12.84 -60.56
C SER C 255 -5.03 11.56 -60.37
N PRO C 256 -6.35 11.63 -60.27
CA PRO C 256 -7.16 10.41 -60.17
C PRO C 256 -7.13 9.61 -61.46
N GLU C 257 -7.36 8.30 -61.32
CA GLU C 257 -7.27 7.41 -62.48
C GLU C 257 -8.41 7.64 -63.47
N GLU C 258 -9.62 7.86 -62.98
CA GLU C 258 -10.80 7.97 -63.82
C GLU C 258 -11.41 9.36 -63.63
N SER C 259 -10.96 10.32 -64.44
CA SER C 259 -11.52 11.67 -64.43
C SER C 259 -11.28 12.31 -65.79
N LYS C 260 -12.16 13.24 -66.16
CA LYS C 260 -12.00 13.97 -67.39
C LYS C 260 -10.86 14.97 -67.27
N PRO C 261 -10.14 15.25 -68.36
CA PRO C 261 -9.05 16.23 -68.31
C PRO C 261 -9.58 17.64 -68.07
N ALA C 262 -8.77 18.44 -67.39
CA ALA C 262 -9.10 19.83 -67.09
C ALA C 262 -8.38 20.76 -68.06
N GLU C 263 -9.05 21.86 -68.39
CA GLU C 263 -8.52 22.81 -69.36
C GLU C 263 -9.20 24.16 -69.17
N ALA C 264 -8.65 25.17 -69.86
CA ALA C 264 -9.22 26.52 -69.92
C ALA C 264 -9.35 27.16 -68.53
N GLU C 265 -8.19 27.32 -67.89
CA GLU C 265 -8.06 28.04 -66.62
C GLU C 265 -8.98 27.44 -65.54
N ASP C 266 -9.00 26.12 -65.45
CA ASP C 266 -9.79 25.44 -64.44
C ASP C 266 -9.22 25.73 -63.05
N THR C 267 -10.11 26.06 -62.12
CA THR C 267 -9.72 26.41 -60.76
C THR C 267 -9.59 25.16 -59.89
N PHE C 268 -8.68 25.23 -58.92
CA PHE C 268 -8.44 24.13 -58.00
C PHE C 268 -8.15 24.71 -56.61
N GLY C 269 -8.30 23.86 -55.60
CA GLY C 269 -8.03 24.24 -54.23
C GLY C 269 -6.65 23.76 -53.81
N LEU C 270 -5.84 24.70 -53.31
CA LEU C 270 -4.47 24.41 -52.89
C LEU C 270 -4.48 24.05 -51.42
N TYR C 271 -4.40 22.76 -51.12
CA TYR C 271 -4.31 22.30 -49.74
C TYR C 271 -2.93 22.60 -49.17
N GLU C 272 -2.88 22.80 -47.85
CA GLU C 272 -1.64 23.18 -47.20
C GLU C 272 -0.72 22.00 -46.93
N ASP C 273 -1.20 20.77 -47.04
CA ASP C 273 -0.38 19.60 -46.75
C ASP C 273 -0.96 18.39 -47.45
N LEU C 274 -0.13 17.36 -47.58
CA LEU C 274 -0.59 16.10 -48.18
C LEU C 274 -1.66 15.45 -47.32
N ALA C 275 -1.52 15.51 -46.00
CA ALA C 275 -2.54 14.96 -45.11
C ALA C 275 -3.86 15.68 -45.28
N HIS C 276 -3.82 17.01 -45.43
CA HIS C 276 -5.04 17.76 -45.70
C HIS C 276 -5.61 17.47 -47.08
N SER C 277 -4.76 17.16 -48.06
CA SER C 277 -5.22 16.83 -49.40
C SER C 277 -5.60 15.35 -49.55
N GLN C 278 -5.45 14.55 -48.51
CA GLN C 278 -5.86 13.15 -48.56
C GLN C 278 -7.38 13.05 -48.79
N ARG C 279 -7.76 12.17 -49.70
CA ARG C 279 -9.17 11.98 -50.03
C ARG C 279 -9.88 11.24 -48.91
N GLY C 280 -11.15 11.57 -48.70
CA GLY C 280 -11.92 10.91 -47.68
C GLY C 280 -13.36 11.37 -47.69
N VAL C 281 -14.10 10.95 -46.67
CA VAL C 281 -15.51 11.26 -46.51
C VAL C 281 -15.68 12.04 -45.21
N ILE C 282 -16.43 13.14 -45.27
CA ILE C 282 -16.64 14.00 -44.11
C ILE C 282 -17.77 13.43 -43.26
N ILE C 283 -17.53 13.31 -41.96
CA ILE C 283 -18.52 12.85 -41.00
C ILE C 283 -18.65 13.90 -39.91
N LYS C 284 -19.88 14.29 -39.61
CA LYS C 284 -20.15 15.28 -38.57
C LYS C 284 -20.34 14.59 -37.24
N LEU C 285 -19.68 15.11 -36.20
CA LEU C 285 -19.70 14.53 -34.86
C LEU C 285 -20.20 15.58 -33.88
N GLU C 286 -21.14 15.19 -33.02
CA GLU C 286 -21.66 16.06 -31.96
C GLU C 286 -20.93 15.67 -30.68
N LEU C 287 -19.75 16.26 -30.49
CA LEU C 287 -18.90 15.89 -29.37
C LEU C 287 -19.44 16.46 -28.08
N PRO C 288 -19.25 15.76 -26.96
CA PRO C 288 -19.63 16.35 -25.66
C PRO C 288 -18.72 17.49 -25.24
N SER C 289 -17.41 17.33 -25.40
CA SER C 289 -16.45 18.38 -25.08
C SER C 289 -15.15 18.11 -25.84
N GLY C 290 -14.35 19.16 -25.98
CA GLY C 290 -13.08 19.03 -26.65
C GLY C 290 -11.89 19.17 -25.71
N ALA C 291 -12.00 18.56 -24.53
CA ALA C 291 -10.96 18.71 -23.51
C ALA C 291 -9.63 18.10 -23.97
N GLY C 292 -9.67 16.93 -24.61
CA GLY C 292 -8.47 16.28 -25.05
C GLY C 292 -8.45 15.94 -26.53
N LEU C 293 -9.18 16.73 -27.32
CA LEU C 293 -9.28 16.52 -28.76
C LEU C 293 -8.53 17.62 -29.49
N THR C 294 -7.66 17.23 -30.41
CA THR C 294 -6.85 18.16 -31.17
C THR C 294 -7.14 17.97 -32.66
N ALA C 295 -7.32 19.09 -33.37
CA ALA C 295 -7.57 19.04 -34.80
C ALA C 295 -6.35 18.48 -35.54
N ASP C 296 -6.62 17.62 -36.52
CA ASP C 296 -5.61 16.96 -37.33
C ASP C 296 -4.63 16.13 -36.51
N SER C 297 -5.03 15.74 -35.30
CA SER C 297 -4.18 14.90 -34.45
C SER C 297 -4.90 13.75 -33.76
N THR C 298 -6.23 13.73 -33.73
CA THR C 298 -6.96 12.65 -33.05
C THR C 298 -7.43 11.64 -34.07
N PRO C 299 -6.96 10.39 -34.00
CA PRO C 299 -7.35 9.39 -34.99
C PRO C 299 -8.64 8.65 -34.60
N LEU C 300 -9.15 7.87 -35.54
CA LEU C 300 -10.30 6.99 -35.33
C LEU C 300 -9.80 5.55 -35.49
N MET C 301 -9.63 4.85 -34.37
CA MET C 301 -9.07 3.51 -34.37
C MET C 301 -10.20 2.48 -34.48
N TYR C 302 -10.14 1.64 -35.50
CA TYR C 302 -11.03 0.49 -35.64
C TYR C 302 -10.18 -0.76 -35.76
N GLN C 303 -10.42 -1.73 -34.87
CA GLN C 303 -9.62 -2.95 -34.77
C GLN C 303 -8.15 -2.63 -34.54
N GLY C 304 -7.86 -1.52 -33.86
CA GLY C 304 -6.51 -1.12 -33.56
C GLY C 304 -5.80 -0.35 -34.67
N LEU C 305 -6.44 -0.17 -35.82
CA LEU C 305 -5.81 0.50 -36.96
C LEU C 305 -6.51 1.83 -37.24
N GLU C 306 -5.72 2.84 -37.58
CA GLU C 306 -6.26 4.18 -37.82
C GLU C 306 -6.96 4.22 -39.18
N VAL C 307 -8.26 4.48 -39.15
CA VAL C 307 -9.07 4.58 -40.37
C VAL C 307 -9.71 5.94 -40.53
N GLY C 308 -9.54 6.85 -39.58
CA GLY C 308 -10.14 8.17 -39.65
C GLY C 308 -9.28 9.19 -38.96
N GLN C 309 -9.65 10.46 -39.14
CA GLN C 309 -8.87 11.56 -38.55
C GLN C 309 -9.81 12.74 -38.34
N LEU C 310 -9.96 13.17 -37.08
CA LEU C 310 -10.76 14.34 -36.76
C LEU C 310 -10.03 15.58 -37.23
N THR C 311 -10.54 16.22 -38.29
CA THR C 311 -9.84 17.34 -38.91
C THR C 311 -10.36 18.70 -38.50
N LYS C 312 -11.66 18.82 -38.18
CA LYS C 312 -12.23 20.12 -37.85
C LYS C 312 -12.89 20.06 -36.48
N LEU C 313 -12.73 21.13 -35.71
CA LEU C 313 -13.27 21.21 -34.35
C LEU C 313 -13.76 22.63 -34.11
N ASP C 314 -15.05 22.78 -33.80
CA ASP C 314 -15.68 24.09 -33.65
C ASP C 314 -16.52 24.12 -32.38
N LEU C 315 -16.78 25.35 -31.91
CA LEU C 315 -17.61 25.60 -30.73
C LEU C 315 -18.77 26.48 -31.18
N ASN C 316 -19.88 25.85 -31.57
CA ASN C 316 -21.08 26.58 -31.92
C ASN C 316 -21.68 27.23 -30.68
N PRO C 317 -22.34 28.40 -30.84
CA PRO C 317 -22.85 29.13 -29.68
C PRO C 317 -23.88 28.32 -28.91
N GLY C 318 -23.96 28.59 -27.61
CA GLY C 318 -24.64 27.72 -26.68
C GLY C 318 -23.76 26.66 -26.07
N GLY C 319 -22.45 26.76 -26.25
CA GLY C 319 -21.52 25.77 -25.74
C GLY C 319 -21.65 24.41 -26.40
N LYS C 320 -21.80 24.38 -27.72
CA LYS C 320 -21.99 23.13 -28.45
C LYS C 320 -20.70 22.78 -29.18
N VAL C 321 -19.97 21.79 -28.66
CA VAL C 321 -18.73 21.36 -29.29
C VAL C 321 -19.05 20.39 -30.41
N THR C 322 -18.69 20.76 -31.65
CA THR C 322 -18.94 19.93 -32.81
C THR C 322 -17.63 19.69 -33.55
N GLY C 323 -17.64 18.69 -34.42
CA GLY C 323 -16.43 18.38 -35.18
C GLY C 323 -16.74 17.71 -36.50
N GLU C 324 -15.72 17.67 -37.33
CA GLU C 324 -15.76 17.00 -38.63
C GLU C 324 -14.55 16.08 -38.75
N MET C 325 -14.78 14.87 -39.22
CA MET C 325 -13.75 13.83 -39.30
C MET C 325 -13.71 13.26 -40.71
N THR C 326 -12.50 13.13 -41.26
CA THR C 326 -12.32 12.51 -42.56
C THR C 326 -12.05 11.01 -42.37
N VAL C 327 -12.85 10.19 -43.05
CA VAL C 327 -12.71 8.74 -42.97
C VAL C 327 -12.33 8.21 -44.35
N ASP C 328 -11.43 7.22 -44.36
CA ASP C 328 -10.99 6.64 -45.61
C ASP C 328 -12.11 5.82 -46.25
N PRO C 329 -12.09 5.65 -47.58
CA PRO C 329 -13.23 5.00 -48.25
C PRO C 329 -13.48 3.56 -47.86
N SER C 330 -12.52 2.88 -47.22
CA SER C 330 -12.70 1.47 -46.91
C SER C 330 -13.78 1.24 -45.87
N VAL C 331 -13.91 2.15 -44.90
CA VAL C 331 -14.83 1.97 -43.79
C VAL C 331 -16.11 2.76 -43.96
N VAL C 332 -16.41 3.24 -45.17
CA VAL C 332 -17.65 3.97 -45.40
C VAL C 332 -18.85 3.05 -45.24
N THR C 333 -18.74 1.81 -45.74
CA THR C 333 -19.83 0.86 -45.61
C THR C 333 -20.09 0.46 -44.17
N LEU C 334 -19.14 0.68 -43.27
CA LEU C 334 -19.30 0.38 -41.85
C LEU C 334 -20.02 1.50 -41.10
N LEU C 335 -20.30 2.62 -41.75
CA LEU C 335 -20.98 3.76 -41.13
C LEU C 335 -22.47 3.66 -41.48
N ARG C 336 -23.23 2.99 -40.62
CA ARG C 336 -24.66 2.80 -40.83
C ARG C 336 -25.45 3.23 -39.60
N GLU C 337 -26.73 2.87 -39.55
CA GLU C 337 -27.55 3.18 -38.40
C GLU C 337 -27.06 2.40 -37.18
N ASN C 338 -27.43 2.92 -35.99
CA ASN C 338 -27.00 2.45 -34.67
C ASN C 338 -25.51 2.08 -34.63
N THR C 339 -24.69 2.92 -35.25
CA THR C 339 -23.23 2.78 -35.20
C THR C 339 -22.70 3.79 -34.19
N ARG C 340 -21.96 3.30 -33.20
CA ARG C 340 -21.50 4.12 -32.09
C ARG C 340 -20.04 4.51 -32.31
N ILE C 341 -19.79 5.82 -32.31
CA ILE C 341 -18.43 6.36 -32.36
C ILE C 341 -18.21 7.05 -31.02
N GLU C 342 -17.50 6.37 -30.12
CA GLU C 342 -17.27 6.85 -28.77
C GLU C 342 -15.81 7.23 -28.58
N LEU C 343 -15.53 7.87 -27.45
CA LEU C 343 -14.18 8.30 -27.11
C LEU C 343 -13.61 7.41 -26.01
N ARG C 344 -12.35 7.01 -26.18
CA ARG C 344 -11.67 6.12 -25.24
C ARG C 344 -10.62 6.93 -24.48
N ASN C 345 -10.76 6.97 -23.16
CA ASN C 345 -9.76 7.63 -22.34
C ASN C 345 -8.51 6.78 -22.24
N PRO C 346 -7.33 7.41 -22.17
CA PRO C 346 -6.09 6.63 -22.04
C PRO C 346 -5.95 6.02 -20.66
N LYS C 347 -6.10 4.71 -20.56
CA LYS C 347 -6.03 4.00 -19.30
C LYS C 347 -4.66 3.34 -19.14
N LEU C 348 -4.23 3.24 -17.89
CA LEU C 348 -2.95 2.63 -17.54
C LEU C 348 -3.18 1.24 -16.95
N SER C 349 -2.54 0.23 -17.53
CA SER C 349 -2.64 -1.14 -17.07
C SER C 349 -1.30 -1.58 -16.52
N LEU C 350 -1.29 -2.06 -15.27
CA LEU C 350 -0.06 -2.50 -14.65
C LEU C 350 0.48 -3.77 -15.31
N SER C 351 -0.42 -4.69 -15.68
CA SER C 351 0.02 -5.94 -16.30
C SER C 351 0.56 -5.69 -17.71
N ASP C 352 -0.13 -4.88 -18.50
CA ASP C 352 0.26 -4.58 -19.88
C ASP C 352 0.32 -3.07 -20.03
N ALA C 353 1.48 -2.49 -19.74
CA ALA C 353 1.66 -1.05 -19.87
C ALA C 353 1.76 -0.66 -21.34
N ASN C 354 1.01 0.38 -21.72
CA ASN C 354 0.98 0.88 -23.09
C ASN C 354 1.38 2.35 -23.06
N LEU C 355 2.69 2.61 -23.16
CA LEU C 355 3.17 3.98 -23.13
C LEU C 355 2.71 4.78 -24.35
N SER C 356 2.66 4.13 -25.52
CA SER C 356 2.17 4.81 -26.71
C SER C 356 0.70 5.20 -26.57
N ALA C 357 -0.12 4.29 -26.04
CA ALA C 357 -1.52 4.60 -25.81
C ALA C 357 -1.70 5.68 -24.75
N LEU C 358 -0.83 5.68 -23.73
CA LEU C 358 -0.89 6.74 -22.72
C LEU C 358 -0.53 8.10 -23.33
N LEU C 359 0.48 8.13 -24.22
CA LEU C 359 0.93 9.39 -24.80
C LEU C 359 -0.03 9.91 -25.86
N THR C 360 -0.71 9.03 -26.59
CA THR C 360 -1.64 9.49 -27.61
C THR C 360 -2.83 10.25 -27.00
N GLY C 361 -3.35 9.76 -25.88
CA GLY C 361 -4.43 10.44 -25.20
C GLY C 361 -5.80 10.01 -25.65
N LYS C 362 -6.68 10.96 -25.92
CA LYS C 362 -8.02 10.66 -26.40
C LYS C 362 -7.96 10.02 -27.78
N THR C 363 -8.83 9.03 -27.99
CA THR C 363 -8.84 8.29 -29.26
C THR C 363 -10.24 7.78 -29.51
N PHE C 364 -10.81 8.14 -30.66
CA PHE C 364 -12.13 7.66 -31.03
C PHE C 364 -12.08 6.19 -31.41
N GLU C 365 -13.17 5.48 -31.13
CA GLU C 365 -13.30 4.06 -31.44
C GLU C 365 -14.56 3.85 -32.28
N LEU C 366 -14.45 3.03 -33.31
CA LEU C 366 -15.55 2.76 -34.23
C LEU C 366 -16.16 1.41 -33.91
N VAL C 367 -17.46 1.39 -33.63
CA VAL C 367 -18.22 0.18 -33.38
C VAL C 367 -19.28 0.06 -34.47
N PRO C 368 -19.04 -0.76 -35.50
CA PRO C 368 -19.96 -0.81 -36.63
C PRO C 368 -21.32 -1.39 -36.26
N GLY C 369 -22.34 -0.96 -37.01
CA GLY C 369 -23.68 -1.47 -36.84
C GLY C 369 -24.32 -1.85 -38.17
N ASP C 370 -25.64 -1.87 -38.22
CA ASP C 370 -26.36 -2.21 -39.44
C ASP C 370 -27.53 -1.25 -39.63
N GLY C 371 -27.92 -1.06 -40.89
CA GLY C 371 -29.04 -0.21 -41.22
C GLY C 371 -28.68 0.72 -42.36
N GLU C 372 -29.51 1.75 -42.52
CA GLU C 372 -29.26 2.74 -43.56
C GLU C 372 -28.00 3.54 -43.25
N PRO C 373 -27.12 3.74 -44.23
CA PRO C 373 -25.90 4.52 -43.97
C PRO C 373 -26.22 5.96 -43.59
N ARG C 374 -25.42 6.48 -42.66
CA ARG C 374 -25.60 7.84 -42.16
C ARG C 374 -24.26 8.53 -42.09
N LYS C 375 -24.29 9.86 -42.18
CA LYS C 375 -23.07 10.67 -42.18
C LYS C 375 -22.92 11.52 -40.93
N GLU C 376 -23.86 11.46 -40.00
CA GLU C 376 -23.81 12.24 -38.77
C GLU C 376 -23.95 11.30 -37.57
N PHE C 377 -23.14 11.54 -36.55
CA PHE C 377 -23.14 10.71 -35.36
C PHE C 377 -23.05 11.60 -34.12
N VAL C 378 -23.52 11.06 -33.00
CA VAL C 378 -23.43 11.72 -31.70
C VAL C 378 -22.47 10.92 -30.84
N VAL C 379 -21.40 11.56 -30.40
CA VAL C 379 -20.35 10.87 -29.65
C VAL C 379 -20.72 10.85 -28.16
N VAL C 380 -20.71 9.66 -27.58
CA VAL C 380 -20.99 9.49 -26.15
C VAL C 380 -19.71 9.00 -25.47
N PRO C 381 -19.50 9.32 -24.19
CA PRO C 381 -18.29 8.85 -23.50
C PRO C 381 -18.35 7.35 -23.24
N GLY C 382 -17.24 6.84 -22.70
CA GLY C 382 -17.18 5.43 -22.35
C GLY C 382 -18.14 5.05 -21.23
N GLU C 383 -18.48 6.03 -20.37
CA GLU C 383 -19.47 5.77 -19.33
C GLU C 383 -20.85 5.50 -19.92
N LYS C 384 -21.22 6.24 -20.96
CA LYS C 384 -22.50 6.06 -21.63
C LYS C 384 -22.43 5.11 -22.81
N ALA C 385 -21.26 4.53 -23.08
CA ALA C 385 -21.14 3.58 -24.18
C ALA C 385 -22.03 2.36 -23.96
N LEU C 386 -22.07 1.84 -22.74
CA LEU C 386 -22.94 0.71 -22.43
C LEU C 386 -24.40 1.12 -22.49
N LEU C 387 -24.71 2.35 -22.05
CA LEU C 387 -26.09 2.82 -22.05
C LEU C 387 -26.63 3.00 -23.47
N HIS C 388 -25.80 3.47 -24.39
CA HIS C 388 -26.24 3.77 -25.75
C HIS C 388 -26.13 2.58 -26.69
N GLU C 389 -25.95 1.37 -26.17
CA GLU C 389 -25.89 0.19 -27.02
C GLU C 389 -27.26 -0.07 -27.65
N PRO C 390 -27.29 -0.68 -28.85
CA PRO C 390 -28.58 -0.95 -29.49
C PRO C 390 -29.49 -1.84 -28.67
N ASP C 391 -28.93 -2.81 -27.94
CA ASP C 391 -29.69 -3.66 -27.03
C ASP C 391 -29.07 -3.57 -25.65
N VAL C 392 -29.85 -3.13 -24.68
CA VAL C 392 -29.40 -2.97 -23.30
C VAL C 392 -30.62 -2.88 -22.40
N LEU C 393 -30.55 -3.53 -21.24
CA LEU C 393 -31.66 -3.52 -20.29
C LEU C 393 -31.43 -2.39 -19.30
N THR C 394 -32.22 -1.32 -19.42
CA THR C 394 -32.11 -0.16 -18.53
C THR C 394 -33.11 -0.32 -17.40
N LEU C 395 -32.62 -0.20 -16.16
CA LEU C 395 -33.44 -0.40 -14.98
C LEU C 395 -33.25 0.74 -14.00
N THR C 396 -34.29 1.01 -13.22
CA THR C 396 -34.27 2.03 -12.18
C THR C 396 -34.59 1.38 -10.85
N LEU C 397 -33.79 1.69 -9.82
CA LEU C 397 -34.01 1.15 -8.49
C LEU C 397 -33.94 2.27 -7.46
N THR C 398 -34.95 2.32 -6.60
CA THR C 398 -35.04 3.31 -5.53
C THR C 398 -34.60 2.69 -4.20
N ALA C 399 -33.96 3.52 -3.38
CA ALA C 399 -33.48 3.12 -2.07
C ALA C 399 -33.62 4.28 -1.10
N PRO C 400 -33.73 4.00 0.20
CA PRO C 400 -33.69 5.10 1.19
C PRO C 400 -32.30 5.67 1.40
N GLU C 401 -31.25 5.02 0.90
CA GLU C 401 -29.88 5.50 1.08
C GLU C 401 -29.05 5.05 -0.11
N SER C 402 -27.93 5.74 -0.33
CA SER C 402 -27.05 5.39 -1.44
C SER C 402 -26.26 4.11 -1.15
N TYR C 403 -26.03 3.80 0.12
CA TYR C 403 -25.27 2.62 0.56
C TYR C 403 -23.86 2.61 -0.01
N GLY C 404 -23.29 3.79 -0.24
CA GLY C 404 -21.94 3.89 -0.75
C GLY C 404 -21.76 3.41 -2.17
N ILE C 405 -22.80 3.49 -2.98
CA ILE C 405 -22.76 3.04 -4.37
C ILE C 405 -22.65 4.26 -5.27
N ASP C 406 -21.58 4.35 -6.05
CA ASP C 406 -21.33 5.47 -6.93
C ASP C 406 -21.92 5.15 -8.31
N ALA C 407 -21.60 5.99 -9.31
CA ALA C 407 -22.09 5.83 -10.67
C ALA C 407 -21.12 5.06 -11.55
N GLY C 408 -20.31 4.19 -10.95
CA GLY C 408 -19.39 3.36 -11.72
C GLY C 408 -19.29 1.95 -11.19
N GLN C 409 -20.09 1.65 -10.17
CA GLN C 409 -20.06 0.33 -9.56
C GLN C 409 -20.65 -0.71 -10.51
N PRO C 410 -20.04 -1.88 -10.63
CA PRO C 410 -20.57 -2.91 -11.55
C PRO C 410 -21.55 -3.86 -10.89
N LEU C 411 -22.59 -4.21 -11.63
CA LEU C 411 -23.56 -5.20 -11.17
C LEU C 411 -23.01 -6.61 -11.39
N ILE C 412 -23.16 -7.46 -10.39
CA ILE C 412 -22.57 -8.80 -10.39
C ILE C 412 -23.69 -9.82 -10.26
N LEU C 413 -23.71 -10.79 -11.18
CA LEU C 413 -24.66 -11.90 -11.15
C LEU C 413 -23.88 -13.20 -11.14
N HIS C 414 -24.07 -13.99 -10.08
CA HIS C 414 -23.41 -15.28 -9.91
C HIS C 414 -21.88 -15.16 -9.98
N GLY C 415 -21.36 -14.07 -9.42
CA GLY C 415 -19.93 -13.83 -9.40
C GLY C 415 -19.35 -13.28 -10.68
N VAL C 416 -20.17 -13.03 -11.70
CA VAL C 416 -19.71 -12.52 -12.99
C VAL C 416 -20.41 -11.19 -13.26
N GLN C 417 -19.61 -10.18 -13.62
CA GLN C 417 -20.15 -8.85 -13.89
C GLN C 417 -21.03 -8.88 -15.14
N VAL C 418 -22.27 -8.42 -15.01
CA VAL C 418 -23.22 -8.41 -16.10
C VAL C 418 -23.76 -7.03 -16.41
N GLY C 419 -23.46 -6.03 -15.59
CA GLY C 419 -24.02 -4.71 -15.80
C GLY C 419 -23.19 -3.64 -15.13
N GLN C 420 -23.73 -2.43 -15.14
CA GLN C 420 -23.03 -1.27 -14.60
C GLN C 420 -24.03 -0.19 -14.21
N VAL C 421 -23.79 0.44 -13.06
CA VAL C 421 -24.62 1.55 -12.62
C VAL C 421 -24.27 2.77 -13.46
N ILE C 422 -25.17 3.14 -14.38
CA ILE C 422 -24.90 4.27 -15.26
C ILE C 422 -24.90 5.57 -14.47
N ASP C 423 -25.90 5.78 -13.61
CA ASP C 423 -25.95 7.05 -12.90
C ASP C 423 -26.71 6.90 -11.58
N ARG C 424 -26.51 7.88 -10.71
CA ARG C 424 -27.14 7.96 -9.41
C ARG C 424 -27.68 9.36 -9.20
N LYS C 425 -28.91 9.46 -8.67
CA LYS C 425 -29.55 10.73 -8.41
C LYS C 425 -30.14 10.74 -7.01
N LEU C 426 -30.16 11.92 -6.40
CA LEU C 426 -30.71 12.10 -5.05
C LEU C 426 -31.93 12.99 -5.13
N THR C 427 -33.06 12.50 -4.62
CA THR C 427 -34.30 13.26 -4.58
C THR C 427 -34.82 13.33 -3.16
N SER C 428 -36.02 13.91 -2.99
CA SER C 428 -36.63 13.99 -1.66
C SER C 428 -36.99 12.60 -1.14
N LYS C 429 -37.48 11.73 -2.02
CA LYS C 429 -37.87 10.38 -1.59
C LYS C 429 -36.67 9.56 -1.15
N GLY C 430 -35.56 9.63 -1.89
CA GLY C 430 -34.37 8.88 -1.56
C GLY C 430 -33.28 8.95 -2.60
N VAL C 431 -32.71 7.79 -2.94
CA VAL C 431 -31.66 7.70 -3.94
C VAL C 431 -32.12 6.77 -5.05
N THR C 432 -32.06 7.24 -6.29
CA THR C 432 -32.46 6.47 -7.46
C THR C 432 -31.22 6.13 -8.28
N PHE C 433 -30.98 4.84 -8.48
CA PHE C 433 -29.89 4.37 -9.32
C PHE C 433 -30.45 3.90 -10.65
N THR C 434 -29.92 4.46 -11.74
CA THR C 434 -30.20 3.98 -13.08
C THR C 434 -29.03 3.11 -13.51
N VAL C 435 -29.33 1.85 -13.87
CA VAL C 435 -28.32 0.85 -14.17
C VAL C 435 -28.62 0.25 -15.54
N ALA C 436 -27.59 -0.34 -16.13
CA ALA C 436 -27.69 -0.98 -17.44
C ALA C 436 -27.18 -2.40 -17.35
N ILE C 437 -27.84 -3.30 -18.09
CA ILE C 437 -27.49 -4.70 -18.17
C ILE C 437 -27.17 -5.04 -19.61
N GLU C 438 -26.05 -5.72 -19.83
CA GLU C 438 -25.59 -6.06 -21.17
C GLU C 438 -26.57 -7.01 -21.85
N PRO C 439 -26.69 -6.94 -23.18
CA PRO C 439 -27.62 -7.84 -23.88
C PRO C 439 -27.24 -9.31 -23.79
N GLN C 440 -25.97 -9.61 -23.50
CA GLN C 440 -25.54 -11.01 -23.39
C GLN C 440 -26.23 -11.69 -22.20
N HIS C 441 -26.37 -10.98 -21.08
CA HIS C 441 -26.96 -11.52 -19.87
C HIS C 441 -28.34 -10.94 -19.59
N ARG C 442 -28.98 -10.33 -20.59
CA ARG C 442 -30.30 -9.74 -20.38
C ARG C 442 -31.34 -10.81 -20.09
N GLU C 443 -31.26 -11.96 -20.77
CA GLU C 443 -32.23 -13.03 -20.56
C GLU C 443 -32.12 -13.67 -19.18
N LEU C 444 -30.93 -13.61 -18.56
CA LEU C 444 -30.73 -14.25 -17.26
C LEU C 444 -31.43 -13.50 -16.13
N VAL C 445 -31.85 -12.26 -16.36
CA VAL C 445 -32.52 -11.50 -15.31
C VAL C 445 -33.89 -12.10 -15.01
N LYS C 446 -34.62 -12.51 -16.04
CA LYS C 446 -35.92 -13.19 -16.01
C LYS C 446 -37.05 -12.29 -15.52
N GLY C 447 -36.78 -11.03 -15.16
CA GLY C 447 -37.81 -10.09 -14.81
C GLY C 447 -38.31 -10.15 -13.37
N ASP C 448 -37.79 -11.08 -12.57
CA ASP C 448 -38.16 -11.21 -11.16
C ASP C 448 -36.91 -11.19 -10.29
N SER C 449 -36.06 -10.20 -10.52
CA SER C 449 -34.77 -10.13 -9.87
C SER C 449 -34.85 -9.35 -8.56
N LYS C 450 -34.04 -9.78 -7.60
CA LYS C 450 -33.90 -9.11 -6.31
C LYS C 450 -32.51 -8.49 -6.24
N PHE C 451 -32.47 -7.20 -5.95
CA PHE C 451 -31.22 -6.43 -5.95
C PHE C 451 -30.76 -6.22 -4.52
N VAL C 452 -29.50 -6.59 -4.25
CA VAL C 452 -28.92 -6.54 -2.91
C VAL C 452 -27.70 -5.63 -2.95
N VAL C 453 -27.52 -4.83 -1.90
CA VAL C 453 -26.31 -4.02 -1.80
C VAL C 453 -25.11 -4.92 -1.58
N ASN C 454 -24.18 -4.92 -2.55
CA ASN C 454 -23.01 -5.78 -2.52
C ASN C 454 -21.73 -4.98 -2.24
N SER C 455 -21.88 -3.80 -1.64
CA SER C 455 -20.75 -2.93 -1.34
C SER C 455 -20.36 -2.93 0.13
N ARG C 456 -21.23 -3.40 1.02
CA ARG C 456 -20.94 -3.43 2.45
C ARG C 456 -20.72 -4.85 2.92
N VAL C 457 -20.04 -4.98 4.06
CA VAL C 457 -19.68 -6.27 4.63
C VAL C 457 -20.21 -6.34 6.05
N ASP C 458 -20.84 -7.46 6.39
CA ASP C 458 -21.36 -7.70 7.73
C ASP C 458 -20.59 -8.84 8.38
N VAL C 459 -20.03 -8.58 9.57
CA VAL C 459 -19.23 -9.56 10.29
C VAL C 459 -19.89 -9.82 11.64
N LYS C 460 -20.14 -11.09 11.95
CA LYS C 460 -20.64 -11.50 13.24
C LYS C 460 -19.79 -12.66 13.76
N VAL C 461 -19.35 -12.56 15.00
CA VAL C 461 -18.46 -13.55 15.60
C VAL C 461 -19.03 -13.99 16.95
N GLY C 462 -18.99 -15.30 17.20
CA GLY C 462 -19.40 -15.83 18.48
C GLY C 462 -18.58 -17.04 18.87
N LEU C 463 -19.12 -17.84 19.81
CA LEU C 463 -18.42 -19.03 20.26
C LEU C 463 -18.29 -20.06 19.14
N ASP C 464 -19.34 -20.24 18.34
CA ASP C 464 -19.30 -21.20 17.24
C ASP C 464 -19.81 -20.56 15.95
N GLY C 465 -20.66 -19.56 16.07
CA GLY C 465 -21.24 -18.91 14.92
C GLY C 465 -20.40 -17.78 14.37
N VAL C 466 -19.87 -17.97 13.16
CA VAL C 466 -19.10 -16.93 12.46
C VAL C 466 -19.78 -16.69 11.12
N GLU C 467 -20.22 -15.46 10.90
CA GLU C 467 -20.93 -15.08 9.68
C GLU C 467 -20.21 -13.91 9.03
N PHE C 468 -19.86 -14.08 7.75
CA PHE C 468 -19.25 -13.03 6.94
C PHE C 468 -20.17 -12.84 5.73
N LEU C 469 -21.18 -12.00 5.90
CA LEU C 469 -22.22 -11.81 4.90
C LEU C 469 -22.09 -10.43 4.26
N GLY C 470 -23.04 -10.12 3.37
CA GLY C 470 -23.01 -8.86 2.64
C GLY C 470 -22.19 -8.97 1.37
N ALA C 471 -20.88 -9.16 1.53
CA ALA C 471 -19.98 -9.28 0.39
C ALA C 471 -18.72 -9.99 0.85
N SER C 472 -18.07 -10.66 -0.10
CA SER C 472 -16.77 -11.28 0.15
C SER C 472 -15.68 -10.23 -0.03
N ALA C 473 -14.41 -10.65 -0.03
CA ALA C 473 -13.32 -9.70 -0.24
C ALA C 473 -13.31 -9.19 -1.67
N SER C 474 -13.41 -10.11 -2.64
CA SER C 474 -13.48 -9.71 -4.05
C SER C 474 -14.76 -8.92 -4.32
N GLU C 475 -15.87 -9.36 -3.73
CA GLU C 475 -17.12 -8.61 -3.89
C GLU C 475 -17.03 -7.23 -3.28
N TRP C 476 -16.26 -7.07 -2.20
CA TRP C 476 -16.10 -5.75 -1.59
C TRP C 476 -15.20 -4.85 -2.42
N ILE C 477 -14.10 -5.40 -2.95
CA ILE C 477 -13.22 -4.58 -3.78
C ILE C 477 -13.86 -4.26 -5.13
N ASN C 478 -14.85 -5.05 -5.55
CA ASN C 478 -15.56 -4.72 -6.79
C ASN C 478 -16.70 -3.73 -6.53
N GLY C 479 -17.54 -4.00 -5.54
CA GLY C 479 -18.66 -3.15 -5.24
C GLY C 479 -19.81 -3.36 -6.20
N GLY C 480 -20.90 -2.64 -5.93
CA GLY C 480 -22.05 -2.67 -6.82
C GLY C 480 -23.32 -3.26 -6.22
N ILE C 481 -24.16 -3.84 -7.10
CA ILE C 481 -25.46 -4.35 -6.71
C ILE C 481 -25.56 -5.80 -7.15
N ARG C 482 -25.79 -6.70 -6.20
CA ARG C 482 -26.01 -8.11 -6.50
C ARG C 482 -27.46 -8.33 -6.92
N ILE C 483 -27.66 -9.28 -7.83
CA ILE C 483 -28.96 -9.56 -8.43
C ILE C 483 -29.37 -10.97 -8.08
N LEU C 484 -30.61 -11.14 -7.59
CA LEU C 484 -31.16 -12.46 -7.29
C LEU C 484 -32.30 -12.75 -8.25
N PRO C 485 -32.11 -13.61 -9.25
CA PRO C 485 -33.18 -13.84 -10.23
C PRO C 485 -34.33 -14.67 -9.66
N GLY C 486 -35.51 -14.46 -10.24
CA GLY C 486 -36.69 -15.23 -9.90
C GLY C 486 -37.12 -16.17 -11.00
N ASP C 487 -38.42 -16.21 -11.27
CA ASP C 487 -38.97 -17.08 -12.32
C ASP C 487 -39.79 -16.34 -13.36
N LYS C 488 -40.56 -15.33 -12.96
CA LYS C 488 -41.44 -14.63 -13.90
C LYS C 488 -41.76 -13.25 -13.36
N GLY C 489 -41.89 -12.29 -14.25
CA GLY C 489 -42.24 -10.93 -13.87
C GLY C 489 -42.65 -10.13 -15.09
N GLU C 490 -43.18 -8.94 -14.81
CA GLU C 490 -43.70 -8.06 -15.86
C GLU C 490 -42.77 -6.90 -16.19
N MET C 491 -41.55 -6.90 -15.63
CA MET C 491 -40.53 -5.87 -15.90
C MET C 491 -41.05 -4.48 -15.54
N LYS C 492 -41.30 -4.30 -14.25
CA LYS C 492 -41.78 -3.02 -13.75
C LYS C 492 -40.66 -1.96 -13.84
N ALA C 493 -41.08 -0.70 -13.81
CA ALA C 493 -40.15 0.39 -14.07
C ALA C 493 -39.15 0.57 -12.93
N SER C 494 -39.60 0.53 -11.68
CA SER C 494 -38.75 0.83 -10.54
C SER C 494 -38.69 -0.38 -9.60
N TYR C 495 -37.52 -0.54 -8.98
CA TYR C 495 -37.30 -1.61 -8.03
C TYR C 495 -36.71 -1.06 -6.74
N PRO C 496 -37.07 -1.63 -5.59
CA PRO C 496 -36.45 -1.20 -4.34
C PRO C 496 -35.08 -1.83 -4.14
N LEU C 497 -34.21 -1.10 -3.43
CA LEU C 497 -32.87 -1.60 -3.10
C LEU C 497 -32.86 -2.00 -1.63
N TYR C 498 -32.73 -3.30 -1.38
CA TYR C 498 -32.68 -3.83 -0.02
C TYR C 498 -31.27 -3.70 0.55
N ALA C 499 -31.22 -3.65 1.89
CA ALA C 499 -29.93 -3.47 2.56
C ALA C 499 -29.09 -4.74 2.52
N ASN C 500 -29.71 -5.90 2.73
CA ASN C 500 -28.98 -7.15 2.78
C ASN C 500 -29.90 -8.28 2.32
N LEU C 501 -29.33 -9.50 2.29
CA LEU C 501 -30.07 -10.66 1.80
C LEU C 501 -31.26 -10.99 2.69
N GLU C 502 -31.13 -10.80 3.99
CA GLU C 502 -32.23 -11.09 4.91
C GLU C 502 -33.42 -10.19 4.63
N LYS C 503 -33.18 -8.89 4.49
CA LYS C 503 -34.26 -7.96 4.15
C LYS C 503 -34.80 -8.21 2.75
N ALA C 504 -33.94 -8.60 1.81
CA ALA C 504 -34.41 -8.91 0.47
C ALA C 504 -35.35 -10.11 0.48
N LEU C 505 -35.03 -11.14 1.27
CA LEU C 505 -35.91 -12.30 1.36
C LEU C 505 -37.19 -11.97 2.12
N GLU C 506 -37.09 -11.17 3.18
CA GLU C 506 -38.27 -10.83 3.98
C GLU C 506 -39.14 -9.77 3.34
N ASN C 507 -38.68 -9.12 2.26
CA ASN C 507 -39.44 -8.08 1.55
C ASN C 507 -39.80 -6.93 2.48
N SER C 508 -38.88 -6.59 3.39
CA SER C 508 -39.10 -5.52 4.36
C SER C 508 -38.20 -4.35 3.99
N LEU C 509 -38.82 -3.23 3.60
CA LEU C 509 -38.06 -2.04 3.25
C LEU C 509 -37.50 -1.36 4.49
N SER C 510 -38.29 -1.28 5.55
CA SER C 510 -37.84 -0.66 6.79
C SER C 510 -36.93 -1.61 7.56
N ASP C 511 -36.11 -1.03 8.43
CA ASP C 511 -35.19 -1.84 9.23
C ASP C 511 -35.93 -2.70 10.23
N LEU C 512 -36.86 -2.10 10.98
CA LEU C 512 -37.64 -2.86 11.96
C LEU C 512 -38.72 -3.66 11.25
N PRO C 513 -39.00 -4.87 11.74
CA PRO C 513 -40.08 -5.68 11.14
C PRO C 513 -41.45 -5.12 11.49
N THR C 514 -42.46 -5.63 10.79
CA THR C 514 -43.83 -5.23 11.04
C THR C 514 -44.33 -5.83 12.35
N THR C 515 -45.12 -5.05 13.07
CA THR C 515 -45.68 -5.51 14.34
C THR C 515 -46.85 -6.45 14.08
N THR C 516 -46.78 -7.66 14.64
CA THR C 516 -47.81 -8.67 14.46
C THR C 516 -48.50 -9.07 15.76
N VAL C 517 -47.75 -9.13 16.87
CA VAL C 517 -48.29 -9.57 18.16
C VAL C 517 -48.06 -8.45 19.16
N SER C 518 -49.11 -8.11 19.91
CA SER C 518 -49.03 -7.11 20.97
C SER C 518 -49.39 -7.75 22.30
N LEU C 519 -48.53 -7.57 23.30
CA LEU C 519 -48.74 -8.15 24.62
C LEU C 519 -48.61 -7.05 25.67
N SER C 520 -49.29 -7.26 26.80
CA SER C 520 -49.24 -6.34 27.93
C SER C 520 -48.73 -7.08 29.16
N ALA C 521 -47.80 -6.46 29.88
CA ALA C 521 -47.26 -7.08 31.08
C ALA C 521 -46.97 -6.03 32.14
N GLU C 522 -47.49 -6.23 33.35
CA GLU C 522 -47.23 -5.28 34.42
C GLU C 522 -45.75 -5.24 34.79
N THR C 523 -45.11 -6.40 34.83
CA THR C 523 -43.68 -6.50 35.07
C THR C 523 -43.02 -7.22 33.89
N LEU C 524 -41.73 -6.96 33.70
CA LEU C 524 -41.00 -7.56 32.59
C LEU C 524 -40.18 -8.72 33.11
N PRO C 525 -40.55 -9.97 32.82
CA PRO C 525 -39.80 -11.13 33.33
C PRO C 525 -38.66 -11.56 32.40
N ASP C 526 -37.63 -10.71 32.34
CA ASP C 526 -36.41 -10.97 31.57
C ASP C 526 -36.75 -11.18 30.09
N VAL C 527 -37.25 -10.11 29.47
CA VAL C 527 -37.65 -10.16 28.07
C VAL C 527 -36.68 -9.35 27.22
N GLN C 528 -36.68 -8.02 27.44
CA GLN C 528 -35.84 -7.05 26.74
C GLN C 528 -36.07 -7.05 25.22
N ALA C 529 -35.55 -6.04 24.53
CA ALA C 529 -35.70 -5.99 23.08
C ALA C 529 -34.87 -7.07 22.41
N GLY C 530 -35.44 -7.71 21.40
CA GLY C 530 -34.74 -8.73 20.64
C GLY C 530 -34.84 -10.14 21.17
N SER C 531 -35.80 -10.42 22.06
CA SER C 531 -35.93 -11.76 22.61
C SER C 531 -36.47 -12.73 21.57
N VAL C 532 -36.26 -14.02 21.84
CA VAL C 532 -36.63 -15.07 20.90
C VAL C 532 -38.03 -15.58 21.22
N VAL C 533 -38.89 -15.63 20.21
CA VAL C 533 -40.25 -16.15 20.35
C VAL C 533 -40.26 -17.60 19.90
N LEU C 534 -40.88 -18.46 20.69
CA LEU C 534 -40.82 -19.90 20.50
C LEU C 534 -42.21 -20.49 20.45
N TYR C 535 -42.38 -21.51 19.61
CA TYR C 535 -43.59 -22.33 19.55
C TYR C 535 -43.15 -23.75 19.91
N ARG C 536 -43.36 -24.12 21.17
CA ARG C 536 -42.89 -25.39 21.71
C ARG C 536 -41.38 -25.55 21.51
N LYS C 537 -40.65 -24.50 21.91
CA LYS C 537 -39.19 -24.45 21.83
C LYS C 537 -38.69 -24.58 20.40
N PHE C 538 -39.25 -23.76 19.51
CA PHE C 538 -38.79 -23.67 18.13
C PHE C 538 -38.82 -22.21 17.71
N GLU C 539 -37.76 -21.76 17.04
CA GLU C 539 -37.60 -20.35 16.69
C GLU C 539 -38.67 -19.94 15.69
N VAL C 540 -39.65 -19.16 16.15
CA VAL C 540 -40.72 -18.62 15.30
C VAL C 540 -40.85 -17.15 15.66
N GLY C 541 -40.30 -16.28 14.82
CA GLY C 541 -40.41 -14.86 15.04
C GLY C 541 -39.42 -14.33 16.07
N GLU C 542 -39.57 -13.03 16.37
CA GLU C 542 -38.68 -12.35 17.29
C GLU C 542 -39.39 -11.13 17.87
N VAL C 543 -39.03 -10.78 19.10
CA VAL C 543 -39.63 -9.61 19.77
C VAL C 543 -39.01 -8.35 19.18
N ILE C 544 -39.84 -7.52 18.55
CA ILE C 544 -39.37 -6.25 18.01
C ILE C 544 -38.97 -5.31 19.13
N THR C 545 -39.91 -4.97 20.00
CA THR C 545 -39.63 -3.89 20.95
C THR C 545 -40.50 -4.03 22.20
N VAL C 546 -40.08 -3.32 23.25
CA VAL C 546 -40.85 -3.18 24.48
C VAL C 546 -40.95 -1.70 24.80
N ARG C 547 -42.16 -1.21 25.06
CA ARG C 547 -42.41 0.18 25.34
C ARG C 547 -43.10 0.34 26.69
N PRO C 548 -42.57 1.19 27.59
CA PRO C 548 -43.21 1.37 28.90
C PRO C 548 -44.43 2.28 28.79
N ARG C 549 -45.58 1.77 29.21
CA ARG C 549 -46.82 2.52 29.24
C ARG C 549 -46.94 3.24 30.59
N ALA C 550 -48.13 3.74 30.90
CA ALA C 550 -48.33 4.46 32.16
C ALA C 550 -48.09 3.55 33.36
N ASN C 551 -48.60 2.31 33.31
CA ASN C 551 -48.46 1.40 34.44
C ASN C 551 -48.08 -0.02 34.03
N ALA C 552 -47.68 -0.24 32.79
CA ALA C 552 -47.36 -1.58 32.32
C ALA C 552 -46.31 -1.47 31.22
N PHE C 553 -46.13 -2.55 30.46
CA PHE C 553 -45.23 -2.57 29.32
C PHE C 553 -45.94 -3.24 28.16
N ASP C 554 -45.89 -2.60 26.99
CA ASP C 554 -46.47 -3.12 25.76
C ASP C 554 -45.33 -3.71 24.92
N ILE C 555 -45.42 -4.99 24.62
CA ILE C 555 -44.39 -5.71 23.88
C ILE C 555 -44.91 -5.97 22.48
N ASP C 556 -44.16 -5.51 21.48
CA ASP C 556 -44.47 -5.75 20.07
C ASP C 556 -43.53 -6.83 19.55
N LEU C 557 -44.10 -7.81 18.87
CA LEU C 557 -43.39 -8.99 18.38
C LEU C 557 -43.75 -9.21 16.91
N HIS C 558 -42.80 -9.75 16.16
CA HIS C 558 -42.99 -10.06 14.75
C HIS C 558 -42.92 -11.57 14.54
N ILE C 559 -43.79 -12.07 13.65
CA ILE C 559 -43.81 -13.48 13.26
C ILE C 559 -43.78 -13.56 11.74
N LYS C 560 -43.30 -14.70 11.24
CA LYS C 560 -43.20 -14.88 9.81
C LYS C 560 -44.58 -15.04 9.19
N PRO C 561 -44.75 -14.59 7.93
CA PRO C 561 -46.04 -14.81 7.25
C PRO C 561 -46.39 -16.28 7.07
N GLU C 562 -45.39 -17.14 6.88
CA GLU C 562 -45.65 -18.57 6.77
C GLU C 562 -46.10 -19.16 8.12
N TYR C 563 -45.68 -18.55 9.23
CA TYR C 563 -46.01 -19.04 10.56
C TYR C 563 -47.11 -18.22 11.22
N ARG C 564 -47.73 -17.28 10.49
CA ARG C 564 -48.85 -16.52 11.06
C ARG C 564 -50.03 -17.42 11.40
N ASN C 565 -50.18 -18.54 10.71
CA ASN C 565 -51.27 -19.47 10.98
C ASN C 565 -51.01 -20.34 12.21
N LEU C 566 -49.78 -20.34 12.73
CA LEU C 566 -49.46 -21.16 13.90
C LEU C 566 -50.16 -20.68 15.17
N LEU C 567 -50.61 -19.43 15.21
CA LEU C 567 -51.35 -18.89 16.33
C LEU C 567 -52.76 -18.54 15.92
N THR C 568 -53.69 -18.61 16.87
CA THR C 568 -55.09 -18.36 16.62
C THR C 568 -55.61 -17.46 17.74
N SER C 569 -56.94 -17.29 17.79
CA SER C 569 -57.55 -16.45 18.82
C SER C 569 -57.27 -16.99 20.22
N ASN C 570 -57.34 -18.32 20.39
CA ASN C 570 -57.07 -18.95 21.67
C ASN C 570 -55.59 -19.30 21.73
N SER C 571 -54.80 -18.41 22.32
CA SER C 571 -53.36 -18.61 22.45
C SER C 571 -52.89 -17.98 23.75
N VAL C 572 -51.81 -18.53 24.30
CA VAL C 572 -51.24 -18.08 25.56
C VAL C 572 -49.74 -17.91 25.39
N PHE C 573 -49.20 -16.87 26.04
CA PHE C 573 -47.78 -16.54 26.00
C PHE C 573 -47.22 -16.61 27.42
N TRP C 574 -46.01 -17.15 27.55
CA TRP C 574 -45.32 -17.14 28.83
C TRP C 574 -43.83 -16.92 28.59
N ALA C 575 -43.13 -16.54 29.66
CA ALA C 575 -41.71 -16.25 29.59
C ALA C 575 -40.92 -17.43 30.15
N GLU C 576 -40.11 -18.04 29.28
CA GLU C 576 -39.18 -19.09 29.70
C GLU C 576 -37.92 -18.43 30.22
N GLY C 577 -36.78 -19.06 30.12
CA GLY C 577 -35.58 -18.47 30.67
C GLY C 577 -34.33 -19.31 30.84
N GLY C 578 -33.79 -19.32 32.05
CA GLY C 578 -32.41 -19.71 32.30
C GLY C 578 -32.10 -21.19 32.48
N ALA C 579 -32.70 -21.83 33.47
CA ALA C 579 -32.25 -23.18 33.83
C ALA C 579 -33.36 -23.92 34.56
N LYS C 580 -33.15 -25.22 34.74
CA LYS C 580 -34.05 -26.12 35.43
C LYS C 580 -33.26 -26.93 36.43
N VAL C 581 -33.85 -27.17 37.60
CA VAL C 581 -33.21 -27.92 38.68
C VAL C 581 -34.01 -29.19 38.95
N GLN C 582 -33.33 -30.33 38.95
CA GLN C 582 -33.97 -31.61 39.20
C GLN C 582 -33.23 -32.33 40.32
N LEU C 583 -33.96 -32.74 41.35
CA LEU C 583 -33.41 -33.49 42.47
C LEU C 583 -33.92 -34.93 42.38
N ASN C 584 -33.00 -35.87 42.29
CA ASN C 584 -33.36 -37.29 42.11
C ASN C 584 -32.21 -38.15 42.61
N GLY C 585 -32.26 -39.44 42.26
CA GLY C 585 -31.25 -40.37 42.74
C GLY C 585 -29.85 -40.06 42.26
N SER C 586 -29.73 -39.54 41.04
CA SER C 586 -28.42 -39.14 40.54
C SER C 586 -27.90 -37.87 41.23
N GLY C 587 -28.73 -37.20 42.03
CA GLY C 587 -28.31 -36.05 42.78
C GLY C 587 -29.08 -34.80 42.40
N LEU C 588 -28.40 -33.67 42.43
CA LEU C 588 -28.97 -32.37 42.09
C LEU C 588 -28.39 -31.95 40.75
N THR C 589 -29.21 -32.04 39.70
CA THR C 589 -28.79 -31.72 38.35
C THR C 589 -29.36 -30.37 37.93
N VAL C 590 -28.49 -29.49 37.46
CA VAL C 590 -28.89 -28.18 36.97
C VAL C 590 -28.74 -28.15 35.46
N GLN C 591 -29.83 -28.41 34.74
CA GLN C 591 -29.82 -28.41 33.28
C GLN C 591 -30.10 -27.00 32.80
N ALA C 592 -29.11 -26.38 32.16
CA ALA C 592 -29.24 -25.00 31.72
C ALA C 592 -29.73 -24.93 30.28
N SER C 593 -30.47 -23.87 29.97
CA SER C 593 -30.91 -23.60 28.62
C SER C 593 -29.72 -23.20 27.75
N PRO C 594 -29.87 -23.26 26.43
CA PRO C 594 -28.77 -22.82 25.55
C PRO C 594 -28.39 -21.37 25.83
N LEU C 595 -27.09 -21.09 25.68
CA LEU C 595 -26.53 -19.83 26.17
C LEU C 595 -27.13 -18.63 25.44
N SER C 596 -27.34 -18.74 24.13
CA SER C 596 -27.90 -17.62 23.38
C SER C 596 -29.32 -17.29 23.87
N ARG C 597 -30.16 -18.32 24.03
CA ARG C 597 -31.51 -18.09 24.53
C ARG C 597 -31.50 -17.55 25.94
N ALA C 598 -30.62 -18.07 26.80
CA ALA C 598 -30.54 -17.60 28.18
C ALA C 598 -30.10 -16.14 28.24
N LEU C 599 -29.16 -15.75 27.38
CA LEU C 599 -28.65 -14.39 27.41
C LEU C 599 -29.68 -13.40 26.84
N LYS C 600 -30.32 -13.76 25.72
CA LYS C 600 -31.18 -12.79 25.05
C LYS C 600 -32.60 -12.77 25.64
N GLY C 601 -33.13 -13.92 26.00
CA GLY C 601 -34.50 -14.04 26.48
C GLY C 601 -35.24 -15.17 25.80
N ALA C 602 -36.43 -15.45 26.34
CA ALA C 602 -37.24 -16.55 25.82
C ALA C 602 -38.70 -16.32 26.18
N ILE C 603 -39.53 -16.09 25.18
CA ILE C 603 -40.98 -16.06 25.34
C ILE C 603 -41.57 -17.12 24.41
N SER C 604 -42.25 -18.11 25.00
CA SER C 604 -42.81 -19.22 24.25
C SER C 604 -44.32 -19.07 24.17
N PHE C 605 -44.87 -19.21 22.96
CA PHE C 605 -46.31 -19.13 22.74
C PHE C 605 -46.82 -20.49 22.28
N ASP C 606 -47.86 -20.81 22.97
CA ASP C 606 -48.47 -22.09 22.62
C ASP C 606 -49.97 -21.89 22.44
N ASN C 607 -50.67 -22.96 22.06
CA ASN C 607 -52.10 -22.95 21.85
C ASN C 607 -52.77 -23.88 22.85
N LEU C 608 -53.77 -23.36 23.55
CA LEU C 608 -54.53 -24.11 24.55
C LEU C 608 -56.01 -24.12 24.17
N SER C 609 -56.77 -24.95 24.86
CA SER C 609 -58.21 -25.05 24.64
C SER C 609 -58.99 -24.05 25.47
N GLY C 610 -58.54 -23.78 26.69
CA GLY C 610 -59.17 -22.82 27.58
C GLY C 610 -58.72 -21.38 27.39
N ALA C 611 -57.88 -21.11 26.37
CA ALA C 611 -57.38 -19.76 26.14
C ALA C 611 -58.44 -18.84 25.51
N SER C 612 -59.60 -19.37 25.13
CA SER C 612 -60.65 -18.53 24.58
C SER C 612 -61.14 -17.51 25.61
N ALA C 613 -61.28 -17.94 26.87
CA ALA C 613 -61.69 -17.01 27.92
C ALA C 613 -60.62 -15.95 28.15
N SER C 614 -59.34 -16.34 28.09
CA SER C 614 -58.26 -15.37 28.24
C SER C 614 -58.27 -14.36 27.10
N GLN C 615 -58.56 -14.82 25.88
CA GLN C 615 -58.68 -13.91 24.76
C GLN C 615 -59.86 -12.96 24.93
N ARG C 616 -60.99 -13.48 25.42
CA ARG C 616 -62.16 -12.64 25.62
C ARG C 616 -61.92 -11.57 26.68
N LYS C 617 -61.31 -11.95 27.79
CA LYS C 617 -61.05 -10.99 28.86
C LYS C 617 -59.91 -10.06 28.47
N GLY C 618 -60.03 -8.80 28.86
CA GLY C 618 -59.03 -7.79 28.54
C GLY C 618 -59.18 -7.27 27.12
N ASP C 619 -58.37 -6.26 26.82
CA ASP C 619 -58.39 -5.68 25.47
C ASP C 619 -57.82 -6.65 24.45
N LYS C 620 -56.74 -7.35 24.80
CA LYS C 620 -56.08 -8.27 23.89
C LYS C 620 -55.33 -9.30 24.72
N ARG C 621 -54.42 -10.04 24.08
CA ARG C 621 -53.66 -11.07 24.78
C ARG C 621 -52.77 -10.46 25.85
N ILE C 622 -52.65 -11.16 26.97
CA ILE C 622 -51.92 -10.68 28.14
C ILE C 622 -50.75 -11.62 28.40
N LEU C 623 -49.55 -11.06 28.46
CA LEU C 623 -48.37 -11.85 28.78
C LEU C 623 -48.41 -12.30 30.24
N TYR C 624 -48.05 -13.55 30.48
CA TYR C 624 -48.03 -14.14 31.82
C TYR C 624 -46.60 -14.24 32.31
N ALA C 625 -46.42 -14.05 33.61
CA ALA C 625 -45.08 -14.06 34.20
C ALA C 625 -44.53 -15.47 34.38
N SER C 626 -45.35 -16.51 34.23
CA SER C 626 -44.89 -17.87 34.43
C SER C 626 -45.65 -18.81 33.50
N GLU C 627 -45.01 -19.94 33.20
CA GLU C 627 -45.65 -20.95 32.36
C GLU C 627 -46.88 -21.53 33.03
N THR C 628 -46.82 -21.75 34.34
CA THR C 628 -48.00 -22.23 35.07
C THR C 628 -49.12 -21.21 35.03
N ALA C 629 -48.79 -19.92 35.16
CA ALA C 629 -49.80 -18.87 35.06
C ALA C 629 -50.42 -18.83 33.68
N ALA C 630 -49.62 -19.01 32.63
CA ALA C 630 -50.16 -19.06 31.28
C ALA C 630 -51.06 -20.27 31.07
N ARG C 631 -50.66 -21.43 31.59
CA ARG C 631 -51.45 -22.64 31.46
C ARG C 631 -52.66 -22.66 32.38
N ALA C 632 -52.75 -21.74 33.33
CA ALA C 632 -53.86 -21.68 34.28
C ALA C 632 -55.09 -21.10 33.58
N VAL C 633 -55.85 -21.98 32.93
CA VAL C 633 -57.08 -21.59 32.24
C VAL C 633 -58.18 -22.58 32.60
N GLY C 634 -59.42 -22.16 32.39
CA GLY C 634 -60.56 -23.02 32.65
C GLY C 634 -61.60 -22.39 33.55
N GLY C 635 -62.31 -23.22 34.31
CA GLY C 635 -63.32 -22.72 35.21
C GLY C 635 -62.72 -22.08 36.45
N GLN C 636 -63.47 -21.15 37.04
CA GLN C 636 -63.00 -20.38 38.19
C GLN C 636 -63.85 -20.71 39.41
N ILE C 637 -63.18 -21.01 40.53
CA ILE C 637 -63.84 -21.28 41.79
C ILE C 637 -63.18 -20.46 42.88
N THR C 638 -63.92 -20.26 43.97
CA THR C 638 -63.47 -19.48 45.12
C THR C 638 -63.50 -20.34 46.37
N LEU C 639 -62.37 -20.40 47.07
CA LEU C 639 -62.23 -21.17 48.30
C LEU C 639 -62.04 -20.23 49.47
N HIS C 640 -62.86 -20.39 50.50
CA HIS C 640 -62.76 -19.62 51.73
C HIS C 640 -61.94 -20.41 52.75
N ALA C 641 -60.88 -19.80 53.27
CA ALA C 641 -59.99 -20.48 54.20
C ALA C 641 -59.83 -19.64 55.46
N PHE C 642 -59.64 -20.34 56.58
CA PHE C 642 -59.41 -19.67 57.85
C PHE C 642 -57.94 -19.32 58.07
N ASP C 643 -57.04 -19.79 57.21
CA ASP C 643 -55.62 -19.48 57.32
C ASP C 643 -54.97 -19.69 55.96
N ALA C 644 -54.27 -18.67 55.48
CA ALA C 644 -53.60 -18.73 54.19
C ALA C 644 -52.09 -18.99 54.32
N GLY C 645 -51.63 -19.39 55.51
CA GLY C 645 -50.22 -19.69 55.68
C GLY C 645 -49.78 -20.89 54.86
N LYS C 646 -50.65 -21.88 54.72
CA LYS C 646 -50.36 -23.08 53.93
C LYS C 646 -50.70 -22.89 52.46
N LEU C 647 -51.29 -21.76 52.09
CA LEU C 647 -51.64 -21.47 50.70
C LEU C 647 -50.57 -20.58 50.06
N ALA C 648 -50.42 -20.73 48.75
CA ALA C 648 -49.43 -19.95 48.01
C ALA C 648 -49.93 -19.77 46.58
N VAL C 649 -49.38 -18.74 45.91
CA VAL C 649 -49.72 -18.49 44.52
C VAL C 649 -49.08 -19.57 43.64
N GLY C 650 -49.87 -20.16 42.76
CA GLY C 650 -49.41 -21.26 41.94
C GLY C 650 -49.50 -22.62 42.60
N MET C 651 -50.23 -22.74 43.70
CA MET C 651 -50.31 -24.02 44.40
C MET C 651 -51.11 -25.02 43.59
N PRO C 652 -50.59 -26.22 43.37
CA PRO C 652 -51.34 -27.22 42.59
C PRO C 652 -52.52 -27.80 43.36
N ILE C 653 -53.53 -28.20 42.61
CA ILE C 653 -54.74 -28.80 43.14
C ILE C 653 -54.93 -30.13 42.43
N ARG C 654 -54.85 -31.22 43.20
CA ARG C 654 -54.74 -32.56 42.64
C ARG C 654 -55.85 -33.47 43.15
N TYR C 655 -56.30 -34.37 42.28
CA TYR C 655 -57.17 -35.47 42.64
C TYR C 655 -56.46 -36.77 42.28
N LEU C 656 -56.20 -37.61 43.29
CA LEU C 656 -55.48 -38.86 43.12
C LEU C 656 -54.09 -38.64 42.52
N GLY C 657 -53.43 -37.57 42.94
CA GLY C 657 -52.08 -37.30 42.50
C GLY C 657 -51.93 -36.76 41.10
N ILE C 658 -53.03 -36.36 40.46
CA ILE C 658 -53.00 -35.83 39.09
C ILE C 658 -53.45 -34.37 39.15
N ASP C 659 -52.66 -33.49 38.52
CA ASP C 659 -52.94 -32.07 38.55
C ASP C 659 -54.22 -31.76 37.80
N ILE C 660 -55.21 -31.21 38.51
CA ILE C 660 -56.49 -30.85 37.92
C ILE C 660 -56.84 -29.37 38.13
N GLY C 661 -56.04 -28.64 38.90
CA GLY C 661 -56.33 -27.24 39.13
C GLY C 661 -55.12 -26.50 39.67
N GLN C 662 -55.27 -25.18 39.75
CA GLN C 662 -54.17 -24.33 40.22
C GLN C 662 -54.72 -23.10 40.92
N ILE C 663 -54.15 -22.76 42.07
CA ILE C 663 -54.49 -21.51 42.75
C ILE C 663 -53.78 -20.36 42.04
N GLN C 664 -54.53 -19.29 41.76
CA GLN C 664 -53.97 -18.16 41.02
C GLN C 664 -54.00 -16.84 41.78
N THR C 665 -54.85 -16.69 42.80
CA THR C 665 -54.98 -15.41 43.50
C THR C 665 -55.24 -15.66 44.98
N LEU C 666 -54.58 -14.87 45.82
CA LEU C 666 -54.81 -14.86 47.26
C LEU C 666 -55.19 -13.45 47.69
N ASP C 667 -56.32 -13.32 48.37
CA ASP C 667 -56.84 -12.02 48.78
C ASP C 667 -57.29 -12.09 50.23
N LEU C 668 -56.87 -11.11 51.04
CA LEU C 668 -57.28 -11.03 52.43
C LEU C 668 -58.42 -10.02 52.58
N ILE C 669 -59.41 -10.37 53.40
CA ILE C 669 -60.57 -9.54 53.66
C ILE C 669 -60.49 -9.01 55.08
N THR C 670 -60.61 -7.69 55.23
CA THR C 670 -60.58 -7.09 56.56
C THR C 670 -61.90 -7.27 57.30
N ALA C 671 -63.02 -7.20 56.58
CA ALA C 671 -64.32 -7.31 57.22
C ALA C 671 -64.59 -8.75 57.70
N ARG C 672 -64.62 -9.69 56.76
CA ARG C 672 -64.80 -11.10 57.10
C ARG C 672 -63.44 -11.71 57.42
N ASN C 673 -63.37 -12.44 58.54
CA ASN C 673 -62.12 -13.03 59.00
C ASN C 673 -61.88 -14.35 58.25
N GLU C 674 -61.48 -14.19 56.98
CA GLU C 674 -61.20 -15.34 56.12
C GLU C 674 -60.37 -14.85 54.94
N VAL C 675 -59.85 -15.82 54.19
CA VAL C 675 -59.05 -15.55 53.00
C VAL C 675 -59.75 -16.21 51.81
N GLN C 676 -60.00 -15.43 50.77
CA GLN C 676 -60.61 -15.93 49.54
C GLN C 676 -59.51 -16.22 48.53
N ALA C 677 -59.41 -17.48 48.11
CA ALA C 677 -58.43 -17.93 47.15
C ALA C 677 -59.14 -18.29 45.85
N LYS C 678 -58.71 -17.69 44.75
CA LYS C 678 -59.25 -18.00 43.44
C LYS C 678 -58.46 -19.15 42.83
N ALA C 679 -59.17 -20.14 42.30
CA ALA C 679 -58.55 -21.30 41.69
C ALA C 679 -59.15 -21.54 40.32
N VAL C 680 -58.34 -22.07 39.42
CA VAL C 680 -58.78 -22.41 38.07
C VAL C 680 -58.68 -23.92 37.91
N LEU C 681 -59.78 -24.53 37.52
CA LEU C 681 -59.85 -25.95 37.22
C LEU C 681 -59.85 -26.15 35.70
N TYR C 682 -59.12 -27.17 35.27
CA TYR C 682 -58.96 -27.42 33.84
C TYR C 682 -60.30 -27.81 33.22
N PRO C 683 -60.50 -27.51 31.93
CA PRO C 683 -61.80 -27.82 31.29
C PRO C 683 -62.12 -29.31 31.27
N GLU C 684 -61.12 -30.19 31.35
CA GLU C 684 -61.39 -31.62 31.36
C GLU C 684 -61.98 -32.10 32.68
N TYR C 685 -61.85 -31.30 33.75
CA TYR C 685 -62.31 -31.70 35.07
C TYR C 685 -63.25 -30.69 35.71
N VAL C 686 -63.62 -29.62 35.00
CA VAL C 686 -64.48 -28.60 35.60
C VAL C 686 -65.89 -29.15 35.81
N GLN C 687 -66.38 -29.98 34.88
CA GLN C 687 -67.72 -30.55 35.02
C GLN C 687 -67.76 -31.66 36.07
N THR C 688 -66.71 -32.49 36.12
CA THR C 688 -66.68 -33.58 37.07
C THR C 688 -66.64 -33.07 38.52
N PHE C 689 -65.81 -32.07 38.78
CA PHE C 689 -65.70 -31.50 40.11
C PHE C 689 -66.60 -30.27 40.22
N ALA C 690 -66.49 -29.55 41.34
CA ALA C 690 -67.28 -28.34 41.61
C ALA C 690 -68.77 -28.62 41.49
N ARG C 691 -69.20 -29.76 42.02
CA ARG C 691 -70.60 -30.18 41.97
C ARG C 691 -71.24 -30.21 43.35
N GLY C 692 -70.71 -29.43 44.31
CA GLY C 692 -71.27 -29.42 45.65
C GLY C 692 -70.80 -30.58 46.48
N GLY C 693 -70.41 -30.31 47.73
CA GLY C 693 -69.86 -31.34 48.59
C GLY C 693 -68.42 -31.69 48.31
N THR C 694 -67.78 -31.03 47.34
CA THR C 694 -66.38 -31.30 47.05
C THR C 694 -65.50 -30.73 48.16
N ARG C 695 -64.56 -31.54 48.63
CA ARG C 695 -63.70 -31.18 49.75
C ARG C 695 -62.28 -30.94 49.26
N PHE C 696 -61.73 -29.79 49.61
CA PHE C 696 -60.35 -29.44 49.29
C PHE C 696 -59.57 -29.36 50.59
N SER C 697 -58.45 -30.09 50.66
CA SER C 697 -57.66 -30.15 51.88
C SER C 697 -56.19 -29.94 51.55
N VAL C 698 -55.54 -29.02 52.28
CA VAL C 698 -54.11 -28.81 52.11
C VAL C 698 -53.36 -29.90 52.87
N VAL C 699 -52.61 -30.71 52.13
CA VAL C 699 -51.85 -31.79 52.73
C VAL C 699 -50.57 -31.22 53.33
N THR C 700 -50.21 -31.72 54.51
CA THR C 700 -49.03 -31.27 55.22
C THR C 700 -48.16 -32.47 55.58
N PRO C 701 -46.84 -32.28 55.67
CA PRO C 701 -45.98 -33.39 56.08
C PRO C 701 -46.28 -33.84 57.50
N GLN C 702 -46.19 -35.15 57.72
CA GLN C 702 -46.49 -35.76 59.02
C GLN C 702 -45.25 -36.55 59.45
N ILE C 703 -44.34 -35.87 60.14
CA ILE C 703 -43.13 -36.48 60.66
C ILE C 703 -43.32 -36.69 62.15
N SER C 704 -43.39 -37.94 62.58
CA SER C 704 -43.64 -38.28 63.98
C SER C 704 -42.86 -39.54 64.33
N ALA C 705 -42.97 -39.96 65.59
CA ALA C 705 -42.34 -41.19 66.02
C ALA C 705 -43.02 -42.42 65.44
N ALA C 706 -44.31 -42.31 65.08
CA ALA C 706 -44.99 -43.45 64.47
C ALA C 706 -44.50 -43.70 63.04
N GLY C 707 -44.22 -42.63 62.31
CA GLY C 707 -43.73 -42.77 60.95
C GLY C 707 -43.88 -41.48 60.18
N VAL C 708 -43.49 -41.55 58.91
CA VAL C 708 -43.58 -40.42 57.99
C VAL C 708 -44.51 -40.81 56.85
N GLU C 709 -45.47 -39.93 56.56
CA GLU C 709 -46.48 -40.18 55.53
C GLU C 709 -46.25 -39.39 54.26
N HIS C 710 -46.12 -38.07 54.35
CA HIS C 710 -45.92 -37.20 53.20
C HIS C 710 -44.57 -36.49 53.35
N LEU C 711 -43.74 -36.58 52.32
CA LEU C 711 -42.44 -35.93 52.31
C LEU C 711 -42.19 -35.05 51.08
N ASP C 712 -42.95 -35.23 49.99
CA ASP C 712 -42.83 -34.31 48.86
C ASP C 712 -43.47 -32.97 49.15
N THR C 713 -44.36 -32.90 50.14
CA THR C 713 -44.99 -31.65 50.54
C THR C 713 -44.04 -30.70 51.26
N ILE C 714 -42.84 -31.17 51.60
CA ILE C 714 -41.82 -30.28 52.16
C ILE C 714 -41.48 -29.18 51.16
N LEU C 715 -41.32 -29.53 49.90
CA LEU C 715 -40.97 -28.58 48.86
C LEU C 715 -42.12 -28.24 47.91
N GLN C 716 -43.03 -29.19 47.64
CA GLN C 716 -44.12 -28.98 46.69
C GLN C 716 -45.44 -29.38 47.34
N PRO C 717 -46.02 -28.53 48.17
CA PRO C 717 -47.35 -28.82 48.71
C PRO C 717 -48.43 -28.69 47.64
N TYR C 718 -49.52 -29.42 47.85
CA TYR C 718 -50.66 -29.39 46.94
C TYR C 718 -51.94 -29.46 47.75
N ILE C 719 -53.08 -29.38 47.06
CA ILE C 719 -54.39 -29.47 47.69
C ILE C 719 -55.10 -30.70 47.16
N ASN C 720 -55.34 -31.67 48.03
CA ASN C 720 -56.05 -32.89 47.65
C ASN C 720 -57.55 -32.63 47.53
N VAL C 721 -58.17 -33.28 46.55
CA VAL C 721 -59.59 -33.08 46.24
C VAL C 721 -60.34 -34.39 46.46
N GLU C 722 -61.45 -34.30 47.20
CA GLU C 722 -62.44 -35.37 47.27
C GLU C 722 -63.69 -34.92 46.56
N PRO C 723 -64.08 -35.54 45.44
CA PRO C 723 -65.22 -35.06 44.67
C PRO C 723 -66.56 -35.32 45.37
N GLY C 724 -67.55 -34.53 44.98
CA GLY C 724 -68.90 -34.66 45.51
C GLY C 724 -69.92 -34.74 44.38
N ARG C 725 -71.16 -35.01 44.79
CA ARG C 725 -72.27 -35.16 43.85
C ARG C 725 -73.39 -34.20 44.23
N GLY C 726 -73.92 -33.51 43.25
CA GLY C 726 -75.01 -32.58 43.47
C GLY C 726 -74.99 -31.47 42.44
N ASN C 727 -75.73 -30.41 42.74
CA ASN C 727 -75.78 -29.25 41.85
C ASN C 727 -74.44 -28.50 41.90
N PRO C 728 -74.05 -27.87 40.80
CA PRO C 728 -72.79 -27.11 40.80
C PRO C 728 -72.82 -25.96 41.80
N ARG C 729 -71.69 -25.73 42.46
CA ARG C 729 -71.57 -24.72 43.50
C ARG C 729 -70.57 -23.64 43.16
N ARG C 730 -69.35 -24.03 42.79
CA ARG C 730 -68.27 -23.10 42.43
C ARG C 730 -67.92 -22.14 43.56
N ASP C 731 -68.16 -22.57 44.80
CA ASP C 731 -67.82 -21.75 45.97
C ASP C 731 -67.68 -22.71 47.16
N PHE C 732 -66.44 -22.99 47.55
CA PHE C 732 -66.16 -24.00 48.56
C PHE C 732 -65.35 -23.40 49.70
N GLU C 733 -65.11 -24.23 50.73
CA GLU C 733 -64.32 -23.84 51.88
C GLU C 733 -63.25 -24.88 52.13
N LEU C 734 -62.10 -24.41 52.60
CA LEU C 734 -60.96 -25.28 52.85
C LEU C 734 -61.19 -26.09 54.13
N GLN C 735 -60.99 -27.40 54.04
CA GLN C 735 -61.16 -28.30 55.15
C GLN C 735 -59.80 -28.56 55.82
N GLU C 736 -59.79 -29.48 56.78
CA GLU C 736 -58.58 -29.84 57.50
C GLU C 736 -58.06 -31.23 57.16
N ALA C 737 -58.95 -32.21 56.98
CA ALA C 737 -58.55 -33.56 56.65
C ALA C 737 -59.45 -34.10 55.55
N THR C 738 -58.89 -34.98 54.73
CA THR C 738 -59.61 -35.58 53.61
C THR C 738 -59.01 -36.95 53.31
N ILE C 739 -59.87 -37.95 53.13
CA ILE C 739 -59.44 -39.30 52.82
C ILE C 739 -58.82 -39.28 51.42
N THR C 740 -57.52 -39.54 51.33
CA THR C 740 -56.82 -39.56 50.05
C THR C 740 -56.78 -40.97 49.46
N ASP C 741 -57.94 -41.61 49.38
CA ASP C 741 -58.06 -42.95 48.83
C ASP C 741 -58.97 -43.01 47.61
N SER C 742 -60.19 -42.46 47.72
CA SER C 742 -61.20 -42.48 46.66
C SER C 742 -61.52 -43.91 46.21
N ARG C 743 -61.45 -44.86 47.13
CA ARG C 743 -61.84 -46.23 46.86
C ARG C 743 -63.08 -46.66 47.62
N TYR C 744 -63.42 -45.98 48.72
CA TYR C 744 -64.64 -46.24 49.46
C TYR C 744 -65.80 -45.39 48.99
N LEU C 745 -65.57 -44.45 48.07
CA LEU C 745 -66.59 -43.50 47.65
C LEU C 745 -67.76 -44.21 46.97
N ASP C 746 -67.50 -45.32 46.28
CA ASP C 746 -68.56 -46.08 45.64
C ASP C 746 -69.37 -46.90 46.63
N GLY C 747 -68.87 -47.11 47.85
CA GLY C 747 -69.53 -47.97 48.81
C GLY C 747 -70.60 -47.24 49.62
N LEU C 748 -71.18 -47.98 50.56
CA LEU C 748 -72.24 -47.44 51.40
C LEU C 748 -71.67 -46.46 52.42
N SER C 749 -72.39 -45.36 52.62
CA SER C 749 -72.04 -44.35 53.61
C SER C 749 -73.08 -44.41 54.72
N ILE C 750 -72.74 -45.07 55.82
CA ILE C 750 -73.65 -45.27 56.92
C ILE C 750 -73.32 -44.28 58.04
N ILE C 751 -74.23 -44.16 59.00
CA ILE C 751 -74.08 -43.23 60.12
C ILE C 751 -74.05 -44.03 61.40
N VAL C 752 -73.16 -43.64 62.32
CA VAL C 752 -73.07 -44.23 63.65
C VAL C 752 -73.29 -43.13 64.67
N GLU C 753 -74.22 -43.34 65.58
CA GLU C 753 -74.53 -42.37 66.63
C GLU C 753 -73.83 -42.78 67.91
N ALA C 754 -73.08 -41.85 68.49
CA ALA C 754 -72.31 -42.13 69.69
C ALA C 754 -72.55 -41.07 70.74
N PRO C 755 -72.49 -41.45 72.03
CA PRO C 755 -72.58 -40.43 73.09
C PRO C 755 -71.42 -39.45 73.08
N GLU C 756 -70.22 -39.88 72.69
CA GLU C 756 -69.05 -39.03 72.68
C GLU C 756 -68.21 -39.34 71.45
N ALA C 757 -67.44 -38.35 71.01
CA ALA C 757 -66.57 -38.53 69.85
C ALA C 757 -65.35 -39.36 70.22
N GLY C 758 -64.55 -38.89 71.18
CA GLY C 758 -63.38 -39.62 71.61
C GLY C 758 -62.20 -39.50 70.67
N SER C 759 -61.72 -40.65 70.19
CA SER C 759 -60.56 -40.69 69.31
C SER C 759 -60.92 -40.66 67.83
N LEU C 760 -62.20 -40.53 67.51
CA LEU C 760 -62.63 -40.61 66.12
C LEU C 760 -62.23 -39.36 65.34
N GLY C 761 -62.06 -39.53 64.04
CA GLY C 761 -61.70 -38.42 63.17
C GLY C 761 -61.79 -38.86 61.72
N ILE C 762 -61.41 -37.94 60.83
CA ILE C 762 -61.38 -38.26 59.41
C ILE C 762 -60.24 -39.21 59.13
N GLY C 763 -60.53 -40.31 58.45
CA GLY C 763 -59.56 -41.35 58.22
C GLY C 763 -59.55 -42.46 59.25
N THR C 764 -60.50 -42.46 60.18
CA THR C 764 -60.56 -43.51 61.20
C THR C 764 -60.95 -44.83 60.56
N PRO C 765 -60.20 -45.91 60.78
CA PRO C 765 -60.51 -47.18 60.13
C PRO C 765 -61.77 -47.83 60.67
N VAL C 766 -62.43 -48.59 59.80
CA VAL C 766 -63.55 -49.44 60.14
C VAL C 766 -63.11 -50.88 59.93
N LEU C 767 -63.23 -51.71 60.96
CA LEU C 767 -62.61 -53.02 60.98
C LEU C 767 -63.67 -54.12 61.13
N PHE C 768 -63.61 -55.10 60.23
CA PHE C 768 -64.36 -56.35 60.36
C PHE C 768 -63.35 -57.46 60.62
N ARG C 769 -63.38 -58.00 61.84
CA ARG C 769 -62.45 -59.04 62.28
C ARG C 769 -61.00 -58.61 62.10
N GLY C 770 -60.71 -57.36 62.47
CA GLY C 770 -59.36 -56.85 62.48
C GLY C 770 -58.80 -56.40 61.15
N LEU C 771 -59.59 -56.45 60.07
CA LEU C 771 -59.15 -56.05 58.75
C LEU C 771 -59.85 -54.75 58.35
N GLU C 772 -59.06 -53.80 57.84
CA GLU C 772 -59.60 -52.50 57.43
C GLU C 772 -60.47 -52.67 56.19
N VAL C 773 -61.77 -52.50 56.36
CA VAL C 773 -62.72 -52.62 55.26
C VAL C 773 -63.42 -51.32 54.92
N GLY C 774 -63.21 -50.27 55.72
CA GLY C 774 -63.84 -48.99 55.45
C GLY C 774 -63.11 -47.89 56.19
N THR C 775 -63.59 -46.66 55.98
CA THR C 775 -63.01 -45.48 56.62
C THR C 775 -64.12 -44.57 57.08
N VAL C 776 -63.75 -43.56 57.87
CA VAL C 776 -64.69 -42.57 58.37
C VAL C 776 -64.57 -41.32 57.51
N THR C 777 -65.63 -41.00 56.77
CA THR C 777 -65.61 -39.82 55.93
C THR C 777 -65.70 -38.55 56.76
N GLY C 778 -66.59 -38.51 57.74
CA GLY C 778 -66.72 -37.28 58.51
C GLY C 778 -67.45 -37.48 59.82
N MET C 779 -67.46 -36.40 60.61
CA MET C 779 -68.16 -36.36 61.89
C MET C 779 -68.93 -35.06 61.99
N THR C 780 -70.08 -35.12 62.65
CA THR C 780 -70.95 -33.95 62.78
C THR C 780 -71.89 -34.17 63.96
N LEU C 781 -72.73 -33.16 64.22
CA LEU C 781 -73.80 -33.26 65.21
C LEU C 781 -75.14 -33.15 64.51
N GLY C 782 -76.15 -33.76 65.14
CA GLY C 782 -77.49 -33.77 64.60
C GLY C 782 -78.21 -32.46 64.83
N THR C 783 -79.51 -32.46 64.49
CA THR C 783 -80.34 -31.30 64.74
C THR C 783 -80.43 -30.99 66.22
N LEU C 784 -80.56 -32.02 67.05
CA LEU C 784 -80.52 -31.90 68.50
C LEU C 784 -79.12 -32.32 68.97
N SER C 785 -78.50 -31.49 69.81
CA SER C 785 -77.13 -31.73 70.27
C SER C 785 -77.13 -32.66 71.46
N ASP C 786 -77.41 -33.94 71.18
CA ASP C 786 -77.40 -34.99 72.18
C ASP C 786 -76.54 -36.18 71.80
N ARG C 787 -76.02 -36.23 70.58
CA ARG C 787 -75.19 -37.34 70.14
C ARG C 787 -74.33 -36.87 68.97
N VAL C 788 -73.28 -37.63 68.69
CA VAL C 788 -72.35 -37.34 67.59
C VAL C 788 -72.61 -38.34 66.48
N MET C 789 -72.85 -37.84 65.27
CA MET C 789 -73.12 -38.67 64.10
C MET C 789 -71.84 -38.78 63.28
N ILE C 790 -71.36 -40.00 63.09
CA ILE C 790 -70.14 -40.29 62.36
C ILE C 790 -70.54 -40.93 61.04
N ALA C 791 -70.27 -40.26 59.93
CA ALA C 791 -70.52 -40.81 58.61
C ALA C 791 -69.28 -41.57 58.15
N MET C 792 -69.47 -42.85 57.84
CA MET C 792 -68.37 -43.72 57.44
C MET C 792 -68.73 -44.47 56.16
N ARG C 793 -67.76 -44.58 55.26
CA ARG C 793 -67.93 -45.26 53.99
C ARG C 793 -67.22 -46.61 54.02
N ILE C 794 -67.93 -47.66 53.65
CA ILE C 794 -67.39 -49.00 53.60
C ILE C 794 -67.07 -49.34 52.14
N SER C 795 -66.17 -50.30 51.96
CA SER C 795 -65.79 -50.71 50.60
C SER C 795 -66.93 -51.47 49.93
N LYS C 796 -66.86 -51.52 48.60
CA LYS C 796 -67.85 -52.27 47.83
C LYS C 796 -67.73 -53.78 48.09
N ARG C 797 -66.50 -54.30 48.04
CA ARG C 797 -66.29 -55.73 48.21
C ARG C 797 -66.72 -56.22 49.59
N TYR C 798 -66.65 -55.34 50.59
CA TYR C 798 -67.09 -55.66 51.93
C TYR C 798 -68.47 -55.09 52.24
N GLN C 799 -69.17 -54.58 51.22
CA GLN C 799 -70.49 -53.99 51.44
C GLN C 799 -71.47 -55.00 52.00
N HIS C 800 -71.43 -56.23 51.49
CA HIS C 800 -72.31 -57.30 51.99
C HIS C 800 -72.03 -57.63 53.45
N LEU C 801 -70.88 -57.21 53.99
CA LEU C 801 -70.61 -57.39 55.40
C LEU C 801 -71.50 -56.53 56.28
N VAL C 802 -72.14 -55.52 55.72
CA VAL C 802 -73.01 -54.61 56.48
C VAL C 802 -74.43 -55.16 56.45
N ARG C 803 -75.00 -55.37 57.63
CA ARG C 803 -76.37 -55.87 57.79
C ARG C 803 -77.16 -54.94 58.69
N ASN C 804 -78.47 -55.14 58.71
CA ASN C 804 -79.34 -54.32 59.55
C ASN C 804 -79.07 -54.57 61.03
N ASN C 805 -78.92 -55.82 61.42
CA ASN C 805 -78.61 -56.17 62.81
C ASN C 805 -77.11 -56.39 62.99
N SER C 806 -76.35 -55.32 62.80
CA SER C 806 -74.91 -55.33 62.94
C SER C 806 -74.52 -54.51 64.17
N VAL C 807 -73.58 -55.04 64.95
CA VAL C 807 -73.13 -54.40 66.18
C VAL C 807 -71.82 -53.67 65.91
N PHE C 808 -71.76 -52.41 66.30
CA PHE C 808 -70.59 -51.57 66.13
C PHE C 808 -70.04 -51.18 67.50
N TRP C 809 -68.72 -51.24 67.65
CA TRP C 809 -68.07 -50.80 68.88
C TRP C 809 -66.80 -50.03 68.54
N LEU C 810 -66.31 -49.28 69.52
CA LEU C 810 -65.16 -48.40 69.35
C LEU C 810 -63.93 -49.10 69.91
N ALA C 811 -63.00 -49.47 69.03
CA ALA C 811 -61.73 -50.09 69.42
C ALA C 811 -60.66 -49.01 69.34
N SER C 812 -60.31 -48.44 70.50
CA SER C 812 -59.30 -47.38 70.58
C SER C 812 -58.31 -47.73 71.68
N GLY C 813 -57.02 -47.61 71.37
CA GLY C 813 -56.00 -47.89 72.35
C GLY C 813 -55.93 -49.38 72.70
N TYR C 814 -55.48 -49.65 73.92
CA TYR C 814 -55.34 -51.01 74.42
C TYR C 814 -56.29 -51.22 75.58
N SER C 815 -57.08 -52.29 75.52
CA SER C 815 -58.02 -52.65 76.58
C SER C 815 -57.65 -54.01 77.14
N LEU C 816 -57.60 -54.10 78.46
CA LEU C 816 -57.20 -55.33 79.14
C LEU C 816 -58.11 -55.56 80.34
N ASP C 817 -58.20 -56.82 80.76
CA ASP C 817 -59.01 -57.23 81.89
C ASP C 817 -58.12 -57.85 82.96
N PHE C 818 -58.31 -57.43 84.20
CA PHE C 818 -57.53 -57.90 85.33
C PHE C 818 -58.50 -58.36 86.41
N GLY C 819 -58.63 -59.69 86.58
CA GLY C 819 -59.53 -60.21 87.59
C GLY C 819 -58.94 -60.16 88.99
N LEU C 820 -59.73 -60.66 89.94
CA LEU C 820 -59.27 -60.68 91.34
C LEU C 820 -58.11 -61.65 91.52
N THR C 821 -58.06 -62.72 90.73
CA THR C 821 -57.00 -63.71 90.85
C THR C 821 -56.19 -63.89 89.56
N GLY C 822 -56.66 -63.34 88.44
CA GLY C 822 -55.98 -63.55 87.17
C GLY C 822 -55.51 -62.27 86.50
N GLY C 823 -54.20 -62.15 86.30
CA GLY C 823 -53.65 -61.01 85.59
C GLY C 823 -53.05 -61.39 84.25
N VAL C 824 -53.75 -61.05 83.16
CA VAL C 824 -53.27 -61.27 81.81
C VAL C 824 -53.49 -60.00 81.01
N VAL C 825 -52.42 -59.44 80.46
CA VAL C 825 -52.49 -58.23 79.64
C VAL C 825 -51.82 -58.53 78.31
N LYS C 826 -52.39 -58.00 77.23
CA LYS C 826 -51.87 -58.20 75.89
C LYS C 826 -51.86 -56.88 75.14
N THR C 827 -50.82 -56.68 74.33
CA THR C 827 -50.70 -55.52 73.47
C THR C 827 -50.43 -55.99 72.05
N GLY C 828 -50.84 -55.17 71.08
CA GLY C 828 -50.71 -55.56 69.70
C GLY C 828 -50.30 -54.44 68.76
N THR C 829 -49.73 -53.37 69.32
CA THR C 829 -49.30 -52.15 68.61
C THR C 829 -50.26 -51.79 67.47
N PHE C 830 -51.56 -51.78 67.80
CA PHE C 830 -52.59 -51.53 66.81
C PHE C 830 -52.52 -50.09 66.30
N ASN C 831 -53.05 -49.90 65.09
CA ASN C 831 -53.23 -48.55 64.56
C ASN C 831 -54.28 -47.76 65.32
N GLN C 832 -55.05 -48.43 66.19
CA GLN C 832 -56.02 -47.74 67.04
C GLN C 832 -55.36 -46.84 68.07
N PHE C 833 -54.07 -47.05 68.36
CA PHE C 833 -53.33 -46.17 69.26
C PHE C 833 -52.83 -44.92 68.56
N ILE C 834 -53.07 -44.79 67.26
CA ILE C 834 -52.85 -43.55 66.52
C ILE C 834 -54.18 -42.95 66.08
N ARG C 835 -55.07 -43.77 65.55
CA ARG C 835 -56.43 -43.37 65.17
C ARG C 835 -57.37 -44.46 65.68
N GLY C 836 -58.08 -44.20 66.77
CA GLY C 836 -58.98 -45.18 67.36
C GLY C 836 -60.09 -45.60 66.42
N GLY C 837 -60.06 -46.86 65.98
CA GLY C 837 -60.96 -47.31 64.94
C GLY C 837 -62.30 -47.77 65.48
N ILE C 838 -63.19 -48.11 64.55
CA ILE C 838 -64.50 -48.65 64.88
C ILE C 838 -64.62 -50.03 64.25
N ALA C 839 -64.88 -51.04 65.07
CA ALA C 839 -65.05 -52.40 64.59
C ALA C 839 -66.51 -52.77 64.58
N PHE C 840 -66.86 -53.73 63.73
CA PHE C 840 -68.25 -54.17 63.64
C PHE C 840 -68.31 -55.67 63.39
N ALA C 841 -69.43 -56.25 63.79
CA ALA C 841 -69.67 -57.68 63.62
C ALA C 841 -71.17 -57.92 63.47
N THR C 842 -71.53 -59.18 63.29
CA THR C 842 -72.94 -59.57 63.09
C THR C 842 -73.25 -60.76 63.99
N PRO C 843 -74.27 -60.68 64.85
CA PRO C 843 -74.64 -61.84 65.65
C PRO C 843 -75.15 -62.97 64.78
N PRO C 844 -74.99 -64.22 65.19
CA PRO C 844 -75.42 -65.34 64.36
C PRO C 844 -76.94 -65.46 64.30
N GLY C 845 -77.43 -66.06 63.23
CA GLY C 845 -78.85 -66.30 63.04
C GLY C 845 -79.15 -66.95 61.72
N THR C 846 -80.04 -67.96 61.73
CA THR C 846 -80.41 -68.64 60.49
C THR C 846 -81.09 -67.70 59.50
N PRO C 847 -82.10 -66.87 59.88
CA PRO C 847 -82.60 -65.87 58.93
C PRO C 847 -81.71 -64.64 58.91
N LEU C 848 -81.03 -64.42 57.79
CA LEU C 848 -80.12 -63.28 57.68
C LEU C 848 -80.90 -62.01 57.41
N ALA C 849 -80.50 -60.93 58.08
CA ALA C 849 -81.15 -59.65 57.89
C ALA C 849 -80.81 -59.09 56.52
N PRO C 850 -81.71 -58.27 55.94
CA PRO C 850 -81.40 -57.64 54.65
C PRO C 850 -80.24 -56.67 54.78
N LYS C 851 -79.53 -56.47 53.66
CA LYS C 851 -78.40 -55.56 53.64
C LYS C 851 -78.86 -54.12 53.89
N ALA C 852 -78.01 -53.36 54.57
CA ALA C 852 -78.33 -51.97 54.88
C ALA C 852 -78.40 -51.14 53.60
N GLN C 853 -79.29 -50.14 53.63
CA GLN C 853 -79.49 -49.27 52.48
C GLN C 853 -78.39 -48.20 52.45
N GLU C 854 -78.55 -47.21 51.57
CA GLU C 854 -77.58 -46.13 51.49
C GLU C 854 -77.55 -45.32 52.78
N GLY C 855 -78.71 -45.00 53.33
CA GLY C 855 -78.77 -44.31 54.60
C GLY C 855 -79.23 -45.20 55.73
N LYS C 856 -78.30 -45.63 56.59
CA LYS C 856 -78.62 -46.49 57.71
C LYS C 856 -77.88 -46.01 58.93
N HIS C 857 -78.58 -45.92 60.06
CA HIS C 857 -78.04 -45.41 61.30
C HIS C 857 -77.92 -46.54 62.32
N PHE C 858 -76.73 -46.70 62.89
CA PHE C 858 -76.47 -47.65 63.96
C PHE C 858 -76.10 -46.88 65.23
N LEU C 859 -76.04 -47.61 66.34
CA LEU C 859 -75.66 -47.05 67.64
C LEU C 859 -74.34 -47.64 68.07
N LEU C 860 -73.42 -46.78 68.51
CA LEU C 860 -72.11 -47.24 68.95
C LEU C 860 -72.22 -47.83 70.36
N GLN C 861 -71.89 -49.12 70.48
CA GLN C 861 -71.93 -49.78 71.78
C GLN C 861 -70.84 -49.25 72.70
N GLU C 862 -71.18 -49.09 73.98
CA GLU C 862 -70.22 -48.56 74.94
C GLU C 862 -69.13 -49.56 75.30
N SER C 863 -69.34 -50.85 75.01
CA SER C 863 -68.36 -51.87 75.35
C SER C 863 -68.33 -52.93 74.26
N GLU C 864 -67.18 -53.58 74.12
CA GLU C 864 -67.03 -54.67 73.16
C GLU C 864 -67.89 -55.87 73.57
N PRO C 865 -68.59 -56.49 72.63
CA PRO C 865 -69.33 -57.72 72.96
C PRO C 865 -68.40 -58.82 73.43
N LYS C 866 -68.89 -59.62 74.39
CA LYS C 866 -68.03 -60.58 75.06
C LYS C 866 -67.68 -61.76 74.16
N GLU C 867 -68.66 -62.30 73.44
CA GLU C 867 -68.48 -63.51 72.65
C GLU C 867 -68.68 -63.25 71.16
N TRP C 868 -68.16 -62.13 70.66
CA TRP C 868 -68.26 -61.86 69.23
C TRP C 868 -67.29 -62.71 68.42
N ARG C 869 -66.24 -63.22 69.04
CA ARG C 869 -65.27 -64.04 68.32
C ARG C 869 -65.82 -65.44 68.03
N GLU C 870 -66.73 -65.93 68.85
CA GLU C 870 -67.28 -67.27 68.71
C GLU C 870 -68.57 -67.29 67.89
N TRP C 871 -68.97 -66.17 67.31
CA TRP C 871 -70.19 -66.13 66.51
C TRP C 871 -70.02 -66.92 65.21
N GLY C 872 -69.08 -66.51 64.37
CA GLY C 872 -68.84 -67.20 63.11
C GLY C 872 -69.99 -67.16 62.14
N THR C 873 -70.61 -66.00 61.97
CA THR C 873 -71.75 -65.87 61.08
C THR C 873 -71.30 -66.04 59.63
N ALA C 874 -72.03 -66.86 58.88
CA ALA C 874 -71.72 -67.10 57.47
C ALA C 874 -72.40 -66.05 56.62
N LEU C 875 -71.61 -65.19 55.98
CA LEU C 875 -72.13 -64.14 55.12
C LEU C 875 -71.86 -64.47 53.67
N PRO C 876 -72.87 -64.79 52.87
CA PRO C 876 -72.63 -65.12 51.46
C PRO C 876 -72.20 -63.92 50.65
N LYS C 877 -71.58 -64.20 49.52
CA LYS C 877 -71.07 -63.20 48.58
C LYS C 877 -70.09 -62.23 49.24
N LEU D 25 47.03 73.36 -97.18
CA LEU D 25 48.34 73.35 -96.55
C LEU D 25 48.28 72.68 -95.17
N LEU D 26 49.41 72.10 -94.75
CA LEU D 26 49.48 71.46 -93.44
C LEU D 26 49.25 72.45 -92.31
N PRO D 27 49.87 73.63 -92.28
CA PRO D 27 49.56 74.60 -91.21
C PRO D 27 48.11 75.04 -91.21
N PHE D 28 47.51 75.23 -92.39
CA PHE D 28 46.10 75.62 -92.45
C PHE D 28 45.20 74.52 -91.92
N ILE D 29 45.48 73.26 -92.27
CA ILE D 29 44.68 72.16 -91.78
C ILE D 29 44.85 71.99 -90.27
N ALA D 30 46.07 72.17 -89.76
CA ALA D 30 46.30 72.09 -88.33
C ALA D 30 45.55 73.21 -87.59
N LEU D 31 45.56 74.42 -88.15
CA LEU D 31 44.81 75.52 -87.55
C LEU D 31 43.31 75.24 -87.55
N MET D 32 42.80 74.67 -88.65
CA MET D 32 41.39 74.31 -88.71
C MET D 32 41.04 73.25 -87.68
N ILE D 33 41.91 72.25 -87.51
CA ILE D 33 41.67 71.20 -86.52
C ILE D 33 41.69 71.78 -85.11
N ALA D 34 42.64 72.67 -84.83
CA ALA D 34 42.71 73.30 -83.51
C ALA D 34 41.48 74.15 -83.25
N SER D 35 41.02 74.89 -84.27
CA SER D 35 39.81 75.69 -84.12
C SER D 35 38.59 74.82 -83.87
N TRP D 36 38.50 73.69 -84.57
CA TRP D 36 37.39 72.76 -84.36
C TRP D 36 37.42 72.18 -82.95
N LEU D 37 38.61 71.82 -82.46
CA LEU D 37 38.73 71.31 -81.10
C LEU D 37 38.35 72.36 -80.06
N ILE D 38 38.78 73.62 -80.29
CA ILE D 38 38.43 74.70 -79.37
C ILE D 38 36.93 74.94 -79.37
N TRP D 39 36.31 74.91 -80.56
CA TRP D 39 34.87 75.09 -80.65
C TRP D 39 34.12 73.96 -79.95
N ASP D 40 34.60 72.72 -80.11
CA ASP D 40 33.97 71.59 -79.43
C ASP D 40 34.10 71.71 -77.92
N SER D 41 35.26 72.17 -77.44
CA SER D 41 35.44 72.37 -76.01
C SER D 41 34.54 73.48 -75.48
N TYR D 42 34.41 74.57 -76.23
CA TYR D 42 33.62 75.72 -75.80
C TYR D 42 32.11 75.49 -75.90
N GLN D 43 31.66 74.64 -76.82
CA GLN D 43 30.24 74.38 -76.97
C GLN D 43 29.66 73.72 -75.73
N ASP D 44 30.39 72.76 -75.15
CA ASP D 44 29.99 72.09 -73.92
C ASP D 44 31.12 72.27 -72.91
N ARG D 45 31.10 73.40 -72.21
CA ARG D 45 32.06 73.68 -71.15
C ARG D 45 31.41 73.80 -69.78
N GLY D 46 30.19 74.33 -69.72
CA GLY D 46 29.48 74.39 -68.45
C GLY D 46 30.12 75.35 -67.46
N ASN D 47 30.09 74.95 -66.19
CA ASN D 47 30.56 75.78 -65.09
C ASN D 47 31.28 74.91 -64.06
N THR D 48 32.23 75.52 -63.36
CA THR D 48 33.06 74.79 -62.40
C THR D 48 32.46 74.90 -61.01
N VAL D 49 32.31 73.74 -60.35
CA VAL D 49 31.72 73.64 -59.02
C VAL D 49 32.71 72.95 -58.10
N THR D 50 32.91 73.49 -56.90
CA THR D 50 33.90 72.99 -55.97
C THR D 50 33.22 72.19 -54.85
N ILE D 51 33.66 70.94 -54.67
CA ILE D 51 33.11 70.04 -53.66
C ILE D 51 34.22 69.61 -52.72
N ASP D 52 33.92 69.61 -51.43
CA ASP D 52 34.87 69.16 -50.41
C ASP D 52 34.60 67.69 -50.09
N PHE D 53 35.60 66.85 -50.31
CA PHE D 53 35.52 65.42 -50.03
C PHE D 53 36.40 65.05 -48.85
N MET D 54 35.92 64.13 -48.03
CA MET D 54 36.74 63.61 -46.94
C MET D 54 37.77 62.62 -47.47
N SER D 55 37.42 61.84 -48.48
CA SER D 55 38.34 60.86 -49.04
C SER D 55 37.90 60.56 -50.47
N ALA D 56 38.70 60.97 -51.45
CA ALA D 56 38.45 60.67 -52.86
C ALA D 56 39.22 59.40 -53.20
N ASP D 57 38.57 58.25 -53.03
CA ASP D 57 39.25 56.96 -53.16
C ASP D 57 39.69 56.70 -54.60
N GLY D 58 38.79 56.91 -55.56
CA GLY D 58 39.10 56.57 -56.93
C GLY D 58 38.65 57.59 -57.96
N ILE D 59 38.67 58.87 -57.61
CA ILE D 59 38.29 59.93 -58.53
C ILE D 59 39.47 60.21 -59.44
N VAL D 60 39.34 59.85 -60.71
CA VAL D 60 40.38 60.18 -61.70
C VAL D 60 40.22 61.63 -62.12
N PRO D 61 41.28 62.44 -62.09
CA PRO D 61 41.14 63.85 -62.50
C PRO D 61 40.76 64.02 -63.96
N GLY D 62 40.99 63.01 -64.81
CA GLY D 62 40.66 63.11 -66.21
C GLY D 62 39.23 62.72 -66.54
N ARG D 63 38.80 61.55 -66.07
CA ARG D 63 37.48 61.03 -66.39
C ARG D 63 36.83 60.48 -65.12
N THR D 64 35.81 61.18 -64.63
CA THR D 64 34.98 60.72 -63.52
C THR D 64 33.58 61.28 -63.69
N PRO D 65 32.61 60.46 -64.06
CA PRO D 65 31.26 60.98 -64.31
C PRO D 65 30.54 61.42 -63.05
N VAL D 66 29.70 62.44 -63.22
CA VAL D 66 28.77 62.90 -62.18
C VAL D 66 27.37 62.68 -62.73
N ARG D 67 26.65 61.75 -62.15
CA ARG D 67 25.38 61.27 -62.68
C ARG D 67 24.23 61.63 -61.76
N TYR D 68 23.09 61.96 -62.38
CA TYR D 68 21.81 62.08 -61.70
C TYR D 68 20.93 60.94 -62.21
N GLN D 69 20.58 60.02 -61.30
CA GLN D 69 19.82 58.82 -61.64
C GLN D 69 20.54 58.00 -62.72
N GLY D 70 21.87 58.01 -62.67
CA GLY D 70 22.68 57.24 -63.60
C GLY D 70 22.98 57.92 -64.93
N VAL D 71 22.45 59.12 -65.17
CA VAL D 71 22.66 59.81 -66.43
C VAL D 71 23.84 60.76 -66.26
N GLU D 72 24.89 60.55 -67.05
CA GLU D 72 26.11 61.33 -66.92
C GLU D 72 25.88 62.77 -67.36
N VAL D 73 26.18 63.71 -66.47
CA VAL D 73 26.02 65.14 -66.75
C VAL D 73 27.34 65.85 -66.55
N GLY D 74 27.88 65.80 -65.32
CA GLY D 74 29.10 66.50 -65.00
C GLY D 74 30.35 65.65 -65.22
N THR D 75 31.50 66.31 -65.12
CA THR D 75 32.79 65.64 -65.31
C THR D 75 33.83 66.30 -64.41
N VAL D 76 34.54 65.48 -63.64
CA VAL D 76 35.58 66.01 -62.75
C VAL D 76 36.74 66.51 -63.58
N GLN D 77 37.12 67.77 -63.38
CA GLN D 77 38.22 68.40 -64.10
C GLN D 77 39.45 68.61 -63.24
N ASP D 78 39.30 69.01 -61.97
CA ASP D 78 40.45 69.32 -61.15
C ASP D 78 40.34 68.66 -59.78
N ILE D 79 41.49 68.27 -59.23
CA ILE D 79 41.58 67.70 -57.89
C ILE D 79 42.74 68.38 -57.17
N SER D 80 42.49 68.86 -55.95
CA SER D 80 43.54 69.46 -55.14
C SER D 80 43.24 69.18 -53.67
N LEU D 81 44.17 69.58 -52.81
CA LEU D 81 44.02 69.42 -51.37
C LEU D 81 43.91 70.79 -50.71
N SER D 82 43.12 70.88 -49.64
CA SER D 82 42.96 72.15 -48.92
C SER D 82 44.09 72.30 -47.89
N ASP D 83 45.29 72.54 -48.42
CA ASP D 83 46.55 72.64 -47.68
C ASP D 83 46.63 71.58 -46.56
N ASP D 84 46.31 70.34 -46.92
CA ASP D 84 46.41 69.18 -46.02
C ASP D 84 45.58 69.37 -44.75
N LEU D 85 44.36 69.88 -44.90
CA LEU D 85 43.40 69.98 -43.81
C LEU D 85 42.34 68.90 -43.88
N ARG D 86 42.72 67.70 -44.35
CA ARG D 86 41.82 66.54 -44.44
C ARG D 86 40.62 66.80 -45.34
N LYS D 87 40.76 67.69 -46.31
CA LYS D 87 39.70 67.97 -47.26
C LYS D 87 40.26 68.05 -48.67
N ILE D 88 39.55 67.44 -49.61
CA ILE D 88 39.94 67.40 -51.01
C ILE D 88 38.99 68.30 -51.79
N GLU D 89 39.55 69.30 -52.47
CA GLU D 89 38.78 70.20 -53.32
C GLU D 89 38.68 69.59 -54.71
N VAL D 90 37.47 69.24 -55.12
CA VAL D 90 37.20 68.65 -56.42
C VAL D 90 36.43 69.67 -57.25
N LYS D 91 37.03 70.10 -58.35
CA LYS D 91 36.37 71.00 -59.30
C LYS D 91 35.78 70.16 -60.43
N VAL D 92 34.47 70.34 -60.64
CA VAL D 92 33.71 69.56 -61.60
C VAL D 92 33.03 70.52 -62.58
N SER D 93 33.16 70.23 -63.88
CA SER D 93 32.45 70.98 -64.91
C SER D 93 31.06 70.37 -65.11
N ILE D 94 30.04 71.21 -65.01
CA ILE D 94 28.64 70.80 -65.10
C ILE D 94 27.99 71.53 -66.27
N LYS D 95 27.17 70.81 -67.03
CA LYS D 95 26.52 71.37 -68.21
C LYS D 95 25.46 72.40 -67.82
N SER D 96 25.00 73.16 -68.81
CA SER D 96 24.06 74.25 -68.56
C SER D 96 22.67 73.72 -68.21
N ASP D 97 22.28 72.56 -68.73
CA ASP D 97 20.96 72.02 -68.44
C ASP D 97 20.83 71.66 -66.97
N MET D 98 21.94 71.28 -66.33
CA MET D 98 21.92 71.05 -64.89
C MET D 98 22.25 72.32 -64.11
N LYS D 99 23.01 73.24 -64.73
CA LYS D 99 23.29 74.52 -64.08
C LYS D 99 22.01 75.33 -63.89
N ASP D 100 21.05 75.20 -64.81
CA ASP D 100 19.80 75.94 -64.69
C ASP D 100 19.00 75.56 -63.45
N ALA D 101 19.22 74.36 -62.90
CA ALA D 101 18.55 73.93 -61.68
C ALA D 101 19.53 73.65 -60.55
N LEU D 102 20.80 73.98 -60.72
CA LEU D 102 21.80 73.83 -59.65
C LEU D 102 21.52 74.87 -58.58
N ARG D 103 21.10 74.41 -57.40
CA ARG D 103 20.64 75.29 -56.34
C ARG D 103 21.45 75.04 -55.07
N GLU D 104 21.06 75.71 -53.98
CA GLU D 104 21.81 75.60 -52.73
C GLU D 104 21.68 74.21 -52.12
N GLU D 105 20.49 73.64 -52.17
CA GLU D 105 20.27 72.30 -51.61
C GLU D 105 20.58 71.21 -52.64
N THR D 106 21.82 71.18 -53.12
CA THR D 106 22.28 70.13 -54.02
C THR D 106 23.27 69.25 -53.29
N GLN D 107 23.01 67.96 -53.26
CA GLN D 107 23.82 67.01 -52.52
C GLN D 107 24.62 66.14 -53.48
N PHE D 108 25.86 65.85 -53.08
CA PHE D 108 26.75 64.99 -53.84
C PHE D 108 27.26 63.88 -52.93
N TRP D 109 27.57 62.73 -53.52
CA TRP D 109 28.15 61.64 -52.76
C TRP D 109 29.02 60.80 -53.69
N LEU D 110 29.95 60.07 -53.10
CA LEU D 110 30.93 59.29 -53.84
C LEU D 110 30.49 57.83 -53.85
N VAL D 111 30.15 57.32 -55.03
CA VAL D 111 29.77 55.91 -55.19
C VAL D 111 31.03 55.14 -55.57
N THR D 112 31.39 54.20 -54.71
CA THR D 112 32.58 53.36 -54.76
C THR D 112 32.16 51.90 -54.73
N PRO D 113 33.02 50.97 -55.20
CA PRO D 113 32.67 49.54 -55.19
C PRO D 113 32.88 48.85 -53.84
N LYS D 114 32.47 49.49 -52.73
CA LYS D 114 32.59 48.93 -51.39
C LYS D 114 31.73 47.68 -51.25
N ALA D 115 32.09 46.84 -50.29
CA ALA D 115 31.37 45.61 -49.98
C ALA D 115 30.72 45.73 -48.61
N SER D 116 29.46 45.31 -48.52
CA SER D 116 28.70 45.40 -47.29
C SER D 116 28.16 44.03 -46.89
N LEU D 117 27.72 43.93 -45.64
CA LEU D 117 27.16 42.69 -45.13
C LEU D 117 25.78 42.44 -45.72
N ALA D 118 25.36 41.17 -45.71
CA ALA D 118 24.08 40.72 -46.22
C ALA D 118 23.89 41.13 -47.69
N GLY D 119 24.85 40.74 -48.51
CA GLY D 119 24.83 41.07 -49.91
C GLY D 119 25.74 42.23 -50.25
N VAL D 120 26.37 42.16 -51.42
CA VAL D 120 27.29 43.20 -51.87
C VAL D 120 26.49 44.39 -52.38
N SER D 121 27.17 45.53 -52.52
CA SER D 121 26.53 46.75 -53.01
C SER D 121 27.43 47.41 -54.04
N GLY D 122 26.80 48.12 -54.97
CA GLY D 122 27.54 48.85 -55.99
C GLY D 122 28.32 48.00 -56.96
N LEU D 123 27.73 46.91 -57.46
CA LEU D 123 28.39 46.13 -58.51
C LEU D 123 28.46 46.90 -59.81
N ASP D 124 27.43 47.69 -60.12
CA ASP D 124 27.51 48.58 -61.28
C ASP D 124 28.61 49.62 -61.09
N ALA D 125 28.79 50.10 -59.86
CA ALA D 125 29.91 50.99 -59.57
C ALA D 125 31.25 50.29 -59.75
N LEU D 126 31.32 49.01 -59.38
CA LEU D 126 32.55 48.25 -59.62
C LEU D 126 32.83 48.12 -61.10
N VAL D 127 31.81 47.90 -61.91
CA VAL D 127 31.98 47.77 -63.35
C VAL D 127 32.41 49.10 -63.96
N GLY D 128 31.74 50.19 -63.59
CA GLY D 128 31.93 51.47 -64.24
C GLY D 128 32.75 52.51 -63.52
N GLY D 129 33.49 52.14 -62.47
CA GLY D 129 34.33 53.09 -61.77
C GLY D 129 33.60 53.82 -60.65
N ASN D 130 34.54 54.28 -59.97
CA ASN D 130 33.97 55.17 -58.97
C ASN D 130 33.38 56.40 -59.64
N TYR D 131 32.19 56.83 -59.18
CA TYR D 131 31.56 58.00 -59.78
C TYR D 131 30.81 58.77 -58.71
N ILE D 132 30.12 59.84 -59.13
CA ILE D 132 29.48 60.76 -58.20
C ILE D 132 28.00 60.86 -58.55
N GLY D 133 27.13 60.44 -57.63
CA GLY D 133 25.70 60.60 -57.80
C GLY D 133 25.22 61.92 -57.22
N MET D 134 24.19 62.49 -57.86
CA MET D 134 23.68 63.80 -57.47
C MET D 134 22.15 63.77 -57.37
N MET D 135 21.63 64.68 -56.54
CA MET D 135 20.18 64.83 -56.33
C MET D 135 19.82 66.27 -55.98
N PRO D 136 19.01 66.94 -56.80
CA PRO D 136 18.62 68.32 -56.50
C PRO D 136 17.31 68.40 -55.72
N GLY D 137 17.07 69.59 -55.16
CA GLY D 137 15.85 69.88 -54.43
C GLY D 137 15.26 71.23 -54.78
N LYS D 138 15.01 72.07 -53.78
CA LYS D 138 14.34 73.36 -53.95
C LYS D 138 15.06 74.46 -53.20
N GLY D 139 16.38 74.56 -53.38
CA GLY D 139 17.17 75.63 -52.80
C GLY D 139 17.19 76.87 -53.69
N LYS D 140 18.03 77.83 -53.31
CA LYS D 140 18.18 79.07 -54.05
C LYS D 140 19.36 79.02 -55.02
N GLU D 141 20.58 78.91 -54.50
CA GLU D 141 21.79 78.93 -55.32
C GLU D 141 22.99 78.60 -54.43
N GLN D 142 23.93 77.83 -54.98
CA GLN D 142 25.19 77.52 -54.30
C GLN D 142 26.17 76.96 -55.32
N ASP D 143 27.45 77.25 -55.11
CA ASP D 143 28.53 76.73 -55.95
C ASP D 143 29.54 75.89 -55.19
N HIS D 144 29.43 75.82 -53.87
CA HIS D 144 30.36 75.09 -53.01
C HIS D 144 29.56 74.18 -52.11
N PHE D 145 29.64 72.87 -52.36
CA PHE D 145 28.88 71.89 -51.59
C PHE D 145 29.81 70.97 -50.82
N VAL D 146 29.22 70.20 -49.91
CA VAL D 146 29.93 69.19 -49.12
C VAL D 146 29.24 67.85 -49.37
N ALA D 147 30.04 66.84 -49.74
CA ALA D 147 29.49 65.54 -50.06
C ALA D 147 29.02 64.80 -48.81
N LEU D 148 27.97 64.01 -48.97
CA LEU D 148 27.45 63.19 -47.89
C LEU D 148 28.27 61.89 -47.76
N ASP D 149 28.09 61.23 -46.62
CA ASP D 149 28.83 59.99 -46.37
C ASP D 149 28.34 58.85 -47.26
N THR D 150 27.03 58.67 -47.35
CA THR D 150 26.43 57.59 -48.12
C THR D 150 25.32 58.15 -49.00
N GLN D 151 24.72 57.28 -49.80
CA GLN D 151 23.62 57.68 -50.67
C GLN D 151 22.34 57.83 -49.85
N PRO D 152 21.73 59.01 -49.82
CA PRO D 152 20.49 59.18 -49.04
C PRO D 152 19.28 58.66 -49.80
N LYS D 153 18.23 58.37 -49.04
CA LYS D 153 16.95 57.96 -49.61
C LYS D 153 16.26 59.18 -50.21
N TYR D 154 15.78 59.04 -51.46
CA TYR D 154 15.22 60.16 -52.20
C TYR D 154 13.77 59.97 -52.63
N ARG D 155 13.26 58.74 -52.62
CA ARG D 155 11.89 58.41 -53.00
C ARG D 155 11.61 58.74 -54.47
N LEU D 156 10.41 58.41 -54.96
CA LEU D 156 10.06 58.65 -56.35
C LEU D 156 8.72 59.33 -56.55
N ASP D 157 7.87 59.39 -55.52
CA ASP D 157 6.55 60.03 -55.60
C ASP D 157 5.70 59.43 -56.72
N ASN D 158 5.67 58.10 -56.78
CA ASN D 158 4.89 57.37 -57.78
C ASN D 158 3.50 57.00 -57.29
N GLY D 159 2.93 57.78 -56.37
CA GLY D 159 1.63 57.45 -55.80
C GLY D 159 1.68 56.42 -54.69
N ASP D 160 2.86 56.07 -54.21
CA ASP D 160 2.99 55.09 -53.14
C ASP D 160 2.52 55.71 -51.82
N LEU D 161 2.18 54.83 -50.87
CA LEU D 161 1.65 55.25 -49.58
C LEU D 161 2.72 55.10 -48.53
N MET D 162 3.05 56.19 -47.84
CA MET D 162 4.04 56.20 -46.77
C MET D 162 3.33 56.21 -45.43
N ILE D 163 3.66 55.25 -44.57
CA ILE D 163 3.07 55.19 -43.24
C ILE D 163 4.16 54.95 -42.20
N HIS D 164 3.81 55.22 -40.95
CA HIS D 164 4.74 55.14 -39.83
C HIS D 164 4.27 54.07 -38.85
N LEU D 165 5.22 53.32 -38.30
CA LEU D 165 4.95 52.31 -37.28
C LEU D 165 5.77 52.61 -36.04
N GLN D 166 5.12 52.64 -34.89
CA GLN D 166 5.78 52.90 -33.62
C GLN D 166 6.08 51.59 -32.91
N ALA D 167 7.34 51.41 -32.50
CA ALA D 167 7.78 50.17 -31.88
C ALA D 167 8.63 50.49 -30.66
N PRO D 168 8.66 49.58 -29.68
CA PRO D 168 9.64 49.74 -28.58
C PRO D 168 11.07 49.69 -29.05
N ASP D 169 11.37 48.90 -30.09
CA ASP D 169 12.71 48.80 -30.63
C ASP D 169 12.62 48.44 -32.11
N LEU D 170 13.70 48.72 -32.84
CA LEU D 170 13.73 48.42 -34.27
C LEU D 170 13.67 46.92 -34.53
N GLY D 171 14.36 46.12 -33.71
CA GLY D 171 14.41 44.70 -33.94
C GLY D 171 15.36 44.34 -35.07
N SER D 172 15.13 43.16 -35.64
CA SER D 172 15.93 42.69 -36.77
C SER D 172 15.61 43.41 -38.07
N LEU D 173 14.55 44.22 -38.10
CA LEU D 173 14.18 44.92 -39.32
C LEU D 173 15.25 45.91 -39.73
N ASN D 174 15.58 45.92 -41.02
CA ASN D 174 16.55 46.83 -41.59
C ASN D 174 15.94 47.49 -42.82
N SER D 175 16.71 48.38 -43.44
CA SER D 175 16.26 49.04 -44.66
C SER D 175 16.15 48.02 -45.78
N GLY D 176 15.04 48.07 -46.51
CA GLY D 176 14.79 47.15 -47.60
C GLY D 176 14.02 45.90 -47.22
N SER D 177 13.74 45.70 -45.94
CA SER D 177 12.95 44.54 -45.51
C SER D 177 11.52 44.67 -46.04
N LEU D 178 10.94 43.54 -46.42
CA LEU D 178 9.69 43.53 -47.16
C LEU D 178 8.48 43.62 -46.24
N VAL D 179 7.35 44.00 -46.84
CA VAL D 179 6.06 44.08 -46.17
C VAL D 179 5.09 43.18 -46.92
N TYR D 180 4.34 42.37 -46.18
CA TYR D 180 3.54 41.30 -46.76
C TYR D 180 2.07 41.46 -46.41
N PHE D 181 1.22 41.12 -47.38
CA PHE D 181 -0.20 40.90 -47.16
C PHE D 181 -0.55 39.56 -47.79
N ARG D 182 -1.02 38.62 -46.97
CA ARG D 182 -1.19 37.23 -47.37
C ARG D 182 0.11 36.65 -47.90
N LYS D 183 1.22 37.03 -47.25
CA LYS D 183 2.58 36.63 -47.64
C LYS D 183 2.89 36.97 -49.09
N ILE D 184 2.47 38.17 -49.52
CA ILE D 184 2.76 38.69 -50.84
C ILE D 184 3.49 40.02 -50.67
N PRO D 185 4.66 40.20 -51.26
CA PRO D 185 5.41 41.46 -51.09
C PRO D 185 4.68 42.62 -51.75
N VAL D 186 4.25 43.58 -50.92
CA VAL D 186 3.50 44.74 -51.38
C VAL D 186 4.16 46.05 -50.94
N GLY D 187 5.34 45.98 -50.35
CA GLY D 187 6.00 47.20 -49.89
C GLY D 187 7.32 46.87 -49.23
N LYS D 188 7.95 47.92 -48.69
CA LYS D 188 9.25 47.76 -48.05
C LYS D 188 9.48 48.90 -47.06
N VAL D 189 10.40 48.67 -46.14
CA VAL D 189 10.75 49.66 -45.12
C VAL D 189 11.60 50.74 -45.79
N TYR D 190 11.05 51.95 -45.89
CA TYR D 190 11.78 53.06 -46.49
C TYR D 190 12.88 53.58 -45.56
N ASP D 191 12.58 53.74 -44.27
CA ASP D 191 13.55 54.31 -43.34
C ASP D 191 13.15 53.97 -41.92
N TYR D 192 14.04 54.31 -40.98
CA TYR D 192 13.77 54.14 -39.56
C TYR D 192 14.50 55.22 -38.79
N ALA D 193 13.94 55.60 -37.64
CA ALA D 193 14.51 56.65 -36.81
C ALA D 193 14.00 56.50 -35.39
N ILE D 194 14.55 57.30 -34.48
CA ILE D 194 14.17 57.29 -33.08
C ILE D 194 13.28 58.50 -32.82
N ASN D 195 12.30 58.34 -31.92
CA ASN D 195 11.45 59.45 -31.53
C ASN D 195 12.25 60.48 -30.75
N PRO D 196 11.76 61.73 -30.68
CA PRO D 196 12.41 62.70 -29.77
C PRO D 196 12.46 62.20 -28.34
N ASN D 197 11.42 61.49 -27.89
CA ASN D 197 11.53 60.70 -26.67
C ASN D 197 12.30 59.43 -26.99
N LYS D 198 13.26 59.09 -26.13
CA LYS D 198 14.18 57.99 -26.41
C LYS D 198 13.53 56.61 -26.28
N GLN D 199 12.25 56.54 -25.88
CA GLN D 199 11.63 55.24 -25.65
C GLN D 199 11.28 54.53 -26.96
N GLY D 200 10.85 55.28 -27.98
CA GLY D 200 10.27 54.66 -29.15
C GLY D 200 11.03 54.81 -30.46
N VAL D 201 10.77 53.90 -31.38
CA VAL D 201 11.37 53.89 -32.72
C VAL D 201 10.26 53.98 -33.74
N VAL D 202 10.38 54.94 -34.66
CA VAL D 202 9.43 55.12 -35.75
C VAL D 202 10.03 54.54 -37.01
N ILE D 203 9.35 53.56 -37.60
CA ILE D 203 9.76 52.92 -38.83
C ILE D 203 8.84 53.41 -39.94
N ASP D 204 9.41 54.11 -40.91
CA ASP D 204 8.65 54.58 -42.06
C ASP D 204 8.69 53.50 -43.13
N VAL D 205 7.52 53.00 -43.51
CA VAL D 205 7.41 51.98 -44.54
C VAL D 205 6.58 52.53 -45.69
N LEU D 206 6.79 51.94 -46.87
CA LEU D 206 6.18 52.40 -48.11
C LEU D 206 5.48 51.23 -48.77
N ILE D 207 4.23 51.44 -49.17
CA ILE D 207 3.41 50.45 -49.85
C ILE D 207 3.20 50.91 -51.29
N GLU D 208 3.29 49.97 -52.23
CA GLU D 208 3.23 50.29 -53.65
C GLU D 208 1.89 50.92 -54.03
N ARG D 209 1.86 51.51 -55.22
CA ARG D 209 0.67 52.23 -55.68
C ARG D 209 -0.50 51.27 -55.88
N ARG D 210 -0.23 50.06 -56.35
CA ARG D 210 -1.31 49.11 -56.60
C ARG D 210 -2.01 48.70 -55.30
N PHE D 211 -1.25 48.58 -54.21
CA PHE D 211 -1.76 48.08 -52.95
C PHE D 211 -2.03 49.20 -51.94
N THR D 212 -2.30 50.42 -52.43
CA THR D 212 -2.62 51.52 -51.52
C THR D 212 -3.93 51.28 -50.80
N ASP D 213 -4.93 50.74 -51.49
CA ASP D 213 -6.23 50.50 -50.88
C ASP D 213 -6.22 49.33 -49.90
N LEU D 214 -5.15 48.53 -49.88
CA LEU D 214 -5.07 47.43 -48.94
C LEU D 214 -4.97 47.92 -47.50
N VAL D 215 -4.21 49.00 -47.28
CA VAL D 215 -4.00 49.53 -45.94
C VAL D 215 -5.25 50.25 -45.48
N LYS D 216 -5.75 49.89 -44.30
CA LYS D 216 -6.93 50.49 -43.71
C LYS D 216 -6.58 51.10 -42.36
N LYS D 217 -7.57 51.80 -41.78
CA LYS D 217 -7.38 52.38 -40.45
C LYS D 217 -7.22 51.29 -39.40
N GLY D 218 -7.98 50.21 -39.51
CA GLY D 218 -7.93 49.11 -38.57
C GLY D 218 -6.93 48.02 -38.90
N SER D 219 -6.05 48.23 -39.87
CA SER D 219 -5.06 47.23 -40.23
C SER D 219 -4.07 47.03 -39.09
N ARG D 220 -3.64 45.78 -38.92
CA ARG D 220 -2.74 45.41 -37.83
C ARG D 220 -1.43 44.89 -38.41
N PHE D 221 -0.31 45.39 -37.87
CA PHE D 221 1.03 45.05 -38.34
C PHE D 221 1.75 44.23 -37.29
N TRP D 222 2.51 43.23 -37.74
CA TRP D 222 3.36 42.44 -36.87
C TRP D 222 4.67 42.16 -37.58
N ASN D 223 5.67 41.78 -36.79
CA ASN D 223 7.04 41.57 -37.27
C ASN D 223 7.34 40.09 -37.33
N VAL D 224 7.83 39.63 -38.48
CA VAL D 224 8.31 38.27 -38.65
C VAL D 224 9.80 38.37 -38.97
N SER D 225 10.64 38.09 -37.98
CA SER D 225 12.08 38.27 -38.13
C SER D 225 12.81 37.09 -37.50
N GLY D 226 13.86 36.64 -38.18
CA GLY D 226 14.67 35.54 -37.68
C GLY D 226 13.93 34.21 -37.75
N VAL D 227 14.50 33.25 -37.04
CA VAL D 227 13.94 31.90 -36.94
C VAL D 227 13.80 31.55 -35.46
N ASP D 228 12.61 31.10 -35.07
CA ASP D 228 12.34 30.69 -33.70
C ASP D 228 11.83 29.25 -33.70
N ALA D 229 12.32 28.46 -32.75
CA ALA D 229 11.93 27.07 -32.60
C ALA D 229 11.21 26.91 -31.26
N ASN D 230 10.00 26.38 -31.29
CA ASN D 230 9.18 26.19 -30.10
C ASN D 230 8.98 24.71 -29.86
N VAL D 231 9.23 24.27 -28.63
CA VAL D 231 9.05 22.88 -28.23
C VAL D 231 7.71 22.77 -27.51
N SER D 232 6.80 21.99 -28.07
CA SER D 232 5.47 21.80 -27.51
C SER D 232 5.38 20.45 -26.81
N ILE D 233 4.52 20.40 -25.78
CA ILE D 233 4.34 19.17 -25.02
C ILE D 233 3.63 18.12 -25.87
N SER D 234 3.98 16.85 -25.62
CA SER D 234 3.43 15.71 -26.35
C SER D 234 3.62 15.86 -27.86
N GLY D 235 4.83 16.28 -28.26
CA GLY D 235 5.13 16.47 -29.67
C GLY D 235 5.50 17.90 -29.99
N ALA D 236 6.71 18.10 -30.51
CA ALA D 236 7.22 19.43 -30.84
C ALA D 236 7.42 19.53 -32.35
N LYS D 237 6.94 20.61 -32.94
CA LYS D 237 7.07 20.85 -34.38
C LYS D 237 7.72 22.20 -34.60
N VAL D 238 8.76 22.22 -35.45
CA VAL D 238 9.44 23.45 -35.84
C VAL D 238 9.33 23.58 -37.35
N LYS D 239 8.76 24.69 -37.81
CA LYS D 239 8.52 24.91 -39.23
C LYS D 239 9.19 26.18 -39.69
N LEU D 240 9.86 26.12 -40.83
CA LEU D 240 10.48 27.27 -41.46
C LEU D 240 9.81 27.53 -42.79
N GLU D 241 9.37 28.77 -43.02
CA GLU D 241 8.65 29.13 -44.23
C GLU D 241 9.37 30.19 -45.06
N SER D 242 9.82 31.27 -44.43
CA SER D 242 10.43 32.38 -45.14
C SER D 242 11.91 32.46 -44.79
N LEU D 243 12.76 32.49 -45.83
CA LEU D 243 14.19 32.67 -45.63
C LEU D 243 14.61 34.13 -45.69
N ALA D 244 13.89 34.95 -46.46
CA ALA D 244 14.17 36.39 -46.46
C ALA D 244 13.91 37.00 -45.10
N ALA D 245 12.84 36.58 -44.43
CA ALA D 245 12.59 37.05 -43.07
C ALA D 245 13.61 36.48 -42.08
N LEU D 246 14.14 35.29 -42.35
CA LEU D 246 15.21 34.76 -41.52
C LEU D 246 16.48 35.61 -41.64
N VAL D 247 16.86 35.95 -42.86
CA VAL D 247 18.10 36.68 -43.10
C VAL D 247 17.99 38.14 -42.67
N ASN D 248 16.92 38.83 -43.04
CA ASN D 248 16.80 40.26 -42.83
C ASN D 248 15.58 40.69 -42.04
N GLY D 249 14.52 39.88 -41.99
CA GLY D 249 13.29 40.25 -41.32
C GLY D 249 12.28 40.85 -42.28
N ALA D 250 11.03 40.90 -41.81
CA ALA D 250 9.95 41.45 -42.62
C ALA D 250 8.80 41.87 -41.71
N ILE D 251 7.90 42.66 -42.28
CA ILE D 251 6.68 43.07 -41.61
C ILE D 251 5.51 42.48 -42.39
N ALA D 252 4.48 42.05 -41.68
CA ALA D 252 3.25 41.57 -42.31
C ALA D 252 2.08 42.32 -41.71
N PHE D 253 1.01 42.47 -42.50
CA PHE D 253 -0.16 43.18 -42.00
C PHE D 253 -1.44 42.50 -42.45
N ASP D 254 -2.46 42.62 -41.61
CA ASP D 254 -3.80 42.11 -41.87
C ASP D 254 -4.76 43.27 -41.96
N SER D 255 -5.61 43.27 -43.00
CA SER D 255 -6.53 44.35 -43.28
C SER D 255 -7.95 43.91 -42.94
N PRO D 256 -8.68 44.66 -42.10
CA PRO D 256 -10.07 44.30 -41.82
C PRO D 256 -10.96 44.52 -43.03
N GLU D 257 -12.07 43.78 -43.06
CA GLU D 257 -12.96 43.82 -44.22
C GLU D 257 -13.69 45.16 -44.32
N GLU D 258 -14.14 45.70 -43.20
CA GLU D 258 -14.96 46.92 -43.19
C GLU D 258 -14.22 48.00 -42.41
N SER D 259 -13.40 48.77 -43.11
CA SER D 259 -12.70 49.91 -42.52
C SER D 259 -12.37 50.91 -43.61
N LYS D 260 -12.28 52.18 -43.21
CA LYS D 260 -11.90 53.23 -44.14
C LYS D 260 -10.40 53.12 -44.48
N PRO D 261 -10.01 53.48 -45.70
CA PRO D 261 -8.60 53.45 -46.06
C PRO D 261 -7.78 54.46 -45.29
N ALA D 262 -6.52 54.12 -45.04
CA ALA D 262 -5.60 54.99 -44.33
C ALA D 262 -4.66 55.69 -45.31
N GLU D 263 -4.30 56.93 -44.98
CA GLU D 263 -3.48 57.73 -45.85
C GLU D 263 -2.80 58.83 -45.03
N ALA D 264 -1.86 59.53 -45.69
CA ALA D 264 -1.19 60.71 -45.14
C ALA D 264 -0.46 60.39 -43.84
N GLU D 265 0.51 59.48 -43.94
CA GLU D 265 1.42 59.14 -42.84
C GLU D 265 0.66 58.69 -41.58
N ASP D 266 -0.35 57.85 -41.78
CA ASP D 266 -1.11 57.33 -40.65
C ASP D 266 -0.23 56.41 -39.80
N THR D 267 -0.30 56.60 -38.49
CA THR D 267 0.51 55.83 -37.56
C THR D 267 -0.17 54.52 -37.19
N PHE D 268 0.64 53.50 -36.91
CA PHE D 268 0.16 52.19 -36.52
C PHE D 268 1.08 51.61 -35.47
N GLY D 269 0.58 50.61 -34.75
CA GLY D 269 1.35 49.92 -33.73
C GLY D 269 1.90 48.62 -34.28
N LEU D 270 3.22 48.46 -34.14
CA LEU D 270 3.92 47.28 -34.63
C LEU D 270 3.97 46.24 -33.51
N TYR D 271 3.10 45.24 -33.59
CA TYR D 271 3.12 44.15 -32.63
C TYR D 271 4.30 43.24 -32.89
N GLU D 272 4.78 42.60 -31.83
CA GLU D 272 5.97 41.77 -31.93
C GLU D 272 5.68 40.37 -32.46
N ASP D 273 4.42 39.96 -32.53
CA ASP D 273 4.10 38.62 -33.00
C ASP D 273 2.65 38.60 -33.49
N LEU D 274 2.33 37.57 -34.27
CA LEU D 274 0.96 37.40 -34.76
C LEU D 274 0.01 37.13 -33.60
N ALA D 275 0.44 36.35 -32.60
CA ALA D 275 -0.38 36.10 -31.43
C ALA D 275 -0.67 37.39 -30.67
N HIS D 276 0.33 38.26 -30.55
CA HIS D 276 0.11 39.55 -29.92
C HIS D 276 -0.77 40.46 -30.76
N SER D 277 -0.72 40.34 -32.08
CA SER D 277 -1.55 41.14 -32.97
C SER D 277 -2.94 40.54 -33.18
N GLN D 278 -3.22 39.38 -32.60
CA GLN D 278 -4.56 38.80 -32.69
C GLN D 278 -5.60 39.72 -32.05
N ARG D 279 -6.71 39.90 -32.74
CA ARG D 279 -7.78 40.77 -32.25
C ARG D 279 -8.53 40.10 -31.10
N GLY D 280 -8.99 40.91 -30.16
CA GLY D 280 -9.72 40.37 -29.03
C GLY D 280 -10.24 41.47 -28.14
N VAL D 281 -10.78 41.07 -26.99
CA VAL D 281 -11.35 41.97 -26.00
C VAL D 281 -10.56 41.82 -24.71
N ILE D 282 -10.18 42.94 -24.11
CA ILE D 282 -9.39 42.96 -22.89
C ILE D 282 -10.31 42.78 -21.69
N ILE D 283 -9.96 41.84 -20.81
CA ILE D 283 -10.70 41.58 -19.58
C ILE D 283 -9.73 41.69 -18.41
N LYS D 284 -10.09 42.46 -17.39
CA LYS D 284 -9.26 42.64 -16.22
C LYS D 284 -9.60 41.59 -15.17
N LEU D 285 -8.57 40.96 -14.62
CA LEU D 285 -8.73 39.88 -13.65
C LEU D 285 -7.99 40.25 -12.37
N GLU D 286 -8.67 40.08 -11.24
CA GLU D 286 -8.08 40.30 -9.92
C GLU D 286 -7.64 38.94 -9.39
N LEU D 287 -6.44 38.52 -9.78
CA LEU D 287 -5.96 37.20 -9.44
C LEU D 287 -5.55 37.13 -7.96
N PRO D 288 -5.72 35.97 -7.32
CA PRO D 288 -5.21 35.83 -5.96
C PRO D 288 -3.69 35.78 -5.90
N SER D 289 -3.06 35.02 -6.80
CA SER D 289 -1.60 34.95 -6.87
C SER D 289 -1.21 34.47 -8.25
N GLY D 290 0.05 34.72 -8.61
CA GLY D 290 0.57 34.31 -9.89
C GLY D 290 1.59 33.19 -9.78
N ALA D 291 1.34 32.23 -8.89
CA ALA D 291 2.31 31.16 -8.64
C ALA D 291 2.53 30.30 -9.87
N GLY D 292 1.47 29.96 -10.60
CA GLY D 292 1.59 29.12 -11.77
C GLY D 292 1.02 29.73 -13.03
N LEU D 293 1.00 31.07 -13.09
CA LEU D 293 0.45 31.80 -14.22
C LEU D 293 1.58 32.45 -15.00
N THR D 294 1.59 32.23 -16.32
CA THR D 294 2.62 32.76 -17.20
C THR D 294 1.97 33.63 -18.25
N ALA D 295 2.55 34.81 -18.49
CA ALA D 295 2.04 35.71 -19.50
C ALA D 295 2.17 35.10 -20.90
N ASP D 296 1.14 35.26 -21.71
CA ASP D 296 1.05 34.74 -23.07
C ASP D 296 1.19 33.23 -23.13
N SER D 297 0.92 32.53 -22.01
CA SER D 297 0.99 31.08 -22.00
C SER D 297 -0.16 30.40 -21.28
N THR D 298 -0.98 31.12 -20.49
CA THR D 298 -2.08 30.52 -19.76
C THR D 298 -3.38 30.72 -20.53
N PRO D 299 -4.03 29.66 -20.99
CA PRO D 299 -5.26 29.82 -21.76
C PRO D 299 -6.51 29.88 -20.88
N LEU D 300 -7.63 30.21 -21.52
CA LEU D 300 -8.95 30.21 -20.88
C LEU D 300 -9.78 29.14 -21.58
N MET D 301 -9.96 28.00 -20.93
CA MET D 301 -10.67 26.87 -21.52
C MET D 301 -12.15 26.93 -21.17
N TYR D 302 -12.99 26.95 -22.20
CA TYR D 302 -14.44 26.84 -22.05
C TYR D 302 -14.91 25.67 -22.88
N GLN D 303 -15.59 24.72 -22.24
CA GLN D 303 -16.03 23.46 -22.85
C GLN D 303 -14.84 22.69 -23.44
N GLY D 304 -13.67 22.83 -22.82
CA GLY D 304 -12.47 22.15 -23.27
C GLY D 304 -11.72 22.82 -24.39
N LEU D 305 -12.21 23.94 -24.92
CA LEU D 305 -11.59 24.62 -26.04
C LEU D 305 -11.06 25.97 -25.59
N GLU D 306 -9.88 26.34 -26.10
CA GLU D 306 -9.24 27.59 -25.73
C GLU D 306 -9.93 28.76 -26.41
N VAL D 307 -10.51 29.66 -25.60
CA VAL D 307 -11.20 30.84 -26.09
C VAL D 307 -10.58 32.13 -25.58
N GLY D 308 -9.56 32.06 -24.72
CA GLY D 308 -8.94 33.24 -24.18
C GLY D 308 -7.47 32.99 -23.90
N GLN D 309 -6.76 34.07 -23.58
CA GLN D 309 -5.32 33.98 -23.31
C GLN D 309 -4.93 35.10 -22.37
N LEU D 310 -4.41 34.76 -21.20
CA LEU D 310 -3.92 35.75 -20.25
C LEU D 310 -2.63 36.36 -20.78
N THR D 311 -2.70 37.61 -21.21
CA THR D 311 -1.56 38.24 -21.88
C THR D 311 -0.74 39.14 -20.97
N LYS D 312 -1.35 39.77 -19.96
CA LYS D 312 -0.64 40.71 -19.10
C LYS D 312 -0.76 40.27 -17.65
N LEU D 313 0.32 40.41 -16.89
CA LEU D 313 0.37 40.02 -15.50
C LEU D 313 1.22 41.02 -14.72
N ASP D 314 0.63 41.67 -13.73
CA ASP D 314 1.29 42.73 -12.98
C ASP D 314 1.09 42.54 -11.49
N LEU D 315 1.98 43.16 -10.71
CA LEU D 315 1.94 43.13 -9.25
C LEU D 315 1.81 44.58 -8.77
N ASN D 316 0.58 45.04 -8.59
CA ASN D 316 0.34 46.36 -8.04
C ASN D 316 0.76 46.41 -6.58
N PRO D 317 1.22 47.57 -6.10
CA PRO D 317 1.72 47.67 -4.72
C PRO D 317 0.67 47.34 -3.69
N GLY D 318 1.12 46.82 -2.56
CA GLY D 318 0.25 46.17 -1.61
C GLY D 318 0.11 44.67 -1.83
N GLY D 319 0.94 44.10 -2.69
CA GLY D 319 0.85 42.68 -3.01
C GLY D 319 -0.42 42.30 -3.75
N LYS D 320 -0.83 43.10 -4.73
CA LYS D 320 -2.07 42.84 -5.47
C LYS D 320 -1.72 42.30 -6.84
N VAL D 321 -1.92 41.01 -7.05
CA VAL D 321 -1.64 40.39 -8.34
C VAL D 321 -2.84 40.60 -9.26
N THR D 322 -2.62 41.30 -10.36
CA THR D 322 -3.67 41.59 -11.33
C THR D 322 -3.23 41.11 -12.71
N GLY D 323 -4.20 40.99 -13.61
CA GLY D 323 -3.89 40.54 -14.95
C GLY D 323 -4.88 41.04 -15.98
N GLU D 324 -4.49 40.90 -17.24
CA GLU D 324 -5.32 41.23 -18.38
C GLU D 324 -5.32 40.05 -19.34
N MET D 325 -6.50 39.70 -19.85
CA MET D 325 -6.68 38.54 -20.69
C MET D 325 -7.42 38.95 -21.96
N THR D 326 -6.92 38.49 -23.11
CA THR D 326 -7.58 38.73 -24.38
C THR D 326 -8.52 37.57 -24.69
N VAL D 327 -9.78 37.89 -24.96
CA VAL D 327 -10.80 36.89 -25.27
C VAL D 327 -11.28 37.11 -26.70
N ASP D 328 -11.49 36.01 -27.41
CA ASP D 328 -11.96 36.09 -28.79
C ASP D 328 -13.42 36.59 -28.83
N PRO D 329 -13.83 37.20 -29.94
CA PRO D 329 -15.16 37.83 -29.98
C PRO D 329 -16.34 36.88 -29.81
N SER D 330 -16.13 35.57 -29.98
CA SER D 330 -17.26 34.63 -29.94
C SER D 330 -17.83 34.52 -28.53
N VAL D 331 -16.99 34.62 -27.50
CA VAL D 331 -17.44 34.40 -26.12
C VAL D 331 -17.64 35.72 -25.37
N VAL D 332 -17.72 36.85 -26.08
CA VAL D 332 -17.96 38.13 -25.42
C VAL D 332 -19.35 38.16 -24.81
N THR D 333 -20.35 37.61 -25.51
CA THR D 333 -21.71 37.59 -24.99
C THR D 333 -21.85 36.68 -23.77
N LEU D 334 -20.90 35.78 -23.55
CA LEU D 334 -20.91 34.91 -22.38
C LEU D 334 -20.32 35.57 -21.15
N LEU D 335 -19.77 36.78 -21.28
CA LEU D 335 -19.17 37.51 -20.16
C LEU D 335 -20.22 38.48 -19.63
N ARG D 336 -21.00 38.03 -18.65
CA ARG D 336 -22.05 38.84 -18.05
C ARG D 336 -21.92 38.87 -16.54
N GLU D 337 -22.95 39.35 -15.84
CA GLU D 337 -22.94 39.36 -14.39
C GLU D 337 -22.97 37.93 -13.85
N ASN D 338 -22.53 37.80 -12.60
CA ASN D 338 -22.33 36.53 -11.88
C ASN D 338 -21.70 35.45 -12.76
N THR D 339 -20.71 35.84 -13.55
CA THR D 339 -19.92 34.90 -14.35
C THR D 339 -18.60 34.65 -13.63
N ARG D 340 -18.31 33.38 -13.37
CA ARG D 340 -17.16 33.00 -12.56
C ARG D 340 -16.03 32.54 -13.47
N ILE D 341 -14.87 33.20 -13.36
CA ILE D 341 -13.65 32.78 -14.04
C ILE D 341 -12.69 32.33 -12.96
N GLU D 342 -12.58 31.01 -12.78
CA GLU D 342 -11.77 30.43 -11.72
C GLU D 342 -10.55 29.74 -12.32
N LEU D 343 -9.64 29.33 -11.45
CA LEU D 343 -8.41 28.64 -11.84
C LEU D 343 -8.51 27.17 -11.46
N ARG D 344 -8.10 26.30 -12.39
CA ARG D 344 -8.15 24.87 -12.22
C ARG D 344 -6.73 24.34 -12.02
N ASN D 345 -6.49 23.71 -10.88
CA ASN D 345 -5.19 23.09 -10.65
C ASN D 345 -5.06 21.80 -11.45
N PRO D 346 -3.86 21.49 -11.93
CA PRO D 346 -3.68 20.24 -12.68
C PRO D 346 -3.74 19.00 -11.78
N LYS D 347 -4.82 18.25 -11.88
CA LYS D 347 -5.04 17.07 -11.06
C LYS D 347 -4.68 15.80 -11.84
N LEU D 348 -4.21 14.80 -11.10
CA LEU D 348 -3.83 13.51 -11.68
C LEU D 348 -4.90 12.48 -11.35
N SER D 349 -5.41 11.82 -12.38
CA SER D 349 -6.43 10.78 -12.24
C SER D 349 -5.83 9.45 -12.65
N LEU D 350 -5.92 8.47 -11.75
CA LEU D 350 -5.37 7.14 -12.05
C LEU D 350 -6.17 6.44 -13.15
N SER D 351 -7.49 6.58 -13.11
CA SER D 351 -8.33 5.93 -14.13
C SER D 351 -8.13 6.55 -15.50
N ASP D 352 -8.11 7.88 -15.58
CA ASP D 352 -7.96 8.62 -16.84
C ASP D 352 -6.80 9.58 -16.68
N ALA D 353 -5.59 9.11 -16.98
CA ALA D 353 -4.41 9.96 -16.89
C ALA D 353 -4.38 10.95 -18.04
N ASN D 354 -4.12 12.21 -17.71
CA ASN D 354 -4.06 13.30 -18.69
C ASN D 354 -2.69 13.96 -18.59
N LEU D 355 -1.73 13.44 -19.35
CA LEU D 355 -0.37 13.98 -19.31
C LEU D 355 -0.33 15.41 -19.86
N SER D 356 -1.11 15.69 -20.91
CA SER D 356 -1.16 17.04 -21.46
C SER D 356 -1.72 18.03 -20.43
N ALA D 357 -2.78 17.64 -19.73
CA ALA D 357 -3.34 18.51 -18.69
C ALA D 357 -2.38 18.67 -17.53
N LEU D 358 -1.62 17.62 -17.18
CA LEU D 358 -0.61 17.74 -16.14
C LEU D 358 0.50 18.70 -16.55
N LEU D 359 0.93 18.63 -17.81
CA LEU D 359 2.03 19.47 -18.28
C LEU D 359 1.62 20.92 -18.49
N THR D 360 0.36 21.17 -18.86
CA THR D 360 -0.08 22.55 -19.06
C THR D 360 -0.06 23.33 -17.75
N GLY D 361 -0.50 22.72 -16.66
CA GLY D 361 -0.48 23.36 -15.36
C GLY D 361 -1.74 24.13 -15.05
N LYS D 362 -1.59 25.36 -14.56
CA LYS D 362 -2.75 26.20 -14.25
C LYS D 362 -3.51 26.55 -15.52
N THR D 363 -4.84 26.55 -15.41
CA THR D 363 -5.70 26.80 -16.56
C THR D 363 -6.99 27.43 -16.09
N PHE D 364 -7.32 28.60 -16.61
CA PHE D 364 -8.56 29.27 -16.25
C PHE D 364 -9.75 28.56 -16.90
N GLU D 365 -10.88 28.59 -16.20
CA GLU D 365 -12.12 27.97 -16.68
C GLU D 365 -13.22 29.02 -16.68
N LEU D 366 -14.02 29.02 -17.73
CA LEU D 366 -15.10 29.99 -17.91
C LEU D 366 -16.43 29.33 -17.58
N VAL D 367 -17.16 29.91 -16.63
CA VAL D 367 -18.49 29.46 -16.26
C VAL D 367 -19.47 30.60 -16.55
N PRO D 368 -20.18 30.53 -17.68
CA PRO D 368 -21.04 31.66 -18.08
C PRO D 368 -22.21 31.86 -17.14
N GLY D 369 -22.66 33.11 -17.07
CA GLY D 369 -23.82 33.48 -16.29
C GLY D 369 -24.79 34.34 -17.07
N ASP D 370 -25.63 35.11 -16.37
CA ASP D 370 -26.59 35.98 -17.01
C ASP D 370 -26.60 37.33 -16.30
N GLY D 371 -26.97 38.37 -17.04
CA GLY D 371 -27.07 39.71 -16.51
C GLY D 371 -26.40 40.71 -17.43
N GLU D 372 -26.15 41.89 -16.89
CA GLU D 372 -25.48 42.93 -17.66
C GLU D 372 -24.04 42.53 -17.95
N PRO D 373 -23.57 42.70 -19.19
CA PRO D 373 -22.19 42.34 -19.52
C PRO D 373 -21.20 43.18 -18.73
N ARG D 374 -20.10 42.54 -18.32
CA ARG D 374 -19.06 43.19 -17.54
C ARG D 374 -17.70 42.80 -18.10
N LYS D 375 -16.72 43.69 -17.89
CA LYS D 375 -15.37 43.49 -18.41
C LYS D 375 -14.34 43.23 -17.32
N GLU D 376 -14.75 43.21 -16.05
CA GLU D 376 -13.84 42.97 -14.94
C GLU D 376 -14.37 41.81 -14.10
N PHE D 377 -13.46 40.93 -13.68
CA PHE D 377 -13.83 39.77 -12.89
C PHE D 377 -12.82 39.57 -11.77
N VAL D 378 -13.26 38.89 -10.72
CA VAL D 378 -12.41 38.52 -9.60
C VAL D 378 -12.25 37.01 -9.61
N VAL D 379 -11.01 36.54 -9.73
CA VAL D 379 -10.74 35.11 -9.86
C VAL D 379 -10.65 34.49 -8.47
N VAL D 380 -11.41 33.42 -8.25
CA VAL D 380 -11.38 32.69 -7.00
C VAL D 380 -10.83 31.30 -7.26
N PRO D 381 -10.18 30.66 -6.30
CA PRO D 381 -9.66 29.31 -6.52
C PRO D 381 -10.78 28.28 -6.58
N GLY D 382 -10.39 27.04 -6.88
CA GLY D 382 -11.35 25.96 -6.93
C GLY D 382 -11.95 25.64 -5.57
N GLU D 383 -11.22 25.95 -4.49
CA GLU D 383 -11.77 25.79 -3.15
C GLU D 383 -12.95 26.72 -2.91
N LYS D 384 -12.84 27.96 -3.38
CA LYS D 384 -13.90 28.96 -3.22
C LYS D 384 -14.86 29.00 -4.41
N ALA D 385 -14.66 28.13 -5.41
CA ALA D 385 -15.57 28.09 -6.55
C ALA D 385 -16.98 27.72 -6.13
N LEU D 386 -17.12 26.74 -5.23
CA LEU D 386 -18.45 26.39 -4.73
C LEU D 386 -19.02 27.50 -3.86
N LEU D 387 -18.17 28.17 -3.09
CA LEU D 387 -18.63 29.24 -2.22
C LEU D 387 -19.15 30.44 -3.00
N HIS D 388 -18.49 30.78 -4.12
CA HIS D 388 -18.84 31.96 -4.89
C HIS D 388 -19.90 31.69 -5.95
N GLU D 389 -20.59 30.56 -5.89
CA GLU D 389 -21.66 30.28 -6.84
C GLU D 389 -22.82 31.26 -6.64
N PRO D 390 -23.57 31.56 -7.69
CA PRO D 390 -24.72 32.48 -7.55
C PRO D 390 -25.76 32.00 -6.54
N ASP D 391 -25.99 30.69 -6.48
CA ASP D 391 -26.90 30.09 -5.51
C ASP D 391 -26.14 29.03 -4.73
N VAL D 392 -26.05 29.21 -3.41
CA VAL D 392 -25.34 28.27 -2.55
C VAL D 392 -25.81 28.53 -1.11
N LEU D 393 -25.99 27.45 -0.35
CA LEU D 393 -26.44 27.55 1.03
C LEU D 393 -25.22 27.56 1.92
N THR D 394 -24.89 28.72 2.49
CA THR D 394 -23.74 28.88 3.37
C THR D 394 -24.21 28.72 4.82
N LEU D 395 -23.54 27.83 5.55
CA LEU D 395 -23.93 27.52 6.92
C LEU D 395 -22.71 27.56 7.83
N THR D 396 -22.95 27.88 9.10
CA THR D 396 -21.93 27.91 10.13
C THR D 396 -22.31 26.95 11.25
N LEU D 397 -21.37 26.12 11.68
CA LEU D 397 -21.60 25.18 12.76
C LEU D 397 -20.48 25.26 13.77
N THR D 398 -20.84 25.37 15.04
CA THR D 398 -19.90 25.43 16.15
C THR D 398 -19.81 24.08 16.84
N ALA D 399 -18.60 23.76 17.31
CA ALA D 399 -18.33 22.51 18.00
C ALA D 399 -17.30 22.76 19.09
N PRO D 400 -17.28 21.93 20.14
CA PRO D 400 -16.20 22.02 21.14
C PRO D 400 -14.88 21.47 20.64
N GLU D 401 -14.85 20.76 19.51
CA GLU D 401 -13.62 20.17 18.99
C GLU D 401 -13.74 20.10 17.48
N SER D 402 -12.58 19.99 16.81
CA SER D 402 -12.58 19.91 15.36
C SER D 402 -13.01 18.52 14.88
N TYR D 403 -12.83 17.50 15.71
CA TYR D 403 -13.17 16.11 15.38
C TYR D 403 -12.46 15.61 14.13
N GLY D 404 -11.26 16.14 13.86
CA GLY D 404 -10.49 15.71 12.71
C GLY D 404 -11.07 16.11 11.38
N ILE D 405 -11.82 17.20 11.33
CA ILE D 405 -12.46 17.68 10.10
C ILE D 405 -11.66 18.86 9.58
N ASP D 406 -11.13 18.73 8.37
CA ASP D 406 -10.32 19.77 7.75
C ASP D 406 -11.22 20.68 6.92
N ALA D 407 -10.62 21.56 6.11
CA ALA D 407 -11.34 22.49 5.27
C ALA D 407 -11.56 21.96 3.86
N GLY D 408 -11.59 20.65 3.69
CA GLY D 408 -11.84 20.04 2.40
C GLY D 408 -12.75 18.83 2.48
N GLN D 409 -13.23 18.53 3.68
CA GLN D 409 -14.09 17.38 3.88
C GLN D 409 -15.45 17.61 3.24
N PRO D 410 -16.01 16.61 2.55
CA PRO D 410 -17.32 16.79 1.90
C PRO D 410 -18.49 16.40 2.80
N LEU D 411 -19.55 17.20 2.70
CA LEU D 411 -20.79 16.88 3.42
C LEU D 411 -21.57 15.84 2.64
N ILE D 412 -22.10 14.84 3.36
CA ILE D 412 -22.77 13.69 2.75
C ILE D 412 -24.20 13.63 3.27
N LEU D 413 -25.16 13.56 2.35
CA LEU D 413 -26.57 13.42 2.67
C LEU D 413 -27.10 12.17 1.98
N HIS D 414 -27.58 11.21 2.77
CA HIS D 414 -28.13 9.94 2.26
C HIS D 414 -27.13 9.21 1.37
N GLY D 415 -25.86 9.25 1.76
CA GLY D 415 -24.81 8.59 1.02
C GLY D 415 -24.33 9.30 -0.22
N VAL D 416 -24.87 10.49 -0.53
CA VAL D 416 -24.49 11.25 -1.71
C VAL D 416 -23.95 12.60 -1.26
N GLN D 417 -22.78 12.97 -1.79
CA GLN D 417 -22.15 14.24 -1.43
C GLN D 417 -22.99 15.41 -1.94
N VAL D 418 -23.34 16.32 -1.04
CA VAL D 418 -24.17 17.47 -1.38
C VAL D 418 -23.50 18.80 -1.03
N GLY D 419 -22.37 18.78 -0.34
CA GLY D 419 -21.74 20.01 0.07
C GLY D 419 -20.26 19.81 0.37
N GLN D 420 -19.67 20.88 0.92
CA GLN D 420 -18.24 20.87 1.18
C GLN D 420 -17.92 21.88 2.28
N VAL D 421 -17.04 21.50 3.20
CA VAL D 421 -16.59 22.39 4.26
C VAL D 421 -15.64 23.42 3.63
N ILE D 422 -16.10 24.65 3.47
CA ILE D 422 -15.27 25.69 2.86
C ILE D 422 -14.09 26.04 3.75
N ASP D 423 -14.34 26.25 5.04
CA ASP D 423 -13.24 26.66 5.91
C ASP D 423 -13.52 26.27 7.35
N ARG D 424 -12.44 26.27 8.14
CA ARG D 424 -12.47 25.95 9.56
C ARG D 424 -11.67 26.99 10.32
N LYS D 425 -12.22 27.45 11.46
CA LYS D 425 -11.57 28.45 12.28
C LYS D 425 -11.60 28.01 13.74
N LEU D 426 -10.57 28.39 14.49
CA LEU D 426 -10.45 28.07 15.90
C LEU D 426 -10.53 29.36 16.72
N THR D 427 -11.47 29.40 17.66
CA THR D 427 -11.63 30.55 18.54
C THR D 427 -11.56 30.10 19.99
N SER D 428 -11.80 31.04 20.92
CA SER D 428 -11.81 30.68 22.34
C SER D 428 -12.97 29.76 22.68
N LYS D 429 -14.13 29.99 22.07
CA LYS D 429 -15.30 29.16 22.35
C LYS D 429 -15.10 27.73 21.86
N GLY D 430 -14.55 27.57 20.66
CA GLY D 430 -14.34 26.25 20.10
C GLY D 430 -13.87 26.25 18.67
N VAL D 431 -14.48 25.41 17.83
CA VAL D 431 -14.15 25.31 16.41
C VAL D 431 -15.39 25.63 15.60
N THR D 432 -15.26 26.57 14.67
CA THR D 432 -16.37 26.97 13.81
C THR D 432 -16.07 26.52 12.38
N PHE D 433 -16.96 25.72 11.82
CA PHE D 433 -16.85 25.27 10.44
C PHE D 433 -17.84 26.04 9.59
N THR D 434 -17.34 26.68 8.54
CA THR D 434 -18.18 27.29 7.52
C THR D 434 -18.25 26.34 6.33
N VAL D 435 -19.47 25.94 5.97
CA VAL D 435 -19.70 24.93 4.94
C VAL D 435 -20.65 25.50 3.90
N ALA D 436 -20.62 24.87 2.72
CA ALA D 436 -21.46 25.27 1.60
C ALA D 436 -22.23 24.06 1.09
N ILE D 437 -23.47 24.31 0.68
CA ILE D 437 -24.36 23.28 0.14
C ILE D 437 -24.76 23.71 -1.27
N GLU D 438 -24.66 22.78 -2.21
CA GLU D 438 -24.93 23.06 -3.61
C GLU D 438 -26.41 23.40 -3.80
N PRO D 439 -26.73 24.26 -4.78
CA PRO D 439 -28.14 24.62 -5.01
C PRO D 439 -29.01 23.46 -5.46
N GLN D 440 -28.42 22.40 -6.01
CA GLN D 440 -29.20 21.25 -6.43
C GLN D 440 -29.86 20.56 -5.24
N HIS D 441 -29.15 20.46 -4.12
CA HIS D 441 -29.65 19.78 -2.93
C HIS D 441 -29.97 20.76 -1.80
N ARG D 442 -30.11 22.05 -2.12
CA ARG D 442 -30.41 23.05 -1.10
C ARG D 442 -31.79 22.82 -0.49
N GLU D 443 -32.77 22.45 -1.31
CA GLU D 443 -34.14 22.23 -0.82
C GLU D 443 -34.23 21.01 0.08
N LEU D 444 -33.34 20.03 -0.07
CA LEU D 444 -33.42 18.81 0.73
C LEU D 444 -33.01 19.03 2.17
N VAL D 445 -32.35 20.15 2.49
CA VAL D 445 -31.94 20.42 3.86
C VAL D 445 -33.16 20.66 4.76
N LYS D 446 -34.14 21.39 4.24
CA LYS D 446 -35.43 21.70 4.87
C LYS D 446 -35.31 22.62 6.08
N GLY D 447 -34.11 23.03 6.47
CA GLY D 447 -33.94 23.99 7.54
C GLY D 447 -33.95 23.43 8.94
N ASP D 448 -34.17 22.13 9.11
CA ASP D 448 -34.18 21.47 10.41
C ASP D 448 -33.21 20.30 10.41
N SER D 449 -31.99 20.55 9.96
CA SER D 449 -31.02 19.50 9.76
C SER D 449 -30.17 19.30 11.02
N LYS D 450 -29.79 18.04 11.24
CA LYS D 450 -28.90 17.65 12.33
C LYS D 450 -27.57 17.20 11.74
N PHE D 451 -26.49 17.81 12.20
CA PHE D 451 -25.16 17.57 11.66
C PHE D 451 -24.39 16.64 12.58
N VAL D 452 -23.86 15.56 12.02
CA VAL D 452 -23.17 14.51 12.78
C VAL D 452 -21.75 14.40 12.24
N VAL D 453 -20.79 14.20 13.15
CA VAL D 453 -19.42 13.96 12.71
C VAL D 453 -19.34 12.61 12.02
N ASN D 454 -19.03 12.61 10.72
CA ASN D 454 -18.89 11.39 9.94
C ASN D 454 -17.41 11.06 9.72
N SER D 455 -16.56 11.48 10.66
CA SER D 455 -15.12 11.30 10.56
C SER D 455 -14.56 10.33 11.59
N ARG D 456 -15.04 10.38 12.82
CA ARG D 456 -14.55 9.49 13.87
C ARG D 456 -15.33 8.18 13.87
N VAL D 457 -14.69 7.15 14.42
CA VAL D 457 -15.24 5.80 14.49
C VAL D 457 -15.28 5.36 15.94
N ASP D 458 -16.41 4.79 16.36
CA ASP D 458 -16.58 4.27 17.71
C ASP D 458 -16.74 2.76 17.65
N VAL D 459 -15.91 2.05 18.40
CA VAL D 459 -15.91 0.59 18.42
C VAL D 459 -16.18 0.12 19.85
N LYS D 460 -17.18 -0.74 20.00
CA LYS D 460 -17.49 -1.37 21.28
C LYS D 460 -17.63 -2.87 21.06
N VAL D 461 -16.95 -3.66 21.89
CA VAL D 461 -16.95 -5.11 21.76
C VAL D 461 -17.29 -5.74 23.10
N GLY D 462 -18.15 -6.75 23.06
CA GLY D 462 -18.47 -7.52 24.25
C GLY D 462 -18.72 -8.98 23.94
N LEU D 463 -19.41 -9.67 24.86
CA LEU D 463 -19.70 -11.08 24.66
C LEU D 463 -20.63 -11.30 23.47
N ASP D 464 -21.64 -10.45 23.32
CA ASP D 464 -22.57 -10.58 22.20
C ASP D 464 -22.77 -9.24 21.50
N GLY D 465 -22.57 -8.15 22.23
CA GLY D 465 -22.78 -6.83 21.67
C GLY D 465 -21.55 -6.28 20.97
N VAL D 466 -21.63 -6.12 19.65
CA VAL D 466 -20.57 -5.51 18.85
C VAL D 466 -21.17 -4.32 18.13
N GLU D 467 -20.63 -3.13 18.38
CA GLU D 467 -21.12 -1.89 17.79
C GLU D 467 -19.97 -1.19 17.09
N PHE D 468 -20.18 -0.86 15.81
CA PHE D 468 -19.24 -0.11 15.00
C PHE D 468 -19.99 1.12 14.49
N LEU D 469 -20.01 2.17 15.31
CA LEU D 469 -20.80 3.36 15.05
C LEU D 469 -19.88 4.53 14.68
N GLY D 470 -20.49 5.69 14.49
CA GLY D 470 -19.76 6.87 14.08
C GLY D 470 -19.61 6.97 12.57
N ALA D 471 -18.86 6.04 12.00
CA ALA D 471 -18.65 6.00 10.56
C ALA D 471 -18.21 4.60 10.15
N SER D 472 -18.51 4.25 8.91
CA SER D 472 -18.05 2.99 8.35
C SER D 472 -16.63 3.17 7.83
N ALA D 473 -16.11 2.19 7.09
CA ALA D 473 -14.77 2.32 6.53
C ALA D 473 -14.75 3.35 5.40
N SER D 474 -15.71 3.26 4.47
CA SER D 474 -15.82 4.26 3.41
C SER D 474 -16.16 5.63 3.98
N GLU D 475 -17.04 5.68 4.97
CA GLU D 475 -17.37 6.94 5.61
C GLU D 475 -16.16 7.53 6.32
N TRP D 476 -15.27 6.68 6.85
CA TRP D 476 -14.08 7.18 7.52
C TRP D 476 -13.05 7.69 6.52
N ILE D 477 -12.86 6.96 5.41
CA ILE D 477 -11.91 7.44 4.41
C ILE D 477 -12.43 8.66 3.67
N ASN D 478 -13.74 8.89 3.68
CA ASN D 478 -14.28 10.10 3.08
C ASN D 478 -14.24 11.28 4.05
N GLY D 479 -14.74 11.08 5.27
CA GLY D 479 -14.78 12.14 6.25
C GLY D 479 -15.93 13.10 6.00
N GLY D 480 -16.06 14.06 6.92
CA GLY D 480 -17.04 15.11 6.76
C GLY D 480 -18.14 15.14 7.80
N ILE D 481 -19.31 15.63 7.40
CA ILE D 481 -20.43 15.83 8.31
C ILE D 481 -21.65 15.13 7.74
N ARG D 482 -22.21 14.19 8.49
CA ARG D 482 -23.44 13.51 8.10
C ARG D 482 -24.65 14.37 8.46
N ILE D 483 -25.68 14.28 7.63
CA ILE D 483 -26.87 15.11 7.75
C ILE D 483 -28.08 14.22 7.99
N LEU D 484 -28.87 14.56 9.02
CA LEU D 484 -30.10 13.84 9.32
C LEU D 484 -31.29 14.74 9.05
N PRO D 485 -32.04 14.54 7.97
CA PRO D 485 -33.14 15.44 7.65
C PRO D 485 -34.34 15.27 8.58
N GLY D 486 -35.10 16.34 8.74
CA GLY D 486 -36.34 16.31 9.49
C GLY D 486 -37.57 16.47 8.62
N ASP D 487 -38.52 17.29 9.06
CA ASP D 487 -39.75 17.51 8.31
C ASP D 487 -40.02 18.98 8.00
N LYS D 488 -39.69 19.90 8.90
CA LYS D 488 -39.99 21.30 8.70
C LYS D 488 -39.08 22.15 9.57
N GLY D 489 -38.69 23.30 9.05
CA GLY D 489 -37.85 24.23 9.79
C GLY D 489 -37.84 25.59 9.13
N GLU D 490 -37.26 26.56 9.84
CA GLU D 490 -37.23 27.95 9.40
C GLU D 490 -35.87 28.36 8.84
N MET D 491 -34.95 27.42 8.67
CA MET D 491 -33.61 27.67 8.11
C MET D 491 -32.86 28.73 8.93
N LYS D 492 -32.58 28.35 10.18
CA LYS D 492 -31.83 29.24 11.06
C LYS D 492 -30.39 29.37 10.60
N ALA D 493 -29.74 30.44 11.07
CA ALA D 493 -28.41 30.79 10.57
C ALA D 493 -27.35 29.80 11.03
N SER D 494 -27.37 29.42 12.30
CA SER D 494 -26.32 28.59 12.87
C SER D 494 -26.91 27.29 13.41
N TYR D 495 -26.11 26.22 13.31
CA TYR D 495 -26.50 24.92 13.80
C TYR D 495 -25.40 24.34 14.67
N PRO D 496 -25.75 23.59 15.72
CA PRO D 496 -24.73 22.92 16.52
C PRO D 496 -24.25 21.64 15.87
N LEU D 497 -22.99 21.29 16.15
CA LEU D 497 -22.39 20.06 15.65
C LEU D 497 -22.30 19.06 16.80
N TYR D 498 -23.08 18.00 16.71
CA TYR D 498 -23.10 16.96 17.73
C TYR D 498 -21.96 15.97 17.51
N ALA D 499 -21.54 15.33 18.60
CA ALA D 499 -20.41 14.41 18.54
C ALA D 499 -20.78 13.11 17.85
N ASN D 500 -21.96 12.57 18.14
CA ASN D 500 -22.38 11.29 17.58
C ASN D 500 -23.90 11.27 17.46
N LEU D 501 -24.42 10.15 16.94
CA LEU D 501 -25.85 10.02 16.69
C LEU D 501 -26.64 10.03 17.99
N GLU D 502 -26.09 9.44 19.06
CA GLU D 502 -26.79 9.41 20.34
C GLU D 502 -26.99 10.83 20.87
N LYS D 503 -25.93 11.64 20.86
CA LYS D 503 -26.06 13.02 21.31
C LYS D 503 -26.93 13.84 20.37
N ALA D 504 -26.88 13.56 19.07
CA ALA D 504 -27.75 14.26 18.13
C ALA D 504 -29.22 13.98 18.41
N LEU D 505 -29.55 12.72 18.72
CA LEU D 505 -30.92 12.38 19.05
C LEU D 505 -31.34 12.94 20.40
N GLU D 506 -30.45 12.92 21.39
CA GLU D 506 -30.77 13.41 22.72
C GLU D 506 -30.73 14.94 22.82
N ASN D 507 -30.24 15.63 21.79
CA ASN D 507 -30.15 17.10 21.78
C ASN D 507 -29.33 17.61 22.95
N SER D 508 -28.27 16.90 23.30
CA SER D 508 -27.40 17.26 24.41
C SER D 508 -26.06 17.74 23.85
N LEU D 509 -25.77 19.03 24.04
CA LEU D 509 -24.49 19.57 23.56
C LEU D 509 -23.33 19.11 24.44
N SER D 510 -23.53 19.09 25.75
CA SER D 510 -22.49 18.65 26.66
C SER D 510 -22.40 17.13 26.67
N ASP D 511 -21.22 16.64 27.08
CA ASP D 511 -21.01 15.20 27.13
C ASP D 511 -21.86 14.54 28.21
N LEU D 512 -21.85 15.11 29.42
CA LEU D 512 -22.65 14.55 30.50
C LEU D 512 -24.12 14.95 30.32
N PRO D 513 -25.04 14.06 30.67
CA PRO D 513 -26.47 14.41 30.57
C PRO D 513 -26.87 15.38 31.67
N THR D 514 -28.08 15.93 31.51
CA THR D 514 -28.62 16.85 32.50
C THR D 514 -29.05 16.09 33.74
N THR D 515 -28.82 16.70 34.91
CA THR D 515 -29.20 16.09 36.18
C THR D 515 -30.70 16.23 36.39
N THR D 516 -31.38 15.12 36.61
CA THR D 516 -32.83 15.10 36.82
C THR D 516 -33.23 14.57 38.18
N VAL D 517 -32.52 13.58 38.71
CA VAL D 517 -32.86 12.96 39.99
C VAL D 517 -31.67 13.09 40.92
N SER D 518 -31.92 13.54 42.15
CA SER D 518 -30.89 13.66 43.17
C SER D 518 -31.25 12.78 44.36
N LEU D 519 -30.31 11.94 44.78
CA LEU D 519 -30.53 11.02 45.89
C LEU D 519 -29.40 11.18 46.91
N SER D 520 -29.72 10.87 48.16
CA SER D 520 -28.74 10.90 49.24
C SER D 520 -28.63 9.53 49.89
N ALA D 521 -27.41 9.08 50.12
CA ALA D 521 -27.20 7.77 50.74
C ALA D 521 -26.00 7.81 51.66
N GLU D 522 -26.18 7.38 52.91
CA GLU D 522 -25.06 7.36 53.85
C GLU D 522 -23.98 6.38 53.39
N THR D 523 -24.39 5.22 52.89
CA THR D 523 -23.48 4.23 52.34
C THR D 523 -23.85 3.96 50.88
N LEU D 524 -22.88 3.51 50.10
CA LEU D 524 -23.10 3.24 48.69
C LEU D 524 -23.27 1.75 48.49
N PRO D 525 -24.48 1.25 48.22
CA PRO D 525 -24.70 -0.21 48.05
C PRO D 525 -24.49 -0.67 46.61
N ASP D 526 -23.23 -0.66 46.18
CA ASP D 526 -22.81 -1.12 44.86
C ASP D 526 -23.55 -0.36 43.75
N VAL D 527 -23.26 0.94 43.68
CA VAL D 527 -23.91 1.81 42.71
C VAL D 527 -22.90 2.23 41.65
N GLN D 528 -21.89 3.02 42.06
CA GLN D 528 -20.82 3.55 41.21
C GLN D 528 -21.35 4.41 40.06
N ALA D 529 -20.46 5.14 39.39
CA ALA D 529 -20.88 5.96 38.27
C ALA D 529 -21.28 5.09 37.08
N GLY D 530 -22.37 5.47 36.42
CA GLY D 530 -22.83 4.77 35.24
C GLY D 530 -23.77 3.62 35.48
N SER D 531 -24.37 3.53 36.67
CA SER D 531 -25.29 2.43 36.96
C SER D 531 -26.59 2.59 36.20
N VAL D 532 -27.32 1.48 36.08
CA VAL D 532 -28.55 1.42 35.30
C VAL D 532 -29.74 1.70 36.21
N VAL D 533 -30.59 2.64 35.79
CA VAL D 533 -31.81 2.99 36.51
C VAL D 533 -32.97 2.23 35.89
N LEU D 534 -33.79 1.61 36.72
CA LEU D 534 -34.84 0.69 36.27
C LEU D 534 -36.19 1.10 36.85
N TYR D 535 -37.23 0.93 36.04
CA TYR D 535 -38.62 1.07 36.46
C TYR D 535 -39.27 -0.30 36.29
N ARG D 536 -39.35 -1.05 37.39
CA ARG D 536 -39.83 -2.44 37.38
C ARG D 536 -39.01 -3.28 36.41
N LYS D 537 -37.69 -3.18 36.54
CA LYS D 537 -36.71 -3.93 35.73
C LYS D 537 -36.84 -3.59 34.25
N PHE D 538 -36.83 -2.30 33.94
CA PHE D 538 -36.81 -1.81 32.56
C PHE D 538 -35.89 -0.61 32.49
N GLU D 539 -35.03 -0.58 31.46
CA GLU D 539 -34.01 0.46 31.34
C GLU D 539 -34.67 1.82 31.12
N VAL D 540 -34.63 2.66 32.15
CA VAL D 540 -35.14 4.03 32.09
C VAL D 540 -34.08 4.92 32.72
N GLY D 541 -33.30 5.61 31.89
CA GLY D 541 -32.30 6.52 32.38
C GLY D 541 -31.03 5.83 32.83
N GLU D 542 -30.12 6.63 33.39
CA GLU D 542 -28.82 6.15 33.81
C GLU D 542 -28.26 7.08 34.88
N VAL D 543 -27.48 6.52 35.80
CA VAL D 543 -26.86 7.31 36.86
C VAL D 543 -25.70 8.11 36.28
N ILE D 544 -25.80 9.44 36.33
CA ILE D 544 -24.72 10.30 35.86
C ILE D 544 -23.50 10.15 36.76
N THR D 545 -23.65 10.49 38.05
CA THR D 545 -22.45 10.60 38.88
C THR D 545 -22.81 10.37 40.35
N VAL D 546 -21.78 10.12 41.14
CA VAL D 546 -21.87 10.04 42.59
C VAL D 546 -20.78 10.94 43.18
N ARG D 547 -21.17 11.82 44.11
CA ARG D 547 -20.26 12.76 44.72
C ARG D 547 -20.25 12.58 46.23
N PRO D 548 -19.09 12.42 46.86
CA PRO D 548 -19.04 12.27 48.33
C PRO D 548 -19.21 13.61 49.02
N ARG D 549 -20.23 13.71 49.88
CA ARG D 549 -20.48 14.89 50.68
C ARG D 549 -19.70 14.78 51.99
N ALA D 550 -20.05 15.64 52.96
CA ALA D 550 -19.35 15.62 54.25
C ALA D 550 -19.54 14.29 54.97
N ASN D 551 -20.77 13.77 54.97
CA ASN D 551 -21.06 12.52 55.68
C ASN D 551 -21.93 11.56 54.89
N ALA D 552 -22.15 11.79 53.61
CA ALA D 552 -23.01 10.93 52.80
C ALA D 552 -22.52 10.95 51.36
N PHE D 553 -23.37 10.50 50.44
CA PHE D 553 -23.08 10.54 49.01
C PHE D 553 -24.32 11.06 48.29
N ASP D 554 -24.11 12.02 47.40
CA ASP D 554 -25.17 12.58 46.57
C ASP D 554 -25.05 11.97 45.18
N ILE D 555 -26.10 11.30 44.74
CA ILE D 555 -26.13 10.60 43.46
C ILE D 555 -27.01 11.40 42.51
N ASP D 556 -26.43 11.78 41.37
CA ASP D 556 -27.15 12.46 40.31
C ASP D 556 -27.46 11.48 39.20
N LEU D 557 -28.71 11.46 38.74
CA LEU D 557 -29.21 10.51 37.75
C LEU D 557 -29.96 11.28 36.67
N HIS D 558 -29.92 10.75 35.45
CA HIS D 558 -30.62 11.32 34.31
C HIS D 558 -31.71 10.38 33.84
N ILE D 559 -32.85 10.95 33.44
CA ILE D 559 -33.97 10.21 32.89
C ILE D 559 -34.38 10.88 31.59
N LYS D 560 -35.01 10.09 30.72
CA LYS D 560 -35.43 10.60 29.42
C LYS D 560 -36.60 11.57 29.58
N PRO D 561 -36.70 12.57 28.71
CA PRO D 561 -37.87 13.47 28.76
C PRO D 561 -39.19 12.76 28.53
N GLU D 562 -39.21 11.72 27.70
CA GLU D 562 -40.43 10.96 27.49
C GLU D 562 -40.81 10.16 28.74
N TYR D 563 -39.83 9.80 29.56
CA TYR D 563 -40.06 9.02 30.76
C TYR D 563 -40.03 9.85 32.04
N ARG D 564 -39.94 11.17 31.91
CA ARG D 564 -39.98 12.04 33.09
C ARG D 564 -41.30 11.93 33.84
N ASN D 565 -42.38 11.59 33.13
CA ASN D 565 -43.69 11.43 33.76
C ASN D 565 -43.84 10.11 34.49
N LEU D 566 -42.91 9.17 34.31
CA LEU D 566 -43.01 7.87 34.97
C LEU D 566 -42.79 7.97 36.48
N LEU D 567 -42.18 9.05 36.96
CA LEU D 567 -41.99 9.27 38.39
C LEU D 567 -42.77 10.50 38.83
N THR D 568 -43.17 10.51 40.09
CA THR D 568 -43.99 11.58 40.65
C THR D 568 -43.40 11.94 42.02
N SER D 569 -44.12 12.76 42.78
CA SER D 569 -43.66 13.16 44.10
C SER D 569 -43.52 11.95 45.03
N ASN D 570 -44.48 11.03 44.98
CA ASN D 570 -44.44 9.82 45.80
C ASN D 570 -43.71 8.73 45.01
N SER D 571 -42.41 8.61 45.27
CA SER D 571 -41.59 7.62 44.59
C SER D 571 -40.51 7.14 45.56
N VAL D 572 -40.07 5.90 45.36
CA VAL D 572 -39.05 5.28 46.20
C VAL D 572 -37.99 4.63 45.32
N PHE D 573 -36.74 4.71 45.77
CA PHE D 573 -35.59 4.17 45.07
C PHE D 573 -34.92 3.12 45.95
N TRP D 574 -34.49 2.01 45.35
CA TRP D 574 -33.72 1.01 46.07
C TRP D 574 -32.65 0.45 45.15
N ALA D 575 -31.66 -0.19 45.74
CA ALA D 575 -30.54 -0.77 45.00
C ALA D 575 -30.75 -2.27 44.84
N GLU D 576 -30.87 -2.72 43.59
CA GLU D 576 -30.90 -4.14 43.28
C GLU D 576 -29.48 -4.65 43.17
N GLY D 577 -28.94 -4.30 42.14
CA GLY D 577 -27.80 -4.94 41.53
C GLY D 577 -26.64 -5.49 42.34
N GLY D 578 -26.12 -6.59 41.80
CA GLY D 578 -25.17 -7.48 42.43
C GLY D 578 -25.45 -8.83 41.82
N ALA D 579 -24.41 -9.60 41.49
CA ALA D 579 -24.59 -10.83 40.72
C ALA D 579 -25.30 -11.86 41.59
N LYS D 580 -26.61 -11.99 41.39
CA LYS D 580 -27.46 -12.77 42.26
C LYS D 580 -27.80 -14.10 41.59
N VAL D 581 -27.42 -15.19 42.24
CA VAL D 581 -27.72 -16.55 41.79
C VAL D 581 -28.58 -17.18 42.88
N GLN D 582 -29.89 -17.19 42.68
CA GLN D 582 -30.85 -17.64 43.66
C GLN D 582 -31.31 -19.05 43.34
N LEU D 583 -31.19 -19.95 44.31
CA LEU D 583 -31.58 -21.34 44.17
C LEU D 583 -32.74 -21.63 45.11
N ASN D 584 -33.82 -22.18 44.57
CA ASN D 584 -35.00 -22.50 45.36
C ASN D 584 -35.76 -23.62 44.66
N GLY D 585 -36.96 -23.95 45.19
CA GLY D 585 -37.76 -24.99 44.59
C GLY D 585 -38.20 -24.67 43.18
N SER D 586 -38.39 -23.39 42.87
CA SER D 586 -38.70 -22.98 41.51
C SER D 586 -37.53 -23.19 40.55
N GLY D 587 -36.31 -23.28 41.08
CA GLY D 587 -35.15 -23.51 40.24
C GLY D 587 -34.00 -22.55 40.52
N LEU D 588 -33.22 -22.24 39.50
CA LEU D 588 -32.09 -21.34 39.61
C LEU D 588 -32.36 -20.09 38.77
N THR D 589 -32.19 -18.93 39.38
CA THR D 589 -32.36 -17.65 38.70
C THR D 589 -31.09 -16.84 38.80
N VAL D 590 -30.58 -16.38 37.66
CA VAL D 590 -29.39 -15.54 37.59
C VAL D 590 -29.83 -14.15 37.17
N GLN D 591 -29.46 -13.14 37.95
CA GLN D 591 -29.92 -11.78 37.76
C GLN D 591 -28.80 -10.87 37.23
N ALA D 592 -28.00 -11.38 36.30
CA ALA D 592 -26.96 -10.60 35.63
C ALA D 592 -27.26 -10.43 34.14
N SER D 593 -28.55 -10.32 33.79
CA SER D 593 -28.94 -10.23 32.39
C SER D 593 -28.42 -8.99 31.67
N PRO D 594 -28.55 -7.76 32.18
CA PRO D 594 -28.16 -6.59 31.36
C PRO D 594 -26.67 -6.44 31.15
N LEU D 595 -25.84 -7.24 31.83
CA LEU D 595 -24.38 -7.29 31.73
C LEU D 595 -23.72 -6.03 32.29
N SER D 596 -24.49 -5.02 32.70
CA SER D 596 -23.95 -3.86 33.41
C SER D 596 -24.31 -3.84 34.88
N ARG D 597 -25.36 -4.57 35.28
CA ARG D 597 -25.72 -4.67 36.68
C ARG D 597 -24.65 -5.37 37.49
N ALA D 598 -24.08 -6.45 36.93
CA ALA D 598 -23.06 -7.21 37.66
C ALA D 598 -21.74 -6.47 37.77
N LEU D 599 -21.53 -5.43 36.97
CA LEU D 599 -20.29 -4.67 37.00
C LEU D 599 -20.41 -3.34 37.73
N LYS D 600 -21.52 -2.63 37.56
CA LYS D 600 -21.71 -1.31 38.16
C LYS D 600 -22.81 -1.28 39.20
N GLY D 601 -24.03 -1.67 38.85
CA GLY D 601 -25.13 -1.72 39.78
C GLY D 601 -26.42 -1.22 39.16
N ALA D 602 -27.52 -1.58 39.82
CA ALA D 602 -28.86 -1.22 39.38
C ALA D 602 -29.64 -0.65 40.55
N ILE D 603 -30.37 0.43 40.27
CA ILE D 603 -31.24 1.08 41.25
C ILE D 603 -32.64 1.12 40.66
N SER D 604 -33.59 0.47 41.32
CA SER D 604 -34.95 0.37 40.84
C SER D 604 -35.87 1.27 41.65
N PHE D 605 -36.78 1.94 40.94
CA PHE D 605 -37.71 2.85 41.59
C PHE D 605 -39.14 2.53 41.17
N ASP D 606 -40.07 2.94 41.96
CA ASP D 606 -41.49 2.69 41.76
C ASP D 606 -42.29 3.75 42.51
N ASN D 607 -43.61 3.70 42.36
CA ASN D 607 -44.52 4.62 43.02
C ASN D 607 -45.39 3.87 44.00
N LEU D 608 -45.45 4.36 45.24
CA LEU D 608 -46.25 3.76 46.30
C LEU D 608 -47.24 4.79 46.84
N SER D 609 -48.17 4.31 47.65
CA SER D 609 -49.17 5.18 48.27
C SER D 609 -48.68 5.77 49.59
N GLY D 610 -47.93 5.00 50.36
CA GLY D 610 -47.37 5.45 51.61
C GLY D 610 -46.05 6.17 51.51
N ALA D 611 -45.57 6.44 50.29
CA ALA D 611 -44.30 7.13 50.10
C ALA D 611 -44.37 8.62 50.39
N SER D 612 -45.57 9.16 50.64
CA SER D 612 -45.68 10.57 50.98
C SER D 612 -44.97 10.89 52.29
N ALA D 613 -45.10 10.01 53.28
CA ALA D 613 -44.39 10.21 54.54
C ALA D 613 -42.88 10.14 54.35
N SER D 614 -42.41 9.22 53.50
CA SER D 614 -40.99 9.12 53.20
C SER D 614 -40.49 10.38 52.51
N GLN D 615 -41.29 10.94 51.61
CA GLN D 615 -40.93 12.20 50.96
C GLN D 615 -40.88 13.35 51.97
N ARG D 616 -41.85 13.39 52.89
CA ARG D 616 -41.87 14.45 53.90
C ARG D 616 -40.67 14.37 54.83
N LYS D 617 -40.33 13.17 55.29
CA LYS D 617 -39.20 13.01 56.19
C LYS D 617 -37.88 13.17 55.43
N GLY D 618 -36.90 13.78 56.08
CA GLY D 618 -35.61 14.02 55.47
C GLY D 618 -35.63 15.21 54.53
N ASP D 619 -34.43 15.56 54.04
CA ASP D 619 -34.32 16.67 53.10
C ASP D 619 -34.94 16.33 51.75
N LYS D 620 -34.75 15.11 51.28
CA LYS D 620 -35.26 14.68 49.99
C LYS D 620 -35.40 13.16 50.01
N ARG D 621 -35.56 12.57 48.83
CA ARG D 621 -35.73 11.12 48.72
C ARG D 621 -34.48 10.41 49.21
N ILE D 622 -34.68 9.28 49.89
CA ILE D 622 -33.60 8.51 50.50
C ILE D 622 -33.56 7.14 49.84
N LEU D 623 -32.39 6.76 49.32
CA LEU D 623 -32.21 5.44 48.75
C LEU D 623 -32.24 4.38 49.84
N TYR D 624 -32.92 3.28 49.55
CA TYR D 624 -33.04 2.16 50.49
C TYR D 624 -32.15 1.02 50.05
N ALA D 625 -31.58 0.31 51.02
CA ALA D 625 -30.66 -0.78 50.72
C ALA D 625 -31.35 -2.05 50.27
N SER D 626 -32.68 -2.13 50.39
CA SER D 626 -33.39 -3.33 50.00
C SER D 626 -34.78 -2.97 49.49
N GLU D 627 -35.33 -3.85 48.66
CA GLU D 627 -36.67 -3.64 48.13
C GLU D 627 -37.71 -3.68 49.25
N THR D 628 -37.54 -4.58 50.21
CA THR D 628 -38.44 -4.64 51.36
C THR D 628 -38.35 -3.35 52.17
N ALA D 629 -37.14 -2.82 52.36
CA ALA D 629 -36.97 -1.57 53.09
C ALA D 629 -37.64 -0.42 52.34
N ALA D 630 -37.53 -0.39 51.01
CA ALA D 630 -38.20 0.64 50.24
C ALA D 630 -39.71 0.52 50.33
N ARG D 631 -40.24 -0.71 50.27
CA ARG D 631 -41.68 -0.94 50.37
C ARG D 631 -42.22 -0.79 51.78
N ALA D 632 -41.34 -0.70 52.78
CA ALA D 632 -41.75 -0.58 54.18
C ALA D 632 -42.21 0.85 54.44
N VAL D 633 -43.49 1.11 54.17
CA VAL D 633 -44.10 2.41 54.40
C VAL D 633 -45.44 2.21 55.11
N GLY D 634 -45.91 3.29 55.73
CA GLY D 634 -47.20 3.26 56.41
C GLY D 634 -47.14 3.72 57.85
N GLY D 635 -48.03 3.18 58.67
CA GLY D 635 -48.05 3.55 60.07
C GLY D 635 -46.92 2.90 60.85
N GLN D 636 -46.52 3.56 61.94
CA GLN D 636 -45.39 3.13 62.75
C GLN D 636 -45.87 2.71 64.13
N ILE D 637 -45.43 1.54 64.58
CA ILE D 637 -45.76 1.03 65.90
C ILE D 637 -44.47 0.55 66.57
N THR D 638 -44.52 0.47 67.91
CA THR D 638 -43.39 0.06 68.72
C THR D 638 -43.78 -1.15 69.55
N LEU D 639 -42.97 -2.21 69.45
CA LEU D 639 -43.19 -3.44 70.19
C LEU D 639 -42.09 -3.64 71.22
N HIS D 640 -42.48 -3.86 72.47
CA HIS D 640 -41.54 -4.13 73.55
C HIS D 640 -41.42 -5.63 73.73
N ALA D 641 -40.19 -6.15 73.67
CA ALA D 641 -39.95 -7.58 73.76
C ALA D 641 -38.94 -7.87 74.85
N PHE D 642 -39.09 -9.03 75.49
CA PHE D 642 -38.14 -9.46 76.51
C PHE D 642 -36.94 -10.19 75.92
N ASP D 643 -36.96 -10.49 74.63
CA ASP D 643 -35.84 -11.16 73.97
C ASP D 643 -35.92 -10.89 72.49
N ALA D 644 -34.83 -10.39 71.91
CA ALA D 644 -34.76 -10.08 70.49
C ALA D 644 -34.02 -11.15 69.69
N GLY D 645 -33.77 -12.31 70.29
CA GLY D 645 -33.11 -13.38 69.55
C GLY D 645 -33.94 -13.91 68.40
N LYS D 646 -35.26 -13.96 68.57
CA LYS D 646 -36.18 -14.39 67.53
C LYS D 646 -36.58 -13.27 66.59
N LEU D 647 -36.15 -12.04 66.87
CA LEU D 647 -36.46 -10.89 66.02
C LEU D 647 -35.29 -10.59 65.10
N ALA D 648 -35.61 -10.03 63.93
CA ALA D 648 -34.60 -9.68 62.95
C ALA D 648 -35.07 -8.50 62.13
N VAL D 649 -34.13 -7.80 61.51
CA VAL D 649 -34.46 -6.68 60.64
C VAL D 649 -35.09 -7.20 59.36
N GLY D 650 -36.23 -6.63 58.98
CA GLY D 650 -36.98 -7.10 57.84
C GLY D 650 -37.91 -8.26 58.12
N MET D 651 -38.19 -8.54 59.39
CA MET D 651 -39.05 -9.66 59.73
C MET D 651 -40.50 -9.37 59.32
N PRO D 652 -41.15 -10.27 58.60
CA PRO D 652 -42.53 -10.03 58.19
C PRO D 652 -43.51 -10.17 59.35
N ILE D 653 -44.61 -9.42 59.24
CA ILE D 653 -45.67 -9.41 60.23
C ILE D 653 -46.97 -9.72 59.50
N ARG D 654 -47.57 -10.86 59.83
CA ARG D 654 -48.65 -11.43 59.04
C ARG D 654 -49.90 -11.65 59.89
N TYR D 655 -51.05 -11.46 59.26
CA TYR D 655 -52.35 -11.85 59.81
C TYR D 655 -52.98 -12.84 58.84
N LEU D 656 -53.24 -14.05 59.33
CA LEU D 656 -53.80 -15.15 58.53
C LEU D 656 -52.93 -15.44 57.30
N GLY D 657 -51.61 -15.39 57.48
CA GLY D 657 -50.69 -15.74 56.42
C GLY D 657 -50.51 -14.70 55.33
N ILE D 658 -51.02 -13.49 55.53
CA ILE D 658 -50.92 -12.42 54.55
C ILE D 658 -50.07 -11.31 55.15
N ASP D 659 -49.06 -10.86 54.38
CA ASP D 659 -48.13 -9.85 54.88
C ASP D 659 -48.85 -8.51 55.06
N ILE D 660 -48.86 -8.02 56.30
CA ILE D 660 -49.50 -6.76 56.64
C ILE D 660 -48.54 -5.78 57.32
N GLY D 661 -47.31 -6.21 57.63
CA GLY D 661 -46.37 -5.31 58.27
C GLY D 661 -44.96 -5.84 58.17
N GLN D 662 -44.01 -5.00 58.59
CA GLN D 662 -42.60 -5.36 58.52
C GLN D 662 -41.83 -4.69 59.65
N ILE D 663 -40.96 -5.44 60.32
CA ILE D 663 -40.06 -4.87 61.31
C ILE D 663 -38.92 -4.17 60.59
N GLN D 664 -38.61 -2.94 61.01
CA GLN D 664 -37.58 -2.14 60.35
C GLN D 664 -36.42 -1.74 61.25
N THR D 665 -36.58 -1.74 62.56
CA THR D 665 -35.53 -1.28 63.46
C THR D 665 -35.53 -2.11 64.74
N LEU D 666 -34.34 -2.47 65.20
CA LEU D 666 -34.14 -3.15 66.47
C LEU D 666 -33.19 -2.31 67.33
N ASP D 667 -33.63 -1.98 68.54
CA ASP D 667 -32.85 -1.13 69.43
C ASP D 667 -32.85 -1.73 70.83
N LEU D 668 -31.66 -1.81 71.44
CA LEU D 668 -31.51 -2.31 72.80
C LEU D 668 -31.40 -1.15 73.77
N ILE D 669 -32.08 -1.27 74.92
CA ILE D 669 -32.09 -0.26 75.95
C ILE D 669 -31.31 -0.78 77.16
N THR D 670 -30.34 0.01 77.62
CA THR D 670 -29.56 -0.39 78.78
C THR D 670 -30.32 -0.17 80.08
N ALA D 671 -31.11 0.90 80.16
CA ALA D 671 -31.84 1.20 81.39
C ALA D 671 -32.98 0.21 81.61
N ARG D 672 -33.94 0.17 80.69
CA ARG D 672 -35.04 -0.78 80.76
C ARG D 672 -34.61 -2.10 80.12
N ASN D 673 -34.87 -3.20 80.83
CA ASN D 673 -34.46 -4.53 80.36
C ASN D 673 -35.48 -5.04 79.35
N GLU D 674 -35.42 -4.46 78.15
CA GLU D 674 -36.33 -4.83 77.06
C GLU D 674 -35.72 -4.34 75.75
N VAL D 675 -36.31 -4.81 74.65
CA VAL D 675 -35.90 -4.42 73.31
C VAL D 675 -37.10 -3.76 72.62
N GLN D 676 -36.90 -2.56 72.10
CA GLN D 676 -37.93 -1.84 71.37
C GLN D 676 -37.72 -2.08 69.87
N ALA D 677 -38.73 -2.66 69.22
CA ALA D 677 -38.69 -2.95 67.80
C ALA D 677 -39.69 -2.04 67.09
N LYS D 678 -39.23 -1.30 66.10
CA LYS D 678 -40.09 -0.45 65.29
C LYS D 678 -40.63 -1.26 64.12
N ALA D 679 -41.94 -1.17 63.90
CA ALA D 679 -42.59 -1.89 62.82
C ALA D 679 -43.46 -0.93 62.02
N VAL D 680 -43.58 -1.20 60.73
CA VAL D 680 -44.40 -0.41 59.83
C VAL D 680 -45.53 -1.29 59.32
N LEU D 681 -46.76 -0.83 59.52
CA LEU D 681 -47.96 -1.49 59.03
C LEU D 681 -48.45 -0.78 57.78
N TYR D 682 -48.89 -1.56 56.79
CA TYR D 682 -49.31 -1.01 55.52
C TYR D 682 -50.56 -0.14 55.70
N PRO D 683 -50.75 0.88 54.86
CA PRO D 683 -51.92 1.76 55.02
C PRO D 683 -53.25 1.05 54.87
N GLU D 684 -53.30 -0.09 54.18
CA GLU D 684 -54.56 -0.83 54.04
C GLU D 684 -54.96 -1.53 55.33
N TYR D 685 -54.04 -1.70 56.27
CA TYR D 685 -54.33 -2.43 57.50
C TYR D 685 -53.97 -1.65 58.76
N VAL D 686 -53.54 -0.39 58.63
CA VAL D 686 -53.15 0.38 59.80
C VAL D 686 -54.37 0.71 60.66
N GLN D 687 -55.52 1.00 60.02
CA GLN D 687 -56.72 1.32 60.78
C GLN D 687 -57.35 0.08 61.39
N THR D 688 -57.33 -1.04 60.67
CA THR D 688 -57.94 -2.28 61.19
C THR D 688 -57.19 -2.79 62.40
N PHE D 689 -55.87 -2.78 62.36
CA PHE D 689 -55.05 -3.24 63.48
C PHE D 689 -54.63 -2.04 64.34
N ALA D 690 -53.76 -2.30 65.31
CA ALA D 690 -53.25 -1.28 66.23
C ALA D 690 -54.40 -0.54 66.93
N ARG D 691 -55.40 -1.31 67.35
CA ARG D 691 -56.57 -0.75 68.02
C ARG D 691 -56.67 -1.19 69.48
N GLY D 692 -55.54 -1.53 70.10
CA GLY D 692 -55.56 -1.96 71.49
C GLY D 692 -55.97 -3.41 71.64
N GLY D 693 -55.24 -4.16 72.46
CA GLY D 693 -55.50 -5.57 72.62
C GLY D 693 -54.95 -6.44 71.51
N THR D 694 -54.29 -5.86 70.51
CA THR D 694 -53.72 -6.64 69.43
C THR D 694 -52.50 -7.40 69.93
N ARG D 695 -52.44 -8.68 69.60
CA ARG D 695 -51.39 -9.57 70.08
C ARG D 695 -50.46 -9.94 68.94
N PHE D 696 -49.16 -9.73 69.13
CA PHE D 696 -48.13 -10.10 68.18
C PHE D 696 -47.30 -11.23 68.78
N SER D 697 -47.17 -12.34 68.05
CA SER D 697 -46.44 -13.50 68.56
C SER D 697 -45.48 -14.01 67.51
N VAL D 698 -44.22 -14.21 67.91
CA VAL D 698 -43.22 -14.79 67.01
C VAL D 698 -43.44 -16.29 66.96
N VAL D 699 -43.77 -16.80 65.78
CA VAL D 699 -44.00 -18.23 65.60
C VAL D 699 -42.66 -18.94 65.46
N THR D 700 -42.54 -20.09 66.09
CA THR D 700 -41.31 -20.87 66.08
C THR D 700 -41.63 -22.29 65.63
N PRO D 701 -40.67 -22.96 64.98
CA PRO D 701 -40.90 -24.36 64.58
C PRO D 701 -41.10 -25.26 65.80
N GLN D 702 -41.99 -26.24 65.64
CA GLN D 702 -42.34 -27.17 66.71
C GLN D 702 -42.09 -28.58 66.19
N ILE D 703 -40.86 -29.07 66.36
CA ILE D 703 -40.48 -30.41 65.96
C ILE D 703 -40.40 -31.26 67.22
N SER D 704 -41.30 -32.23 67.33
CA SER D 704 -41.39 -33.08 68.51
C SER D 704 -41.80 -34.48 68.08
N ALA D 705 -41.89 -35.38 69.07
CA ALA D 705 -42.36 -36.73 68.79
C ALA D 705 -43.83 -36.77 68.45
N ALA D 706 -44.61 -35.80 68.92
CA ALA D 706 -46.04 -35.76 68.58
C ALA D 706 -46.26 -35.39 67.13
N GLY D 707 -45.45 -34.48 66.60
CA GLY D 707 -45.58 -34.08 65.21
C GLY D 707 -44.85 -32.77 64.96
N VAL D 708 -44.96 -32.33 63.71
CA VAL D 708 -44.36 -31.07 63.26
C VAL D 708 -45.48 -30.15 62.81
N GLU D 709 -45.46 -28.91 63.30
CA GLU D 709 -46.50 -27.93 63.01
C GLU D 709 -46.05 -26.86 62.03
N HIS D 710 -44.95 -26.17 62.32
CA HIS D 710 -44.43 -25.12 61.46
C HIS D 710 -43.04 -25.51 60.97
N LEU D 711 -42.85 -25.46 59.65
CA LEU D 711 -41.56 -25.77 59.04
C LEU D 711 -41.03 -24.69 58.11
N ASP D 712 -41.87 -23.77 57.63
CA ASP D 712 -41.36 -22.64 56.85
C ASP D 712 -40.65 -21.61 57.73
N THR D 713 -40.92 -21.64 59.04
CA THR D 713 -40.25 -20.74 59.99
C THR D 713 -38.79 -21.10 60.21
N ILE D 714 -38.33 -22.24 59.70
CA ILE D 714 -36.91 -22.57 59.76
C ILE D 714 -36.09 -21.54 59.00
N LEU D 715 -36.57 -21.13 57.83
CA LEU D 715 -35.87 -20.16 57.00
C LEU D 715 -36.52 -18.79 56.96
N GLN D 716 -37.84 -18.70 57.08
CA GLN D 716 -38.57 -17.43 56.99
C GLN D 716 -39.53 -17.31 58.17
N PRO D 717 -39.04 -16.93 59.34
CA PRO D 717 -39.94 -16.67 60.47
C PRO D 717 -40.74 -15.39 60.25
N TYR D 718 -41.91 -15.34 60.89
CA TYR D 718 -42.78 -14.18 60.81
C TYR D 718 -43.42 -13.96 62.17
N ILE D 719 -44.21 -12.89 62.28
CA ILE D 719 -44.92 -12.57 63.51
C ILE D 719 -46.41 -12.63 63.23
N ASN D 720 -47.11 -13.57 63.86
CA ASN D 720 -48.55 -13.71 63.70
C ASN D 720 -49.27 -12.65 64.52
N VAL D 721 -50.38 -12.14 63.95
CA VAL D 721 -51.16 -11.06 64.55
C VAL D 721 -52.55 -11.56 64.88
N GLU D 722 -52.99 -11.29 66.11
CA GLU D 722 -54.39 -11.45 66.51
C GLU D 722 -54.97 -10.06 66.75
N PRO D 723 -55.94 -9.62 65.95
CA PRO D 723 -56.43 -8.24 66.08
C PRO D 723 -57.27 -8.05 67.35
N GLY D 724 -57.36 -6.79 67.77
CA GLY D 724 -58.16 -6.42 68.92
C GLY D 724 -59.09 -5.27 68.60
N ARG D 725 -59.95 -4.96 69.56
CA ARG D 725 -60.96 -3.91 69.42
C ARG D 725 -60.81 -2.92 70.56
N GLY D 726 -60.83 -1.63 70.22
CA GLY D 726 -60.74 -0.58 71.21
C GLY D 726 -60.11 0.66 70.61
N ASN D 727 -59.69 1.56 71.49
CA ASN D 727 -59.03 2.77 71.06
C ASN D 727 -57.64 2.47 70.50
N PRO D 728 -57.17 3.25 69.53
CA PRO D 728 -55.83 3.01 68.98
C PRO D 728 -54.75 3.18 70.03
N ARG D 729 -53.75 2.31 69.97
CA ARG D 729 -52.66 2.29 70.95
C ARG D 729 -51.30 2.57 70.32
N ARG D 730 -50.95 1.87 69.25
CA ARG D 730 -49.67 2.04 68.54
C ARG D 730 -48.46 1.78 69.45
N ASP D 731 -48.65 0.96 70.49
CA ASP D 731 -47.55 0.62 71.40
C ASP D 731 -47.93 -0.70 72.06
N PHE D 732 -47.30 -1.78 71.60
CA PHE D 732 -47.67 -3.13 72.04
C PHE D 732 -46.46 -3.86 72.61
N GLU D 733 -46.71 -5.06 73.12
CA GLU D 733 -45.67 -5.91 73.67
C GLU D 733 -45.76 -7.30 73.04
N LEU D 734 -44.59 -7.92 72.86
CA LEU D 734 -44.52 -9.22 72.22
C LEU D 734 -44.97 -10.30 73.20
N GLN D 735 -45.87 -11.16 72.74
CA GLN D 735 -46.40 -12.24 73.55
C GLN D 735 -45.63 -13.53 73.25
N GLU D 736 -46.11 -14.64 73.81
CA GLU D 736 -45.48 -15.95 73.62
C GLU D 736 -46.31 -16.89 72.76
N ALA D 737 -47.63 -16.90 72.92
CA ALA D 737 -48.50 -17.76 72.14
C ALA D 737 -49.71 -16.97 71.66
N THR D 738 -50.23 -17.36 70.50
CA THR D 738 -51.37 -16.71 69.89
C THR D 738 -52.13 -17.70 69.04
N ILE D 739 -53.45 -17.74 69.18
CA ILE D 739 -54.29 -18.63 68.39
C ILE D 739 -54.23 -18.19 66.94
N THR D 740 -53.66 -19.02 66.07
CA THR D 740 -53.54 -18.70 64.65
C THR D 740 -54.73 -19.25 63.86
N ASP D 741 -55.94 -18.96 64.33
CA ASP D 741 -57.16 -19.40 63.67
C ASP D 741 -58.04 -18.24 63.21
N SER D 742 -58.33 -17.29 64.11
CA SER D 742 -59.20 -16.14 63.82
C SER D 742 -60.58 -16.58 63.35
N ARG D 743 -61.05 -17.73 63.85
CA ARG D 743 -62.41 -18.20 63.56
C ARG D 743 -63.30 -18.20 64.79
N TYR D 744 -62.73 -18.20 65.99
CA TYR D 744 -63.50 -18.09 67.22
C TYR D 744 -63.67 -16.65 67.68
N LEU D 745 -63.01 -15.70 67.02
CA LEU D 745 -63.02 -14.32 67.47
C LEU D 745 -64.41 -13.70 67.43
N ASP D 746 -65.26 -14.15 66.50
CA ASP D 746 -66.63 -13.66 66.44
C ASP D 746 -67.52 -14.27 67.51
N GLY D 747 -67.09 -15.35 68.16
CA GLY D 747 -67.93 -16.05 69.12
C GLY D 747 -67.82 -15.47 70.52
N LEU D 748 -68.53 -16.12 71.44
CA LEU D 748 -68.56 -15.67 72.82
C LEU D 748 -67.24 -15.96 73.52
N SER D 749 -66.78 -15.00 74.31
CA SER D 749 -65.57 -15.13 75.12
C SER D 749 -65.99 -15.20 76.59
N ILE D 750 -66.05 -16.41 77.12
CA ILE D 750 -66.49 -16.64 78.48
C ILE D 750 -65.28 -16.85 79.38
N ILE D 751 -65.51 -16.81 80.70
CA ILE D 751 -64.46 -16.95 81.69
C ILE D 751 -64.75 -18.18 82.54
N VAL D 752 -63.71 -18.95 82.84
CA VAL D 752 -63.79 -20.11 83.71
C VAL D 752 -62.84 -19.88 84.89
N GLU D 753 -63.37 -20.00 86.10
CA GLU D 753 -62.58 -19.82 87.32
C GLU D 753 -62.17 -21.18 87.85
N ALA D 754 -60.87 -21.35 88.08
CA ALA D 754 -60.34 -22.63 88.53
C ALA D 754 -59.43 -22.44 89.73
N PRO D 755 -59.40 -23.42 90.65
CA PRO D 755 -58.43 -23.35 91.75
C PRO D 755 -56.98 -23.38 91.29
N GLU D 756 -56.68 -24.10 90.21
CA GLU D 756 -55.32 -24.23 89.72
C GLU D 756 -55.34 -24.20 88.20
N ALA D 757 -54.21 -23.77 87.61
CA ALA D 757 -54.09 -23.73 86.16
C ALA D 757 -53.90 -25.12 85.59
N GLY D 758 -52.84 -25.82 86.00
CA GLY D 758 -52.58 -27.16 85.52
C GLY D 758 -52.00 -27.21 84.13
N SER D 759 -52.70 -27.91 83.22
CA SER D 759 -52.23 -28.11 81.86
C SER D 759 -52.77 -27.06 80.90
N LEU D 760 -53.52 -26.06 81.39
CA LEU D 760 -54.15 -25.09 80.52
C LEU D 760 -53.13 -24.13 79.94
N GLY D 761 -53.46 -23.59 78.77
CA GLY D 761 -52.60 -22.63 78.10
C GLY D 761 -53.32 -22.04 76.91
N ILE D 762 -52.60 -21.19 76.18
CA ILE D 762 -53.15 -20.60 74.97
C ILE D 762 -53.25 -21.67 73.88
N GLY D 763 -54.42 -21.80 73.29
CA GLY D 763 -54.68 -22.85 72.32
C GLY D 763 -55.29 -24.10 72.91
N THR D 764 -55.64 -24.10 74.19
CA THR D 764 -56.24 -25.27 74.82
C THR D 764 -57.64 -25.51 74.25
N PRO D 765 -57.95 -26.71 73.78
CA PRO D 765 -59.26 -26.95 73.17
C PRO D 765 -60.40 -26.95 74.18
N VAL D 766 -61.57 -26.56 73.69
CA VAL D 766 -62.83 -26.65 74.43
C VAL D 766 -63.71 -27.65 73.71
N LEU D 767 -64.17 -28.67 74.42
CA LEU D 767 -64.80 -29.83 73.82
C LEU D 767 -66.23 -29.99 74.29
N PHE D 768 -67.15 -30.13 73.34
CA PHE D 768 -68.53 -30.53 73.61
C PHE D 768 -68.70 -31.92 73.01
N ARG D 769 -68.86 -32.93 73.89
CA ARG D 769 -68.99 -34.33 73.48
C ARG D 769 -67.82 -34.78 72.61
N GLY D 770 -66.61 -34.37 73.01
CA GLY D 770 -65.40 -34.82 72.35
C GLY D 770 -65.03 -34.11 71.07
N LEU D 771 -65.79 -33.10 70.65
CA LEU D 771 -65.51 -32.36 69.43
C LEU D 771 -65.04 -30.96 69.78
N GLU D 772 -63.97 -30.53 69.13
CA GLU D 772 -63.39 -29.20 69.38
C GLU D 772 -64.33 -28.14 68.86
N VAL D 773 -64.95 -27.38 69.77
CA VAL D 773 -65.87 -26.32 69.40
C VAL D 773 -65.38 -24.95 69.81
N GLY D 774 -64.27 -24.86 70.54
CA GLY D 774 -63.74 -23.58 70.96
C GLY D 774 -62.28 -23.72 71.36
N THR D 775 -61.69 -22.59 71.72
CA THR D 775 -60.29 -22.56 72.14
C THR D 775 -60.16 -21.63 73.35
N VAL D 776 -58.98 -21.66 73.96
CA VAL D 776 -58.68 -20.82 75.12
C VAL D 776 -57.85 -19.64 74.61
N THR D 777 -58.43 -18.43 74.70
CA THR D 777 -57.70 -17.24 74.26
C THR D 777 -56.60 -16.89 75.25
N GLY D 778 -56.89 -16.91 76.54
CA GLY D 778 -55.85 -16.52 77.48
C GLY D 778 -56.13 -16.97 78.89
N MET D 779 -55.14 -16.74 79.76
CA MET D 779 -55.23 -17.05 81.18
C MET D 779 -54.68 -15.88 81.98
N THR D 780 -55.27 -15.64 83.14
CA THR D 780 -54.87 -14.51 83.99
C THR D 780 -55.34 -14.78 85.41
N LEU D 781 -55.03 -13.85 86.31
CA LEU D 781 -55.51 -13.86 87.68
C LEU D 781 -56.41 -12.66 87.91
N GLY D 782 -57.34 -12.81 88.86
CA GLY D 782 -58.28 -11.77 89.18
C GLY D 782 -57.66 -10.69 90.04
N THR D 783 -58.52 -9.78 90.52
CA THR D 783 -58.08 -8.73 91.43
C THR D 783 -57.56 -9.33 92.74
N LEU D 784 -58.24 -10.36 93.24
CA LEU D 784 -57.77 -11.12 94.40
C LEU D 784 -57.15 -12.41 93.90
N SER D 785 -55.95 -12.73 94.39
CA SER D 785 -55.19 -13.89 93.91
C SER D 785 -55.64 -15.13 94.68
N ASP D 786 -56.84 -15.60 94.34
CA ASP D 786 -57.41 -16.81 94.91
C ASP D 786 -57.89 -17.81 93.87
N ARG D 787 -57.89 -17.44 92.59
CA ARG D 787 -58.32 -18.33 91.53
C ARG D 787 -57.71 -17.88 90.22
N VAL D 788 -57.73 -18.76 89.24
CA VAL D 788 -57.20 -18.50 87.90
C VAL D 788 -58.38 -18.35 86.94
N MET D 789 -58.42 -17.23 86.23
CA MET D 789 -59.48 -16.94 85.27
C MET D 789 -58.98 -17.25 83.88
N ILE D 790 -59.67 -18.16 83.19
CA ILE D 790 -59.31 -18.60 81.85
C ILE D 790 -60.36 -18.04 80.90
N ALA D 791 -59.93 -17.16 80.00
CA ALA D 791 -60.81 -16.60 78.98
C ALA D 791 -60.75 -17.51 77.75
N MET D 792 -61.91 -18.02 77.34
CA MET D 792 -62.00 -18.95 76.22
C MET D 792 -63.08 -18.48 75.25
N ARG D 793 -62.78 -18.59 73.96
CA ARG D 793 -63.71 -18.20 72.90
C ARG D 793 -64.28 -19.44 72.24
N ILE D 794 -65.61 -19.46 72.13
CA ILE D 794 -66.32 -20.57 71.49
C ILE D 794 -66.72 -20.14 70.08
N SER D 795 -66.95 -21.12 69.22
CA SER D 795 -67.34 -20.84 67.85
C SER D 795 -68.76 -20.28 67.79
N LYS D 796 -69.07 -19.61 66.68
CA LYS D 796 -70.42 -19.08 66.48
C LYS D 796 -71.43 -20.21 66.29
N ARG D 797 -71.09 -21.19 65.45
CA ARG D 797 -72.03 -22.28 65.16
C ARG D 797 -72.34 -23.10 66.41
N TYR D 798 -71.40 -23.17 67.35
CA TYR D 798 -71.60 -23.87 68.61
C TYR D 798 -71.93 -22.93 69.75
N GLN D 799 -72.20 -21.65 69.44
CA GLN D 799 -72.49 -20.67 70.50
C GLN D 799 -73.73 -21.06 71.28
N HIS D 800 -74.76 -21.56 70.59
CA HIS D 800 -75.98 -21.99 71.27
C HIS D 800 -75.73 -23.17 72.19
N LEU D 801 -74.60 -23.86 72.06
CA LEU D 801 -74.25 -24.92 73.00
C LEU D 801 -73.92 -24.38 74.38
N VAL D 802 -73.68 -23.08 74.52
CA VAL D 802 -73.33 -22.47 75.80
C VAL D 802 -74.61 -22.00 76.47
N ARG D 803 -74.84 -22.47 77.69
CA ARG D 803 -76.01 -22.10 78.48
C ARG D 803 -75.57 -21.60 79.84
N ASN D 804 -76.52 -20.98 80.57
CA ASN D 804 -76.23 -20.48 81.90
C ASN D 804 -75.90 -21.61 82.87
N ASN D 805 -76.69 -22.69 82.84
CA ASN D 805 -76.44 -23.85 83.69
C ASN D 805 -75.66 -24.92 82.93
N SER D 806 -74.43 -24.58 82.58
CA SER D 806 -73.53 -25.47 81.87
C SER D 806 -72.40 -25.88 82.80
N VAL D 807 -72.05 -27.16 82.78
CA VAL D 807 -71.00 -27.72 83.63
C VAL D 807 -69.72 -27.85 82.83
N PHE D 808 -68.63 -27.31 83.37
CA PHE D 808 -67.31 -27.37 82.75
C PHE D 808 -66.38 -28.21 83.61
N TRP D 809 -65.58 -29.06 82.96
CA TRP D 809 -64.58 -29.84 83.66
C TRP D 809 -63.30 -29.89 82.84
N LEU D 810 -62.21 -30.26 83.50
CA LEU D 810 -60.88 -30.27 82.89
C LEU D 810 -60.53 -31.70 82.49
N ALA D 811 -60.46 -31.95 81.18
CA ALA D 811 -60.08 -33.25 80.65
C ALA D 811 -58.63 -33.14 80.20
N SER D 812 -57.72 -33.64 81.03
CA SER D 812 -56.28 -33.61 80.75
C SER D 812 -55.69 -34.98 80.99
N GLY D 813 -54.89 -35.46 80.03
CA GLY D 813 -54.27 -36.75 80.18
C GLY D 813 -55.27 -37.89 80.11
N TYR D 814 -54.94 -39.00 80.76
CA TYR D 814 -55.77 -40.19 80.80
C TYR D 814 -56.24 -40.43 82.22
N SER D 815 -57.55 -40.61 82.39
CA SER D 815 -58.14 -40.89 83.69
C SER D 815 -58.82 -42.25 83.64
N LEU D 816 -58.56 -43.08 84.65
CA LEU D 816 -59.10 -44.42 84.70
C LEU D 816 -59.54 -44.74 86.13
N ASP D 817 -60.47 -45.69 86.24
CA ASP D 817 -61.01 -46.12 87.52
C ASP D 817 -60.70 -47.60 87.73
N PHE D 818 -60.20 -47.93 88.92
CA PHE D 818 -59.83 -49.29 89.28
C PHE D 818 -60.52 -49.64 90.60
N GLY D 819 -61.56 -50.48 90.53
CA GLY D 819 -62.29 -50.85 91.71
C GLY D 819 -61.57 -51.93 92.51
N LEU D 820 -62.20 -52.33 93.62
CA LEU D 820 -61.63 -53.38 94.46
C LEU D 820 -61.62 -54.73 93.76
N THR D 821 -62.58 -54.97 92.86
CA THR D 821 -62.67 -56.23 92.14
C THR D 821 -62.61 -56.07 90.63
N GLY D 822 -62.75 -54.85 90.11
CA GLY D 822 -62.78 -54.65 88.67
C GLY D 822 -61.67 -53.75 88.14
N GLY D 823 -60.83 -54.30 87.26
CA GLY D 823 -59.81 -53.50 86.63
C GLY D 823 -60.04 -53.32 85.13
N VAL D 824 -60.44 -52.12 84.74
CA VAL D 824 -60.64 -51.76 83.34
C VAL D 824 -59.98 -50.41 83.11
N VAL D 825 -59.04 -50.36 82.17
CA VAL D 825 -58.35 -49.12 81.81
C VAL D 825 -58.47 -48.94 80.31
N LYS D 826 -58.66 -47.68 79.89
CA LYS D 826 -58.82 -47.35 78.48
C LYS D 826 -57.98 -46.11 78.17
N THR D 827 -57.38 -46.13 76.98
CA THR D 827 -56.62 -45.00 76.46
C THR D 827 -57.15 -44.64 75.08
N GLY D 828 -56.99 -43.37 74.71
CA GLY D 828 -57.53 -42.91 73.45
C GLY D 828 -56.65 -41.93 72.71
N THR D 829 -55.35 -41.90 73.06
CA THR D 829 -54.33 -41.00 72.51
C THR D 829 -54.89 -39.60 72.22
N PHE D 830 -55.59 -39.07 73.21
CA PHE D 830 -56.25 -37.77 73.07
C PHE D 830 -55.23 -36.65 72.93
N ASN D 831 -55.68 -35.56 72.30
CA ASN D 831 -54.88 -34.33 72.27
C ASN D 831 -54.75 -33.70 73.64
N GLN D 832 -55.52 -34.15 74.63
CA GLN D 832 -55.39 -33.67 76.00
C GLN D 832 -54.07 -34.07 76.63
N PHE D 833 -53.38 -35.07 76.08
CA PHE D 833 -52.06 -35.45 76.57
C PHE D 833 -50.95 -34.58 75.99
N ILE D 834 -51.30 -33.64 75.11
CA ILE D 834 -50.39 -32.59 74.67
C ILE D 834 -50.83 -31.23 75.20
N ARG D 835 -52.13 -30.93 75.11
CA ARG D 835 -52.73 -29.73 75.67
C ARG D 835 -54.01 -30.16 76.36
N GLY D 836 -54.00 -30.20 77.69
CA GLY D 836 -55.15 -30.63 78.47
C GLY D 836 -56.36 -29.75 78.26
N GLY D 837 -57.40 -30.28 77.63
CA GLY D 837 -58.52 -29.48 77.22
C GLY D 837 -59.57 -29.31 78.32
N ILE D 838 -60.57 -28.50 78.01
CA ILE D 838 -61.70 -28.28 78.90
C ILE D 838 -62.97 -28.69 78.19
N ALA D 839 -63.71 -29.64 78.77
CA ALA D 839 -64.95 -30.11 78.19
C ALA D 839 -66.13 -29.51 78.95
N PHE D 840 -67.27 -29.43 78.27
CA PHE D 840 -68.46 -28.87 78.88
C PHE D 840 -69.70 -29.61 78.41
N ALA D 841 -70.73 -29.57 79.24
CA ALA D 841 -72.00 -30.22 78.94
C ALA D 841 -73.12 -29.44 79.63
N THR D 842 -74.36 -29.91 79.43
CA THR D 842 -75.54 -29.26 79.98
C THR D 842 -76.43 -30.32 80.62
N PRO D 843 -76.79 -30.18 81.90
CA PRO D 843 -77.71 -31.12 82.51
C PRO D 843 -79.09 -31.03 81.86
N PRO D 844 -79.84 -32.12 81.84
CA PRO D 844 -81.15 -32.10 81.19
C PRO D 844 -82.18 -31.30 81.98
N GLY D 845 -83.18 -30.79 81.28
CA GLY D 845 -84.26 -30.04 81.89
C GLY D 845 -85.26 -29.53 80.87
N THR D 846 -86.54 -29.66 81.17
CA THR D 846 -87.57 -29.17 80.25
C THR D 846 -87.50 -27.66 80.04
N PRO D 847 -87.39 -26.80 81.10
CA PRO D 847 -87.16 -25.38 80.83
C PRO D 847 -85.68 -25.11 80.57
N LEU D 848 -85.35 -24.73 79.34
CA LEU D 848 -83.96 -24.48 78.98
C LEU D 848 -83.53 -23.11 79.48
N ALA D 849 -82.30 -23.06 80.01
CA ALA D 849 -81.76 -21.80 80.49
C ALA D 849 -81.45 -20.87 79.32
N PRO D 850 -81.50 -19.55 79.54
CA PRO D 850 -81.14 -18.62 78.47
C PRO D 850 -79.66 -18.74 78.13
N LYS D 851 -79.33 -18.39 76.87
CA LYS D 851 -77.96 -18.45 76.41
C LYS D 851 -77.09 -17.46 77.17
N ALA D 852 -75.83 -17.84 77.39
CA ALA D 852 -74.89 -16.99 78.10
C ALA D 852 -74.60 -15.72 77.30
N GLN D 853 -74.37 -14.64 78.03
CA GLN D 853 -74.09 -13.34 77.43
C GLN D 853 -72.62 -13.28 77.00
N GLU D 854 -72.16 -12.09 76.60
CA GLU D 854 -70.77 -11.93 76.21
C GLU D 854 -69.83 -12.19 77.38
N GLY D 855 -70.16 -11.64 78.55
CA GLY D 855 -69.38 -11.90 79.74
C GLY D 855 -70.09 -12.83 80.72
N LYS D 856 -69.65 -14.08 80.78
CA LYS D 856 -70.25 -15.07 81.67
C LYS D 856 -69.15 -15.87 82.33
N HIS D 857 -69.24 -16.05 83.65
CA HIS D 857 -68.24 -16.75 84.43
C HIS D 857 -68.79 -18.07 84.94
N PHE D 858 -68.07 -19.13 84.68
CA PHE D 858 -68.38 -20.47 85.18
C PHE D 858 -67.29 -20.92 86.14
N LEU D 859 -67.55 -22.02 86.84
CA LEU D 859 -66.59 -22.61 87.77
C LEU D 859 -66.14 -23.95 87.24
N LEU D 860 -64.83 -24.20 87.26
CA LEU D 860 -64.29 -25.46 86.76
C LEU D 860 -64.49 -26.54 87.82
N GLN D 861 -65.23 -27.59 87.46
CA GLN D 861 -65.47 -28.69 88.38
C GLN D 861 -64.19 -29.49 88.60
N GLU D 862 -63.98 -29.93 89.85
CA GLU D 862 -62.77 -30.67 90.19
C GLU D 862 -62.80 -32.09 89.64
N SER D 863 -63.97 -32.60 89.25
CA SER D 863 -64.09 -33.96 88.75
C SER D 863 -65.13 -34.01 87.64
N GLU D 864 -64.96 -34.99 86.75
CA GLU D 864 -65.92 -35.19 85.67
C GLU D 864 -67.25 -35.68 86.23
N PRO D 865 -68.37 -35.14 85.75
CA PRO D 865 -69.68 -35.66 86.17
C PRO D 865 -69.85 -37.12 85.79
N LYS D 866 -70.53 -37.87 86.66
CA LYS D 866 -70.59 -39.32 86.50
C LYS D 866 -71.49 -39.73 85.34
N GLU D 867 -72.65 -39.11 85.20
CA GLU D 867 -73.65 -39.51 84.23
C GLU D 867 -73.92 -38.40 83.20
N TRP D 868 -72.86 -37.72 82.75
CA TRP D 868 -73.05 -36.70 81.72
C TRP D 868 -73.29 -37.31 80.36
N ARG D 869 -72.90 -38.57 80.15
CA ARG D 869 -73.11 -39.20 78.84
C ARG D 869 -74.57 -39.58 78.63
N GLU D 870 -75.31 -39.83 79.71
CA GLU D 870 -76.70 -40.26 79.62
C GLU D 870 -77.69 -39.11 79.69
N TRP D 871 -77.21 -37.86 79.70
CA TRP D 871 -78.10 -36.71 79.76
C TRP D 871 -78.89 -36.57 78.47
N GLY D 872 -78.21 -36.37 77.35
CA GLY D 872 -78.87 -36.22 76.06
C GLY D 872 -79.78 -35.01 75.96
N THR D 873 -79.29 -33.86 76.43
CA THR D 873 -80.10 -32.64 76.38
C THR D 873 -80.28 -32.18 74.94
N ALA D 874 -81.52 -31.85 74.58
CA ALA D 874 -81.84 -31.39 73.23
C ALA D 874 -81.65 -29.89 73.16
N LEU D 875 -80.66 -29.45 72.38
CA LEU D 875 -80.37 -28.03 72.22
C LEU D 875 -80.79 -27.57 70.84
N PRO D 876 -81.84 -26.76 70.71
CA PRO D 876 -82.27 -26.31 69.39
C PRO D 876 -81.27 -25.36 68.75
N LYS D 877 -81.38 -25.24 67.43
CA LYS D 877 -80.52 -24.37 66.61
C LYS D 877 -79.04 -24.70 66.79
N GLY E 46 59.20 65.97 -57.78
CA GLY E 46 59.17 66.30 -56.37
C GLY E 46 60.47 65.98 -55.65
N ASN E 47 60.34 65.27 -54.53
CA ASN E 47 61.48 64.89 -53.71
C ASN E 47 61.44 63.39 -53.43
N THR E 48 62.62 62.81 -53.25
CA THR E 48 62.75 61.37 -53.05
C THR E 48 62.75 61.04 -51.56
N VAL E 49 61.90 60.08 -51.18
CA VAL E 49 61.73 59.66 -49.78
C VAL E 49 61.97 58.16 -49.71
N THR E 50 62.74 57.73 -48.72
CA THR E 50 63.14 56.33 -48.59
C THR E 50 62.35 55.66 -47.48
N ILE E 51 61.68 54.56 -47.80
CA ILE E 51 60.84 53.82 -46.87
C ILE E 51 61.36 52.38 -46.79
N ASP E 52 61.43 51.85 -45.56
CA ASP E 52 61.85 50.49 -45.33
C ASP E 52 60.63 49.59 -45.22
N PHE E 53 60.52 48.60 -46.10
CA PHE E 53 59.42 47.66 -46.13
C PHE E 53 59.90 46.28 -45.70
N MET E 54 59.06 45.58 -44.96
CA MET E 54 59.36 44.19 -44.62
C MET E 54 59.11 43.26 -45.80
N SER E 55 58.08 43.55 -46.60
CA SER E 55 57.76 42.72 -47.76
C SER E 55 56.98 43.57 -48.75
N ALA E 56 57.59 43.86 -49.90
CA ALA E 56 56.91 44.59 -50.98
C ALA E 56 56.32 43.57 -51.93
N ASP E 57 55.08 43.18 -51.66
CA ASP E 57 54.46 42.07 -52.39
C ASP E 57 54.23 42.43 -53.86
N GLY E 58 53.66 43.60 -54.13
CA GLY E 58 53.31 43.95 -55.49
C GLY E 58 53.63 45.38 -55.89
N ILE E 59 54.71 45.94 -55.35
CA ILE E 59 55.10 47.30 -55.68
C ILE E 59 55.86 47.26 -57.01
N VAL E 60 55.25 47.80 -58.06
CA VAL E 60 55.92 47.91 -59.36
C VAL E 60 56.87 49.10 -59.32
N PRO E 61 58.14 48.93 -59.70
CA PRO E 61 59.07 50.08 -59.68
C PRO E 61 58.67 51.18 -60.63
N GLY E 62 57.87 50.90 -61.65
CA GLY E 62 57.47 51.92 -62.61
C GLY E 62 56.24 52.70 -62.19
N ARG E 63 55.17 52.02 -61.81
CA ARG E 63 53.90 52.66 -61.46
C ARG E 63 53.35 52.03 -60.19
N THR E 64 53.39 52.80 -59.10
CA THR E 64 52.75 52.42 -57.84
C THR E 64 52.32 53.69 -57.11
N PRO E 65 51.01 53.97 -57.06
CA PRO E 65 50.57 55.22 -56.44
C PRO E 65 50.74 55.23 -54.93
N VAL E 66 50.98 56.43 -54.41
CA VAL E 66 51.00 56.70 -52.97
C VAL E 66 49.89 57.70 -52.71
N ARG E 67 48.84 57.26 -52.03
CA ARG E 67 47.61 58.02 -51.89
C ARG E 67 47.39 58.43 -50.45
N TYR E 68 46.84 59.63 -50.27
CA TYR E 68 46.30 60.10 -49.00
C TYR E 68 44.79 60.22 -49.17
N GLN E 69 44.05 59.38 -48.43
CA GLN E 69 42.58 59.30 -48.55
C GLN E 69 42.17 58.97 -49.98
N GLY E 70 42.97 58.15 -50.65
CA GLY E 70 42.68 57.72 -52.00
C GLY E 70 43.11 58.65 -53.11
N VAL E 71 43.68 59.81 -52.78
CA VAL E 71 44.11 60.78 -53.79
C VAL E 71 45.58 60.56 -54.09
N GLU E 72 45.88 60.22 -55.35
CA GLU E 72 47.24 59.89 -55.73
C GLU E 72 48.13 61.13 -55.68
N VAL E 73 49.23 61.04 -54.92
CA VAL E 73 50.17 62.14 -54.79
C VAL E 73 51.56 61.66 -55.18
N GLY E 74 52.08 60.66 -54.48
CA GLY E 74 53.42 60.16 -54.72
C GLY E 74 53.46 59.03 -55.75
N THR E 75 54.68 58.69 -56.15
CA THR E 75 54.90 57.63 -57.13
C THR E 75 56.21 56.93 -56.82
N VAL E 76 56.16 55.60 -56.74
CA VAL E 76 57.36 54.81 -56.47
C VAL E 76 58.29 54.86 -57.67
N GLN E 77 59.54 55.29 -57.44
CA GLN E 77 60.53 55.38 -58.50
C GLN E 77 61.61 54.33 -58.42
N ASP E 78 62.07 53.96 -57.22
CA ASP E 78 63.18 53.02 -57.09
C ASP E 78 62.87 51.97 -56.05
N ILE E 79 63.35 50.74 -56.29
CA ILE E 79 63.24 49.64 -55.35
C ILE E 79 64.60 48.96 -55.25
N SER E 80 65.07 48.74 -54.02
CA SER E 80 66.33 48.03 -53.80
C SER E 80 66.23 47.26 -52.50
N LEU E 81 67.26 46.48 -52.20
CA LEU E 81 67.34 45.70 -50.98
C LEU E 81 68.46 46.23 -50.10
N SER E 82 68.28 46.17 -48.78
CA SER E 82 69.31 46.65 -47.85
C SER E 82 70.31 45.51 -47.58
N ASP E 83 71.11 45.23 -48.62
CA ASP E 83 72.08 44.14 -48.66
C ASP E 83 71.55 42.86 -48.00
N ASP E 84 70.32 42.50 -48.38
CA ASP E 84 69.66 41.26 -47.93
C ASP E 84 69.56 41.19 -46.40
N LEU E 85 69.19 42.30 -45.77
CA LEU E 85 68.92 42.34 -44.34
C LEU E 85 67.42 42.37 -44.04
N ARG E 86 66.63 41.69 -44.88
CA ARG E 86 65.17 41.57 -44.71
C ARG E 86 64.47 42.92 -44.74
N LYS E 87 65.06 43.89 -45.43
CA LYS E 87 64.45 45.21 -45.57
C LYS E 87 64.58 45.67 -47.02
N ILE E 88 63.48 46.24 -47.54
CA ILE E 88 63.41 46.73 -48.90
C ILE E 88 63.38 48.25 -48.85
N GLU E 89 64.34 48.88 -49.51
CA GLU E 89 64.42 50.34 -49.60
C GLU E 89 63.61 50.78 -50.82
N VAL E 90 62.53 51.52 -50.56
CA VAL E 90 61.66 52.02 -51.61
C VAL E 90 61.82 53.53 -51.67
N LYS E 91 62.30 54.03 -52.81
CA LYS E 91 62.40 55.46 -53.06
C LYS E 91 61.18 55.92 -53.82
N VAL E 92 60.49 56.92 -53.27
CA VAL E 92 59.23 57.43 -53.80
C VAL E 92 59.38 58.92 -54.04
N SER E 93 58.97 59.37 -55.23
CA SER E 93 58.92 60.80 -55.54
C SER E 93 57.58 61.37 -55.08
N ILE E 94 57.64 62.44 -54.29
CA ILE E 94 56.47 63.06 -53.70
C ILE E 94 56.42 64.52 -54.16
N LYS E 95 55.21 64.99 -54.48
CA LYS E 95 55.02 66.34 -54.98
C LYS E 95 55.26 67.38 -53.89
N SER E 96 55.39 68.64 -54.31
CA SER E 96 55.71 69.71 -53.37
C SER E 96 54.55 70.04 -52.44
N ASP E 97 53.31 69.86 -52.90
CA ASP E 97 52.15 70.16 -52.06
C ASP E 97 52.09 69.23 -50.85
N MET E 98 52.58 68.00 -51.00
CA MET E 98 52.69 67.10 -49.86
C MET E 98 54.03 67.25 -49.15
N LYS E 99 55.07 67.67 -49.86
CA LYS E 99 56.36 67.94 -49.24
C LYS E 99 56.27 69.07 -48.22
N ASP E 100 55.41 70.06 -48.48
CA ASP E 100 55.25 71.19 -47.58
C ASP E 100 54.73 70.76 -46.21
N ALA E 101 54.04 69.63 -46.11
CA ALA E 101 53.55 69.10 -44.84
C ALA E 101 54.16 67.75 -44.50
N LEU E 102 55.14 67.28 -45.26
CA LEU E 102 55.82 66.03 -44.95
C LEU E 102 56.68 66.23 -43.70
N ARG E 103 56.31 65.58 -42.61
CA ARG E 103 56.93 65.80 -41.31
C ARG E 103 57.46 64.48 -40.76
N GLU E 104 57.98 64.54 -39.53
CA GLU E 104 58.60 63.35 -38.92
C GLU E 104 57.56 62.28 -38.63
N GLU E 105 56.38 62.66 -38.14
CA GLU E 105 55.33 61.70 -37.84
C GLU E 105 54.47 61.42 -39.08
N THR E 106 55.08 60.91 -40.13
CA THR E 106 54.36 60.51 -41.34
C THR E 106 54.43 58.99 -41.45
N GLN E 107 53.27 58.36 -41.55
CA GLN E 107 53.16 56.91 -41.57
C GLN E 107 52.78 56.43 -42.95
N PHE E 108 53.37 55.31 -43.37
CA PHE E 108 53.08 54.67 -44.63
C PHE E 108 52.71 53.22 -44.38
N TRP E 109 51.88 52.66 -45.25
CA TRP E 109 51.54 51.25 -45.18
C TRP E 109 51.22 50.75 -46.57
N LEU E 110 51.33 49.43 -46.73
CA LEU E 110 51.15 48.78 -48.03
C LEU E 110 49.75 48.17 -48.10
N VAL E 111 48.92 48.70 -48.97
CA VAL E 111 47.57 48.17 -49.20
C VAL E 111 47.64 47.17 -50.34
N THR E 112 47.30 45.92 -50.01
CA THR E 112 47.35 44.75 -50.86
C THR E 112 45.97 44.11 -50.90
N PRO E 113 45.67 43.29 -51.93
CA PRO E 113 44.36 42.65 -52.04
C PRO E 113 44.21 41.39 -51.19
N LYS E 114 44.52 41.48 -50.00
CA LYS E 114 44.38 40.35 -49.08
C LYS E 114 42.93 39.88 -49.03
N ALA E 115 42.73 38.57 -49.14
CA ALA E 115 41.41 37.96 -49.14
C ALA E 115 41.40 36.72 -48.25
N SER E 116 41.92 36.87 -47.03
CA SER E 116 42.00 35.75 -46.10
C SER E 116 40.62 35.42 -45.54
N LEU E 117 40.58 34.36 -44.72
CA LEU E 117 39.32 33.94 -44.11
C LEU E 117 38.80 34.97 -43.13
N ALA E 118 39.69 35.55 -42.32
CA ALA E 118 39.26 36.50 -41.31
C ALA E 118 38.75 37.79 -41.93
N GLY E 119 39.44 38.31 -42.93
CA GLY E 119 39.05 39.55 -43.57
C GLY E 119 39.18 39.46 -45.08
N VAL E 120 38.19 40.02 -45.78
CA VAL E 120 38.17 40.04 -47.23
C VAL E 120 38.23 41.47 -47.77
N SER E 121 38.63 42.42 -46.94
CA SER E 121 38.72 43.80 -47.36
C SER E 121 39.90 44.01 -48.30
N GLY E 122 39.79 45.02 -49.17
CA GLY E 122 40.83 45.31 -50.13
C GLY E 122 40.38 45.20 -51.57
N LEU E 123 39.09 45.45 -51.82
CA LEU E 123 38.59 45.40 -53.19
C LEU E 123 39.16 46.52 -54.04
N ASP E 124 39.35 47.71 -53.46
CA ASP E 124 40.00 48.79 -54.19
C ASP E 124 41.42 48.41 -54.57
N ALA E 125 42.15 47.76 -53.67
CA ALA E 125 43.49 47.27 -53.98
C ALA E 125 43.44 46.20 -55.05
N LEU E 126 42.43 45.32 -55.02
CA LEU E 126 42.30 44.31 -56.06
C LEU E 126 42.06 44.94 -57.43
N VAL E 127 41.23 45.98 -57.48
CA VAL E 127 40.92 46.63 -58.74
C VAL E 127 42.13 47.39 -59.27
N GLY E 128 42.77 48.19 -58.42
CA GLY E 128 43.80 49.09 -58.88
C GLY E 128 45.23 48.68 -58.56
N GLY E 129 45.45 47.41 -58.24
CA GLY E 129 46.77 46.95 -57.87
C GLY E 129 47.17 47.39 -56.48
N ASN E 130 48.54 46.81 -56.34
CA ASN E 130 49.11 47.10 -55.03
C ASN E 130 49.57 48.55 -54.98
N TYR E 131 49.29 49.23 -53.87
CA TYR E 131 49.69 50.64 -53.75
C TYR E 131 50.09 50.94 -52.31
N ILE E 132 50.41 52.20 -52.04
CA ILE E 132 50.95 52.62 -50.75
C ILE E 132 50.06 53.71 -50.18
N GLY E 133 49.44 53.44 -49.03
CA GLY E 133 48.68 54.46 -48.33
C GLY E 133 49.53 55.21 -47.33
N MET E 134 49.22 56.49 -47.14
CA MET E 134 50.02 57.35 -46.27
C MET E 134 49.12 58.15 -45.34
N MET E 135 49.70 58.54 -44.19
CA MET E 135 49.00 59.34 -43.19
C MET E 135 49.98 60.22 -42.41
N PRO E 136 49.82 61.54 -42.46
CA PRO E 136 50.73 62.44 -41.72
C PRO E 136 50.19 62.79 -40.34
N GLY E 137 51.09 63.33 -39.53
CA GLY E 137 50.75 63.81 -38.19
C GLY E 137 51.37 65.15 -37.87
N LYS E 138 52.10 65.23 -36.75
CA LYS E 138 52.65 66.49 -36.25
C LYS E 138 54.11 66.32 -35.83
N GLY E 139 54.92 65.73 -36.71
CA GLY E 139 56.35 65.60 -36.48
C GLY E 139 57.11 66.82 -36.94
N LYS E 140 58.44 66.72 -36.92
CA LYS E 140 59.32 67.79 -37.36
C LYS E 140 59.76 67.63 -38.81
N GLU E 141 60.53 66.57 -39.11
CA GLU E 141 61.08 66.34 -40.43
C GLU E 141 61.73 64.96 -40.47
N GLN E 142 61.58 64.26 -41.60
CA GLN E 142 62.24 62.99 -41.83
C GLN E 142 62.14 62.64 -43.31
N ASP E 143 63.18 61.98 -43.82
CA ASP E 143 63.23 61.52 -45.20
C ASP E 143 63.35 60.01 -45.33
N HIS E 144 63.53 59.29 -44.23
CA HIS E 144 63.72 57.84 -44.21
C HIS E 144 62.73 57.24 -43.21
N PHE E 145 61.72 56.55 -43.73
CA PHE E 145 60.67 55.97 -42.89
C PHE E 145 60.69 54.45 -42.98
N VAL E 146 59.94 53.83 -42.07
CA VAL E 146 59.77 52.38 -42.05
C VAL E 146 58.27 52.09 -42.13
N ALA E 147 57.88 51.24 -43.08
CA ALA E 147 56.48 50.95 -43.29
C ALA E 147 55.92 50.07 -42.17
N LEU E 148 54.64 50.29 -41.87
CA LEU E 148 53.94 49.48 -40.87
C LEU E 148 53.45 48.17 -41.48
N ASP E 149 53.09 47.24 -40.62
CA ASP E 149 52.63 45.93 -41.07
C ASP E 149 51.26 46.02 -41.75
N THR E 150 50.31 46.71 -41.11
CA THR E 150 48.95 46.84 -41.61
C THR E 150 48.53 48.30 -41.56
N GLN E 151 47.32 48.57 -42.04
CA GLN E 151 46.79 49.91 -42.04
C GLN E 151 46.33 50.28 -40.63
N PRO E 152 46.88 51.32 -40.02
CA PRO E 152 46.45 51.71 -38.67
C PRO E 152 45.16 52.52 -38.69
N LYS E 153 44.49 52.51 -37.54
CA LYS E 153 43.30 53.32 -37.36
C LYS E 153 43.68 54.79 -37.20
N TYR E 154 43.01 55.66 -37.95
CA TYR E 154 43.37 57.07 -38.00
C TYR E 154 42.27 58.03 -37.58
N ARG E 155 41.02 57.57 -37.52
CA ARG E 155 39.86 58.38 -37.12
C ARG E 155 39.62 59.54 -38.08
N LEU E 156 38.55 60.31 -37.86
CA LEU E 156 38.21 61.43 -38.72
C LEU E 156 37.89 62.72 -37.98
N ASP E 157 37.67 62.67 -36.67
CA ASP E 157 37.35 63.86 -35.85
C ASP E 157 36.13 64.61 -36.39
N ASN E 158 35.08 63.86 -36.68
CA ASN E 158 33.83 64.41 -37.19
C ASN E 158 32.82 64.71 -36.09
N GLY E 159 33.29 65.00 -34.87
CA GLY E 159 32.40 65.23 -33.76
C GLY E 159 31.89 63.97 -33.09
N ASP E 160 32.42 62.81 -33.47
CA ASP E 160 31.98 61.55 -32.87
C ASP E 160 32.48 61.45 -31.43
N LEU E 161 31.82 60.60 -30.65
CA LEU E 161 32.12 60.43 -29.23
C LEU E 161 32.87 59.13 -29.03
N MET E 162 34.07 59.23 -28.44
CA MET E 162 34.89 58.07 -28.15
C MET E 162 34.79 57.73 -26.67
N ILE E 163 34.44 56.49 -26.36
CA ILE E 163 34.33 56.05 -24.97
C ILE E 163 35.03 54.70 -24.81
N HIS E 164 35.32 54.37 -23.56
CA HIS E 164 36.05 53.16 -23.20
C HIS E 164 35.17 52.25 -22.36
N LEU E 165 35.28 50.95 -22.61
CA LEU E 165 34.57 49.93 -21.85
C LEU E 165 35.57 48.94 -21.27
N GLN E 166 35.46 48.69 -19.97
CA GLN E 166 36.34 47.77 -19.27
C GLN E 166 35.67 46.41 -19.15
N ALA E 167 36.36 45.36 -19.57
CA ALA E 167 35.81 44.01 -19.56
C ALA E 167 36.83 43.04 -19.01
N PRO E 168 36.38 41.93 -18.41
CA PRO E 168 37.33 40.86 -18.06
C PRO E 168 38.03 40.26 -19.27
N ASP E 169 37.35 40.19 -20.42
CA ASP E 169 37.95 39.67 -21.64
C ASP E 169 37.28 40.33 -22.83
N LEU E 170 37.98 40.28 -23.97
CA LEU E 170 37.45 40.87 -25.20
C LEU E 170 36.19 40.15 -25.67
N GLY E 171 36.17 38.82 -25.57
CA GLY E 171 35.05 38.06 -26.07
C GLY E 171 35.09 37.93 -27.58
N SER E 172 33.90 37.69 -28.15
CA SER E 172 33.77 37.56 -29.59
C SER E 172 33.84 38.90 -30.31
N LEU E 173 33.82 40.00 -29.57
CA LEU E 173 33.87 41.33 -30.19
C LEU E 173 35.19 41.54 -30.93
N ASN E 174 35.09 42.07 -32.14
CA ASN E 174 36.24 42.38 -32.97
C ASN E 174 36.11 43.81 -33.47
N SER E 175 37.13 44.25 -34.22
CA SER E 175 37.09 45.58 -34.82
C SER E 175 35.98 45.66 -35.85
N GLY E 176 35.20 46.74 -35.80
CA GLY E 176 34.09 46.93 -36.71
C GLY E 176 32.76 46.41 -36.23
N SER E 177 32.72 45.73 -35.08
CA SER E 177 31.46 45.26 -34.53
C SER E 177 30.59 46.44 -34.11
N LEU E 178 29.29 46.30 -34.33
CA LEU E 178 28.37 47.42 -34.21
C LEU E 178 27.92 47.66 -32.77
N VAL E 179 27.42 48.87 -32.53
CA VAL E 179 26.87 49.28 -31.25
C VAL E 179 25.43 49.71 -31.49
N TYR E 180 24.52 49.24 -30.64
CA TYR E 180 23.09 49.37 -30.86
C TYR E 180 22.42 50.12 -29.71
N PHE E 181 21.44 50.94 -30.07
CA PHE E 181 20.47 51.51 -29.14
C PHE E 181 19.09 51.25 -29.71
N ARG E 182 18.27 50.51 -28.98
CA ARG E 182 16.99 49.98 -29.49
C ARG E 182 17.21 49.17 -30.77
N LYS E 183 18.30 48.42 -30.80
CA LYS E 183 18.70 47.61 -31.95
C LYS E 183 18.84 48.45 -33.22
N ILE E 184 19.41 49.64 -33.08
CA ILE E 184 19.69 50.54 -34.20
C ILE E 184 21.19 50.81 -34.21
N PRO E 185 21.90 50.58 -35.32
CA PRO E 185 23.34 50.82 -35.35
C PRO E 185 23.67 52.31 -35.23
N VAL E 186 24.33 52.66 -34.13
CA VAL E 186 24.69 54.04 -33.83
C VAL E 186 26.18 54.21 -33.59
N GLY E 187 26.98 53.17 -33.80
CA GLY E 187 28.40 53.26 -33.56
C GLY E 187 29.08 51.95 -33.84
N LYS E 188 30.39 51.91 -33.55
CA LYS E 188 31.18 50.72 -33.81
C LYS E 188 32.42 50.72 -32.92
N VAL E 189 32.99 49.54 -32.75
CA VAL E 189 34.20 49.38 -31.94
C VAL E 189 35.39 49.91 -32.73
N TYR E 190 35.98 51.01 -32.26
CA TYR E 190 37.14 51.59 -32.92
C TYR E 190 38.39 50.76 -32.70
N ASP E 191 38.63 50.30 -31.47
CA ASP E 191 39.86 49.58 -31.17
C ASP E 191 39.67 48.80 -29.87
N TYR E 192 40.67 47.98 -29.56
CA TYR E 192 40.70 47.24 -28.29
C TYR E 192 42.14 47.05 -27.87
N ALA E 193 42.37 46.96 -26.56
CA ALA E 193 43.71 46.80 -26.01
C ALA E 193 43.60 46.21 -24.61
N ILE E 194 44.75 45.87 -24.05
CA ILE E 194 44.83 45.31 -22.70
C ILE E 194 45.30 46.39 -21.74
N ASN E 195 44.79 46.36 -20.51
CA ASN E 195 45.24 47.31 -19.50
C ASN E 195 46.69 47.03 -19.12
N PRO E 196 47.37 48.02 -18.53
CA PRO E 196 48.71 47.73 -17.97
C PRO E 196 48.67 46.60 -16.96
N ASN E 197 47.62 46.52 -16.15
CA ASN E 197 47.34 45.30 -15.40
C ASN E 197 46.75 44.26 -16.35
N LYS E 198 47.25 43.04 -16.27
CA LYS E 198 46.88 42.00 -17.23
C LYS E 198 45.46 41.48 -17.05
N GLN E 199 44.74 41.94 -16.02
CA GLN E 199 43.41 41.38 -15.74
C GLN E 199 42.36 41.89 -16.73
N GLY E 200 42.45 43.15 -17.15
CA GLY E 200 41.37 43.77 -17.88
C GLY E 200 41.64 44.16 -19.33
N VAL E 201 40.57 44.27 -20.11
CA VAL E 201 40.63 44.65 -21.51
C VAL E 201 39.81 45.93 -21.69
N VAL E 202 40.41 46.94 -22.31
CA VAL E 202 39.74 48.20 -22.60
C VAL E 202 39.36 48.20 -24.07
N ILE E 203 38.07 48.33 -24.34
CA ILE E 203 37.54 48.40 -25.69
C ILE E 203 37.13 49.84 -25.96
N ASP E 204 37.79 50.48 -26.91
CA ASP E 204 37.44 51.84 -27.31
C ASP E 204 36.39 51.76 -28.41
N VAL E 205 35.22 52.33 -28.15
CA VAL E 205 34.14 52.36 -29.12
C VAL E 205 33.82 53.80 -29.46
N LEU E 206 33.22 53.99 -30.64
CA LEU E 206 32.92 55.30 -31.19
C LEU E 206 31.46 55.36 -31.57
N ILE E 207 30.79 56.43 -31.13
CA ILE E 207 29.39 56.68 -31.41
C ILE E 207 29.30 57.88 -32.34
N GLU E 208 28.41 57.79 -33.33
CA GLU E 208 28.31 58.80 -34.38
C GLU E 208 27.91 60.16 -33.79
N ARG E 209 28.09 61.20 -34.61
CA ARG E 209 27.82 62.57 -34.16
C ARG E 209 26.35 62.78 -33.85
N ARG E 210 25.45 62.15 -34.63
CA ARG E 210 24.02 62.34 -34.40
C ARG E 210 23.60 61.77 -33.06
N PHE E 211 24.19 60.66 -32.64
CA PHE E 211 23.79 59.95 -31.43
C PHE E 211 24.72 60.22 -30.25
N THR E 212 25.40 61.37 -30.25
CA THR E 212 26.26 61.71 -29.12
C THR E 212 25.47 61.92 -27.85
N ASP E 213 24.30 62.56 -27.95
CA ASP E 213 23.47 62.81 -26.77
C ASP E 213 22.80 61.56 -26.23
N LEU E 214 22.82 60.45 -26.98
CA LEU E 214 22.22 59.21 -26.50
C LEU E 214 22.99 58.65 -25.31
N VAL E 215 24.32 58.74 -25.34
CA VAL E 215 25.15 58.19 -24.28
C VAL E 215 25.07 59.09 -23.05
N LYS E 216 24.76 58.50 -21.91
CA LYS E 216 24.65 59.21 -20.64
C LYS E 216 25.64 58.63 -19.63
N LYS E 217 25.73 59.29 -18.48
CA LYS E 217 26.58 58.80 -17.40
C LYS E 217 26.08 57.46 -16.87
N GLY E 218 24.77 57.30 -16.75
CA GLY E 218 24.15 56.09 -16.25
C GLY E 218 23.84 55.04 -17.29
N SER E 219 24.31 55.22 -18.52
CA SER E 219 24.04 54.24 -19.57
C SER E 219 24.73 52.92 -19.27
N ARG E 220 24.06 51.82 -19.62
CA ARG E 220 24.54 50.48 -19.34
C ARG E 220 24.80 49.74 -20.64
N PHE E 221 25.96 49.10 -20.75
CA PHE E 221 26.39 48.40 -21.94
C PHE E 221 26.42 46.90 -21.68
N TRP E 222 25.99 46.12 -22.68
CA TRP E 222 26.08 44.67 -22.62
C TRP E 222 26.49 44.14 -23.98
N ASN E 223 26.96 42.90 -23.99
CA ASN E 223 27.52 42.27 -25.18
C ASN E 223 26.54 41.22 -25.71
N VAL E 224 26.22 41.31 -27.00
CA VAL E 224 25.39 40.32 -27.69
C VAL E 224 26.29 39.70 -28.76
N SER E 225 26.80 38.50 -28.49
CA SER E 225 27.75 37.87 -29.40
C SER E 225 27.42 36.38 -29.55
N GLY E 226 27.55 35.89 -30.77
CA GLY E 226 27.28 34.50 -31.05
C GLY E 226 25.80 34.14 -30.96
N VAL E 227 25.56 32.84 -30.90
CA VAL E 227 24.21 32.30 -30.78
C VAL E 227 24.18 31.35 -29.59
N ASP E 228 23.21 31.54 -28.69
CA ASP E 228 23.04 30.68 -27.53
C ASP E 228 21.63 30.11 -27.53
N ALA E 229 21.52 28.83 -27.21
CA ALA E 229 20.24 28.13 -27.14
C ALA E 229 20.01 27.70 -25.70
N ASN E 230 18.87 28.10 -25.14
CA ASN E 230 18.51 27.79 -23.77
C ASN E 230 17.30 26.87 -23.76
N VAL E 231 17.38 25.79 -23.00
CA VAL E 231 16.29 24.83 -22.86
C VAL E 231 15.57 25.12 -21.56
N SER E 232 14.30 25.49 -21.65
CA SER E 232 13.50 25.83 -20.49
C SER E 232 12.56 24.67 -20.14
N ILE E 233 12.24 24.57 -18.85
CA ILE E 233 11.36 23.50 -18.38
C ILE E 233 9.93 23.75 -18.86
N SER E 234 9.22 22.65 -19.14
CA SER E 234 7.84 22.68 -19.63
C SER E 234 7.74 23.51 -20.92
N GLY E 235 8.67 23.29 -21.83
CA GLY E 235 8.69 24.02 -23.09
C GLY E 235 9.94 24.84 -23.27
N ALA E 236 10.70 24.56 -24.33
CA ALA E 236 11.95 25.26 -24.63
C ALA E 236 11.80 26.03 -25.92
N LYS E 237 12.23 27.30 -25.90
CA LYS E 237 12.17 28.16 -27.07
C LYS E 237 13.54 28.73 -27.35
N VAL E 238 13.99 28.62 -28.60
CA VAL E 238 15.25 29.18 -29.05
C VAL E 238 14.94 30.16 -30.18
N LYS E 239 15.36 31.42 -30.00
CA LYS E 239 15.07 32.47 -30.95
C LYS E 239 16.36 33.11 -31.43
N LEU E 240 16.44 33.33 -32.75
CA LEU E 240 17.56 34.02 -33.37
C LEU E 240 17.06 35.30 -34.01
N GLU E 241 17.71 36.42 -33.68
CA GLU E 241 17.29 37.72 -34.18
C GLU E 241 18.35 38.40 -35.03
N SER E 242 19.58 38.45 -34.57
CA SER E 242 20.66 39.17 -35.26
C SER E 242 21.66 38.18 -35.80
N LEU E 243 21.96 38.28 -37.09
CA LEU E 243 22.99 37.46 -37.72
C LEU E 243 24.36 38.13 -37.72
N ALA E 244 24.40 39.47 -37.75
CA ALA E 244 25.67 40.18 -37.62
C ALA E 244 26.30 39.92 -36.26
N ALA E 245 25.48 39.92 -35.20
CA ALA E 245 26.00 39.59 -33.88
C ALA E 245 26.40 38.11 -33.78
N LEU E 246 25.74 37.24 -34.55
CA LEU E 246 26.15 35.85 -34.58
C LEU E 246 27.51 35.70 -35.23
N VAL E 247 27.74 36.37 -36.35
CA VAL E 247 28.99 36.23 -37.10
C VAL E 247 30.15 36.93 -36.39
N ASN E 248 29.95 38.17 -35.95
CA ASN E 248 31.04 38.98 -35.41
C ASN E 248 30.82 39.50 -34.00
N GLY E 249 29.58 39.58 -33.54
CA GLY E 249 29.28 40.13 -32.23
C GLY E 249 28.94 41.61 -32.31
N ALA E 250 28.34 42.10 -31.22
CA ALA E 250 27.94 43.49 -31.14
C ALA E 250 27.78 43.90 -29.69
N ILE E 251 27.73 45.20 -29.47
CA ILE E 251 27.47 45.78 -28.16
C ILE E 251 26.15 46.53 -28.24
N ALA E 252 25.37 46.46 -27.17
CA ALA E 252 24.13 47.23 -27.08
C ALA E 252 24.15 48.02 -25.79
N PHE E 253 23.44 49.16 -25.79
CA PHE E 253 23.42 49.98 -24.59
C PHE E 253 22.04 50.56 -24.35
N ASP E 254 21.71 50.75 -23.07
CA ASP E 254 20.46 51.34 -22.63
C ASP E 254 20.77 52.65 -21.92
N SER E 255 20.03 53.70 -22.28
CA SER E 255 20.25 55.04 -21.76
C SER E 255 19.15 55.40 -20.77
N PRO E 256 19.48 55.80 -19.55
CA PRO E 256 18.45 56.23 -18.60
C PRO E 256 17.81 57.55 -19.03
N GLU E 257 16.57 57.75 -18.57
CA GLU E 257 15.81 58.93 -18.98
C GLU E 257 16.39 60.21 -18.39
N GLU E 258 16.79 60.18 -17.13
CA GLU E 258 17.26 61.37 -16.40
C GLU E 258 18.70 61.17 -15.98
N SER E 259 19.64 61.56 -16.85
CA SER E 259 21.06 61.50 -16.54
C SER E 259 21.79 62.52 -17.39
N LYS E 260 22.91 63.01 -16.88
CA LYS E 260 23.74 63.94 -17.63
C LYS E 260 24.46 63.22 -18.75
N PRO E 261 24.69 63.89 -19.88
CA PRO E 261 25.42 63.25 -20.98
C PRO E 261 26.88 62.97 -20.62
N ALA E 262 27.41 61.91 -21.20
CA ALA E 262 28.79 61.49 -20.99
C ALA E 262 29.66 61.94 -22.15
N GLU E 263 30.91 62.28 -21.84
CA GLU E 263 31.83 62.79 -22.85
C GLU E 263 33.26 62.61 -22.36
N ALA E 264 34.20 62.85 -23.27
CA ALA E 264 35.64 62.87 -22.98
C ALA E 264 36.12 61.53 -22.41
N GLU E 265 35.98 60.48 -23.22
CA GLU E 265 36.49 59.15 -22.93
C GLU E 265 35.98 58.63 -21.58
N ASP E 266 34.69 58.80 -21.34
CA ASP E 266 34.09 58.29 -20.11
C ASP E 266 34.09 56.77 -20.12
N THR E 267 34.48 56.19 -18.99
CA THR E 267 34.58 54.74 -18.86
C THR E 267 33.25 54.14 -18.44
N PHE E 268 33.02 52.90 -18.89
CA PHE E 268 31.80 52.18 -18.57
C PHE E 268 32.14 50.70 -18.36
N GLY E 269 31.23 50.00 -17.70
CA GLY E 269 31.38 48.57 -17.46
C GLY E 269 30.58 47.77 -18.47
N LEU E 270 31.28 46.85 -19.13
CA LEU E 270 30.66 46.01 -20.16
C LEU E 270 30.14 44.73 -19.51
N TYR E 271 28.83 44.67 -19.28
CA TYR E 271 28.22 43.48 -18.74
C TYR E 271 28.16 42.39 -19.81
N GLU E 272 28.20 41.14 -19.35
CA GLU E 272 28.23 40.01 -20.27
C GLU E 272 26.86 39.64 -20.82
N ASP E 273 25.78 40.15 -20.25
CA ASP E 273 24.44 39.79 -20.71
C ASP E 273 23.46 40.88 -20.29
N LEU E 274 22.30 40.88 -20.94
CA LEU E 274 21.25 41.82 -20.58
C LEU E 274 20.73 41.57 -19.17
N ALA E 275 20.61 40.30 -18.78
CA ALA E 275 20.19 39.97 -17.42
C ALA E 275 21.18 40.48 -16.40
N HIS E 276 22.48 40.36 -16.69
CA HIS E 276 23.50 40.91 -15.80
C HIS E 276 23.48 42.44 -15.79
N SER E 277 23.12 43.07 -16.90
CA SER E 277 23.05 44.53 -16.98
C SER E 277 21.71 45.07 -16.49
N GLN E 278 20.77 44.22 -16.09
CA GLN E 278 19.52 44.69 -15.53
C GLN E 278 19.76 45.47 -14.24
N ARG E 279 19.08 46.60 -14.12
CA ARG E 279 19.23 47.47 -12.96
C ARG E 279 18.52 46.86 -11.75
N GLY E 280 19.08 47.08 -10.57
CA GLY E 280 18.50 46.55 -9.36
C GLY E 280 19.23 47.02 -8.13
N VAL E 281 18.86 46.43 -7.00
CA VAL E 281 19.44 46.75 -5.70
C VAL E 281 20.09 45.48 -5.15
N ILE E 282 21.31 45.62 -4.65
CA ILE E 282 22.06 44.49 -4.13
C ILE E 282 21.65 44.24 -2.67
N ILE E 283 21.33 42.99 -2.36
CA ILE E 283 20.98 42.57 -1.01
C ILE E 283 21.89 41.43 -0.61
N LYS E 284 22.50 41.54 0.57
CA LYS E 284 23.40 40.52 1.08
C LYS E 284 22.62 39.50 1.89
N LEU E 285 22.86 38.22 1.63
CA LEU E 285 22.16 37.12 2.27
C LEU E 285 23.17 36.21 2.96
N GLU E 286 22.88 35.86 4.21
CA GLU E 286 23.71 34.92 4.97
C GLU E 286 23.04 33.56 4.89
N LEU E 287 23.35 32.84 3.81
CA LEU E 287 22.68 31.58 3.53
C LEU E 287 23.21 30.48 4.48
N PRO E 288 22.35 29.52 4.84
CA PRO E 288 22.85 28.38 5.62
C PRO E 288 23.72 27.45 4.80
N SER E 289 23.31 27.13 3.57
CA SER E 289 24.10 26.29 2.68
C SER E 289 23.65 26.55 1.24
N GLY E 290 24.52 26.18 0.30
CA GLY E 290 24.22 26.34 -1.10
C GLY E 290 23.99 25.03 -1.81
N ALA E 291 23.29 24.10 -1.15
CA ALA E 291 23.09 22.77 -1.71
C ALA E 291 22.29 22.81 -3.00
N GLY E 292 21.23 23.62 -3.05
CA GLY E 292 20.40 23.69 -4.23
C GLY E 292 20.24 25.09 -4.77
N LEU E 293 21.24 25.93 -4.55
CA LEU E 293 21.22 27.32 -5.00
C LEU E 293 22.23 27.50 -6.13
N THR E 294 21.77 28.09 -7.24
CA THR E 294 22.59 28.30 -8.43
C THR E 294 22.64 29.79 -8.72
N ALA E 295 23.85 30.31 -9.00
CA ALA E 295 24.01 31.71 -9.33
C ALA E 295 23.30 32.03 -10.65
N ASP E 296 22.63 33.19 -10.68
CA ASP E 296 21.87 33.68 -11.82
C ASP E 296 20.77 32.71 -12.25
N SER E 297 20.33 31.83 -11.36
CA SER E 297 19.25 30.91 -11.67
C SER E 297 18.19 30.76 -10.58
N THR E 298 18.45 31.23 -9.36
CA THR E 298 17.49 31.08 -8.26
C THR E 298 16.72 32.37 -8.10
N PRO E 299 15.40 32.37 -8.31
CA PRO E 299 14.61 33.60 -8.20
C PRO E 299 14.12 33.85 -6.78
N LEU E 300 13.57 35.04 -6.58
CA LEU E 300 12.92 35.45 -5.34
C LEU E 300 11.45 35.68 -5.64
N MET E 301 10.61 34.73 -5.24
CA MET E 301 9.19 34.77 -5.54
C MET E 301 8.43 35.48 -4.42
N TYR E 302 7.72 36.54 -4.76
CA TYR E 302 6.81 37.22 -3.84
C TYR E 302 5.43 37.24 -4.48
N GLN E 303 4.44 36.71 -3.76
CA GLN E 303 3.07 36.54 -4.27
C GLN E 303 3.04 35.72 -5.56
N GLY E 304 3.98 34.79 -5.70
CA GLY E 304 4.07 33.94 -6.87
C GLY E 304 4.79 34.54 -8.06
N LEU E 305 5.24 35.79 -7.98
CA LEU E 305 5.88 36.47 -9.09
C LEU E 305 7.34 36.73 -8.76
N GLU E 306 8.21 36.57 -9.76
CA GLU E 306 9.64 36.75 -9.58
C GLU E 306 9.99 38.22 -9.48
N VAL E 307 10.51 38.64 -8.33
CA VAL E 307 10.91 40.02 -8.10
C VAL E 307 12.39 40.16 -7.78
N GLY E 308 13.13 39.06 -7.69
CA GLY E 308 14.54 39.10 -7.37
C GLY E 308 15.28 37.96 -8.02
N GLN E 309 16.61 38.03 -7.95
CA GLN E 309 17.44 37.01 -8.57
C GLN E 309 18.76 36.94 -7.81
N LEU E 310 19.06 35.77 -7.23
CA LEU E 310 20.33 35.56 -6.56
C LEU E 310 21.45 35.48 -7.58
N THR E 311 22.29 36.51 -7.63
CA THR E 311 23.30 36.60 -8.68
C THR E 311 24.68 36.17 -8.24
N LYS E 312 25.03 36.34 -6.97
CA LYS E 312 26.37 36.02 -6.50
C LYS E 312 26.29 35.02 -5.35
N LEU E 313 27.22 34.06 -5.34
CA LEU E 313 27.25 33.02 -4.32
C LEU E 313 28.70 32.72 -3.98
N ASP E 314 29.08 32.88 -2.72
CA ASP E 314 30.46 32.73 -2.28
C ASP E 314 30.52 31.90 -1.01
N LEU E 315 31.71 31.33 -0.77
CA LEU E 315 32.00 30.52 0.41
C LEU E 315 33.15 31.19 1.17
N ASN E 316 32.80 32.08 2.09
CA ASN E 316 33.82 32.71 2.94
C ASN E 316 34.43 31.68 3.89
N PRO E 317 35.70 31.85 4.24
CA PRO E 317 36.40 30.86 5.07
C PRO E 317 35.74 30.68 6.43
N GLY E 318 35.87 29.48 6.97
CA GLY E 318 35.05 29.06 8.09
C GLY E 318 33.77 28.37 7.69
N GLY E 319 33.62 28.02 6.41
CA GLY E 319 32.41 27.40 5.93
C GLY E 319 31.20 28.30 5.98
N LYS E 320 31.34 29.57 5.59
CA LYS E 320 30.25 30.53 5.65
C LYS E 320 29.72 30.78 4.23
N VAL E 321 28.56 30.23 3.93
CA VAL E 321 27.96 30.42 2.61
C VAL E 321 27.21 31.74 2.60
N THR E 322 27.63 32.65 1.73
CA THR E 322 27.00 33.96 1.61
C THR E 322 26.59 34.18 0.17
N GLY E 323 25.71 35.18 -0.04
CA GLY E 323 25.24 35.47 -1.37
C GLY E 323 24.82 36.91 -1.53
N GLU E 324 24.66 37.30 -2.78
CA GLU E 324 24.16 38.61 -3.16
C GLU E 324 23.03 38.44 -4.18
N MET E 325 21.96 39.19 -3.97
CA MET E 325 20.75 39.07 -4.78
C MET E 325 20.35 40.43 -5.30
N THR E 326 20.03 40.51 -6.59
CA THR E 326 19.54 41.75 -7.19
C THR E 326 18.01 41.75 -7.13
N VAL E 327 17.45 42.82 -6.58
CA VAL E 327 16.01 42.98 -6.45
C VAL E 327 15.57 44.18 -7.27
N ASP E 328 14.42 44.04 -7.94
CA ASP E 328 13.91 45.12 -8.76
C ASP E 328 13.42 46.27 -7.88
N PRO E 329 13.40 47.50 -8.41
CA PRO E 329 13.09 48.66 -7.55
C PRO E 329 11.69 48.66 -6.95
N SER E 330 10.77 47.86 -7.47
CA SER E 330 9.38 47.91 -6.99
C SER E 330 9.27 47.40 -5.56
N VAL E 331 10.07 46.40 -5.19
CA VAL E 331 9.95 45.76 -3.87
C VAL E 331 11.01 46.25 -2.89
N VAL E 332 11.68 47.36 -3.19
CA VAL E 332 12.68 47.90 -2.26
C VAL E 332 12.01 48.38 -0.98
N THR E 333 10.84 49.02 -1.09
CA THR E 333 10.12 49.49 0.09
C THR E 333 9.62 48.35 0.97
N LEU E 334 9.53 47.13 0.42
CA LEU E 334 9.12 45.96 1.18
C LEU E 334 10.27 45.34 1.97
N LEU E 335 11.49 45.83 1.79
CA LEU E 335 12.66 45.30 2.50
C LEU E 335 12.92 46.19 3.71
N ARG E 336 12.33 45.81 4.84
CA ARG E 336 12.46 46.58 6.08
C ARG E 336 12.90 45.67 7.22
N GLU E 337 12.82 46.17 8.45
CA GLU E 337 13.16 45.35 9.61
C GLU E 337 12.15 44.21 9.77
N ASN E 338 12.59 43.19 10.51
CA ASN E 338 11.90 41.91 10.71
C ASN E 338 11.24 41.39 9.44
N THR E 339 11.95 41.48 8.31
CA THR E 339 11.51 40.93 7.05
C THR E 339 12.26 39.62 6.83
N ARG E 340 11.52 38.54 6.61
CA ARG E 340 12.08 37.20 6.52
C ARG E 340 12.19 36.78 5.06
N ILE E 341 13.41 36.45 4.64
CA ILE E 341 13.66 35.89 3.31
C ILE E 341 14.13 34.46 3.54
N GLU E 342 13.23 33.51 3.37
CA GLU E 342 13.48 32.11 3.63
C GLU E 342 13.54 31.31 2.32
N LEU E 343 13.96 30.06 2.43
CA LEU E 343 14.07 29.18 1.28
C LEU E 343 12.96 28.13 1.34
N ARG E 344 12.34 27.89 0.19
CA ARG E 344 11.22 26.95 0.07
C ARG E 344 11.71 25.72 -0.68
N ASN E 345 11.61 24.56 -0.04
CA ASN E 345 11.96 23.32 -0.71
C ASN E 345 10.86 22.91 -1.68
N PRO E 346 11.22 22.30 -2.82
CA PRO E 346 10.19 21.87 -3.77
C PRO E 346 9.41 20.67 -3.25
N LYS E 347 8.16 20.89 -2.88
CA LYS E 347 7.30 19.84 -2.34
C LYS E 347 6.36 19.31 -3.42
N LEU E 348 6.02 18.03 -3.29
CA LEU E 348 5.13 17.35 -4.22
C LEU E 348 3.78 17.16 -3.57
N SER E 349 2.72 17.63 -4.24
CA SER E 349 1.36 17.51 -3.76
C SER E 349 0.58 16.59 -4.70
N LEU E 350 -0.02 15.55 -4.13
CA LEU E 350 -0.78 14.60 -4.95
C LEU E 350 -2.05 15.24 -5.50
N SER E 351 -2.72 16.08 -4.71
CA SER E 351 -3.95 16.72 -5.18
C SER E 351 -3.66 17.75 -6.26
N ASP E 352 -2.63 18.58 -6.07
CA ASP E 352 -2.26 19.64 -7.01
C ASP E 352 -0.79 19.47 -7.36
N ALA E 353 -0.51 18.65 -8.37
CA ALA E 353 0.86 18.44 -8.80
C ALA E 353 1.40 19.67 -9.52
N ASN E 354 2.61 20.10 -9.16
CA ASN E 354 3.26 21.26 -9.76
C ASN E 354 4.61 20.81 -10.30
N LEU E 355 4.60 20.38 -11.57
CA LEU E 355 5.83 19.91 -12.19
C LEU E 355 6.83 21.04 -12.38
N SER E 356 6.35 22.24 -12.72
CA SER E 356 7.24 23.39 -12.85
C SER E 356 7.91 23.73 -11.52
N ALA E 357 7.14 23.71 -10.43
CA ALA E 357 7.71 23.98 -9.11
C ALA E 357 8.67 22.88 -8.68
N LEU E 358 8.38 21.63 -9.05
CA LEU E 358 9.30 20.53 -8.77
C LEU E 358 10.61 20.70 -9.54
N LEU E 359 10.53 21.13 -10.80
CA LEU E 359 11.73 21.26 -11.63
C LEU E 359 12.56 22.48 -11.26
N THR E 360 11.93 23.56 -10.80
CA THR E 360 12.69 24.75 -10.43
C THR E 360 13.59 24.49 -9.23
N GLY E 361 13.10 23.76 -8.24
CA GLY E 361 13.91 23.41 -7.09
C GLY E 361 13.82 24.42 -5.97
N LYS E 362 14.97 24.81 -5.42
CA LYS E 362 15.01 25.80 -4.35
C LYS E 362 14.52 27.15 -4.86
N THR E 363 13.77 27.85 -4.03
CA THR E 363 13.19 29.14 -4.41
C THR E 363 13.02 29.99 -3.16
N PHE E 364 13.62 31.18 -3.16
CA PHE E 364 13.47 32.10 -2.05
C PHE E 364 12.08 32.70 -2.03
N GLU E 365 11.58 32.98 -0.82
CA GLU E 365 10.27 33.58 -0.62
C GLU E 365 10.42 34.85 0.21
N LEU E 366 9.71 35.90 -0.19
CA LEU E 366 9.78 37.19 0.48
C LEU E 366 8.56 37.38 1.37
N VAL E 367 8.78 37.61 2.65
CA VAL E 367 7.73 37.89 3.61
C VAL E 367 7.95 39.30 4.16
N PRO E 368 7.24 40.29 3.65
CA PRO E 368 7.50 41.68 4.04
C PRO E 368 7.19 41.96 5.50
N GLY E 369 7.89 42.93 6.06
CA GLY E 369 7.66 43.37 7.41
C GLY E 369 7.58 44.88 7.51
N ASP E 370 7.84 45.43 8.69
CA ASP E 370 7.80 46.88 8.90
C ASP E 370 8.99 47.30 9.74
N GLY E 371 9.40 48.55 9.57
CA GLY E 371 10.49 49.11 10.32
C GLY E 371 11.46 49.85 9.42
N GLU E 372 12.64 50.11 9.94
CA GLU E 372 13.68 50.78 9.16
C GLU E 372 14.15 49.88 8.03
N PRO E 373 14.27 50.41 6.81
CA PRO E 373 14.75 49.58 5.69
C PRO E 373 16.17 49.08 5.93
N ARG E 374 16.42 47.84 5.50
CA ARG E 374 17.71 47.20 5.68
C ARG E 374 18.09 46.49 4.38
N LYS E 375 19.40 46.34 4.17
CA LYS E 375 19.94 45.75 2.95
C LYS E 375 20.59 44.39 3.19
N GLU E 376 20.62 43.91 4.44
CA GLU E 376 21.22 42.62 4.76
C GLU E 376 20.21 41.76 5.50
N PHE E 377 20.15 40.48 5.14
CA PHE E 377 19.21 39.55 5.75
C PHE E 377 19.91 38.23 6.03
N VAL E 378 19.35 37.49 6.98
CA VAL E 378 19.83 36.15 7.32
C VAL E 378 18.75 35.15 6.92
N VAL E 379 19.11 34.24 6.03
CA VAL E 379 18.13 33.29 5.48
C VAL E 379 18.03 32.09 6.40
N VAL E 380 16.80 31.77 6.80
CA VAL E 380 16.52 30.61 7.65
C VAL E 380 15.72 29.60 6.85
N PRO E 381 15.83 28.31 7.12
CA PRO E 381 15.04 27.32 6.37
C PRO E 381 13.57 27.38 6.75
N GLY E 382 12.78 26.57 6.03
CA GLY E 382 11.35 26.50 6.33
C GLY E 382 11.06 25.90 7.69
N GLU E 383 11.98 25.08 8.20
CA GLU E 383 11.82 24.54 9.55
C GLU E 383 11.90 25.64 10.60
N LYS E 384 12.82 26.59 10.42
CA LYS E 384 12.99 27.70 11.33
C LYS E 384 12.19 28.94 10.94
N ALA E 385 11.42 28.85 9.85
CA ALA E 385 10.59 29.98 9.44
C ALA E 385 9.56 30.34 10.51
N LEU E 386 8.92 29.33 11.11
CA LEU E 386 7.97 29.60 12.19
C LEU E 386 8.69 30.11 13.43
N LEU E 387 9.88 29.60 13.71
CA LEU E 387 10.63 30.03 14.89
C LEU E 387 11.08 31.49 14.77
N HIS E 388 11.48 31.92 13.59
CA HIS E 388 12.01 33.26 13.39
C HIS E 388 10.94 34.32 13.10
N GLU E 389 9.67 33.98 13.31
CA GLU E 389 8.60 34.96 13.10
C GLU E 389 8.71 36.09 14.12
N PRO E 390 8.26 37.31 13.76
CA PRO E 390 8.33 38.42 14.71
C PRO E 390 7.56 38.17 15.99
N ASP E 391 6.42 37.48 15.92
CA ASP E 391 5.65 37.10 17.10
C ASP E 391 5.45 35.60 17.07
N VAL E 392 5.94 34.92 18.11
CA VAL E 392 5.83 33.47 18.21
C VAL E 392 6.07 33.09 19.66
N LEU E 393 5.29 32.13 20.17
CA LEU E 393 5.43 31.67 21.55
C LEU E 393 6.37 30.47 21.57
N THR E 394 7.57 30.68 22.07
CA THR E 394 8.57 29.63 22.17
C THR E 394 8.50 28.99 23.55
N LEU E 395 8.37 27.66 23.58
CA LEU E 395 8.21 26.93 24.83
C LEU E 395 9.18 25.75 24.88
N THR E 396 9.56 25.38 26.10
CA THR E 396 10.43 24.23 26.34
C THR E 396 9.71 23.26 27.27
N LEU E 397 9.73 21.97 26.90
CA LEU E 397 9.10 20.95 27.71
C LEU E 397 10.05 19.78 27.91
N THR E 398 10.21 19.36 29.15
CA THR E 398 11.06 18.23 29.52
C THR E 398 10.24 16.98 29.74
N ALA E 399 10.81 15.84 29.37
CA ALA E 399 10.16 14.55 29.52
C ALA E 399 11.21 13.50 29.86
N PRO E 400 10.81 12.41 30.52
CA PRO E 400 11.75 11.29 30.72
C PRO E 400 12.01 10.48 29.46
N GLU E 401 11.21 10.66 28.40
CA GLU E 401 11.37 9.90 27.18
C GLU E 401 10.90 10.75 26.01
N SER E 402 11.36 10.40 24.81
CA SER E 402 10.96 11.16 23.62
C SER E 402 9.53 10.84 23.21
N TYR E 403 9.04 9.66 23.56
CA TYR E 403 7.68 9.19 23.21
C TYR E 403 7.44 9.18 21.70
N GLY E 404 8.50 8.96 20.93
CA GLY E 404 8.37 8.91 19.48
C GLY E 404 8.03 10.22 18.83
N ILE E 405 8.42 11.34 19.43
CA ILE E 405 8.13 12.67 18.90
C ILE E 405 9.40 13.21 18.27
N ASP E 406 9.34 13.51 16.98
CA ASP E 406 10.49 14.01 16.24
C ASP E 406 10.47 15.54 16.27
N ALA E 407 11.32 16.17 15.46
CA ALA E 407 11.42 17.63 15.39
C ALA E 407 10.57 18.21 14.26
N GLY E 408 9.49 17.53 13.89
CA GLY E 408 8.60 18.03 12.87
C GLY E 408 7.13 17.78 13.20
N GLN E 409 6.89 17.21 14.38
CA GLN E 409 5.54 16.89 14.79
C GLN E 409 4.76 18.17 15.09
N PRO E 410 3.50 18.27 14.67
CA PRO E 410 2.72 19.48 14.92
C PRO E 410 1.92 19.42 16.21
N LEU E 411 1.88 20.57 16.90
CA LEU E 411 1.07 20.68 18.11
C LEU E 411 -0.38 20.94 17.72
N ILE E 412 -1.30 20.24 18.39
CA ILE E 412 -2.71 20.28 18.05
C ILE E 412 -3.50 20.77 19.27
N LEU E 413 -4.32 21.79 19.06
CA LEU E 413 -5.21 22.32 20.08
C LEU E 413 -6.64 22.27 19.58
N HIS E 414 -7.49 21.52 20.29
CA HIS E 414 -8.91 21.36 19.95
C HIS E 414 -9.08 20.83 18.52
N GLY E 415 -8.20 19.92 18.11
CA GLY E 415 -8.27 19.33 16.80
C GLY E 415 -7.71 20.18 15.67
N VAL E 416 -7.17 21.37 15.98
CA VAL E 416 -6.63 22.27 14.97
C VAL E 416 -5.17 22.52 15.29
N GLN E 417 -4.31 22.37 14.28
CA GLN E 417 -2.88 22.57 14.47
C GLN E 417 -2.58 24.04 14.77
N VAL E 418 -1.89 24.29 15.87
CA VAL E 418 -1.56 25.64 16.31
C VAL E 418 -0.06 25.86 16.48
N GLY E 419 0.75 24.82 16.38
CA GLY E 419 2.16 24.97 16.60
C GLY E 419 2.96 23.85 15.97
N GLN E 420 4.26 23.84 16.27
CA GLN E 420 5.17 22.88 15.68
C GLN E 420 6.38 22.69 16.59
N VAL E 421 6.81 21.44 16.73
CA VAL E 421 8.01 21.13 17.51
C VAL E 421 9.22 21.54 16.68
N ILE E 422 9.88 22.65 17.07
CA ILE E 422 11.02 23.14 16.32
C ILE E 422 12.19 22.17 16.43
N ASP E 423 12.50 21.73 17.65
CA ASP E 423 13.67 20.87 17.80
C ASP E 423 13.52 19.98 19.04
N ARG E 424 14.33 18.92 19.06
CA ARG E 424 14.39 17.96 20.14
C ARG E 424 15.85 17.71 20.52
N LYS E 425 16.13 17.66 21.82
CA LYS E 425 17.48 17.43 22.31
C LYS E 425 17.43 16.38 23.41
N LEU E 426 18.52 15.60 23.50
CA LEU E 426 18.66 14.56 24.50
C LEU E 426 19.78 14.91 25.46
N THR E 427 19.48 14.95 26.75
CA THR E 427 20.48 15.24 27.78
C THR E 427 20.50 14.13 28.81
N SER E 428 21.28 14.31 29.87
CA SER E 428 21.33 13.32 30.94
C SER E 428 20.00 13.23 31.68
N LYS E 429 19.35 14.38 31.90
CA LYS E 429 18.08 14.39 32.62
C LYS E 429 16.98 13.70 31.82
N GLY E 430 16.91 13.94 30.52
CA GLY E 430 15.89 13.34 29.69
C GLY E 430 15.85 13.88 28.28
N VAL E 431 14.65 14.19 27.79
CA VAL E 431 14.45 14.71 26.45
C VAL E 431 13.77 16.08 26.57
N THR E 432 14.36 17.09 25.94
CA THR E 432 13.83 18.45 25.95
C THR E 432 13.34 18.79 24.56
N PHE E 433 12.06 19.13 24.44
CA PHE E 433 11.46 19.57 23.19
C PHE E 433 11.29 21.08 23.22
N THR E 434 11.83 21.76 22.23
CA THR E 434 11.58 23.17 22.02
C THR E 434 10.54 23.29 20.91
N VAL E 435 9.43 23.96 21.23
CA VAL E 435 8.27 24.06 20.34
C VAL E 435 7.91 25.53 20.16
N ALA E 436 7.19 25.79 19.06
CA ALA E 436 6.74 27.13 18.72
C ALA E 436 5.24 27.13 18.50
N ILE E 437 4.60 28.21 18.93
CA ILE E 437 3.17 28.41 18.80
C ILE E 437 2.94 29.68 17.98
N GLU E 438 2.07 29.59 16.98
CA GLU E 438 1.81 30.69 16.09
C GLU E 438 1.15 31.85 16.83
N PRO E 439 1.40 33.09 16.40
CA PRO E 439 0.80 34.24 17.09
C PRO E 439 -0.72 34.29 16.98
N GLN E 440 -1.31 33.62 16.00
CA GLN E 440 -2.77 33.62 15.87
C GLN E 440 -3.42 32.91 17.06
N HIS E 441 -2.82 31.82 17.53
CA HIS E 441 -3.37 31.03 18.63
C HIS E 441 -2.56 31.19 19.91
N ARG E 442 -1.71 32.22 20.00
CA ARG E 442 -0.90 32.41 21.18
C ARG E 442 -1.75 32.74 22.41
N GLU E 443 -2.81 33.53 22.23
CA GLU E 443 -3.67 33.90 23.35
C GLU E 443 -4.47 32.73 23.88
N LEU E 444 -4.73 31.70 23.06
CA LEU E 444 -5.54 30.58 23.49
C LEU E 444 -4.80 29.67 24.46
N VAL E 445 -3.48 29.79 24.57
CA VAL E 445 -2.72 28.95 25.48
C VAL E 445 -3.05 29.30 26.93
N LYS E 446 -3.19 30.59 27.23
CA LYS E 446 -3.57 31.17 28.52
C LYS E 446 -2.52 30.99 29.61
N GLY E 447 -1.40 30.31 29.33
CA GLY E 447 -0.31 30.21 30.28
C GLY E 447 -0.44 29.09 31.30
N ASP E 448 -1.53 28.34 31.29
CA ASP E 448 -1.75 27.22 32.21
C ASP E 448 -2.09 25.97 31.41
N SER E 449 -1.28 25.68 30.42
CA SER E 449 -1.55 24.58 29.50
C SER E 449 -0.92 23.28 29.97
N LYS E 450 -1.62 22.18 29.69
CA LYS E 450 -1.14 20.83 29.98
C LYS E 450 -0.84 20.13 28.66
N PHE E 451 0.37 19.62 28.55
CA PHE E 451 0.86 19.02 27.32
C PHE E 451 0.81 17.50 27.43
N VAL E 452 0.16 16.85 26.46
CA VAL E 452 -0.06 15.42 26.46
C VAL E 452 0.56 14.83 25.21
N VAL E 453 1.18 13.65 25.34
CA VAL E 453 1.72 12.96 24.18
C VAL E 453 0.57 12.49 23.31
N ASN E 454 0.42 13.06 22.11
CA ASN E 454 -0.65 12.70 21.21
C ASN E 454 -0.20 11.70 20.15
N SER E 455 0.87 10.94 20.44
CA SER E 455 1.43 9.99 19.49
C SER E 455 1.19 8.54 19.85
N ARG E 456 0.76 8.24 21.08
CA ARG E 456 0.54 6.88 21.53
C ARG E 456 -0.93 6.63 21.77
N VAL E 457 -1.32 5.35 21.71
CA VAL E 457 -2.72 4.95 21.84
C VAL E 457 -2.83 3.90 22.94
N ASP E 458 -3.81 4.07 23.82
CA ASP E 458 -4.08 3.13 24.90
C ASP E 458 -5.41 2.46 24.67
N VAL E 459 -5.42 1.13 24.65
CA VAL E 459 -6.62 0.34 24.40
C VAL E 459 -6.87 -0.56 25.62
N LYS E 460 -8.09 -0.49 26.15
CA LYS E 460 -8.52 -1.36 27.24
C LYS E 460 -9.88 -1.94 26.87
N VAL E 461 -10.01 -3.26 27.00
CA VAL E 461 -11.24 -3.97 26.63
C VAL E 461 -11.67 -4.85 27.79
N GLY E 462 -12.97 -4.84 28.06
CA GLY E 462 -13.55 -5.72 29.05
C GLY E 462 -14.94 -6.18 28.69
N LEU E 463 -15.70 -6.63 29.69
CA LEU E 463 -17.06 -7.09 29.43
C LEU E 463 -17.97 -5.95 28.98
N ASP E 464 -17.83 -4.77 29.59
CA ASP E 464 -18.65 -3.63 29.21
C ASP E 464 -17.79 -2.40 29.00
N GLY E 465 -16.64 -2.34 29.67
CA GLY E 465 -15.76 -1.19 29.58
C GLY E 465 -14.78 -1.26 28.43
N VAL E 466 -14.95 -0.38 27.45
CA VAL E 466 -14.04 -0.25 26.32
C VAL E 466 -13.51 1.17 26.29
N GLU E 467 -12.20 1.31 26.41
CA GLU E 467 -11.55 2.62 26.45
C GLU E 467 -10.50 2.69 25.35
N PHE E 468 -10.59 3.72 24.52
CA PHE E 468 -9.61 3.99 23.46
C PHE E 468 -9.11 5.41 23.71
N LEU E 469 -8.08 5.52 24.57
CA LEU E 469 -7.57 6.80 25.03
C LEU E 469 -6.19 7.05 24.43
N GLY E 470 -5.59 8.17 24.84
CA GLY E 470 -4.31 8.58 24.31
C GLY E 470 -4.44 9.38 23.04
N ALA E 471 -4.92 8.75 21.96
CA ALA E 471 -5.11 9.42 20.69
C ALA E 471 -6.11 8.63 19.87
N SER E 472 -6.81 9.34 18.98
CA SER E 472 -7.72 8.70 18.03
C SER E 472 -6.90 8.22 16.84
N ALA E 473 -7.59 7.79 15.77
CA ALA E 473 -6.87 7.34 14.57
C ALA E 473 -6.23 8.52 13.85
N SER E 474 -6.99 9.60 13.65
CA SER E 474 -6.43 10.81 13.04
C SER E 474 -5.37 11.42 13.94
N GLU E 475 -5.61 11.44 15.25
CA GLU E 475 -4.62 11.95 16.19
C GLU E 475 -3.35 11.11 16.16
N TRP E 476 -3.47 9.80 15.93
CA TRP E 476 -2.30 8.93 15.86
C TRP E 476 -1.53 9.13 14.56
N ILE E 477 -2.24 9.26 13.44
CA ILE E 477 -1.54 9.49 12.18
C ILE E 477 -0.95 10.90 12.12
N ASN E 478 -1.45 11.83 12.92
CA ASN E 478 -0.85 13.16 12.96
C ASN E 478 0.32 13.21 13.94
N GLY E 479 0.14 12.71 15.15
CA GLY E 479 1.17 12.74 16.16
C GLY E 479 1.32 14.12 16.80
N GLY E 480 2.22 14.18 17.77
CA GLY E 480 2.53 15.45 18.41
C GLY E 480 2.16 15.56 19.87
N ILE E 481 1.88 16.78 20.32
CA ILE E 481 1.62 17.06 21.72
C ILE E 481 0.28 17.79 21.83
N ARG E 482 -0.65 17.20 22.58
CA ARG E 482 -1.93 17.82 22.86
C ARG E 482 -1.80 18.83 23.99
N ILE E 483 -2.58 19.91 23.90
CA ILE E 483 -2.50 21.03 24.84
C ILE E 483 -3.83 21.15 25.56
N LEU E 484 -3.78 21.24 26.90
CA LEU E 484 -4.97 21.45 27.71
C LEU E 484 -4.91 22.84 28.35
N PRO E 485 -5.68 23.81 27.88
CA PRO E 485 -5.57 25.17 28.43
C PRO E 485 -6.17 25.29 29.81
N GLY E 486 -5.66 26.25 30.57
CA GLY E 486 -6.20 26.57 31.88
C GLY E 486 -6.89 27.92 31.92
N ASP E 487 -6.63 28.70 32.96
CA ASP E 487 -7.25 30.01 33.11
C ASP E 487 -6.24 31.13 33.29
N LYS E 488 -5.13 30.91 33.99
CA LYS E 488 -4.18 31.97 34.26
C LYS E 488 -2.82 31.36 34.58
N GLY E 489 -1.75 32.03 34.16
CA GLY E 489 -0.40 31.57 34.43
C GLY E 489 0.59 32.66 34.16
N GLU E 490 1.84 32.42 34.57
CA GLU E 490 2.91 33.39 34.45
C GLU E 490 3.87 33.08 33.30
N MET E 491 3.56 32.10 32.46
CA MET E 491 4.36 31.72 31.29
C MET E 491 5.79 31.35 31.70
N LYS E 492 5.88 30.26 32.47
CA LYS E 492 7.17 29.77 32.92
C LYS E 492 7.96 29.20 31.74
N ALA E 493 9.27 29.10 31.94
CA ALA E 493 10.17 28.75 30.84
C ALA E 493 9.99 27.29 30.42
N SER E 494 9.92 26.37 31.37
CA SER E 494 9.90 24.94 31.08
C SER E 494 8.63 24.31 31.60
N TYR E 495 8.14 23.30 30.87
CA TYR E 495 6.95 22.57 31.25
C TYR E 495 7.22 21.07 31.20
N PRO E 496 6.62 20.30 32.10
CA PRO E 496 6.77 18.85 32.04
C PRO E 496 5.84 18.23 31.01
N LEU E 497 6.28 17.10 30.45
CA LEU E 497 5.49 16.35 29.47
C LEU E 497 4.93 15.11 30.16
N TYR E 498 3.61 15.08 30.35
CA TYR E 498 2.95 13.95 30.98
C TYR E 498 2.71 12.84 29.97
N ALA E 499 2.59 11.61 30.49
CA ALA E 499 2.42 10.46 29.62
C ALA E 499 1.02 10.39 29.04
N ASN E 500 0.00 10.67 29.86
CA ASN E 500 -1.38 10.58 29.41
C ASN E 500 -2.23 11.57 30.19
N LEU E 501 -3.53 11.59 29.85
CA LEU E 501 -4.43 12.56 30.46
C LEU E 501 -4.60 12.32 31.96
N GLU E 502 -4.59 11.05 32.38
CA GLU E 502 -4.74 10.74 33.80
C GLU E 502 -3.58 11.31 34.61
N LYS E 503 -2.34 11.09 34.14
CA LYS E 503 -1.18 11.65 34.82
C LYS E 503 -1.15 13.18 34.71
N ALA E 504 -1.61 13.73 33.60
CA ALA E 504 -1.67 15.19 33.46
C ALA E 504 -2.63 15.79 34.48
N LEU E 505 -3.78 15.15 34.70
CA LEU E 505 -4.74 15.64 35.69
C LEU E 505 -4.23 15.43 37.11
N GLU E 506 -3.59 14.29 37.37
CA GLU E 506 -3.10 14.00 38.71
C GLU E 506 -1.80 14.72 39.05
N ASN E 507 -1.16 15.38 38.07
CA ASN E 507 0.09 16.11 38.28
C ASN E 507 1.19 15.21 38.85
N SER E 508 1.22 13.97 38.38
CA SER E 508 2.19 12.98 38.84
C SER E 508 3.19 12.72 37.70
N LEU E 509 4.45 13.12 37.93
CA LEU E 509 5.48 12.89 36.92
C LEU E 509 5.88 11.43 36.87
N SER E 510 6.02 10.79 38.02
CA SER E 510 6.39 9.38 38.08
C SER E 510 5.19 8.50 37.74
N ASP E 511 5.48 7.28 37.30
CA ASP E 511 4.41 6.34 36.96
C ASP E 511 3.63 5.91 38.19
N LEU E 512 4.33 5.52 39.25
CA LEU E 512 3.65 5.10 40.47
C LEU E 512 3.17 6.33 41.25
N PRO E 513 2.01 6.24 41.89
CA PRO E 513 1.53 7.37 42.70
C PRO E 513 2.32 7.52 43.98
N THR E 514 2.11 8.64 44.64
CA THR E 514 2.77 8.91 45.92
C THR E 514 2.15 8.06 47.02
N THR E 515 3.00 7.59 47.93
CA THR E 515 2.55 6.77 49.05
C THR E 515 1.91 7.66 50.11
N THR E 516 0.66 7.36 50.46
CA THR E 516 -0.07 8.14 51.45
C THR E 516 -0.46 7.33 52.68
N VAL E 517 -0.81 6.06 52.52
CA VAL E 517 -1.26 5.20 53.61
C VAL E 517 -0.32 4.00 53.70
N SER E 518 0.14 3.69 54.91
CA SER E 518 0.99 2.54 55.15
C SER E 518 0.30 1.61 56.15
N LEU E 519 0.18 0.33 55.80
CA LEU E 519 -0.48 -0.65 56.64
C LEU E 519 0.44 -1.85 56.84
N SER E 520 0.27 -2.54 57.97
CA SER E 520 1.02 -3.74 58.27
C SER E 520 0.07 -4.91 58.47
N ALA E 521 0.39 -6.06 57.87
CA ALA E 521 -0.47 -7.23 58.00
C ALA E 521 0.39 -8.48 58.06
N GLU E 522 0.17 -9.31 59.07
CA GLU E 522 0.92 -10.56 59.19
C GLU E 522 0.60 -11.49 58.02
N THR E 523 -0.67 -11.58 57.64
CA THR E 523 -1.11 -12.36 56.49
C THR E 523 -1.80 -11.44 55.50
N LEU E 524 -1.81 -11.85 54.23
CA LEU E 524 -2.43 -11.04 53.18
C LEU E 524 -3.79 -11.61 52.85
N PRO E 525 -4.89 -10.96 53.24
CA PRO E 525 -6.24 -11.52 52.96
C PRO E 525 -6.79 -11.08 51.61
N ASP E 526 -6.19 -11.61 50.54
CA ASP E 526 -6.61 -11.36 49.15
C ASP E 526 -6.58 -9.86 48.84
N VAL E 527 -5.37 -9.32 48.86
CA VAL E 527 -5.19 -7.89 48.61
C VAL E 527 -4.50 -7.69 47.26
N GLN E 528 -3.24 -8.13 47.16
CA GLN E 528 -2.40 -8.03 45.96
C GLN E 528 -2.19 -6.58 45.52
N ALA E 529 -1.25 -6.37 44.60
CA ALA E 529 -1.00 -5.02 44.09
C ALA E 529 -2.16 -4.56 43.20
N GLY E 530 -2.55 -3.30 43.39
CA GLY E 530 -3.60 -2.72 42.57
C GLY E 530 -5.01 -2.89 43.10
N SER E 531 -5.18 -3.23 44.37
CA SER E 531 -6.51 -3.41 44.93
C SER E 531 -7.23 -2.07 45.10
N VAL E 532 -8.55 -2.15 45.22
CA VAL E 532 -9.39 -0.97 45.29
C VAL E 532 -9.62 -0.59 46.75
N VAL E 533 -9.38 0.68 47.08
CA VAL E 533 -9.60 1.21 48.41
C VAL E 533 -10.96 1.89 48.44
N LEU E 534 -11.75 1.60 49.47
CA LEU E 534 -13.14 2.01 49.55
C LEU E 534 -13.41 2.74 50.85
N TYR E 535 -14.26 3.76 50.76
CA TYR E 535 -14.80 4.45 51.93
C TYR E 535 -16.31 4.23 51.92
N ARG E 536 -16.77 3.26 52.71
CA ARG E 536 -18.16 2.82 52.72
C ARG E 536 -18.60 2.41 51.32
N LYS E 537 -17.79 1.56 50.68
CA LYS E 537 -18.05 1.02 49.34
C LYS E 537 -18.13 2.12 48.30
N PHE E 538 -17.12 2.98 48.27
CA PHE E 538 -16.97 4.02 47.25
C PHE E 538 -15.51 4.13 46.88
N GLU E 539 -15.22 4.20 45.58
CA GLU E 539 -13.85 4.19 45.09
C GLU E 539 -13.11 5.44 45.54
N VAL E 540 -12.20 5.29 46.49
CA VAL E 540 -11.36 6.37 46.99
C VAL E 540 -9.94 5.83 47.05
N GLY E 541 -9.11 6.18 46.06
CA GLY E 541 -7.73 5.75 46.05
C GLY E 541 -7.54 4.34 45.54
N GLU E 542 -6.30 3.89 45.62
CA GLU E 542 -5.92 2.57 45.12
C GLU E 542 -4.64 2.11 45.83
N VAL E 543 -4.51 0.80 46.01
CA VAL E 543 -3.33 0.24 46.65
C VAL E 543 -2.17 0.26 45.66
N ILE E 544 -1.12 1.01 46.01
CA ILE E 544 0.07 1.06 45.16
C ILE E 544 0.77 -0.29 45.16
N THR E 545 1.22 -0.75 46.33
CA THR E 545 2.10 -1.91 46.33
C THR E 545 2.02 -2.65 47.66
N VAL E 546 2.51 -3.88 47.66
CA VAL E 546 2.67 -4.70 48.86
C VAL E 546 4.10 -5.23 48.86
N ARG E 547 4.80 -5.05 49.99
CA ARG E 547 6.18 -5.46 50.12
C ARG E 547 6.32 -6.42 51.30
N PRO E 548 6.94 -7.60 51.10
CA PRO E 548 7.11 -8.54 52.22
C PRO E 548 8.27 -8.12 53.11
N ARG E 549 7.97 -7.92 54.39
CA ARG E 549 8.96 -7.58 55.40
C ARG E 549 9.54 -8.87 55.98
N ALA E 550 10.25 -8.76 57.10
CA ALA E 550 10.86 -9.94 57.73
C ALA E 550 9.80 -10.94 58.18
N ASN E 551 8.70 -10.45 58.78
CA ASN E 551 7.67 -11.35 59.30
C ASN E 551 6.25 -10.87 58.99
N ALA E 552 6.08 -9.88 58.12
CA ALA E 552 4.75 -9.34 57.82
C ALA E 552 4.76 -8.81 56.39
N PHE E 553 3.76 -8.00 56.06
CA PHE E 553 3.68 -7.34 54.77
C PHE E 553 3.30 -5.88 54.99
N ASP E 554 4.05 -4.99 54.35
CA ASP E 554 3.78 -3.55 54.38
C ASP E 554 3.07 -3.16 53.10
N ILE E 555 1.87 -2.61 53.23
CA ILE E 555 1.03 -2.23 52.10
C ILE E 555 1.04 -0.72 51.98
N ASP E 556 1.44 -0.22 50.82
CA ASP E 556 1.42 1.20 50.51
C ASP E 556 0.24 1.50 49.61
N LEU E 557 -0.53 2.53 49.96
CA LEU E 557 -1.76 2.90 49.29
C LEU E 557 -1.74 4.38 49.00
N HIS E 558 -2.39 4.78 47.91
CA HIS E 558 -2.51 6.17 47.49
C HIS E 558 -3.96 6.62 47.57
N ILE E 559 -4.16 7.85 48.02
CA ILE E 559 -5.47 8.48 48.09
C ILE E 559 -5.39 9.83 47.40
N LYS E 560 -6.54 10.30 46.93
CA LYS E 560 -6.60 11.58 46.22
C LYS E 560 -6.39 12.73 47.21
N PRO E 561 -5.78 13.83 46.74
CA PRO E 561 -5.65 15.01 47.62
C PRO E 561 -6.98 15.59 48.07
N GLU E 562 -8.01 15.51 47.22
CA GLU E 562 -9.33 15.99 47.62
C GLU E 562 -9.93 15.09 48.69
N TYR E 563 -9.56 13.81 48.71
CA TYR E 563 -10.11 12.85 49.67
C TYR E 563 -9.15 12.55 50.82
N ARG E 564 -8.03 13.28 50.90
CA ARG E 564 -7.12 13.09 52.03
C ARG E 564 -7.77 13.43 53.36
N ASN E 565 -8.76 14.33 53.36
CA ASN E 565 -9.45 14.70 54.58
C ASN E 565 -10.49 13.67 55.01
N LEU E 566 -10.81 12.69 54.15
CA LEU E 566 -11.80 11.68 54.51
C LEU E 566 -11.32 10.75 55.60
N LEU E 567 -10.02 10.66 55.83
CA LEU E 567 -9.45 9.85 56.90
C LEU E 567 -8.76 10.73 57.92
N THR E 568 -8.73 10.27 59.17
CA THR E 568 -8.17 11.03 60.28
C THR E 568 -7.30 10.08 61.10
N SER E 569 -6.87 10.53 62.27
CA SER E 569 -6.03 9.70 63.13
C SER E 569 -6.76 8.44 63.58
N ASN E 570 -8.05 8.58 63.91
CA ASN E 570 -8.87 7.43 64.32
C ASN E 570 -9.54 6.85 63.09
N SER E 571 -8.89 5.83 62.51
CA SER E 571 -9.41 5.17 61.32
C SER E 571 -9.04 3.69 61.38
N VAL E 572 -9.87 2.87 60.75
CA VAL E 572 -9.69 1.42 60.74
C VAL E 572 -9.82 0.92 59.30
N PHE E 573 -9.01 -0.08 58.96
CA PHE E 573 -8.99 -0.69 57.63
C PHE E 573 -9.32 -2.17 57.76
N TRP E 574 -10.12 -2.68 56.83
CA TRP E 574 -10.40 -4.10 56.78
C TRP E 574 -10.48 -4.55 55.32
N ALA E 575 -10.37 -5.85 55.11
CA ALA E 575 -10.39 -6.43 53.77
C ALA E 575 -11.77 -7.01 53.49
N GLU E 576 -12.44 -6.46 52.48
CA GLU E 576 -13.70 -7.02 52.00
C GLU E 576 -13.39 -8.12 51.00
N GLY E 577 -14.08 -7.94 49.84
CA GLY E 577 -13.80 -8.94 48.83
C GLY E 577 -14.92 -9.37 47.90
N GLY E 578 -15.14 -10.68 47.82
CA GLY E 578 -15.84 -11.29 46.71
C GLY E 578 -17.36 -11.34 46.75
N ALA E 579 -17.94 -11.98 47.76
CA ALA E 579 -19.38 -12.25 47.72
C ALA E 579 -19.90 -12.45 49.14
N LYS E 580 -21.24 -12.49 49.23
CA LYS E 580 -21.96 -12.70 50.47
C LYS E 580 -23.02 -13.77 50.24
N VAL E 581 -23.22 -14.63 51.24
CA VAL E 581 -24.17 -15.74 51.15
C VAL E 581 -25.24 -15.53 52.21
N GLN E 582 -26.51 -15.58 51.79
CA GLN E 582 -27.64 -15.41 52.70
C GLN E 582 -28.59 -16.58 52.54
N LEU E 583 -28.91 -17.24 53.66
CA LEU E 583 -29.86 -18.35 53.67
C LEU E 583 -31.12 -17.88 54.37
N ASN E 584 -32.25 -17.95 53.66
CA ASN E 584 -33.52 -17.45 54.19
C ASN E 584 -34.66 -18.16 53.46
N GLY E 585 -35.87 -17.61 53.62
CA GLY E 585 -37.04 -18.24 53.02
C GLY E 585 -37.01 -18.29 51.51
N SER E 586 -36.43 -17.28 50.87
CA SER E 586 -36.29 -17.31 49.42
C SER E 586 -35.23 -18.31 48.97
N GLY E 587 -34.45 -18.88 49.88
CA GLY E 587 -33.50 -19.91 49.55
C GLY E 587 -32.08 -19.49 49.91
N LEU E 588 -31.13 -19.93 49.08
CA LEU E 588 -29.72 -19.62 49.25
C LEU E 588 -29.32 -18.61 48.18
N THR E 589 -29.15 -17.36 48.58
CA THR E 589 -28.83 -16.28 47.66
C THR E 589 -27.35 -15.91 47.80
N VAL E 590 -26.64 -15.89 46.67
CA VAL E 590 -25.24 -15.50 46.64
C VAL E 590 -25.12 -14.14 45.96
N GLN E 591 -25.08 -13.08 46.77
CA GLN E 591 -24.96 -11.73 46.24
C GLN E 591 -23.48 -11.39 46.07
N ALA E 592 -23.05 -11.23 44.83
CA ALA E 592 -21.64 -10.97 44.55
C ALA E 592 -21.35 -9.48 44.48
N SER E 593 -20.13 -9.12 44.86
CA SER E 593 -19.65 -7.76 44.75
C SER E 593 -19.47 -7.39 43.27
N PRO E 594 -19.38 -6.10 42.96
CA PRO E 594 -19.12 -5.72 41.56
C PRO E 594 -17.82 -6.32 41.04
N LEU E 595 -17.83 -6.64 39.75
CA LEU E 595 -16.77 -7.47 39.18
C LEU E 595 -15.41 -6.79 39.25
N SER E 596 -15.35 -5.48 39.01
CA SER E 596 -14.08 -4.77 39.07
C SER E 596 -13.49 -4.81 40.48
N ARG E 597 -14.31 -4.54 41.50
CA ARG E 597 -13.84 -4.59 42.88
C ARG E 597 -13.43 -6.00 43.26
N ALA E 598 -14.21 -7.00 42.84
CA ALA E 598 -13.87 -8.39 43.17
C ALA E 598 -12.56 -8.81 42.53
N LEU E 599 -12.32 -8.38 41.29
CA LEU E 599 -11.10 -8.78 40.59
C LEU E 599 -9.88 -8.06 41.15
N LYS E 600 -9.98 -6.75 41.42
CA LYS E 600 -8.80 -5.99 41.81
C LYS E 600 -8.52 -6.09 43.30
N GLY E 601 -9.54 -6.08 44.13
CA GLY E 601 -9.39 -6.06 45.57
C GLY E 601 -10.28 -5.01 46.22
N ALA E 602 -10.32 -5.08 47.55
CA ALA E 602 -11.17 -4.16 48.31
C ALA E 602 -10.67 -4.06 49.74
N ILE E 603 -10.17 -2.89 50.11
CA ILE E 603 -9.83 -2.57 51.50
C ILE E 603 -10.66 -1.36 51.90
N SER E 604 -11.51 -1.53 52.91
CA SER E 604 -12.40 -0.47 53.36
C SER E 604 -11.92 0.07 54.69
N PHE E 605 -11.83 1.39 54.80
CA PHE E 605 -11.42 2.06 56.03
C PHE E 605 -12.59 2.86 56.59
N ASP E 606 -12.97 2.71 57.76
CA ASP E 606 -14.05 3.46 58.38
C ASP E 606 -13.55 4.11 59.67
N ASN E 607 -14.41 4.89 60.30
CA ASN E 607 -14.09 5.59 61.54
C ASN E 607 -14.97 5.04 62.67
N LEU E 608 -14.34 4.65 63.77
CA LEU E 608 -15.03 4.12 64.94
C LEU E 608 -14.71 4.98 66.16
N SER E 609 -15.45 4.75 67.24
CA SER E 609 -15.23 5.46 68.49
C SER E 609 -14.19 4.80 69.37
N GLY E 610 -14.15 3.46 69.37
CA GLY E 610 -13.18 2.71 70.13
C GLY E 610 -11.85 2.48 69.44
N ALA E 611 -11.64 3.08 68.27
CA ALA E 611 -10.40 2.89 67.52
C ALA E 611 -9.23 3.67 68.11
N SER E 612 -9.48 4.51 69.12
CA SER E 612 -8.38 5.24 69.76
C SER E 612 -7.42 4.28 70.44
N ALA E 613 -7.94 3.25 71.11
CA ALA E 613 -7.07 2.26 71.73
C ALA E 613 -6.27 1.49 70.68
N SER E 614 -6.89 1.17 69.55
CA SER E 614 -6.17 0.49 68.46
C SER E 614 -5.07 1.37 67.91
N GLN E 615 -5.33 2.68 67.78
CA GLN E 615 -4.30 3.61 67.34
C GLN E 615 -3.16 3.70 68.35
N ARG E 616 -3.49 3.72 69.65
CA ARG E 616 -2.46 3.79 70.68
C ARG E 616 -1.58 2.55 70.69
N LYS E 617 -2.20 1.37 70.59
CA LYS E 617 -1.42 0.13 70.62
C LYS E 617 -0.70 -0.06 69.28
N GLY E 618 0.51 -0.61 69.36
CA GLY E 618 1.32 -0.83 68.19
C GLY E 618 2.02 0.45 67.71
N ASP E 619 2.87 0.28 66.71
CA ASP E 619 3.58 1.42 66.15
C ASP E 619 2.64 2.34 65.38
N LYS E 620 1.71 1.77 64.64
CA LYS E 620 0.77 2.54 63.82
C LYS E 620 -0.47 1.68 63.59
N ARG E 621 -1.29 2.09 62.63
CA ARG E 621 -2.52 1.37 62.34
C ARG E 621 -2.22 -0.04 61.83
N ILE E 622 -3.05 -0.99 62.24
CA ILE E 622 -2.85 -2.41 61.92
C ILE E 622 -4.03 -2.88 61.08
N LEU E 623 -3.73 -3.45 59.92
CA LEU E 623 -4.77 -4.02 59.08
C LEU E 623 -5.35 -5.27 59.73
N TYR E 624 -6.67 -5.40 59.66
CA TYR E 624 -7.38 -6.53 60.22
C TYR E 624 -7.83 -7.47 59.10
N ALA E 625 -7.81 -8.77 59.39
CA ALA E 625 -8.16 -9.77 58.38
C ALA E 625 -9.65 -9.89 58.15
N SER E 626 -10.48 -9.28 58.99
CA SER E 626 -11.93 -9.39 58.85
C SER E 626 -12.59 -8.11 59.33
N GLU E 627 -13.79 -7.86 58.81
CA GLU E 627 -14.56 -6.69 59.22
C GLU E 627 -14.95 -6.78 60.69
N THR E 628 -15.32 -7.98 61.15
CA THR E 628 -15.63 -8.16 62.57
C THR E 628 -14.40 -7.91 63.43
N ALA E 629 -13.23 -8.37 62.99
CA ALA E 629 -12.00 -8.11 63.73
C ALA E 629 -11.69 -6.63 63.79
N ALA E 630 -11.91 -5.91 62.69
CA ALA E 630 -11.70 -4.47 62.68
C ALA E 630 -12.68 -3.75 63.61
N ARG E 631 -13.94 -4.17 63.61
CA ARG E 631 -14.97 -3.58 64.46
C ARG E 631 -14.84 -3.99 65.91
N ALA E 632 -14.02 -5.00 66.21
CA ALA E 632 -13.85 -5.50 67.58
C ALA E 632 -12.96 -4.54 68.36
N VAL E 633 -13.60 -3.52 68.95
CA VAL E 633 -12.91 -2.53 69.76
C VAL E 633 -13.69 -2.32 71.05
N GLY E 634 -13.01 -1.76 72.05
CA GLY E 634 -13.65 -1.47 73.31
C GLY E 634 -12.93 -2.04 74.51
N GLY E 635 -13.69 -2.35 75.57
CA GLY E 635 -13.08 -2.92 76.75
C GLY E 635 -12.73 -4.38 76.56
N GLN E 636 -11.73 -4.83 77.33
CA GLN E 636 -11.20 -6.19 77.22
C GLN E 636 -11.48 -6.97 78.49
N ILE E 637 -12.03 -8.17 78.34
CA ILE E 637 -12.31 -9.07 79.45
C ILE E 637 -11.74 -10.45 79.13
N THR E 638 -11.53 -11.23 80.19
CA THR E 638 -10.98 -12.57 80.09
C THR E 638 -11.95 -13.57 80.70
N LEU E 639 -12.29 -14.60 79.93
CA LEU E 639 -13.21 -15.64 80.37
C LEU E 639 -12.46 -16.96 80.49
N HIS E 640 -12.57 -17.60 81.65
CA HIS E 640 -11.97 -18.90 81.90
C HIS E 640 -13.01 -19.97 81.64
N ALA E 641 -12.69 -20.93 80.77
CA ALA E 641 -13.61 -21.98 80.39
C ALA E 641 -12.98 -23.35 80.59
N PHE E 642 -13.81 -24.33 80.94
CA PHE E 642 -13.34 -25.69 81.09
C PHE E 642 -13.31 -26.46 79.78
N ASP E 643 -13.85 -25.90 78.71
CA ASP E 643 -13.85 -26.55 77.40
C ASP E 643 -14.04 -25.47 76.33
N ALA E 644 -13.13 -25.44 75.35
CA ALA E 644 -13.18 -24.48 74.27
C ALA E 644 -13.75 -25.07 72.98
N GLY E 645 -14.35 -26.26 73.05
CA GLY E 645 -14.95 -26.85 71.86
C GLY E 645 -16.12 -26.04 71.33
N LYS E 646 -16.90 -25.44 72.22
CA LYS E 646 -18.02 -24.60 71.84
C LYS E 646 -17.62 -23.16 71.58
N LEU E 647 -16.36 -22.81 71.81
CA LEU E 647 -15.86 -21.46 71.57
C LEU E 647 -15.13 -21.39 70.24
N ALA E 648 -15.17 -20.21 69.62
CA ALA E 648 -14.52 -20.00 68.34
C ALA E 648 -14.09 -18.54 68.23
N VAL E 649 -13.14 -18.29 67.35
CA VAL E 649 -12.67 -16.93 67.10
C VAL E 649 -13.74 -16.16 66.35
N GLY E 650 -14.07 -14.97 66.84
CA GLY E 650 -15.15 -14.19 66.27
C GLY E 650 -16.52 -14.53 66.79
N MET E 651 -16.62 -15.27 67.89
CA MET E 651 -17.92 -15.67 68.40
C MET E 651 -18.65 -14.46 68.99
N PRO E 652 -19.90 -14.24 68.60
CA PRO E 652 -20.65 -13.08 69.14
C PRO E 652 -21.06 -13.29 70.59
N ILE E 653 -21.17 -12.18 71.30
CA ILE E 653 -21.57 -12.16 72.70
C ILE E 653 -22.75 -11.20 72.81
N ARG E 654 -23.91 -11.74 73.17
CA ARG E 654 -25.18 -11.04 73.05
C ARG E 654 -25.90 -10.98 74.39
N TYR E 655 -26.59 -9.86 74.62
CA TYR E 655 -27.54 -9.70 75.71
C TYR E 655 -28.90 -9.39 75.11
N LEU E 656 -29.87 -10.26 75.38
CA LEU E 656 -31.22 -10.15 74.82
C LEU E 656 -31.21 -10.11 73.30
N GLY E 657 -30.35 -10.91 72.69
CA GLY E 657 -30.31 -11.02 71.24
C GLY E 657 -29.66 -9.86 70.52
N ILE E 658 -28.98 -8.97 71.23
CA ILE E 658 -28.32 -7.80 70.62
C ILE E 658 -26.83 -7.95 70.84
N ASP E 659 -26.06 -7.80 69.76
CA ASP E 659 -24.61 -7.98 69.82
C ASP E 659 -23.98 -6.89 70.68
N ILE E 660 -23.32 -7.30 71.77
CA ILE E 660 -22.65 -6.37 72.67
C ILE E 660 -21.18 -6.71 72.85
N GLY E 661 -20.70 -7.81 72.29
CA GLY E 661 -19.29 -8.17 72.44
C GLY E 661 -18.87 -9.21 71.43
N GLN E 662 -17.57 -9.46 71.40
CA GLN E 662 -17.01 -10.42 70.44
C GLN E 662 -15.79 -11.09 71.03
N ILE E 663 -15.69 -12.40 70.88
CA ILE E 663 -14.48 -13.13 71.26
C ILE E 663 -13.42 -12.92 70.19
N GLN E 664 -12.19 -12.59 70.61
CA GLN E 664 -11.12 -12.30 69.67
C GLN E 664 -9.91 -13.22 69.78
N THR E 665 -9.70 -13.89 70.91
CA THR E 665 -8.52 -14.70 71.10
C THR E 665 -8.86 -15.93 71.92
N LEU E 666 -8.32 -17.08 71.51
CA LEU E 666 -8.42 -18.33 72.26
C LEU E 666 -7.02 -18.84 72.56
N ASP E 667 -6.75 -19.10 73.84
CA ASP E 667 -5.41 -19.52 74.27
C ASP E 667 -5.56 -20.70 75.23
N LEU E 668 -4.77 -21.74 75.00
CA LEU E 668 -4.75 -22.91 75.88
C LEU E 668 -3.57 -22.82 76.84
N ILE E 669 -3.80 -23.19 78.10
CA ILE E 669 -2.78 -23.16 79.13
C ILE E 669 -2.44 -24.59 79.52
N THR E 670 -1.16 -24.93 79.48
CA THR E 670 -0.72 -26.27 79.86
C THR E 670 -0.70 -26.46 81.37
N ALA E 671 -0.35 -25.42 82.13
CA ALA E 671 -0.26 -25.54 83.58
C ALA E 671 -1.65 -25.64 84.21
N ARG E 672 -2.47 -24.61 84.02
CA ARG E 672 -3.84 -24.61 84.52
C ARG E 672 -4.74 -25.27 83.48
N ASN E 673 -5.59 -26.20 83.93
CA ASN E 673 -6.46 -26.96 83.04
C ASN E 673 -7.70 -26.12 82.74
N GLU E 674 -7.50 -25.12 81.88
CA GLU E 674 -8.57 -24.22 81.48
C GLU E 674 -8.15 -23.51 80.21
N VAL E 675 -9.10 -22.82 79.58
CA VAL E 675 -8.87 -22.04 78.38
C VAL E 675 -9.25 -20.60 78.67
N GLN E 676 -8.33 -19.67 78.41
CA GLN E 676 -8.56 -18.25 78.58
C GLN E 676 -8.96 -17.65 77.24
N ALA E 677 -10.16 -17.08 77.19
CA ALA E 677 -10.68 -16.44 75.98
C ALA E 677 -10.76 -14.95 76.21
N LYS E 678 -10.14 -14.19 75.31
CA LYS E 678 -10.19 -12.74 75.37
C LYS E 678 -11.40 -12.24 74.59
N ALA E 679 -12.17 -11.34 75.19
CA ALA E 679 -13.35 -10.80 74.56
C ALA E 679 -13.32 -9.28 74.65
N VAL E 680 -13.90 -8.64 73.64
CA VAL E 680 -13.99 -7.19 73.59
C VAL E 680 -15.46 -6.81 73.65
N LEU E 681 -15.80 -5.96 74.62
CA LEU E 681 -17.14 -5.41 74.78
C LEU E 681 -17.18 -3.99 74.25
N TYR E 682 -18.27 -3.66 73.56
CA TYR E 682 -18.39 -2.36 72.93
C TYR E 682 -18.44 -1.25 73.98
N PRO E 683 -17.96 -0.05 73.65
CA PRO E 683 -17.95 1.04 74.64
C PRO E 683 -19.33 1.43 75.16
N GLU E 684 -20.38 1.17 74.39
CA GLU E 684 -21.73 1.49 74.84
C GLU E 684 -22.22 0.56 75.94
N TYR E 685 -21.58 -0.60 76.11
CA TYR E 685 -22.02 -1.59 77.08
C TYR E 685 -20.92 -2.04 78.03
N VAL E 686 -19.73 -1.44 77.95
CA VAL E 686 -18.63 -1.86 78.82
C VAL E 686 -18.92 -1.48 80.27
N GLN E 687 -19.53 -0.31 80.49
CA GLN E 687 -19.83 0.11 81.85
C GLN E 687 -21.02 -0.65 82.44
N THR E 688 -22.03 -0.91 81.61
CA THR E 688 -23.21 -1.62 82.10
C THR E 688 -22.89 -3.05 82.52
N PHE E 689 -22.09 -3.75 81.71
CA PHE E 689 -21.70 -5.12 82.02
C PHE E 689 -20.34 -5.12 82.71
N ALA E 690 -19.78 -6.31 82.92
CA ALA E 690 -18.48 -6.50 83.57
C ALA E 690 -18.44 -5.83 84.93
N ARG E 691 -19.53 -5.98 85.69
CA ARG E 691 -19.65 -5.38 87.01
C ARG E 691 -19.70 -6.43 88.12
N GLY E 692 -19.16 -7.61 87.87
CA GLY E 692 -19.17 -8.66 88.88
C GLY E 692 -20.49 -9.39 88.93
N GLY E 693 -20.44 -10.72 88.99
CA GLY E 693 -21.64 -11.53 88.96
C GLY E 693 -22.24 -11.71 87.58
N THR E 694 -21.62 -11.15 86.54
CA THR E 694 -22.13 -11.32 85.18
C THR E 694 -21.87 -12.74 84.71
N ARG E 695 -22.90 -13.36 84.14
CA ARG E 695 -22.83 -14.76 83.71
C ARG E 695 -22.83 -14.83 82.20
N PHE E 696 -21.84 -15.54 81.64
CA PHE E 696 -21.75 -15.78 80.21
C PHE E 696 -21.97 -17.26 79.97
N SER E 697 -22.91 -17.59 79.08
CA SER E 697 -23.24 -18.98 78.80
C SER E 697 -23.30 -19.22 77.30
N VAL E 698 -22.62 -20.27 76.84
CA VAL E 698 -22.66 -20.65 75.44
C VAL E 698 -23.96 -21.41 75.19
N VAL E 699 -24.83 -20.85 74.35
CA VAL E 699 -26.09 -21.49 74.03
C VAL E 699 -25.85 -22.57 72.99
N THR E 700 -26.53 -23.70 73.16
CA THR E 700 -26.41 -24.84 72.28
C THR E 700 -27.79 -25.27 71.79
N PRO E 701 -27.88 -25.83 70.59
CA PRO E 701 -29.18 -26.31 70.10
C PRO E 701 -29.70 -27.45 70.98
N GLN E 702 -31.02 -27.46 71.17
CA GLN E 702 -31.70 -28.45 72.00
C GLN E 702 -32.75 -29.14 71.14
N ILE E 703 -32.35 -30.20 70.47
CA ILE E 703 -33.25 -31.00 69.63
C ILE E 703 -33.56 -32.28 70.39
N SER E 704 -34.82 -32.43 70.79
CA SER E 704 -35.25 -33.57 71.59
C SER E 704 -36.66 -33.94 71.19
N ALA E 705 -37.19 -35.00 71.82
CA ALA E 705 -38.56 -35.40 71.57
C ALA E 705 -39.56 -34.42 72.16
N ALA E 706 -39.17 -33.66 73.20
CA ALA E 706 -40.07 -32.67 73.77
C ALA E 706 -40.25 -31.48 72.83
N GLY E 707 -39.20 -31.08 72.14
CA GLY E 707 -39.29 -29.97 71.21
C GLY E 707 -37.91 -29.44 70.88
N VAL E 708 -37.91 -28.39 70.05
CA VAL E 708 -36.70 -27.70 69.64
C VAL E 708 -36.76 -26.27 70.13
N GLU E 709 -35.69 -25.81 70.76
CA GLU E 709 -35.63 -24.47 71.35
C GLU E 709 -34.77 -23.51 70.55
N HIS E 710 -33.51 -23.87 70.28
CA HIS E 710 -32.59 -23.04 69.54
C HIS E 710 -32.18 -23.75 68.26
N LEU E 711 -32.32 -23.07 67.12
CA LEU E 711 -31.93 -23.63 65.83
C LEU E 711 -31.01 -22.73 65.02
N ASP E 712 -30.90 -21.44 65.34
CA ASP E 712 -29.91 -20.58 64.68
C ASP E 712 -28.51 -20.86 65.18
N THR E 713 -28.38 -21.48 66.35
CA THR E 713 -27.08 -21.84 66.90
C THR E 713 -26.42 -23.00 66.16
N ILE E 714 -27.15 -23.65 65.24
CA ILE E 714 -26.54 -24.67 64.40
C ILE E 714 -25.43 -24.06 63.55
N LEU E 715 -25.67 -22.88 62.99
CA LEU E 715 -24.70 -22.20 62.15
C LEU E 715 -24.04 -20.99 62.79
N GLN E 716 -24.75 -20.28 63.67
CA GLN E 716 -24.23 -19.06 64.29
C GLN E 716 -24.43 -19.13 65.80
N PRO E 717 -23.57 -19.84 66.51
CA PRO E 717 -23.65 -19.84 67.98
C PRO E 717 -23.19 -18.50 68.55
N TYR E 718 -23.71 -18.19 69.74
CA TYR E 718 -23.37 -16.96 70.44
C TYR E 718 -23.26 -17.26 71.92
N ILE E 719 -22.89 -16.24 72.70
CA ILE E 719 -22.78 -16.36 74.15
C ILE E 719 -23.79 -15.41 74.78
N ASN E 720 -24.78 -15.96 75.48
CA ASN E 720 -25.78 -15.15 76.16
C ASN E 720 -25.22 -14.58 77.45
N VAL E 721 -25.63 -13.34 77.75
CA VAL E 721 -25.12 -12.61 78.91
C VAL E 721 -26.26 -12.32 79.87
N GLU E 722 -26.04 -12.64 81.15
CA GLU E 722 -26.90 -12.18 82.24
C GLU E 722 -26.13 -11.16 83.06
N PRO E 723 -26.55 -9.90 83.10
CA PRO E 723 -25.76 -8.87 83.79
C PRO E 723 -25.83 -9.02 85.31
N GLY E 724 -24.82 -8.45 85.97
CA GLY E 724 -24.73 -8.45 87.41
C GLY E 724 -24.49 -7.05 87.95
N ARG E 725 -24.55 -6.94 89.28
CA ARG E 725 -24.38 -5.67 89.97
C ARG E 725 -23.27 -5.81 90.99
N GLY E 726 -22.37 -4.83 91.02
CA GLY E 726 -21.28 -4.81 91.97
C GLY E 726 -20.09 -4.06 91.40
N ASN E 727 -18.94 -4.26 92.04
CA ASN E 727 -17.71 -3.64 91.59
C ASN E 727 -17.25 -4.27 90.28
N PRO E 728 -16.59 -3.50 89.41
CA PRO E 728 -16.09 -4.06 88.14
C PRO E 728 -15.09 -5.17 88.39
N ARG E 729 -15.15 -6.21 87.56
CA ARG E 729 -14.31 -7.39 87.69
C ARG E 729 -13.41 -7.60 86.47
N ARG E 730 -13.99 -7.61 85.27
CA ARG E 730 -13.26 -7.81 84.01
C ARG E 730 -12.53 -9.15 83.98
N ASP E 731 -13.02 -10.14 84.72
CA ASP E 731 -12.42 -11.47 84.72
C ASP E 731 -13.51 -12.45 85.17
N PHE E 732 -14.07 -13.19 84.22
CA PHE E 732 -15.22 -14.04 84.48
C PHE E 732 -14.92 -15.49 84.07
N GLU E 733 -15.88 -16.37 84.36
CA GLU E 733 -15.78 -17.77 84.00
C GLU E 733 -17.04 -18.19 83.25
N LEU E 734 -16.86 -19.10 82.30
CA LEU E 734 -17.96 -19.57 81.48
C LEU E 734 -18.84 -20.53 82.28
N GLN E 735 -20.15 -20.29 82.26
CA GLN E 735 -21.10 -21.12 82.96
C GLN E 735 -21.70 -22.14 82.01
N GLU E 736 -22.70 -22.88 82.47
CA GLU E 736 -23.38 -23.90 81.68
C GLU E 736 -24.79 -23.52 81.28
N ALA E 737 -25.55 -22.88 82.17
CA ALA E 737 -26.92 -22.48 81.88
C ALA E 737 -27.14 -21.06 82.38
N THR E 738 -28.02 -20.34 81.68
CA THR E 738 -28.34 -18.97 82.02
C THR E 738 -29.76 -18.66 81.55
N ILE E 739 -30.55 -18.04 82.43
CA ILE E 739 -31.92 -17.66 82.11
C ILE E 739 -31.87 -16.57 81.02
N THR E 740 -32.37 -16.91 79.84
CA THR E 740 -32.40 -15.96 78.72
C THR E 740 -33.70 -15.19 78.67
N ASP E 741 -34.10 -14.61 79.80
CA ASP E 741 -35.31 -13.82 79.90
C ASP E 741 -35.06 -12.38 80.29
N SER E 742 -34.30 -12.15 81.38
CA SER E 742 -34.00 -10.82 81.91
C SER E 742 -35.27 -10.04 82.25
N ARG E 743 -36.33 -10.76 82.66
CA ARG E 743 -37.56 -10.13 83.11
C ARG E 743 -37.81 -10.34 84.61
N TYR E 744 -37.20 -11.35 85.21
CA TYR E 744 -37.29 -11.57 86.65
C TYR E 744 -36.18 -10.87 87.42
N LEU E 745 -35.20 -10.28 86.72
CA LEU E 745 -34.04 -9.70 87.38
C LEU E 745 -34.42 -8.54 88.30
N ASP E 746 -35.48 -7.81 87.96
CA ASP E 746 -35.94 -6.72 88.80
C ASP E 746 -36.69 -7.20 90.04
N GLY E 747 -37.12 -8.47 90.07
CA GLY E 747 -37.93 -8.98 91.14
C GLY E 747 -37.10 -9.49 92.32
N LEU E 748 -37.81 -10.02 93.31
CA LEU E 748 -37.16 -10.52 94.51
C LEU E 748 -36.43 -11.84 94.22
N SER E 749 -35.24 -11.97 94.79
CA SER E 749 -34.43 -13.18 94.70
C SER E 749 -34.39 -13.83 96.08
N ILE E 750 -35.23 -14.84 96.26
CA ILE E 750 -35.36 -15.51 97.55
C ILE E 750 -34.59 -16.82 97.51
N ILE E 751 -34.40 -17.42 98.68
CA ILE E 751 -33.63 -18.66 98.82
C ILE E 751 -34.57 -19.73 99.38
N VAL E 752 -34.46 -20.94 98.84
CA VAL E 752 -35.20 -22.10 99.33
C VAL E 752 -34.19 -23.16 99.75
N GLU E 753 -34.30 -23.64 100.98
CA GLU E 753 -33.41 -24.66 101.51
C GLU E 753 -34.09 -26.02 101.41
N ALA E 754 -33.39 -26.98 100.79
CA ALA E 754 -33.95 -28.30 100.56
C ALA E 754 -32.98 -29.37 101.03
N PRO E 755 -33.51 -30.51 101.51
CA PRO E 755 -32.61 -31.64 101.83
C PRO E 755 -31.88 -32.19 100.62
N GLU E 756 -32.51 -32.17 99.44
CA GLU E 756 -31.90 -32.72 98.24
C GLU E 756 -32.24 -31.82 97.05
N ALA E 757 -31.37 -31.84 96.04
CA ALA E 757 -31.59 -31.05 94.84
C ALA E 757 -32.69 -31.67 93.97
N GLY E 758 -32.49 -32.91 93.54
CA GLY E 758 -33.48 -33.59 92.73
C GLY E 758 -33.49 -33.14 91.28
N SER E 759 -34.66 -32.66 90.83
CA SER E 759 -34.84 -32.25 89.44
C SER E 759 -34.57 -30.77 89.22
N LEU E 760 -34.16 -30.05 90.26
CA LEU E 760 -33.99 -28.61 90.15
C LEU E 760 -32.77 -28.24 89.31
N GLY E 761 -32.83 -27.07 88.70
CA GLY E 761 -31.74 -26.58 87.89
C GLY E 761 -31.98 -25.14 87.49
N ILE E 762 -31.07 -24.61 86.69
CA ILE E 762 -31.23 -23.25 86.18
C ILE E 762 -32.35 -23.22 85.16
N GLY E 763 -33.29 -22.30 85.34
CA GLY E 763 -34.48 -22.25 84.51
C GLY E 763 -35.67 -23.01 85.05
N THR E 764 -35.59 -23.54 86.26
CA THR E 764 -36.69 -24.27 86.85
C THR E 764 -37.84 -23.32 87.16
N PRO E 765 -39.07 -23.60 86.72
CA PRO E 765 -40.17 -22.68 86.95
C PRO E 765 -40.62 -22.63 88.40
N VAL E 766 -41.13 -21.46 88.79
CA VAL E 766 -41.78 -21.25 90.07
C VAL E 766 -43.24 -20.94 89.79
N LEU E 767 -44.13 -21.72 90.40
CA LEU E 767 -45.54 -21.73 90.03
C LEU E 767 -46.42 -21.31 91.21
N PHE E 768 -47.29 -20.33 90.98
CA PHE E 768 -48.37 -19.97 91.89
C PHE E 768 -49.67 -20.38 91.22
N ARG E 769 -50.33 -21.39 91.78
CA ARG E 769 -51.58 -21.94 91.24
C ARG E 769 -51.42 -22.35 89.78
N GLY E 770 -50.30 -23.00 89.48
CA GLY E 770 -50.08 -23.57 88.16
C GLY E 770 -49.59 -22.62 87.09
N LEU E 771 -49.38 -21.34 87.43
CA LEU E 771 -48.93 -20.34 86.47
C LEU E 771 -47.49 -19.96 86.76
N GLU E 772 -46.66 -19.93 85.73
CA GLU E 772 -45.24 -19.59 85.88
C GLU E 772 -45.11 -18.11 86.24
N VAL E 773 -44.69 -17.85 87.48
CA VAL E 773 -44.52 -16.48 87.97
C VAL E 773 -43.07 -16.16 88.29
N GLY E 774 -42.17 -17.14 88.23
CA GLY E 774 -40.77 -16.90 88.54
C GLY E 774 -39.91 -18.01 87.98
N THR E 775 -38.61 -17.87 88.15
CA THR E 775 -37.64 -18.86 87.69
C THR E 775 -36.58 -19.08 88.75
N VAL E 776 -35.76 -20.09 88.56
CA VAL E 776 -34.67 -20.41 89.46
C VAL E 776 -33.38 -19.86 88.84
N THR E 777 -32.78 -18.87 89.50
CA THR E 777 -31.53 -18.31 89.00
C THR E 777 -30.38 -19.27 89.20
N GLY E 778 -30.27 -19.87 90.38
CA GLY E 778 -29.12 -20.74 90.61
C GLY E 778 -29.31 -21.67 91.79
N MET E 779 -28.35 -22.58 91.94
CA MET E 779 -28.31 -23.52 93.04
C MET E 779 -26.90 -23.57 93.60
N THR E 780 -26.80 -23.78 94.91
CA THR E 780 -25.50 -23.81 95.57
C THR E 780 -25.66 -24.53 96.91
N LEU E 781 -24.54 -24.65 97.64
CA LEU E 781 -24.53 -25.18 98.99
C LEU E 781 -24.09 -24.09 99.96
N GLY E 782 -24.54 -24.22 101.20
CA GLY E 782 -24.23 -23.26 102.23
C GLY E 782 -22.83 -23.44 102.78
N THR E 783 -22.55 -22.68 103.85
CA THR E 783 -21.27 -22.83 104.54
C THR E 783 -21.11 -24.22 105.13
N LEU E 784 -22.19 -24.76 105.70
CA LEU E 784 -22.22 -26.13 106.17
C LEU E 784 -22.96 -26.98 105.14
N SER E 785 -22.37 -28.11 104.75
CA SER E 785 -22.93 -28.95 103.69
C SER E 785 -23.97 -29.91 104.28
N ASP E 786 -25.13 -29.32 104.62
CA ASP E 786 -26.26 -30.07 105.14
C ASP E 786 -27.55 -29.81 104.38
N ARG E 787 -27.56 -28.85 103.45
CA ARG E 787 -28.76 -28.54 102.68
C ARG E 787 -28.34 -27.85 101.39
N VAL E 788 -29.27 -27.81 100.44
CA VAL E 788 -29.05 -27.17 99.14
C VAL E 788 -29.86 -25.88 99.12
N MET E 789 -29.18 -24.77 98.82
CA MET E 789 -29.82 -23.46 98.75
C MET E 789 -30.09 -23.13 97.28
N ILE E 790 -31.35 -22.90 96.95
CA ILE E 790 -31.78 -22.60 95.60
C ILE E 790 -32.21 -21.13 95.58
N ALA E 791 -31.48 -20.32 94.81
CA ALA E 791 -31.81 -18.91 94.65
C ALA E 791 -32.75 -18.78 93.45
N MET E 792 -33.94 -18.22 93.68
CA MET E 792 -34.96 -18.08 92.66
C MET E 792 -35.48 -16.65 92.62
N ARG E 793 -35.67 -16.13 91.41
CA ARG E 793 -36.17 -14.78 91.21
C ARG E 793 -37.63 -14.83 90.75
N ILE E 794 -38.47 -14.05 91.44
CA ILE E 794 -39.89 -13.96 91.10
C ILE E 794 -40.12 -12.68 90.32
N SER E 795 -41.21 -12.64 89.57
CA SER E 795 -41.54 -11.46 88.78
C SER E 795 -41.99 -10.31 89.68
N LYS E 796 -41.91 -9.10 89.13
CA LYS E 796 -42.35 -7.91 89.87
C LYS E 796 -43.87 -7.94 90.07
N ARG E 797 -44.62 -8.22 89.00
CA ARG E 797 -46.08 -8.21 89.08
C ARG E 797 -46.61 -9.25 90.05
N TYR E 798 -45.88 -10.34 90.23
CA TYR E 798 -46.25 -11.39 91.19
C TYR E 798 -45.45 -11.28 92.48
N GLN E 799 -44.71 -10.19 92.68
CA GLN E 799 -43.89 -10.04 93.88
C GLN E 799 -44.74 -10.04 95.13
N HIS E 800 -45.90 -9.37 95.09
CA HIS E 800 -46.81 -9.36 96.23
C HIS E 800 -47.36 -10.74 96.56
N LEU E 801 -47.23 -11.70 95.64
CA LEU E 801 -47.62 -13.07 95.95
C LEU E 801 -46.69 -13.72 96.96
N VAL E 802 -45.51 -13.15 97.20
CA VAL E 802 -44.56 -13.72 98.14
C VAL E 802 -44.80 -13.11 99.51
N ARG E 803 -45.01 -13.96 100.51
CA ARG E 803 -45.26 -13.55 101.89
C ARG E 803 -44.28 -14.27 102.81
N ASN E 804 -44.22 -13.79 104.06
CA ASN E 804 -43.34 -14.42 105.05
C ASN E 804 -43.79 -15.83 105.37
N ASN E 805 -45.09 -16.04 105.57
CA ASN E 805 -45.65 -17.36 105.85
C ASN E 805 -46.18 -18.00 104.57
N SER E 806 -45.25 -18.28 103.65
CA SER E 806 -45.57 -18.91 102.38
C SER E 806 -44.98 -20.32 102.35
N VAL E 807 -45.77 -21.27 101.87
CA VAL E 807 -45.36 -22.67 101.81
C VAL E 807 -44.88 -22.99 100.40
N PHE E 808 -43.71 -23.58 100.30
CA PHE E 808 -43.09 -23.98 99.05
C PHE E 808 -42.98 -25.50 99.00
N TRP E 809 -43.30 -26.09 97.85
CA TRP E 809 -43.15 -27.52 97.65
C TRP E 809 -42.61 -27.77 96.24
N LEU E 810 -42.08 -28.98 96.05
CA LEU E 810 -41.44 -29.38 94.79
C LEU E 810 -42.42 -30.20 93.97
N ALA E 811 -42.87 -29.64 92.85
CA ALA E 811 -43.76 -30.34 91.92
C ALA E 811 -42.91 -30.81 90.75
N SER E 812 -42.57 -32.09 90.77
CA SER E 812 -41.74 -32.70 89.73
C SER E 812 -42.38 -34.00 89.28
N GLY E 813 -42.50 -34.17 87.96
CA GLY E 813 -43.08 -35.38 87.42
C GLY E 813 -44.57 -35.47 87.71
N TYR E 814 -45.07 -36.71 87.79
CA TYR E 814 -46.47 -36.99 88.04
C TYR E 814 -46.61 -37.70 89.38
N SER E 815 -47.49 -37.18 90.23
CA SER E 815 -47.77 -37.76 91.54
C SER E 815 -49.23 -38.18 91.60
N LEU E 816 -49.47 -39.40 92.05
CA LEU E 816 -50.82 -39.96 92.12
C LEU E 816 -50.99 -40.71 93.42
N ASP E 817 -52.25 -40.84 93.85
CA ASP E 817 -52.61 -41.53 95.08
C ASP E 817 -53.50 -42.72 94.74
N PHE E 818 -53.19 -43.88 95.31
CA PHE E 818 -53.93 -45.11 95.09
C PHE E 818 -54.30 -45.69 96.45
N GLY E 819 -55.58 -45.59 96.81
CA GLY E 819 -56.03 -46.11 98.09
C GLY E 819 -56.24 -47.61 98.07
N LEU E 820 -56.67 -48.13 99.21
CA LEU E 820 -56.94 -49.56 99.31
C LEU E 820 -58.13 -49.98 98.46
N THR E 821 -59.11 -49.08 98.27
CA THR E 821 -60.29 -49.39 97.48
C THR E 821 -60.48 -48.44 96.29
N GLY E 822 -59.74 -47.34 96.23
CA GLY E 822 -59.94 -46.37 95.17
C GLY E 822 -58.71 -46.14 94.30
N GLY E 823 -58.83 -46.43 93.00
CA GLY E 823 -57.76 -46.15 92.08
C GLY E 823 -58.09 -45.05 91.08
N VAL E 824 -57.51 -43.87 91.27
CA VAL E 824 -57.68 -42.74 90.36
C VAL E 824 -56.30 -42.15 90.09
N VAL E 825 -55.91 -42.11 88.82
CA VAL E 825 -54.64 -41.54 88.40
C VAL E 825 -54.91 -40.49 87.34
N LYS E 826 -54.16 -39.39 87.39
CA LYS E 826 -54.32 -38.30 86.44
C LYS E 826 -52.95 -37.83 85.97
N THR E 827 -52.87 -37.49 84.69
CA THR E 827 -51.68 -36.93 84.09
C THR E 827 -52.03 -35.63 83.39
N GLY E 828 -51.06 -34.74 83.29
CA GLY E 828 -51.31 -33.44 82.70
C GLY E 828 -50.20 -32.90 81.82
N THR E 829 -49.32 -33.80 81.36
CA THR E 829 -48.15 -33.50 80.52
C THR E 829 -47.48 -32.19 80.92
N PHE E 830 -47.25 -32.05 82.23
CA PHE E 830 -46.70 -30.82 82.78
C PHE E 830 -45.26 -30.62 82.31
N ASN E 831 -44.83 -29.36 82.32
CA ASN E 831 -43.43 -29.04 82.10
C ASN E 831 -42.54 -29.52 83.23
N GLN E 832 -43.12 -29.93 84.36
CA GLN E 832 -42.35 -30.50 85.47
C GLN E 832 -41.72 -31.84 85.10
N PHE E 833 -42.21 -32.51 84.06
CA PHE E 833 -41.60 -33.74 83.60
C PHE E 833 -40.39 -33.49 82.69
N ILE E 834 -40.08 -32.23 82.41
CA ILE E 834 -38.84 -31.84 81.75
C ILE E 834 -37.94 -31.09 82.72
N ARG E 835 -38.50 -30.13 83.46
CA ARG E 835 -37.82 -29.39 84.51
C ARG E 835 -38.75 -29.34 85.72
N GLY E 836 -38.47 -30.15 86.74
CA GLY E 836 -39.30 -30.21 87.92
C GLY E 836 -39.40 -28.90 88.66
N GLY E 837 -40.58 -28.28 88.64
CA GLY E 837 -40.73 -26.94 89.16
C GLY E 837 -40.97 -26.89 90.65
N ILE E 838 -41.03 -25.67 91.17
CA ILE E 838 -41.32 -25.43 92.57
C ILE E 838 -42.57 -24.56 92.66
N ALA E 839 -43.60 -25.06 93.33
CA ALA E 839 -44.84 -24.33 93.51
C ALA E 839 -44.92 -23.75 94.92
N PHE E 840 -45.69 -22.68 95.06
CA PHE E 840 -45.83 -22.04 96.36
C PHE E 840 -47.26 -21.54 96.54
N ALA E 841 -47.64 -21.41 97.80
CA ALA E 841 -48.97 -20.93 98.17
C ALA E 841 -48.88 -20.24 99.52
N THR E 842 -50.02 -19.72 99.97
CA THR E 842 -50.10 -19.00 101.24
C THR E 842 -51.31 -19.51 102.03
N PRO E 843 -51.11 -19.96 103.28
CA PRO E 843 -52.26 -20.37 104.09
C PRO E 843 -53.15 -19.19 104.40
N PRO E 844 -54.46 -19.42 104.58
CA PRO E 844 -55.37 -18.31 104.83
C PRO E 844 -55.18 -17.71 106.22
N GLY E 845 -55.56 -16.45 106.35
CA GLY E 845 -55.48 -15.75 107.63
C GLY E 845 -55.92 -14.31 107.51
N THR E 846 -56.73 -13.84 108.47
CA THR E 846 -57.18 -12.45 108.45
C THR E 846 -56.03 -11.46 108.58
N PRO E 847 -55.06 -11.61 109.53
CA PRO E 847 -53.89 -10.73 109.48
C PRO E 847 -52.86 -11.23 108.48
N LEU E 848 -52.66 -10.48 107.41
CA LEU E 848 -51.71 -10.88 106.37
C LEU E 848 -50.29 -10.58 106.80
N ALA E 849 -49.39 -11.53 106.52
CA ALA E 849 -47.99 -11.35 106.86
C ALA E 849 -47.36 -10.29 105.97
N PRO E 850 -46.34 -9.59 106.45
CA PRO E 850 -45.64 -8.61 105.60
C PRO E 850 -44.93 -9.30 104.44
N LYS E 851 -44.76 -8.55 103.35
CA LYS E 851 -44.09 -9.08 102.18
C LYS E 851 -42.64 -9.40 102.48
N ALA E 852 -42.13 -10.44 101.84
CA ALA E 852 -40.75 -10.87 102.04
C ALA E 852 -39.78 -9.80 101.52
N GLN E 853 -38.64 -9.69 102.20
CA GLN E 853 -37.62 -8.72 101.84
C GLN E 853 -36.81 -9.24 100.66
N GLU E 854 -35.70 -8.56 100.34
CA GLU E 854 -34.84 -9.00 99.26
C GLU E 854 -34.19 -10.35 99.58
N GLY E 855 -33.71 -10.51 100.81
CA GLY E 855 -33.16 -11.78 101.24
C GLY E 855 -34.06 -12.51 102.21
N LYS E 856 -34.76 -13.53 101.73
CA LYS E 856 -35.67 -14.31 102.57
C LYS E 856 -35.48 -15.80 102.27
N HIS E 857 -35.36 -16.59 103.32
CA HIS E 857 -35.10 -18.03 103.20
C HIS E 857 -36.34 -18.81 103.64
N PHE E 858 -36.79 -19.71 102.79
CA PHE E 858 -37.88 -20.63 103.07
C PHE E 858 -37.34 -22.06 103.09
N LEU E 859 -38.20 -22.98 103.55
CA LEU E 859 -37.85 -24.40 103.61
C LEU E 859 -38.74 -25.15 102.63
N LEU E 860 -38.14 -26.03 101.83
CA LEU E 860 -38.89 -26.81 100.86
C LEU E 860 -39.60 -27.97 101.57
N GLN E 861 -40.92 -27.98 101.49
CA GLN E 861 -41.71 -29.04 102.11
C GLN E 861 -41.49 -30.36 101.37
N GLU E 862 -41.42 -31.45 102.13
CA GLU E 862 -41.19 -32.76 101.54
C GLU E 862 -42.42 -33.29 100.82
N SER E 863 -43.60 -32.73 101.08
CA SER E 863 -44.83 -33.20 100.46
C SER E 863 -45.75 -32.02 100.18
N GLU E 864 -46.60 -32.19 99.17
CA GLU E 864 -47.58 -31.17 98.84
C GLU E 864 -48.62 -31.05 99.95
N PRO E 865 -48.99 -29.82 100.34
CA PRO E 865 -50.07 -29.66 101.32
C PRO E 865 -51.39 -30.23 100.79
N LYS E 866 -52.16 -30.80 101.71
CA LYS E 866 -53.36 -31.55 101.31
C LYS E 866 -54.47 -30.63 100.83
N GLU E 867 -54.72 -29.53 101.54
CA GLU E 867 -55.85 -28.66 101.26
C GLU E 867 -55.41 -27.27 100.85
N TRP E 868 -54.36 -27.18 100.03
CA TRP E 868 -53.92 -25.87 99.55
C TRP E 868 -54.86 -25.30 98.49
N ARG E 869 -55.63 -26.16 97.83
CA ARG E 869 -56.54 -25.68 96.79
C ARG E 869 -57.77 -24.99 97.38
N GLU E 870 -58.14 -25.35 98.60
CA GLU E 870 -59.33 -24.80 99.25
C GLU E 870 -59.01 -23.59 100.12
N TRP E 871 -57.77 -23.11 100.12
CA TRP E 871 -57.42 -21.96 100.94
C TRP E 871 -58.07 -20.69 100.42
N GLY E 872 -57.76 -20.30 99.18
CA GLY E 872 -58.35 -19.11 98.59
C GLY E 872 -57.98 -17.83 99.30
N THR E 873 -56.70 -17.65 99.63
CA THR E 873 -56.27 -16.45 100.33
C THR E 873 -56.36 -15.24 99.40
N ALA E 874 -56.93 -14.16 99.91
CA ALA E 874 -57.08 -12.92 99.14
C ALA E 874 -55.82 -12.08 99.30
N LEU E 875 -55.08 -11.91 98.20
CA LEU E 875 -53.85 -11.13 98.22
C LEU E 875 -54.07 -9.81 97.47
N PRO E 876 -54.10 -8.68 98.16
CA PRO E 876 -54.32 -7.40 97.47
C PRO E 876 -53.14 -7.02 96.59
N LYS E 877 -53.42 -6.13 95.64
CA LYS E 877 -52.44 -5.62 94.69
C LYS E 877 -51.77 -6.73 93.89
N GLY F 46 73.86 38.64 -65.27
CA GLY F 46 74.10 37.92 -64.04
C GLY F 46 74.77 36.58 -64.24
N ASN F 47 74.29 35.57 -63.52
CA ASN F 47 74.83 34.21 -63.60
C ASN F 47 73.70 33.20 -63.73
N THR F 48 73.99 32.09 -64.37
CA THR F 48 72.99 31.05 -64.65
C THR F 48 73.00 30.01 -63.54
N VAL F 49 71.81 29.72 -63.01
CA VAL F 49 71.63 28.77 -61.91
C VAL F 49 70.63 27.72 -62.36
N THR F 50 70.93 26.44 -62.10
CA THR F 50 70.11 25.33 -62.56
C THR F 50 69.31 24.76 -61.41
N ILE F 51 67.99 24.69 -61.58
CA ILE F 51 67.08 24.19 -60.56
C ILE F 51 66.30 23.01 -61.13
N ASP F 52 66.16 21.96 -60.34
CA ASP F 52 65.39 20.78 -60.72
C ASP F 52 63.97 20.91 -60.18
N PHE F 53 62.99 20.90 -61.07
CA PHE F 53 61.58 21.00 -60.72
C PHE F 53 60.88 19.68 -61.00
N MET F 54 59.95 19.32 -60.11
CA MET F 54 59.12 18.14 -60.35
C MET F 54 58.04 18.43 -61.38
N SER F 55 57.51 19.65 -61.38
CA SER F 55 56.46 20.02 -62.33
C SER F 55 56.46 21.54 -62.48
N ALA F 56 56.86 22.03 -63.65
CA ALA F 56 56.83 23.45 -63.96
C ALA F 56 55.50 23.75 -64.65
N ASP F 57 54.49 24.08 -63.85
CA ASP F 57 53.13 24.21 -64.37
C ASP F 57 53.00 25.40 -65.32
N GLY F 58 53.52 26.56 -64.93
CA GLY F 58 53.34 27.75 -65.73
C GLY F 58 54.55 28.63 -65.87
N ILE F 59 55.75 28.03 -65.89
CA ILE F 59 56.98 28.78 -66.04
C ILE F 59 57.17 29.09 -67.52
N VAL F 60 57.04 30.36 -67.88
CA VAL F 60 57.29 30.79 -69.26
C VAL F 60 58.81 30.92 -69.46
N PRO F 61 59.38 30.31 -70.50
CA PRO F 61 60.83 30.44 -70.71
C PRO F 61 61.29 31.86 -70.98
N GLY F 62 60.39 32.74 -71.41
CA GLY F 62 60.76 34.12 -71.70
C GLY F 62 60.71 35.04 -70.49
N ARG F 63 59.59 35.02 -69.77
CA ARG F 63 59.38 35.94 -68.64
C ARG F 63 58.79 35.15 -67.48
N THR F 64 59.59 34.94 -66.44
CA THR F 64 59.14 34.35 -65.18
C THR F 64 59.98 34.91 -64.04
N PRO F 65 59.43 35.79 -63.22
CA PRO F 65 60.23 36.43 -62.16
C PRO F 65 60.60 35.46 -61.05
N VAL F 66 61.77 35.71 -60.48
CA VAL F 66 62.26 35.03 -59.28
C VAL F 66 62.41 36.10 -58.20
N ARG F 67 61.54 36.04 -57.20
CA ARG F 67 61.41 37.12 -56.22
C ARG F 67 61.84 36.64 -54.84
N TYR F 68 62.48 37.55 -54.11
CA TYR F 68 62.74 37.41 -52.68
C TYR F 68 61.88 38.43 -51.94
N GLN F 69 60.92 37.95 -51.16
CA GLN F 69 59.94 38.80 -50.47
C GLN F 69 59.18 39.68 -51.45
N GLY F 70 58.92 39.13 -52.64
CA GLY F 70 58.17 39.83 -53.67
C GLY F 70 58.95 40.76 -54.56
N VAL F 71 60.26 40.92 -54.32
CA VAL F 71 61.08 41.82 -55.11
C VAL F 71 61.74 41.03 -56.22
N GLU F 72 61.45 41.38 -57.47
CA GLU F 72 61.96 40.63 -58.61
C GLU F 72 63.46 40.81 -58.75
N VAL F 73 64.19 39.69 -58.76
CA VAL F 73 65.64 39.71 -58.91
C VAL F 73 66.04 38.87 -60.12
N GLY F 74 65.70 37.58 -60.08
CA GLY F 74 66.10 36.67 -61.14
C GLY F 74 65.07 36.59 -62.26
N THR F 75 65.47 35.91 -63.34
CA THR F 75 64.61 35.74 -64.51
C THR F 75 64.91 34.40 -65.15
N VAL F 76 63.86 33.61 -65.39
CA VAL F 76 64.03 32.31 -66.03
C VAL F 76 64.42 32.50 -67.49
N GLN F 77 65.54 31.91 -67.89
CA GLN F 77 66.04 32.01 -69.25
C GLN F 77 65.89 30.73 -70.05
N ASP F 78 66.11 29.56 -69.43
CA ASP F 78 66.07 28.30 -70.18
C ASP F 78 65.24 27.26 -69.44
N ILE F 79 64.55 26.42 -70.21
CA ILE F 79 63.80 25.29 -69.68
C ILE F 79 64.11 24.06 -70.52
N SER F 80 64.45 22.95 -69.85
CA SER F 80 64.70 21.70 -70.54
C SER F 80 64.27 20.55 -69.64
N LEU F 81 64.35 19.34 -70.16
CA LEU F 81 64.01 18.13 -69.43
C LEU F 81 65.26 17.28 -69.22
N SER F 82 65.34 16.60 -68.08
CA SER F 82 66.49 15.74 -67.79
C SER F 82 66.27 14.36 -68.40
N ASP F 83 66.35 14.33 -69.74
CA ASP F 83 66.08 13.16 -70.59
C ASP F 83 64.89 12.34 -70.08
N ASP F 84 63.79 13.06 -69.79
CA ASP F 84 62.52 12.46 -69.38
C ASP F 84 62.67 11.59 -68.14
N LEU F 85 63.42 12.09 -67.15
CA LEU F 85 63.55 11.44 -65.85
C LEU F 85 62.71 12.13 -64.78
N ARG F 86 61.55 12.67 -65.18
CA ARG F 86 60.61 13.34 -64.27
C ARG F 86 61.22 14.54 -63.57
N LYS F 87 62.21 15.18 -64.21
CA LYS F 87 62.84 16.37 -63.66
C LYS F 87 63.01 17.41 -64.76
N ILE F 88 62.70 18.66 -64.43
CA ILE F 88 62.78 19.78 -65.35
C ILE F 88 63.96 20.65 -64.92
N GLU F 89 64.91 20.84 -65.82
CA GLU F 89 66.07 21.69 -65.57
C GLU F 89 65.71 23.12 -65.98
N VAL F 90 65.68 24.02 -65.01
CA VAL F 90 65.34 25.42 -65.23
C VAL F 90 66.61 26.24 -64.99
N LYS F 91 67.08 26.91 -66.03
CA LYS F 91 68.20 27.82 -65.93
C LYS F 91 67.68 29.24 -65.75
N VAL F 92 68.13 29.89 -64.68
CA VAL F 92 67.68 31.22 -64.29
C VAL F 92 68.87 32.15 -64.19
N SER F 93 68.77 33.32 -64.80
CA SER F 93 69.78 34.37 -64.66
C SER F 93 69.50 35.20 -63.41
N ILE F 94 70.49 35.32 -62.55
CA ILE F 94 70.37 36.02 -61.28
C ILE F 94 71.39 37.15 -61.25
N LYS F 95 70.97 38.31 -60.72
CA LYS F 95 71.81 39.49 -60.69
C LYS F 95 72.95 39.31 -59.69
N SER F 96 73.93 40.23 -59.77
CA SER F 96 75.12 40.13 -58.94
C SER F 96 74.83 40.44 -57.48
N ASP F 97 73.85 41.32 -57.21
CA ASP F 97 73.54 41.67 -55.83
C ASP F 97 73.00 40.47 -55.07
N MET F 98 72.33 39.55 -55.76
CA MET F 98 71.89 38.30 -55.14
C MET F 98 72.95 37.22 -55.27
N LYS F 99 73.78 37.29 -56.31
CA LYS F 99 74.88 36.33 -56.45
C LYS F 99 75.88 36.46 -55.31
N ASP F 100 76.07 37.67 -54.79
CA ASP F 100 77.02 37.89 -53.71
C ASP F 100 76.61 37.15 -52.44
N ALA F 101 75.33 36.84 -52.27
CA ALA F 101 74.86 36.08 -51.11
C ALA F 101 74.23 34.75 -51.51
N LEU F 102 74.33 34.35 -52.78
CA LEU F 102 73.83 33.06 -53.21
C LEU F 102 74.73 31.96 -52.65
N ARG F 103 74.19 31.16 -51.74
CA ARG F 103 74.98 30.19 -50.98
C ARG F 103 74.38 28.79 -51.17
N GLU F 104 74.95 27.82 -50.45
CA GLU F 104 74.51 26.43 -50.61
C GLU F 104 73.09 26.22 -50.08
N GLU F 105 72.77 26.84 -48.95
CA GLU F 105 71.44 26.72 -48.37
C GLU F 105 70.49 27.76 -48.94
N THR F 106 70.27 27.72 -50.25
CA THR F 106 69.31 28.59 -50.91
C THR F 106 68.16 27.74 -51.41
N GLN F 107 66.95 28.09 -51.01
CA GLN F 107 65.75 27.32 -51.33
C GLN F 107 64.90 28.05 -52.34
N PHE F 108 64.33 27.31 -53.27
CA PHE F 108 63.43 27.83 -54.28
C PHE F 108 62.12 27.06 -54.24
N TRP F 109 61.03 27.71 -54.62
CA TRP F 109 59.74 27.05 -54.72
C TRP F 109 58.90 27.74 -55.78
N LEU F 110 57.93 27.01 -56.30
CA LEU F 110 57.09 27.48 -57.39
C LEU F 110 55.77 27.97 -56.83
N VAL F 111 55.51 29.26 -56.93
CA VAL F 111 54.24 29.85 -56.50
C VAL F 111 53.31 29.88 -57.70
N THR F 112 52.19 29.18 -57.57
CA THR F 112 51.15 28.95 -58.56
C THR F 112 49.81 29.40 -58.00
N PRO F 113 48.83 29.69 -58.86
CA PRO F 113 47.50 30.12 -58.37
C PRO F 113 46.59 28.98 -57.93
N LYS F 114 47.04 28.22 -56.94
CA LYS F 114 46.27 27.14 -56.33
C LYS F 114 45.33 27.69 -55.25
N ALA F 115 44.28 26.92 -54.97
CA ALA F 115 43.29 27.26 -53.96
C ALA F 115 43.39 26.28 -52.80
N SER F 116 43.36 26.81 -51.57
CA SER F 116 43.48 26.00 -50.37
C SER F 116 42.29 26.22 -49.46
N LEU F 117 42.14 25.32 -48.49
CA LEU F 117 41.06 25.42 -47.53
C LEU F 117 41.33 26.55 -46.53
N ALA F 118 40.24 27.05 -45.92
CA ALA F 118 40.28 28.12 -44.94
C ALA F 118 40.95 29.37 -45.52
N GLY F 119 40.42 29.82 -46.64
CA GLY F 119 40.94 30.99 -47.32
C GLY F 119 41.83 30.61 -48.50
N VAL F 120 41.75 31.41 -49.56
CA VAL F 120 42.52 31.16 -50.77
C VAL F 120 43.96 31.61 -50.55
N SER F 121 44.86 31.17 -51.43
CA SER F 121 46.27 31.53 -51.34
C SER F 121 46.78 31.90 -52.73
N GLY F 122 47.77 32.78 -52.74
CA GLY F 122 48.40 33.19 -53.98
C GLY F 122 47.51 33.97 -54.94
N LEU F 123 46.74 34.93 -54.42
CA LEU F 123 45.96 35.79 -55.31
C LEU F 123 46.87 36.71 -56.12
N ASP F 124 47.97 37.18 -55.52
CA ASP F 124 48.96 37.93 -56.28
C ASP F 124 49.58 37.06 -57.37
N ALA F 125 49.80 35.77 -57.07
CA ALA F 125 50.26 34.84 -58.09
C ALA F 125 49.23 34.66 -59.19
N LEU F 126 47.94 34.64 -58.84
CA LEU F 126 46.89 34.57 -59.85
C LEU F 126 46.91 35.80 -60.75
N VAL F 127 47.14 36.97 -60.16
CA VAL F 127 47.18 38.21 -60.95
C VAL F 127 48.40 38.23 -61.86
N GLY F 128 49.57 37.87 -61.32
CA GLY F 128 50.82 38.04 -62.05
C GLY F 128 51.44 36.79 -62.66
N GLY F 129 50.73 35.68 -62.74
CA GLY F 129 51.26 34.48 -63.35
C GLY F 129 51.98 33.58 -62.36
N ASN F 130 52.36 32.33 -62.73
CA ASN F 130 53.21 31.45 -61.95
C ASN F 130 54.62 32.04 -61.86
N TYR F 131 55.22 31.99 -60.67
CA TYR F 131 56.56 32.54 -60.52
C TYR F 131 57.35 31.70 -59.52
N ILE F 132 58.57 32.13 -59.22
CA ILE F 132 59.50 31.35 -58.40
C ILE F 132 59.94 32.20 -57.22
N GLY F 133 59.61 31.76 -56.01
CA GLY F 133 60.09 32.42 -54.82
C GLY F 133 61.40 31.82 -54.34
N MET F 134 62.25 32.67 -53.74
CA MET F 134 63.57 32.25 -53.31
C MET F 134 63.86 32.72 -51.89
N MET F 135 64.75 32.00 -51.22
CA MET F 135 65.18 32.33 -49.86
C MET F 135 66.61 31.86 -49.61
N PRO F 136 67.53 32.78 -49.29
CA PRO F 136 68.92 32.39 -49.02
C PRO F 136 69.18 32.14 -47.54
N GLY F 137 70.31 31.50 -47.27
CA GLY F 137 70.77 31.24 -45.91
C GLY F 137 72.25 31.52 -45.72
N LYS F 138 72.99 30.53 -45.23
CA LYS F 138 74.40 30.69 -44.86
C LYS F 138 75.24 29.53 -45.39
N GLY F 139 75.07 29.20 -46.67
CA GLY F 139 75.88 28.17 -47.31
C GLY F 139 77.18 28.74 -47.86
N LYS F 140 77.89 27.89 -48.61
CA LYS F 140 79.15 28.29 -49.24
C LYS F 140 78.97 28.74 -50.68
N GLU F 141 78.54 27.83 -51.57
CA GLU F 141 78.40 28.11 -52.99
C GLU F 141 77.73 26.93 -53.67
N GLN F 142 76.85 27.22 -54.63
CA GLN F 142 76.22 26.20 -55.45
C GLN F 142 75.57 26.87 -56.65
N ASP F 143 75.57 26.16 -57.78
CA ASP F 143 74.94 26.62 -59.00
C ASP F 143 73.81 25.72 -59.49
N HIS F 144 73.62 24.57 -58.86
CA HIS F 144 72.61 23.58 -59.25
C HIS F 144 71.78 23.23 -58.03
N PHE F 145 70.53 23.67 -58.01
CA PHE F 145 69.64 23.45 -56.88
C PHE F 145 68.47 22.58 -57.27
N VAL F 146 67.73 22.12 -56.26
CA VAL F 146 66.52 21.33 -56.43
C VAL F 146 65.39 22.05 -55.72
N ALA F 147 64.29 22.29 -56.43
CA ALA F 147 63.18 23.04 -55.87
C ALA F 147 62.41 22.21 -54.85
N LEU F 148 61.87 22.90 -53.84
CA LEU F 148 61.06 22.27 -52.82
C LEU F 148 59.62 22.10 -53.31
N ASP F 149 58.87 21.24 -52.60
CA ASP F 149 57.49 20.98 -52.98
C ASP F 149 56.60 22.19 -52.73
N THR F 150 56.70 22.79 -51.55
CA THR F 150 55.87 23.92 -51.15
C THR F 150 56.76 25.02 -50.58
N GLN F 151 56.14 26.13 -50.24
CA GLN F 151 56.85 27.26 -49.66
C GLN F 151 57.17 26.96 -48.18
N PRO F 152 58.44 26.93 -47.79
CA PRO F 152 58.77 26.65 -46.39
C PRO F 152 58.61 27.89 -45.52
N LYS F 153 58.47 27.64 -44.22
CA LYS F 153 58.41 28.71 -43.24
C LYS F 153 59.80 29.28 -43.03
N TYR F 154 59.91 30.61 -43.07
CA TYR F 154 61.20 31.28 -43.02
C TYR F 154 61.37 32.25 -41.86
N ARG F 155 60.28 32.66 -41.20
CA ARG F 155 60.30 33.59 -40.07
C ARG F 155 60.84 34.96 -40.46
N LEU F 156 60.84 35.91 -39.51
CA LEU F 156 61.31 37.26 -39.79
C LEU F 156 62.28 37.81 -38.75
N ASP F 157 62.39 37.18 -37.58
CA ASP F 157 63.30 37.61 -36.52
C ASP F 157 63.03 39.06 -36.10
N ASN F 158 61.75 39.38 -35.89
CA ASN F 158 61.32 40.71 -35.48
C ASN F 158 61.20 40.85 -33.97
N GLY F 159 61.97 40.09 -33.21
CA GLY F 159 61.85 40.10 -31.77
C GLY F 159 60.72 39.27 -31.21
N ASP F 160 60.06 38.48 -32.05
CA ASP F 160 58.97 37.64 -31.58
C ASP F 160 59.51 36.48 -30.73
N LEU F 161 58.63 35.92 -29.91
CA LEU F 161 58.98 34.86 -28.97
C LEU F 161 58.48 33.52 -29.50
N MET F 162 59.39 32.58 -29.68
CA MET F 162 59.07 31.24 -30.16
C MET F 162 59.08 30.28 -28.98
N ILE F 163 57.98 29.56 -28.79
CA ILE F 163 57.88 28.58 -27.71
C ILE F 163 57.30 27.28 -28.26
N HIS F 164 57.49 26.21 -27.48
CA HIS F 164 57.08 24.87 -27.85
C HIS F 164 56.03 24.35 -26.89
N LEU F 165 55.04 23.64 -27.41
CA LEU F 165 53.99 23.02 -26.61
C LEU F 165 53.97 21.52 -26.91
N GLN F 166 54.00 20.71 -25.85
CA GLN F 166 53.96 19.26 -25.99
C GLN F 166 52.54 18.76 -25.79
N ALA F 167 52.05 17.96 -26.73
CA ALA F 167 50.69 17.46 -26.70
C ALA F 167 50.67 15.97 -27.03
N PRO F 168 49.68 15.24 -26.53
CA PRO F 168 49.50 13.85 -27.01
C PRO F 168 49.20 13.77 -28.48
N ASP F 169 48.49 14.75 -29.04
CA ASP F 169 48.17 14.77 -30.46
C ASP F 169 48.02 16.21 -30.91
N LEU F 170 48.14 16.42 -32.22
CA LEU F 170 48.01 17.77 -32.78
C LEU F 170 46.60 18.31 -32.61
N GLY F 171 45.60 17.46 -32.79
CA GLY F 171 44.22 17.92 -32.72
C GLY F 171 43.81 18.67 -33.98
N SER F 172 42.78 19.50 -33.82
CA SER F 172 42.28 20.31 -34.93
C SER F 172 43.20 21.48 -35.27
N LEU F 173 44.21 21.75 -34.44
CA LEU F 173 45.11 22.86 -34.69
C LEU F 173 45.91 22.64 -35.98
N ASN F 174 45.98 23.69 -36.78
CA ASN F 174 46.74 23.68 -38.03
C ASN F 174 47.65 24.90 -38.06
N SER F 175 48.43 25.01 -39.13
CA SER F 175 49.30 26.16 -39.31
C SER F 175 48.47 27.42 -39.51
N GLY F 176 48.83 28.49 -38.81
CA GLY F 176 48.13 29.74 -38.87
C GLY F 176 47.04 29.92 -37.84
N SER F 177 46.74 28.89 -37.05
CA SER F 177 45.73 29.02 -36.00
C SER F 177 46.22 29.99 -34.93
N LEU F 178 45.30 30.78 -34.40
CA LEU F 178 45.64 31.92 -33.55
C LEU F 178 45.87 31.51 -32.10
N VAL F 179 46.55 32.39 -31.38
CA VAL F 179 46.81 32.25 -29.95
C VAL F 179 46.23 33.47 -29.25
N TYR F 180 45.51 33.23 -28.15
CA TYR F 180 44.71 34.25 -27.50
C TYR F 180 45.14 34.44 -26.05
N PHE F 181 45.10 35.70 -25.61
CA PHE F 181 45.17 36.08 -24.21
C PHE F 181 44.01 37.03 -23.96
N ARG F 182 43.10 36.63 -23.05
CA ARG F 182 41.83 37.33 -22.85
C ARG F 182 41.05 37.43 -24.17
N LYS F 183 41.12 36.37 -24.97
CA LYS F 183 40.48 36.30 -26.28
C LYS F 183 40.93 37.44 -27.20
N ILE F 184 42.23 37.75 -27.16
CA ILE F 184 42.83 38.74 -28.03
C ILE F 184 43.94 38.06 -28.82
N PRO F 185 43.94 38.14 -30.16
CA PRO F 185 44.99 37.47 -30.95
C PRO F 185 46.35 38.12 -30.72
N VAL F 186 47.26 37.34 -30.14
CA VAL F 186 48.60 37.80 -29.81
C VAL F 186 49.69 36.92 -30.42
N GLY F 187 49.31 35.95 -31.25
CA GLY F 187 50.28 35.06 -31.84
C GLY F 187 49.63 34.04 -32.73
N LYS F 188 50.44 33.12 -33.23
CA LYS F 188 49.94 32.08 -34.13
C LYS F 188 50.87 30.88 -34.11
N VAL F 189 50.35 29.74 -34.54
CA VAL F 189 51.13 28.50 -34.60
C VAL F 189 52.07 28.58 -35.79
N TYR F 190 53.38 28.65 -35.51
CA TYR F 190 54.37 28.71 -36.58
C TYR F 190 54.52 27.36 -37.28
N ASP F 191 54.60 26.27 -36.52
CA ASP F 191 54.84 24.96 -37.12
C ASP F 191 54.42 23.88 -36.14
N TYR F 192 54.45 22.63 -36.61
CA TYR F 192 54.19 21.47 -35.78
C TYR F 192 55.00 20.29 -36.29
N ALA F 193 55.34 19.39 -35.38
CA ALA F 193 56.14 18.22 -35.73
C ALA F 193 55.93 17.15 -34.67
N ILE F 194 56.48 15.97 -34.92
CA ILE F 194 56.40 14.83 -34.01
C ILE F 194 57.72 14.69 -33.28
N ASN F 195 57.67 14.28 -32.02
CA ASN F 195 58.88 14.03 -31.25
C ASN F 195 59.62 12.82 -31.83
N PRO F 196 60.93 12.70 -31.55
CA PRO F 196 61.63 11.45 -31.89
C PRO F 196 60.97 10.22 -31.30
N ASN F 197 60.44 10.33 -30.07
CA ASN F 197 59.51 9.34 -29.57
C ASN F 197 58.15 9.58 -30.21
N LYS F 198 57.51 8.50 -30.69
CA LYS F 198 56.28 8.63 -31.47
C LYS F 198 55.07 9.03 -30.62
N GLN F 199 55.22 9.14 -29.30
CA GLN F 199 54.06 9.41 -28.45
C GLN F 199 53.60 10.86 -28.56
N GLY F 200 54.54 11.80 -28.67
CA GLY F 200 54.20 13.20 -28.53
C GLY F 200 54.35 14.09 -29.76
N VAL F 201 53.62 15.19 -29.76
CA VAL F 201 53.64 16.19 -30.84
C VAL F 201 54.09 17.51 -30.25
N VAL F 202 55.09 18.12 -30.88
CA VAL F 202 55.60 19.43 -30.47
C VAL F 202 55.05 20.46 -31.44
N ILE F 203 54.31 21.44 -30.91
CA ILE F 203 53.75 22.53 -31.67
C ILE F 203 54.55 23.78 -31.35
N ASP F 204 55.23 24.32 -32.35
CA ASP F 204 55.99 25.55 -32.21
C ASP F 204 55.05 26.73 -32.51
N VAL F 205 54.85 27.60 -31.52
CA VAL F 205 54.00 28.77 -31.69
C VAL F 205 54.85 30.01 -31.48
N LEU F 206 54.37 31.13 -32.05
CA LEU F 206 55.09 32.39 -32.06
C LEU F 206 54.17 33.48 -31.52
N ILE F 207 54.69 34.26 -30.58
CA ILE F 207 53.99 35.37 -29.96
C ILE F 207 54.65 36.66 -30.42
N GLU F 208 53.83 37.66 -30.73
CA GLU F 208 54.32 38.91 -31.30
C GLU F 208 55.24 39.64 -30.32
N ARG F 209 55.97 40.62 -30.86
CA ARG F 209 56.97 41.34 -30.07
C ARG F 209 56.32 42.15 -28.95
N ARG F 210 55.14 42.70 -29.20
CA ARG F 210 54.47 43.51 -28.18
C ARG F 210 54.07 42.66 -26.98
N PHE F 211 53.66 41.42 -27.21
CA PHE F 211 53.14 40.55 -26.17
C PHE F 211 54.17 39.52 -25.69
N THR F 212 55.46 39.83 -25.82
CA THR F 212 56.49 38.91 -25.34
C THR F 212 56.45 38.78 -23.82
N ASP F 213 56.21 39.89 -23.11
CA ASP F 213 56.19 39.86 -21.65
C ASP F 213 54.93 39.20 -21.11
N LEU F 214 53.93 38.93 -21.95
CA LEU F 214 52.73 38.25 -21.48
C LEU F 214 53.02 36.81 -21.08
N VAL F 215 53.87 36.13 -21.82
CA VAL F 215 54.18 34.73 -21.56
C VAL F 215 55.10 34.64 -20.35
N LYS F 216 54.71 33.82 -19.38
CA LYS F 216 55.48 33.61 -18.16
C LYS F 216 55.85 32.13 -18.03
N LYS F 217 56.66 31.83 -17.00
CA LYS F 217 57.02 30.45 -16.73
C LYS F 217 55.81 29.63 -16.29
N GLY F 218 54.93 30.23 -15.50
CA GLY F 218 53.75 29.57 -15.00
C GLY F 218 52.52 29.69 -15.88
N SER F 219 52.65 30.22 -17.09
CA SER F 219 51.51 30.36 -17.98
C SER F 219 50.97 29.01 -18.39
N ARG F 220 49.65 28.92 -18.53
CA ARG F 220 48.97 27.67 -18.86
C ARG F 220 48.26 27.81 -20.20
N PHE F 221 48.45 26.82 -21.07
CA PHE F 221 47.89 26.81 -22.41
C PHE F 221 46.82 25.74 -22.53
N TRP F 222 45.74 26.08 -23.24
CA TRP F 222 44.69 25.11 -23.55
C TRP F 222 44.23 25.31 -24.99
N ASN F 223 43.56 24.30 -25.52
CA ASN F 223 43.13 24.27 -26.91
C ASN F 223 41.63 24.49 -27.00
N VAL F 224 41.22 25.45 -27.83
CA VAL F 224 39.82 25.69 -28.13
C VAL F 224 39.65 25.40 -29.62
N SER F 225 39.08 24.25 -29.94
CA SER F 225 38.96 23.81 -31.33
C SER F 225 37.59 23.20 -31.57
N GLY F 226 37.01 23.51 -32.72
CA GLY F 226 35.72 22.97 -33.09
C GLY F 226 34.59 23.55 -32.26
N VAL F 227 33.45 22.88 -32.34
CA VAL F 227 32.25 23.26 -31.60
C VAL F 227 31.77 22.03 -30.83
N ASP F 228 31.54 22.20 -29.53
CA ASP F 228 31.03 21.14 -28.68
C ASP F 228 29.75 21.60 -28.00
N ALA F 229 28.76 20.71 -27.96
CA ALA F 229 27.47 20.97 -27.33
C ALA F 229 27.32 20.05 -26.13
N ASN F 230 27.06 20.63 -24.97
CA ASN F 230 26.91 19.89 -23.72
C ASN F 230 25.48 20.02 -23.23
N VAL F 231 24.87 18.90 -22.89
CA VAL F 231 23.50 18.87 -22.37
C VAL F 231 23.59 18.72 -20.85
N SER F 232 23.09 19.72 -20.13
CA SER F 232 23.12 19.74 -18.69
C SER F 232 21.74 19.38 -18.12
N ILE F 233 21.76 18.80 -16.93
CA ILE F 233 20.51 18.38 -16.28
C ILE F 233 19.75 19.62 -15.82
N SER F 234 18.41 19.51 -15.86
CA SER F 234 17.50 20.60 -15.48
C SER F 234 17.79 21.87 -16.27
N GLY F 235 17.98 21.71 -17.58
CA GLY F 235 18.28 22.84 -18.44
C GLY F 235 19.63 22.72 -19.13
N ALA F 236 19.63 22.71 -20.45
CA ALA F 236 20.84 22.58 -21.25
C ALA F 236 21.07 23.84 -22.04
N LYS F 237 22.30 24.36 -22.01
CA LYS F 237 22.67 25.57 -22.73
C LYS F 237 23.87 25.28 -23.61
N VAL F 238 23.77 25.65 -24.88
CA VAL F 238 24.87 25.52 -25.84
C VAL F 238 25.19 26.92 -26.36
N LYS F 239 26.44 27.34 -26.19
CA LYS F 239 26.87 28.67 -26.58
C LYS F 239 28.02 28.59 -27.55
N LEU F 240 27.96 29.41 -28.60
CA LEU F 240 29.03 29.53 -29.59
C LEU F 240 29.57 30.94 -29.55
N GLU F 241 30.88 31.07 -29.43
CA GLU F 241 31.53 32.38 -29.32
C GLU F 241 32.50 32.65 -30.45
N SER F 242 33.38 31.72 -30.77
CA SER F 242 34.43 31.92 -31.77
C SER F 242 34.13 31.05 -32.99
N LEU F 243 34.12 31.67 -34.16
CA LEU F 243 33.97 30.93 -35.41
C LEU F 243 35.30 30.55 -36.03
N ALA F 244 36.35 31.36 -35.81
CA ALA F 244 37.67 30.99 -36.27
C ALA F 244 38.16 29.71 -35.59
N ALA F 245 37.91 29.58 -34.28
CA ALA F 245 38.25 28.35 -33.58
C ALA F 245 37.38 27.19 -34.03
N LEU F 246 36.14 27.46 -34.45
CA LEU F 246 35.30 26.41 -35.00
C LEU F 246 35.86 25.89 -36.32
N VAL F 247 36.27 26.80 -37.20
CA VAL F 247 36.76 26.42 -38.53
C VAL F 247 38.13 25.78 -38.47
N ASN F 248 39.07 26.39 -37.75
CA ASN F 248 40.46 25.96 -37.77
C ASN F 248 41.04 25.61 -36.41
N GLY F 249 40.47 26.11 -35.32
CA GLY F 249 41.00 25.89 -33.99
C GLY F 249 41.91 27.03 -33.55
N ALA F 250 42.18 27.05 -32.24
CA ALA F 250 43.03 28.08 -31.67
C ALA F 250 43.56 27.60 -30.33
N ILE F 251 44.59 28.30 -29.85
CA ILE F 251 45.16 28.07 -28.55
C ILE F 251 44.93 29.32 -27.71
N ALA F 252 44.65 29.14 -26.42
CA ALA F 252 44.51 30.25 -25.50
C ALA F 252 45.43 30.01 -24.31
N PHE F 253 45.88 31.09 -23.68
CA PHE F 253 46.76 30.93 -22.53
C PHE F 253 46.43 31.95 -21.45
N ASP F 254 46.65 31.53 -20.21
CA ASP F 254 46.47 32.36 -19.03
C ASP F 254 47.82 32.58 -18.36
N SER F 255 48.10 33.83 -18.01
CA SER F 255 49.38 34.23 -17.44
C SER F 255 49.22 34.53 -15.95
N PRO F 256 49.99 33.90 -15.08
CA PRO F 256 49.91 34.22 -13.65
C PRO F 256 50.45 35.61 -13.36
N GLU F 257 49.96 36.20 -12.26
CA GLU F 257 50.33 37.56 -11.93
C GLU F 257 51.79 37.67 -11.50
N GLU F 258 52.29 36.72 -10.73
CA GLU F 258 53.64 36.78 -10.16
C GLU F 258 54.44 35.59 -10.67
N SER F 259 55.10 35.78 -11.82
CA SER F 259 55.98 34.77 -12.38
C SER F 259 57.02 35.44 -13.27
N LYS F 260 58.18 34.80 -13.37
CA LYS F 260 59.23 35.31 -14.24
C LYS F 260 58.85 35.08 -15.71
N PRO F 261 59.27 35.99 -16.60
CA PRO F 261 58.96 35.79 -18.02
C PRO F 261 59.71 34.60 -18.60
N ALA F 262 59.07 33.97 -19.60
CA ALA F 262 59.63 32.81 -20.28
C ALA F 262 60.24 33.23 -21.62
N GLU F 263 61.31 32.55 -21.99
CA GLU F 263 62.04 32.90 -23.21
C GLU F 263 62.87 31.70 -23.65
N ALA F 264 63.41 31.81 -24.87
CA ALA F 264 64.35 30.84 -25.44
C ALA F 264 63.74 29.44 -25.53
N GLU F 265 62.66 29.34 -26.31
CA GLU F 265 62.02 28.07 -26.65
C GLU F 265 61.59 27.31 -25.39
N ASP F 266 61.00 28.01 -24.43
CA ASP F 266 60.53 27.37 -23.22
C ASP F 266 59.35 26.45 -23.54
N THR F 267 59.39 25.24 -22.98
CA THR F 267 58.37 24.24 -23.23
C THR F 267 57.19 24.41 -22.27
N PHE F 268 56.01 24.04 -22.75
CA PHE F 268 54.79 24.13 -21.96
C PHE F 268 53.91 22.94 -22.29
N GLY F 269 52.97 22.66 -21.40
CA GLY F 269 52.01 21.57 -21.58
C GLY F 269 50.70 22.10 -22.11
N LEU F 270 50.25 21.53 -23.23
CA LEU F 270 49.01 21.94 -23.88
C LEU F 270 47.86 21.10 -23.33
N TYR F 271 47.09 21.68 -22.42
CA TYR F 271 45.91 21.02 -21.89
C TYR F 271 44.80 20.98 -22.94
N GLU F 272 43.96 19.95 -22.85
CA GLU F 272 42.91 19.77 -23.85
C GLU F 272 41.68 20.63 -23.59
N ASP F 273 41.56 21.24 -22.42
CA ASP F 273 40.38 22.04 -22.11
C ASP F 273 40.72 23.02 -21.00
N LEU F 274 39.88 24.05 -20.87
CA LEU F 274 40.05 25.02 -19.79
C LEU F 274 39.86 24.38 -18.43
N ALA F 275 38.90 23.46 -18.31
CA ALA F 275 38.69 22.75 -17.06
C ALA F 275 39.91 21.92 -16.69
N HIS F 276 40.53 21.27 -17.67
CA HIS F 276 41.77 20.54 -17.41
C HIS F 276 42.93 21.45 -17.09
N SER F 277 42.95 22.66 -17.64
CA SER F 277 44.01 23.62 -17.36
C SER F 277 43.75 24.45 -16.11
N GLN F 278 42.61 24.24 -15.44
CA GLN F 278 42.34 24.93 -14.18
C GLN F 278 43.37 24.55 -13.13
N ARG F 279 43.87 25.56 -12.42
CA ARG F 279 44.87 25.34 -11.39
C ARG F 279 44.25 24.71 -10.15
N GLY F 280 45.02 23.86 -9.47
CA GLY F 280 44.52 23.21 -8.29
C GLY F 280 45.60 22.38 -7.62
N VAL F 281 45.18 21.61 -6.62
CA VAL F 281 46.06 20.75 -5.85
C VAL F 281 45.59 19.32 -6.03
N ILE F 282 46.54 18.42 -6.29
CA ILE F 282 46.23 17.00 -6.52
C ILE F 282 46.11 16.29 -5.17
N ILE F 283 45.03 15.55 -5.00
CA ILE F 283 44.80 14.75 -3.80
C ILE F 283 44.56 13.31 -4.24
N LYS F 284 45.26 12.37 -3.62
CA LYS F 284 45.13 10.95 -3.92
C LYS F 284 44.05 10.33 -3.04
N LEU F 285 43.15 9.57 -3.65
CA LEU F 285 42.02 8.95 -2.97
C LEU F 285 42.08 7.45 -3.17
N GLU F 286 41.92 6.70 -2.08
CA GLU F 286 41.87 5.24 -2.13
C GLU F 286 40.38 4.85 -2.11
N LEU F 287 39.78 4.83 -3.29
CA LEU F 287 38.35 4.60 -3.40
C LEU F 287 38.03 3.12 -3.17
N PRO F 288 36.86 2.83 -2.59
CA PRO F 288 36.46 1.42 -2.49
C PRO F 288 36.07 0.81 -3.83
N SER F 289 35.32 1.55 -4.65
CA SER F 289 34.94 1.08 -5.98
C SER F 289 34.55 2.29 -6.83
N GLY F 290 34.59 2.09 -8.13
CA GLY F 290 34.22 3.15 -9.06
C GLY F 290 32.91 2.87 -9.78
N ALA F 291 31.92 2.36 -9.05
CA ALA F 291 30.65 1.97 -9.67
C ALA F 291 29.92 3.18 -10.24
N GLY F 292 29.90 4.29 -9.51
CA GLY F 292 29.19 5.46 -9.97
C GLY F 292 30.06 6.70 -10.04
N LEU F 293 31.36 6.52 -10.25
CA LEU F 293 32.31 7.61 -10.31
C LEU F 293 32.81 7.78 -11.74
N THR F 294 32.74 9.01 -12.25
CA THR F 294 33.14 9.34 -13.61
C THR F 294 34.26 10.37 -13.57
N ALA F 295 35.30 10.13 -14.36
CA ALA F 295 36.41 11.09 -14.44
C ALA F 295 35.95 12.41 -15.02
N ASP F 296 36.42 13.50 -14.43
CA ASP F 296 36.09 14.87 -14.82
C ASP F 296 34.60 15.17 -14.74
N SER F 297 33.85 14.38 -13.95
CA SER F 297 32.42 14.61 -13.80
C SER F 297 31.92 14.52 -12.36
N THR F 298 32.70 13.98 -11.43
CA THR F 298 32.26 13.83 -10.04
C THR F 298 32.82 14.97 -9.21
N PRO F 299 31.98 15.83 -8.64
CA PRO F 299 32.48 16.96 -7.85
C PRO F 299 32.70 16.60 -6.38
N LEU F 300 33.33 17.53 -5.68
CA LEU F 300 33.54 17.45 -4.23
C LEU F 300 32.76 18.59 -3.59
N MET F 301 31.61 18.28 -3.00
CA MET F 301 30.72 19.30 -2.44
C MET F 301 31.06 19.51 -0.97
N TYR F 302 31.37 20.76 -0.61
CA TYR F 302 31.56 21.18 0.77
C TYR F 302 30.61 22.33 1.03
N GLN F 303 29.76 22.17 2.06
CA GLN F 303 28.70 23.14 2.38
C GLN F 303 27.77 23.38 1.20
N GLY F 304 27.59 22.37 0.36
CA GLY F 304 26.73 22.45 -0.81
C GLY F 304 27.36 23.06 -2.03
N LEU F 305 28.61 23.51 -1.96
CA LEU F 305 29.28 24.18 -3.07
C LEU F 305 30.42 23.31 -3.58
N GLU F 306 30.59 23.28 -4.90
CA GLU F 306 31.62 22.46 -5.52
C GLU F 306 32.98 23.11 -5.33
N VAL F 307 33.88 22.42 -4.61
CA VAL F 307 35.23 22.90 -4.36
C VAL F 307 36.29 21.96 -4.92
N GLY F 308 35.91 20.82 -5.48
CA GLY F 308 36.86 19.86 -6.00
C GLY F 308 36.28 19.11 -7.18
N GLN F 309 37.14 18.36 -7.85
CA GLN F 309 36.73 17.61 -9.04
C GLN F 309 37.62 16.39 -9.18
N LEU F 310 37.03 15.20 -9.13
CA LEU F 310 37.78 13.96 -9.34
C LEU F 310 38.16 13.85 -10.81
N THR F 311 39.44 14.02 -11.12
CA THR F 311 39.90 14.08 -12.49
C THR F 311 40.48 12.78 -13.02
N LYS F 312 41.11 11.98 -12.15
CA LYS F 312 41.77 10.76 -12.59
C LYS F 312 41.21 9.56 -11.83
N LEU F 313 41.02 8.44 -12.54
CA LEU F 313 40.47 7.23 -11.96
C LEU F 313 41.17 6.03 -12.57
N ASP F 314 41.81 5.22 -11.73
CA ASP F 314 42.61 4.09 -12.19
C ASP F 314 42.29 2.85 -11.39
N LEU F 315 42.61 1.69 -11.97
CA LEU F 315 42.43 0.38 -11.35
C LEU F 315 43.80 -0.28 -11.26
N ASN F 316 44.48 -0.08 -10.13
CA ASN F 316 45.75 -0.74 -9.89
C ASN F 316 45.54 -2.24 -9.70
N PRO F 317 46.52 -3.06 -10.09
CA PRO F 317 46.35 -4.52 -10.02
C PRO F 317 46.13 -5.00 -8.60
N GLY F 318 45.39 -6.10 -8.48
CA GLY F 318 44.83 -6.52 -7.22
C GLY F 318 43.44 -5.98 -6.97
N GLY F 319 42.80 -5.39 -7.97
CA GLY F 319 41.49 -4.80 -7.80
C GLY F 319 41.46 -3.60 -6.90
N LYS F 320 42.44 -2.69 -7.03
CA LYS F 320 42.54 -1.53 -6.17
C LYS F 320 42.11 -0.29 -6.95
N VAL F 321 40.91 0.21 -6.66
CA VAL F 321 40.40 1.40 -7.34
C VAL F 321 40.98 2.64 -6.65
N THR F 322 41.74 3.43 -7.40
CA THR F 322 42.35 4.65 -6.87
C THR F 322 41.95 5.82 -7.75
N GLY F 323 42.15 7.03 -7.22
CA GLY F 323 41.80 8.22 -7.97
C GLY F 323 42.62 9.42 -7.56
N GLU F 324 42.55 10.45 -8.39
CA GLU F 324 43.18 11.73 -8.14
C GLU F 324 42.14 12.83 -8.36
N MET F 325 42.12 13.79 -7.44
CA MET F 325 41.12 14.85 -7.44
C MET F 325 41.82 16.20 -7.34
N THR F 326 41.41 17.14 -8.18
CA THR F 326 41.92 18.50 -8.12
C THR F 326 41.04 19.35 -7.22
N VAL F 327 41.65 20.01 -6.24
CA VAL F 327 40.92 20.85 -5.30
C VAL F 327 41.40 22.28 -5.46
N ASP F 328 40.47 23.23 -5.39
CA ASP F 328 40.81 24.63 -5.53
C ASP F 328 41.60 25.11 -4.30
N PRO F 329 42.41 26.16 -4.45
CA PRO F 329 43.31 26.56 -3.36
C PRO F 329 42.61 27.03 -2.09
N SER F 330 41.31 27.36 -2.16
CA SER F 330 40.63 27.91 -0.98
C SER F 330 40.49 26.87 0.13
N VAL F 331 40.28 25.60 -0.24
CA VAL F 331 40.01 24.56 0.74
C VAL F 331 41.24 23.70 1.03
N VAL F 332 42.43 24.16 0.65
CA VAL F 332 43.65 23.40 0.95
C VAL F 332 43.90 23.36 2.45
N THR F 333 43.66 24.47 3.15
CA THR F 333 43.86 24.51 4.59
C THR F 333 42.87 23.62 5.34
N LEU F 334 41.76 23.24 4.70
CA LEU F 334 40.79 22.34 5.30
C LEU F 334 41.16 20.87 5.16
N LEU F 335 42.23 20.56 4.43
CA LEU F 335 42.69 19.19 4.23
C LEU F 335 43.79 18.91 5.25
N ARG F 336 43.40 18.39 6.40
CA ARG F 336 44.33 18.08 7.48
C ARG F 336 44.16 16.65 7.96
N GLU F 337 44.76 16.32 9.10
CA GLU F 337 44.59 14.98 9.67
C GLU F 337 43.15 14.78 10.12
N ASN F 338 42.78 13.49 10.25
CA ASN F 338 41.43 13.01 10.54
C ASN F 338 40.35 13.78 9.78
N THR F 339 40.60 14.06 8.50
CA THR F 339 39.63 14.68 7.62
C THR F 339 39.03 13.59 6.75
N ARG F 340 37.70 13.47 6.77
CA ARG F 340 37.00 12.39 6.11
C ARG F 340 36.42 12.89 4.78
N ILE F 341 36.79 12.23 3.70
CA ILE F 341 36.22 12.48 2.37
C ILE F 341 35.45 11.22 2.00
N GLU F 342 34.13 11.26 2.18
CA GLU F 342 33.26 10.12 1.95
C GLU F 342 32.41 10.35 0.70
N LEU F 343 31.72 9.29 0.29
CA LEU F 343 30.84 9.33 -0.87
C LEU F 343 29.39 9.30 -0.42
N ARG F 344 28.57 10.15 -1.04
CA ARG F 344 27.15 10.28 -0.70
C ARG F 344 26.33 9.69 -1.83
N ASN F 345 25.53 8.68 -1.51
CA ASN F 345 24.63 8.10 -2.49
C ASN F 345 23.45 9.03 -2.74
N PRO F 346 22.95 9.08 -3.97
CA PRO F 346 21.78 9.93 -4.25
C PRO F 346 20.51 9.38 -3.66
N LYS F 347 20.00 10.01 -2.60
CA LYS F 347 18.81 9.57 -1.91
C LYS F 347 17.60 10.38 -2.36
N LEU F 348 16.44 9.73 -2.33
CA LEU F 348 15.17 10.35 -2.72
C LEU F 348 14.36 10.66 -1.47
N SER F 349 13.95 11.91 -1.32
CA SER F 349 13.14 12.35 -0.19
C SER F 349 11.76 12.75 -0.70
N LEU F 350 10.72 12.16 -0.12
CA LEU F 350 9.36 12.48 -0.54
C LEU F 350 8.97 13.90 -0.15
N SER F 351 9.39 14.34 1.04
CA SER F 351 9.05 15.69 1.49
C SER F 351 9.77 16.74 0.67
N ASP F 352 11.06 16.56 0.42
CA ASP F 352 11.89 17.50 -0.32
C ASP F 352 12.57 16.76 -1.46
N ALA F 353 11.89 16.67 -2.60
CA ALA F 353 12.45 15.99 -3.75
C ALA F 353 13.55 16.83 -4.38
N ASN F 354 14.69 16.20 -4.68
CA ASN F 354 15.84 16.86 -5.28
C ASN F 354 16.18 16.13 -6.58
N LEU F 355 15.56 16.57 -7.68
CA LEU F 355 15.80 15.93 -8.97
C LEU F 355 17.24 16.15 -9.44
N SER F 356 17.80 17.34 -9.19
CA SER F 356 19.19 17.59 -9.56
C SER F 356 20.14 16.68 -8.80
N ALA F 357 19.91 16.50 -7.50
CA ALA F 357 20.74 15.60 -6.70
C ALA F 357 20.56 14.16 -7.13
N LEU F 358 19.34 13.77 -7.53
CA LEU F 358 19.12 12.42 -8.04
C LEU F 358 19.87 12.20 -9.35
N LEU F 359 19.86 13.20 -10.23
CA LEU F 359 20.49 13.06 -11.53
C LEU F 359 22.02 13.12 -11.46
N THR F 360 22.57 13.88 -10.51
CA THR F 360 24.02 13.96 -10.39
C THR F 360 24.63 12.61 -10.01
N GLY F 361 23.99 11.90 -9.08
CA GLY F 361 24.46 10.59 -8.68
C GLY F 361 25.44 10.63 -7.52
N LYS F 362 26.55 9.90 -7.66
CA LYS F 362 27.56 9.89 -6.61
C LYS F 362 28.21 11.26 -6.47
N THR F 363 28.48 11.65 -5.22
CA THR F 363 29.03 12.97 -4.94
C THR F 363 29.87 12.89 -3.67
N PHE F 364 31.14 13.26 -3.77
CA PHE F 364 32.00 13.28 -2.59
C PHE F 364 31.64 14.43 -1.67
N GLU F 365 31.82 14.22 -0.38
CA GLU F 365 31.54 15.21 0.65
C GLU F 365 32.79 15.43 1.49
N LEU F 366 33.08 16.69 1.79
CA LEU F 366 34.28 17.07 2.56
C LEU F 366 33.87 17.38 3.99
N VAL F 367 34.47 16.67 4.94
CA VAL F 367 34.27 16.91 6.36
C VAL F 367 35.62 17.33 6.97
N PRO F 368 35.83 18.62 7.17
CA PRO F 368 37.15 19.09 7.61
C PRO F 368 37.49 18.63 9.02
N GLY F 369 38.79 18.51 9.27
CA GLY F 369 39.29 18.15 10.58
C GLY F 369 40.43 19.05 11.02
N ASP F 370 41.26 18.58 11.94
CA ASP F 370 42.40 19.36 12.43
C ASP F 370 43.62 18.47 12.52
N GLY F 371 44.80 19.07 12.41
CA GLY F 371 46.06 18.37 12.51
C GLY F 371 46.99 18.78 11.40
N GLU F 372 48.02 17.96 11.20
CA GLU F 372 48.98 18.21 10.14
C GLU F 372 48.32 18.03 8.77
N PRO F 373 48.52 18.95 7.84
CA PRO F 373 47.93 18.80 6.50
C PRO F 373 48.45 17.55 5.80
N ARG F 374 47.55 16.91 5.06
CA ARG F 374 47.86 15.69 4.34
C ARG F 374 47.27 15.76 2.94
N LYS F 375 47.90 15.04 2.01
CA LYS F 375 47.48 15.05 0.61
C LYS F 375 46.88 13.72 0.15
N GLU F 376 46.80 12.72 1.03
CA GLU F 376 46.25 11.42 0.69
C GLU F 376 45.15 11.07 1.67
N PHE F 377 44.04 10.53 1.15
CA PHE F 377 42.90 10.17 1.97
C PHE F 377 42.37 8.82 1.52
N VAL F 378 41.66 8.16 2.44
CA VAL F 378 41.00 6.88 2.18
C VAL F 378 39.50 7.13 2.25
N VAL F 379 38.80 6.87 1.15
CA VAL F 379 37.37 7.16 1.07
C VAL F 379 36.59 5.97 1.62
N VAL F 380 35.70 6.27 2.56
CA VAL F 380 34.83 5.25 3.15
C VAL F 380 33.39 5.56 2.76
N PRO F 381 32.52 4.55 2.64
CA PRO F 381 31.12 4.82 2.28
C PRO F 381 30.37 5.50 3.42
N GLY F 382 29.12 5.85 3.12
CA GLY F 382 28.27 6.46 4.14
C GLY F 382 27.93 5.51 5.27
N GLU F 383 27.96 4.19 5.00
CA GLU F 383 27.75 3.21 6.05
C GLU F 383 28.89 3.25 7.08
N LYS F 384 30.12 3.39 6.61
CA LYS F 384 31.29 3.46 7.49
C LYS F 384 31.67 4.88 7.87
N ALA F 385 30.90 5.88 7.42
CA ALA F 385 31.19 7.26 7.79
C ALA F 385 31.07 7.47 9.30
N LEU F 386 30.05 6.90 9.92
CA LEU F 386 29.91 7.00 11.37
C LEU F 386 31.02 6.21 12.08
N LEU F 387 31.40 5.07 11.52
CA LEU F 387 32.45 4.24 12.14
C LEU F 387 33.80 4.92 12.10
N HIS F 388 34.12 5.62 11.02
CA HIS F 388 35.43 6.24 10.84
C HIS F 388 35.53 7.64 11.42
N GLU F 389 34.56 8.06 12.24
CA GLU F 389 34.63 9.37 12.87
C GLU F 389 35.79 9.42 13.86
N PRO F 390 36.37 10.61 14.07
CA PRO F 390 37.49 10.72 15.03
C PRO F 390 37.11 10.29 16.44
N ASP F 391 35.89 10.57 16.87
CA ASP F 391 35.39 10.13 18.17
C ASP F 391 34.11 9.34 17.94
N VAL F 392 34.11 8.08 18.37
CA VAL F 392 32.95 7.20 18.21
C VAL F 392 33.12 6.03 19.16
N LEU F 393 32.03 5.61 19.80
CA LEU F 393 32.06 4.50 20.74
C LEU F 393 31.70 3.23 19.98
N THR F 394 32.70 2.38 19.74
CA THR F 394 32.51 1.12 19.04
C THR F 394 32.28 0.01 20.06
N LEU F 395 31.19 -0.73 19.88
CA LEU F 395 30.80 -1.78 20.82
C LEU F 395 30.48 -3.07 20.07
N THR F 396 30.70 -4.19 20.76
CA THR F 396 30.39 -5.52 20.23
C THR F 396 29.41 -6.21 21.17
N LEU F 397 28.36 -6.79 20.60
CA LEU F 397 27.36 -7.51 21.39
C LEU F 397 27.09 -8.86 20.77
N THR F 398 27.13 -9.90 21.59
CA THR F 398 26.86 -11.27 21.17
C THR F 398 25.44 -11.67 21.56
N ALA F 399 24.82 -12.49 20.71
CA ALA F 399 23.47 -12.98 20.91
C ALA F 399 23.36 -14.40 20.38
N PRO F 400 22.44 -15.20 20.91
CA PRO F 400 22.18 -16.52 20.31
C PRO F 400 21.42 -16.46 19.00
N GLU F 401 20.86 -15.31 18.64
CA GLU F 401 20.10 -15.17 17.40
C GLU F 401 20.22 -13.74 16.91
N SER F 402 19.96 -13.55 15.61
CA SER F 402 20.04 -12.20 15.05
C SER F 402 18.85 -11.34 15.45
N TYR F 403 17.71 -11.97 15.76
CA TYR F 403 16.47 -11.29 16.15
C TYR F 403 15.99 -10.32 15.07
N GLY F 404 16.29 -10.62 13.81
CA GLY F 404 15.84 -9.78 12.72
C GLY F 404 16.51 -8.43 12.65
N ILE F 405 17.73 -8.31 13.15
CA ILE F 405 18.47 -7.05 13.17
C ILE F 405 19.51 -7.10 12.05
N ASP F 406 19.41 -6.17 11.12
CA ASP F 406 20.33 -6.10 9.99
C ASP F 406 21.50 -5.18 10.33
N ALA F 407 22.32 -4.84 9.34
CA ALA F 407 23.48 -3.98 9.52
C ALA F 407 23.18 -2.52 9.22
N GLY F 408 21.92 -2.10 9.39
CA GLY F 408 21.55 -0.71 9.19
C GLY F 408 20.55 -0.22 10.21
N GLN F 409 20.22 -1.09 11.17
CA GLN F 409 19.26 -0.72 12.20
C GLN F 409 19.85 0.32 13.14
N PRO F 410 19.07 1.33 13.53
CA PRO F 410 19.59 2.38 14.41
C PRO F 410 19.36 2.07 15.89
N LEU F 411 20.36 2.40 16.70
CA LEU F 411 20.24 2.26 18.15
C LEU F 411 19.48 3.47 18.71
N ILE F 412 18.54 3.20 19.61
CA ILE F 412 17.64 4.21 20.14
C ILE F 412 17.82 4.28 21.66
N LEU F 413 18.06 5.49 22.17
CA LEU F 413 18.18 5.74 23.60
C LEU F 413 17.16 6.81 23.99
N HIS F 414 16.23 6.45 24.88
CA HIS F 414 15.18 7.35 25.37
C HIS F 414 14.36 7.92 24.21
N GLY F 415 14.09 7.10 23.20
CA GLY F 415 13.31 7.52 22.06
C GLY F 415 14.06 8.34 21.02
N VAL F 416 15.34 8.57 21.20
CA VAL F 416 16.16 9.37 20.29
C VAL F 416 17.29 8.51 19.78
N GLN F 417 17.47 8.49 18.46
CA GLN F 417 18.52 7.68 17.84
C GLN F 417 19.89 8.23 18.22
N VAL F 418 20.75 7.38 18.76
CA VAL F 418 22.08 7.76 19.21
C VAL F 418 23.18 6.95 18.55
N GLY F 419 22.84 5.91 17.80
CA GLY F 419 23.86 5.07 17.22
C GLY F 419 23.33 4.29 16.03
N GLN F 420 24.17 3.37 15.54
CA GLN F 420 23.84 2.59 14.36
C GLN F 420 24.63 1.29 14.37
N VAL F 421 23.95 0.20 13.98
CA VAL F 421 24.60 -1.10 13.87
C VAL F 421 25.47 -1.08 12.61
N ILE F 422 26.78 -1.01 12.78
CA ILE F 422 27.68 -0.94 11.64
C ILE F 422 27.67 -2.26 10.88
N ASP F 423 27.78 -3.38 11.58
CA ASP F 423 27.85 -4.65 10.87
C ASP F 423 27.36 -5.79 11.76
N ARG F 424 27.03 -6.90 11.10
CA ARG F 424 26.56 -8.12 11.74
C ARG F 424 27.32 -9.31 11.16
N LYS F 425 27.74 -10.22 12.05
CA LYS F 425 28.49 -11.41 11.64
C LYS F 425 27.89 -12.63 12.32
N LEU F 426 27.96 -13.77 11.62
CA LEU F 426 27.46 -15.04 12.13
C LEU F 426 28.62 -16.00 12.33
N THR F 427 28.75 -16.52 13.56
CA THR F 427 29.80 -17.48 13.87
C THR F 427 29.18 -18.74 14.46
N SER F 428 30.03 -19.67 14.91
CA SER F 428 29.52 -20.89 15.53
C SER F 428 28.83 -20.58 16.86
N LYS F 429 29.38 -19.65 17.64
CA LYS F 429 28.78 -19.32 18.92
C LYS F 429 27.41 -18.67 18.76
N GLY F 430 27.27 -17.76 17.80
CA GLY F 430 26.00 -17.08 17.59
C GLY F 430 26.08 -15.94 16.60
N VAL F 431 25.50 -14.80 16.93
CA VAL F 431 25.49 -13.62 16.08
C VAL F 431 26.16 -12.48 16.84
N THR F 432 27.15 -11.86 16.22
CA THR F 432 27.88 -10.73 16.81
C THR F 432 27.55 -9.48 16.04
N PHE F 433 27.02 -8.47 16.73
CA PHE F 433 26.71 -7.17 16.15
C PHE F 433 27.78 -6.18 16.60
N THR F 434 28.41 -5.53 15.62
CA THR F 434 29.31 -4.41 15.89
C THR F 434 28.54 -3.12 15.62
N VAL F 435 28.46 -2.26 16.64
CA VAL F 435 27.64 -1.06 16.59
C VAL F 435 28.51 0.14 16.95
N ALA F 436 28.04 1.32 16.54
CA ALA F 436 28.73 2.57 16.80
C ALA F 436 27.79 3.55 17.46
N ILE F 437 28.33 4.33 18.39
CA ILE F 437 27.59 5.35 19.13
C ILE F 437 28.25 6.69 18.87
N GLU F 438 27.43 7.70 18.52
CA GLU F 438 27.94 9.01 18.19
C GLU F 438 28.60 9.67 19.39
N PRO F 439 29.61 10.51 19.17
CA PRO F 439 30.28 11.17 20.30
C PRO F 439 29.40 12.12 21.07
N GLN F 440 28.30 12.60 20.48
CA GLN F 440 27.40 13.51 21.19
C GLN F 440 26.73 12.80 22.37
N HIS F 441 26.35 11.53 22.18
CA HIS F 441 25.65 10.76 23.20
C HIS F 441 26.54 9.67 23.81
N ARG F 442 27.86 9.77 23.62
CA ARG F 442 28.77 8.76 24.15
C ARG F 442 28.77 8.76 25.68
N GLU F 443 28.71 9.94 26.29
CA GLU F 443 28.73 10.04 27.75
C GLU F 443 27.46 9.50 28.38
N LEU F 444 26.34 9.49 27.66
CA LEU F 444 25.08 9.02 28.22
C LEU F 444 25.04 7.51 28.40
N VAL F 445 25.95 6.77 27.76
CA VAL F 445 25.95 5.32 27.90
C VAL F 445 26.34 4.91 29.32
N LYS F 446 27.33 5.60 29.90
CA LYS F 446 27.82 5.45 31.27
C LYS F 446 28.55 4.13 31.51
N GLY F 447 28.64 3.25 30.52
CA GLY F 447 29.41 2.04 30.64
C GLY F 447 28.72 0.86 31.31
N ASP F 448 27.47 1.04 31.76
CA ASP F 448 26.69 -0.01 32.39
C ASP F 448 25.34 -0.15 31.68
N SER F 449 25.38 -0.23 30.36
CA SER F 449 24.18 -0.22 29.55
C SER F 449 23.66 -1.64 29.31
N LYS F 450 22.33 -1.74 29.25
CA LYS F 450 21.64 -2.98 28.94
C LYS F 450 20.99 -2.85 27.57
N PHE F 451 21.30 -3.79 26.69
CA PHE F 451 20.86 -3.75 25.29
C PHE F 451 19.68 -4.69 25.10
N VAL F 452 18.58 -4.17 24.56
CA VAL F 452 17.34 -4.91 24.39
C VAL F 452 16.99 -4.93 22.91
N VAL F 453 16.49 -6.06 22.43
CA VAL F 453 16.02 -6.14 21.05
C VAL F 453 14.77 -5.29 20.90
N ASN F 454 14.88 -4.21 20.12
CA ASN F 454 13.76 -3.31 19.86
C ASN F 454 13.11 -3.64 18.51
N SER F 455 13.28 -4.87 18.05
CA SER F 455 12.75 -5.32 16.77
C SER F 455 11.60 -6.30 16.89
N ARG F 456 11.58 -7.10 17.95
CA ARG F 456 10.52 -8.09 18.14
C ARG F 456 9.41 -7.53 19.03
N VAL F 457 8.22 -8.09 18.87
CA VAL F 457 7.02 -7.65 19.58
C VAL F 457 6.43 -8.86 20.31
N ASP F 458 6.07 -8.65 21.57
CA ASP F 458 5.47 -9.69 22.40
C ASP F 458 4.03 -9.28 22.73
N VAL F 459 3.08 -10.15 22.42
CA VAL F 459 1.67 -9.90 22.64
C VAL F 459 1.11 -10.97 23.57
N LYS F 460 0.46 -10.53 24.66
CA LYS F 460 -0.23 -11.42 25.57
C LYS F 460 -1.62 -10.88 25.83
N VAL F 461 -2.62 -11.75 25.70
CA VAL F 461 -4.02 -11.36 25.85
C VAL F 461 -4.71 -12.29 26.83
N GLY F 462 -5.51 -11.71 27.73
CA GLY F 462 -6.30 -12.50 28.64
C GLY F 462 -7.64 -11.85 28.94
N LEU F 463 -8.26 -12.25 30.05
CA LEU F 463 -9.55 -11.68 30.43
C LEU F 463 -9.44 -10.19 30.76
N ASP F 464 -8.38 -9.80 31.47
CA ASP F 464 -8.19 -8.40 31.82
C ASP F 464 -6.78 -7.94 31.50
N GLY F 465 -5.83 -8.88 31.48
CA GLY F 465 -4.45 -8.55 31.23
C GLY F 465 -4.09 -8.54 29.75
N VAL F 466 -3.78 -7.36 29.23
CA VAL F 466 -3.32 -7.21 27.85
C VAL F 466 -1.95 -6.54 27.89
N GLU F 467 -0.94 -7.22 27.36
CA GLU F 467 0.43 -6.73 27.35
C GLU F 467 0.95 -6.70 25.92
N PHE F 468 1.44 -5.54 25.50
CA PHE F 468 2.08 -5.35 24.20
C PHE F 468 3.48 -4.82 24.46
N LEU F 469 4.41 -5.74 24.68
CA LEU F 469 5.76 -5.41 25.10
C LEU F 469 6.74 -5.68 23.96
N GLY F 470 8.03 -5.48 24.25
CA GLY F 470 9.07 -5.65 23.25
C GLY F 470 9.29 -4.39 22.45
N ALA F 471 8.29 -4.01 21.65
CA ALA F 471 8.38 -2.80 20.84
C ALA F 471 6.97 -2.34 20.48
N SER F 472 6.81 -1.05 20.25
CA SER F 472 5.55 -0.49 19.78
C SER F 472 5.49 -0.64 18.26
N ALA F 473 4.51 -0.01 17.62
CA ALA F 473 4.42 -0.09 16.16
C ALA F 473 5.54 0.71 15.50
N SER F 474 5.75 1.95 15.96
CA SER F 474 6.86 2.74 15.45
C SER F 474 8.20 2.12 15.80
N GLU F 475 8.32 1.60 17.02
CA GLU F 475 9.56 0.91 17.40
C GLU F 475 9.79 -0.33 16.56
N TRP F 476 8.73 -1.01 16.13
CA TRP F 476 8.88 -2.19 15.29
C TRP F 476 9.26 -1.81 13.86
N ILE F 477 8.64 -0.77 13.31
CA ILE F 477 9.01 -0.35 11.95
C ILE F 477 10.39 0.29 11.92
N ASN F 478 10.89 0.77 13.06
CA ASN F 478 12.25 1.30 13.09
C ASN F 478 13.27 0.19 13.32
N GLY F 479 13.05 -0.65 14.32
CA GLY F 479 13.98 -1.72 14.64
C GLY F 479 15.20 -1.21 15.41
N GLY F 480 16.05 -2.16 15.79
CA GLY F 480 17.29 -1.81 16.44
C GLY F 480 17.44 -2.29 17.87
N ILE F 481 18.20 -1.56 18.66
CA ILE F 481 18.53 -1.94 20.03
C ILE F 481 18.18 -0.79 20.95
N ARG F 482 17.30 -1.05 21.91
CA ARG F 482 16.94 -0.07 22.93
C ARG F 482 17.99 -0.06 24.03
N ILE F 483 18.22 1.11 24.61
CA ILE F 483 19.28 1.34 25.60
C ILE F 483 18.63 1.78 26.90
N LEU F 484 19.01 1.14 28.00
CA LEU F 484 18.54 1.52 29.33
C LEU F 484 19.70 2.06 30.14
N PRO F 485 19.78 3.38 30.36
CA PRO F 485 20.93 3.94 31.07
C PRO F 485 20.90 3.64 32.56
N GLY F 486 22.10 3.61 33.15
CA GLY F 486 22.24 3.45 34.59
C GLY F 486 22.75 4.69 35.26
N ASP F 487 23.71 4.53 36.18
CA ASP F 487 24.27 5.67 36.91
C ASP F 487 25.78 5.78 36.80
N LYS F 488 26.50 4.66 36.79
CA LYS F 488 27.95 4.70 36.76
C LYS F 488 28.49 3.39 36.21
N GLY F 489 29.59 3.46 35.46
CA GLY F 489 30.22 2.28 34.91
C GLY F 489 31.61 2.61 34.42
N GLU F 490 32.35 1.56 34.09
CA GLU F 490 33.74 1.67 33.66
C GLU F 490 33.92 1.54 32.15
N MET F 491 32.82 1.48 31.39
CA MET F 491 32.85 1.39 29.92
C MET F 491 33.63 0.15 29.46
N LYS F 492 33.07 -1.01 29.81
CA LYS F 492 33.67 -2.28 29.42
C LYS F 492 33.55 -2.48 27.91
N ALA F 493 34.40 -3.37 27.39
CA ALA F 493 34.51 -3.53 25.94
C ALA F 493 33.26 -4.18 25.35
N SER F 494 32.76 -5.25 25.98
CA SER F 494 31.67 -6.03 25.42
C SER F 494 30.47 -6.02 26.36
N TYR F 495 29.28 -6.05 25.76
CA TYR F 495 28.03 -6.08 26.52
C TYR F 495 27.15 -7.19 26.00
N PRO F 496 26.38 -7.84 26.87
CA PRO F 496 25.43 -8.85 26.42
C PRO F 496 24.15 -8.22 25.89
N LEU F 497 23.52 -8.92 24.95
CA LEU F 497 22.25 -8.49 24.37
C LEU F 497 21.14 -9.36 24.95
N TYR F 498 20.27 -8.75 25.75
CA TYR F 498 19.16 -9.46 26.37
C TYR F 498 17.99 -9.55 25.39
N ALA F 499 17.15 -10.57 25.60
CA ALA F 499 16.02 -10.80 24.70
C ALA F 499 14.92 -9.78 24.92
N ASN F 500 14.61 -9.46 26.17
CA ASN F 500 13.53 -8.53 26.48
C ASN F 500 13.83 -7.80 27.77
N LEU F 501 12.91 -6.91 28.16
CA LEU F 501 13.12 -6.08 29.34
C LEU F 501 13.15 -6.91 30.62
N GLU F 502 12.34 -7.98 30.68
CA GLU F 502 12.33 -8.83 31.87
C GLU F 502 13.68 -9.50 32.09
N LYS F 503 14.25 -10.08 31.02
CA LYS F 503 15.56 -10.68 31.13
C LYS F 503 16.65 -9.64 31.37
N ALA F 504 16.51 -8.45 30.80
CA ALA F 504 17.48 -7.39 31.05
C ALA F 504 17.49 -6.98 32.52
N LEU F 505 16.30 -6.89 33.13
CA LEU F 505 16.23 -6.55 34.54
C LEU F 505 16.71 -7.69 35.42
N GLU F 506 16.39 -8.93 35.06
CA GLU F 506 16.79 -10.08 35.87
C GLU F 506 18.25 -10.48 35.66
N ASN F 507 18.93 -9.90 34.67
CA ASN F 507 20.33 -10.19 34.38
C ASN F 507 20.54 -11.69 34.10
N SER F 508 19.58 -12.30 33.41
CA SER F 508 19.62 -13.71 33.07
C SER F 508 19.87 -13.84 31.57
N LEU F 509 21.04 -14.39 31.21
CA LEU F 509 21.35 -14.58 29.80
C LEU F 509 20.55 -15.75 29.21
N SER F 510 20.44 -16.84 29.96
CA SER F 510 19.69 -18.00 29.51
C SER F 510 18.19 -17.75 29.63
N ASP F 511 17.41 -18.50 28.85
CA ASP F 511 15.96 -18.37 28.89
C ASP F 511 15.40 -18.85 30.21
N LEU F 512 15.80 -20.04 30.65
CA LEU F 512 15.31 -20.57 31.92
C LEU F 512 16.03 -19.89 33.09
N PRO F 513 15.34 -19.64 34.19
CA PRO F 513 15.98 -19.03 35.36
C PRO F 513 16.89 -20.04 36.06
N THR F 514 17.70 -19.50 36.97
CA THR F 514 18.59 -20.35 37.76
C THR F 514 17.81 -21.13 38.80
N THR F 515 18.23 -22.38 39.03
CA THR F 515 17.57 -23.24 40.00
C THR F 515 18.00 -22.84 41.40
N THR F 516 17.04 -22.54 42.27
CA THR F 516 17.30 -22.13 43.64
C THR F 516 16.73 -23.08 44.67
N VAL F 517 15.56 -23.66 44.42
CA VAL F 517 14.88 -24.53 45.37
C VAL F 517 14.66 -25.88 44.70
N SER F 518 15.01 -26.96 45.39
CA SER F 518 14.79 -28.32 44.91
C SER F 518 13.89 -29.06 45.89
N LEU F 519 12.82 -29.66 45.36
CA LEU F 519 11.85 -30.39 46.17
C LEU F 519 11.66 -31.78 45.60
N SER F 520 11.28 -32.72 46.47
CA SER F 520 10.99 -34.09 46.07
C SER F 520 9.58 -34.45 46.46
N ALA F 521 8.85 -35.07 45.55
CA ALA F 521 7.46 -35.45 45.81
C ALA F 521 7.15 -36.78 45.15
N GLU F 522 6.63 -37.73 45.92
CA GLU F 522 6.26 -39.02 45.35
C GLU F 522 5.13 -38.87 44.33
N THR F 523 4.14 -38.04 44.63
CA THR F 523 3.05 -37.73 43.71
C THR F 523 3.04 -36.22 43.45
N LEU F 524 2.47 -35.85 42.30
CA LEU F 524 2.41 -34.44 41.93
C LEU F 524 1.02 -33.90 42.21
N PRO F 525 0.83 -33.07 43.24
CA PRO F 525 -0.51 -32.56 43.57
C PRO F 525 -0.85 -31.27 42.81
N ASP F 526 -1.05 -31.41 41.50
CA ASP F 526 -1.46 -30.31 40.62
C ASP F 526 -0.44 -29.16 40.68
N VAL F 527 0.77 -29.48 40.21
CA VAL F 527 1.86 -28.50 40.22
C VAL F 527 2.17 -28.05 38.81
N GLN F 528 2.67 -28.98 37.98
CA GLN F 528 3.06 -28.77 36.59
C GLN F 528 4.14 -27.70 36.42
N ALA F 529 4.72 -27.60 35.24
CA ALA F 529 5.74 -26.58 35.00
C ALA F 529 5.11 -25.19 34.95
N GLY F 530 5.78 -24.23 35.58
CA GLY F 530 5.32 -22.85 35.56
C GLY F 530 4.38 -22.47 36.67
N SER F 531 4.30 -23.25 37.74
CA SER F 531 3.39 -22.93 38.84
C SER F 531 3.90 -21.74 39.64
N VAL F 532 2.99 -21.13 40.40
CA VAL F 532 3.30 -19.92 41.15
C VAL F 532 3.72 -20.29 42.56
N VAL F 533 4.84 -19.75 43.00
CA VAL F 533 5.36 -19.97 44.35
C VAL F 533 4.95 -18.78 45.20
N LEU F 534 4.43 -19.06 46.39
CA LEU F 534 3.81 -18.07 47.25
C LEU F 534 4.43 -18.10 48.65
N TYR F 535 4.57 -16.92 49.24
CA TYR F 535 4.95 -16.76 50.64
C TYR F 535 3.78 -16.08 51.33
N ARG F 536 2.95 -16.88 52.01
CA ARG F 536 1.70 -16.41 52.62
C ARG F 536 0.82 -15.71 51.58
N LYS F 537 0.62 -16.40 50.45
CA LYS F 537 -0.22 -15.93 49.34
C LYS F 537 0.30 -14.62 48.76
N PHE F 538 1.58 -14.60 48.42
CA PHE F 538 2.20 -13.47 47.74
C PHE F 538 3.19 -14.01 46.71
N GLU F 539 3.15 -13.45 45.50
CA GLU F 539 3.94 -13.96 44.39
C GLU F 539 5.43 -13.76 44.68
N VAL F 540 6.13 -14.85 44.97
CA VAL F 540 7.57 -14.85 45.21
C VAL F 540 8.14 -16.01 44.41
N GLY F 541 8.74 -15.73 43.26
CA GLY F 541 9.35 -16.75 42.45
C GLY F 541 8.36 -17.54 41.62
N GLU F 542 8.90 -18.57 40.95
CA GLU F 542 8.10 -19.39 40.05
C GLU F 542 8.77 -20.75 39.90
N VAL F 543 7.96 -21.78 39.68
CA VAL F 543 8.48 -23.13 39.49
C VAL F 543 9.07 -23.24 38.09
N ILE F 544 10.38 -23.50 38.01
CA ILE F 544 11.03 -23.68 36.72
C ILE F 544 10.53 -24.96 36.06
N THR F 545 10.75 -26.10 36.70
CA THR F 545 10.51 -27.36 36.00
C THR F 545 10.21 -28.49 36.99
N VAL F 546 9.65 -29.57 36.45
CA VAL F 546 9.43 -30.82 37.18
C VAL F 546 10.00 -31.95 36.35
N ARG F 547 10.84 -32.78 36.97
CA ARG F 547 11.49 -33.89 36.30
C ARG F 547 11.15 -35.20 36.98
N PRO F 548 10.69 -36.22 36.25
CA PRO F 548 10.37 -37.50 36.87
C PRO F 548 11.63 -38.32 37.14
N ARG F 549 11.84 -38.68 38.40
CA ARG F 549 12.96 -39.51 38.81
C ARG F 549 12.55 -40.98 38.71
N ALA F 550 13.34 -41.87 39.31
CA ALA F 550 13.03 -43.31 39.26
C ALA F 550 11.70 -43.62 39.95
N ASN F 551 11.45 -43.01 41.11
CA ASN F 551 10.22 -43.28 41.85
C ASN F 551 9.56 -42.04 42.42
N ALA F 552 9.97 -40.85 42.01
CA ALA F 552 9.41 -39.62 42.55
C ALA F 552 9.49 -38.54 41.48
N PHE F 553 9.33 -37.29 41.89
CA PHE F 553 9.47 -36.13 41.01
C PHE F 553 10.30 -35.08 41.71
N ASP F 554 11.31 -34.56 41.00
CA ASP F 554 12.16 -33.49 41.50
C ASP F 554 11.69 -32.17 40.86
N ILE F 555 11.32 -31.22 41.70
CA ILE F 555 10.78 -29.94 41.27
C ILE F 555 11.84 -28.88 41.52
N ASP F 556 12.22 -28.18 40.45
CA ASP F 556 13.16 -27.08 40.52
C ASP F 556 12.38 -25.75 40.43
N LEU F 557 12.68 -24.84 41.36
CA LEU F 557 11.98 -23.57 41.50
C LEU F 557 13.01 -22.45 41.58
N HIS F 558 12.61 -21.27 41.09
CA HIS F 558 13.45 -20.08 41.12
C HIS F 558 12.82 -19.03 42.02
N ILE F 559 13.66 -18.33 42.78
CA ILE F 559 13.24 -17.23 43.63
C ILE F 559 14.11 -16.02 43.33
N LYS F 560 13.58 -14.84 43.61
CA LYS F 560 14.30 -13.61 43.36
C LYS F 560 15.48 -13.46 44.32
N PRO F 561 16.57 -12.83 43.88
CA PRO F 561 17.69 -12.56 44.80
C PRO F 561 17.30 -11.69 45.98
N GLU F 562 16.38 -10.74 45.78
CA GLU F 562 15.94 -9.91 46.89
C GLU F 562 15.10 -10.71 47.89
N TYR F 563 14.45 -11.78 47.43
CA TYR F 563 13.60 -12.60 48.28
C TYR F 563 14.26 -13.91 48.68
N ARG F 564 15.55 -14.09 48.36
CA ARG F 564 16.26 -15.28 48.78
C ARG F 564 16.35 -15.39 50.30
N ASN F 565 16.33 -14.25 51.00
CA ASN F 565 16.40 -14.25 52.46
C ASN F 565 15.06 -14.58 53.10
N LEU F 566 13.97 -14.62 52.33
CA LEU F 566 12.66 -14.93 52.89
C LEU F 566 12.54 -16.37 53.36
N LEU F 567 13.40 -17.27 52.87
CA LEU F 567 13.41 -18.65 53.30
C LEU F 567 14.73 -18.96 54.00
N THR F 568 14.68 -19.93 54.91
CA THR F 568 15.83 -20.29 55.72
C THR F 568 15.90 -21.82 55.75
N SER F 569 16.77 -22.36 56.61
CA SER F 569 16.91 -23.81 56.72
C SER F 569 15.62 -24.46 57.19
N ASN F 570 14.92 -23.85 58.14
CA ASN F 570 13.66 -24.36 58.64
C ASN F 570 12.53 -23.76 57.81
N SER F 571 12.10 -24.49 56.78
CA SER F 571 11.04 -24.05 55.90
C SER F 571 10.24 -25.25 55.43
N VAL F 572 8.96 -25.02 55.14
CA VAL F 572 8.05 -26.07 54.70
C VAL F 572 7.31 -25.59 53.45
N PHE F 573 7.07 -26.52 52.53
CA PHE F 573 6.37 -26.26 51.29
C PHE F 573 5.11 -27.13 51.23
N TRP F 574 4.01 -26.55 50.74
CA TRP F 574 2.79 -27.31 50.52
C TRP F 574 2.13 -26.82 49.24
N ALA F 575 1.22 -27.64 48.72
CA ALA F 575 0.51 -27.33 47.49
C ALA F 575 -0.88 -26.82 47.81
N GLU F 576 -1.15 -25.57 47.44
CA GLU F 576 -2.50 -25.00 47.54
C GLU F 576 -3.28 -25.39 46.30
N GLY F 577 -2.92 -24.55 45.12
CA GLY F 577 -3.73 -24.29 43.94
C GLY F 577 -4.58 -25.35 43.28
N GLY F 578 -5.70 -24.85 42.77
CA GLY F 578 -6.83 -25.62 42.28
C GLY F 578 -8.03 -24.73 42.52
N ALA F 579 -8.96 -24.67 41.57
CA ALA F 579 -10.05 -23.69 41.63
C ALA F 579 -10.98 -24.07 42.77
N LYS F 580 -10.83 -23.40 43.91
CA LYS F 580 -11.49 -23.78 45.15
C LYS F 580 -12.65 -22.83 45.42
N VAL F 581 -13.86 -23.38 45.48
CA VAL F 581 -15.07 -22.64 45.80
C VAL F 581 -15.61 -23.23 47.09
N GLN F 582 -15.32 -22.58 48.21
CA GLN F 582 -15.66 -23.08 49.53
C GLN F 582 -16.91 -22.39 50.05
N LEU F 583 -17.91 -23.18 50.44
CA LEU F 583 -19.17 -22.68 50.98
C LEU F 583 -19.29 -23.09 52.44
N ASN F 584 -19.56 -22.12 53.30
CA ASN F 584 -19.70 -22.39 54.73
C ASN F 584 -20.56 -21.29 55.34
N GLY F 585 -20.68 -21.31 56.67
CA GLY F 585 -21.47 -20.29 57.36
C GLY F 585 -20.94 -18.89 57.17
N SER F 586 -19.62 -18.76 57.02
CA SER F 586 -19.02 -17.45 56.72
C SER F 586 -19.39 -16.96 55.34
N GLY F 587 -19.78 -17.85 54.43
CA GLY F 587 -20.16 -17.44 53.10
C GLY F 587 -19.49 -18.27 52.01
N LEU F 588 -19.25 -17.64 50.85
CA LEU F 588 -18.62 -18.29 49.72
C LEU F 588 -17.27 -17.64 49.45
N THR F 589 -16.22 -18.45 49.35
CA THR F 589 -14.87 -17.97 49.05
C THR F 589 -14.38 -18.66 47.79
N VAL F 590 -13.92 -17.85 46.83
CA VAL F 590 -13.34 -18.34 45.59
C VAL F 590 -11.85 -18.03 45.62
N GLN F 591 -11.03 -19.05 45.41
CA GLN F 591 -9.58 -18.93 45.54
C GLN F 591 -8.88 -19.00 44.18
N ALA F 592 -9.46 -18.33 43.18
CA ALA F 592 -8.85 -18.20 41.85
C ALA F 592 -8.48 -16.75 41.55
N SER F 593 -8.07 -16.00 42.57
CA SER F 593 -7.77 -14.59 42.39
C SER F 593 -6.60 -14.30 41.44
N PRO F 594 -5.42 -14.94 41.56
CA PRO F 594 -4.28 -14.52 40.71
C PRO F 594 -4.44 -14.87 39.24
N LEU F 595 -5.45 -15.66 38.87
CA LEU F 595 -5.78 -16.07 37.51
C LEU F 595 -4.75 -17.02 36.91
N SER F 596 -3.65 -17.30 37.61
CA SER F 596 -2.70 -18.33 37.20
C SER F 596 -2.75 -19.56 38.08
N ARG F 597 -3.28 -19.44 39.30
CA ARG F 597 -3.43 -20.59 40.18
C ARG F 597 -4.42 -21.60 39.61
N ALA F 598 -5.54 -21.11 39.06
CA ALA F 598 -6.56 -22.00 38.52
C ALA F 598 -6.12 -22.69 37.24
N LEU F 599 -5.07 -22.20 36.58
CA LEU F 599 -4.59 -22.79 35.34
C LEU F 599 -3.35 -23.65 35.51
N LYS F 600 -2.39 -23.21 36.35
CA LYS F 600 -1.14 -23.91 36.54
C LYS F 600 -0.99 -24.50 37.94
N GLY F 601 -1.07 -23.68 38.96
CA GLY F 601 -0.97 -24.15 40.34
C GLY F 601 -0.16 -23.20 41.20
N ALA F 602 -0.36 -23.37 42.51
CA ALA F 602 0.31 -22.55 43.51
C ALA F 602 0.93 -23.45 44.58
N ILE F 603 2.15 -23.11 44.97
CA ILE F 603 2.87 -23.82 46.02
C ILE F 603 3.26 -22.80 47.08
N SER F 604 2.75 -22.97 48.29
CA SER F 604 2.98 -22.02 49.37
C SER F 604 3.98 -22.59 50.38
N PHE F 605 4.88 -21.73 50.84
CA PHE F 605 5.91 -22.16 51.78
C PHE F 605 5.92 -21.21 52.98
N ASP F 606 6.32 -21.78 54.17
CA ASP F 606 6.39 -21.05 55.43
C ASP F 606 7.51 -21.65 56.28
N ASN F 607 7.72 -21.04 57.45
CA ASN F 607 8.75 -21.48 58.39
C ASN F 607 8.07 -21.95 59.67
N LEU F 608 8.43 -23.15 60.12
CA LEU F 608 7.90 -23.74 61.34
C LEU F 608 9.04 -24.07 62.29
N SER F 609 8.67 -24.40 63.53
CA SER F 609 9.65 -24.78 64.55
C SER F 609 9.99 -26.25 64.52
N GLY F 610 9.01 -27.10 64.22
CA GLY F 610 9.20 -28.53 64.13
C GLY F 610 9.66 -29.02 62.76
N ALA F 611 9.96 -28.12 61.83
CA ALA F 611 10.39 -28.50 60.50
C ALA F 611 11.83 -29.00 60.45
N SER F 612 12.57 -28.90 61.56
CA SER F 612 13.93 -29.41 61.59
C SER F 612 13.96 -30.92 61.38
N ALA F 613 13.02 -31.64 62.00
CA ALA F 613 12.94 -33.09 61.80
C ALA F 613 12.59 -33.43 60.37
N SER F 614 11.69 -32.65 59.75
CA SER F 614 11.35 -32.86 58.35
C SER F 614 12.55 -32.62 57.44
N GLN F 615 13.35 -31.60 57.76
CA GLN F 615 14.58 -31.35 57.00
C GLN F 615 15.57 -32.49 57.17
N ARG F 616 15.71 -33.01 58.40
CA ARG F 616 16.63 -34.10 58.64
C ARG F 616 16.22 -35.37 57.91
N LYS F 617 14.93 -35.71 57.94
CA LYS F 617 14.47 -36.92 57.27
C LYS F 617 14.44 -36.70 55.75
N GLY F 618 14.77 -37.75 55.01
CA GLY F 618 14.81 -37.68 53.56
C GLY F 618 16.08 -37.01 53.06
N ASP F 619 16.23 -37.05 51.73
CA ASP F 619 17.38 -36.41 51.10
C ASP F 619 17.32 -34.91 51.22
N LYS F 620 16.14 -34.32 51.04
CA LYS F 620 15.97 -32.87 51.08
C LYS F 620 14.51 -32.58 51.44
N ARG F 621 14.09 -31.33 51.23
CA ARG F 621 12.72 -30.94 51.56
C ARG F 621 11.72 -31.70 50.70
N ILE F 622 10.59 -32.07 51.31
CA ILE F 622 9.57 -32.86 50.66
C ILE F 622 8.29 -32.05 50.58
N LEU F 623 7.76 -31.91 49.36
CA LEU F 623 6.49 -31.23 49.17
C LEU F 623 5.35 -32.04 49.76
N TYR F 624 4.43 -31.35 50.45
CA TYR F 624 3.28 -31.97 51.08
C TYR F 624 2.03 -31.68 50.25
N ALA F 625 1.12 -32.65 50.20
CA ALA F 625 -0.09 -32.52 49.41
C ALA F 625 -1.15 -31.64 50.05
N SER F 626 -0.97 -31.27 51.32
CA SER F 626 -1.96 -30.45 52.00
C SER F 626 -1.28 -29.56 53.03
N GLU F 627 -1.94 -28.44 53.34
CA GLU F 627 -1.42 -27.53 54.35
C GLU F 627 -1.36 -28.18 55.72
N THR F 628 -2.38 -28.97 56.06
CA THR F 628 -2.37 -29.71 57.33
C THR F 628 -1.22 -30.71 57.37
N ALA F 629 -0.97 -31.41 56.25
CA ALA F 629 0.14 -32.33 56.19
C ALA F 629 1.49 -31.61 56.35
N ALA F 630 1.61 -30.43 55.75
CA ALA F 630 2.84 -29.66 55.92
C ALA F 630 3.02 -29.19 57.35
N ARG F 631 1.93 -28.74 57.99
CA ARG F 631 1.98 -28.28 59.37
C ARG F 631 2.08 -29.42 60.37
N ALA F 632 1.89 -30.67 59.94
CA ALA F 632 1.94 -31.83 60.83
C ALA F 632 3.40 -32.15 61.13
N VAL F 633 3.94 -31.50 62.17
CA VAL F 633 5.30 -31.72 62.62
C VAL F 633 5.30 -31.87 64.14
N GLY F 634 6.38 -32.45 64.66
CA GLY F 634 6.52 -32.62 66.09
C GLY F 634 6.81 -34.05 66.52
N GLY F 635 6.38 -34.40 67.72
CA GLY F 635 6.60 -35.76 68.21
C GLY F 635 5.66 -36.75 67.55
N GLN F 636 6.10 -38.01 67.51
CA GLN F 636 5.38 -39.07 66.85
C GLN F 636 4.93 -40.11 67.86
N ILE F 637 3.64 -40.47 67.80
CA ILE F 637 3.06 -41.49 68.68
C ILE F 637 2.28 -42.47 67.83
N THR F 638 2.08 -43.67 68.38
CA THR F 638 1.36 -44.75 67.72
C THR F 638 0.17 -45.16 68.56
N LEU F 639 -1.02 -45.19 67.94
CA LEU F 639 -2.25 -45.57 68.61
C LEU F 639 -2.76 -46.87 68.00
N HIS F 640 -3.04 -47.85 68.86
CA HIS F 640 -3.60 -49.12 68.45
C HIS F 640 -5.11 -49.07 68.63
N ALA F 641 -5.84 -49.36 67.56
CA ALA F 641 -7.30 -49.28 67.58
C ALA F 641 -7.90 -50.60 67.10
N PHE F 642 -9.07 -50.93 67.65
CA PHE F 642 -9.78 -52.13 67.24
C PHE F 642 -10.66 -51.89 66.02
N ASP F 643 -10.83 -50.64 65.59
CA ASP F 643 -11.63 -50.32 64.42
C ASP F 643 -11.20 -48.96 63.89
N ALA F 644 -10.86 -48.90 62.60
CA ALA F 644 -10.43 -47.67 61.96
C ALA F 644 -11.53 -47.01 61.14
N GLY F 645 -12.78 -47.45 61.31
CA GLY F 645 -13.87 -46.83 60.59
C GLY F 645 -14.10 -45.39 60.99
N LYS F 646 -13.90 -45.08 62.26
CA LYS F 646 -14.03 -43.71 62.77
C LYS F 646 -12.75 -42.90 62.62
N LEU F 647 -11.68 -43.51 62.16
CA LEU F 647 -10.41 -42.82 61.96
C LEU F 647 -10.24 -42.44 60.49
N ALA F 648 -9.51 -41.35 60.26
CA ALA F 648 -9.27 -40.86 58.91
C ALA F 648 -7.93 -40.14 58.88
N VAL F 649 -7.38 -40.02 57.66
CA VAL F 649 -6.13 -39.30 57.49
C VAL F 649 -6.37 -37.80 57.65
N GLY F 650 -5.55 -37.16 58.47
CA GLY F 650 -5.74 -35.76 58.79
C GLY F 650 -6.71 -35.50 59.92
N MET F 651 -7.06 -36.52 60.70
CA MET F 651 -8.03 -36.33 61.78
C MET F 651 -7.41 -35.50 62.90
N PRO F 652 -8.09 -34.45 63.36
CA PRO F 652 -7.53 -33.63 64.43
C PRO F 652 -7.59 -34.33 65.79
N ILE F 653 -6.64 -33.97 66.64
CA ILE F 653 -6.51 -34.51 67.98
C ILE F 653 -6.48 -33.33 68.93
N ARG F 654 -7.51 -33.22 69.78
CA ARG F 654 -7.77 -32.02 70.56
C ARG F 654 -7.82 -32.32 72.05
N TYR F 655 -7.34 -31.36 72.84
CA TYR F 655 -7.52 -31.35 74.29
C TYR F 655 -8.26 -30.07 74.65
N LEU F 656 -9.45 -30.22 75.24
CA LEU F 656 -10.31 -29.09 75.60
C LEU F 656 -10.65 -28.22 74.39
N GLY F 657 -10.88 -28.86 73.25
CA GLY F 657 -11.29 -28.16 72.06
C GLY F 657 -10.20 -27.39 71.34
N ILE F 658 -8.93 -27.61 71.70
CA ILE F 658 -7.81 -26.92 71.07
C ILE F 658 -6.96 -27.96 70.36
N ASP F 659 -6.64 -27.69 69.09
CA ASP F 659 -5.89 -28.64 68.28
C ASP F 659 -4.47 -28.79 68.82
N ILE F 660 -4.11 -30.01 69.22
CA ILE F 660 -2.79 -30.32 69.74
C ILE F 660 -2.11 -31.44 68.98
N GLY F 661 -2.80 -32.09 68.03
CA GLY F 661 -2.18 -33.16 67.28
C GLY F 661 -2.97 -33.47 66.02
N GLN F 662 -2.38 -34.34 65.20
CA GLN F 662 -3.01 -34.71 63.93
C GLN F 662 -2.62 -36.13 63.55
N ILE F 663 -3.60 -36.92 63.12
CA ILE F 663 -3.32 -38.25 62.59
C ILE F 663 -2.79 -38.12 61.17
N GLN F 664 -1.70 -38.82 60.87
CA GLN F 664 -1.06 -38.71 59.57
C GLN F 664 -0.99 -40.02 58.78
N THR F 665 -1.10 -41.17 59.43
CA THR F 665 -0.95 -42.45 58.73
C THR F 665 -1.90 -43.47 59.34
N LEU F 666 -2.53 -44.26 58.47
CA LEU F 666 -3.36 -45.39 58.88
C LEU F 666 -2.83 -46.65 58.21
N ASP F 667 -2.56 -47.67 59.01
CA ASP F 667 -1.98 -48.91 58.51
C ASP F 667 -2.71 -50.10 59.12
N LEU F 668 -3.09 -51.05 58.28
CA LEU F 668 -3.74 -52.27 58.73
C LEU F 668 -2.73 -53.41 58.84
N ILE F 669 -2.84 -54.20 59.89
CA ILE F 669 -1.96 -55.33 60.15
C ILE F 669 -2.75 -56.62 59.97
N THR F 670 -2.23 -57.52 59.14
CA THR F 670 -2.89 -58.80 58.92
C THR F 670 -2.66 -59.76 60.08
N ALA F 671 -1.47 -59.74 60.68
CA ALA F 671 -1.16 -60.67 61.76
C ALA F 671 -1.92 -60.31 63.03
N ARG F 672 -1.68 -59.11 63.56
CA ARG F 672 -2.39 -58.63 64.74
C ARG F 672 -3.68 -57.96 64.30
N ASN F 673 -4.78 -58.32 64.95
CA ASN F 673 -6.11 -57.81 64.59
C ASN F 673 -6.30 -56.43 65.22
N GLU F 674 -5.63 -55.45 64.64
CA GLU F 674 -5.69 -54.07 65.10
C GLU F 674 -5.20 -53.16 63.99
N VAL F 675 -5.41 -51.86 64.18
CA VAL F 675 -4.97 -50.83 63.25
C VAL F 675 -4.03 -49.90 63.99
N GLN F 676 -2.84 -49.69 63.44
CA GLN F 676 -1.86 -48.78 63.99
C GLN F 676 -1.97 -47.43 63.27
N ALA F 677 -2.28 -46.38 64.03
CA ALA F 677 -2.41 -45.04 63.51
C ALA F 677 -1.25 -44.19 64.03
N LYS F 678 -0.52 -43.57 63.11
CA LYS F 678 0.57 -42.67 63.48
C LYS F 678 0.01 -41.25 63.65
N ALA F 679 0.39 -40.61 64.74
CA ALA F 679 -0.08 -39.26 65.04
C ALA F 679 1.12 -38.39 65.39
N VAL F 680 1.02 -37.11 65.05
CA VAL F 680 2.04 -36.13 65.35
C VAL F 680 1.46 -35.11 66.32
N LEU F 681 2.13 -34.94 67.45
CA LEU F 681 1.78 -33.95 68.46
C LEU F 681 2.70 -32.75 68.34
N TYR F 682 2.14 -31.56 68.49
CA TYR F 682 2.90 -30.34 68.31
C TYR F 682 3.96 -30.21 69.40
N PRO F 683 5.08 -29.55 69.11
CA PRO F 683 6.15 -29.42 70.11
C PRO F 683 5.75 -28.70 71.38
N GLU F 684 4.71 -27.85 71.32
CA GLU F 684 4.27 -27.16 72.52
C GLU F 684 3.52 -28.08 73.48
N TYR F 685 3.07 -29.24 73.02
CA TYR F 685 2.28 -30.15 73.85
C TYR F 685 2.84 -31.56 73.89
N VAL F 686 4.01 -31.81 73.26
CA VAL F 686 4.56 -33.16 73.24
C VAL F 686 5.02 -33.58 74.63
N GLN F 687 5.60 -32.63 75.38
CA GLN F 687 6.08 -32.96 76.73
C GLN F 687 4.92 -33.10 77.72
N THR F 688 3.90 -32.24 77.60
CA THR F 688 2.77 -32.29 78.51
C THR F 688 1.99 -33.59 78.37
N PHE F 689 1.74 -34.02 77.14
CA PHE F 689 1.01 -35.25 76.88
C PHE F 689 2.01 -36.39 76.65
N ALA F 690 1.48 -37.56 76.26
CA ALA F 690 2.28 -38.76 75.99
C ALA F 690 3.15 -39.13 77.19
N ARG F 691 2.56 -39.03 78.39
CA ARG F 691 3.27 -39.33 79.63
C ARG F 691 2.71 -40.57 80.32
N GLY F 692 2.08 -41.47 79.58
CA GLY F 692 1.52 -42.66 80.18
C GLY F 692 0.18 -42.41 80.83
N GLY F 693 -0.79 -43.30 80.57
CA GLY F 693 -2.13 -43.11 81.08
C GLY F 693 -2.97 -42.13 80.29
N THR F 694 -2.42 -41.55 79.22
CA THR F 694 -3.18 -40.62 78.41
C THR F 694 -4.23 -41.38 77.60
N ARG F 695 -5.46 -40.88 77.60
CA ARG F 695 -6.57 -41.54 76.95
C ARG F 695 -7.00 -40.74 75.72
N PHE F 696 -7.07 -41.42 74.58
CA PHE F 696 -7.55 -40.84 73.33
C PHE F 696 -8.88 -41.49 72.96
N SER F 697 -9.90 -40.68 72.73
CA SER F 697 -11.23 -41.20 72.42
C SER F 697 -11.81 -40.48 71.22
N VAL F 698 -12.30 -41.26 70.26
CA VAL F 698 -12.97 -40.69 69.09
C VAL F 698 -14.38 -40.31 69.47
N VAL F 699 -14.67 -39.01 69.41
CA VAL F 699 -16.01 -38.53 69.76
C VAL F 699 -16.94 -38.75 68.58
N THR F 700 -18.17 -39.18 68.88
CA THR F 700 -19.18 -39.46 67.87
C THR F 700 -20.45 -38.69 68.20
N PRO F 701 -21.22 -38.31 67.18
CA PRO F 701 -22.50 -37.63 67.44
C PRO F 701 -23.46 -38.52 68.21
N GLN F 702 -24.21 -37.91 69.10
CA GLN F 702 -25.17 -38.60 69.96
C GLN F 702 -26.54 -37.97 69.75
N ILE F 703 -27.28 -38.48 68.76
CA ILE F 703 -28.62 -38.01 68.45
C ILE F 703 -29.59 -39.05 68.98
N SER F 704 -30.37 -38.66 69.99
CA SER F 704 -31.30 -39.58 70.64
C SER F 704 -32.54 -38.81 71.05
N ALA F 705 -33.50 -39.52 71.64
CA ALA F 705 -34.70 -38.87 72.16
C ALA F 705 -34.41 -38.03 73.40
N ALA F 706 -33.35 -38.35 74.14
CA ALA F 706 -33.01 -37.55 75.30
C ALA F 706 -32.45 -36.20 74.90
N GLY F 707 -31.67 -36.15 73.83
CA GLY F 707 -31.10 -34.89 73.37
C GLY F 707 -29.94 -35.15 72.42
N VAL F 708 -29.35 -34.04 71.98
CA VAL F 708 -28.21 -34.05 71.09
C VAL F 708 -27.04 -33.40 71.80
N GLU F 709 -25.88 -34.07 71.79
CA GLU F 709 -24.69 -33.60 72.49
C GLU F 709 -23.63 -33.05 71.55
N HIS F 710 -23.21 -33.81 70.55
CA HIS F 710 -22.20 -33.39 69.59
C HIS F 710 -22.81 -33.35 68.19
N LEU F 711 -22.65 -32.21 67.52
CA LEU F 711 -23.15 -32.06 66.16
C LEU F 711 -22.11 -31.56 65.16
N ASP F 712 -20.99 -31.00 65.61
CA ASP F 712 -19.92 -30.65 64.70
C ASP F 712 -19.15 -31.88 64.22
N THR F 713 -19.25 -32.99 64.96
CA THR F 713 -18.61 -34.25 64.59
C THR F 713 -19.27 -34.91 63.38
N ILE F 714 -20.42 -34.40 62.94
CA ILE F 714 -21.04 -34.89 61.71
C ILE F 714 -20.11 -34.68 60.53
N LEU F 715 -19.50 -33.49 60.46
CA LEU F 715 -18.60 -33.14 59.36
C LEU F 715 -17.13 -33.11 59.75
N GLN F 716 -16.80 -32.76 60.99
CA GLN F 716 -15.41 -32.65 61.43
C GLN F 716 -15.22 -33.42 62.74
N PRO F 717 -15.07 -34.74 62.67
CA PRO F 717 -14.76 -35.50 63.88
C PRO F 717 -13.33 -35.24 64.34
N TYR F 718 -13.11 -35.42 65.65
CA TYR F 718 -11.80 -35.23 66.26
C TYR F 718 -11.61 -36.30 67.32
N ILE F 719 -10.42 -36.32 67.92
CA ILE F 719 -10.09 -37.25 68.99
C ILE F 719 -9.82 -36.46 70.27
N ASN F 720 -10.68 -36.63 71.27
CA ASN F 720 -10.50 -35.96 72.54
C ASN F 720 -9.41 -36.63 73.36
N VAL F 721 -8.63 -35.81 74.08
CA VAL F 721 -7.50 -36.27 74.86
C VAL F 721 -7.74 -36.00 76.34
N GLU F 722 -7.53 -37.03 77.17
CA GLU F 722 -7.43 -36.87 78.62
C GLU F 722 -5.99 -37.13 79.03
N PRO F 723 -5.28 -36.13 79.56
CA PRO F 723 -3.86 -36.31 79.86
C PRO F 723 -3.64 -37.21 81.07
N GLY F 724 -2.44 -37.78 81.13
CA GLY F 724 -2.04 -38.63 82.24
C GLY F 724 -0.70 -38.19 82.81
N ARG F 725 -0.33 -38.83 83.92
CA ARG F 725 0.91 -38.53 84.63
C ARG F 725 1.73 -39.80 84.77
N GLY F 726 3.01 -39.71 84.48
CA GLY F 726 3.91 -40.83 84.61
C GLY F 726 5.07 -40.71 83.63
N ASN F 727 5.76 -41.82 83.45
CA ASN F 727 6.87 -41.87 82.51
C ASN F 727 6.36 -41.79 81.07
N PRO F 728 7.12 -41.18 80.16
CA PRO F 728 6.69 -41.11 78.75
C PRO F 728 6.52 -42.49 78.15
N ARG F 729 5.48 -42.63 77.32
CA ARG F 729 5.14 -43.91 76.70
C ARG F 729 5.21 -43.87 75.19
N ARG F 730 4.56 -42.88 74.56
CA ARG F 730 4.55 -42.72 73.09
C ARG F 730 3.97 -43.93 72.38
N ASP F 731 3.10 -44.68 73.06
CA ASP F 731 2.45 -45.84 72.45
C ASP F 731 1.16 -46.09 73.23
N PHE F 732 0.03 -45.71 72.64
CA PHE F 732 -1.25 -45.75 73.34
C PHE F 732 -2.26 -46.58 72.56
N GLU F 733 -3.44 -46.75 73.15
CA GLU F 733 -4.54 -47.47 72.54
C GLU F 733 -5.80 -46.63 72.58
N LEU F 734 -6.61 -46.77 71.54
CA LEU F 734 -7.84 -45.99 71.42
C LEU F 734 -8.89 -46.54 72.36
N GLN F 735 -9.50 -45.65 73.14
CA GLN F 735 -10.54 -46.02 74.09
C GLN F 735 -11.92 -45.79 73.46
N GLU F 736 -12.96 -45.96 74.26
CA GLU F 736 -14.34 -45.77 73.81
C GLU F 736 -15.00 -44.53 74.37
N ALA F 737 -14.77 -44.21 75.64
CA ALA F 737 -15.35 -43.05 76.27
C ALA F 737 -14.29 -42.32 77.08
N THR F 738 -14.45 -40.99 77.18
CA THR F 738 -13.51 -40.15 77.91
C THR F 738 -14.25 -38.92 78.41
N ILE F 739 -14.04 -38.58 79.68
CA ILE F 739 -14.66 -37.40 80.28
C ILE F 739 -14.08 -36.17 79.61
N THR F 740 -14.91 -35.43 78.89
CA THR F 740 -14.47 -34.21 78.21
C THR F 740 -14.69 -32.97 79.07
N ASP F 741 -14.22 -33.04 80.31
CA ASP F 741 -14.33 -31.92 81.25
C ASP F 741 -12.99 -31.39 81.70
N SER F 742 -12.10 -32.27 82.16
CA SER F 742 -10.77 -31.90 82.69
C SER F 742 -10.87 -30.90 83.85
N ARG F 743 -11.95 -31.00 84.63
CA ARG F 743 -12.11 -30.19 85.82
C ARG F 743 -12.05 -30.99 87.11
N TYR F 744 -12.30 -32.30 87.04
CA TYR F 744 -12.17 -33.18 88.19
C TYR F 744 -10.78 -33.80 88.31
N LEU F 745 -9.91 -33.58 87.32
CA LEU F 745 -8.61 -34.22 87.28
C LEU F 745 -7.75 -33.80 88.47
N ASP F 746 -7.90 -32.58 88.95
CA ASP F 746 -7.15 -32.12 90.11
C ASP F 746 -7.68 -32.68 91.43
N GLY F 747 -8.89 -33.25 91.43
CA GLY F 747 -9.50 -33.72 92.65
C GLY F 747 -9.11 -35.14 93.01
N LEU F 748 -9.70 -35.63 94.10
CA LEU F 748 -9.40 -36.97 94.58
C LEU F 748 -10.01 -38.03 93.67
N SER F 749 -9.26 -39.09 93.41
CA SER F 749 -9.70 -40.23 92.63
C SER F 749 -9.85 -41.42 93.58
N ILE F 750 -11.07 -41.68 94.01
CA ILE F 750 -11.35 -42.74 94.96
C ILE F 750 -11.88 -43.96 94.23
N ILE F 751 -11.94 -45.09 94.92
CA ILE F 751 -12.39 -46.36 94.35
C ILE F 751 -13.63 -46.82 95.13
N VAL F 752 -14.61 -47.33 94.39
CA VAL F 752 -15.82 -47.91 94.97
C VAL F 752 -15.90 -49.36 94.51
N GLU F 753 -16.05 -50.27 95.46
CA GLU F 753 -16.15 -51.70 95.18
C GLU F 753 -17.61 -52.11 95.20
N ALA F 754 -18.07 -52.75 94.12
CA ALA F 754 -19.47 -53.13 93.99
C ALA F 754 -19.59 -54.59 93.59
N PRO F 755 -20.64 -55.27 94.05
CA PRO F 755 -20.89 -56.63 93.56
C PRO F 755 -21.16 -56.71 92.07
N GLU F 756 -21.81 -55.71 91.49
CA GLU F 756 -22.15 -55.71 90.08
C GLU F 756 -21.96 -54.31 89.52
N ALA F 757 -21.70 -54.24 88.20
CA ALA F 757 -21.52 -52.96 87.54
C ALA F 757 -22.87 -52.25 87.35
N GLY F 758 -23.79 -52.89 86.65
CA GLY F 758 -25.10 -52.31 86.43
C GLY F 758 -25.12 -51.22 85.38
N SER F 759 -25.57 -50.03 85.77
CA SER F 759 -25.71 -48.91 84.87
C SER F 759 -24.48 -48.01 84.84
N LEU F 760 -23.42 -48.36 85.57
CA LEU F 760 -22.25 -47.51 85.67
C LEU F 760 -21.45 -47.50 84.38
N GLY F 761 -20.74 -46.40 84.16
CA GLY F 761 -19.90 -46.25 82.99
C GLY F 761 -19.06 -45.00 83.11
N ILE F 762 -18.31 -44.73 82.05
CA ILE F 762 -17.48 -43.52 82.01
C ILE F 762 -18.40 -42.31 81.84
N GLY F 763 -18.22 -41.32 82.71
CA GLY F 763 -19.10 -40.17 82.75
C GLY F 763 -20.26 -40.28 83.70
N THR F 764 -20.32 -41.33 84.50
CA THR F 764 -21.41 -41.49 85.46
C THR F 764 -21.30 -40.44 86.56
N PRO F 765 -22.37 -39.69 86.84
CA PRO F 765 -22.27 -38.63 87.85
C PRO F 765 -22.15 -39.16 89.26
N VAL F 766 -21.48 -38.36 90.10
CA VAL F 766 -21.40 -38.60 91.54
C VAL F 766 -22.12 -37.43 92.21
N LEU F 767 -23.10 -37.75 93.06
CA LEU F 767 -24.05 -36.78 93.57
C LEU F 767 -23.97 -36.70 95.09
N PHE F 768 -23.82 -35.47 95.60
CA PHE F 768 -23.97 -35.16 97.00
C PHE F 768 -25.22 -34.31 97.15
N ARG F 769 -26.26 -34.89 97.76
CA ARG F 769 -27.56 -34.23 97.94
C ARG F 769 -28.14 -33.76 96.61
N GLY F 770 -28.03 -34.61 95.59
CA GLY F 770 -28.64 -34.36 94.30
C GLY F 770 -27.88 -33.44 93.38
N LEU F 771 -26.71 -32.96 93.77
CA LEU F 771 -25.91 -32.06 92.95
C LEU F 771 -24.68 -32.79 92.43
N GLU F 772 -24.40 -32.65 91.15
CA GLU F 772 -23.25 -33.31 90.52
C GLU F 772 -21.96 -32.67 91.03
N VAL F 773 -21.20 -33.42 91.83
CA VAL F 773 -19.95 -32.94 92.39
C VAL F 773 -18.75 -33.74 91.88
N GLY F 774 -18.96 -34.80 91.13
CA GLY F 774 -17.86 -35.60 90.61
C GLY F 774 -18.33 -36.45 89.46
N THR F 775 -17.39 -37.19 88.88
CA THR F 775 -17.67 -38.08 87.76
C THR F 775 -16.93 -39.39 87.96
N VAL F 776 -17.26 -40.36 87.13
CA VAL F 776 -16.62 -41.67 87.15
C VAL F 776 -15.58 -41.70 86.04
N THR F 777 -14.30 -41.79 86.41
CA THR F 777 -13.24 -41.85 85.42
C THR F 777 -13.22 -43.20 84.72
N GLY F 778 -13.32 -44.29 85.48
CA GLY F 778 -13.24 -45.59 84.83
C GLY F 778 -13.77 -46.71 85.68
N MET F 779 -13.84 -47.89 85.07
CA MET F 779 -14.27 -49.12 85.74
C MET F 779 -13.32 -50.24 85.36
N THR F 780 -13.09 -51.15 86.31
CA THR F 780 -12.17 -52.25 86.09
C THR F 780 -12.49 -53.36 87.10
N LEU F 781 -11.73 -54.45 87.02
CA LEU F 781 -11.79 -55.54 87.97
C LEU F 781 -10.47 -55.65 88.71
N GLY F 782 -10.54 -56.17 89.93
CA GLY F 782 -9.36 -56.31 90.77
C GLY F 782 -8.53 -57.51 90.37
N THR F 783 -7.52 -57.79 91.20
CA THR F 783 -6.68 -58.97 90.99
C THR F 783 -7.51 -60.25 91.10
N LEU F 784 -8.42 -60.30 92.05
CA LEU F 784 -9.38 -61.39 92.17
C LEU F 784 -10.72 -60.94 91.61
N SER F 785 -11.31 -61.76 90.74
CA SER F 785 -12.54 -61.39 90.04
C SER F 785 -13.75 -61.72 90.92
N ASP F 786 -13.92 -60.91 91.96
CA ASP F 786 -15.06 -61.02 92.87
C ASP F 786 -15.83 -59.73 93.06
N ARG F 787 -15.33 -58.61 92.53
CA ARG F 787 -16.00 -57.32 92.65
C ARG F 787 -15.53 -56.42 91.53
N VAL F 788 -16.30 -55.35 91.31
CA VAL F 788 -16.00 -54.35 90.28
C VAL F 788 -15.51 -53.10 90.97
N MET F 789 -14.34 -52.61 90.58
CA MET F 789 -13.74 -51.41 91.15
C MET F 789 -14.01 -50.24 90.20
N ILE F 790 -14.68 -49.22 90.72
CA ILE F 790 -15.04 -48.03 89.95
C ILE F 790 -14.18 -46.88 90.46
N ALA F 791 -13.32 -46.36 89.60
CA ALA F 791 -12.50 -45.21 89.94
C ALA F 791 -13.26 -43.94 89.56
N MET F 792 -13.49 -43.06 90.53
CA MET F 792 -14.24 -41.85 90.33
C MET F 792 -13.48 -40.65 90.89
N ARG F 793 -13.51 -39.55 90.15
CA ARG F 793 -12.84 -38.32 90.53
C ARG F 793 -13.85 -37.29 91.00
N ILE F 794 -13.61 -36.72 92.17
CA ILE F 794 -14.47 -35.70 92.75
C ILE F 794 -13.83 -34.34 92.51
N SER F 795 -14.65 -33.28 92.54
CA SER F 795 -14.14 -31.94 92.35
C SER F 795 -13.32 -31.48 93.54
N LYS F 796 -12.49 -30.46 93.30
CA LYS F 796 -11.68 -29.89 94.38
C LYS F 796 -12.56 -29.19 95.40
N ARG F 797 -13.50 -28.35 94.93
CA ARG F 797 -14.34 -27.57 95.83
C ARG F 797 -15.21 -28.47 96.70
N TYR F 798 -15.56 -29.65 96.20
CA TYR F 798 -16.34 -30.62 96.96
C TYR F 798 -15.47 -31.72 97.56
N GLN F 799 -14.14 -31.56 97.50
CA GLN F 799 -13.25 -32.59 98.02
C GLN F 799 -13.46 -32.81 99.51
N HIS F 800 -13.66 -31.72 100.27
CA HIS F 800 -13.92 -31.85 101.70
C HIS F 800 -15.22 -32.58 101.99
N LEU F 801 -16.09 -32.75 101.00
CA LEU F 801 -17.29 -33.54 101.19
C LEU F 801 -16.98 -35.03 101.34
N VAL F 802 -15.78 -35.45 100.97
CA VAL F 802 -15.40 -36.86 101.05
C VAL F 802 -14.75 -37.11 102.41
N ARG F 803 -15.28 -38.08 103.14
CA ARG F 803 -14.79 -38.46 104.46
C ARG F 803 -14.52 -39.95 104.50
N ASN F 804 -13.81 -40.38 105.56
CA ASN F 804 -13.52 -41.81 105.71
C ASN F 804 -14.79 -42.62 105.95
N ASN F 805 -15.67 -42.13 106.81
CA ASN F 805 -16.95 -42.80 107.08
C ASN F 805 -18.07 -42.19 106.24
N SER F 806 -17.95 -42.36 104.92
CA SER F 806 -18.92 -41.86 103.96
C SER F 806 -19.64 -43.05 103.33
N VAL F 807 -20.95 -42.94 103.20
CA VAL F 807 -21.79 -44.00 102.65
C VAL F 807 -22.09 -43.68 101.19
N PHE F 808 -21.84 -44.65 100.32
CA PHE F 808 -22.09 -44.54 98.88
C PHE F 808 -23.18 -45.51 98.47
N TRP F 809 -24.10 -45.06 97.63
CA TRP F 809 -25.14 -45.91 97.09
C TRP F 809 -25.36 -45.60 95.62
N LEU F 810 -26.01 -46.53 94.92
CA LEU F 810 -26.22 -46.44 93.48
C LEU F 810 -27.63 -45.94 93.22
N ALA F 811 -27.75 -44.72 92.69
CA ALA F 811 -29.04 -44.14 92.33
C ALA F 811 -29.18 -44.26 90.82
N SER F 812 -29.93 -45.26 90.37
CA SER F 812 -30.15 -45.51 88.95
C SER F 812 -31.64 -45.71 88.70
N GLY F 813 -32.15 -45.02 87.68
CA GLY F 813 -33.56 -45.16 87.35
C GLY F 813 -34.46 -44.54 88.41
N TYR F 814 -35.67 -45.08 88.51
CA TYR F 814 -36.67 -44.61 89.45
C TYR F 814 -36.96 -45.72 90.45
N SER F 815 -36.90 -45.38 91.75
CA SER F 815 -37.18 -46.31 92.82
C SER F 815 -38.37 -45.80 93.62
N LEU F 816 -39.34 -46.68 93.89
CA LEU F 816 -40.55 -46.30 94.59
C LEU F 816 -40.92 -47.40 95.58
N ASP F 817 -41.67 -47.02 96.61
CA ASP F 817 -42.12 -47.92 97.65
C ASP F 817 -43.64 -47.98 97.66
N PHE F 818 -44.18 -49.19 97.70
CA PHE F 818 -45.63 -49.43 97.70
C PHE F 818 -45.96 -50.33 98.88
N GLY F 819 -46.57 -49.76 99.92
CA GLY F 819 -46.92 -50.54 101.09
C GLY F 819 -48.19 -51.34 100.88
N LEU F 820 -48.58 -52.07 101.94
CA LEU F 820 -49.80 -52.85 101.89
C LEU F 820 -51.04 -51.98 101.81
N THR F 821 -51.00 -50.78 102.39
CA THR F 821 -52.12 -49.86 102.38
C THR F 821 -51.82 -48.52 101.73
N GLY F 822 -50.55 -48.21 101.48
CA GLY F 822 -50.19 -46.91 100.94
C GLY F 822 -49.48 -46.97 99.61
N GLY F 823 -50.10 -46.36 98.59
CA GLY F 823 -49.45 -46.27 97.29
C GLY F 823 -49.07 -44.85 96.91
N VAL F 824 -47.78 -44.55 96.96
CA VAL F 824 -47.24 -43.25 96.56
C VAL F 824 -46.04 -43.50 95.67
N VAL F 825 -46.08 -42.98 94.45
CA VAL F 825 -44.97 -43.10 93.50
C VAL F 825 -44.60 -41.71 93.02
N LYS F 826 -43.30 -41.47 92.85
CA LYS F 826 -42.80 -40.18 92.41
C LYS F 826 -41.73 -40.38 91.35
N THR F 827 -41.74 -39.50 90.35
CA THR F 827 -40.74 -39.50 89.30
C THR F 827 -40.13 -38.10 89.21
N GLY F 828 -38.90 -38.03 88.75
CA GLY F 828 -38.20 -36.76 88.69
C GLY F 828 -37.34 -36.55 87.46
N THR F 829 -37.60 -37.34 86.41
CA THR F 829 -36.87 -37.34 85.14
C THR F 829 -35.37 -37.12 85.33
N PHE F 830 -34.82 -37.89 86.27
CA PHE F 830 -33.41 -37.73 86.63
C PHE F 830 -32.50 -38.15 85.49
N ASN F 831 -31.27 -37.62 85.50
CA ASN F 831 -30.24 -38.07 84.57
C ASN F 831 -29.80 -39.50 84.87
N GLN F 832 -30.20 -40.05 86.02
CA GLN F 832 -29.89 -41.44 86.35
C GLN F 832 -30.61 -42.42 85.43
N PHE F 833 -31.67 -41.99 84.75
CA PHE F 833 -32.35 -42.83 83.78
C PHE F 833 -31.65 -42.84 82.42
N ILE F 834 -30.58 -42.08 82.27
CA ILE F 834 -29.69 -42.16 81.13
C ILE F 834 -28.33 -42.73 81.52
N ARG F 835 -27.78 -42.24 82.63
CA ARG F 835 -26.54 -42.75 83.22
C ARG F 835 -26.77 -42.86 84.72
N GLY F 836 -26.97 -44.08 85.21
CA GLY F 836 -27.23 -44.32 86.62
C GLY F 836 -26.11 -43.87 87.52
N GLY F 837 -26.36 -42.82 88.31
CA GLY F 837 -25.31 -42.18 89.07
C GLY F 837 -25.06 -42.85 90.41
N ILE F 838 -24.03 -42.36 91.10
CA ILE F 838 -23.69 -42.82 92.43
C ILE F 838 -23.77 -41.64 93.39
N ALA F 839 -24.60 -41.76 94.42
CA ALA F 839 -24.75 -40.71 95.41
C ALA F 839 -24.01 -41.09 96.68
N PHE F 840 -23.64 -40.07 97.45
CA PHE F 840 -22.92 -40.33 98.70
C PHE F 840 -23.35 -39.32 99.76
N ALA F 841 -23.18 -39.73 101.01
CA ALA F 841 -23.53 -38.90 102.16
C ALA F 841 -22.62 -39.27 103.33
N THR F 842 -22.81 -38.57 104.44
CA THR F 842 -22.00 -38.78 105.64
C THR F 842 -22.93 -38.87 106.85
N PRO F 843 -22.85 -39.95 107.64
CA PRO F 843 -23.66 -40.01 108.85
C PRO F 843 -23.23 -38.96 109.85
N PRO F 844 -24.14 -38.48 110.70
CA PRO F 844 -23.78 -37.42 111.65
C PRO F 844 -22.88 -37.94 112.76
N GLY F 845 -22.11 -37.01 113.34
CA GLY F 845 -21.24 -37.33 114.45
C GLY F 845 -20.43 -36.14 114.90
N THR F 846 -20.33 -35.93 116.21
CA THR F 846 -19.56 -34.80 116.73
C THR F 846 -18.07 -34.90 116.38
N PRO F 847 -17.36 -36.05 116.54
CA PRO F 847 -16.00 -36.14 116.02
C PRO F 847 -16.01 -36.47 114.54
N LEU F 848 -15.58 -35.51 113.72
CA LEU F 848 -15.57 -35.71 112.27
C LEU F 848 -14.37 -36.56 111.85
N ALA F 849 -14.62 -37.48 110.93
CA ALA F 849 -13.56 -38.34 110.43
C ALA F 849 -12.59 -37.53 109.57
N PRO F 850 -11.32 -37.93 109.52
CA PRO F 850 -10.36 -37.24 108.63
C PRO F 850 -10.74 -37.41 107.17
N LYS F 851 -10.33 -36.44 106.36
CA LYS F 851 -10.61 -36.48 104.93
C LYS F 851 -9.90 -37.66 104.28
N ALA F 852 -10.55 -38.23 103.26
CA ALA F 852 -9.99 -39.37 102.56
C ALA F 852 -8.72 -38.96 101.81
N GLN F 853 -7.79 -39.91 101.70
CA GLN F 853 -6.52 -39.66 101.03
C GLN F 853 -6.71 -39.79 99.52
N GLU F 854 -5.60 -39.79 98.78
CA GLU F 854 -5.67 -39.95 97.33
C GLU F 854 -6.23 -41.32 96.95
N GLY F 855 -5.76 -42.38 97.61
CA GLY F 855 -6.29 -43.70 97.39
C GLY F 855 -7.15 -44.19 98.54
N LYS F 856 -8.47 -44.17 98.34
CA LYS F 856 -9.40 -44.62 99.37
C LYS F 856 -10.48 -45.47 98.72
N HIS F 857 -10.77 -46.62 99.33
CA HIS F 857 -11.73 -47.58 98.81
C HIS F 857 -12.95 -47.63 99.70
N PHE F 858 -14.12 -47.46 99.10
CA PHE F 858 -15.42 -47.59 99.77
C PHE F 858 -16.17 -48.78 99.19
N LEU F 859 -17.26 -49.13 99.86
CA LEU F 859 -18.13 -50.23 99.43
C LEU F 859 -19.48 -49.67 99.01
N LEU F 860 -19.97 -50.10 97.85
CA LEU F 860 -21.26 -49.63 97.35
C LEU F 860 -22.38 -50.34 98.09
N GLN F 861 -23.21 -49.57 98.78
CA GLN F 861 -24.33 -50.15 99.51
C GLN F 861 -25.39 -50.67 98.53
N GLU F 862 -25.99 -51.80 98.88
CA GLU F 862 -26.99 -52.41 98.01
C GLU F 862 -28.32 -51.65 98.04
N SER F 863 -28.54 -50.81 99.04
CA SER F 863 -29.79 -50.07 99.15
C SER F 863 -29.51 -48.67 99.70
N GLU F 864 -30.40 -47.75 99.34
CA GLU F 864 -30.30 -46.39 99.84
C GLU F 864 -30.57 -46.34 101.35
N PRO F 865 -29.77 -45.60 102.12
CA PRO F 865 -30.05 -45.44 103.54
C PRO F 865 -31.41 -44.77 103.76
N LYS F 866 -32.09 -45.21 104.83
CA LYS F 866 -33.48 -44.79 105.04
C LYS F 866 -33.58 -43.34 105.48
N GLU F 867 -32.72 -42.91 106.40
CA GLU F 867 -32.81 -41.59 107.01
C GLU F 867 -31.58 -40.75 106.70
N TRP F 868 -31.08 -40.81 105.47
CA TRP F 868 -29.94 -39.98 105.10
C TRP F 868 -30.33 -38.52 104.91
N ARG F 869 -31.60 -38.25 104.65
CA ARG F 869 -32.05 -36.88 104.44
C ARG F 869 -32.11 -36.10 105.75
N GLU F 870 -32.32 -36.79 106.87
CA GLU F 870 -32.46 -36.15 108.17
C GLU F 870 -31.14 -36.06 108.93
N TRP F 871 -30.03 -36.45 108.31
CA TRP F 871 -28.74 -36.39 108.99
C TRP F 871 -28.29 -34.95 109.20
N GLY F 872 -28.12 -34.20 108.12
CA GLY F 872 -27.72 -32.80 108.23
C GLY F 872 -26.35 -32.60 108.84
N THR F 873 -25.36 -33.39 108.40
CA THR F 873 -24.01 -33.28 108.95
C THR F 873 -23.37 -31.97 108.51
N ALA F 874 -22.77 -31.25 109.44
CA ALA F 874 -22.12 -29.98 109.18
C ALA F 874 -20.68 -30.25 108.75
N LEU F 875 -20.37 -29.94 107.50
CA LEU F 875 -19.02 -30.15 106.96
C LEU F 875 -18.35 -28.80 106.75
N PRO F 876 -17.34 -28.46 107.54
CA PRO F 876 -16.68 -27.16 107.38
C PRO F 876 -15.88 -27.09 106.07
N LYS F 877 -15.60 -25.85 105.66
CA LYS F 877 -14.85 -25.55 104.44
C LYS F 877 -15.49 -26.18 103.20
N PHE G 23 79.54 46.19 -104.20
CA PHE G 23 80.17 44.91 -104.52
C PHE G 23 79.19 43.77 -104.41
N TRP G 24 79.68 42.55 -104.64
CA TRP G 24 78.89 41.33 -104.46
C TRP G 24 78.91 40.83 -103.03
N LEU G 25 79.60 41.53 -102.13
CA LEU G 25 79.67 41.10 -100.74
C LEU G 25 78.31 41.13 -100.07
N LEU G 26 77.51 42.18 -100.35
CA LEU G 26 76.17 42.24 -99.75
C LEU G 26 75.26 41.11 -100.22
N PRO G 27 75.12 40.81 -101.53
CA PRO G 27 74.35 39.62 -101.90
C PRO G 27 74.95 38.33 -101.39
N PHE G 28 76.28 38.23 -101.28
CA PHE G 28 76.89 37.03 -100.71
C PHE G 28 76.49 36.85 -99.25
N ILE G 29 76.49 37.94 -98.48
CA ILE G 29 76.07 37.87 -97.08
C ILE G 29 74.59 37.52 -96.97
N ALA G 30 73.76 38.09 -97.86
CA ALA G 30 72.35 37.76 -97.88
C ALA G 30 72.12 36.28 -98.19
N LEU G 31 72.87 35.75 -99.15
CA LEU G 31 72.77 34.33 -99.48
C LEU G 31 73.22 33.46 -98.30
N MET G 32 74.29 33.86 -97.61
CA MET G 32 74.75 33.11 -96.45
C MET G 32 73.70 33.11 -95.34
N ILE G 33 73.08 34.26 -95.08
CA ILE G 33 72.04 34.33 -94.06
C ILE G 33 70.83 33.48 -94.45
N ALA G 34 70.46 33.52 -95.73
CA ALA G 34 69.34 32.71 -96.21
C ALA G 34 69.64 31.21 -96.05
N SER G 35 70.87 30.80 -96.39
CA SER G 35 71.25 29.39 -96.21
C SER G 35 71.23 29.01 -94.74
N TRP G 36 71.71 29.90 -93.87
CA TRP G 36 71.70 29.62 -92.43
C TRP G 36 70.29 29.44 -91.91
N LEU G 37 69.36 30.32 -92.31
CA LEU G 37 67.99 30.19 -91.81
C LEU G 37 67.28 28.98 -92.42
N ILE G 38 67.59 28.63 -93.66
CA ILE G 38 67.03 27.41 -94.25
C ILE G 38 67.52 26.18 -93.49
N TRP G 39 68.82 26.14 -93.17
CA TRP G 39 69.36 25.03 -92.40
C TRP G 39 68.75 24.97 -91.01
N ASP G 40 68.55 26.13 -90.37
CA ASP G 40 67.92 26.16 -89.06
C ASP G 40 66.48 25.65 -89.12
N SER G 41 65.75 26.03 -90.17
CA SER G 41 64.39 25.54 -90.34
C SER G 41 64.36 24.03 -90.54
N TYR G 42 65.29 23.50 -91.34
CA TYR G 42 65.31 22.07 -91.59
C TYR G 42 65.86 21.25 -90.42
N GLN G 43 66.62 21.86 -89.52
CA GLN G 43 67.23 21.11 -88.43
C GLN G 43 66.20 20.62 -87.41
N ASP G 44 65.31 21.51 -86.97
CA ASP G 44 64.49 21.22 -85.80
C ASP G 44 63.00 21.21 -86.10
N ARG G 45 62.59 20.53 -87.17
CA ARG G 45 61.18 20.33 -87.46
C ARG G 45 60.70 19.05 -86.76
N GLY G 46 59.58 19.16 -86.05
CA GLY G 46 59.05 18.04 -85.30
C GLY G 46 58.32 17.04 -86.18
N ASN G 47 57.75 16.03 -85.53
CA ASN G 47 57.05 14.94 -86.21
C ASN G 47 55.56 15.02 -85.88
N THR G 48 54.75 14.54 -86.82
CA THR G 48 53.30 14.60 -86.69
C THR G 48 52.77 13.31 -86.06
N VAL G 49 51.94 13.46 -85.03
CA VAL G 49 51.37 12.35 -84.29
C VAL G 49 49.86 12.49 -84.29
N THR G 50 49.15 11.39 -84.56
CA THR G 50 47.69 11.42 -84.70
C THR G 50 47.04 10.82 -83.47
N ILE G 51 46.14 11.60 -82.85
CA ILE G 51 45.44 11.19 -81.63
C ILE G 51 43.94 11.22 -81.90
N ASP G 52 43.25 10.18 -81.44
CA ASP G 52 41.80 10.09 -81.56
C ASP G 52 41.15 10.62 -80.28
N PHE G 53 40.34 11.65 -80.42
CA PHE G 53 39.63 12.26 -79.30
C PHE G 53 38.14 11.99 -79.41
N MET G 54 37.50 11.75 -78.27
CA MET G 54 36.05 11.61 -78.25
C MET G 54 35.36 12.97 -78.36
N SER G 55 35.95 14.01 -77.77
CA SER G 55 35.37 15.34 -77.83
C SER G 55 36.48 16.35 -77.59
N ALA G 56 36.81 17.12 -78.63
CA ALA G 56 37.80 18.20 -78.53
C ALA G 56 37.05 19.49 -78.23
N ASP G 57 36.87 19.77 -76.94
CA ASP G 57 36.01 20.89 -76.53
C ASP G 57 36.61 22.23 -76.93
N GLY G 58 37.89 22.44 -76.65
CA GLY G 58 38.49 23.74 -76.90
C GLY G 58 39.88 23.70 -77.53
N ILE G 59 40.14 22.71 -78.36
CA ILE G 59 41.43 22.60 -79.03
C ILE G 59 41.44 23.54 -80.22
N VAL G 60 42.22 24.61 -80.13
CA VAL G 60 42.39 25.52 -81.26
C VAL G 60 43.36 24.90 -82.26
N PRO G 61 43.01 24.82 -83.54
CA PRO G 61 43.94 24.25 -84.54
C PRO G 61 45.25 25.03 -84.68
N GLY G 62 45.26 26.30 -84.30
CA GLY G 62 46.45 27.11 -84.43
C GLY G 62 47.40 27.02 -83.24
N ARG G 63 46.87 27.20 -82.03
CA ARG G 63 47.69 27.21 -80.82
C ARG G 63 47.01 26.37 -79.73
N THR G 64 47.59 25.21 -79.44
CA THR G 64 47.16 24.37 -78.33
C THR G 64 48.37 23.60 -77.79
N PRO G 65 48.88 23.97 -76.63
CA PRO G 65 50.10 23.32 -76.13
C PRO G 65 49.86 21.88 -75.69
N VAL G 66 50.90 21.07 -75.87
CA VAL G 66 50.96 19.70 -75.36
C VAL G 66 52.11 19.66 -74.37
N ARG G 67 51.77 19.51 -73.09
CA ARG G 67 52.73 19.68 -72.00
C ARG G 67 52.96 18.36 -71.28
N TYR G 68 54.22 18.15 -70.87
CA TYR G 68 54.60 17.10 -69.93
C TYR G 68 55.01 17.77 -68.63
N GLN G 69 54.25 17.53 -67.57
CA GLN G 69 54.44 18.18 -66.27
C GLN G 69 54.40 19.69 -66.39
N GLY G 70 53.56 20.19 -67.30
CA GLY G 70 53.38 21.62 -67.50
C GLY G 70 54.36 22.27 -68.44
N VAL G 71 55.34 21.54 -68.97
CA VAL G 71 56.34 22.11 -69.86
C VAL G 71 55.88 21.90 -71.30
N GLU G 72 55.68 23.00 -72.03
CA GLU G 72 55.16 22.92 -73.39
C GLU G 72 56.19 22.31 -74.32
N VAL G 73 55.78 21.25 -75.02
CA VAL G 73 56.66 20.55 -75.96
C VAL G 73 55.99 20.52 -77.34
N GLY G 74 54.81 19.89 -77.41
CA GLY G 74 54.12 19.74 -78.67
C GLY G 74 53.16 20.88 -78.97
N THR G 75 52.65 20.87 -80.21
CA THR G 75 51.72 21.89 -80.65
C THR G 75 50.74 21.29 -81.64
N VAL G 76 49.44 21.51 -81.40
CA VAL G 76 48.42 20.97 -82.29
C VAL G 76 48.46 21.73 -83.61
N GLN G 77 48.61 21.00 -84.71
CA GLN G 77 48.68 21.58 -86.05
C GLN G 77 47.42 21.32 -86.88
N ASP G 78 46.82 20.14 -86.79
CA ASP G 78 45.68 19.82 -87.64
C ASP G 78 44.56 19.18 -86.82
N ILE G 79 43.33 19.48 -87.21
CA ILE G 79 42.13 18.89 -86.62
C ILE G 79 41.20 18.45 -87.74
N SER G 80 40.72 17.20 -87.66
CA SER G 80 39.77 16.69 -88.63
C SER G 80 38.86 15.69 -87.95
N LEU G 81 37.86 15.21 -88.68
CA LEU G 81 36.91 14.22 -88.19
C LEU G 81 37.09 12.91 -88.94
N SER G 82 36.89 11.79 -88.25
CA SER G 82 37.02 10.47 -88.89
C SER G 82 35.70 10.10 -89.56
N ASP G 83 35.42 10.81 -90.65
CA ASP G 83 34.17 10.72 -91.43
C ASP G 83 32.94 10.57 -90.54
N ASP G 84 32.88 11.43 -89.51
CA ASP G 84 31.74 11.51 -88.59
C ASP G 84 31.47 10.17 -87.90
N LEU G 85 32.53 9.50 -87.45
CA LEU G 85 32.42 8.29 -86.65
C LEU G 85 32.68 8.55 -85.17
N ARG G 86 32.29 9.73 -84.68
CA ARG G 86 32.42 10.12 -83.28
C ARG G 86 33.88 10.13 -82.81
N LYS G 87 34.81 10.36 -83.74
CA LYS G 87 36.22 10.44 -83.40
C LYS G 87 36.86 11.62 -84.12
N ILE G 88 37.68 12.37 -83.40
CA ILE G 88 38.37 13.55 -83.91
C ILE G 88 39.84 13.19 -84.05
N GLU G 89 40.36 13.32 -85.27
CA GLU G 89 41.77 13.08 -85.55
C GLU G 89 42.53 14.39 -85.34
N VAL G 90 43.42 14.40 -84.33
CA VAL G 90 44.22 15.58 -84.01
C VAL G 90 45.66 15.26 -84.35
N LYS G 91 46.22 16.03 -85.29
CA LYS G 91 47.62 15.92 -85.66
C LYS G 91 48.41 16.97 -84.89
N VAL G 92 49.43 16.51 -84.18
CA VAL G 92 50.24 17.35 -83.29
C VAL G 92 51.70 17.22 -83.70
N SER G 93 52.38 18.36 -83.83
CA SER G 93 53.82 18.37 -84.08
C SER G 93 54.56 18.32 -82.75
N ILE G 94 55.47 17.36 -82.64
CA ILE G 94 56.22 17.11 -81.40
C ILE G 94 57.71 17.25 -81.71
N LYS G 95 58.43 17.89 -80.79
CA LYS G 95 59.86 18.14 -80.98
C LYS G 95 60.66 16.85 -80.90
N SER G 96 61.93 16.92 -81.33
CA SER G 96 62.79 15.75 -81.39
C SER G 96 63.18 15.26 -80.00
N ASP G 97 63.31 16.16 -79.02
CA ASP G 97 63.70 15.74 -77.69
C ASP G 97 62.65 14.85 -77.04
N MET G 98 61.37 15.06 -77.41
CA MET G 98 60.31 14.16 -76.95
C MET G 98 60.10 13.00 -77.91
N LYS G 99 60.43 13.20 -79.20
CA LYS G 99 60.35 12.11 -80.16
C LYS G 99 61.33 10.99 -79.82
N ASP G 100 62.48 11.33 -79.26
CA ASP G 100 63.48 10.33 -78.90
C ASP G 100 62.97 9.36 -77.84
N ALA G 101 61.99 9.76 -77.04
CA ALA G 101 61.40 8.88 -76.04
C ALA G 101 59.91 8.62 -76.28
N LEU G 102 59.37 9.06 -77.42
CA LEU G 102 57.99 8.77 -77.77
C LEU G 102 57.85 7.30 -78.11
N ARG G 103 57.14 6.56 -77.26
CA ARG G 103 57.05 5.12 -77.35
C ARG G 103 55.58 4.68 -77.47
N GLU G 104 55.37 3.36 -77.46
CA GLU G 104 54.02 2.84 -77.64
C GLU G 104 53.12 3.16 -76.46
N GLU G 105 53.65 3.06 -75.24
CA GLU G 105 52.87 3.36 -74.05
C GLU G 105 52.95 4.85 -73.70
N THR G 106 52.48 5.69 -74.61
CA THR G 106 52.39 7.13 -74.38
C THR G 106 50.92 7.51 -74.29
N GLN G 107 50.54 8.15 -73.20
CA GLN G 107 49.15 8.49 -72.93
C GLN G 107 48.95 10.00 -73.07
N PHE G 108 47.81 10.37 -73.64
CA PHE G 108 47.42 11.77 -73.78
C PHE G 108 46.04 11.96 -73.16
N TRP G 109 45.79 13.17 -72.68
CA TRP G 109 44.47 13.51 -72.17
C TRP G 109 44.23 15.00 -72.35
N LEU G 110 42.95 15.38 -72.37
CA LEU G 110 42.54 16.74 -72.62
C LEU G 110 42.22 17.43 -71.30
N VAL G 111 43.01 18.43 -70.93
CA VAL G 111 42.78 19.22 -69.73
C VAL G 111 41.96 20.43 -70.12
N THR G 112 40.77 20.51 -69.53
CA THR G 112 39.73 21.50 -69.76
C THR G 112 39.38 22.17 -68.44
N PRO G 113 38.79 23.39 -68.47
CA PRO G 113 38.42 24.08 -67.23
C PRO G 113 37.10 23.61 -66.62
N LYS G 114 37.16 22.29 -66.23
CA LYS G 114 36.05 21.70 -65.50
C LYS G 114 35.94 22.31 -64.10
N ALA G 115 34.73 22.70 -63.72
CA ALA G 115 34.47 23.31 -62.42
C ALA G 115 33.20 22.72 -61.81
N SER G 116 33.13 21.39 -61.79
CA SER G 116 31.97 20.70 -61.27
C SER G 116 31.93 20.77 -59.74
N LEU G 117 30.86 20.22 -59.15
CA LEU G 117 30.71 20.24 -57.71
C LEU G 117 31.77 19.37 -57.02
N ALA G 118 32.06 18.20 -57.59
CA ALA G 118 33.01 17.29 -56.96
C ALA G 118 34.43 17.84 -57.02
N GLY G 119 34.82 18.39 -58.16
CA GLY G 119 36.17 18.93 -58.32
C GLY G 119 36.16 20.26 -59.04
N VAL G 120 36.99 21.17 -58.57
CA VAL G 120 37.12 22.50 -59.15
C VAL G 120 38.53 22.73 -59.71
N SER G 121 39.29 21.66 -59.90
CA SER G 121 40.64 21.78 -60.42
C SER G 121 40.62 22.14 -61.91
N GLY G 122 41.68 22.80 -62.35
CA GLY G 122 41.78 23.21 -63.74
C GLY G 122 41.88 24.71 -63.92
N LEU G 123 42.46 25.40 -62.93
CA LEU G 123 42.63 26.84 -63.04
C LEU G 123 43.64 27.21 -64.12
N ASP G 124 44.70 26.41 -64.29
CA ASP G 124 45.64 26.64 -65.37
C ASP G 124 44.96 26.50 -66.72
N ALA G 125 44.08 25.50 -66.86
CA ALA G 125 43.31 25.35 -68.08
C ALA G 125 42.36 26.51 -68.29
N LEU G 126 41.76 27.02 -67.22
CA LEU G 126 40.88 28.18 -67.34
C LEU G 126 41.65 29.40 -67.81
N VAL G 127 42.86 29.60 -67.29
CA VAL G 127 43.66 30.76 -67.67
C VAL G 127 44.15 30.65 -69.11
N GLY G 128 44.69 29.49 -69.47
CA GLY G 128 45.34 29.36 -70.77
C GLY G 128 44.58 28.58 -71.82
N GLY G 129 43.27 28.41 -71.64
CA GLY G 129 42.48 27.64 -72.57
C GLY G 129 42.71 26.15 -72.42
N ASN G 130 41.91 25.29 -72.96
CA ASN G 130 41.92 23.83 -73.00
C ASN G 130 43.23 23.35 -73.59
N TYR G 131 43.82 22.30 -73.00
CA TYR G 131 45.09 21.79 -73.51
C TYR G 131 45.13 20.28 -73.34
N ILE G 132 46.26 19.68 -73.71
CA ILE G 132 46.40 18.22 -73.74
C ILE G 132 47.58 17.82 -72.87
N GLY G 133 47.31 17.06 -71.81
CA GLY G 133 48.37 16.51 -70.99
C GLY G 133 48.81 15.15 -71.47
N MET G 134 50.10 14.84 -71.30
CA MET G 134 50.66 13.60 -71.79
C MET G 134 51.52 12.93 -70.72
N MET G 135 51.64 11.60 -70.84
CA MET G 135 52.44 10.79 -69.93
C MET G 135 53.00 9.56 -70.64
N PRO G 136 54.32 9.42 -70.70
CA PRO G 136 54.92 8.25 -71.36
C PRO G 136 55.22 7.12 -70.37
N GLY G 137 55.46 5.94 -70.94
CA GLY G 137 55.84 4.76 -70.17
C GLY G 137 56.98 3.98 -70.79
N LYS G 138 56.77 2.68 -71.02
CA LYS G 138 57.82 1.78 -71.50
C LYS G 138 57.31 0.89 -72.64
N GLY G 139 56.66 1.50 -73.63
CA GLY G 139 56.22 0.79 -74.81
C GLY G 139 57.31 0.70 -75.87
N LYS G 140 56.92 0.21 -77.05
CA LYS G 140 57.84 0.08 -78.16
C LYS G 140 57.76 1.26 -79.13
N GLU G 141 56.61 1.45 -79.79
CA GLU G 141 56.42 2.50 -80.78
C GLU G 141 54.96 2.55 -81.18
N GLN G 142 54.44 3.77 -81.39
CA GLN G 142 53.09 3.97 -81.90
C GLN G 142 52.95 5.41 -82.36
N ASP G 143 52.15 5.62 -83.41
CA ASP G 143 51.86 6.94 -83.93
C ASP G 143 50.38 7.31 -83.88
N HIS G 144 49.52 6.37 -83.49
CA HIS G 144 48.07 6.56 -83.46
C HIS G 144 47.58 6.13 -82.08
N PHE G 145 47.17 7.10 -81.26
CA PHE G 145 46.73 6.84 -79.90
C PHE G 145 45.26 7.20 -79.73
N VAL G 146 44.70 6.77 -78.61
CA VAL G 146 43.33 7.09 -78.22
C VAL G 146 43.36 7.77 -76.87
N ALA G 147 42.73 8.93 -76.77
CA ALA G 147 42.76 9.70 -75.53
C ALA G 147 41.89 9.07 -74.46
N LEU G 148 42.33 9.21 -73.20
CA LEU G 148 41.58 8.73 -72.06
C LEU G 148 40.48 9.71 -71.68
N ASP G 149 39.54 9.22 -70.86
CA ASP G 149 38.41 10.07 -70.44
C ASP G 149 38.87 11.16 -69.49
N THR G 150 39.66 10.80 -68.48
CA THR G 150 40.12 11.74 -67.46
C THR G 150 41.62 11.59 -67.27
N GLN G 151 42.19 12.42 -66.41
CA GLN G 151 43.61 12.35 -66.12
C GLN G 151 43.90 11.17 -65.18
N PRO G 152 44.73 10.21 -65.59
CA PRO G 152 45.01 9.07 -64.71
C PRO G 152 46.07 9.41 -63.68
N LYS G 153 46.08 8.62 -62.60
CA LYS G 153 47.09 8.76 -61.57
C LYS G 153 48.41 8.19 -62.07
N TYR G 154 49.49 8.95 -61.90
CA TYR G 154 50.79 8.60 -62.44
C TYR G 154 51.90 8.44 -61.41
N ARG G 155 51.71 8.94 -60.18
CA ARG G 155 52.67 8.85 -59.08
C ARG G 155 53.97 9.59 -59.43
N LEU G 156 54.91 9.63 -58.48
CA LEU G 156 56.17 10.33 -58.67
C LEU G 156 57.40 9.54 -58.27
N ASP G 157 57.25 8.43 -57.54
CA ASP G 157 58.36 7.58 -57.11
C ASP G 157 59.41 8.38 -56.33
N ASN G 158 58.93 9.19 -55.38
CA ASN G 158 59.79 10.00 -54.53
C ASN G 158 60.16 9.31 -53.22
N GLY G 159 60.21 7.98 -53.21
CA GLY G 159 60.47 7.26 -51.99
C GLY G 159 59.28 7.08 -51.07
N ASP G 160 58.09 7.44 -51.53
CA ASP G 160 56.88 7.29 -50.72
C ASP G 160 56.52 5.82 -50.58
N LEU G 161 55.73 5.52 -49.55
CA LEU G 161 55.34 4.15 -49.22
C LEU G 161 53.90 3.92 -49.65
N MET G 162 53.68 2.94 -50.50
CA MET G 162 52.35 2.58 -50.98
C MET G 162 51.87 1.33 -50.25
N ILE G 163 50.70 1.42 -49.62
CA ILE G 163 50.13 0.29 -48.91
C ILE G 163 48.66 0.13 -49.28
N HIS G 164 48.12 -1.05 -48.99
CA HIS G 164 46.76 -1.42 -49.35
C HIS G 164 45.95 -1.68 -48.08
N LEU G 165 44.69 -1.25 -48.09
CA LEU G 165 43.77 -1.48 -47.00
C LEU G 165 42.54 -2.20 -47.52
N GLN G 166 42.16 -3.30 -46.88
CA GLN G 166 41.00 -4.08 -47.27
C GLN G 166 39.80 -3.68 -46.41
N ALA G 167 38.68 -3.37 -47.05
CA ALA G 167 37.49 -2.92 -46.35
C ALA G 167 36.26 -3.61 -46.92
N PRO G 168 35.21 -3.77 -46.11
CA PRO G 168 33.94 -4.24 -46.68
C PRO G 168 33.36 -3.29 -47.71
N ASP G 169 33.57 -1.99 -47.54
CA ASP G 169 33.08 -1.00 -48.49
C ASP G 169 33.99 0.21 -48.47
N LEU G 170 33.93 1.00 -49.54
CA LEU G 170 34.76 2.20 -49.64
C LEU G 170 34.39 3.23 -48.58
N GLY G 171 33.09 3.40 -48.33
CA GLY G 171 32.64 4.41 -47.41
C GLY G 171 32.68 5.80 -48.02
N SER G 172 32.74 6.80 -47.14
CA SER G 172 32.83 8.19 -47.58
C SER G 172 34.20 8.56 -48.12
N LEU G 173 35.19 7.69 -47.98
CA LEU G 173 36.53 7.99 -48.46
C LEU G 173 36.55 8.13 -49.97
N ASN G 174 37.23 9.16 -50.45
CA ASN G 174 37.40 9.43 -51.87
C ASN G 174 38.88 9.66 -52.15
N SER G 175 39.19 9.88 -53.43
CA SER G 175 40.55 10.18 -53.82
C SER G 175 40.97 11.53 -53.25
N GLY G 176 42.17 11.57 -52.67
CA GLY G 176 42.70 12.77 -52.06
C GLY G 176 42.40 12.92 -50.58
N SER G 177 41.62 12.02 -50.00
CA SER G 177 41.36 12.07 -48.56
C SER G 177 42.64 11.79 -47.78
N LEU G 178 42.80 12.50 -46.67
CA LEU G 178 44.07 12.52 -45.95
C LEU G 178 44.22 11.33 -45.01
N VAL G 179 45.47 11.07 -44.63
CA VAL G 179 45.84 10.03 -43.68
C VAL G 179 46.58 10.70 -42.52
N TYR G 180 46.20 10.36 -41.30
CA TYR G 180 46.66 11.06 -40.11
C TYR G 180 47.38 10.12 -39.15
N PHE G 181 48.43 10.66 -38.53
CA PHE G 181 49.07 10.06 -37.36
C PHE G 181 49.16 11.15 -36.30
N ARG G 182 48.52 10.93 -35.15
CA ARG G 182 48.34 11.95 -34.13
C ARG G 182 47.66 13.19 -34.72
N LYS G 183 46.70 12.95 -35.62
CA LYS G 183 45.97 14.02 -36.32
C LYS G 183 46.92 14.95 -37.07
N ILE G 184 47.93 14.39 -37.71
CA ILE G 184 48.88 15.14 -38.53
C ILE G 184 48.84 14.54 -39.93
N PRO G 185 48.60 15.33 -40.97
CA PRO G 185 48.53 14.78 -42.35
C PRO G 185 49.89 14.27 -42.80
N VAL G 186 49.98 12.95 -43.02
CA VAL G 186 51.21 12.28 -43.42
C VAL G 186 51.04 11.49 -44.70
N GLY G 187 49.89 11.58 -45.35
CA GLY G 187 49.66 10.82 -46.56
C GLY G 187 48.27 11.08 -47.11
N LYS G 188 47.94 10.34 -48.17
CA LYS G 188 46.64 10.49 -48.82
C LYS G 188 46.28 9.23 -49.57
N VAL G 189 45.00 9.08 -49.87
CA VAL G 189 44.49 7.93 -50.60
C VAL G 189 44.85 8.11 -52.08
N TYR G 190 45.75 7.25 -52.58
CA TYR G 190 46.15 7.32 -53.98
C TYR G 190 45.06 6.81 -54.90
N ASP G 191 44.43 5.68 -54.57
CA ASP G 191 43.43 5.09 -55.45
C ASP G 191 42.56 4.12 -54.66
N TYR G 192 41.52 3.63 -55.31
CA TYR G 192 40.65 2.61 -54.74
C TYR G 192 40.12 1.72 -55.85
N ALA G 193 39.83 0.47 -55.50
CA ALA G 193 39.33 -0.49 -56.49
C ALA G 193 38.61 -1.61 -55.73
N ILE G 194 37.98 -2.50 -56.50
CA ILE G 194 37.26 -3.64 -55.96
C ILE G 194 38.10 -4.89 -56.16
N ASN G 195 38.04 -5.82 -55.21
CA ASN G 195 38.74 -7.08 -55.34
C ASN G 195 38.13 -7.92 -56.46
N PRO G 196 38.87 -8.89 -57.00
CA PRO G 196 38.25 -9.84 -57.93
C PRO G 196 37.04 -10.54 -57.34
N ASN G 197 37.08 -10.86 -56.06
CA ASN G 197 35.88 -11.21 -55.33
C ASN G 197 35.10 -9.93 -55.02
N LYS G 198 33.80 -9.96 -55.26
CA LYS G 198 32.98 -8.75 -55.16
C LYS G 198 32.75 -8.30 -53.72
N GLN G 199 33.21 -9.05 -52.73
CA GLN G 199 32.92 -8.70 -51.34
C GLN G 199 33.74 -7.51 -50.86
N GLY G 200 35.00 -7.41 -51.29
CA GLY G 200 35.91 -6.45 -50.68
C GLY G 200 36.40 -5.31 -51.56
N VAL G 201 36.83 -4.23 -50.92
CA VAL G 201 37.34 -3.04 -51.59
C VAL G 201 38.77 -2.82 -51.10
N VAL G 202 39.70 -2.67 -52.04
CA VAL G 202 41.11 -2.40 -51.73
C VAL G 202 41.37 -0.92 -51.98
N ILE G 203 41.79 -0.22 -50.93
CA ILE G 203 42.12 1.20 -51.00
C ILE G 203 43.63 1.31 -50.94
N ASP G 204 44.23 1.82 -52.01
CA ASP G 204 45.67 2.05 -52.06
C ASP G 204 45.94 3.45 -51.53
N VAL G 205 46.72 3.54 -50.45
CA VAL G 205 47.07 4.83 -49.85
C VAL G 205 48.58 4.98 -49.91
N LEU G 206 49.02 6.24 -49.86
CA LEU G 206 50.42 6.60 -50.00
C LEU G 206 50.83 7.47 -48.83
N ILE G 207 51.95 7.12 -48.21
CA ILE G 207 52.52 7.85 -47.09
C ILE G 207 53.81 8.50 -47.55
N GLU G 208 54.02 9.75 -47.13
CA GLU G 208 55.16 10.54 -47.60
C GLU G 208 56.48 9.91 -47.19
N ARG G 209 57.55 10.39 -47.84
CA ARG G 209 58.88 9.82 -47.62
C ARG G 209 59.36 10.04 -46.19
N ARG G 210 59.03 11.19 -45.60
CA ARG G 210 59.47 11.50 -44.24
C ARG G 210 58.85 10.54 -43.23
N PHE G 211 57.59 10.14 -43.44
CA PHE G 211 56.85 9.32 -42.50
C PHE G 211 56.78 7.86 -42.91
N THR G 212 57.76 7.39 -43.68
CA THR G 212 57.78 5.98 -44.07
C THR G 212 57.99 5.07 -42.87
N ASP G 213 58.87 5.48 -41.94
CA ASP G 213 59.15 4.66 -40.76
C ASP G 213 58.00 4.66 -39.75
N LEU G 214 57.01 5.54 -39.91
CA LEU G 214 55.88 5.55 -39.00
C LEU G 214 55.03 4.29 -39.14
N VAL G 215 54.86 3.82 -40.38
CA VAL G 215 54.02 2.65 -40.63
C VAL G 215 54.77 1.39 -40.20
N LYS G 216 54.13 0.58 -39.37
CA LYS G 216 54.68 -0.67 -38.88
C LYS G 216 53.81 -1.84 -39.29
N LYS G 217 54.28 -3.05 -39.00
CA LYS G 217 53.50 -4.25 -39.27
C LYS G 217 52.24 -4.29 -38.41
N GLY G 218 52.35 -3.88 -37.15
CA GLY G 218 51.24 -3.89 -36.22
C GLY G 218 50.41 -2.63 -36.19
N SER G 219 50.63 -1.71 -37.14
CA SER G 219 49.86 -0.47 -37.17
C SER G 219 48.40 -0.76 -37.48
N ARG G 220 47.50 0.02 -36.87
CA ARG G 220 46.07 -0.17 -36.99
C ARG G 220 45.45 1.07 -37.64
N PHE G 221 44.60 0.85 -38.64
CA PHE G 221 43.98 1.91 -39.40
C PHE G 221 42.48 1.94 -39.12
N TRP G 222 41.93 3.15 -39.01
CA TRP G 222 40.50 3.35 -38.86
C TRP G 222 40.06 4.54 -39.70
N ASN G 223 38.75 4.60 -39.95
CA ASN G 223 38.17 5.61 -40.84
C ASN G 223 37.42 6.64 -40.01
N VAL G 224 37.72 7.92 -40.24
CA VAL G 224 37.01 9.03 -39.63
C VAL G 224 36.36 9.79 -40.78
N SER G 225 35.05 9.60 -40.96
CA SER G 225 34.34 10.18 -42.09
C SER G 225 32.99 10.72 -41.64
N GLY G 226 32.63 11.88 -42.17
CA GLY G 226 31.35 12.49 -41.84
C GLY G 226 31.31 13.02 -40.42
N VAL G 227 30.09 13.31 -39.98
CA VAL G 227 29.82 13.80 -38.63
C VAL G 227 28.77 12.90 -38.00
N ASP G 228 29.05 12.41 -36.79
CA ASP G 228 28.12 11.58 -36.05
C ASP G 228 27.86 12.21 -34.69
N ALA G 229 26.60 12.20 -34.29
CA ALA G 229 26.17 12.74 -32.99
C ALA G 229 25.63 11.60 -32.15
N ASN G 230 26.19 11.45 -30.94
CA ASN G 230 25.79 10.39 -30.03
C ASN G 230 25.15 11.00 -28.79
N VAL G 231 23.99 10.49 -28.41
CA VAL G 231 23.28 10.94 -27.23
C VAL G 231 23.55 9.97 -26.11
N SER G 232 24.18 10.45 -25.04
CA SER G 232 24.54 9.63 -23.89
C SER G 232 23.57 9.88 -22.74
N ILE G 233 23.39 8.85 -21.92
CA ILE G 233 22.47 8.95 -20.79
C ILE G 233 23.06 9.87 -19.72
N SER G 234 22.17 10.58 -19.02
CA SER G 234 22.55 11.55 -17.98
C SER G 234 23.52 12.59 -18.52
N GLY G 235 23.22 13.12 -19.70
CA GLY G 235 24.07 14.12 -20.32
C GLY G 235 24.64 13.66 -21.66
N ALA G 236 24.34 14.40 -22.71
CA ALA G 236 24.78 14.07 -24.06
C ALA G 236 25.73 15.15 -24.56
N LYS G 237 26.86 14.75 -25.12
CA LYS G 237 27.85 15.67 -25.65
C LYS G 237 28.16 15.30 -27.10
N VAL G 238 28.11 16.30 -27.97
CA VAL G 238 28.44 16.14 -29.39
C VAL G 238 29.59 17.08 -29.70
N LYS G 239 30.70 16.54 -30.19
CA LYS G 239 31.91 17.31 -30.45
C LYS G 239 32.32 17.15 -31.91
N LEU G 240 32.66 18.27 -32.53
CA LEU G 240 33.18 18.29 -33.90
C LEU G 240 34.59 18.82 -33.88
N GLU G 241 35.51 18.07 -34.50
CA GLU G 241 36.93 18.43 -34.50
C GLU G 241 37.46 18.69 -35.90
N SER G 242 37.21 17.80 -36.85
CA SER G 242 37.76 17.89 -38.19
C SER G 242 36.65 18.20 -39.18
N LEU G 243 36.85 19.25 -39.98
CA LEU G 243 35.92 19.58 -41.04
C LEU G 243 36.28 18.95 -42.38
N ALA G 244 37.58 18.72 -42.62
CA ALA G 244 37.99 17.99 -43.82
C ALA G 244 37.45 16.57 -43.81
N ALA G 245 37.49 15.91 -42.66
CA ALA G 245 36.90 14.57 -42.55
C ALA G 245 35.39 14.62 -42.66
N LEU G 246 34.76 15.72 -42.23
CA LEU G 246 33.32 15.88 -42.42
C LEU G 246 32.97 15.98 -43.89
N VAL G 247 33.72 16.79 -44.63
CA VAL G 247 33.41 17.03 -46.05
C VAL G 247 33.77 15.83 -46.92
N ASN G 248 34.95 15.26 -46.74
CA ASN G 248 35.45 14.23 -47.64
C ASN G 248 35.83 12.93 -46.95
N GLY G 249 36.12 12.94 -45.65
CA GLY G 249 36.56 11.76 -44.94
C GLY G 249 38.08 11.68 -44.86
N ALA G 250 38.54 10.81 -43.97
CA ALA G 250 39.98 10.63 -43.77
C ALA G 250 40.23 9.29 -43.11
N ILE G 251 41.48 8.86 -43.16
CA ILE G 251 41.94 7.66 -42.49
C ILE G 251 42.95 8.08 -41.43
N ALA G 252 42.93 7.42 -40.28
CA ALA G 252 43.91 7.65 -39.24
C ALA G 252 44.53 6.31 -38.86
N PHE G 253 45.77 6.35 -38.38
CA PHE G 253 46.44 5.12 -38.00
C PHE G 253 47.26 5.31 -36.73
N ASP G 254 47.35 4.23 -35.96
CA ASP G 254 48.14 4.18 -34.73
C ASP G 254 49.27 3.17 -34.92
N SER G 255 50.48 3.57 -34.54
CA SER G 255 51.68 2.76 -34.72
C SER G 255 52.15 2.20 -33.40
N PRO G 256 52.32 0.90 -33.26
CA PRO G 256 52.83 0.34 -32.00
C PRO G 256 54.29 0.71 -31.79
N GLU G 257 54.70 0.72 -30.52
CA GLU G 257 56.04 1.15 -30.16
C GLU G 257 57.10 0.16 -30.64
N GLU G 258 56.83 -1.14 -30.49
CA GLU G 258 57.80 -2.19 -30.78
C GLU G 258 57.26 -3.07 -31.90
N SER G 259 57.54 -2.70 -33.15
CA SER G 259 57.17 -3.49 -34.31
C SER G 259 58.10 -3.18 -35.46
N LYS G 260 58.29 -4.16 -36.34
CA LYS G 260 59.12 -3.97 -37.51
C LYS G 260 58.39 -3.06 -38.52
N PRO G 261 59.13 -2.26 -39.28
CA PRO G 261 58.49 -1.40 -40.29
C PRO G 261 57.88 -2.22 -41.41
N ALA G 262 56.81 -1.68 -41.98
CA ALA G 262 56.09 -2.32 -43.08
C ALA G 262 56.47 -1.66 -44.41
N GLU G 263 56.51 -2.47 -45.46
CA GLU G 263 56.94 -1.99 -46.76
C GLU G 263 56.41 -2.94 -47.84
N ALA G 264 56.55 -2.50 -49.09
CA ALA G 264 56.25 -3.30 -50.28
C ALA G 264 54.79 -3.74 -50.30
N GLU G 265 53.89 -2.75 -50.34
CA GLU G 265 52.45 -2.96 -50.50
C GLU G 265 51.88 -3.89 -49.42
N ASP G 266 52.30 -3.68 -48.18
CA ASP G 266 51.78 -4.47 -47.08
C ASP G 266 50.30 -4.18 -46.85
N THR G 267 49.52 -5.25 -46.68
CA THR G 267 48.08 -5.13 -46.52
C THR G 267 47.72 -4.90 -45.05
N PHE G 268 46.63 -4.17 -44.84
CA PHE G 268 46.13 -3.88 -43.50
C PHE G 268 44.61 -3.91 -43.52
N GLY G 269 44.03 -4.04 -42.32
CA GLY G 269 42.59 -4.04 -42.16
C GLY G 269 42.09 -2.69 -41.73
N LEU G 270 41.13 -2.15 -42.49
CA LEU G 270 40.56 -0.83 -42.22
C LEU G 270 39.36 -0.99 -41.31
N TYR G 271 39.55 -0.71 -40.02
CA TYR G 271 38.44 -0.75 -39.07
C TYR G 271 37.52 0.45 -39.29
N GLU G 272 36.24 0.26 -38.96
CA GLU G 272 35.25 1.30 -39.20
C GLU G 272 35.24 2.38 -38.13
N ASP G 273 35.89 2.15 -36.99
CA ASP G 273 35.87 3.14 -35.91
C ASP G 273 37.08 2.90 -35.01
N LEU G 274 37.40 3.93 -34.22
CA LEU G 274 38.49 3.83 -33.25
C LEU G 274 38.19 2.78 -32.19
N ALA G 275 36.93 2.71 -31.75
CA ALA G 275 36.53 1.70 -30.77
C ALA G 275 36.70 0.29 -31.34
N HIS G 276 36.35 0.10 -32.61
CA HIS G 276 36.59 -1.19 -33.26
C HIS G 276 38.06 -1.48 -33.46
N SER G 277 38.89 -0.45 -33.67
CA SER G 277 40.32 -0.63 -33.85
C SER G 277 41.08 -0.69 -32.52
N GLN G 278 40.38 -0.54 -31.39
CA GLN G 278 41.04 -0.67 -30.09
C GLN G 278 41.60 -2.08 -29.91
N ARG G 279 42.82 -2.15 -29.40
CA ARG G 279 43.48 -3.43 -29.20
C ARG G 279 42.90 -4.15 -27.99
N GLY G 280 42.86 -5.47 -28.06
CA GLY G 280 42.32 -6.25 -26.98
C GLY G 280 42.48 -7.74 -27.22
N VAL G 281 41.86 -8.52 -26.35
CA VAL G 281 41.90 -9.97 -26.40
C VAL G 281 40.47 -10.48 -26.58
N ILE G 282 40.29 -11.41 -27.51
CA ILE G 282 38.97 -11.96 -27.82
C ILE G 282 38.65 -13.07 -26.83
N ILE G 283 37.46 -13.01 -26.24
CA ILE G 283 36.97 -14.02 -25.32
C ILE G 283 35.62 -14.51 -25.82
N LYS G 284 35.47 -15.83 -25.93
CA LYS G 284 34.23 -16.43 -26.39
C LYS G 284 33.30 -16.69 -25.21
N LEU G 285 32.04 -16.30 -25.35
CA LEU G 285 31.04 -16.41 -24.29
C LEU G 285 29.87 -17.24 -24.80
N GLU G 286 29.44 -18.21 -24.00
CA GLU G 286 28.27 -19.03 -24.31
C GLU G 286 27.09 -18.44 -23.54
N LEU G 287 26.45 -17.44 -24.14
CA LEU G 287 25.40 -16.71 -23.47
C LEU G 287 24.12 -17.54 -23.41
N PRO G 288 23.32 -17.39 -22.35
CA PRO G 288 22.01 -18.06 -22.33
C PRO G 288 21.03 -17.46 -23.31
N SER G 289 20.95 -16.13 -23.39
CA SER G 289 20.08 -15.45 -24.33
C SER G 289 20.59 -14.04 -24.53
N GLY G 290 20.17 -13.43 -25.64
CA GLY G 290 20.55 -12.07 -25.95
C GLY G 290 19.40 -11.09 -25.85
N ALA G 291 18.57 -11.25 -24.81
CA ALA G 291 17.37 -10.42 -24.67
C ALA G 291 17.73 -8.96 -24.45
N GLY G 292 18.74 -8.68 -23.64
CA GLY G 292 19.13 -7.31 -23.36
C GLY G 292 20.58 -7.01 -23.63
N LEU G 293 21.17 -7.74 -24.58
CA LEU G 293 22.57 -7.60 -24.94
C LEU G 293 22.67 -6.97 -26.32
N THR G 294 23.46 -5.92 -26.44
CA THR G 294 23.65 -5.18 -27.68
C THR G 294 25.12 -5.21 -28.06
N ALA G 295 25.39 -5.49 -29.33
CA ALA G 295 26.77 -5.52 -29.82
C ALA G 295 27.38 -4.12 -29.75
N ASP G 296 28.64 -4.07 -29.32
CA ASP G 296 29.41 -2.83 -29.17
C ASP G 296 28.76 -1.85 -28.19
N SER G 297 27.89 -2.34 -27.30
CA SER G 297 27.25 -1.47 -26.32
C SER G 297 27.20 -2.06 -24.91
N THR G 298 27.45 -3.36 -24.72
CA THR G 298 27.38 -3.96 -23.40
C THR G 298 28.78 -4.07 -22.81
N PRO G 299 29.07 -3.39 -21.71
CA PRO G 299 30.41 -3.43 -21.13
C PRO G 299 30.59 -4.59 -20.16
N LEU G 300 31.84 -4.79 -19.75
CA LEU G 300 32.22 -5.76 -18.73
C LEU G 300 32.78 -4.99 -17.54
N MET G 301 31.98 -4.85 -16.48
CA MET G 301 32.37 -4.05 -15.32
C MET G 301 33.06 -4.93 -14.30
N TYR G 302 34.29 -4.56 -13.94
CA TYR G 302 35.02 -5.18 -12.85
C TYR G 302 35.40 -4.10 -11.85
N GLN G 303 35.01 -4.28 -10.59
CA GLN G 303 35.19 -3.29 -9.53
C GLN G 303 34.55 -1.95 -9.90
N GLY G 304 33.46 -1.99 -10.68
CA GLY G 304 32.76 -0.79 -11.10
C GLY G 304 33.33 -0.09 -12.31
N LEU G 305 34.45 -0.57 -12.86
CA LEU G 305 35.11 0.07 -14.00
C LEU G 305 35.02 -0.82 -15.23
N GLU G 306 34.80 -0.19 -16.38
CA GLU G 306 34.65 -0.93 -17.63
C GLU G 306 36.01 -1.42 -18.12
N VAL G 307 36.17 -2.74 -18.19
CA VAL G 307 37.41 -3.36 -18.66
C VAL G 307 37.19 -4.22 -19.90
N GLY G 308 35.96 -4.37 -20.37
CA GLY G 308 35.68 -5.20 -21.52
C GLY G 308 34.49 -4.66 -22.28
N GLN G 309 34.27 -5.23 -23.47
CA GLN G 309 33.18 -4.79 -24.34
C GLN G 309 32.75 -5.95 -25.21
N LEU G 310 31.49 -6.36 -25.08
CA LEU G 310 30.93 -7.41 -25.93
C LEU G 310 30.75 -6.87 -27.35
N THR G 311 31.59 -7.33 -28.28
CA THR G 311 31.60 -6.77 -29.63
C THR G 311 30.83 -7.61 -30.65
N LYS G 312 30.78 -8.92 -30.47
CA LYS G 312 30.13 -9.79 -31.45
C LYS G 312 29.05 -10.62 -30.77
N LEU G 313 27.93 -10.78 -31.47
CA LEU G 313 26.79 -11.53 -30.95
C LEU G 313 26.14 -12.31 -32.08
N ASP G 314 26.09 -13.64 -31.94
CA ASP G 314 25.60 -14.52 -33.00
C ASP G 314 24.62 -15.54 -32.43
N LEU G 315 23.81 -16.09 -33.32
CA LEU G 315 22.82 -17.12 -32.99
C LEU G 315 23.15 -18.35 -33.84
N ASN G 316 23.97 -19.24 -33.29
CA ASN G 316 24.27 -20.50 -33.95
C ASN G 316 23.04 -21.39 -33.98
N PRO G 317 22.90 -22.22 -35.02
CA PRO G 317 21.69 -23.04 -35.17
C PRO G 317 21.51 -24.01 -34.01
N GLY G 318 20.24 -24.31 -33.73
CA GLY G 318 19.87 -24.95 -32.50
C GLY G 318 19.51 -24.00 -31.39
N GLY G 319 19.35 -22.71 -31.71
CA GLY G 319 19.06 -21.70 -30.72
C GLY G 319 20.18 -21.47 -29.72
N LYS G 320 21.43 -21.40 -30.20
CA LYS G 320 22.58 -21.23 -29.32
C LYS G 320 23.09 -19.80 -29.45
N VAL G 321 22.83 -18.99 -28.44
CA VAL G 321 23.29 -17.60 -28.44
C VAL G 321 24.73 -17.56 -27.96
N THR G 322 25.64 -17.11 -28.82
CA THR G 322 27.05 -17.01 -28.49
C THR G 322 27.53 -15.58 -28.73
N GLY G 323 28.69 -15.27 -28.16
CA GLY G 323 29.23 -13.93 -28.31
C GLY G 323 30.73 -13.90 -28.19
N GLU G 324 31.30 -12.78 -28.60
CA GLU G 324 32.72 -12.49 -28.49
C GLU G 324 32.90 -11.13 -27.85
N MET G 325 33.83 -11.05 -26.90
CA MET G 325 34.05 -9.84 -26.11
C MET G 325 35.53 -9.48 -26.16
N THR G 326 35.82 -8.20 -26.39
CA THR G 326 37.19 -7.72 -26.36
C THR G 326 37.51 -7.19 -24.97
N VAL G 327 38.59 -7.69 -24.38
CA VAL G 327 39.02 -7.30 -23.05
C VAL G 327 40.38 -6.62 -23.15
N ASP G 328 40.56 -5.56 -22.36
CA ASP G 328 41.82 -4.82 -22.37
C ASP G 328 42.93 -5.67 -21.74
N PRO G 329 44.19 -5.41 -22.12
CA PRO G 329 45.29 -6.30 -21.66
C PRO G 329 45.50 -6.32 -20.15
N SER G 330 44.97 -5.36 -19.40
CA SER G 330 45.25 -5.30 -17.97
C SER G 330 44.61 -6.46 -17.22
N VAL G 331 43.43 -6.91 -17.65
CA VAL G 331 42.67 -7.94 -16.94
C VAL G 331 42.81 -9.31 -17.58
N VAL G 332 43.80 -9.50 -18.46
CA VAL G 332 44.00 -10.81 -19.07
C VAL G 332 44.46 -11.82 -18.03
N THR G 333 45.32 -11.41 -17.10
CA THR G 333 45.79 -12.30 -16.06
C THR G 333 44.69 -12.70 -15.08
N LEU G 334 43.59 -11.94 -15.05
CA LEU G 334 42.45 -12.26 -14.20
C LEU G 334 41.51 -13.29 -14.83
N LEU G 335 41.75 -13.67 -16.08
CA LEU G 335 40.92 -14.64 -16.79
C LEU G 335 41.59 -16.01 -16.66
N ARG G 336 41.21 -16.75 -15.61
CA ARG G 336 41.78 -18.06 -15.35
C ARG G 336 40.68 -19.10 -15.17
N GLU G 337 41.03 -20.29 -14.68
CA GLU G 337 40.04 -21.31 -14.40
C GLU G 337 39.11 -20.87 -13.27
N ASN G 338 37.93 -21.50 -13.22
CA ASN G 338 36.82 -21.19 -12.33
C ASN G 338 36.60 -19.69 -12.16
N THR G 339 36.68 -18.95 -13.27
CA THR G 339 36.37 -17.53 -13.29
C THR G 339 34.98 -17.35 -13.88
N ARG G 340 34.11 -16.68 -13.13
CA ARG G 340 32.71 -16.56 -13.49
C ARG G 340 32.44 -15.20 -14.11
N ILE G 341 31.92 -15.20 -15.33
CA ILE G 341 31.47 -13.99 -16.01
C ILE G 341 29.96 -14.09 -16.14
N GLU G 342 29.24 -13.41 -15.25
CA GLU G 342 27.80 -13.49 -15.17
C GLU G 342 27.18 -12.17 -15.64
N LEU G 343 25.86 -12.18 -15.80
CA LEU G 343 25.10 -11.01 -16.21
C LEU G 343 24.32 -10.46 -15.04
N ARG G 344 24.35 -9.14 -14.89
CA ARG G 344 23.68 -8.43 -13.80
C ARG G 344 22.47 -7.70 -14.36
N ASN G 345 21.29 -8.03 -13.86
CA ASN G 345 20.09 -7.31 -14.26
C ASN G 345 20.04 -5.95 -13.59
N PRO G 346 19.50 -4.93 -14.28
CA PRO G 346 19.40 -3.60 -13.68
C PRO G 346 18.34 -3.55 -12.59
N LYS G 347 18.77 -3.47 -11.34
CA LYS G 347 17.86 -3.45 -10.19
C LYS G 347 17.66 -2.02 -9.70
N LEU G 348 16.48 -1.76 -9.16
CA LEU G 348 16.12 -0.47 -8.62
C LEU G 348 16.13 -0.52 -7.10
N SER G 349 16.89 0.40 -6.48
CA SER G 349 16.99 0.48 -5.04
C SER G 349 16.37 1.80 -4.58
N LEU G 350 15.42 1.70 -3.66
CA LEU G 350 14.76 2.90 -3.15
C LEU G 350 15.71 3.76 -2.32
N SER G 351 16.56 3.13 -1.52
CA SER G 351 17.49 3.88 -0.69
C SER G 351 18.56 4.57 -1.52
N ASP G 352 19.12 3.86 -2.50
CA ASP G 352 20.18 4.37 -3.36
C ASP G 352 19.76 4.18 -4.81
N ALA G 353 19.04 5.15 -5.36
CA ALA G 353 18.59 5.06 -6.73
C ALA G 353 19.76 5.30 -7.68
N ASN G 354 19.88 4.45 -8.69
CA ASN G 354 20.94 4.52 -9.68
C ASN G 354 20.30 4.61 -11.07
N LEU G 355 20.02 5.85 -11.50
CA LEU G 355 19.39 6.05 -12.80
C LEU G 355 20.31 5.63 -13.94
N SER G 356 21.61 5.88 -13.81
CA SER G 356 22.56 5.46 -14.84
C SER G 356 22.60 3.93 -14.96
N ALA G 357 22.61 3.23 -13.82
CA ALA G 357 22.60 1.78 -13.86
C ALA G 357 21.27 1.24 -14.40
N LEU G 358 20.17 1.92 -14.10
CA LEU G 358 18.88 1.52 -14.66
C LEU G 358 18.86 1.70 -16.18
N LEU G 359 19.44 2.81 -16.67
CA LEU G 359 19.42 3.09 -18.10
C LEU G 359 20.40 2.22 -18.88
N THR G 360 21.53 1.83 -18.29
CA THR G 360 22.48 0.99 -19.00
C THR G 360 21.89 -0.38 -19.31
N GLY G 361 21.16 -0.97 -18.36
CA GLY G 361 20.53 -2.25 -18.58
C GLY G 361 21.39 -3.43 -18.19
N LYS G 362 21.47 -4.44 -19.08
CA LYS G 362 22.29 -5.60 -18.82
C LYS G 362 23.77 -5.22 -18.79
N THR G 363 24.51 -5.83 -17.87
CA THR G 363 25.92 -5.51 -17.69
C THR G 363 26.64 -6.74 -17.16
N PHE G 364 27.67 -7.18 -17.88
CA PHE G 364 28.46 -8.32 -17.42
C PHE G 364 29.33 -7.94 -16.24
N GLU G 365 29.56 -8.90 -15.35
CA GLU G 365 30.40 -8.71 -14.18
C GLU G 365 31.50 -9.76 -14.16
N LEU G 366 32.72 -9.34 -13.82
CA LEU G 366 33.87 -10.22 -13.81
C LEU G 366 34.21 -10.60 -12.37
N VAL G 367 34.23 -11.89 -12.10
CA VAL G 367 34.62 -12.43 -10.81
C VAL G 367 35.87 -13.28 -10.99
N PRO G 368 37.05 -12.74 -10.69
CA PRO G 368 38.28 -13.45 -10.97
C PRO G 368 38.45 -14.71 -10.14
N GLY G 369 39.19 -15.66 -10.70
CA GLY G 369 39.51 -16.90 -10.02
C GLY G 369 40.98 -17.24 -10.12
N ASP G 370 41.32 -18.52 -9.96
CA ASP G 370 42.70 -18.96 -10.05
C ASP G 370 42.77 -20.26 -10.85
N GLY G 371 43.92 -20.48 -11.47
CA GLY G 371 44.15 -21.68 -12.25
C GLY G 371 44.77 -21.35 -13.59
N GLU G 372 44.72 -22.32 -14.50
CA GLU G 372 45.25 -22.12 -15.83
C GLU G 372 44.41 -21.09 -16.59
N PRO G 373 45.04 -20.13 -17.26
CA PRO G 373 44.27 -19.13 -18.01
C PRO G 373 43.46 -19.78 -19.13
N ARG G 374 42.25 -19.24 -19.34
CA ARG G 374 41.34 -19.76 -20.36
C ARG G 374 40.73 -18.59 -21.13
N LYS G 375 40.35 -18.86 -22.37
CA LYS G 375 39.80 -17.84 -23.25
C LYS G 375 38.31 -18.04 -23.55
N GLU G 376 37.70 -19.09 -23.02
CA GLU G 376 36.29 -19.37 -23.25
C GLU G 376 35.57 -19.50 -21.92
N PHE G 377 34.38 -18.91 -21.82
CA PHE G 377 33.61 -18.93 -20.59
C PHE G 377 32.14 -19.20 -20.92
N VAL G 378 31.42 -19.72 -19.94
CA VAL G 378 29.98 -19.96 -20.04
C VAL G 378 29.29 -19.01 -19.08
N VAL G 379 28.43 -18.15 -19.62
CA VAL G 379 27.78 -17.12 -18.82
C VAL G 379 26.52 -17.69 -18.17
N VAL G 380 26.42 -17.54 -16.86
CA VAL G 380 25.25 -17.99 -16.11
C VAL G 380 24.53 -16.76 -15.55
N PRO G 381 23.22 -16.81 -15.36
CA PRO G 381 22.51 -15.65 -14.80
C PRO G 381 22.82 -15.46 -13.33
N GLY G 382 22.29 -14.37 -12.78
CA GLY G 382 22.47 -14.09 -11.36
C GLY G 382 21.80 -15.11 -10.47
N GLU G 383 20.74 -15.75 -10.97
CA GLU G 383 20.09 -16.82 -10.22
C GLU G 383 21.03 -18.02 -10.03
N LYS G 384 21.78 -18.37 -11.08
CA LYS G 384 22.72 -19.48 -11.02
C LYS G 384 24.12 -19.05 -10.64
N ALA G 385 24.33 -17.77 -10.35
CA ALA G 385 25.65 -17.30 -9.92
C ALA G 385 26.09 -17.96 -8.63
N LEU G 386 25.17 -18.07 -7.67
CA LEU G 386 25.49 -18.75 -6.42
C LEU G 386 25.70 -20.25 -6.63
N LEU G 387 24.92 -20.84 -7.54
CA LEU G 387 25.04 -22.27 -7.80
C LEU G 387 26.38 -22.62 -8.46
N HIS G 388 26.86 -21.76 -9.36
CA HIS G 388 28.08 -22.04 -10.11
C HIS G 388 29.35 -21.57 -9.41
N GLU G 389 29.27 -21.23 -8.13
CA GLU G 389 30.46 -20.83 -7.39
C GLU G 389 31.42 -22.01 -7.24
N PRO G 390 32.73 -21.74 -7.15
CA PRO G 390 33.69 -22.85 -7.00
C PRO G 390 33.46 -23.68 -5.75
N ASP G 391 33.04 -23.07 -4.65
CA ASP G 391 32.68 -23.78 -3.43
C ASP G 391 31.26 -23.39 -3.04
N VAL G 392 30.39 -24.39 -2.97
CA VAL G 392 28.99 -24.17 -2.62
C VAL G 392 28.39 -25.51 -2.20
N LEU G 393 27.56 -25.49 -1.17
CA LEU G 393 26.93 -26.71 -0.66
C LEU G 393 25.57 -26.87 -1.34
N THR G 394 25.46 -27.81 -2.26
CA THR G 394 24.22 -28.06 -2.97
C THR G 394 23.45 -29.17 -2.28
N LEU G 395 22.18 -28.90 -1.95
CA LEU G 395 21.37 -29.84 -1.20
C LEU G 395 20.02 -30.01 -1.89
N THR G 396 19.43 -31.19 -1.70
CA THR G 396 18.12 -31.52 -2.22
C THR G 396 17.20 -31.92 -1.06
N LEU G 397 16.00 -31.35 -1.04
CA LEU G 397 15.03 -31.66 0.01
C LEU G 397 13.67 -31.97 -0.62
N THR G 398 13.08 -33.08 -0.20
CA THR G 398 11.78 -33.51 -0.66
C THR G 398 10.70 -33.18 0.36
N ALA G 399 9.52 -32.83 -0.15
CA ALA G 399 8.38 -32.48 0.68
C ALA G 399 7.11 -32.98 0.02
N PRO G 400 6.05 -33.23 0.80
CA PRO G 400 4.75 -33.55 0.20
C PRO G 400 4.05 -32.35 -0.42
N GLU G 401 4.52 -31.13 -0.15
CA GLU G 401 3.89 -29.92 -0.67
C GLU G 401 4.95 -28.85 -0.84
N SER G 402 4.66 -27.87 -1.68
CA SER G 402 5.62 -26.78 -1.91
C SER G 402 5.66 -25.81 -0.73
N TYR G 403 4.56 -25.72 0.03
CA TYR G 403 4.44 -24.82 1.19
C TYR G 403 4.65 -23.36 0.80
N GLY G 404 4.31 -23.00 -0.43
CA GLY G 404 4.45 -21.63 -0.88
C GLY G 404 5.89 -21.15 -1.03
N ILE G 405 6.82 -22.06 -1.30
CA ILE G 405 8.22 -21.73 -1.44
C ILE G 405 8.57 -21.73 -2.92
N ASP G 406 9.02 -20.58 -3.42
CA ASP G 406 9.36 -20.43 -4.84
C ASP G 406 10.85 -20.73 -5.02
N ALA G 407 11.38 -20.43 -6.21
CA ALA G 407 12.78 -20.67 -6.54
C ALA G 407 13.65 -19.45 -6.30
N GLY G 408 13.27 -18.59 -5.37
CA GLY G 408 14.05 -17.42 -5.03
C GLY G 408 14.07 -17.14 -3.55
N GLN G 409 13.42 -18.00 -2.77
CA GLN G 409 13.34 -17.82 -1.34
C GLN G 409 14.72 -18.05 -0.70
N PRO G 410 15.12 -17.21 0.25
CA PRO G 410 16.43 -17.38 0.89
C PRO G 410 16.38 -18.25 2.14
N LEU G 411 17.42 -19.08 2.29
CA LEU G 411 17.57 -19.90 3.48
C LEU G 411 18.16 -19.06 4.61
N ILE G 412 17.60 -19.20 5.81
CA ILE G 412 17.95 -18.37 6.95
C ILE G 412 18.45 -19.28 8.07
N LEU G 413 19.63 -18.97 8.60
CA LEU G 413 20.22 -19.69 9.72
C LEU G 413 20.51 -18.68 10.83
N HIS G 414 19.88 -18.87 11.99
CA HIS G 414 20.05 -18.00 13.16
C HIS G 414 19.75 -16.54 12.82
N GLY G 415 18.74 -16.32 11.99
CA GLY G 415 18.33 -14.99 11.61
C GLY G 415 19.18 -14.34 10.54
N VAL G 416 20.18 -15.04 10.01
CA VAL G 416 21.06 -14.49 8.99
C VAL G 416 20.97 -15.38 7.75
N GLN G 417 20.76 -14.75 6.59
CA GLN G 417 20.64 -15.48 5.34
C GLN G 417 21.97 -16.14 4.98
N VAL G 418 21.94 -17.46 4.75
CA VAL G 418 23.13 -18.22 4.43
C VAL G 418 23.02 -18.98 3.12
N GLY G 419 21.85 -18.98 2.49
CA GLY G 419 21.68 -19.75 1.28
C GLY G 419 20.50 -19.25 0.46
N GLN G 420 20.19 -20.01 -0.59
CA GLN G 420 19.13 -19.62 -1.51
C GLN G 420 18.59 -20.86 -2.22
N VAL G 421 17.27 -20.92 -2.37
CA VAL G 421 16.64 -22.01 -3.10
C VAL G 421 16.88 -21.79 -4.59
N ILE G 422 17.77 -22.59 -5.18
CA ILE G 422 18.10 -22.41 -6.59
C ILE G 422 16.91 -22.77 -7.47
N ASP G 423 16.27 -23.92 -7.20
CA ASP G 423 15.18 -24.32 -8.07
C ASP G 423 14.20 -25.21 -7.32
N ARG G 424 13.00 -25.34 -7.90
CA ARG G 424 11.92 -26.17 -7.37
C ARG G 424 11.34 -27.00 -8.52
N LYS G 425 11.08 -28.28 -8.24
CA LYS G 425 10.53 -29.19 -9.22
C LYS G 425 9.37 -29.96 -8.60
N LEU G 426 8.39 -30.31 -9.44
CA LEU G 426 7.23 -31.07 -9.01
C LEU G 426 7.22 -32.43 -9.70
N THR G 427 7.18 -33.50 -8.92
CA THR G 427 7.13 -34.85 -9.45
C THR G 427 5.93 -35.59 -8.90
N SER G 428 5.81 -36.88 -9.21
CA SER G 428 4.71 -37.68 -8.69
C SER G 428 4.83 -37.85 -7.18
N LYS G 429 6.05 -38.02 -6.67
CA LYS G 429 6.23 -38.21 -5.23
C LYS G 429 5.87 -36.94 -4.45
N GLY G 430 6.28 -35.78 -4.94
CA GLY G 430 6.00 -34.54 -4.26
C GLY G 430 6.70 -33.34 -4.86
N VAL G 431 7.31 -32.50 -4.02
CA VAL G 431 8.02 -31.31 -4.46
C VAL G 431 9.47 -31.42 -3.98
N THR G 432 10.40 -31.26 -4.92
CA THR G 432 11.82 -31.33 -4.63
C THR G 432 12.43 -29.95 -4.79
N PHE G 433 13.04 -29.44 -3.72
CA PHE G 433 13.73 -28.16 -3.75
C PHE G 433 15.23 -28.40 -3.78
N THR G 434 15.90 -27.84 -4.78
CA THR G 434 17.35 -27.82 -4.84
C THR G 434 17.82 -26.45 -4.35
N VAL G 435 18.66 -26.45 -3.31
CA VAL G 435 19.09 -25.24 -2.63
C VAL G 435 20.61 -25.21 -2.59
N ALA G 436 21.15 -24.01 -2.41
CA ALA G 436 22.58 -23.78 -2.34
C ALA G 436 22.92 -23.03 -1.06
N ILE G 437 24.05 -23.38 -0.47
CA ILE G 437 24.56 -22.76 0.76
C ILE G 437 25.93 -22.18 0.44
N GLU G 438 26.13 -20.92 0.84
CA GLU G 438 27.37 -20.22 0.57
C GLU G 438 28.54 -20.88 1.30
N PRO G 439 29.74 -20.81 0.72
CA PRO G 439 30.91 -21.43 1.37
C PRO G 439 31.28 -20.79 2.70
N GLN G 440 30.86 -19.54 2.94
CA GLN G 440 31.17 -18.88 4.21
C GLN G 440 30.49 -19.59 5.38
N HIS G 441 29.25 -20.03 5.18
CA HIS G 441 28.48 -20.68 6.23
C HIS G 441 28.30 -22.18 5.98
N ARG G 442 29.12 -22.76 5.10
CA ARG G 442 29.00 -24.19 4.81
C ARG G 442 29.34 -25.04 6.02
N GLU G 443 30.36 -24.64 6.79
CA GLU G 443 30.76 -25.40 7.97
C GLU G 443 29.72 -25.38 9.07
N LEU G 444 28.89 -24.33 9.13
CA LEU G 444 27.90 -24.21 10.19
C LEU G 444 26.75 -25.20 10.05
N VAL G 445 26.59 -25.80 8.87
CA VAL G 445 25.50 -26.77 8.67
C VAL G 445 25.74 -28.02 9.50
N LYS G 446 26.99 -28.50 9.55
CA LYS G 446 27.47 -29.63 10.33
C LYS G 446 26.95 -30.98 9.84
N GLY G 447 26.10 -31.01 8.81
CA GLY G 447 25.66 -32.25 8.22
C GLY G 447 24.49 -32.93 8.90
N ASP G 448 23.98 -32.37 10.00
CA ASP G 448 22.84 -32.91 10.72
C ASP G 448 21.78 -31.83 10.89
N SER G 449 21.44 -31.17 9.80
CA SER G 449 20.55 -30.02 9.83
C SER G 449 19.09 -30.45 9.65
N LYS G 450 18.21 -29.72 10.33
CA LYS G 450 16.77 -29.91 10.20
C LYS G 450 16.18 -28.69 9.51
N PHE G 451 15.43 -28.94 8.43
CA PHE G 451 14.90 -27.88 7.58
C PHE G 451 13.42 -27.68 7.90
N VAL G 452 13.05 -26.43 8.19
CA VAL G 452 11.70 -26.08 8.60
C VAL G 452 11.14 -25.06 7.62
N VAL G 453 9.86 -25.20 7.28
CA VAL G 453 9.21 -24.20 6.43
C VAL G 453 9.10 -22.89 7.20
N ASN G 454 9.79 -21.87 6.72
CA ASN G 454 9.83 -20.56 7.35
C ASN G 454 8.95 -19.54 6.63
N SER G 455 8.06 -20.01 5.75
CA SER G 455 7.18 -19.14 4.98
C SER G 455 5.78 -19.03 5.57
N ARG G 456 5.41 -19.89 6.51
CA ARG G 456 4.09 -19.89 7.12
C ARG G 456 4.17 -19.44 8.57
N VAL G 457 3.03 -18.97 9.09
CA VAL G 457 2.94 -18.42 10.43
C VAL G 457 1.82 -19.15 11.17
N ASP G 458 2.10 -19.56 12.41
CA ASP G 458 1.13 -20.23 13.26
C ASP G 458 0.81 -19.34 14.45
N VAL G 459 -0.49 -19.07 14.65
CA VAL G 459 -0.95 -18.19 15.72
C VAL G 459 -1.90 -18.98 16.61
N LYS G 460 -1.62 -18.98 17.91
CA LYS G 460 -2.49 -19.58 18.91
C LYS G 460 -2.71 -18.59 20.04
N VAL G 461 -3.97 -18.39 20.42
CA VAL G 461 -4.34 -17.41 21.44
C VAL G 461 -5.23 -18.09 22.47
N GLY G 462 -4.95 -17.80 23.74
CA GLY G 462 -5.80 -18.28 24.82
C GLY G 462 -5.88 -17.28 25.96
N LEU G 463 -6.26 -17.77 27.14
CA LEU G 463 -6.38 -16.90 28.31
C LEU G 463 -5.02 -16.35 28.73
N ASP G 464 -3.98 -17.19 28.71
CA ASP G 464 -2.65 -16.74 29.09
C ASP G 464 -1.62 -17.17 28.04
N GLY G 465 -1.91 -18.24 27.32
CA GLY G 465 -0.97 -18.75 26.33
C GLY G 465 -1.13 -18.11 24.97
N VAL G 466 -0.11 -17.35 24.55
CA VAL G 466 -0.08 -16.73 23.22
C VAL G 466 1.18 -17.22 22.52
N GLU G 467 1.02 -17.89 21.39
CA GLU G 467 2.13 -18.45 20.63
C GLU G 467 2.09 -17.92 19.21
N PHE G 468 3.20 -17.34 18.76
CA PHE G 468 3.37 -16.86 17.40
C PHE G 468 4.60 -17.58 16.84
N LEU G 469 4.37 -18.77 16.30
CA LEU G 469 5.44 -19.65 15.85
C LEU G 469 5.46 -19.73 14.33
N GLY G 470 6.35 -20.57 13.81
CA GLY G 470 6.52 -20.70 12.38
C GLY G 470 7.48 -19.68 11.81
N ALA G 471 7.09 -18.41 11.86
CA ALA G 471 7.93 -17.33 11.37
C ALA G 471 7.50 -16.02 12.01
N SER G 472 8.44 -15.09 12.12
CA SER G 472 8.13 -13.75 12.60
C SER G 472 7.62 -12.92 11.44
N ALA G 473 7.47 -11.61 11.64
CA ALA G 473 7.03 -10.74 10.54
C ALA G 473 8.11 -10.60 9.48
N SER G 474 9.35 -10.33 9.90
CA SER G 474 10.46 -10.26 8.96
C SER G 474 10.71 -11.62 8.31
N GLU G 475 10.63 -12.69 9.11
CA GLU G 475 10.79 -14.03 8.56
C GLU G 475 9.69 -14.36 7.56
N TRP G 476 8.48 -13.83 7.76
CA TRP G 476 7.38 -14.08 6.83
C TRP G 476 7.56 -13.28 5.55
N ILE G 477 7.97 -12.02 5.65
CA ILE G 477 8.19 -11.23 4.45
C ILE G 477 9.42 -11.69 3.68
N ASN G 478 10.35 -12.39 4.34
CA ASN G 478 11.49 -12.94 3.62
C ASN G 478 11.16 -14.30 3.00
N GLY G 479 10.58 -15.20 3.79
CA GLY G 479 10.26 -16.53 3.31
C GLY G 479 11.48 -17.43 3.25
N GLY G 480 11.24 -18.69 2.88
CA GLY G 480 12.32 -19.63 2.68
C GLY G 480 12.33 -20.81 3.63
N ILE G 481 13.53 -21.33 3.89
CA ILE G 481 13.69 -22.53 4.71
C ILE G 481 14.68 -22.23 5.83
N ARG G 482 14.24 -22.40 7.06
CA ARG G 482 15.10 -22.24 8.22
C ARG G 482 15.90 -23.51 8.45
N ILE G 483 17.13 -23.34 8.94
CA ILE G 483 18.09 -24.42 9.11
C ILE G 483 18.42 -24.56 10.59
N LEU G 484 18.35 -25.78 11.11
CA LEU G 484 18.73 -26.05 12.49
C LEU G 484 19.98 -26.93 12.51
N PRO G 485 21.15 -26.39 12.84
CA PRO G 485 22.38 -27.19 12.78
C PRO G 485 22.47 -28.20 13.91
N GLY G 486 23.19 -29.28 13.64
CA GLY G 486 23.47 -30.30 14.64
C GLY G 486 24.93 -30.32 15.06
N ASP G 487 25.51 -31.51 15.18
CA ASP G 487 26.89 -31.66 15.59
C ASP G 487 27.74 -32.45 14.60
N LYS G 488 27.18 -33.48 13.97
CA LYS G 488 27.97 -34.32 13.08
C LYS G 488 27.03 -35.05 12.12
N GLY G 489 27.49 -35.23 10.88
CA GLY G 489 26.71 -35.95 9.88
C GLY G 489 27.58 -36.32 8.71
N GLU G 490 27.02 -37.14 7.83
CA GLU G 490 27.73 -37.68 6.67
C GLU G 490 27.36 -36.98 5.36
N MET G 491 26.57 -35.91 5.43
CA MET G 491 26.16 -35.12 4.26
C MET G 491 25.43 -36.01 3.23
N LYS G 492 24.27 -36.50 3.66
CA LYS G 492 23.45 -37.32 2.79
C LYS G 492 22.86 -36.49 1.65
N ALA G 493 22.44 -37.18 0.59
CA ALA G 493 22.03 -36.49 -0.63
C ALA G 493 20.70 -35.75 -0.44
N SER G 494 19.72 -36.39 0.19
CA SER G 494 18.38 -35.84 0.29
C SER G 494 17.99 -35.65 1.76
N TYR G 495 17.22 -34.61 2.01
CA TYR G 495 16.73 -34.30 3.34
C TYR G 495 15.22 -34.07 3.31
N PRO G 496 14.51 -34.47 4.35
CA PRO G 496 13.07 -34.18 4.42
C PRO G 496 12.80 -32.76 4.87
N LEU G 497 11.68 -32.21 4.41
CA LEU G 497 11.25 -30.87 4.80
C LEU G 497 10.09 -31.01 5.79
N TYR G 498 10.33 -30.63 7.04
CA TYR G 498 9.33 -30.69 8.08
C TYR G 498 8.41 -29.47 8.01
N ALA G 499 7.19 -29.64 8.53
CA ALA G 499 6.21 -28.56 8.47
C ALA G 499 6.53 -27.46 9.48
N ASN G 500 6.92 -27.82 10.69
CA ASN G 500 7.20 -26.84 11.72
C ASN G 500 8.26 -27.38 12.67
N LEU G 501 8.62 -26.57 13.68
CA LEU G 501 9.69 -26.93 14.60
C LEU G 501 9.32 -28.14 15.43
N GLU G 502 8.04 -28.27 15.81
CA GLU G 502 7.61 -29.41 16.61
C GLU G 502 7.80 -30.72 15.85
N LYS G 503 7.37 -30.76 14.59
CA LYS G 503 7.58 -31.95 13.77
C LYS G 503 9.05 -32.19 13.47
N ALA G 504 9.82 -31.11 13.30
CA ALA G 504 11.26 -31.27 13.07
C ALA G 504 11.94 -31.90 14.28
N LEU G 505 11.55 -31.49 15.49
CA LEU G 505 12.14 -32.08 16.69
C LEU G 505 11.65 -33.51 16.90
N GLU G 506 10.38 -33.78 16.62
CA GLU G 506 9.82 -35.12 16.82
C GLU G 506 10.19 -36.10 15.71
N ASN G 507 10.79 -35.61 14.62
CA ASN G 507 11.21 -36.46 13.49
C ASN G 507 10.03 -37.23 12.91
N SER G 508 8.87 -36.58 12.87
CA SER G 508 7.63 -37.18 12.35
C SER G 508 7.31 -36.54 11.02
N LEU G 509 7.37 -37.32 9.93
CA LEU G 509 7.04 -36.80 8.62
C LEU G 509 5.53 -36.62 8.46
N SER G 510 4.75 -37.58 8.94
CA SER G 510 3.30 -37.49 8.85
C SER G 510 2.76 -36.52 9.91
N ASP G 511 1.56 -36.01 9.65
CA ASP G 511 0.93 -35.07 10.58
C ASP G 511 0.55 -35.77 11.88
N LEU G 512 -0.12 -36.91 11.78
CA LEU G 512 -0.51 -37.65 12.99
C LEU G 512 0.70 -38.39 13.57
N PRO G 513 0.80 -38.47 14.88
CA PRO G 513 1.91 -39.21 15.50
C PRO G 513 1.72 -40.71 15.34
N THR G 514 2.79 -41.44 15.65
CA THR G 514 2.74 -42.90 15.58
C THR G 514 1.93 -43.46 16.74
N THR G 515 1.18 -44.52 16.47
CA THR G 515 0.36 -45.16 17.49
C THR G 515 1.25 -46.03 18.39
N THR G 516 1.20 -45.77 19.69
CA THR G 516 1.99 -46.50 20.66
C THR G 516 1.16 -47.28 21.66
N VAL G 517 0.02 -46.74 22.09
CA VAL G 517 -0.83 -47.36 23.10
C VAL G 517 -2.21 -47.57 22.50
N SER G 518 -2.76 -48.78 22.67
CA SER G 518 -4.10 -49.10 22.20
C SER G 518 -4.94 -49.53 23.40
N LEU G 519 -6.11 -48.90 23.54
CA LEU G 519 -7.02 -49.19 24.64
C LEU G 519 -8.41 -49.50 24.10
N SER G 520 -9.17 -50.29 24.85
CA SER G 520 -10.54 -50.63 24.51
C SER G 520 -11.47 -50.19 25.62
N ALA G 521 -12.58 -49.56 25.24
CA ALA G 521 -13.54 -49.08 26.23
C ALA G 521 -14.95 -49.23 25.69
N GLU G 522 -15.83 -49.88 26.46
CA GLU G 522 -17.21 -50.03 26.03
C GLU G 522 -17.92 -48.68 25.95
N THR G 523 -17.67 -47.80 26.91
CA THR G 523 -18.18 -46.44 26.91
C THR G 523 -17.02 -45.46 26.95
N LEU G 524 -17.27 -44.24 26.46
CA LEU G 524 -16.23 -43.23 26.42
C LEU G 524 -16.45 -42.26 27.57
N PRO G 525 -15.61 -42.28 28.62
CA PRO G 525 -15.82 -41.38 29.77
C PRO G 525 -15.11 -40.03 29.60
N ASP G 526 -15.63 -39.22 28.67
CA ASP G 526 -15.14 -37.87 28.40
C ASP G 526 -13.65 -37.90 28.01
N VAL G 527 -13.40 -38.53 26.86
CA VAL G 527 -12.04 -38.66 26.37
C VAL G 527 -11.83 -37.78 25.14
N GLN G 528 -12.53 -38.12 24.05
CA GLN G 528 -12.49 -37.41 22.76
C GLN G 528 -11.08 -37.39 22.15
N ALA G 529 -10.98 -37.00 20.88
CA ALA G 529 -9.68 -36.92 20.24
C ALA G 529 -8.87 -35.76 20.80
N GLY G 530 -7.58 -36.01 21.03
CA GLY G 530 -6.69 -34.97 21.52
C GLY G 530 -6.60 -34.83 23.03
N SER G 531 -7.04 -35.83 23.78
CA SER G 531 -6.98 -35.75 25.24
C SER G 531 -5.55 -35.88 25.74
N VAL G 532 -5.34 -35.42 26.98
CA VAL G 532 -4.01 -35.39 27.57
C VAL G 532 -3.77 -36.67 28.36
N VAL G 533 -2.63 -37.31 28.10
CA VAL G 533 -2.22 -38.52 28.80
C VAL G 533 -1.26 -38.12 29.91
N LEU G 534 -1.48 -38.66 31.11
CA LEU G 534 -0.78 -38.24 32.30
C LEU G 534 -0.16 -39.44 33.01
N TYR G 535 1.02 -39.22 33.58
CA TYR G 535 1.68 -40.18 34.46
C TYR G 535 1.80 -39.50 35.82
N ARG G 536 0.87 -39.83 36.72
CA ARG G 536 0.76 -39.17 38.03
C ARG G 536 0.63 -37.66 37.86
N LYS G 537 -0.30 -37.26 37.00
CA LYS G 537 -0.61 -35.85 36.72
C LYS G 537 0.60 -35.10 36.16
N PHE G 538 1.20 -35.68 35.12
CA PHE G 538 2.29 -35.04 34.39
C PHE G 538 2.12 -35.32 32.91
N GLU G 539 2.27 -34.30 32.08
CA GLU G 539 2.00 -34.41 30.64
C GLU G 539 3.01 -35.37 30.00
N VAL G 540 2.53 -36.57 29.63
CA VAL G 540 3.34 -37.57 28.94
C VAL G 540 2.48 -38.09 27.80
N GLY G 541 2.76 -37.62 26.58
CA GLY G 541 2.04 -38.08 25.41
C GLY G 541 0.68 -37.43 25.24
N GLU G 542 -0.04 -37.92 24.24
CA GLU G 542 -1.34 -37.37 23.88
C GLU G 542 -2.15 -38.42 23.14
N VAL G 543 -3.47 -38.37 23.30
CA VAL G 543 -4.37 -39.31 22.63
C VAL G 543 -4.48 -38.91 21.16
N ILE G 544 -4.04 -39.80 20.27
CA ILE G 544 -4.16 -39.54 18.84
C ILE G 544 -5.62 -39.55 18.41
N THR G 545 -6.30 -40.68 18.61
CA THR G 545 -7.62 -40.81 18.01
C THR G 545 -8.47 -41.82 18.78
N VAL G 546 -9.77 -41.76 18.54
CA VAL G 546 -10.74 -42.73 19.04
C VAL G 546 -11.57 -43.22 17.87
N ARG G 547 -11.69 -44.54 17.72
CA ARG G 547 -12.42 -45.14 16.61
C ARG G 547 -13.51 -46.05 17.15
N PRO G 548 -14.76 -45.90 16.70
CA PRO G 548 -15.84 -46.77 17.17
C PRO G 548 -15.80 -48.13 16.48
N ARG G 549 -15.69 -49.18 17.28
CA ARG G 549 -15.70 -50.56 16.79
C ARG G 549 -17.15 -51.05 16.74
N ALA G 550 -17.33 -52.36 16.59
CA ALA G 550 -18.67 -52.91 16.51
C ALA G 550 -19.46 -52.69 17.80
N ASN G 551 -18.82 -52.89 18.95
CA ASN G 551 -19.50 -52.72 20.23
C ASN G 551 -18.68 -51.98 21.27
N ALA G 552 -17.59 -51.34 20.89
CA ALA G 552 -16.74 -50.64 21.85
C ALA G 552 -16.06 -49.47 21.14
N PHE G 553 -15.01 -48.93 21.75
CA PHE G 553 -14.20 -47.88 21.16
C PHE G 553 -12.73 -48.22 21.36
N ASP G 554 -11.96 -48.13 20.29
CA ASP G 554 -10.52 -48.35 20.32
C ASP G 554 -9.83 -46.98 20.32
N ILE G 555 -9.04 -46.73 21.36
CA ILE G 555 -8.37 -45.45 21.54
C ILE G 555 -6.88 -45.66 21.26
N ASP G 556 -6.37 -44.89 20.31
CA ASP G 556 -4.94 -44.89 19.98
C ASP G 556 -4.29 -43.65 20.58
N LEU G 557 -3.16 -43.87 21.26
CA LEU G 557 -2.45 -42.84 21.99
C LEU G 557 -0.97 -42.89 21.62
N HIS G 558 -0.32 -41.73 21.66
CA HIS G 558 1.10 -41.60 21.36
C HIS G 558 1.85 -41.17 22.61
N ILE G 559 3.04 -41.73 22.80
CA ILE G 559 3.93 -41.37 23.90
C ILE G 559 5.31 -41.06 23.32
N LYS G 560 6.07 -40.27 24.06
CA LYS G 560 7.39 -39.88 23.61
C LYS G 560 8.35 -41.07 23.67
N PRO G 561 9.33 -41.13 22.76
CA PRO G 561 10.34 -42.20 22.85
C PRO G 561 11.15 -42.18 24.13
N GLU G 562 11.40 -40.99 24.69
CA GLU G 562 12.11 -40.90 25.96
C GLU G 562 11.26 -41.43 27.11
N TYR G 563 9.94 -41.34 26.98
CA TYR G 563 9.01 -41.77 28.03
C TYR G 563 8.38 -43.12 27.73
N ARG G 564 8.82 -43.81 26.68
CA ARG G 564 8.29 -45.14 26.39
C ARG G 564 8.62 -46.12 27.50
N ASN G 565 9.71 -45.90 28.24
CA ASN G 565 10.09 -46.78 29.33
C ASN G 565 9.28 -46.53 30.60
N LEU G 566 8.50 -45.45 30.65
CA LEU G 566 7.71 -45.15 31.83
C LEU G 566 6.56 -46.13 32.04
N LEU G 567 6.16 -46.86 31.00
CA LEU G 567 5.12 -47.87 31.10
C LEU G 567 5.71 -49.25 30.79
N THR G 568 5.11 -50.27 31.39
CA THR G 568 5.58 -51.64 31.27
C THR G 568 4.37 -52.53 31.01
N SER G 569 4.58 -53.85 31.07
CA SER G 569 3.49 -54.79 30.83
C SER G 569 2.39 -54.63 31.88
N ASN G 570 2.76 -54.43 33.14
CA ASN G 570 1.80 -54.24 34.22
C ASN G 570 1.53 -52.74 34.35
N SER G 571 0.46 -52.29 33.68
CA SER G 571 0.07 -50.89 33.72
C SER G 571 -1.45 -50.79 33.65
N VAL G 572 -1.98 -49.73 34.23
CA VAL G 572 -3.43 -49.50 34.27
C VAL G 572 -3.71 -48.06 33.83
N PHE G 573 -4.82 -47.88 33.12
CA PHE G 573 -5.26 -46.59 32.61
C PHE G 573 -6.63 -46.27 33.19
N TRP G 574 -6.83 -45.00 33.56
CA TRP G 574 -8.15 -44.56 34.01
C TRP G 574 -8.39 -43.15 33.50
N ALA G 575 -9.65 -42.74 33.51
CA ALA G 575 -10.05 -41.43 33.03
C ALA G 575 -10.28 -40.49 34.21
N GLU G 576 -9.47 -39.44 34.28
CA GLU G 576 -9.68 -38.37 35.25
C GLU G 576 -10.70 -37.39 34.71
N GLY G 577 -10.49 -36.09 34.94
CA GLY G 577 -11.42 -35.10 34.45
C GLY G 577 -11.53 -33.77 35.19
N GLY G 578 -12.76 -33.42 35.55
CA GLY G 578 -13.11 -32.05 35.88
C GLY G 578 -12.86 -31.53 37.28
N ALA G 579 -13.45 -32.15 38.30
CA ALA G 579 -13.42 -31.56 39.62
C ALA G 579 -13.63 -32.64 40.68
N LYS G 580 -13.40 -32.25 41.94
CA LYS G 580 -13.57 -33.09 43.11
C LYS G 580 -14.37 -32.33 44.16
N VAL G 581 -15.26 -33.03 44.84
CA VAL G 581 -16.14 -32.45 45.85
C VAL G 581 -15.80 -33.07 47.20
N GLN G 582 -15.57 -32.22 48.20
CA GLN G 582 -15.25 -32.69 49.55
C GLN G 582 -16.19 -32.01 50.54
N LEU G 583 -16.86 -32.81 51.35
CA LEU G 583 -17.75 -32.31 52.40
C LEU G 583 -17.10 -32.57 53.75
N ASN G 584 -16.88 -31.51 54.52
CA ASN G 584 -16.17 -31.61 55.79
C ASN G 584 -16.56 -30.43 56.66
N GLY G 585 -15.81 -30.22 57.74
CA GLY G 585 -16.13 -29.15 58.69
C GLY G 585 -16.05 -27.76 58.08
N SER G 586 -15.12 -27.54 57.15
CA SER G 586 -15.05 -26.27 56.47
C SER G 586 -16.20 -26.06 55.50
N GLY G 587 -17.00 -27.09 55.23
CA GLY G 587 -18.17 -26.97 54.38
C GLY G 587 -18.07 -27.87 53.16
N LEU G 588 -18.62 -27.38 52.05
CA LEU G 588 -18.63 -28.10 50.78
C LEU G 588 -17.63 -27.41 49.86
N THR G 589 -16.48 -28.04 49.65
CA THR G 589 -15.41 -27.48 48.84
C THR G 589 -15.36 -28.19 47.49
N VAL G 590 -15.40 -27.41 46.42
CA VAL G 590 -15.30 -27.94 45.07
C VAL G 590 -13.94 -27.58 44.49
N GLN G 591 -12.98 -28.51 44.58
CA GLN G 591 -11.64 -28.28 44.06
C GLN G 591 -11.60 -28.70 42.61
N ALA G 592 -11.41 -27.75 41.71
CA ALA G 592 -11.43 -28.02 40.28
C ALA G 592 -10.02 -28.31 39.76
N SER G 593 -9.96 -29.15 38.73
CA SER G 593 -8.72 -29.43 38.04
C SER G 593 -8.27 -28.20 37.26
N PRO G 594 -7.00 -28.15 36.85
CA PRO G 594 -6.55 -27.02 36.03
C PRO G 594 -7.36 -26.91 34.74
N LEU G 595 -7.56 -25.67 34.30
CA LEU G 595 -8.54 -25.39 33.24
C LEU G 595 -8.15 -26.06 31.93
N SER G 596 -6.87 -26.07 31.59
CA SER G 596 -6.44 -26.69 30.34
C SER G 596 -6.72 -28.19 30.34
N ARG G 597 -6.38 -28.86 31.44
CA ARG G 597 -6.65 -30.30 31.53
C ARG G 597 -8.15 -30.57 31.53
N ALA G 598 -8.92 -29.75 32.23
CA ALA G 598 -10.37 -29.95 32.28
C ALA G 598 -11.00 -29.76 30.90
N LEU G 599 -10.52 -28.78 30.13
CA LEU G 599 -11.09 -28.51 28.82
C LEU G 599 -10.69 -29.58 27.81
N LYS G 600 -9.41 -29.99 27.81
CA LYS G 600 -8.95 -30.89 26.76
C LYS G 600 -9.23 -32.36 27.09
N GLY G 601 -9.09 -32.75 28.34
CA GLY G 601 -9.23 -34.14 28.75
C GLY G 601 -8.09 -34.59 29.64
N ALA G 602 -8.25 -35.78 30.20
CA ALA G 602 -7.26 -36.32 31.12
C ALA G 602 -7.39 -37.83 31.19
N ILE G 603 -6.38 -38.54 30.69
CA ILE G 603 -6.26 -39.99 30.87
C ILE G 603 -4.95 -40.26 31.58
N SER G 604 -5.02 -40.86 32.77
CA SER G 604 -3.86 -41.11 33.60
C SER G 604 -3.55 -42.60 33.58
N PHE G 605 -2.28 -42.94 33.33
CA PHE G 605 -1.82 -44.32 33.32
C PHE G 605 -0.85 -44.55 34.47
N ASP G 606 -0.99 -45.77 35.28
CA ASP G 606 -0.10 -46.08 36.40
C ASP G 606 0.28 -47.55 36.32
N ASN G 607 1.15 -47.97 37.23
CA ASN G 607 1.62 -49.35 37.31
C ASN G 607 1.15 -49.98 38.61
N LEU G 608 0.53 -51.15 38.52
CA LEU G 608 0.03 -51.89 39.67
C LEU G 608 0.67 -53.27 39.70
N SER G 609 0.47 -53.97 40.82
CA SER G 609 0.99 -55.32 40.99
C SER G 609 0.04 -56.37 40.46
N GLY G 610 -1.27 -56.16 40.62
CA GLY G 610 -2.29 -57.06 40.13
C GLY G 610 -2.70 -56.87 38.69
N ALA G 611 -2.03 -55.95 37.97
CA ALA G 611 -2.38 -55.67 36.58
C ALA G 611 -1.92 -56.77 35.63
N SER G 612 -1.16 -57.75 36.10
CA SER G 612 -0.74 -58.85 35.23
C SER G 612 -1.94 -59.66 34.74
N ALA G 613 -2.91 -59.89 35.62
CA ALA G 613 -4.13 -60.60 35.21
C ALA G 613 -4.93 -59.79 34.20
N SER G 614 -4.98 -58.47 34.38
CA SER G 614 -5.67 -57.61 33.42
C SER G 614 -4.97 -57.63 32.07
N GLN G 615 -3.64 -57.65 32.07
CA GLN G 615 -2.90 -57.77 30.83
C GLN G 615 -3.15 -59.12 30.15
N ARG G 616 -3.19 -60.20 30.94
CA ARG G 616 -3.44 -61.52 30.37
C ARG G 616 -4.84 -61.62 29.76
N LYS G 617 -5.85 -61.11 30.46
CA LYS G 617 -7.20 -61.19 29.94
C LYS G 617 -7.40 -60.19 28.81
N GLY G 618 -8.19 -60.58 27.81
CA GLY G 618 -8.43 -59.74 26.66
C GLY G 618 -7.28 -59.78 25.67
N ASP G 619 -7.52 -59.13 24.52
CA ASP G 619 -6.48 -59.06 23.49
C ASP G 619 -5.31 -58.19 23.93
N LYS G 620 -5.60 -57.06 24.59
CA LYS G 620 -4.58 -56.12 25.01
C LYS G 620 -5.14 -55.32 26.19
N ARG G 621 -4.47 -54.23 26.53
CA ARG G 621 -4.90 -53.39 27.65
C ARG G 621 -6.27 -52.79 27.39
N ILE G 622 -7.08 -52.72 28.44
CA ILE G 622 -8.46 -52.24 28.35
C ILE G 622 -8.59 -50.98 29.18
N LEU G 623 -9.09 -49.91 28.56
CA LEU G 623 -9.34 -48.67 29.28
C LEU G 623 -10.51 -48.85 30.24
N TYR G 624 -10.37 -48.31 31.44
CA TYR G 624 -11.39 -48.37 32.47
C TYR G 624 -12.09 -47.02 32.59
N ALA G 625 -13.39 -47.07 32.88
CA ALA G 625 -14.18 -45.85 32.96
C ALA G 625 -13.97 -45.09 34.27
N SER G 626 -13.30 -45.69 35.25
CA SER G 626 -13.10 -45.02 36.53
C SER G 626 -11.77 -45.46 37.13
N GLU G 627 -11.23 -44.60 37.99
CA GLU G 627 -9.97 -44.91 38.67
C GLU G 627 -10.15 -46.11 39.60
N THR G 628 -11.28 -46.20 40.29
CA THR G 628 -11.56 -47.36 41.13
C THR G 628 -11.65 -48.63 40.31
N ALA G 629 -12.29 -48.56 39.13
CA ALA G 629 -12.37 -49.71 38.24
C ALA G 629 -10.98 -50.14 37.76
N ALA G 630 -10.13 -49.16 37.45
CA ALA G 630 -8.76 -49.48 37.04
C ALA G 630 -7.98 -50.12 38.18
N ARG G 631 -8.13 -49.60 39.39
CA ARG G 631 -7.43 -50.13 40.56
C ARG G 631 -8.02 -51.44 41.06
N ALA G 632 -9.20 -51.83 40.56
CA ALA G 632 -9.87 -53.06 41.00
C ALA G 632 -9.19 -54.25 40.34
N VAL G 633 -8.13 -54.75 40.98
CA VAL G 633 -7.39 -55.92 40.52
C VAL G 633 -7.17 -56.86 41.70
N GLY G 634 -6.87 -58.11 41.36
CA GLY G 634 -6.59 -59.11 42.38
C GLY G 634 -7.43 -60.36 42.26
N GLY G 635 -7.69 -61.02 43.38
CA GLY G 635 -8.50 -62.22 43.37
C GLY G 635 -9.97 -61.92 43.18
N GLN G 636 -10.69 -62.89 42.64
CA GLN G 636 -12.10 -62.74 42.31
C GLN G 636 -12.94 -63.68 43.16
N ILE G 637 -14.00 -63.14 43.77
CA ILE G 637 -14.92 -63.91 44.58
C ILE G 637 -16.34 -63.58 44.15
N THR G 638 -17.26 -64.48 44.47
CA THR G 638 -18.67 -64.35 44.12
C THR G 638 -19.51 -64.39 45.39
N LEU G 639 -20.37 -63.39 45.57
CA LEU G 639 -21.24 -63.29 46.72
C LEU G 639 -22.69 -63.44 46.28
N HIS G 640 -23.41 -64.35 46.91
CA HIS G 640 -24.82 -64.57 46.64
C HIS G 640 -25.64 -63.77 47.66
N ALA G 641 -26.54 -62.92 47.18
CA ALA G 641 -27.33 -62.06 48.05
C ALA G 641 -28.81 -62.24 47.74
N PHE G 642 -29.63 -62.10 48.77
CA PHE G 642 -31.07 -62.16 48.60
C PHE G 642 -31.69 -60.83 48.19
N ASP G 643 -30.91 -59.75 48.20
CA ASP G 643 -31.41 -58.44 47.80
C ASP G 643 -30.22 -57.57 47.42
N ALA G 644 -30.27 -57.00 46.22
CA ALA G 644 -29.20 -56.15 45.71
C ALA G 644 -29.52 -54.67 45.83
N GLY G 645 -30.56 -54.31 46.59
CA GLY G 645 -30.89 -52.90 46.76
C GLY G 645 -29.81 -52.14 47.52
N LYS G 646 -29.17 -52.80 48.48
CA LYS G 646 -28.08 -52.20 49.24
C LYS G 646 -26.73 -52.35 48.56
N LEU G 647 -26.67 -53.06 47.44
CA LEU G 647 -25.43 -53.25 46.70
C LEU G 647 -25.36 -52.30 45.52
N ALA G 648 -24.14 -51.92 45.14
CA ALA G 648 -23.92 -51.01 44.04
C ALA G 648 -22.58 -51.31 43.39
N VAL G 649 -22.44 -50.86 42.15
CA VAL G 649 -21.17 -51.05 41.43
C VAL G 649 -20.13 -50.11 42.02
N GLY G 650 -18.96 -50.65 42.32
CA GLY G 650 -17.92 -49.89 42.98
C GLY G 650 -18.03 -49.82 44.48
N MET G 651 -18.85 -50.68 45.09
CA MET G 651 -19.04 -50.62 46.54
C MET G 651 -17.78 -51.11 47.25
N PRO G 652 -17.25 -50.36 48.21
CA PRO G 652 -16.05 -50.79 48.91
C PRO G 652 -16.33 -51.94 49.87
N ILE G 653 -15.29 -52.76 50.08
CA ILE G 653 -15.34 -53.91 50.97
C ILE G 653 -14.19 -53.76 51.95
N ARG G 654 -14.52 -53.60 53.23
CA ARG G 654 -13.57 -53.16 54.24
C ARG G 654 -13.50 -54.16 55.39
N TYR G 655 -12.30 -54.31 55.94
CA TYR G 655 -12.06 -55.02 57.20
C TYR G 655 -11.43 -54.04 58.17
N LEU G 656 -12.11 -53.79 59.29
CA LEU G 656 -11.67 -52.83 60.30
C LEU G 656 -11.46 -51.44 59.72
N GLY G 657 -12.35 -51.04 58.82
CA GLY G 657 -12.32 -49.70 58.25
C GLY G 657 -11.24 -49.46 57.21
N ILE G 658 -10.58 -50.51 56.73
CA ILE G 658 -9.52 -50.38 55.72
C ILE G 658 -9.98 -51.09 54.45
N ASP G 659 -9.87 -50.39 53.33
CA ASP G 659 -10.35 -50.92 52.06
C ASP G 659 -9.51 -52.12 51.64
N ILE G 660 -10.14 -53.28 51.50
CA ILE G 660 -9.49 -54.50 51.09
C ILE G 660 -10.13 -55.14 49.86
N GLY G 661 -11.25 -54.60 49.38
CA GLY G 661 -11.88 -55.17 48.20
C GLY G 661 -12.88 -54.19 47.59
N GLN G 662 -13.39 -54.59 46.42
CA GLN G 662 -14.33 -53.72 45.70
C GLN G 662 -15.29 -54.59 44.89
N ILE G 663 -16.57 -54.26 44.95
CA ILE G 663 -17.56 -54.91 44.09
C ILE G 663 -17.45 -54.33 42.69
N GLN G 664 -17.43 -55.20 41.68
CA GLN G 664 -17.25 -54.76 40.29
C GLN G 664 -18.41 -55.12 39.37
N THR G 665 -19.22 -56.12 39.70
CA THR G 665 -20.27 -56.57 38.81
C THR G 665 -21.49 -56.99 39.61
N LEU G 666 -22.67 -56.61 39.12
CA LEU G 666 -23.95 -57.05 39.69
C LEU G 666 -24.76 -57.72 38.59
N ASP G 667 -25.21 -58.95 38.86
CA ASP G 667 -25.94 -59.73 37.88
C ASP G 667 -27.15 -60.37 38.54
N LEU G 668 -28.31 -60.25 37.89
CA LEU G 668 -29.53 -60.86 38.37
C LEU G 668 -29.79 -62.17 37.63
N ILE G 669 -30.23 -63.18 38.37
CA ILE G 669 -30.53 -64.51 37.84
C ILE G 669 -32.03 -64.72 37.88
N THR G 670 -32.61 -65.09 36.73
CA THR G 670 -34.05 -65.35 36.67
C THR G 670 -34.39 -66.72 37.26
N ALA G 671 -33.53 -67.72 37.06
CA ALA G 671 -33.82 -69.06 37.56
C ALA G 671 -33.72 -69.13 39.07
N ARG G 672 -32.52 -68.86 39.60
CA ARG G 672 -32.31 -68.83 41.04
C ARG G 672 -32.65 -67.44 41.57
N ASN G 673 -33.44 -67.41 42.65
CA ASN G 673 -33.91 -66.15 43.23
C ASN G 673 -32.81 -65.57 44.12
N GLU G 674 -31.78 -65.03 43.47
CA GLU G 674 -30.64 -64.44 44.17
C GLU G 674 -29.90 -63.55 43.18
N VAL G 675 -28.98 -62.76 43.73
CA VAL G 675 -28.13 -61.86 42.95
C VAL G 675 -26.68 -62.25 43.20
N GLN G 676 -25.95 -62.49 42.11
CA GLN G 676 -24.53 -62.82 42.19
C GLN G 676 -23.71 -61.55 41.95
N ALA G 677 -22.91 -61.18 42.95
CA ALA G 677 -22.07 -59.99 42.88
C ALA G 677 -20.62 -60.44 42.81
N LYS G 678 -19.90 -59.97 41.79
CA LYS G 678 -18.48 -60.26 41.65
C LYS G 678 -17.68 -59.19 42.39
N ALA G 679 -16.71 -59.64 43.19
CA ALA G 679 -15.87 -58.73 43.95
C ALA G 679 -14.41 -59.09 43.73
N VAL G 680 -13.56 -58.08 43.80
CA VAL G 680 -12.12 -58.25 43.64
C VAL G 680 -11.46 -57.86 44.96
N LEU G 681 -10.67 -58.78 45.51
CA LEU G 681 -9.89 -58.54 46.71
C LEU G 681 -8.44 -58.29 46.33
N TYR G 682 -7.82 -57.33 47.01
CA TYR G 682 -6.46 -56.93 46.69
C TYR G 682 -5.49 -58.08 46.97
N PRO G 683 -4.38 -58.16 46.24
CA PRO G 683 -3.43 -59.27 46.44
C PRO G 683 -2.82 -59.31 47.83
N GLU G 684 -2.79 -58.20 48.56
CA GLU G 684 -2.25 -58.20 49.91
C GLU G 684 -3.18 -58.88 50.90
N TYR G 685 -4.46 -59.05 50.56
CA TYR G 685 -5.43 -59.62 51.47
C TYR G 685 -6.19 -60.80 50.89
N VAL G 686 -5.84 -61.25 49.68
CA VAL G 686 -6.56 -62.36 49.06
C VAL G 686 -6.29 -63.66 49.81
N GLN G 687 -5.06 -63.86 50.29
CA GLN G 687 -4.72 -65.08 51.00
C GLN G 687 -5.28 -65.07 52.43
N THR G 688 -5.25 -63.91 53.09
CA THR G 688 -5.75 -63.82 54.46
C THR G 688 -7.25 -64.07 54.52
N PHE G 689 -8.02 -63.49 53.60
CA PHE G 689 -9.45 -63.66 53.56
C PHE G 689 -9.81 -64.77 52.56
N ALA G 690 -11.11 -64.95 52.31
CA ALA G 690 -11.62 -65.97 51.39
C ALA G 690 -11.13 -67.37 51.77
N ARG G 691 -11.12 -67.65 53.08
CA ARG G 691 -10.66 -68.93 53.60
C ARG G 691 -11.79 -69.75 54.22
N GLY G 692 -13.03 -69.51 53.80
CA GLY G 692 -14.15 -70.25 54.35
C GLY G 692 -14.61 -69.70 55.68
N GLY G 693 -15.92 -69.54 55.85
CA GLY G 693 -16.45 -68.95 57.06
C GLY G 693 -16.37 -67.44 57.11
N THR G 694 -15.83 -66.80 56.08
CA THR G 694 -15.75 -65.35 56.05
C THR G 694 -17.13 -64.75 55.86
N ARG G 695 -17.48 -63.76 56.66
CA ARG G 695 -18.79 -63.15 56.65
C ARG G 695 -18.71 -61.74 56.08
N PHE G 696 -19.53 -61.46 55.09
CA PHE G 696 -19.64 -60.13 54.49
C PHE G 696 -21.01 -59.57 54.82
N SER G 697 -21.04 -58.36 55.40
CA SER G 697 -22.30 -57.74 55.81
C SER G 697 -22.36 -56.31 55.33
N VAL G 698 -23.46 -55.95 54.68
CA VAL G 698 -23.68 -54.57 54.26
C VAL G 698 -24.14 -53.75 55.46
N VAL G 699 -23.32 -52.77 55.85
CA VAL G 699 -23.65 -51.92 56.99
C VAL G 699 -24.65 -50.86 56.54
N THR G 700 -25.63 -50.59 57.39
CA THR G 700 -26.68 -49.61 57.11
C THR G 700 -26.76 -48.62 58.25
N PRO G 701 -27.15 -47.38 57.97
CA PRO G 701 -27.32 -46.39 59.05
C PRO G 701 -28.40 -46.82 60.02
N GLN G 702 -28.17 -46.52 61.30
CA GLN G 702 -29.09 -46.88 62.38
C GLN G 702 -29.45 -45.61 63.12
N ILE G 703 -30.50 -44.94 62.66
CA ILE G 703 -31.00 -43.72 63.28
C ILE G 703 -32.26 -44.09 64.04
N SER G 704 -32.21 -43.99 65.37
CA SER G 704 -33.31 -44.37 66.23
C SER G 704 -33.35 -43.43 67.43
N ALA G 705 -34.34 -43.66 68.30
CA ALA G 705 -34.43 -42.88 69.53
C ALA G 705 -33.32 -43.24 70.52
N ALA G 706 -32.78 -44.46 70.44
CA ALA G 706 -31.69 -44.84 71.32
C ALA G 706 -30.40 -44.12 70.96
N GLY G 707 -30.15 -43.92 69.68
CA GLY G 707 -28.96 -43.24 69.25
C GLY G 707 -28.68 -43.50 67.79
N VAL G 708 -27.57 -42.93 67.32
CA VAL G 708 -27.09 -43.08 65.95
C VAL G 708 -25.74 -43.76 65.99
N GLU G 709 -25.58 -44.81 65.18
CA GLU G 709 -24.35 -45.60 65.15
C GLU G 709 -23.51 -45.33 63.90
N HIS G 710 -24.08 -45.46 62.71
CA HIS G 710 -23.37 -45.24 61.46
C HIS G 710 -24.01 -44.09 60.72
N LEU G 711 -23.21 -43.11 60.32
CA LEU G 711 -23.68 -41.96 59.56
C LEU G 711 -22.91 -41.70 58.28
N ASP G 712 -21.71 -42.25 58.10
CA ASP G 712 -21.00 -42.14 56.84
C ASP G 712 -21.62 -43.04 55.77
N THR G 713 -22.37 -44.06 56.18
CA THR G 713 -23.04 -44.96 55.26
C THR G 713 -24.22 -44.30 54.55
N ILE G 714 -24.61 -43.09 54.96
CA ILE G 714 -25.63 -42.35 54.24
C ILE G 714 -25.17 -42.07 52.81
N LEU G 715 -23.91 -41.67 52.64
CA LEU G 715 -23.36 -41.35 51.34
C LEU G 715 -22.39 -42.39 50.81
N GLN G 716 -21.63 -43.07 51.68
CA GLN G 716 -20.63 -44.04 51.25
C GLN G 716 -20.81 -45.34 52.03
N PRO G 717 -21.76 -46.18 51.60
CA PRO G 717 -21.89 -47.50 52.23
C PRO G 717 -20.74 -48.42 51.84
N TYR G 718 -20.47 -49.39 52.71
CA TYR G 718 -19.41 -50.36 52.48
C TYR G 718 -19.88 -51.72 52.99
N ILE G 719 -19.05 -52.73 52.78
CA ILE G 719 -19.34 -54.09 53.25
C ILE G 719 -18.28 -54.49 54.27
N ASN G 720 -18.70 -54.68 55.52
CA ASN G 720 -17.78 -55.09 56.57
C ASN G 720 -17.47 -56.58 56.45
N VAL G 721 -16.22 -56.93 56.76
CA VAL G 721 -15.73 -58.30 56.62
C VAL G 721 -15.33 -58.84 57.99
N GLU G 722 -15.81 -60.03 58.31
CA GLU G 722 -15.31 -60.81 59.43
C GLU G 722 -14.56 -62.02 58.89
N PRO G 723 -13.25 -62.13 59.10
CA PRO G 723 -12.49 -63.22 58.49
C PRO G 723 -12.78 -64.57 59.14
N GLY G 724 -12.49 -65.62 58.38
CA GLY G 724 -12.66 -66.98 58.85
C GLY G 724 -11.41 -67.80 58.63
N ARG G 725 -11.44 -69.03 59.16
CA ARG G 725 -10.31 -69.95 59.08
C ARG G 725 -10.77 -71.26 58.46
N GLY G 726 -10.00 -71.76 57.51
CA GLY G 726 -10.32 -73.02 56.86
C GLY G 726 -9.76 -73.04 55.46
N ASN G 727 -10.26 -74.00 54.68
CA ASN G 727 -9.85 -74.12 53.29
C ASN G 727 -10.42 -72.97 52.46
N PRO G 728 -9.70 -72.53 51.43
CA PRO G 728 -10.22 -71.46 50.58
C PRO G 728 -11.52 -71.83 49.90
N ARG G 729 -12.44 -70.86 49.81
CA ARG G 729 -13.76 -71.08 49.25
C ARG G 729 -14.02 -70.24 48.02
N ARG G 730 -13.79 -68.92 48.09
CA ARG G 730 -13.99 -67.99 46.99
C ARG G 730 -15.44 -67.98 46.49
N ASP G 731 -16.38 -68.32 47.38
CA ASP G 731 -17.81 -68.30 47.02
C ASP G 731 -18.59 -68.16 48.34
N PHE G 732 -19.08 -66.96 48.59
CA PHE G 732 -19.72 -66.64 49.87
C PHE G 732 -21.14 -66.12 49.66
N GLU G 733 -21.83 -65.90 50.77
CA GLU G 733 -23.19 -65.36 50.76
C GLU G 733 -23.26 -64.16 51.69
N LEU G 734 -24.08 -63.19 51.30
CA LEU G 734 -24.23 -61.96 52.07
C LEU G 734 -25.07 -62.23 53.31
N GLN G 735 -24.57 -61.79 54.46
CA GLN G 735 -25.25 -61.96 55.73
C GLN G 735 -26.03 -60.69 56.07
N GLU G 736 -26.60 -60.65 57.27
CA GLU G 736 -27.38 -59.50 57.73
C GLU G 736 -26.67 -58.70 58.82
N ALA G 737 -26.00 -59.37 59.76
CA ALA G 737 -25.30 -58.68 60.84
C ALA G 737 -23.93 -59.32 61.02
N THR G 738 -22.98 -58.49 61.46
CA THR G 738 -21.59 -58.93 61.68
C THR G 738 -20.97 -58.06 62.75
N ILE G 739 -20.30 -58.69 63.71
CA ILE G 739 -19.62 -57.98 64.78
C ILE G 739 -18.46 -57.19 64.18
N THR G 740 -18.55 -55.87 64.23
CA THR G 740 -17.51 -54.99 63.69
C THR G 740 -16.48 -54.62 64.76
N ASP G 741 -15.96 -55.63 65.46
CA ASP G 741 -14.96 -55.43 66.50
C ASP G 741 -13.65 -56.14 66.20
N SER G 742 -13.70 -57.43 65.87
CA SER G 742 -12.52 -58.25 65.61
C SER G 742 -11.55 -58.26 66.79
N ARG G 743 -12.08 -58.14 68.01
CA ARG G 743 -11.27 -58.24 69.21
C ARG G 743 -11.57 -59.49 70.04
N TYR G 744 -12.75 -60.09 69.85
CA TYR G 744 -13.11 -61.34 70.51
C TYR G 744 -12.72 -62.57 69.68
N LEU G 745 -12.27 -62.36 68.44
CA LEU G 745 -12.00 -63.48 67.53
C LEU G 745 -10.91 -64.39 68.06
N ASP G 746 -9.94 -63.83 68.79
CA ASP G 746 -8.88 -64.64 69.36
C ASP G 746 -9.33 -65.42 70.60
N GLY G 747 -10.48 -65.08 71.18
CA GLY G 747 -10.93 -65.71 72.41
C GLY G 747 -11.71 -66.98 72.16
N LEU G 748 -12.20 -67.56 73.27
CA LEU G 748 -12.95 -68.80 73.19
C LEU G 748 -14.35 -68.56 72.62
N SER G 749 -14.77 -69.48 71.76
CA SER G 749 -16.10 -69.47 71.16
C SER G 749 -16.89 -70.63 71.74
N ILE G 750 -17.72 -70.34 72.73
CA ILE G 750 -18.49 -71.36 73.43
C ILE G 750 -19.92 -71.36 72.90
N ILE G 751 -20.66 -72.40 73.25
CA ILE G 751 -22.04 -72.59 72.80
C ILE G 751 -22.96 -72.60 74.02
N VAL G 752 -24.10 -71.93 73.90
CA VAL G 752 -25.13 -71.92 74.93
C VAL G 752 -26.41 -72.47 74.31
N GLU G 753 -26.99 -73.48 74.96
CA GLU G 753 -28.22 -74.10 74.49
C GLU G 753 -29.40 -73.53 75.27
N ALA G 754 -30.40 -73.05 74.54
CA ALA G 754 -31.55 -72.41 75.16
C ALA G 754 -32.85 -72.99 74.61
N PRO G 755 -33.90 -73.05 75.44
CA PRO G 755 -35.21 -73.45 74.91
C PRO G 755 -35.76 -72.51 73.87
N GLU G 756 -35.50 -71.21 73.99
CA GLU G 756 -36.02 -70.21 73.06
C GLU G 756 -34.95 -69.16 72.80
N ALA G 757 -35.03 -68.53 71.63
CA ALA G 757 -34.10 -67.48 71.26
C ALA G 757 -34.38 -66.20 72.02
N GLY G 758 -35.58 -65.65 71.86
CA GLY G 758 -35.96 -64.44 72.57
C GLY G 758 -35.37 -63.18 71.97
N SER G 759 -34.61 -62.44 72.78
CA SER G 759 -34.03 -61.17 72.38
C SER G 759 -32.61 -61.32 71.83
N LEU G 760 -32.10 -62.55 71.73
CA LEU G 760 -30.72 -62.76 71.33
C LEU G 760 -30.53 -62.48 69.84
N GLY G 761 -29.31 -62.10 69.49
CA GLY G 761 -28.96 -61.82 68.11
C GLY G 761 -27.47 -61.61 67.98
N ILE G 762 -27.05 -61.29 66.76
CA ILE G 762 -25.63 -61.01 66.51
C ILE G 762 -25.28 -59.67 67.15
N GLY G 763 -24.21 -59.68 67.95
CA GLY G 763 -23.83 -58.50 68.71
C GLY G 763 -24.38 -58.45 70.11
N THR G 764 -25.06 -59.50 70.57
CA THR G 764 -25.61 -59.52 71.92
C THR G 764 -24.48 -59.59 72.94
N PRO G 765 -24.46 -58.69 73.94
CA PRO G 765 -23.36 -58.67 74.90
C PRO G 765 -23.38 -59.85 75.84
N VAL G 766 -22.19 -60.25 76.28
CA VAL G 766 -21.99 -61.24 77.33
C VAL G 766 -21.37 -60.52 78.52
N LEU G 767 -22.00 -60.63 79.68
CA LEU G 767 -21.69 -59.80 80.84
C LEU G 767 -21.23 -60.65 82.01
N PHE G 768 -20.08 -60.29 82.58
CA PHE G 768 -19.62 -60.82 83.85
C PHE G 768 -19.67 -59.68 84.86
N ARG G 769 -20.59 -59.78 85.83
CA ARG G 769 -20.80 -58.76 86.84
C ARG G 769 -21.08 -57.39 86.21
N GLY G 770 -21.91 -57.39 85.16
CA GLY G 770 -22.37 -56.16 84.55
C GLY G 770 -21.41 -55.52 83.56
N LEU G 771 -20.27 -56.12 83.30
CA LEU G 771 -19.28 -55.57 82.38
C LEU G 771 -19.23 -56.42 81.12
N GLU G 772 -19.24 -55.76 79.96
CA GLU G 772 -19.22 -56.45 78.68
C GLU G 772 -17.85 -57.09 78.48
N VAL G 773 -17.80 -58.42 78.52
CA VAL G 773 -16.56 -59.16 78.34
C VAL G 773 -16.58 -60.03 77.09
N GLY G 774 -17.71 -60.13 76.39
CA GLY G 774 -17.79 -60.93 75.19
C GLY G 774 -18.98 -60.51 74.36
N THR G 775 -19.13 -61.17 73.21
CA THR G 775 -20.24 -60.90 72.31
C THR G 775 -20.77 -62.22 71.77
N VAL G 776 -21.91 -62.15 71.09
CA VAL G 776 -22.53 -63.31 70.48
C VAL G 776 -22.20 -63.29 68.98
N THR G 777 -21.42 -64.28 68.54
CA THR G 777 -21.07 -64.35 67.12
C THR G 777 -22.25 -64.78 66.28
N GLY G 778 -22.99 -65.80 66.72
CA GLY G 778 -24.09 -66.25 65.89
C GLY G 778 -25.09 -67.11 66.63
N MET G 779 -26.18 -67.42 65.94
CA MET G 779 -27.23 -68.29 66.47
C MET G 779 -27.63 -69.29 65.39
N THR G 780 -27.99 -70.50 65.82
CA THR G 780 -28.35 -71.56 64.89
C THR G 780 -29.15 -72.61 65.64
N LEU G 781 -29.57 -73.64 64.92
CA LEU G 781 -30.24 -74.79 65.49
C LEU G 781 -29.37 -76.04 65.29
N GLY G 782 -29.53 -77.00 66.20
CA GLY G 782 -28.77 -78.22 66.15
C GLY G 782 -29.30 -79.19 65.11
N THR G 783 -28.73 -80.40 65.15
CA THR G 783 -29.20 -81.46 64.25
C THR G 783 -30.66 -81.82 64.54
N LEU G 784 -31.02 -81.88 65.81
CA LEU G 784 -32.41 -82.05 66.22
C LEU G 784 -32.97 -80.70 66.65
N SER G 785 -34.14 -80.36 66.12
CA SER G 785 -34.75 -79.04 66.35
C SER G 785 -35.52 -79.05 67.68
N ASP G 786 -34.76 -79.06 68.77
CA ASP G 786 -35.32 -79.00 70.11
C ASP G 786 -34.72 -77.90 70.96
N ARG G 787 -33.69 -77.20 70.49
CA ARG G 787 -33.06 -76.14 71.24
C ARG G 787 -32.33 -75.22 70.27
N VAL G 788 -32.01 -74.02 70.76
CA VAL G 788 -31.28 -73.02 69.98
C VAL G 788 -29.88 -72.93 70.52
N MET G 789 -28.88 -73.08 69.63
CA MET G 789 -27.48 -73.02 69.99
C MET G 789 -26.94 -71.64 69.63
N ILE G 790 -26.44 -70.93 70.63
CA ILE G 790 -25.90 -69.58 70.47
C ILE G 790 -24.39 -69.68 70.63
N ALA G 791 -23.66 -69.37 69.56
CA ALA G 791 -22.21 -69.33 69.60
C ALA G 791 -21.76 -67.93 69.98
N MET G 792 -21.01 -67.84 71.07
CA MET G 792 -20.55 -66.56 71.60
C MET G 792 -19.05 -66.59 71.84
N ARG G 793 -18.38 -65.49 71.50
CA ARG G 793 -16.94 -65.37 71.68
C ARG G 793 -16.64 -64.43 72.85
N ILE G 794 -15.79 -64.90 73.75
CA ILE G 794 -15.38 -64.12 74.91
C ILE G 794 -14.00 -63.53 74.64
N SER G 795 -13.66 -62.47 75.35
CA SER G 795 -12.37 -61.83 75.18
C SER G 795 -11.26 -62.71 75.76
N LYS G 796 -10.02 -62.44 75.30
CA LYS G 796 -8.86 -63.16 75.81
C LYS G 796 -8.61 -62.81 77.27
N ARG G 797 -8.62 -61.52 77.60
CA ARG G 797 -8.32 -61.08 78.97
C ARG G 797 -9.32 -61.62 79.97
N TYR G 798 -10.56 -61.85 79.53
CA TYR G 798 -11.60 -62.41 80.38
C TYR G 798 -11.81 -63.89 80.13
N GLN G 799 -10.91 -64.53 79.36
CA GLN G 799 -11.06 -65.95 79.04
C GLN G 799 -11.03 -66.80 80.30
N HIS G 800 -10.13 -66.47 81.23
CA HIS G 800 -10.05 -67.20 82.50
C HIS G 800 -11.33 -67.08 83.32
N LEU G 801 -12.19 -66.11 83.00
CA LEU G 801 -13.48 -66.02 83.67
C LEU G 801 -14.41 -67.16 83.31
N VAL G 802 -14.12 -67.89 82.24
CA VAL G 802 -14.96 -69.00 81.79
C VAL G 802 -14.46 -70.27 82.45
N ARG G 803 -15.36 -70.98 83.14
CA ARG G 803 -15.06 -72.23 83.81
C ARG G 803 -16.06 -73.30 83.39
N ASN G 804 -15.74 -74.55 83.72
CA ASN G 804 -16.63 -75.66 83.39
C ASN G 804 -17.95 -75.55 84.14
N ASN G 805 -17.90 -75.24 85.42
CA ASN G 805 -19.11 -75.07 86.23
C ASN G 805 -19.50 -73.60 86.33
N SER G 806 -19.85 -73.03 85.18
CA SER G 806 -20.27 -71.64 85.08
C SER G 806 -21.74 -71.58 84.75
N VAL G 807 -22.47 -70.69 85.42
CA VAL G 807 -23.90 -70.54 85.24
C VAL G 807 -24.16 -69.35 84.33
N PHE G 808 -24.97 -69.57 83.29
CA PHE G 808 -25.35 -68.55 82.32
C PHE G 808 -26.84 -68.29 82.42
N TRP G 809 -27.22 -67.01 82.37
CA TRP G 809 -28.62 -66.63 82.36
C TRP G 809 -28.83 -65.49 81.38
N LEU G 810 -30.09 -65.28 81.01
CA LEU G 810 -30.47 -64.29 80.00
C LEU G 810 -30.99 -63.04 80.71
N ALA G 811 -30.23 -61.95 80.62
CA ALA G 811 -30.62 -60.66 81.19
C ALA G 811 -31.14 -59.80 80.05
N SER G 812 -32.46 -59.71 79.91
CA SER G 812 -33.10 -58.94 78.86
C SER G 812 -34.19 -58.07 79.47
N GLY G 813 -34.20 -56.79 79.11
CA GLY G 813 -35.20 -55.89 79.62
C GLY G 813 -35.02 -55.61 81.10
N TYR G 814 -36.13 -55.29 81.77
CA TYR G 814 -36.14 -54.99 83.18
C TYR G 814 -36.94 -56.05 83.92
N SER G 815 -36.36 -56.61 84.97
CA SER G 815 -37.01 -57.62 85.80
C SER G 815 -37.13 -57.09 87.23
N LEU G 816 -38.32 -57.21 87.80
CA LEU G 816 -38.59 -56.71 89.14
C LEU G 816 -39.44 -57.71 89.90
N ASP G 817 -39.35 -57.63 91.22
CA ASP G 817 -40.08 -58.52 92.12
C ASP G 817 -41.02 -57.69 92.98
N PHE G 818 -42.29 -58.13 93.08
CA PHE G 818 -43.31 -57.44 93.86
C PHE G 818 -43.95 -58.46 94.80
N GLY G 819 -43.62 -58.38 96.09
CA GLY G 819 -44.18 -59.29 97.06
C GLY G 819 -45.59 -58.93 97.47
N LEU G 820 -46.14 -59.75 98.37
CA LEU G 820 -47.50 -59.50 98.87
C LEU G 820 -47.56 -58.22 99.70
N THR G 821 -46.48 -57.87 100.37
CA THR G 821 -46.44 -56.67 101.21
C THR G 821 -45.36 -55.67 100.80
N GLY G 822 -44.43 -56.07 99.94
CA GLY G 822 -43.33 -55.19 99.56
C GLY G 822 -43.25 -54.86 98.09
N GLY G 823 -43.37 -53.58 97.76
CA GLY G 823 -43.22 -53.16 96.38
C GLY G 823 -41.98 -52.30 96.15
N VAL G 824 -40.97 -52.89 95.51
CA VAL G 824 -39.74 -52.19 95.16
C VAL G 824 -39.42 -52.52 93.71
N VAL G 825 -39.32 -51.50 92.88
CA VAL G 825 -38.97 -51.66 91.47
C VAL G 825 -37.78 -50.76 91.16
N LYS G 826 -36.87 -51.27 90.33
CA LYS G 826 -35.67 -50.53 89.96
C LYS G 826 -35.43 -50.66 88.46
N THR G 827 -34.98 -49.57 87.85
CA THR G 827 -34.62 -49.53 86.45
C THR G 827 -33.20 -48.98 86.33
N GLY G 828 -32.52 -49.38 85.26
CA GLY G 828 -31.14 -49.00 85.08
C GLY G 828 -30.75 -48.66 83.66
N THR G 829 -31.75 -48.39 82.81
CA THR G 829 -31.61 -48.08 81.37
C THR G 829 -30.50 -48.92 80.71
N PHE G 830 -30.56 -50.22 80.99
CA PHE G 830 -29.53 -51.13 80.51
C PHE G 830 -29.57 -51.25 78.99
N ASN G 831 -28.43 -51.63 78.41
CA ASN G 831 -28.38 -51.97 76.99
C ASN G 831 -29.15 -53.24 76.67
N GLN G 832 -29.56 -54.00 77.69
CA GLN G 832 -30.38 -55.18 77.49
C GLN G 832 -31.77 -54.84 76.97
N PHE G 833 -32.21 -53.59 77.13
CA PHE G 833 -33.49 -53.16 76.57
C PHE G 833 -33.39 -52.79 75.10
N ILE G 834 -32.19 -52.86 74.53
CA ILE G 834 -32.00 -52.77 73.08
C ILE G 834 -31.54 -54.10 72.51
N ARG G 835 -30.58 -54.75 73.17
CA ARG G 835 -30.12 -56.09 72.82
C ARG G 835 -30.00 -56.88 74.13
N GLY G 836 -30.96 -57.78 74.36
CA GLY G 836 -30.98 -58.57 75.58
C GLY G 836 -29.76 -59.44 75.76
N GLY G 837 -28.92 -59.12 76.74
CA GLY G 837 -27.64 -59.77 76.87
C GLY G 837 -27.70 -61.06 77.65
N ILE G 838 -26.56 -61.74 77.71
CA ILE G 838 -26.42 -62.97 78.48
C ILE G 838 -25.33 -62.75 79.52
N ALA G 839 -25.69 -62.94 80.79
CA ALA G 839 -24.74 -62.79 81.88
C ALA G 839 -24.31 -64.16 82.39
N PHE G 840 -23.12 -64.20 82.99
CA PHE G 840 -22.62 -65.46 83.53
C PHE G 840 -21.86 -65.22 84.81
N ALA G 841 -21.80 -66.27 85.63
CA ALA G 841 -21.10 -66.22 86.91
C ALA G 841 -20.58 -67.62 87.24
N THR G 842 -19.90 -67.72 88.38
CA THR G 842 -19.31 -68.98 88.82
C THR G 842 -19.65 -69.20 90.29
N PRO G 843 -20.27 -70.34 90.65
CA PRO G 843 -20.52 -70.61 92.06
C PRO G 843 -19.22 -70.78 92.82
N PRO G 844 -19.21 -70.45 94.12
CA PRO G 844 -17.97 -70.57 94.89
C PRO G 844 -17.58 -72.02 95.14
N GLY G 845 -16.28 -72.23 95.35
CA GLY G 845 -15.76 -73.54 95.66
C GLY G 845 -14.25 -73.54 95.81
N THR G 846 -13.74 -74.22 96.84
CA THR G 846 -12.29 -74.28 97.04
C THR G 846 -11.57 -74.98 95.88
N PRO G 847 -12.01 -76.16 95.38
CA PRO G 847 -11.39 -76.69 94.15
C PRO G 847 -11.99 -76.04 92.91
N LEU G 848 -11.16 -75.25 92.22
CA LEU G 848 -11.64 -74.56 91.03
C LEU G 848 -11.68 -75.50 89.84
N ALA G 849 -12.75 -75.40 89.05
CA ALA G 849 -12.89 -76.23 87.87
C ALA G 849 -11.89 -75.80 86.80
N PRO G 850 -11.47 -76.74 85.94
CA PRO G 850 -10.57 -76.37 84.85
C PRO G 850 -11.25 -75.43 83.86
N LYS G 851 -10.44 -74.63 83.19
CA LYS G 851 -10.97 -73.68 82.20
C LYS G 851 -11.60 -74.42 81.04
N ALA G 852 -12.66 -73.81 80.48
CA ALA G 852 -13.36 -74.41 79.36
C ALA G 852 -12.47 -74.46 78.13
N GLN G 853 -12.67 -75.50 77.31
CA GLN G 853 -11.88 -75.69 76.10
C GLN G 853 -12.43 -74.81 74.99
N GLU G 854 -11.95 -75.02 73.77
CA GLU G 854 -12.44 -74.25 72.63
C GLU G 854 -13.92 -74.54 72.36
N GLY G 855 -14.31 -75.81 72.40
CA GLY G 855 -15.70 -76.18 72.25
C GLY G 855 -16.32 -76.63 73.55
N LYS G 856 -17.13 -75.76 74.16
CA LYS G 856 -17.81 -76.08 75.42
C LYS G 856 -19.25 -75.61 75.35
N HIS G 857 -20.16 -76.48 75.76
CA HIS G 857 -21.60 -76.22 75.70
C HIS G 857 -22.16 -76.05 77.10
N PHE G 858 -22.85 -74.94 77.33
CA PHE G 858 -23.56 -74.67 78.56
C PHE G 858 -25.06 -74.63 78.30
N LEU G 859 -25.84 -74.59 79.37
CA LEU G 859 -27.29 -74.52 79.30
C LEU G 859 -27.75 -73.18 79.86
N LEU G 860 -28.64 -72.50 79.14
CA LEU G 860 -29.14 -71.21 79.57
C LEU G 860 -30.19 -71.41 80.65
N GLN G 861 -29.93 -70.87 81.85
CA GLN G 861 -30.88 -70.98 82.94
C GLN G 861 -32.12 -70.15 82.66
N GLU G 862 -33.29 -70.69 83.05
CA GLU G 862 -34.54 -69.98 82.81
C GLU G 862 -34.73 -68.80 83.75
N SER G 863 -33.98 -68.72 84.84
CA SER G 863 -34.12 -67.64 85.81
C SER G 863 -32.76 -67.27 86.37
N GLU G 864 -32.64 -66.01 86.79
CA GLU G 864 -31.41 -65.54 87.40
C GLU G 864 -31.20 -66.21 88.76
N PRO G 865 -29.97 -66.66 89.06
CA PRO G 865 -29.71 -67.21 90.40
C PRO G 865 -29.94 -66.18 91.48
N LYS G 866 -30.44 -66.65 92.62
CA LYS G 866 -30.89 -65.73 93.68
C LYS G 866 -29.72 -65.05 94.38
N GLU G 867 -28.68 -65.81 94.71
CA GLU G 867 -27.57 -65.31 95.52
C GLU G 867 -26.26 -65.34 94.75
N TRP G 868 -26.29 -64.96 93.47
CA TRP G 868 -25.06 -64.90 92.69
C TRP G 868 -24.21 -63.69 93.06
N ARG G 869 -24.81 -62.66 93.65
CA ARG G 869 -24.06 -61.47 94.02
C ARG G 869 -23.19 -61.71 95.25
N GLU G 870 -23.60 -62.64 96.12
CA GLU G 870 -22.89 -62.92 97.36
C GLU G 870 -21.87 -64.04 97.23
N TRP G 871 -21.66 -64.56 96.02
CA TRP G 871 -20.69 -65.63 95.83
C TRP G 871 -19.26 -65.14 96.05
N GLY G 872 -18.82 -64.18 95.24
CA GLY G 872 -17.48 -63.64 95.38
C GLY G 872 -16.37 -64.63 95.12
N THR G 873 -16.51 -65.43 94.05
CA THR G 873 -15.50 -66.43 93.74
C THR G 873 -14.20 -65.75 93.28
N ALA G 874 -13.08 -66.21 93.84
CA ALA G 874 -11.76 -65.66 93.51
C ALA G 874 -11.22 -66.40 92.29
N LEU G 875 -11.09 -65.68 91.18
CA LEU G 875 -10.57 -66.27 89.95
C LEU G 875 -9.18 -65.73 89.67
N PRO G 876 -8.13 -66.54 89.78
CA PRO G 876 -6.77 -66.05 89.54
C PRO G 876 -6.55 -65.72 88.07
N LYS G 877 -5.51 -64.91 87.84
CA LYS G 877 -5.12 -64.47 86.50
C LYS G 877 -6.25 -63.77 85.76
#